data_9K2V
#
_entry.id   9K2V
#
_cell.length_a   1.00
_cell.length_b   1.00
_cell.length_c   1.00
_cell.angle_alpha   90.00
_cell.angle_beta   90.00
_cell.angle_gamma   90.00
#
_symmetry.space_group_name_H-M   'P 1'
#
loop_
_entity.id
_entity.type
_entity.pdbx_description
1 polymer 'Portal protein'
2 polymer 'Internal virion protein'
3 polymer 'Internal protein'
4 non-polymer 'ZINC ION'
#
loop_
_entity_poly.entity_id
_entity_poly.type
_entity_poly.pdbx_seq_one_letter_code
_entity_poly.pdbx_strand_id
1 'polypeptide(L)'
;MIRIKDFNHVITGREQPLDINEAIASYITSRYVYFKDARRVAEETWLEAWSLYSGTPEAVDHQRTQTINTVGEVNNDWRH
RLNTGKAYECIETVHGYLMGALFPNREWFDLTPNNPGYANEARIIRKYLTKKFNEGKFRVSFEKYLRQLLVCGYSVMALP
WRYESRPYKYNVTIKREENEYYDNSTQKANYRTVTENRVTRNAPEFECLDVFDVYLSPTSNDPNESDFIRRIKKTRADII
TAIKRGYYTDIDPYDIVNMSAYEVNDRVDKLTSFQGIETNHPYCMDDIIEVVEYWGDLHLDGVSLYDVKATVIGQTLVCC
EPNPFWAGKPFVVGSITELPETPYSVGLLQPNMGLLHQLNIITNQRCDNLELAIDEMWTLVQNSSLNPDEVQVAPGKVFL
VDSHDDLRPIQRGGNNFVVSYQEAGLLESTIDRNTGTGNLISANASRSGERVTAAEIQAVRDAGGNRLSNIHRHIEDTSL
MEILRRVYRSAQQFVTEPEMIRVSGAKPGEYLFLEVDPESLNKEYSLEPIGADFVTDATKYVRQRMDFIAFASQIPQMAE
RLNYEALLNDVVNHSGFDDPYSYIVKPQQPAPQPDMGATPEPQTGQAPPDEQTNPFYDIGGVSLQNAIGANIQADGANEL
INFTTGVNTNADQ
;
K,M,O,G,I,F,H,J,L,N
2 'polypeptide(L)'
;MGGAAIGGILGGVQLVAGISQANSQANAQRQSLQAQAQTTVDASRIRQMEILQARDQSRFNSSMNELARQQNYQNQTFLI
QRQLLQEQMDAETTKQQAEQQRLQTMSGIEQKDRQTEQQMVGAEVNFQQTLQQLAQQLGVVNAQSSQQLTGAEDATKELG
QRLDTRDVLAMASGVGLGSSTSSQQQNADLLGTIDKVAKVLQGTQVGMEVQQRMTELASASSESERNIKLSELGSYLSDS
DFMRNIANIQASATNQNVDSTMGVNAAARETAVNAINAADMMNRQTDTVNNDLAEMGYQVQTSAVNSSQNNAMSGINAQY
GSIGGNTFAGLLSSGVNAFNTYQGVLGQQNALNQQKQMTYLNSGILSNGATNNNTFKGYN
;
V,W,X,Y,Z,v,w,x,y,z
3 'polypeptide(L)'
;MTIKLIGVDNLDNSQQYNEATNSALVQSLERNQQSVSKTQQILEAGNAAIAQQAVSIGQASQQKAQANANRGSGIGGLLE
GVSKAVGTYWEINQNQQLKQAQIDAKTQVIQREQAEAVARAAEKAAAEAAEANKQQALTVSEQEANAVRVELGDLYNEWR
SGDKFRSEPGGMTKFRDAGLARIMSRTNITEAQKKELINLHYGNWDAEMKAYSDRTAKYAEEVSQVRRESVIKERTFRVN
SVVSGLTWDADPTDAIKKVDAMVSSTVNDQNLPLLDRLQAANSMYNTAYEKVVNNATARAEVERKMKALQAYQYEAITNW
NDQTKPRAEREAFDQQLQAKHGLNVDSSYMAWENSRKQYIEFQQQSRQLQDLEQNGLIDSARKVNLSDDFVGSVVQLILY
GEGNTAALKERFTDNRNFEANTAGAGEVRRLLEAVPRMRRETDSLRSDNAALQVARTRLQREGVTFLMNADARTRGLLES
FAQQFMVNLPKSNVGLTPEQQAEYARQTNQVQQAIEQQIIINDQRVQNNAAELAKYGLSEPEDVLRKNAATRRKLVNDTM
YQLGTQAEQVRRTQTSGYGQLGITSPTTALGEGANRERLTFVAPDGYRRLRPPVVANLATVKFTGSSRNGIVPGSKVMLP
FMAADAGRVRVNSDNHREARAKHTHAGEDIAAPGGTKVVSYVSGQVIKVTRQKGIGYGRYITIKGDDGMYHRFAHLSAHN
VKQGQRVEAGHVIGLVGDDGSPGSYHLHWEVRDNDGYGANGTVNPLKYMGGVNFKESSAPPPQGNTNGWGYNVNNPPTAR
VPANAIKLPNGKFLVNNRTGALGNPTARAASEQYTVGRPVNTGKVSGSSWSGTNDYGETYGYAYLANNPEFTKKLAITAT
RLGISAQWLVDIMAFETGNFKKATNWSHSRTGVVGLIGFTPATARALGTTTYALAKMPPEKQLDYVYKYLSDPQLKPHLS
KGVEYVAASIFGGSPLVRKMVNNRSGAMQRGDGDINLQNYLKKLGRDVGRRYDIRSMSRADRLIGSAVHTGFHEGCATCA
ALRSSGSDIVPHNAEFDA
;
E,d,A,e,B,a,C,b,D,c
#
# COMPACT_ATOMS: atom_id res chain seq x y z
N GLN A 612 -24.20 2.90 -53.44
CA GLN A 612 -25.15 2.09 -52.68
C GLN A 612 -26.41 2.89 -52.35
N THR A 613 -26.74 3.85 -53.21
CA THR A 613 -27.87 4.74 -52.99
C THR A 613 -28.67 4.84 -54.29
N ASN A 614 -29.98 5.08 -54.14
CA ASN A 614 -30.90 5.00 -55.28
C ASN A 614 -30.54 5.90 -56.46
N PRO A 615 -30.10 7.15 -56.29
CA PRO A 615 -29.70 7.95 -57.47
C PRO A 615 -28.68 7.25 -58.36
N PHE A 616 -27.72 6.53 -57.76
CA PHE A 616 -26.75 5.81 -58.57
C PHE A 616 -27.39 4.65 -59.33
N TYR A 617 -28.43 4.04 -58.73
CA TYR A 617 -29.22 3.06 -59.48
C TYR A 617 -29.91 3.72 -60.66
N ASP A 618 -30.44 4.93 -60.46
CA ASP A 618 -31.09 5.64 -61.56
C ASP A 618 -30.09 6.00 -62.65
N ILE A 619 -28.85 6.33 -62.29
CA ILE A 619 -27.84 6.65 -63.30
C ILE A 619 -27.57 5.44 -64.18
N GLY A 620 -27.34 4.28 -63.57
CA GLY A 620 -27.18 3.06 -64.34
C GLY A 620 -26.69 1.86 -63.55
N GLY A 621 -27.32 0.71 -63.79
CA GLY A 621 -26.85 -0.55 -63.27
C GLY A 621 -26.82 -0.69 -61.76
N VAL A 622 -26.40 -1.86 -61.29
CA VAL A 622 -26.20 -2.13 -59.86
C VAL A 622 -24.71 -2.17 -59.60
N SER A 623 -23.93 -2.51 -60.63
CA SER A 623 -22.49 -2.52 -60.49
C SER A 623 -21.94 -1.12 -60.23
N LEU A 624 -22.67 -0.08 -60.65
CA LEU A 624 -22.29 1.27 -60.26
C LEU A 624 -22.42 1.47 -58.75
N GLN A 625 -23.47 0.90 -58.15
CA GLN A 625 -23.55 0.89 -56.70
C GLN A 625 -22.38 0.14 -56.08
N ASN A 626 -21.95 -0.95 -56.72
CA ASN A 626 -20.80 -1.70 -56.22
C ASN A 626 -19.54 -0.84 -56.24
N ALA A 627 -19.34 -0.09 -57.34
CA ALA A 627 -18.17 0.78 -57.42
C ALA A 627 -18.23 1.90 -56.38
N ILE A 628 -19.41 2.51 -56.19
CA ILE A 628 -19.55 3.56 -55.21
C ILE A 628 -19.30 3.03 -53.81
N GLY A 629 -19.84 1.85 -53.49
CA GLY A 629 -19.59 1.24 -52.20
C GLY A 629 -18.12 0.90 -52.00
N ALA A 630 -17.46 0.45 -53.06
CA ALA A 630 -16.02 0.19 -52.97
C ALA A 630 -15.24 1.45 -52.66
N ASN A 631 -15.57 2.56 -53.33
CA ASN A 631 -14.90 3.82 -53.04
C ASN A 631 -15.16 4.28 -51.61
N ILE A 632 -16.40 4.14 -51.15
CA ILE A 632 -16.74 4.55 -49.78
C ILE A 632 -15.98 3.69 -48.76
N GLN A 633 -15.94 2.39 -48.99
CA GLN A 633 -15.20 1.51 -48.09
C GLN A 633 -13.71 1.80 -48.13
N ALA A 634 -13.19 2.21 -49.28
CA ALA A 634 -11.76 2.52 -49.38
C ALA A 634 -11.42 3.78 -48.61
N ASP A 635 -12.00 4.93 -49.01
CA ASP A 635 -11.66 6.18 -48.35
C ASP A 635 -12.87 7.09 -48.14
N GLY A 636 -14.08 6.55 -48.12
CA GLY A 636 -15.25 7.40 -48.05
C GLY A 636 -15.41 8.28 -49.28
N ALA A 637 -15.02 7.77 -50.45
CA ALA A 637 -15.10 8.49 -51.71
C ALA A 637 -14.29 9.80 -51.68
N ASN A 638 -13.23 9.83 -50.86
CA ASN A 638 -12.38 11.01 -50.83
C ASN A 638 -11.66 11.21 -52.15
N GLU A 639 -10.99 10.15 -52.64
CA GLU A 639 -10.32 10.24 -53.92
C GLU A 639 -11.31 10.44 -55.06
N LEU A 640 -12.48 9.80 -54.97
CA LEU A 640 -13.50 9.99 -55.98
C LEU A 640 -13.96 11.45 -56.05
N ILE A 641 -14.29 12.03 -54.90
CA ILE A 641 -14.73 13.43 -54.88
C ILE A 641 -13.62 14.36 -55.36
N ASN A 642 -12.39 14.10 -54.92
CA ASN A 642 -11.27 14.96 -55.32
C ASN A 642 -11.01 14.89 -56.82
N PHE A 643 -11.08 13.68 -57.39
CA PHE A 643 -10.72 13.51 -58.79
C PHE A 643 -11.84 13.97 -59.71
N THR A 644 -13.09 13.81 -59.27
CA THR A 644 -14.22 14.19 -60.11
C THR A 644 -14.57 15.66 -60.00
N THR A 645 -14.60 16.20 -58.78
CA THR A 645 -15.03 17.58 -58.56
C THR A 645 -13.90 18.54 -58.22
N GLY A 646 -12.77 18.04 -57.72
CA GLY A 646 -11.68 18.91 -57.32
C GLY A 646 -11.77 19.44 -55.91
N VAL A 647 -12.55 18.82 -55.05
CA VAL A 647 -12.76 19.26 -53.68
C VAL A 647 -12.15 18.23 -52.74
N ASN A 648 -11.27 18.68 -51.85
CA ASN A 648 -10.64 17.80 -50.86
C ASN A 648 -11.53 17.74 -49.64
N THR A 649 -12.24 16.63 -49.47
CA THR A 649 -13.14 16.48 -48.34
C THR A 649 -12.37 16.46 -47.02
N ASN A 650 -11.25 15.76 -46.97
CA ASN A 650 -10.40 15.65 -45.78
C ASN A 650 -9.03 16.22 -46.12
N ALA A 651 -8.87 17.52 -45.94
CA ALA A 651 -7.61 18.19 -46.24
C ALA A 651 -6.59 17.97 -45.13
N GLN B 612 -39.05 39.58 -19.29
CA GLN B 612 -39.54 38.31 -19.83
C GLN B 612 -40.75 37.81 -19.05
N THR B 613 -41.54 38.75 -18.54
CA THR B 613 -42.72 38.43 -17.74
C THR B 613 -43.89 39.26 -18.24
N ASN B 614 -45.10 38.74 -18.04
CA ASN B 614 -46.30 39.38 -18.56
C ASN B 614 -46.49 40.82 -18.12
N PRO B 615 -46.24 41.22 -16.86
CA PRO B 615 -46.37 42.64 -16.52
C PRO B 615 -45.54 43.56 -17.40
N PHE B 616 -44.33 43.14 -17.77
CA PHE B 616 -43.49 43.98 -18.62
C PHE B 616 -44.05 44.06 -20.03
N TYR B 617 -44.69 42.97 -20.51
CA TYR B 617 -45.39 43.04 -21.78
C TYR B 617 -46.55 44.01 -21.70
N ASP B 618 -47.30 44.00 -20.60
CA ASP B 618 -48.40 44.93 -20.43
C ASP B 618 -47.92 46.37 -20.36
N ILE B 619 -46.73 46.60 -19.79
CA ILE B 619 -46.17 47.95 -19.74
C ILE B 619 -45.94 48.48 -21.15
N GLY B 620 -45.27 47.69 -21.98
CA GLY B 620 -45.10 48.06 -23.37
C GLY B 620 -44.13 47.18 -24.15
N GLY B 621 -44.54 46.80 -25.36
CA GLY B 621 -43.67 46.11 -26.29
C GLY B 621 -43.18 44.74 -25.85
N VAL B 622 -42.42 44.09 -26.73
CA VAL B 622 -41.77 42.81 -26.44
C VAL B 622 -40.29 43.09 -26.22
N SER B 623 -39.79 44.16 -26.85
CA SER B 623 -38.39 44.53 -26.67
C SER B 623 -38.10 44.95 -25.25
N LEU B 624 -39.11 45.41 -24.51
CA LEU B 624 -38.93 45.64 -23.08
C LEU B 624 -38.64 44.34 -22.34
N GLN B 625 -39.35 43.27 -22.72
CA GLN B 625 -39.01 41.96 -22.17
C GLN B 625 -37.59 41.56 -22.56
N ASN B 626 -37.16 41.92 -23.77
CA ASN B 626 -35.79 41.63 -24.18
C ASN B 626 -34.78 42.36 -23.28
N ALA B 627 -35.05 43.63 -22.98
CA ALA B 627 -34.15 44.39 -22.11
C ALA B 627 -34.14 43.81 -20.70
N ILE B 628 -35.31 43.44 -20.17
CA ILE B 628 -35.36 42.85 -18.84
C ILE B 628 -34.61 41.52 -18.79
N GLY B 629 -34.79 40.68 -19.81
CA GLY B 629 -34.05 39.44 -19.87
C GLY B 629 -32.56 39.64 -20.00
N ALA B 630 -32.15 40.67 -20.76
CA ALA B 630 -30.73 40.99 -20.85
C ALA B 630 -30.17 41.41 -19.49
N ASN B 631 -30.92 42.23 -18.75
CA ASN B 631 -30.46 42.63 -17.42
C ASN B 631 -30.36 41.44 -16.49
N ILE B 632 -31.34 40.54 -16.55
CA ILE B 632 -31.33 39.35 -15.70
C ILE B 632 -30.14 38.46 -16.05
N GLN B 633 -29.90 38.25 -17.34
CA GLN B 633 -28.75 37.43 -17.76
C GLN B 633 -27.43 38.09 -17.38
N ALA B 634 -27.38 39.43 -17.36
CA ALA B 634 -26.15 40.12 -16.99
C ALA B 634 -25.87 39.97 -15.50
N ASP B 635 -26.78 40.47 -14.66
CA ASP B 635 -26.53 40.38 -13.22
C ASP B 635 -27.78 40.06 -12.41
N GLY B 636 -28.80 39.47 -13.01
CA GLY B 636 -30.05 39.28 -12.30
C GLY B 636 -30.73 40.58 -11.95
N ALA B 637 -30.62 41.59 -12.82
CA ALA B 637 -31.22 42.91 -12.62
C ALA B 637 -30.73 43.58 -11.35
N ASN B 638 -29.49 43.26 -10.93
CA ASN B 638 -28.93 43.90 -9.75
C ASN B 638 -28.70 45.39 -9.99
N GLU B 639 -28.02 45.73 -11.10
CA GLU B 639 -27.80 47.14 -11.42
C GLU B 639 -29.11 47.85 -11.72
N LEU B 640 -30.05 47.16 -12.38
CA LEU B 640 -31.35 47.77 -12.66
C LEU B 640 -32.08 48.11 -11.37
N ILE B 641 -32.13 47.16 -10.43
CA ILE B 641 -32.82 47.42 -9.16
C ILE B 641 -32.12 48.52 -8.38
N ASN B 642 -30.79 48.49 -8.36
CA ASN B 642 -30.05 49.52 -7.63
C ASN B 642 -30.27 50.91 -8.23
N PHE B 643 -30.29 51.00 -9.56
CA PHE B 643 -30.39 52.29 -10.22
C PHE B 643 -31.81 52.84 -10.15
N THR B 644 -32.81 51.97 -10.26
CA THR B 644 -34.19 52.45 -10.31
C THR B 644 -34.77 52.70 -8.93
N THR B 645 -34.53 51.80 -7.98
CA THR B 645 -35.12 51.89 -6.66
C THR B 645 -34.14 52.28 -5.56
N GLY B 646 -32.84 52.07 -5.76
CA GLY B 646 -31.86 52.36 -4.73
C GLY B 646 -31.63 51.25 -3.75
N VAL B 647 -32.00 50.02 -4.07
CA VAL B 647 -31.88 48.88 -3.17
C VAL B 647 -30.80 47.95 -3.72
N ASN B 648 -29.82 47.62 -2.89
CA ASN B 648 -28.76 46.70 -3.25
C ASN B 648 -29.20 45.28 -2.92
N THR B 649 -29.61 44.53 -3.95
CA THR B 649 -30.06 43.17 -3.74
C THR B 649 -28.94 42.28 -3.22
N ASN B 650 -27.75 42.41 -3.78
CA ASN B 650 -26.58 41.63 -3.38
C ASN B 650 -25.53 42.59 -2.86
N ALA B 651 -25.59 42.89 -1.56
CA ALA B 651 -24.65 43.81 -0.94
C ALA B 651 -23.33 43.12 -0.63
N GLN C 612 -50.24 15.69 25.86
CA GLN C 612 -50.59 15.59 24.45
C GLN C 612 -51.42 14.35 24.17
N THR C 613 -52.20 13.93 25.17
CA THR C 613 -53.01 12.72 25.08
C THR C 613 -54.40 13.00 25.62
N ASN C 614 -55.39 12.28 25.08
CA ASN C 614 -56.79 12.59 25.35
C ASN C 614 -57.19 12.59 26.83
N PRO C 615 -56.73 11.67 27.68
CA PRO C 615 -57.08 11.76 29.11
C PRO C 615 -56.76 13.10 29.73
N PHE C 616 -55.64 13.72 29.35
CA PHE C 616 -55.31 15.03 29.90
C PHE C 616 -56.25 16.10 29.39
N TYR C 617 -56.77 15.93 28.17
CA TYR C 617 -57.85 16.80 27.71
C TYR C 617 -59.09 16.62 28.57
N ASP C 618 -59.39 15.36 28.95
CA ASP C 618 -60.53 15.11 29.82
C ASP C 618 -60.34 15.74 31.19
N ILE C 619 -59.11 15.76 31.70
CA ILE C 619 -58.86 16.38 33.00
C ILE C 619 -59.19 17.87 32.95
N GLY C 620 -58.67 18.57 31.95
CA GLY C 620 -59.02 19.97 31.78
C GLY C 620 -58.17 20.71 30.76
N GLY C 621 -58.83 21.50 29.91
CA GLY C 621 -58.17 22.40 29.00
C GLY C 621 -57.28 21.76 27.95
N VAL C 622 -56.71 22.59 27.08
CA VAL C 622 -55.75 22.13 26.08
C VAL C 622 -54.37 22.56 26.54
N SER C 623 -54.30 23.63 27.34
CA SER C 623 -53.03 24.10 27.86
C SER C 623 -52.41 23.07 28.81
N LEU C 624 -53.23 22.20 29.41
CA LEU C 624 -52.67 21.09 30.18
C LEU C 624 -51.91 20.14 29.27
N GLN C 625 -52.44 19.88 28.07
CA GLN C 625 -51.69 19.12 27.08
C GLN C 625 -50.39 19.82 26.73
N ASN C 626 -50.42 21.16 26.64
CA ASN C 626 -49.21 21.91 26.35
C ASN C 626 -48.17 21.71 27.45
N ALA C 627 -48.61 21.76 28.71
CA ALA C 627 -47.69 21.55 29.82
C ALA C 627 -47.11 20.14 29.82
N ILE C 628 -47.96 19.14 29.57
CA ILE C 628 -47.49 17.76 29.54
C ILE C 628 -46.50 17.55 28.40
N GLY C 629 -46.79 18.10 27.22
CA GLY C 629 -45.85 18.02 26.12
C GLY C 629 -44.55 18.72 26.41
N ALA C 630 -44.61 19.86 27.11
CA ALA C 630 -43.39 20.55 27.50
C ALA C 630 -42.55 19.69 28.43
N ASN C 631 -43.19 19.05 29.41
CA ASN C 631 -42.45 18.16 30.30
C ASN C 631 -41.83 17.00 29.54
N ILE C 632 -42.57 16.42 28.59
CA ILE C 632 -42.07 15.29 27.81
C ILE C 632 -40.87 15.73 26.96
N GLN C 633 -40.97 16.89 26.32
CA GLN C 633 -39.85 17.40 25.53
C GLN C 633 -38.66 17.74 26.41
N ALA C 634 -38.90 18.18 27.64
CA ALA C 634 -37.79 18.52 28.54
C ALA C 634 -37.05 17.27 28.98
N ASP C 635 -37.74 16.35 29.67
CA ASP C 635 -37.06 15.16 30.16
C ASP C 635 -37.90 13.90 30.05
N GLY C 636 -38.88 13.87 29.15
CA GLY C 636 -39.79 12.73 29.09
C GLY C 636 -40.62 12.56 30.34
N ALA C 637 -41.02 13.68 30.97
CA ALA C 637 -41.83 13.68 32.18
C ALA C 637 -41.13 12.96 33.34
N ASN C 638 -39.80 12.90 33.30
CA ASN C 638 -39.07 12.28 34.39
C ASN C 638 -39.21 13.08 35.69
N GLU C 639 -38.97 14.40 35.61
CA GLU C 639 -39.14 15.24 36.79
C GLU C 639 -40.59 15.25 37.25
N LEU C 640 -41.53 15.28 36.31
CA LEU C 640 -42.95 15.28 36.68
C LEU C 640 -43.33 13.99 37.40
N ILE C 641 -42.90 12.85 36.87
CA ILE C 641 -43.23 11.57 37.50
C ILE C 641 -42.57 11.48 38.87
N ASN C 642 -41.31 11.91 38.97
CA ASN C 642 -40.61 11.85 40.26
C ASN C 642 -41.29 12.76 41.29
N PHE C 643 -41.72 13.95 40.88
CA PHE C 643 -42.30 14.90 41.82
C PHE C 643 -43.70 14.47 42.25
N THR C 644 -44.51 13.99 41.31
CA THR C 644 -45.90 13.69 41.62
C THR C 644 -46.05 12.35 42.34
N THR C 645 -45.35 11.32 41.88
CA THR C 645 -45.52 9.97 42.41
C THR C 645 -44.35 9.48 43.25
N GLY C 646 -43.17 10.06 43.10
CA GLY C 646 -42.01 9.60 43.82
C GLY C 646 -41.28 8.43 43.19
N VAL C 647 -41.46 8.20 41.90
CA VAL C 647 -40.85 7.09 41.19
C VAL C 647 -39.83 7.64 40.21
N ASN C 648 -38.59 7.17 40.30
CA ASN C 648 -37.52 7.57 39.40
C ASN C 648 -37.55 6.66 38.18
N THR C 649 -38.08 7.18 37.06
CA THR C 649 -38.17 6.39 35.84
C THR C 649 -36.77 6.04 35.32
N ASN C 650 -35.86 7.00 35.34
CA ASN C 650 -34.49 6.81 34.86
C ASN C 650 -33.56 7.04 36.05
N ALA C 651 -33.30 5.96 36.80
CA ALA C 651 -32.42 6.03 37.97
C ALA C 651 -30.96 6.05 37.56
N GLN D 612 -42.58 -35.55 19.70
CA GLN D 612 -43.28 -34.46 19.04
C GLN D 612 -43.84 -34.91 17.69
N THR D 613 -44.17 -36.20 17.60
CA THR D 613 -44.69 -36.78 16.37
C THR D 613 -45.93 -37.62 16.69
N ASN D 614 -46.80 -37.75 15.69
CA ASN D 614 -48.07 -38.43 15.90
C ASN D 614 -47.95 -39.86 16.42
N PRO D 615 -47.01 -40.70 15.96
CA PRO D 615 -46.91 -42.05 16.55
C PRO D 615 -46.74 -42.04 18.06
N PHE D 616 -45.97 -41.08 18.60
CA PHE D 616 -45.79 -41.02 20.04
C PHE D 616 -47.06 -40.58 20.74
N TYR D 617 -47.86 -39.73 20.09
CA TYR D 617 -49.18 -39.40 20.62
C TYR D 617 -50.07 -40.63 20.65
N ASP D 618 -50.01 -41.44 19.60
CA ASP D 618 -50.80 -42.67 19.56
C ASP D 618 -50.35 -43.66 20.64
N ILE D 619 -49.05 -43.70 20.93
CA ILE D 619 -48.55 -44.59 21.98
C ILE D 619 -49.14 -44.20 23.33
N GLY D 620 -49.08 -42.92 23.66
CA GLY D 620 -49.72 -42.44 24.87
C GLY D 620 -49.38 -41.02 25.25
N GLY D 621 -50.40 -40.25 25.63
CA GLY D 621 -50.22 -38.93 26.19
C GLY D 621 -49.59 -37.89 25.29
N VAL D 622 -49.50 -36.66 25.78
CA VAL D 622 -48.81 -35.58 25.09
C VAL D 622 -47.48 -35.36 25.77
N SER D 623 -47.41 -35.69 27.07
CA SER D 623 -46.15 -35.55 27.80
C SER D 623 -45.08 -36.49 27.26
N LEU D 624 -45.49 -37.59 26.61
CA LEU D 624 -44.52 -38.42 25.92
C LEU D 624 -43.88 -37.67 24.76
N GLN D 625 -44.67 -36.89 24.03
CA GLN D 625 -44.10 -36.00 23.03
C GLN D 625 -43.16 -34.99 23.66
N ASN D 626 -43.49 -34.52 24.86
CA ASN D 626 -42.60 -33.60 25.56
C ASN D 626 -41.26 -34.25 25.87
N ALA D 627 -41.30 -35.50 26.34
CA ALA D 627 -40.06 -36.21 26.64
C ALA D 627 -39.25 -36.46 25.38
N ILE D 628 -39.90 -36.85 24.29
CA ILE D 628 -39.20 -37.10 23.03
C ILE D 628 -38.56 -35.81 22.52
N GLY D 629 -39.30 -34.69 22.58
CA GLY D 629 -38.74 -33.42 22.18
C GLY D 629 -37.58 -33.00 23.05
N ALA D 630 -37.67 -33.27 24.35
CA ALA D 630 -36.56 -32.97 25.26
C ALA D 630 -35.32 -33.76 24.88
N ASN D 631 -35.48 -35.05 24.58
CA ASN D 631 -34.34 -35.86 24.16
C ASN D 631 -33.75 -35.35 22.85
N ILE D 632 -34.62 -34.96 21.91
CA ILE D 632 -34.14 -34.44 20.62
C ILE D 632 -33.37 -33.15 20.81
N GLN D 633 -33.89 -32.24 21.64
CA GLN D 633 -33.19 -30.99 21.90
C GLN D 633 -31.89 -31.22 22.66
N ALA D 634 -31.84 -32.26 23.50
CA ALA D 634 -30.62 -32.54 24.24
C ALA D 634 -29.53 -33.08 23.33
N ASP D 635 -29.78 -34.22 22.67
CA ASP D 635 -28.76 -34.81 21.83
C ASP D 635 -29.30 -35.40 20.53
N GLY D 636 -30.48 -34.97 20.09
CA GLY D 636 -31.08 -35.60 18.93
C GLY D 636 -31.44 -37.05 19.17
N ALA D 637 -31.86 -37.38 20.39
CA ALA D 637 -32.24 -38.74 20.78
C ALA D 637 -31.11 -39.73 20.60
N ASN D 638 -29.86 -39.25 20.65
CA ASN D 638 -28.73 -40.16 20.52
C ASN D 638 -28.64 -41.10 21.72
N GLU D 639 -28.71 -40.54 22.94
CA GLU D 639 -28.69 -41.38 24.12
C GLU D 639 -29.93 -42.28 24.18
N LEU D 640 -31.08 -41.75 23.78
CA LEU D 640 -32.30 -42.57 23.79
C LEU D 640 -32.17 -43.75 22.84
N ILE D 641 -31.72 -43.49 21.61
CA ILE D 641 -31.56 -44.57 20.63
C ILE D 641 -30.53 -45.59 21.10
N ASN D 642 -29.41 -45.11 21.65
CA ASN D 642 -28.36 -46.01 22.12
C ASN D 642 -28.87 -46.88 23.26
N PHE D 643 -29.59 -46.27 24.21
CA PHE D 643 -29.98 -47.00 25.42
C PHE D 643 -31.13 -47.96 25.15
N THR D 644 -32.06 -47.58 24.26
CA THR D 644 -33.20 -48.43 23.98
C THR D 644 -32.88 -49.53 22.98
N THR D 645 -32.16 -49.20 21.91
CA THR D 645 -31.92 -50.15 20.82
C THR D 645 -30.49 -50.68 20.77
N GLY D 646 -29.53 -49.95 21.33
CA GLY D 646 -28.14 -50.37 21.24
C GLY D 646 -27.41 -49.91 20.01
N VAL D 647 -27.90 -48.90 19.31
CA VAL D 647 -27.31 -48.40 18.07
C VAL D 647 -26.75 -47.01 18.33
N ASN D 648 -25.48 -46.81 18.01
CA ASN D 648 -24.83 -45.52 18.16
C ASN D 648 -25.02 -44.73 16.86
N THR D 649 -25.95 -43.77 16.89
CA THR D 649 -26.21 -42.97 15.70
C THR D 649 -25.00 -42.13 15.31
N ASN D 650 -24.34 -41.52 16.30
CA ASN D 650 -23.16 -40.68 16.07
C ASN D 650 -21.99 -41.34 16.80
N ALA D 651 -21.31 -42.24 16.11
CA ALA D 651 -20.17 -42.96 16.68
C ALA D 651 -18.92 -42.08 16.68
N GLN E 612 -26.13 -43.41 -29.60
CA GLN E 612 -27.24 -42.85 -28.85
C GLN E 612 -28.16 -42.02 -29.73
N THR E 613 -28.24 -42.40 -31.01
CA THR E 613 -29.03 -41.67 -31.99
C THR E 613 -29.86 -42.66 -32.79
N ASN E 614 -31.00 -42.18 -33.30
CA ASN E 614 -31.99 -43.07 -33.91
C ASN E 614 -31.47 -43.95 -35.05
N PRO E 615 -30.60 -43.48 -35.97
CA PRO E 615 -30.07 -44.41 -36.99
C PRO E 615 -29.42 -45.65 -36.41
N PHE E 616 -28.71 -45.52 -35.29
CA PHE E 616 -28.11 -46.70 -34.67
C PHE E 616 -29.17 -47.64 -34.10
N TYR E 617 -30.29 -47.08 -33.64
CA TYR E 617 -31.42 -47.93 -33.27
C TYR E 617 -31.96 -48.66 -34.49
N ASP E 618 -32.02 -47.99 -35.64
CA ASP E 618 -32.48 -48.63 -36.85
C ASP E 618 -31.53 -49.75 -37.29
N ILE E 619 -30.23 -49.57 -37.09
CA ILE E 619 -29.27 -50.61 -37.44
C ILE E 619 -29.54 -51.88 -36.64
N GLY E 620 -29.68 -51.75 -35.33
CA GLY E 620 -30.04 -52.89 -34.51
C GLY E 620 -29.93 -52.65 -33.01
N GLY E 621 -30.94 -53.08 -32.28
CA GLY E 621 -30.91 -53.09 -30.83
C GLY E 621 -30.79 -51.74 -30.14
N VAL E 622 -30.80 -51.76 -28.82
CA VAL E 622 -30.58 -50.57 -28.01
C VAL E 622 -29.16 -50.65 -27.44
N SER E 623 -28.65 -51.87 -27.29
CA SER E 623 -27.29 -52.04 -26.80
C SER E 623 -26.27 -51.47 -27.77
N LEU E 624 -26.62 -51.37 -29.06
CA LEU E 624 -25.74 -50.67 -30.00
C LEU E 624 -25.66 -49.18 -29.66
N GLN E 625 -26.79 -48.59 -29.26
CA GLN E 625 -26.74 -47.23 -28.74
C GLN E 625 -25.86 -47.15 -27.51
N ASN E 626 -25.90 -48.16 -26.65
CA ASN E 626 -25.05 -48.17 -25.47
C ASN E 626 -23.57 -48.19 -25.86
N ALA E 627 -23.21 -49.01 -26.86
CA ALA E 627 -21.83 -49.06 -27.31
C ALA E 627 -21.39 -47.74 -27.93
N ILE E 628 -22.26 -47.12 -28.74
CA ILE E 628 -21.92 -45.85 -29.35
C ILE E 628 -21.75 -44.77 -28.28
N GLY E 629 -22.65 -44.74 -27.30
CA GLY E 629 -22.52 -43.78 -26.22
C GLY E 629 -21.27 -44.00 -25.39
N ALA E 630 -20.91 -45.28 -25.18
CA ALA E 630 -19.66 -45.57 -24.47
C ALA E 630 -18.46 -45.06 -25.24
N ASN E 631 -18.45 -45.26 -26.56
CA ASN E 631 -17.34 -44.76 -27.37
C ASN E 631 -17.27 -43.24 -27.32
N ILE E 632 -18.43 -42.57 -27.40
CA ILE E 632 -18.45 -41.11 -27.36
C ILE E 632 -17.96 -40.60 -26.01
N GLN E 633 -18.41 -41.24 -24.91
CA GLN E 633 -17.96 -40.84 -23.59
C GLN E 633 -16.47 -41.09 -23.41
N ALA E 634 -15.94 -42.16 -24.00
CA ALA E 634 -14.52 -42.46 -23.87
C ALA E 634 -13.66 -41.45 -24.62
N ASP E 635 -13.86 -41.35 -25.94
CA ASP E 635 -13.01 -40.45 -26.71
C ASP E 635 -13.77 -39.69 -27.79
N GLY E 636 -15.08 -39.54 -27.66
CA GLY E 636 -15.86 -38.91 -28.73
C GLY E 636 -15.83 -39.69 -30.02
N ALA E 637 -15.81 -41.02 -29.93
CA ALA E 637 -15.78 -41.91 -31.09
C ALA E 637 -14.56 -41.67 -31.97
N ASN E 638 -13.49 -41.13 -31.39
CA ASN E 638 -12.27 -40.91 -32.16
C ASN E 638 -11.64 -42.23 -32.59
N GLU E 639 -11.47 -43.14 -31.63
CA GLU E 639 -10.92 -44.46 -31.97
C GLU E 639 -11.84 -45.23 -32.90
N LEU E 640 -13.16 -45.13 -32.67
CA LEU E 640 -14.11 -45.82 -33.54
C LEU E 640 -14.02 -45.31 -34.97
N ILE E 641 -14.05 -43.99 -35.14
CA ILE E 641 -13.99 -43.40 -36.48
C ILE E 641 -12.66 -43.75 -37.14
N ASN E 642 -11.56 -43.67 -36.37
CA ASN E 642 -10.24 -43.98 -36.93
C ASN E 642 -10.15 -45.43 -37.36
N PHE E 643 -10.65 -46.36 -36.55
CA PHE E 643 -10.46 -47.77 -36.83
C PHE E 643 -11.41 -48.25 -37.92
N THR E 644 -12.62 -47.68 -37.98
CA THR E 644 -13.60 -48.16 -38.94
C THR E 644 -13.41 -47.51 -40.31
N THR E 645 -13.15 -46.21 -40.36
CA THR E 645 -13.05 -45.49 -41.63
C THR E 645 -11.63 -45.08 -42.00
N GLY E 646 -10.72 -45.01 -41.04
CA GLY E 646 -9.36 -44.58 -41.33
C GLY E 646 -9.15 -43.09 -41.29
N VAL E 647 -10.02 -42.34 -40.63
CA VAL E 647 -9.96 -40.88 -40.57
C VAL E 647 -9.66 -40.47 -39.14
N ASN E 648 -8.61 -39.68 -38.96
CA ASN E 648 -8.22 -39.17 -37.65
C ASN E 648 -8.95 -37.85 -37.41
N THR E 649 -10.01 -37.90 -36.59
CA THR E 649 -10.77 -36.68 -36.32
C THR E 649 -9.93 -35.66 -35.57
N ASN E 650 -9.15 -36.10 -34.58
CA ASN E 650 -8.29 -35.23 -33.78
C ASN E 650 -6.85 -35.65 -34.02
N ALA E 651 -6.23 -35.09 -35.05
CA ALA E 651 -4.85 -35.41 -35.39
C ALA E 651 -3.87 -34.69 -34.48
N GLN F 612 -48.86 -11.04 30.79
CA GLN F 612 -49.30 -10.47 29.52
C GLN F 612 -49.92 -11.54 28.62
N THR F 613 -50.44 -12.60 29.24
CA THR F 613 -51.03 -13.71 28.51
C THR F 613 -52.42 -13.99 29.06
N ASN F 614 -53.29 -14.52 28.18
CA ASN F 614 -54.68 -14.74 28.56
C ASN F 614 -54.86 -15.65 29.77
N PRO F 615 -54.10 -16.75 29.95
CA PRO F 615 -54.27 -17.54 31.18
C PRO F 615 -54.08 -16.72 32.45
N PHE F 616 -53.13 -15.78 32.46
CA PHE F 616 -52.93 -14.96 33.65
C PHE F 616 -54.10 -14.01 33.89
N TYR F 617 -54.70 -13.49 32.82
CA TYR F 617 -55.91 -12.70 32.97
C TYR F 617 -57.04 -13.56 33.54
N ASP F 618 -57.15 -14.80 33.07
CA ASP F 618 -58.17 -15.70 33.60
C ASP F 618 -57.93 -16.02 35.07
N ILE F 619 -56.67 -16.11 35.49
CA ILE F 619 -56.36 -16.36 36.89
C ILE F 619 -56.86 -15.21 37.75
N GLY F 620 -56.53 -13.98 37.37
CA GLY F 620 -57.10 -12.82 38.04
C GLY F 620 -56.56 -11.49 37.56
N GLY F 621 -57.47 -10.55 37.31
CA GLY F 621 -57.10 -9.17 37.04
C GLY F 621 -56.24 -8.90 35.82
N VAL F 622 -55.96 -7.63 35.58
CA VAL F 622 -55.01 -7.20 34.56
C VAL F 622 -53.71 -6.87 35.27
N SER F 623 -53.81 -6.57 36.57
CA SER F 623 -52.63 -6.28 37.36
C SER F 623 -51.70 -7.47 37.45
N LEU F 624 -52.25 -8.68 37.47
CA LEU F 624 -51.40 -9.87 37.41
C LEU F 624 -50.64 -9.94 36.09
N GLN F 625 -51.30 -9.53 35.00
CA GLN F 625 -50.61 -9.44 33.72
C GLN F 625 -49.47 -8.43 33.79
N ASN F 626 -49.69 -7.30 34.47
CA ASN F 626 -48.64 -6.32 34.63
C ASN F 626 -47.47 -6.89 35.44
N ALA F 627 -47.78 -7.64 36.50
CA ALA F 627 -46.73 -8.25 37.31
C ALA F 627 -45.92 -9.26 36.50
N ILE F 628 -46.60 -10.08 35.71
CA ILE F 628 -45.90 -11.07 34.89
C ILE F 628 -45.05 -10.38 33.83
N GLY F 629 -45.57 -9.29 33.24
CA GLY F 629 -44.77 -8.53 32.30
C GLY F 629 -43.55 -7.91 32.94
N ALA F 630 -43.69 -7.42 34.18
CA ALA F 630 -42.54 -6.90 34.91
C ALA F 630 -41.51 -7.99 35.17
N ASN F 631 -41.96 -9.19 35.54
CA ASN F 631 -41.04 -10.31 35.74
C ASN F 631 -40.30 -10.65 34.45
N ILE F 632 -41.02 -10.67 33.33
CA ILE F 632 -40.41 -11.00 32.05
C ILE F 632 -39.39 -9.93 31.66
N GLN F 633 -39.74 -8.65 31.82
CA GLN F 633 -38.80 -7.58 31.52
C GLN F 633 -37.60 -7.61 32.45
N ALA F 634 -37.77 -8.10 33.68
CA ALA F 634 -36.64 -8.19 34.60
C ALA F 634 -35.69 -9.31 34.19
N ASP F 635 -36.17 -10.55 34.21
CA ASP F 635 -35.27 -11.67 33.91
C ASP F 635 -35.94 -12.77 33.09
N GLY F 636 -37.02 -12.47 32.38
CA GLY F 636 -37.75 -13.51 31.68
C GLY F 636 -38.38 -14.51 32.62
N ALA F 637 -38.86 -14.06 33.77
CA ALA F 637 -39.51 -14.91 34.77
C ALA F 637 -38.58 -16.01 35.29
N ASN F 638 -37.27 -15.78 35.21
CA ASN F 638 -36.32 -16.76 35.72
C ASN F 638 -36.43 -16.88 37.24
N GLU F 639 -36.38 -15.74 37.94
CA GLU F 639 -36.51 -15.77 39.40
C GLU F 639 -37.89 -16.26 39.82
N LEU F 640 -38.93 -15.86 39.10
CA LEU F 640 -40.28 -16.32 39.43
C LEU F 640 -40.41 -17.83 39.28
N ILE F 641 -39.89 -18.38 38.18
CA ILE F 641 -39.94 -19.82 37.97
C ILE F 641 -39.12 -20.55 39.03
N ASN F 642 -37.93 -20.03 39.34
CA ASN F 642 -37.08 -20.67 40.34
C ASN F 642 -37.75 -20.65 41.71
N PHE F 643 -38.39 -19.54 42.07
CA PHE F 643 -38.99 -19.42 43.39
C PHE F 643 -40.25 -20.28 43.52
N THR F 644 -41.12 -20.23 42.51
CA THR F 644 -42.40 -20.93 42.60
C THR F 644 -42.25 -22.44 42.39
N THR F 645 -41.38 -22.85 41.46
CA THR F 645 -41.27 -24.25 41.09
C THR F 645 -39.99 -24.92 41.56
N GLY F 646 -38.90 -24.18 41.70
CA GLY F 646 -37.64 -24.78 42.10
C GLY F 646 -36.78 -25.26 40.96
N VAL F 647 -37.03 -24.81 39.74
CA VAL F 647 -36.28 -25.22 38.56
C VAL F 647 -35.57 -24.00 37.99
N ASN F 648 -34.26 -24.11 37.79
CA ASN F 648 -33.45 -23.02 37.26
C ASN F 648 -33.49 -23.09 35.74
N THR F 649 -34.20 -22.14 35.12
CA THR F 649 -34.30 -22.12 33.66
C THR F 649 -32.95 -21.83 33.01
N ASN F 650 -32.19 -20.91 33.58
CA ASN F 650 -30.88 -20.51 33.06
C ASN F 650 -29.84 -20.82 34.11
N ALA F 651 -29.31 -22.04 34.07
CA ALA F 651 -28.30 -22.48 35.03
C ALA F 651 -26.98 -21.74 34.82
N GLN G 612 -34.07 -47.82 -3.22
CA GLN G 612 -34.98 -46.67 -3.22
C GLN G 612 -35.56 -46.46 -4.61
N THR G 613 -35.65 -47.53 -5.39
CA THR G 613 -36.14 -47.46 -6.76
C THR G 613 -37.23 -48.50 -6.95
N ASN G 614 -38.18 -48.19 -7.84
CA ASN G 614 -39.34 -49.06 -8.04
C ASN G 614 -38.97 -50.49 -8.45
N PRO G 615 -38.00 -50.75 -9.34
CA PRO G 615 -37.63 -52.15 -9.60
C PRO G 615 -37.25 -52.93 -8.36
N PHE G 616 -36.56 -52.29 -7.41
CA PHE G 616 -36.18 -52.99 -6.18
C PHE G 616 -37.40 -53.29 -5.32
N TYR G 617 -38.38 -52.39 -5.30
CA TYR G 617 -39.64 -52.69 -4.63
C TYR G 617 -40.35 -53.86 -5.29
N ASP G 618 -40.34 -53.91 -6.62
CA ASP G 618 -40.96 -55.02 -7.34
C ASP G 618 -40.24 -56.33 -7.06
N ILE G 619 -38.93 -56.28 -6.86
CA ILE G 619 -38.17 -57.51 -6.56
C ILE G 619 -38.64 -58.09 -5.24
N GLY G 620 -38.69 -57.27 -4.20
CA GLY G 620 -39.27 -57.71 -2.94
C GLY G 620 -39.16 -56.70 -1.82
N GLY G 621 -40.27 -56.48 -1.11
CA GLY G 621 -40.29 -55.69 0.11
C GLY G 621 -39.89 -54.23 -0.03
N VAL G 622 -39.99 -53.50 1.09
CA VAL G 622 -39.49 -52.14 1.20
C VAL G 622 -38.13 -52.21 1.88
N SER G 623 -37.90 -53.30 2.62
CA SER G 623 -36.61 -53.48 3.27
C SER G 623 -35.47 -53.59 2.27
N LEU G 624 -35.72 -54.16 1.09
CA LEU G 624 -34.71 -54.16 0.04
C LEU G 624 -34.41 -52.74 -0.41
N GLN G 625 -35.43 -51.89 -0.49
CA GLN G 625 -35.19 -50.49 -0.80
C GLN G 625 -34.32 -49.82 0.26
N ASN G 626 -34.56 -50.15 1.53
CA ASN G 626 -33.72 -49.62 2.60
C ASN G 626 -32.28 -50.11 2.47
N ALA G 627 -32.10 -51.38 2.12
CA ALA G 627 -30.76 -51.92 1.93
C ALA G 627 -30.04 -51.24 0.78
N ILE G 628 -30.73 -51.01 -0.33
CA ILE G 628 -30.12 -50.34 -1.48
C ILE G 628 -29.80 -48.89 -1.13
N GLY G 629 -30.68 -48.23 -0.37
CA GLY G 629 -30.38 -46.88 0.09
C GLY G 629 -29.16 -46.84 0.98
N ALA G 630 -29.01 -47.83 1.86
CA ALA G 630 -27.81 -47.92 2.69
C ALA G 630 -26.57 -48.13 1.83
N ASN G 631 -26.68 -48.97 0.81
CA ASN G 631 -25.56 -49.19 -0.10
C ASN G 631 -25.14 -47.89 -0.79
N ILE G 632 -26.13 -47.14 -1.28
CA ILE G 632 -25.84 -45.88 -1.97
C ILE G 632 -25.23 -44.86 -1.01
N GLN G 633 -25.80 -44.74 0.19
CA GLN G 633 -25.25 -43.82 1.17
C GLN G 633 -23.84 -44.23 1.59
N ALA G 634 -23.53 -45.52 1.54
CA ALA G 634 -22.19 -45.98 1.89
C ALA G 634 -21.19 -45.62 0.80
N ASP G 635 -21.36 -46.20 -0.40
CA ASP G 635 -20.40 -45.96 -1.46
C ASP G 635 -21.04 -45.80 -2.83
N GLY G 636 -22.34 -45.51 -2.91
CA GLY G 636 -23.00 -45.48 -4.21
C GLY G 636 -23.06 -46.85 -4.86
N ALA G 637 -23.28 -47.89 -4.06
CA ALA G 637 -23.40 -49.27 -4.55
C ALA G 637 -22.13 -49.73 -5.27
N ASN G 638 -20.98 -49.15 -4.92
CA ASN G 638 -19.73 -49.59 -5.52
C ASN G 638 -19.37 -51.01 -5.08
N GLU G 639 -19.39 -51.27 -3.77
CA GLU G 639 -19.10 -52.60 -3.27
C GLU G 639 -20.15 -53.60 -3.73
N LEU G 640 -21.42 -53.19 -3.76
CA LEU G 640 -22.49 -54.08 -4.20
C LEU G 640 -22.27 -54.50 -5.66
N ILE G 641 -21.98 -53.53 -6.53
CA ILE G 641 -21.76 -53.83 -7.94
C ILE G 641 -20.53 -54.71 -8.11
N ASN G 642 -19.45 -54.37 -7.41
CA ASN G 642 -18.21 -55.14 -7.54
C ASN G 642 -18.40 -56.58 -7.06
N PHE G 643 -19.14 -56.77 -5.97
CA PHE G 643 -19.34 -58.09 -5.41
C PHE G 643 -20.27 -58.93 -6.29
N THR G 644 -21.41 -58.37 -6.70
CA THR G 644 -22.40 -59.15 -7.44
C THR G 644 -21.99 -59.35 -8.89
N THR G 645 -21.43 -58.34 -9.53
CA THR G 645 -21.14 -58.39 -10.96
C THR G 645 -19.67 -58.56 -11.31
N GLY G 646 -18.77 -58.09 -10.44
CA GLY G 646 -17.35 -58.17 -10.73
C GLY G 646 -16.79 -57.02 -11.54
N VAL G 647 -17.50 -55.90 -11.61
CA VAL G 647 -17.07 -54.72 -12.36
C VAL G 647 -16.84 -53.58 -11.38
N ASN G 648 -15.66 -52.97 -11.45
CA ASN G 648 -15.31 -51.87 -10.56
C ASN G 648 -15.75 -50.56 -11.20
N THR G 649 -16.82 -49.97 -10.66
CA THR G 649 -17.32 -48.70 -11.20
C THR G 649 -16.30 -47.58 -11.01
N ASN G 650 -15.66 -47.53 -9.85
CA ASN G 650 -14.66 -46.51 -9.53
C ASN G 650 -13.33 -47.22 -9.32
N ALA G 651 -12.58 -47.39 -10.40
CA ALA G 651 -11.28 -48.07 -10.34
C ALA G 651 -10.26 -47.21 -9.61
N GLN H 612 -22.75 -24.33 -48.47
CA GLN H 612 -23.81 -24.32 -47.47
C GLN H 612 -24.86 -23.27 -47.80
N THR H 613 -24.98 -22.92 -49.08
CA THR H 613 -25.89 -21.90 -49.53
C THR H 613 -26.72 -22.44 -50.69
N ASN H 614 -27.94 -21.91 -50.82
CA ASN H 614 -28.87 -22.41 -51.83
C ASN H 614 -28.33 -22.36 -53.26
N PRO H 615 -27.64 -21.30 -53.71
CA PRO H 615 -27.07 -21.35 -55.07
C PRO H 615 -26.17 -22.56 -55.30
N PHE H 616 -25.36 -22.94 -54.31
CA PHE H 616 -24.47 -24.08 -54.50
C PHE H 616 -25.25 -25.38 -54.60
N TYR H 617 -26.35 -25.49 -53.87
CA TYR H 617 -27.26 -26.61 -54.06
C TYR H 617 -27.84 -26.60 -55.46
N ASP H 618 -28.16 -25.41 -55.98
CA ASP H 618 -28.70 -25.31 -57.33
C ASP H 618 -27.67 -25.75 -58.37
N ILE H 619 -26.39 -25.46 -58.15
CA ILE H 619 -25.36 -25.92 -59.08
C ILE H 619 -25.33 -27.44 -59.14
N GLY H 620 -25.27 -28.09 -57.99
CA GLY H 620 -25.38 -29.54 -57.96
C GLY H 620 -25.17 -30.16 -56.58
N GLY H 621 -26.06 -31.08 -56.22
CA GLY H 621 -25.89 -31.91 -55.04
C GLY H 621 -25.83 -31.20 -53.70
N VAL H 622 -25.74 -31.99 -52.63
CA VAL H 622 -25.51 -31.48 -51.29
C VAL H 622 -24.02 -31.63 -51.00
N SER H 623 -23.37 -32.53 -51.75
CA SER H 623 -21.94 -32.72 -51.61
C SER H 623 -21.15 -31.47 -51.95
N LEU H 624 -21.62 -30.70 -52.95
CA LEU H 624 -20.98 -29.43 -53.25
C LEU H 624 -21.13 -28.47 -52.08
N GLN H 625 -22.28 -28.50 -51.40
CA GLN H 625 -22.45 -27.69 -50.19
C GLN H 625 -21.45 -28.11 -49.12
N ASN H 626 -21.22 -29.41 -48.96
CA ASN H 626 -20.23 -29.89 -48.01
C ASN H 626 -18.83 -29.41 -48.39
N ALA H 627 -18.51 -29.44 -49.69
CA ALA H 627 -17.20 -28.97 -50.13
C ALA H 627 -17.02 -27.48 -49.86
N ILE H 628 -18.05 -26.68 -50.12
CA ILE H 628 -17.96 -25.24 -49.86
C ILE H 628 -17.85 -24.98 -48.36
N GLY H 629 -18.57 -25.75 -47.55
CA GLY H 629 -18.43 -25.63 -46.12
C GLY H 629 -17.04 -25.97 -45.64
N ALA H 630 -16.43 -26.99 -46.25
CA ALA H 630 -15.04 -27.33 -45.92
C ALA H 630 -14.11 -26.20 -46.30
N ASN H 631 -14.32 -25.59 -47.47
CA ASN H 631 -13.51 -24.45 -47.88
C ASN H 631 -13.63 -23.31 -46.87
N ILE H 632 -14.86 -23.00 -46.46
CA ILE H 632 -15.08 -21.90 -45.51
C ILE H 632 -14.43 -22.21 -44.17
N GLN H 633 -14.60 -23.44 -43.68
CA GLN H 633 -13.98 -23.83 -42.41
C GLN H 633 -12.47 -23.81 -42.50
N ALA H 634 -11.91 -24.07 -43.68
CA ALA H 634 -10.47 -24.03 -43.84
C ALA H 634 -9.95 -22.60 -43.82
N ASP H 635 -10.33 -21.79 -44.82
CA ASP H 635 -9.83 -20.43 -44.88
C ASP H 635 -10.87 -19.41 -45.32
N GLY H 636 -12.16 -19.71 -45.17
CA GLY H 636 -13.17 -18.82 -45.70
C GLY H 636 -13.14 -18.72 -47.20
N ALA H 637 -12.86 -19.83 -47.89
CA ALA H 637 -12.81 -19.90 -49.35
C ALA H 637 -11.76 -18.96 -49.93
N ASN H 638 -10.72 -18.64 -49.15
CA ASN H 638 -9.65 -17.79 -49.66
C ASN H 638 -8.86 -18.49 -50.77
N GLU H 639 -8.42 -19.73 -50.50
CA GLU H 639 -7.69 -20.47 -51.52
C GLU H 639 -8.57 -20.79 -52.71
N LEU H 640 -9.85 -21.13 -52.46
CA LEU H 640 -10.77 -21.44 -53.55
C LEU H 640 -10.98 -20.22 -54.45
N ILE H 641 -11.20 -19.05 -53.85
CA ILE H 641 -11.41 -17.84 -54.64
C ILE H 641 -10.14 -17.47 -55.40
N ASN H 642 -8.99 -17.56 -54.74
CA ASN H 642 -7.73 -17.24 -55.42
C ASN H 642 -7.46 -18.18 -56.58
N PHE H 643 -7.72 -19.48 -56.40
CA PHE H 643 -7.37 -20.46 -57.42
C PHE H 643 -8.33 -20.38 -58.59
N THR H 644 -9.64 -20.24 -58.31
CA THR H 644 -10.61 -20.19 -59.39
C THR H 644 -10.64 -18.84 -60.11
N THR H 645 -10.51 -17.74 -59.38
CA THR H 645 -10.69 -16.41 -59.94
C THR H 645 -9.39 -15.62 -60.10
N GLY H 646 -8.39 -15.87 -59.26
CA GLY H 646 -7.16 -15.12 -59.33
C GLY H 646 -7.12 -13.86 -58.51
N VAL H 647 -8.04 -13.69 -57.56
CA VAL H 647 -8.11 -12.50 -56.71
C VAL H 647 -7.84 -12.93 -55.27
N ASN H 648 -6.90 -12.24 -54.63
CA ASN H 648 -6.53 -12.54 -53.24
C ASN H 648 -7.43 -11.73 -52.32
N THR H 649 -8.38 -12.40 -51.66
CA THR H 649 -9.27 -11.72 -50.74
C THR H 649 -8.52 -11.16 -49.53
N ASN H 650 -7.58 -11.92 -49.00
CA ASN H 650 -6.78 -11.53 -47.84
C ASN H 650 -5.32 -11.46 -48.30
N ALA H 651 -4.91 -10.30 -48.80
CA ALA H 651 -3.54 -10.12 -49.27
C ALA H 651 -2.55 -10.14 -48.11
N GLN I 612 -30.53 26.94 -42.48
CA GLN I 612 -31.23 25.69 -42.17
C GLN I 612 -32.52 25.97 -41.41
N THR I 613 -33.07 27.17 -41.60
CA THR I 613 -34.26 27.61 -40.88
C THR I 613 -35.27 28.18 -41.88
N ASN I 614 -36.55 28.06 -41.53
CA ASN I 614 -37.62 28.46 -42.44
C ASN I 614 -37.53 29.93 -42.88
N PRO I 615 -37.22 30.91 -42.02
CA PRO I 615 -37.07 32.28 -42.53
C PRO I 615 -36.07 32.41 -43.66
N PHE I 616 -34.95 31.67 -43.59
CA PHE I 616 -33.95 31.76 -44.65
C PHE I 616 -34.46 31.13 -45.94
N TYR I 617 -35.25 30.06 -45.83
CA TYR I 617 -35.90 29.51 -47.01
C TYR I 617 -36.87 30.51 -47.62
N ASP I 618 -37.63 31.22 -46.77
CA ASP I 618 -38.56 32.23 -47.27
C ASP I 618 -37.82 33.39 -47.93
N ILE I 619 -36.64 33.74 -47.43
CA ILE I 619 -35.88 34.83 -48.04
C ILE I 619 -35.49 34.45 -49.46
N GLY I 620 -34.93 33.27 -49.65
CA GLY I 620 -34.67 32.77 -50.98
C GLY I 620 -33.93 31.44 -51.03
N GLY I 621 -34.43 30.53 -51.86
CA GLY I 621 -33.73 29.29 -52.17
C GLY I 621 -33.47 28.34 -51.02
N VAL I 622 -32.90 27.18 -51.35
CA VAL I 622 -32.41 26.22 -50.35
C VAL I 622 -30.91 26.43 -50.25
N SER I 623 -30.32 27.01 -51.29
CA SER I 623 -28.89 27.30 -51.28
C SER I 623 -28.52 28.30 -50.18
N LEU I 624 -29.42 29.24 -49.88
CA LEU I 624 -29.18 30.14 -48.76
C LEU I 624 -29.18 29.37 -47.45
N GLN I 625 -30.05 28.36 -47.33
CA GLN I 625 -30.01 27.50 -46.15
C GLN I 625 -28.68 26.77 -46.05
N ASN I 626 -28.16 26.31 -47.19
CA ASN I 626 -26.84 25.67 -47.19
C ASN I 626 -25.75 26.63 -46.75
N ALA I 627 -25.82 27.88 -47.22
CA ALA I 627 -24.83 28.88 -46.84
C ALA I 627 -24.89 29.18 -45.34
N ILE I 628 -26.10 29.31 -44.79
CA ILE I 628 -26.25 29.57 -43.37
C ILE I 628 -25.75 28.37 -42.55
N GLY I 629 -26.04 27.16 -43.03
CA GLY I 629 -25.51 25.99 -42.36
C GLY I 629 -24.00 25.94 -42.38
N ALA I 630 -23.40 26.34 -43.51
CA ALA I 630 -21.94 26.42 -43.58
C ALA I 630 -21.39 27.45 -42.61
N ASN I 631 -22.05 28.60 -42.50
CA ASN I 631 -21.63 29.61 -41.53
C ASN I 631 -21.69 29.07 -40.11
N ILE I 632 -22.78 28.39 -39.78
CA ILE I 632 -22.94 27.84 -38.43
C ILE I 632 -21.88 26.77 -38.15
N GLN I 633 -21.64 25.88 -39.12
CA GLN I 633 -20.61 24.87 -38.95
C GLN I 633 -19.22 25.48 -38.84
N ALA I 634 -19.01 26.65 -39.46
CA ALA I 634 -17.72 27.30 -39.36
C ALA I 634 -17.52 27.92 -37.98
N ASP I 635 -18.35 28.91 -37.64
CA ASP I 635 -18.17 29.57 -36.34
C ASP I 635 -19.49 29.90 -35.65
N GLY I 636 -20.58 29.23 -35.99
CA GLY I 636 -21.87 29.62 -35.45
C GLY I 636 -22.31 30.98 -35.92
N ALA I 637 -22.00 31.31 -37.19
CA ALA I 637 -22.37 32.58 -37.81
C ALA I 637 -21.78 33.78 -37.06
N ASN I 638 -20.65 33.57 -36.37
CA ASN I 638 -20.02 34.68 -35.67
C ASN I 638 -19.48 35.72 -36.67
N GLU I 639 -18.72 35.26 -37.67
CA GLU I 639 -18.19 36.18 -38.66
C GLU I 639 -19.30 36.83 -39.47
N LEU I 640 -20.36 36.06 -39.79
CA LEU I 640 -21.48 36.62 -40.54
C LEU I 640 -22.17 37.74 -39.77
N ILE I 641 -22.47 37.50 -38.50
CA ILE I 641 -23.15 38.51 -37.69
C ILE I 641 -22.24 39.72 -37.50
N ASN I 642 -20.94 39.48 -37.29
CA ASN I 642 -20.01 40.60 -37.17
C ASN I 642 -19.95 41.43 -38.45
N PHE I 643 -19.96 40.77 -39.61
CA PHE I 643 -19.79 41.46 -40.87
C PHE I 643 -21.04 42.26 -41.24
N THR I 644 -22.22 41.63 -41.15
CA THR I 644 -23.44 42.30 -41.58
C THR I 644 -23.94 43.31 -40.55
N THR I 645 -23.83 43.00 -39.25
CA THR I 645 -24.40 43.85 -38.22
C THR I 645 -23.38 44.67 -37.45
N GLY I 646 -22.16 44.17 -37.27
CA GLY I 646 -21.16 44.88 -36.52
C GLY I 646 -21.13 44.58 -35.04
N VAL I 647 -21.77 43.49 -34.60
CA VAL I 647 -21.83 43.12 -33.20
C VAL I 647 -21.09 41.79 -33.03
N ASN I 648 -20.16 41.76 -32.08
CA ASN I 648 -19.34 40.58 -31.82
C ASN I 648 -20.05 39.71 -30.80
N THR I 649 -20.60 38.59 -31.26
CA THR I 649 -21.30 37.67 -30.35
C THR I 649 -20.34 37.07 -29.33
N ASN I 650 -19.15 36.68 -29.77
CA ASN I 650 -18.14 36.08 -28.91
C ASN I 650 -16.93 37.01 -28.88
N ALA I 651 -16.94 37.96 -27.96
CA ALA I 651 -15.86 38.93 -27.84
C ALA I 651 -14.59 38.27 -27.31
N GLN J 612 -46.63 35.19 6.55
CA GLN J 612 -46.96 34.29 5.46
C GLN J 612 -47.98 33.24 5.89
N THR J 613 -48.81 33.60 6.88
CA THR J 613 -49.80 32.70 7.43
C THR J 613 -51.16 33.40 7.46
N ASN J 614 -52.22 32.60 7.35
CA ASN J 614 -53.57 33.16 7.27
C ASN J 614 -53.95 34.04 8.46
N PRO J 615 -53.62 33.70 9.72
CA PRO J 615 -53.94 34.65 10.81
C PRO J 615 -53.35 36.03 10.61
N PHE J 616 -52.13 36.13 10.07
CA PHE J 616 -51.54 37.44 9.85
C PHE J 616 -52.26 38.20 8.74
N TYR J 617 -52.75 37.48 7.72
CA TYR J 617 -53.59 38.12 6.72
C TYR J 617 -54.88 38.63 7.34
N ASP J 618 -55.47 37.84 8.26
CA ASP J 618 -56.69 38.28 8.93
C ASP J 618 -56.45 39.49 9.81
N ILE J 619 -55.26 39.60 10.42
CA ILE J 619 -54.96 40.76 11.25
C ILE J 619 -54.95 42.03 10.40
N GLY J 620 -54.24 42.00 9.27
CA GLY J 620 -54.31 43.10 8.33
C GLY J 620 -53.36 42.99 7.16
N GLY J 621 -53.88 43.22 5.95
CA GLY J 621 -53.06 43.34 4.76
C GLY J 621 -52.26 42.13 4.34
N VAL J 622 -51.59 42.24 3.20
CA VAL J 622 -50.63 41.24 2.75
C VAL J 622 -49.24 41.73 3.12
N SER J 623 -49.13 43.05 3.32
CA SER J 623 -47.85 43.63 3.73
C SER J 623 -47.42 43.13 5.10
N LEU J 624 -48.36 42.86 6.00
CA LEU J 624 -48.01 42.24 7.27
C LEU J 624 -47.45 40.85 7.05
N GLN J 625 -48.01 40.11 6.10
CA GLN J 625 -47.45 38.80 5.75
C GLN J 625 -46.03 38.95 5.22
N ASN J 626 -45.78 39.99 4.41
CA ASN J 626 -44.42 40.24 3.92
C ASN J 626 -43.48 40.55 5.07
N ALA J 627 -43.92 41.36 6.04
CA ALA J 627 -43.09 41.69 7.18
C ALA J 627 -42.77 40.46 8.01
N ILE J 628 -43.77 39.60 8.25
CA ILE J 628 -43.55 38.39 9.03
C ILE J 628 -42.61 37.45 8.29
N GLY J 629 -42.76 37.35 6.96
CA GLY J 629 -41.83 36.56 6.18
C GLY J 629 -40.42 37.10 6.25
N ALA J 630 -40.27 38.43 6.24
CA ALA J 630 -38.95 39.03 6.39
C ALA J 630 -38.34 38.69 7.74
N ASN J 631 -39.14 38.75 8.80
CA ASN J 631 -38.66 38.34 10.12
C ASN J 631 -38.21 36.89 10.12
N ILE J 632 -38.99 36.01 9.48
CA ILE J 632 -38.66 34.59 9.45
C ILE J 632 -37.36 34.35 8.71
N GLN J 633 -37.21 34.96 7.53
CA GLN J 633 -35.96 34.80 6.79
C GLN J 633 -34.78 35.45 7.51
N ALA J 634 -35.04 36.45 8.34
CA ALA J 634 -33.97 37.06 9.10
C ALA J 634 -33.48 36.14 10.21
N ASP J 635 -34.34 35.86 11.19
CA ASP J 635 -33.92 35.00 12.29
C ASP J 635 -35.00 34.03 12.74
N GLY J 636 -35.99 33.73 11.90
CA GLY J 636 -37.10 32.91 12.34
C GLY J 636 -37.95 33.59 13.40
N ALA J 637 -38.14 34.91 13.28
CA ALA J 637 -38.94 35.70 14.21
C ALA J 637 -38.40 35.63 15.63
N ASN J 638 -37.10 35.39 15.79
CA ASN J 638 -36.50 35.37 17.12
C ASN J 638 -36.51 36.76 17.75
N GLU J 639 -36.02 37.77 17.01
CA GLU J 639 -36.01 39.13 17.54
C GLU J 639 -37.43 39.65 17.74
N LEU J 640 -38.34 39.34 16.81
CA LEU J 640 -39.72 39.79 16.95
C LEU J 640 -40.37 39.19 18.18
N ILE J 641 -40.18 37.89 18.40
CA ILE J 641 -40.77 37.23 19.56
C ILE J 641 -40.16 37.79 20.84
N ASN J 642 -38.85 37.98 20.87
CA ASN J 642 -38.20 38.52 22.06
C ASN J 642 -38.67 39.94 22.36
N PHE J 643 -38.86 40.76 21.32
CA PHE J 643 -39.24 42.14 21.53
C PHE J 643 -40.70 42.26 21.97
N THR J 644 -41.60 41.53 21.29
CA THR J 644 -43.02 41.66 21.58
C THR J 644 -43.41 40.97 22.89
N THR J 645 -42.87 39.78 23.15
CA THR J 645 -43.29 38.97 24.29
C THR J 645 -42.28 38.93 25.42
N GLY J 646 -40.99 39.06 25.13
CA GLY J 646 -39.97 38.97 26.16
C GLY J 646 -39.44 37.58 26.42
N VAL J 647 -39.67 36.63 25.51
CA VAL J 647 -39.22 35.25 25.66
C VAL J 647 -38.19 34.96 24.58
N ASN J 648 -37.04 34.43 24.99
CA ASN J 648 -35.96 34.11 24.07
C ASN J 648 -36.15 32.69 23.56
N THR J 649 -36.56 32.54 22.31
CA THR J 649 -36.76 31.22 21.73
C THR J 649 -35.45 30.46 21.62
N ASN J 650 -34.38 31.14 21.22
CA ASN J 650 -33.05 30.55 21.07
C ASN J 650 -32.11 31.24 22.05
N ALA J 651 -32.04 30.71 23.27
CA ALA J 651 -31.19 31.29 24.31
C ALA J 651 -29.72 31.10 23.98
N MET K 1 -50.18 8.66 26.89
CA MET K 1 -50.34 8.37 28.31
C MET K 1 -51.77 7.93 28.62
N GLY K 2 -52.08 7.84 29.91
CA GLY K 2 -53.40 7.41 30.32
C GLY K 2 -53.48 7.34 31.83
N GLY K 3 -54.67 6.95 32.30
CA GLY K 3 -54.90 6.84 33.73
C GLY K 3 -54.32 5.57 34.33
N ALA K 4 -54.58 4.44 33.69
CA ALA K 4 -54.06 3.15 34.15
C ALA K 4 -52.79 2.73 33.44
N ALA K 5 -52.36 3.48 32.42
CA ALA K 5 -51.15 3.12 31.68
C ALA K 5 -49.89 3.57 32.41
N ILE K 6 -49.81 4.86 32.73
CA ILE K 6 -48.63 5.38 33.40
C ILE K 6 -48.50 4.76 34.80
N GLY K 7 -49.62 4.54 35.48
CA GLY K 7 -49.57 3.85 36.75
C GLY K 7 -49.02 2.44 36.62
N GLY K 8 -49.45 1.72 35.58
CA GLY K 8 -48.93 0.40 35.34
C GLY K 8 -47.45 0.40 35.07
N ILE K 9 -46.97 1.33 34.24
CA ILE K 9 -45.55 1.35 33.90
C ILE K 9 -44.71 1.75 35.12
N LEU K 10 -45.20 2.67 35.94
CA LEU K 10 -44.43 3.07 37.11
C LEU K 10 -44.49 2.04 38.24
N GLY K 11 -45.53 1.19 38.25
CA GLY K 11 -45.52 0.05 39.15
C GLY K 11 -44.56 -1.01 38.67
N GLY K 12 -44.52 -1.21 37.34
CA GLY K 12 -43.57 -2.13 36.76
C GLY K 12 -42.14 -1.72 36.98
N VAL K 13 -41.88 -0.41 37.02
CA VAL K 13 -40.54 0.08 37.33
C VAL K 13 -40.12 -0.38 38.72
N GLN K 14 -41.00 -0.21 39.70
CA GLN K 14 -40.68 -0.67 41.06
C GLN K 14 -40.50 -2.18 41.10
N LEU K 15 -41.36 -2.92 40.41
CA LEU K 15 -41.25 -4.38 40.43
C LEU K 15 -39.94 -4.84 39.82
N VAL K 16 -39.57 -4.27 38.66
CA VAL K 16 -38.33 -4.69 38.00
C VAL K 16 -37.12 -4.27 38.81
N ALA K 17 -37.19 -3.12 39.48
CA ALA K 17 -36.09 -2.73 40.37
C ALA K 17 -35.94 -3.72 41.52
N GLY K 18 -37.06 -4.11 42.12
CA GLY K 18 -37.00 -5.08 43.22
C GLY K 18 -36.46 -6.42 42.78
N ILE K 19 -36.86 -6.88 41.59
CA ILE K 19 -36.40 -8.18 41.10
C ILE K 19 -34.92 -8.13 40.75
N SER K 20 -34.49 -7.08 40.06
CA SER K 20 -33.11 -7.01 39.58
C SER K 20 -32.13 -6.54 40.64
N GLN K 21 -32.60 -6.03 41.78
CA GLN K 21 -31.68 -5.62 42.83
C GLN K 21 -30.94 -6.81 43.42
N ALA K 22 -31.55 -8.00 43.39
CA ALA K 22 -30.86 -9.19 43.87
C ALA K 22 -29.73 -9.61 42.93
N ASN K 23 -29.97 -9.55 41.63
CA ASN K 23 -28.95 -9.92 40.65
C ASN K 23 -27.87 -8.87 40.48
N SER K 24 -28.19 -7.60 40.73
CA SER K 24 -27.19 -6.54 40.52
C SER K 24 -25.98 -6.73 41.42
N GLN K 25 -26.21 -6.98 42.71
CA GLN K 25 -25.08 -7.12 43.63
C GLN K 25 -24.37 -8.45 43.44
N ALA K 26 -25.09 -9.48 42.97
CA ALA K 26 -24.42 -10.74 42.62
C ALA K 26 -23.45 -10.53 41.45
N ASN K 27 -23.89 -9.80 40.44
CA ASN K 27 -23.02 -9.51 39.30
C ASN K 27 -21.85 -8.62 39.73
N ALA K 28 -22.11 -7.67 40.64
CA ALA K 28 -21.02 -6.84 41.16
C ALA K 28 -19.99 -7.66 41.91
N GLN K 29 -20.46 -8.63 42.72
CA GLN K 29 -19.54 -9.52 43.41
C GLN K 29 -18.74 -10.36 42.42
N ARG K 30 -19.38 -10.84 41.36
CA ARG K 30 -18.66 -11.59 40.33
C ARG K 30 -17.57 -10.74 39.71
N GLN K 31 -17.89 -9.49 39.38
CA GLN K 31 -16.91 -8.59 38.77
C GLN K 31 -15.75 -8.33 39.73
N SER K 32 -16.05 -8.11 41.01
CA SER K 32 -14.98 -7.86 41.98
C SER K 32 -14.08 -9.08 42.15
N LEU K 33 -14.68 -10.27 42.20
CA LEU K 33 -13.88 -11.49 42.31
C LEU K 33 -12.98 -11.66 41.09
N GLN K 34 -13.52 -11.43 39.89
CA GLN K 34 -12.70 -11.54 38.69
C GLN K 34 -11.57 -10.52 38.70
N ALA K 35 -11.85 -9.29 39.13
CA ALA K 35 -10.82 -8.27 39.17
C ALA K 35 -9.70 -8.64 40.14
N GLN K 36 -10.06 -9.13 41.32
CA GLN K 36 -9.03 -9.48 42.30
C GLN K 36 -8.24 -10.71 41.84
N ALA K 37 -8.89 -11.66 41.18
CA ALA K 37 -8.16 -12.81 40.64
C ALA K 37 -7.18 -12.37 39.56
N GLN K 38 -7.60 -11.46 38.68
CA GLN K 38 -6.71 -10.97 37.63
C GLN K 38 -5.54 -10.20 38.24
N THR K 39 -5.80 -9.41 39.28
CA THR K 39 -4.71 -8.69 39.96
C THR K 39 -3.72 -9.67 40.58
N THR K 40 -4.21 -10.72 41.21
CA THR K 40 -3.32 -11.72 41.79
C THR K 40 -2.46 -12.37 40.72
N VAL K 41 -3.08 -12.75 39.60
CA VAL K 41 -2.32 -13.39 38.53
C VAL K 41 -1.27 -12.45 37.97
N ASP K 42 -1.63 -11.18 37.77
CA ASP K 42 -0.67 -10.21 37.21
C ASP K 42 0.51 -9.99 38.15
N ALA K 43 0.23 -9.83 39.45
CA ALA K 43 1.33 -9.63 40.40
C ALA K 43 2.23 -10.86 40.46
N SER K 44 1.63 -12.05 40.47
CA SER K 44 2.43 -13.27 40.51
C SER K 44 3.28 -13.43 39.26
N ARG K 45 2.73 -13.09 38.09
CA ARG K 45 3.51 -13.22 36.87
C ARG K 45 4.62 -12.18 36.79
N ILE K 46 4.41 -10.99 37.33
CA ILE K 46 5.48 -10.00 37.39
C ILE K 46 6.62 -10.50 38.28
N ARG K 47 6.26 -11.05 39.45
CA ARG K 47 7.29 -11.60 40.32
C ARG K 47 8.01 -12.77 39.66
N GLN K 48 7.27 -13.60 38.92
CA GLN K 48 7.88 -14.71 38.20
C GLN K 48 8.86 -14.21 37.15
N MET K 49 8.48 -13.16 36.41
CA MET K 49 9.39 -12.58 35.43
C MET K 49 10.67 -12.07 36.10
N GLU K 50 10.53 -11.44 37.27
CA GLU K 50 11.71 -10.98 38.00
C GLU K 50 12.60 -12.16 38.38
N ILE K 51 11.99 -13.24 38.87
CA ILE K 51 12.77 -14.41 39.27
C ILE K 51 13.51 -15.02 38.09
N LEU K 52 12.81 -15.16 36.95
CA LEU K 52 13.45 -15.68 35.74
C LEU K 52 14.59 -14.79 35.27
N GLN K 53 14.40 -13.47 35.31
CA GLN K 53 15.48 -12.57 34.90
C GLN K 53 16.69 -12.73 35.80
N ALA K 54 16.48 -12.81 37.13
CA ALA K 54 17.59 -12.99 38.04
C ALA K 54 18.31 -14.31 37.80
N ARG K 55 17.55 -15.39 37.59
CA ARG K 55 18.16 -16.69 37.38
C ARG K 55 18.94 -16.74 36.06
N ASP K 56 18.39 -16.13 35.01
CA ASP K 56 19.11 -16.08 33.75
C ASP K 56 20.39 -15.27 33.86
N GLN K 57 20.35 -14.16 34.59
CA GLN K 57 21.58 -13.37 34.80
C GLN K 57 22.61 -14.19 35.56
N SER K 58 22.18 -14.91 36.60
CA SER K 58 23.12 -15.74 37.35
C SER K 58 23.72 -16.84 36.48
N ARG K 59 22.89 -17.47 35.65
CA ARG K 59 23.39 -18.52 34.76
C ARG K 59 24.40 -17.97 33.76
N PHE K 60 24.11 -16.79 33.19
CA PHE K 60 25.06 -16.18 32.26
C PHE K 60 26.37 -15.84 32.95
N ASN K 61 26.31 -15.30 34.18
CA ASN K 61 27.53 -15.00 34.92
C ASN K 61 28.34 -16.26 35.20
N SER K 62 27.65 -17.34 35.59
CA SER K 62 28.36 -18.60 35.86
C SER K 62 29.02 -19.13 34.59
N SER K 63 28.31 -19.08 33.46
CA SER K 63 28.90 -19.55 32.21
C SER K 63 30.11 -18.73 31.81
N MET K 64 30.02 -17.40 31.95
CA MET K 64 31.16 -16.54 31.62
C MET K 64 32.35 -16.82 32.52
N ASN K 65 32.11 -17.00 33.82
CA ASN K 65 33.20 -17.30 34.74
C ASN K 65 33.85 -18.64 34.41
N GLU K 66 33.03 -19.65 34.10
CA GLU K 66 33.57 -20.96 33.73
C GLU K 66 34.41 -20.86 32.46
N LEU K 67 33.93 -20.11 31.45
CA LEU K 67 34.71 -19.95 30.23
C LEU K 67 36.03 -19.23 30.50
N ALA K 68 35.99 -18.19 31.32
CA ALA K 68 37.22 -17.45 31.64
C ALA K 68 38.22 -18.33 32.36
N ARG K 69 37.76 -19.11 33.34
CA ARG K 69 38.68 -19.99 34.06
C ARG K 69 39.20 -21.11 33.17
N GLN K 70 38.38 -21.61 32.24
CA GLN K 70 38.87 -22.61 31.29
C GLN K 70 39.96 -22.04 30.41
N GLN K 71 39.77 -20.81 29.90
CA GLN K 71 40.78 -20.19 29.07
C GLN K 71 42.07 -19.94 29.87
N ASN K 72 41.92 -19.51 31.12
CA ASN K 72 43.10 -19.30 31.97
C ASN K 72 43.86 -20.59 32.20
N TYR K 73 43.13 -21.69 32.47
CA TYR K 73 43.79 -22.97 32.67
C TYR K 73 44.48 -23.44 31.40
N GLN K 74 43.85 -23.23 30.24
CA GLN K 74 44.48 -23.61 28.98
C GLN K 74 45.76 -22.82 28.75
N ASN K 75 45.73 -21.51 29.03
CA ASN K 75 46.94 -20.70 28.88
C ASN K 75 48.04 -21.15 29.84
N GLN K 76 47.67 -21.48 31.07
CA GLN K 76 48.67 -21.96 32.03
C GLN K 76 49.27 -23.29 31.57
N THR K 77 48.43 -24.18 31.06
CA THR K 77 48.92 -25.46 30.55
C THR K 77 49.87 -25.27 29.37
N PHE K 78 49.52 -24.35 28.47
CA PHE K 78 50.40 -24.05 27.35
C PHE K 78 51.73 -23.48 27.81
N LEU K 79 51.70 -22.61 28.83
CA LEU K 79 52.94 -22.07 29.37
C LEU K 79 53.80 -23.17 29.99
N ILE K 80 53.17 -24.10 30.72
CA ILE K 80 53.93 -25.20 31.31
C ILE K 80 54.53 -26.09 30.21
N GLN K 81 53.76 -26.34 29.14
CA GLN K 81 54.29 -27.12 28.03
C GLN K 81 55.49 -26.43 27.39
N ARG K 82 55.41 -25.11 27.19
CA ARG K 82 56.52 -24.37 26.62
C ARG K 82 57.74 -24.43 27.53
N GLN K 83 57.53 -24.31 28.85
CA GLN K 83 58.63 -24.40 29.80
C GLN K 83 59.29 -25.78 29.74
N LEU K 84 58.49 -26.85 29.67
CA LEU K 84 59.04 -28.18 29.57
C LEU K 84 59.81 -28.38 28.27
N LEU K 85 59.29 -27.80 27.18
CA LEU K 85 59.98 -27.87 25.90
C LEU K 85 61.34 -27.17 25.98
N GLN K 86 61.38 -26.00 26.63
CA GLN K 86 62.65 -25.29 26.81
C GLN K 86 63.61 -26.09 27.68
N GLU K 87 63.09 -26.75 28.73
CA GLU K 87 63.95 -27.58 29.57
C GLU K 87 64.53 -28.76 28.78
N GLN K 88 63.71 -29.38 27.93
CA GLN K 88 64.22 -30.47 27.11
C GLN K 88 65.23 -29.97 26.08
N MET K 89 65.03 -28.77 25.56
CA MET K 89 66.02 -28.14 24.69
C MET K 89 67.34 -27.95 25.43
N ASP K 90 67.28 -27.45 26.67
CA ASP K 90 68.50 -27.25 27.45
C ASP K 90 69.15 -28.57 27.80
N ALA K 91 68.36 -29.65 27.92
CA ALA K 91 68.93 -30.96 28.21
C ALA K 91 69.85 -31.43 27.09
N GLU K 92 69.44 -31.20 25.84
CA GLU K 92 70.26 -31.59 24.69
C GLU K 92 71.52 -30.75 24.60
N MET L 1 -40.68 -38.43 13.59
CA MET L 1 -40.29 -39.82 13.87
C MET L 1 -41.39 -40.78 13.43
N GLY L 2 -41.22 -42.06 13.72
CA GLY L 2 -42.19 -43.04 13.33
C GLY L 2 -41.80 -44.42 13.81
N GLY L 3 -42.64 -45.40 13.47
CA GLY L 3 -42.42 -46.76 13.86
C GLY L 3 -41.48 -47.51 12.93
N ALA L 4 -41.78 -47.48 11.64
CA ALA L 4 -40.94 -48.12 10.64
C ALA L 4 -39.88 -47.19 10.07
N ALA L 5 -39.89 -45.91 10.46
CA ALA L 5 -38.90 -44.97 9.95
C ALA L 5 -37.60 -45.05 10.75
N ILE L 6 -37.69 -44.91 12.07
CA ILE L 6 -36.49 -44.92 12.89
C ILE L 6 -35.82 -46.30 12.84
N GLY L 7 -36.62 -47.37 12.78
CA GLY L 7 -36.04 -48.69 12.60
C GLY L 7 -35.27 -48.80 11.30
N GLY L 8 -35.84 -48.25 10.22
CA GLY L 8 -35.13 -48.27 8.95
C GLY L 8 -33.83 -47.49 8.99
N ILE L 9 -33.85 -46.30 9.61
CA ILE L 9 -32.63 -45.48 9.65
C ILE L 9 -31.57 -46.13 10.52
N LEU L 10 -31.97 -46.75 11.64
CA LEU L 10 -30.97 -47.38 12.49
C LEU L 10 -30.48 -48.71 11.95
N GLY L 11 -31.26 -49.36 11.08
CA GLY L 11 -30.74 -50.51 10.34
C GLY L 11 -29.77 -50.06 9.26
N GLY L 12 -30.10 -48.95 8.60
CA GLY L 12 -29.19 -48.40 7.62
C GLY L 12 -27.89 -47.93 8.22
N VAL L 13 -27.92 -47.44 9.46
CA VAL L 13 -26.69 -47.08 10.15
C VAL L 13 -25.78 -48.29 10.30
N GLN L 14 -26.36 -49.42 10.74
CA GLN L 14 -25.57 -50.64 10.87
C GLN L 14 -25.03 -51.10 9.52
N LEU L 15 -25.86 -51.05 8.49
CA LEU L 15 -25.42 -51.50 7.17
C LEU L 15 -24.28 -50.64 6.64
N VAL L 16 -24.41 -49.31 6.77
CA VAL L 16 -23.38 -48.42 6.26
C VAL L 16 -22.10 -48.55 7.08
N ALA L 17 -22.22 -48.76 8.39
CA ALA L 17 -21.04 -48.99 9.22
C ALA L 17 -20.32 -50.25 8.79
N GLY L 18 -21.07 -51.34 8.59
CA GLY L 18 -20.45 -52.58 8.17
C GLY L 18 -19.78 -52.47 6.81
N ILE L 19 -20.43 -51.76 5.88
CA ILE L 19 -19.88 -51.64 4.53
C ILE L 19 -18.62 -50.78 4.55
N SER L 20 -18.68 -49.63 5.22
CA SER L 20 -17.56 -48.70 5.23
C SER L 20 -16.43 -49.12 6.18
N GLN L 21 -16.65 -50.13 7.02
CA GLN L 21 -15.58 -50.60 7.88
C GLN L 21 -14.50 -51.32 7.08
N ALA L 22 -14.83 -51.80 5.88
CA ALA L 22 -13.82 -52.37 5.00
C ALA L 22 -12.96 -51.29 4.37
N ASN L 23 -13.57 -50.19 3.95
CA ASN L 23 -12.84 -49.08 3.34
C ASN L 23 -12.06 -48.25 4.34
N SER L 24 -12.52 -48.19 5.59
CA SER L 24 -11.86 -47.35 6.58
C SER L 24 -10.42 -47.78 6.80
N GLN L 25 -10.19 -49.08 6.99
CA GLN L 25 -8.83 -49.53 7.25
C GLN L 25 -7.98 -49.50 5.99
N ALA L 26 -8.59 -49.65 4.81
CA ALA L 26 -7.85 -49.47 3.57
C ALA L 26 -7.33 -48.03 3.44
N ASN L 27 -8.20 -47.05 3.74
CA ASN L 27 -7.78 -45.66 3.70
C ASN L 27 -6.73 -45.38 4.77
N ALA L 28 -6.88 -45.98 5.95
CA ALA L 28 -5.88 -45.80 7.00
C ALA L 28 -4.53 -46.36 6.58
N GLN L 29 -4.53 -47.53 5.93
CA GLN L 29 -3.29 -48.11 5.44
C GLN L 29 -2.67 -47.22 4.36
N ARG L 30 -3.49 -46.67 3.48
CA ARG L 30 -2.97 -45.73 2.47
C ARG L 30 -2.31 -44.54 3.13
N GLN L 31 -2.96 -43.96 4.14
CA GLN L 31 -2.40 -42.81 4.84
C GLN L 31 -1.09 -43.17 5.53
N SER L 32 -1.04 -44.32 6.19
CA SER L 32 0.18 -44.73 6.87
C SER L 32 1.32 -44.95 5.89
N LEU L 33 1.03 -45.59 4.75
CA LEU L 33 2.06 -45.79 3.74
C LEU L 33 2.58 -44.46 3.21
N GLN L 34 1.67 -43.52 2.93
CA GLN L 34 2.10 -42.20 2.46
C GLN L 34 2.96 -41.49 3.51
N ALA L 35 2.56 -41.58 4.78
CA ALA L 35 3.31 -40.92 5.84
C ALA L 35 4.71 -41.51 5.97
N GLN L 36 4.83 -42.84 5.92
CA GLN L 36 6.15 -43.45 6.06
C GLN L 36 7.02 -43.16 4.84
N ALA L 37 6.42 -43.12 3.64
CA ALA L 37 7.19 -42.77 2.46
C ALA L 37 7.69 -41.33 2.55
N GLN L 38 6.84 -40.41 3.01
CA GLN L 38 7.27 -39.02 3.15
C GLN L 38 8.38 -38.89 4.20
N THR L 39 8.27 -39.64 5.30
CA THR L 39 9.31 -39.60 6.32
C THR L 39 10.64 -40.12 5.77
N THR L 40 10.59 -41.21 5.01
CA THR L 40 11.81 -41.74 4.40
C THR L 40 12.43 -40.72 3.45
N VAL L 41 11.61 -40.08 2.62
CA VAL L 41 12.11 -39.09 1.67
C VAL L 41 12.74 -37.91 2.41
N ASP L 42 12.09 -37.45 3.48
CA ASP L 42 12.61 -36.32 4.23
C ASP L 42 13.94 -36.66 4.89
N ALA L 43 14.05 -37.84 5.50
CA ALA L 43 15.32 -38.22 6.13
C ALA L 43 16.42 -38.34 5.08
N SER L 44 16.10 -38.95 3.93
CA SER L 44 17.11 -39.09 2.88
C SER L 44 17.56 -37.74 2.36
N ARG L 45 16.63 -36.79 2.18
CA ARG L 45 17.02 -35.48 1.67
C ARG L 45 17.80 -34.69 2.71
N ILE L 46 17.52 -34.88 4.00
CA ILE L 46 18.33 -34.23 5.03
C ILE L 46 19.76 -34.76 4.99
N ARG L 47 19.90 -36.08 4.88
CA ARG L 47 21.24 -36.66 4.80
C ARG L 47 21.95 -36.21 3.52
N GLN L 48 21.22 -36.10 2.42
CA GLN L 48 21.80 -35.60 1.18
C GLN L 48 22.29 -34.16 1.34
N MET L 49 21.50 -33.32 2.02
CA MET L 49 21.93 -31.94 2.25
C MET L 49 23.20 -31.92 3.09
N GLU L 50 23.28 -32.78 4.11
CA GLU L 50 24.50 -32.83 4.92
C GLU L 50 25.71 -33.23 4.07
N ILE L 51 25.52 -34.23 3.19
CA ILE L 51 26.61 -34.66 2.33
C ILE L 51 27.05 -33.53 1.39
N LEU L 52 26.08 -32.81 0.83
CA LEU L 52 26.39 -31.70 -0.06
C LEU L 52 27.15 -30.60 0.66
N GLN L 53 26.73 -30.25 1.87
CA GLN L 53 27.47 -29.23 2.62
C GLN L 53 28.89 -29.67 2.93
N ALA L 54 29.07 -30.94 3.33
CA ALA L 54 30.41 -31.44 3.61
C ALA L 54 31.28 -31.39 2.36
N ARG L 55 30.75 -31.81 1.21
CA ARG L 55 31.53 -31.81 -0.02
C ARG L 55 31.86 -30.40 -0.47
N ASP L 56 30.92 -29.47 -0.34
CA ASP L 56 31.19 -28.08 -0.70
C ASP L 56 32.27 -27.47 0.19
N GLN L 57 32.21 -27.77 1.50
CA GLN L 57 33.26 -27.28 2.39
C GLN L 57 34.62 -27.85 2.03
N SER L 58 34.67 -29.14 1.70
CA SER L 58 35.94 -29.75 1.29
C SER L 58 36.46 -29.12 0.01
N ARG L 59 35.58 -28.88 -0.96
CA ARG L 59 36.00 -28.25 -2.21
C ARG L 59 36.52 -26.84 -1.98
N PHE L 60 35.84 -26.07 -1.12
CA PHE L 60 36.32 -24.73 -0.81
C PHE L 60 37.68 -24.75 -0.13
N ASN L 61 37.87 -25.68 0.81
CA ASN L 61 39.16 -25.81 1.49
C ASN L 61 40.26 -26.16 0.49
N SER L 62 39.97 -27.09 -0.43
CA SER L 62 40.96 -27.48 -1.42
C SER L 62 41.32 -26.30 -2.32
N SER L 63 40.31 -25.53 -2.76
CA SER L 63 40.58 -24.38 -3.60
C SER L 63 41.42 -23.34 -2.87
N MET L 64 41.10 -23.07 -1.60
CA MET L 64 41.88 -22.10 -0.83
C MET L 64 43.32 -22.57 -0.65
N ASN L 65 43.52 -23.86 -0.36
CA ASN L 65 44.88 -24.39 -0.20
C ASN L 65 45.65 -24.30 -1.51
N GLU L 66 45.00 -24.61 -2.63
CA GLU L 66 45.68 -24.50 -3.92
C GLU L 66 46.07 -23.06 -4.22
N LEU L 67 45.17 -22.11 -3.93
CA LEU L 67 45.50 -20.71 -4.17
C LEU L 67 46.65 -20.26 -3.28
N ALA L 68 46.65 -20.67 -2.01
CA ALA L 68 47.72 -20.29 -1.10
C ALA L 68 49.06 -20.86 -1.56
N ARG L 69 49.09 -22.13 -1.98
CA ARG L 69 50.34 -22.72 -2.43
C ARG L 69 50.80 -22.10 -3.75
N GLN L 70 49.86 -21.71 -4.62
CA GLN L 70 50.24 -21.02 -5.85
C GLN L 70 50.87 -19.67 -5.54
N GLN L 71 50.29 -18.91 -4.61
CA GLN L 71 50.87 -17.63 -4.24
C GLN L 71 52.24 -17.81 -3.60
N ASN L 72 52.40 -18.83 -2.76
CA ASN L 72 53.69 -19.09 -2.15
C ASN L 72 54.73 -19.44 -3.21
N TYR L 73 54.37 -20.28 -4.18
CA TYR L 73 55.31 -20.63 -5.23
C TYR L 73 55.68 -19.42 -6.08
N GLN L 74 54.70 -18.56 -6.36
CA GLN L 74 54.99 -17.35 -7.12
C GLN L 74 55.95 -16.44 -6.36
N ASN L 75 55.74 -16.29 -5.05
CA ASN L 75 56.65 -15.48 -4.25
C ASN L 75 58.05 -16.08 -4.23
N GLN L 76 58.14 -17.40 -4.10
CA GLN L 76 59.45 -18.05 -4.11
C GLN L 76 60.15 -17.86 -5.46
N THR L 77 59.40 -17.98 -6.55
CA THR L 77 59.99 -17.77 -7.88
C THR L 77 60.46 -16.33 -8.04
N PHE L 78 59.69 -15.36 -7.55
CA PHE L 78 60.12 -13.97 -7.61
C PHE L 78 61.39 -13.75 -6.79
N LEU L 79 61.48 -14.37 -5.62
CA LEU L 79 62.68 -14.25 -4.81
C LEU L 79 63.89 -14.85 -5.52
N ILE L 80 63.71 -16.01 -6.18
CA ILE L 80 64.81 -16.61 -6.92
C ILE L 80 65.23 -15.72 -8.08
N GLN L 81 64.26 -15.11 -8.77
CA GLN L 81 64.58 -14.19 -9.86
C GLN L 81 65.37 -12.99 -9.35
N ARG L 82 64.96 -12.44 -8.20
CA ARG L 82 65.69 -11.30 -7.63
C ARG L 82 67.10 -11.70 -7.22
N GLN L 83 67.25 -12.90 -6.65
CA GLN L 83 68.59 -13.38 -6.29
C GLN L 83 69.48 -13.53 -7.51
N LEU L 84 68.94 -14.10 -8.60
CA LEU L 84 69.72 -14.24 -9.82
C LEU L 84 70.07 -12.88 -10.40
N LEU L 85 69.14 -11.93 -10.34
CA LEU L 85 69.41 -10.58 -10.81
C LEU L 85 70.55 -9.95 -10.03
N GLN L 86 70.54 -10.10 -8.70
CA GLN L 86 71.61 -9.57 -7.87
C GLN L 86 72.94 -10.26 -8.18
N GLU L 87 72.91 -11.58 -8.40
CA GLU L 87 74.14 -12.30 -8.72
C GLU L 87 74.74 -11.82 -10.04
N GLN L 88 73.90 -11.60 -11.05
CA GLN L 88 74.44 -11.17 -12.34
C GLN L 88 74.83 -9.70 -12.30
N MET L 89 74.22 -8.92 -11.39
CA MET L 89 74.74 -7.59 -11.09
C MET L 89 76.16 -7.67 -10.51
N ASP L 90 76.35 -8.55 -9.54
CA ASP L 90 77.67 -8.71 -8.94
C ASP L 90 78.68 -9.25 -9.95
N ALA L 91 78.21 -9.99 -10.95
CA ALA L 91 79.10 -10.46 -12.01
C ALA L 91 79.71 -9.30 -12.78
N GLU L 92 78.92 -8.28 -13.08
CA GLU L 92 79.41 -7.10 -13.79
C GLU L 92 80.39 -6.31 -12.94
N MET M 1 -25.58 -38.45 -34.36
CA MET M 1 -24.93 -39.00 -35.54
C MET M 1 -25.94 -39.37 -36.61
N GLY M 2 -25.48 -40.00 -37.68
CA GLY M 2 -26.37 -40.38 -38.76
C GLY M 2 -25.60 -41.06 -39.86
N GLY M 3 -26.33 -41.39 -40.92
CA GLY M 3 -25.73 -42.08 -42.05
C GLY M 3 -24.95 -41.16 -42.96
N ALA M 4 -25.55 -40.04 -43.35
CA ALA M 4 -24.90 -39.07 -44.22
C ALA M 4 -24.26 -37.92 -43.45
N ALA M 5 -24.45 -37.84 -42.13
CA ALA M 5 -23.88 -36.75 -41.36
C ALA M 5 -22.42 -37.02 -41.01
N ILE M 6 -22.16 -38.17 -40.39
CA ILE M 6 -20.78 -38.49 -39.99
C ILE M 6 -19.90 -38.65 -41.21
N GLY M 7 -20.42 -39.22 -42.29
CA GLY M 7 -19.66 -39.28 -43.52
C GLY M 7 -19.32 -37.92 -44.07
N GLY M 8 -20.28 -36.99 -44.02
CA GLY M 8 -20.00 -35.64 -44.45
C GLY M 8 -18.94 -34.95 -43.62
N ILE M 9 -19.01 -35.10 -42.29
CA ILE M 9 -18.04 -34.44 -41.43
C ILE M 9 -16.65 -35.05 -41.59
N LEU M 10 -16.57 -36.38 -41.78
CA LEU M 10 -15.26 -36.99 -41.95
C LEU M 10 -14.68 -36.76 -43.34
N GLY M 11 -15.52 -36.48 -44.34
CA GLY M 11 -15.01 -36.04 -45.62
C GLY M 11 -14.53 -34.61 -45.54
N GLY M 12 -15.27 -33.78 -44.79
CA GLY M 12 -14.83 -32.41 -44.57
C GLY M 12 -13.53 -32.33 -43.81
N VAL M 13 -13.28 -33.27 -42.90
CA VAL M 13 -12.00 -33.32 -42.20
C VAL M 13 -10.86 -33.52 -43.19
N GLN M 14 -11.02 -34.46 -44.11
CA GLN M 14 -9.99 -34.68 -45.13
C GLN M 14 -9.81 -33.45 -46.01
N LEU M 15 -10.92 -32.83 -46.41
CA LEU M 15 -10.83 -31.65 -47.28
C LEU M 15 -10.11 -30.51 -46.59
N VAL M 16 -10.47 -30.23 -45.33
CA VAL M 16 -9.85 -29.12 -44.61
C VAL M 16 -8.39 -29.42 -44.33
N ALA M 17 -8.05 -30.69 -44.05
CA ALA M 17 -6.66 -31.05 -43.88
C ALA M 17 -5.86 -30.80 -45.15
N GLY M 18 -6.40 -31.22 -46.29
CA GLY M 18 -5.71 -31.00 -47.55
C GLY M 18 -5.54 -29.54 -47.88
N ILE M 19 -6.56 -28.73 -47.58
CA ILE M 19 -6.50 -27.31 -47.89
C ILE M 19 -5.50 -26.59 -46.99
N SER M 20 -5.55 -26.88 -45.69
CA SER M 20 -4.69 -26.17 -44.75
C SER M 20 -3.28 -26.73 -44.67
N GLN M 21 -3.03 -27.90 -45.26
CA GLN M 21 -1.69 -28.47 -45.21
C GLN M 21 -0.71 -27.68 -46.08
N ALA M 22 -1.23 -26.92 -47.05
CA ALA M 22 -0.37 -26.03 -47.83
C ALA M 22 0.03 -24.81 -47.03
N ASN M 23 -0.91 -24.22 -46.29
CA ASN M 23 -0.62 -23.03 -45.48
C ASN M 23 0.15 -23.36 -44.22
N SER M 24 0.05 -24.59 -43.71
CA SER M 24 0.75 -24.94 -42.48
C SER M 24 2.26 -24.79 -42.63
N GLN M 25 2.82 -25.31 -43.72
CA GLN M 25 4.26 -25.22 -43.88
C GLN M 25 4.70 -23.81 -44.27
N ALA M 26 3.82 -23.04 -44.93
CA ALA M 26 4.12 -21.64 -45.17
C ALA M 26 4.25 -20.87 -43.85
N ASN M 27 3.32 -21.11 -42.94
CA ASN M 27 3.40 -20.47 -41.63
C ASN M 27 4.62 -20.95 -40.85
N ALA M 28 4.94 -22.24 -40.96
CA ALA M 28 6.15 -22.76 -40.31
C ALA M 28 7.41 -22.11 -40.86
N GLN M 29 7.47 -21.91 -42.18
CA GLN M 29 8.61 -21.23 -42.77
C GLN M 29 8.69 -19.79 -42.30
N ARG M 30 7.55 -19.11 -42.20
CA ARG M 30 7.54 -17.75 -41.67
C ARG M 30 8.10 -17.71 -40.25
N GLN M 31 7.66 -18.65 -39.41
CA GLN M 31 8.13 -18.70 -38.04
C GLN M 31 9.64 -18.96 -37.98
N SER M 32 10.13 -19.88 -38.80
CA SER M 32 11.56 -20.19 -38.81
C SER M 32 12.38 -18.99 -39.28
N LEU M 33 11.89 -18.29 -40.32
CA LEU M 33 12.60 -17.10 -40.79
C LEU M 33 12.64 -16.03 -39.70
N GLN M 34 11.52 -15.81 -39.01
CA GLN M 34 11.50 -14.82 -37.93
C GLN M 34 12.46 -15.22 -36.82
N ALA M 35 12.48 -16.50 -36.47
CA ALA M 35 13.36 -16.97 -35.40
C ALA M 35 14.83 -16.75 -35.77
N GLN M 36 15.20 -17.09 -37.00
CA GLN M 36 16.61 -16.93 -37.39
C GLN M 36 16.99 -15.45 -37.49
N ALA M 37 16.07 -14.60 -37.95
CA ALA M 37 16.35 -13.17 -37.99
C ALA M 37 16.54 -12.62 -36.58
N GLN M 38 15.69 -13.04 -35.64
CA GLN M 38 15.84 -12.58 -34.26
C GLN M 38 17.16 -13.07 -33.65
N THR M 39 17.54 -14.31 -33.95
CA THR M 39 18.81 -14.83 -33.45
C THR M 39 19.99 -14.03 -34.01
N THR M 40 19.96 -13.71 -35.30
CA THR M 40 21.02 -12.91 -35.90
C THR M 40 21.09 -11.54 -35.25
N VAL M 41 19.94 -10.90 -35.04
CA VAL M 41 19.92 -9.57 -34.41
C VAL M 41 20.48 -9.64 -33.00
N ASP M 42 20.10 -10.67 -32.24
CA ASP M 42 20.57 -10.78 -30.87
C ASP M 42 22.08 -11.00 -30.81
N ALA M 43 22.61 -11.87 -31.68
CA ALA M 43 24.05 -12.10 -31.70
C ALA M 43 24.80 -10.83 -32.09
N SER M 44 24.28 -10.11 -33.10
CA SER M 44 24.94 -8.88 -33.53
C SER M 44 24.92 -7.84 -32.42
N ARG M 45 23.81 -7.71 -31.69
CA ARG M 45 23.76 -6.71 -30.63
C ARG M 45 24.65 -7.10 -29.45
N ILE M 46 24.79 -8.40 -29.18
CA ILE M 46 25.74 -8.82 -28.14
C ILE M 46 27.16 -8.45 -28.54
N ARG M 47 27.52 -8.71 -29.79
CA ARG M 47 28.85 -8.33 -30.27
C ARG M 47 29.04 -6.82 -30.22
N GLN M 48 27.99 -6.06 -30.55
CA GLN M 48 28.04 -4.60 -30.44
C GLN M 48 28.29 -4.17 -29.01
N MET M 49 27.60 -4.79 -28.06
CA MET M 49 27.80 -4.43 -26.66
C MET M 49 29.24 -4.72 -26.22
N GLU M 50 29.78 -5.86 -26.63
CA GLU M 50 31.18 -6.17 -26.30
C GLU M 50 32.12 -5.11 -26.88
N ILE M 51 31.90 -4.74 -28.15
CA ILE M 51 32.75 -3.73 -28.78
C ILE M 51 32.64 -2.40 -28.04
N LEU M 52 31.42 -2.00 -27.68
CA LEU M 52 31.22 -0.72 -27.00
C LEU M 52 31.90 -0.71 -25.63
N GLN M 53 31.78 -1.81 -24.88
CA GLN M 53 32.46 -1.87 -23.58
C GLN M 53 33.97 -1.80 -23.75
N ALA M 54 34.52 -2.50 -24.75
CA ALA M 54 35.96 -2.44 -24.97
C ALA M 54 36.40 -1.02 -25.32
N ARG M 55 35.66 -0.34 -26.20
CA ARG M 55 36.03 1.01 -26.59
C ARG M 55 35.91 1.99 -25.43
N ASP M 56 34.87 1.83 -24.60
CA ASP M 56 34.72 2.70 -23.43
C ASP M 56 35.86 2.48 -22.44
N GLN M 57 36.26 1.22 -22.24
CA GLN M 57 37.39 0.94 -21.35
C GLN M 57 38.67 1.56 -21.89
N SER M 58 38.89 1.46 -23.20
CA SER M 58 40.08 2.07 -23.80
C SER M 58 40.07 3.59 -23.64
N ARG M 59 38.90 4.21 -23.85
CA ARG M 59 38.80 5.66 -23.69
C ARG M 59 39.06 6.08 -22.25
N PHE M 60 38.52 5.33 -21.29
CA PHE M 60 38.77 5.64 -19.89
C PHE M 60 40.25 5.51 -19.54
N ASN M 61 40.90 4.46 -20.04
CA ASN M 61 42.32 4.28 -19.79
C ASN M 61 43.13 5.43 -20.39
N SER M 62 42.78 5.84 -21.61
CA SER M 62 43.50 6.95 -22.24
C SER M 62 43.31 8.24 -21.47
N SER M 63 42.09 8.51 -21.00
CA SER M 63 41.84 9.72 -20.21
C SER M 63 42.63 9.70 -18.91
N MET M 64 42.65 8.54 -18.23
CA MET M 64 43.41 8.44 -16.98
C MET M 64 44.90 8.66 -17.22
N ASN M 65 45.43 8.06 -18.28
CA ASN M 65 46.86 8.24 -18.58
C ASN M 65 47.16 9.70 -18.91
N GLU M 66 46.29 10.35 -19.68
CA GLU M 66 46.49 11.76 -20.00
C GLU M 66 46.47 12.62 -18.73
N LEU M 67 45.53 12.36 -17.84
CA LEU M 67 45.47 13.12 -16.59
C LEU M 67 46.71 12.89 -15.75
N ALA M 68 47.18 11.64 -15.65
CA ALA M 68 48.37 11.34 -14.88
C ALA M 68 49.60 12.04 -15.45
N ARG M 69 49.77 12.00 -16.77
CA ARG M 69 50.92 12.66 -17.38
C ARG M 69 50.83 14.17 -17.27
N GLN M 70 49.63 14.73 -17.32
CA GLN M 70 49.47 16.17 -17.11
C GLN M 70 49.87 16.56 -15.69
N GLN M 71 49.43 15.77 -14.70
CA GLN M 71 49.81 16.07 -13.32
C GLN M 71 51.31 15.94 -13.12
N ASN M 72 51.92 14.92 -13.73
CA ASN M 72 53.38 14.76 -13.63
C ASN M 72 54.11 15.93 -14.25
N TYR M 73 53.65 16.39 -15.41
CA TYR M 73 54.28 17.54 -16.05
C TYR M 73 54.12 18.80 -15.21
N GLN M 74 52.95 18.99 -14.60
CA GLN M 74 52.74 20.14 -13.73
C GLN M 74 53.67 20.10 -12.53
N ASN M 75 53.83 18.91 -11.92
CA ASN M 75 54.75 18.79 -10.79
C ASN M 75 56.18 19.07 -11.21
N GLN M 76 56.59 18.57 -12.38
CA GLN M 76 57.95 18.83 -12.86
C GLN M 76 58.16 20.32 -13.12
N THR M 77 57.16 20.98 -13.71
CA THR M 77 57.27 22.42 -13.95
C THR M 77 57.38 23.19 -12.65
N PHE M 78 56.58 22.79 -11.64
CA PHE M 78 56.66 23.45 -10.34
C PHE M 78 58.04 23.24 -9.71
N LEU M 79 58.60 22.04 -9.83
CA LEU M 79 59.93 21.78 -9.29
C LEU M 79 60.98 22.64 -10.00
N ILE M 80 60.88 22.78 -11.32
CA ILE M 80 61.82 23.62 -12.06
C ILE M 80 61.68 25.08 -11.64
N GLN M 81 60.45 25.55 -11.44
CA GLN M 81 60.25 26.91 -10.99
C GLN M 81 60.85 27.14 -9.60
N ARG M 82 60.67 26.16 -8.71
CA ARG M 82 61.25 26.28 -7.37
C ARG M 82 62.78 26.31 -7.44
N GLN M 83 63.37 25.47 -8.31
CA GLN M 83 64.81 25.48 -8.48
C GLN M 83 65.31 26.81 -9.02
N LEU M 84 64.59 27.39 -9.98
CA LEU M 84 64.98 28.70 -10.52
C LEU M 84 64.85 29.77 -9.45
N LEU M 85 63.81 29.69 -8.62
CA LEU M 85 63.66 30.64 -7.53
C LEU M 85 64.81 30.54 -6.54
N GLN M 86 65.24 29.31 -6.23
CA GLN M 86 66.37 29.11 -5.34
C GLN M 86 67.66 29.65 -5.96
N GLU M 87 67.85 29.45 -7.27
CA GLU M 87 69.03 30.01 -7.92
C GLU M 87 69.03 31.53 -7.89
N GLN M 88 67.85 32.14 -8.10
CA GLN M 88 67.77 33.59 -8.02
C GLN M 88 68.03 34.09 -6.61
N MET M 89 67.56 33.34 -5.60
CA MET M 89 67.89 33.67 -4.21
C MET M 89 69.40 33.62 -3.99
N ASP M 90 70.05 32.57 -4.49
CA ASP M 90 71.50 32.46 -4.34
C ASP M 90 72.24 33.56 -5.09
N ALA M 91 71.66 34.07 -6.17
CA ALA M 91 72.29 35.14 -6.92
C ALA M 91 72.40 36.42 -6.07
N GLU M 92 71.35 36.73 -5.32
CA GLU M 92 71.35 37.90 -4.45
C GLU M 92 72.35 37.75 -3.31
N MET N 1 -26.04 8.81 -50.75
CA MET N 1 -25.66 10.02 -51.47
C MET N 1 -26.86 10.59 -52.23
N GLY N 2 -26.60 11.47 -53.18
CA GLY N 2 -27.66 12.09 -53.94
C GLY N 2 -27.10 13.06 -54.95
N GLY N 3 -28.02 13.69 -55.68
CA GLY N 3 -27.65 14.65 -56.69
C GLY N 3 -27.39 16.03 -56.12
N ALA N 4 -28.32 16.53 -55.31
CA ALA N 4 -28.16 17.83 -54.66
C ALA N 4 -27.59 17.73 -53.26
N ALA N 5 -27.39 16.52 -52.74
CA ALA N 5 -26.86 16.36 -51.39
C ALA N 5 -25.34 16.48 -51.38
N ILE N 6 -24.66 15.67 -52.19
CA ILE N 6 -23.20 15.71 -52.21
C ILE N 6 -22.70 17.04 -52.73
N GLY N 7 -23.40 17.63 -53.71
CA GLY N 7 -23.04 18.96 -54.16
C GLY N 7 -23.17 19.98 -53.06
N GLY N 8 -24.24 19.90 -52.28
CA GLY N 8 -24.40 20.81 -51.15
C GLY N 8 -23.30 20.66 -50.12
N ILE N 9 -22.94 19.42 -49.78
CA ILE N 9 -21.92 19.22 -48.76
C ILE N 9 -20.55 19.67 -49.27
N LEU N 10 -20.25 19.45 -50.55
CA LEU N 10 -18.96 19.87 -51.06
C LEU N 10 -18.89 21.37 -51.31
N GLY N 11 -20.03 22.04 -51.50
CA GLY N 11 -20.05 23.48 -51.51
C GLY N 11 -19.86 24.04 -50.11
N GLY N 12 -20.49 23.37 -49.13
CA GLY N 12 -20.30 23.76 -47.75
C GLY N 12 -18.87 23.58 -47.28
N VAL N 13 -18.17 22.58 -47.81
CA VAL N 13 -16.76 22.40 -47.49
C VAL N 13 -15.96 23.62 -47.93
N GLN N 14 -16.19 24.07 -49.16
CA GLN N 14 -15.49 25.26 -49.64
C GLN N 14 -15.86 26.49 -48.81
N LEU N 15 -17.14 26.65 -48.48
CA LEU N 15 -17.55 27.81 -47.70
C LEU N 15 -16.91 27.80 -46.32
N VAL N 16 -16.94 26.65 -45.64
CA VAL N 16 -16.38 26.58 -44.29
C VAL N 16 -14.86 26.77 -44.33
N ALA N 17 -14.20 26.26 -45.38
CA ALA N 17 -12.77 26.51 -45.53
C ALA N 17 -12.49 28.00 -45.69
N GLY N 18 -13.28 28.68 -46.52
CA GLY N 18 -13.09 30.11 -46.71
C GLY N 18 -13.31 30.90 -45.44
N ILE N 19 -14.34 30.52 -44.65
CA ILE N 19 -14.63 31.26 -43.42
C ILE N 19 -13.54 31.01 -42.38
N SER N 20 -13.14 29.75 -42.19
CA SER N 20 -12.19 29.41 -41.13
C SER N 20 -10.75 29.68 -41.52
N GLN N 21 -10.47 29.97 -42.79
CA GLN N 21 -9.09 30.22 -43.19
C GLN N 21 -8.60 31.57 -42.68
N ALA N 22 -9.51 32.48 -42.36
CA ALA N 22 -9.13 33.72 -41.70
C ALA N 22 -8.79 33.49 -40.24
N ASN N 23 -9.59 32.68 -39.54
CA ASN N 23 -9.35 32.37 -38.13
C ASN N 23 -8.12 31.50 -37.93
N SER N 24 -7.77 30.66 -38.90
CA SER N 24 -6.67 29.73 -38.73
C SER N 24 -5.35 30.46 -38.48
N GLN N 25 -5.05 31.46 -39.32
CA GLN N 25 -3.78 32.16 -39.15
C GLN N 25 -3.80 33.09 -37.95
N ALA N 26 -4.98 33.59 -37.56
CA ALA N 26 -5.06 34.36 -36.32
C ALA N 26 -4.71 33.49 -35.12
N ASN N 27 -5.26 32.27 -35.09
CA ASN N 27 -4.92 31.35 -34.00
C ASN N 27 -3.45 30.95 -34.05
N ALA N 28 -2.90 30.77 -35.26
CA ALA N 28 -1.49 30.45 -35.39
C ALA N 28 -0.61 31.59 -34.87
N GLN N 29 -0.99 32.83 -35.17
CA GLN N 29 -0.25 33.97 -34.64
C GLN N 29 -0.34 34.03 -33.13
N ARG N 30 -1.52 33.75 -32.57
CA ARG N 30 -1.65 33.71 -31.12
C ARG N 30 -0.72 32.66 -30.52
N GLN N 31 -0.68 31.48 -31.12
CA GLN N 31 0.19 30.42 -30.61
C GLN N 31 1.66 30.81 -30.70
N SER N 32 2.06 31.42 -31.82
CA SER N 32 3.46 31.84 -31.96
C SER N 32 3.83 32.92 -30.95
N LEU N 33 2.93 33.88 -30.73
CA LEU N 33 3.19 34.91 -29.73
C LEU N 33 3.32 34.32 -28.34
N GLN N 34 2.44 33.38 -27.99
CA GLN N 34 2.54 32.73 -26.68
C GLN N 34 3.84 31.95 -26.55
N ALA N 35 4.25 31.25 -27.60
CA ALA N 35 5.48 30.49 -27.56
C ALA N 35 6.69 31.39 -27.37
N GLN N 36 6.74 32.51 -28.09
CA GLN N 36 7.89 33.40 -27.96
C GLN N 36 7.89 34.09 -26.59
N ALA N 37 6.71 34.42 -26.06
CA ALA N 37 6.66 34.99 -24.72
C ALA N 37 7.15 33.99 -23.67
N GLN N 38 6.74 32.73 -23.80
CA GLN N 38 7.19 31.71 -22.86
C GLN N 38 8.70 31.49 -22.96
N THR N 39 9.23 31.52 -24.18
CA THR N 39 10.68 31.39 -24.35
C THR N 39 11.41 32.57 -23.68
N THR N 40 10.88 33.78 -23.86
CA THR N 40 11.50 34.94 -23.23
C THR N 40 11.51 34.79 -21.72
N VAL N 41 10.37 34.37 -21.15
CA VAL N 41 10.29 34.21 -19.70
C VAL N 41 11.26 33.14 -19.22
N ASP N 42 11.34 32.02 -19.94
CA ASP N 42 12.23 30.93 -19.52
C ASP N 42 13.70 31.36 -19.56
N ALA N 43 14.11 32.03 -20.65
CA ALA N 43 15.50 32.50 -20.74
C ALA N 43 15.81 33.51 -19.64
N SER N 44 14.89 34.45 -19.41
CA SER N 44 15.11 35.45 -18.37
C SER N 44 15.22 34.81 -16.99
N ARG N 45 14.38 33.82 -16.71
CA ARG N 45 14.43 33.19 -15.40
C ARG N 45 15.68 32.33 -15.24
N ILE N 46 16.18 31.73 -16.32
CA ILE N 46 17.45 31.01 -16.23
C ILE N 46 18.59 31.97 -15.92
N ARG N 47 18.60 33.12 -16.60
CA ARG N 47 19.64 34.12 -16.31
C ARG N 47 19.52 34.64 -14.88
N GLN N 48 18.28 34.84 -14.41
CA GLN N 48 18.06 35.27 -13.04
C GLN N 48 18.58 34.24 -12.04
N MET N 49 18.32 32.95 -12.31
CA MET N 49 18.83 31.90 -11.43
C MET N 49 20.36 31.93 -11.39
N GLU N 50 21.00 32.12 -12.55
CA GLU N 50 22.45 32.22 -12.57
C GLU N 50 22.94 33.40 -11.73
N ILE N 51 22.27 34.55 -11.84
CA ILE N 51 22.67 35.72 -11.07
C ILE N 51 22.52 35.46 -9.58
N LEU N 52 21.40 34.85 -9.18
CA LEU N 52 21.19 34.52 -7.75
C LEU N 52 22.24 33.54 -7.24
N GLN N 53 22.59 32.52 -8.01
CA GLN N 53 23.62 31.59 -7.58
C GLN N 53 24.97 32.29 -7.41
N ALA N 54 25.32 33.15 -8.36
CA ALA N 54 26.58 33.88 -8.25
C ALA N 54 26.60 34.79 -7.02
N ARG N 55 25.50 35.50 -6.78
CA ARG N 55 25.45 36.41 -5.64
C ARG N 55 25.48 35.66 -4.32
N ASP N 56 24.79 34.51 -4.25
CA ASP N 56 24.84 33.70 -3.03
C ASP N 56 26.23 33.16 -2.78
N GLN N 57 26.92 32.72 -3.83
CA GLN N 57 28.29 32.25 -3.66
C GLN N 57 29.20 33.38 -3.16
N SER N 58 29.04 34.58 -3.73
CA SER N 58 29.84 35.71 -3.28
C SER N 58 29.56 36.05 -1.82
N ARG N 59 28.28 36.03 -1.42
CA ARG N 59 27.92 36.32 -0.04
C ARG N 59 28.51 35.28 0.91
N PHE N 60 28.45 33.99 0.53
CA PHE N 60 29.03 32.95 1.36
C PHE N 60 30.54 33.13 1.49
N ASN N 61 31.21 33.46 0.39
CA ASN N 61 32.65 33.68 0.46
C ASN N 61 32.98 34.87 1.37
N SER N 62 32.22 35.95 1.26
CA SER N 62 32.46 37.11 2.11
C SER N 62 32.24 36.77 3.58
N SER N 63 31.18 36.02 3.89
CA SER N 63 30.93 35.63 5.28
C SER N 63 32.06 34.76 5.82
N MET N 64 32.52 33.80 5.01
CA MET N 64 33.61 32.93 5.45
C MET N 64 34.89 33.73 5.69
N ASN N 65 35.20 34.66 4.79
CA ASN N 65 36.40 35.48 4.97
C ASN N 65 36.29 36.35 6.22
N GLU N 66 35.11 36.93 6.46
CA GLU N 66 34.93 37.74 7.66
C GLU N 66 35.09 36.89 8.91
N LEU N 67 34.53 35.69 8.93
CA LEU N 67 34.67 34.82 10.09
C LEU N 67 36.13 34.44 10.31
N ALA N 68 36.85 34.12 9.23
CA ALA N 68 38.25 33.75 9.36
C ALA N 68 39.08 34.90 9.90
N ARG N 69 38.86 36.12 9.39
CA ARG N 69 39.63 37.26 9.88
C ARG N 69 39.26 37.61 11.32
N GLN N 70 37.99 37.42 11.70
CA GLN N 70 37.60 37.64 13.09
C GLN N 70 38.30 36.65 14.01
N GLN N 71 38.35 35.38 13.62
CA GLN N 71 39.05 34.38 14.45
C GLN N 71 40.54 34.68 14.52
N ASN N 72 41.14 35.11 13.42
CA ASN N 72 42.55 35.47 13.43
C ASN N 72 42.82 36.65 14.36
N TYR N 73 41.94 37.67 14.31
CA TYR N 73 42.12 38.82 15.20
C TYR N 73 41.95 38.41 16.65
N GLN N 74 41.00 37.52 16.94
CA GLN N 74 40.82 37.05 18.31
C GLN N 74 42.06 36.30 18.79
N ASN N 75 42.63 35.45 17.94
CA ASN N 75 43.85 34.73 18.31
C ASN N 75 45.00 35.69 18.56
N GLN N 76 45.14 36.71 17.69
CA GLN N 76 46.20 37.70 17.89
C GLN N 76 46.01 38.46 19.19
N THR N 77 44.78 38.84 19.51
CA THR N 77 44.50 39.55 20.75
C THR N 77 44.82 38.67 21.96
N PHE N 78 44.47 37.39 21.89
CA PHE N 78 44.80 36.47 22.99
C PHE N 78 46.31 36.34 23.15
N LEU N 79 47.04 36.27 22.03
CA LEU N 79 48.50 36.19 22.11
C LEU N 79 49.09 37.44 22.75
N ILE N 80 48.56 38.62 22.38
CA ILE N 80 49.05 39.85 22.97
C ILE N 80 48.74 39.90 24.47
N GLN N 81 47.56 39.43 24.86
CA GLN N 81 47.21 39.38 26.28
C GLN N 81 48.15 38.45 27.03
N ARG N 82 48.46 37.28 26.46
CA ARG N 82 49.39 36.36 27.11
C ARG N 82 50.78 36.98 27.23
N GLN N 83 51.23 37.68 26.20
CA GLN N 83 52.52 38.35 26.25
C GLN N 83 52.55 39.41 27.35
N LEU N 84 51.48 40.21 27.44
CA LEU N 84 51.41 41.23 28.50
C LEU N 84 51.38 40.59 29.87
N LEU N 85 50.69 39.46 30.02
CA LEU N 85 50.68 38.74 31.29
C LEU N 85 52.09 38.27 31.64
N GLN N 86 52.84 37.77 30.65
CA GLN N 86 54.21 37.34 30.90
C GLN N 86 55.10 38.51 31.30
N GLU N 87 54.94 39.66 30.64
CA GLU N 87 55.72 40.83 31.02
C GLU N 87 55.38 41.28 32.44
N GLN N 88 54.10 41.24 32.82
CA GLN N 88 53.72 41.61 34.18
C GLN N 88 54.30 40.62 35.19
N MET N 89 54.32 39.34 34.84
CA MET N 89 54.99 38.35 35.69
C MET N 89 56.47 38.68 35.86
N ASP N 90 57.14 39.02 34.76
CA ASP N 90 58.57 39.35 34.83
C ASP N 90 58.80 40.63 35.64
N ALA N 91 57.83 41.55 35.65
CA ALA N 91 57.97 42.76 36.44
C ALA N 91 58.05 42.44 37.93
N GLU N 92 57.24 41.49 38.39
CA GLU N 92 57.25 41.09 39.80
C GLU N 92 58.55 40.40 40.16
N MET O 1 -41.16 38.33 -13.04
CA MET O 1 -41.28 39.47 -12.14
C MET O 1 -42.75 39.87 -11.97
N GLY O 2 -42.97 41.09 -11.46
CA GLY O 2 -44.31 41.56 -11.26
C GLY O 2 -44.31 42.96 -10.67
N GLY O 3 -45.51 43.48 -10.45
CA GLY O 3 -45.66 44.81 -9.90
C GLY O 3 -45.53 44.86 -8.40
N ALA O 4 -46.29 44.00 -7.70
CA ALA O 4 -46.22 43.91 -6.25
C ALA O 4 -45.28 42.85 -5.76
N ALA O 5 -44.67 42.07 -6.66
CA ALA O 5 -43.75 41.02 -6.24
C ALA O 5 -42.34 41.57 -6.01
N ILE O 6 -41.79 42.27 -7.00
CA ILE O 6 -40.44 42.81 -6.86
C ILE O 6 -40.41 43.87 -5.77
N GLY O 7 -41.47 44.67 -5.65
CA GLY O 7 -41.55 45.62 -4.55
C GLY O 7 -41.54 44.93 -3.21
N GLY O 8 -42.28 43.84 -3.08
CA GLY O 8 -42.27 43.08 -1.85
C GLY O 8 -40.91 42.51 -1.51
N ILE O 9 -40.22 41.95 -2.50
CA ILE O 9 -38.92 41.33 -2.23
C ILE O 9 -37.88 42.40 -1.89
N LEU O 10 -37.94 43.56 -2.55
CA LEU O 10 -36.96 44.60 -2.25
C LEU O 10 -37.27 45.32 -0.95
N GLY O 11 -38.53 45.35 -0.52
CA GLY O 11 -38.84 45.81 0.82
C GLY O 11 -38.35 44.82 1.86
N GLY O 12 -38.53 43.53 1.58
CA GLY O 12 -38.04 42.51 2.48
C GLY O 12 -36.53 42.51 2.61
N VAL O 13 -35.83 42.90 1.54
CA VAL O 13 -34.37 43.03 1.62
C VAL O 13 -34.00 44.07 2.67
N GLN O 14 -34.66 45.23 2.62
CA GLN O 14 -34.41 46.26 3.63
C GLN O 14 -34.77 45.79 5.02
N LEU O 15 -35.91 45.10 5.14
CA LEU O 15 -36.34 44.61 6.45
C LEU O 15 -35.32 43.64 7.04
N VAL O 16 -34.89 42.67 6.25
CA VAL O 16 -33.95 41.66 6.74
C VAL O 16 -32.59 42.29 7.03
N ALA O 17 -32.18 43.28 6.22
CA ALA O 17 -30.94 43.98 6.50
C ALA O 17 -31.02 44.70 7.85
N GLY O 18 -32.12 45.40 8.09
CA GLY O 18 -32.28 46.09 9.36
C GLY O 18 -32.32 45.15 10.55
N ILE O 19 -32.97 44.00 10.38
CA ILE O 19 -33.09 43.05 11.48
C ILE O 19 -31.75 42.40 11.79
N SER O 20 -31.03 41.96 10.76
CA SER O 20 -29.78 41.24 10.97
C SER O 20 -28.58 42.16 11.18
N GLN O 21 -28.75 43.47 10.96
CA GLN O 21 -27.63 44.39 11.16
C GLN O 21 -27.35 44.60 12.65
N ALA O 22 -28.30 44.28 13.52
CA ALA O 22 -28.02 44.25 14.95
C ALA O 22 -27.19 43.03 15.33
N ASN O 23 -27.53 41.86 14.79
CA ASN O 23 -26.80 40.63 15.10
C ASN O 23 -25.43 40.57 14.45
N SER O 24 -25.24 41.28 13.34
CA SER O 24 -23.97 41.21 12.62
C SER O 24 -22.81 41.68 13.50
N GLN O 25 -22.95 42.83 14.14
CA GLN O 25 -21.84 43.33 14.95
C GLN O 25 -21.72 42.55 16.26
N ALA O 26 -22.81 41.96 16.74
CA ALA O 26 -22.71 41.07 17.90
C ALA O 26 -21.84 39.86 17.57
N ASN O 27 -22.08 39.25 16.41
CA ASN O 27 -21.25 38.12 15.99
C ASN O 27 -19.81 38.57 15.74
N ALA O 28 -19.63 39.76 15.17
CA ALA O 28 -18.28 40.28 14.96
C ALA O 28 -17.55 40.48 16.27
N GLN O 29 -18.24 41.01 17.29
CA GLN O 29 -17.64 41.18 18.61
C GLN O 29 -17.29 39.84 19.23
N ARG O 30 -18.17 38.84 19.06
CA ARG O 30 -17.85 37.50 19.55
C ARG O 30 -16.58 36.97 18.90
N GLN O 31 -16.48 37.13 17.57
CA GLN O 31 -15.29 36.66 16.87
C GLN O 31 -14.04 37.38 17.32
N SER O 32 -14.12 38.70 17.52
CA SER O 32 -12.95 39.46 17.96
C SER O 32 -12.53 39.05 19.36
N LEU O 33 -13.49 38.84 20.26
CA LEU O 33 -13.17 38.39 21.61
C LEU O 33 -12.50 37.03 21.58
N GLN O 34 -13.03 36.10 20.79
CA GLN O 34 -12.41 34.78 20.68
C GLN O 34 -11.00 34.87 20.13
N ALA O 35 -10.80 35.72 19.11
CA ALA O 35 -9.47 35.87 18.52
C ALA O 35 -8.48 36.42 19.52
N GLN O 36 -8.87 37.45 20.28
CA GLN O 36 -7.94 38.02 21.25
C GLN O 36 -7.65 37.06 22.39
N ALA O 37 -8.66 36.29 22.82
CA ALA O 37 -8.42 35.29 23.85
C ALA O 37 -7.46 34.22 23.37
N GLN O 38 -7.63 33.76 22.13
CA GLN O 38 -6.73 32.76 21.58
C GLN O 38 -5.30 33.31 21.44
N THR O 39 -5.17 34.56 21.03
CA THR O 39 -3.85 35.17 20.93
C THR O 39 -3.18 35.26 22.29
N THR O 40 -3.93 35.68 23.31
CA THR O 40 -3.38 35.74 24.65
C THR O 40 -2.93 34.38 25.14
N VAL O 41 -3.76 33.35 24.92
CA VAL O 41 -3.41 32.00 25.35
C VAL O 41 -2.16 31.51 24.63
N ASP O 42 -2.06 31.77 23.33
CA ASP O 42 -0.89 31.32 22.57
C ASP O 42 0.38 32.01 23.05
N ALA O 43 0.32 33.32 23.28
CA ALA O 43 1.50 34.03 23.77
C ALA O 43 1.91 33.51 25.14
N SER O 44 0.93 33.29 26.03
CA SER O 44 1.23 32.78 27.35
C SER O 44 1.86 31.40 27.29
N ARG O 45 1.36 30.53 26.41
CA ARG O 45 1.93 29.19 26.33
C ARG O 45 3.32 29.20 25.71
N ILE O 46 3.59 30.13 24.78
CA ILE O 46 4.95 30.26 24.25
C ILE O 46 5.91 30.70 25.36
N ARG O 47 5.48 31.67 26.16
CA ARG O 47 6.31 32.10 27.29
C ARG O 47 6.52 30.97 28.29
N GLN O 48 5.48 30.17 28.52
CA GLN O 48 5.60 29.00 29.38
C GLN O 48 6.62 28.02 28.84
N MET O 49 6.58 27.76 27.53
CA MET O 49 7.54 26.84 26.93
C MET O 49 8.96 27.36 27.10
N GLU O 50 9.16 28.66 26.91
CA GLU O 50 10.50 29.23 27.12
C GLU O 50 10.96 29.04 28.56
N ILE O 51 10.06 29.28 29.52
CA ILE O 51 10.41 29.11 30.93
C ILE O 51 10.76 27.65 31.22
N LEU O 52 9.98 26.72 30.67
CA LEU O 52 10.24 25.30 30.89
C LEU O 52 11.59 24.88 30.31
N GLN O 53 11.92 25.33 29.11
CA GLN O 53 13.23 24.99 28.54
C GLN O 53 14.35 25.57 29.39
N ALA O 54 14.20 26.82 29.85
CA ALA O 54 15.24 27.42 30.69
C ALA O 54 15.43 26.62 31.98
N ARG O 55 14.32 26.25 32.63
CA ARG O 55 14.43 25.50 33.89
C ARG O 55 15.01 24.11 33.67
N ASP O 56 14.63 23.44 32.57
CA ASP O 56 15.20 22.13 32.29
C ASP O 56 16.69 22.22 32.01
N GLN O 57 17.12 23.26 31.29
CA GLN O 57 18.56 23.44 31.06
C GLN O 57 19.30 23.68 32.37
N SER O 58 18.72 24.50 33.25
CA SER O 58 19.36 24.75 34.54
C SER O 58 19.45 23.46 35.36
N ARG O 59 18.38 22.66 35.36
CA ARG O 59 18.40 21.40 36.10
C ARG O 59 19.45 20.45 35.55
N PHE O 60 19.56 20.35 34.22
CA PHE O 60 20.57 19.49 33.61
C PHE O 60 21.97 19.96 33.96
N ASN O 61 22.21 21.27 33.93
CA ASN O 61 23.52 21.79 34.29
C ASN O 61 23.84 21.48 35.75
N SER O 62 22.87 21.64 36.65
CA SER O 62 23.10 21.35 38.05
C SER O 62 23.42 19.86 38.26
N SER O 63 22.68 18.98 37.58
CA SER O 63 22.94 17.56 37.70
C SER O 63 24.33 17.20 37.18
N MET O 64 24.72 17.77 36.05
CA MET O 64 26.04 17.49 35.50
C MET O 64 27.15 17.98 36.44
N ASN O 65 26.97 19.18 37.00
CA ASN O 65 27.97 19.70 37.94
C ASN O 65 28.06 18.83 39.19
N GLU O 66 26.92 18.38 39.71
CA GLU O 66 26.94 17.51 40.88
C GLU O 66 27.65 16.20 40.58
N LEU O 67 27.37 15.61 39.41
CA LEU O 67 28.04 14.37 39.04
C LEU O 67 29.54 14.56 38.89
N ALA O 68 29.95 15.67 38.28
CA ALA O 68 31.38 15.94 38.10
C ALA O 68 32.07 16.13 39.45
N ARG O 69 31.45 16.87 40.36
CA ARG O 69 32.07 17.08 41.67
C ARG O 69 32.08 15.79 42.49
N GLN O 70 31.06 14.93 42.33
CA GLN O 70 31.08 13.65 43.01
C GLN O 70 32.22 12.77 42.50
N GLN O 71 32.43 12.75 41.17
CA GLN O 71 33.52 11.98 40.62
C GLN O 71 34.88 12.52 41.08
N ASN O 72 35.01 13.85 41.13
CA ASN O 72 36.25 14.45 41.60
C ASN O 72 36.52 14.08 43.06
N TYR O 73 35.48 14.14 43.90
CA TYR O 73 35.64 13.77 45.30
C TYR O 73 36.02 12.30 45.45
N GLN O 74 35.40 11.44 44.64
CA GLN O 74 35.75 10.02 44.70
C GLN O 74 37.20 9.79 44.30
N ASN O 75 37.67 10.48 43.26
CA ASN O 75 39.06 10.35 42.85
C ASN O 75 40.01 10.85 43.93
N GLN O 76 39.66 11.97 44.57
CA GLN O 76 40.50 12.49 45.65
C GLN O 76 40.54 11.52 46.83
N THR O 77 39.39 10.93 47.18
CA THR O 77 39.37 9.95 48.26
C THR O 77 40.20 8.73 47.92
N PHE O 78 40.13 8.26 46.68
CA PHE O 78 40.95 7.13 46.26
C PHE O 78 42.44 7.47 46.35
N LEU O 79 42.80 8.69 45.94
CA LEU O 79 44.20 9.11 46.03
C LEU O 79 44.67 9.15 47.48
N ILE O 80 43.82 9.66 48.38
CA ILE O 80 44.19 9.70 49.80
C ILE O 80 44.34 8.29 50.35
N GLN O 81 43.45 7.38 49.95
CA GLN O 81 43.57 5.99 50.40
C GLN O 81 44.87 5.36 49.90
N ARG O 82 45.22 5.61 48.65
CA ARG O 82 46.49 5.08 48.12
C ARG O 82 47.68 5.67 48.86
N GLN O 83 47.63 6.97 49.18
CA GLN O 83 48.71 7.59 49.92
C GLN O 83 48.85 6.99 51.31
N LEU O 84 47.73 6.76 52.00
CA LEU O 84 47.79 6.13 53.32
C LEU O 84 48.32 4.71 53.23
N LEU O 85 47.91 3.97 52.19
CA LEU O 85 48.42 2.62 51.99
C LEU O 85 49.93 2.64 51.81
N GLN O 86 50.44 3.56 50.99
CA GLN O 86 51.88 3.67 50.79
C GLN O 86 52.59 4.07 52.07
N GLU O 87 52.02 4.98 52.85
CA GLU O 87 52.63 5.40 54.10
C GLU O 87 52.73 4.24 55.08
N GLN O 88 51.67 3.45 55.21
CA GLN O 88 51.71 2.35 56.17
C GLN O 88 52.51 1.18 55.63
N MET O 89 52.68 1.09 54.31
CA MET O 89 53.68 0.20 53.74
C MET O 89 55.08 0.62 54.16
N ASP O 90 55.38 1.91 54.07
CA ASP O 90 56.68 2.41 54.51
C ASP O 90 56.88 2.24 56.01
N ALA O 91 55.78 2.21 56.76
CA ALA O 91 55.89 1.96 58.20
C ALA O 91 56.45 0.57 58.48
N GLU O 92 56.02 -0.42 57.72
CA GLU O 92 56.53 -1.79 57.88
C GLU O 92 58.00 -1.88 57.49
N MET P 1 -46.35 -19.01 27.77
CA MET P 1 -46.77 -19.22 29.16
C MET P 1 -47.77 -20.37 29.26
N GLY P 2 -49.01 -20.04 29.63
CA GLY P 2 -50.03 -21.07 29.74
C GLY P 2 -49.83 -21.97 30.95
N GLY P 3 -50.63 -23.03 30.97
CA GLY P 3 -50.61 -23.96 32.09
C GLY P 3 -49.83 -25.23 31.84
N ALA P 4 -49.87 -25.71 30.60
CA ALA P 4 -49.17 -26.95 30.25
C ALA P 4 -47.79 -26.70 29.66
N ALA P 5 -47.60 -25.60 28.94
CA ALA P 5 -46.30 -25.32 28.33
C ALA P 5 -45.22 -25.10 29.40
N ILE P 6 -45.58 -24.47 30.50
CA ILE P 6 -44.60 -24.23 31.57
C ILE P 6 -44.11 -25.56 32.14
N GLY P 7 -45.04 -26.46 32.43
CA GLY P 7 -44.64 -27.77 32.94
C GLY P 7 -43.83 -28.55 31.91
N GLY P 8 -44.22 -28.48 30.64
CA GLY P 8 -43.47 -29.17 29.61
C GLY P 8 -42.04 -28.68 29.50
N ILE P 9 -41.85 -27.35 29.49
CA ILE P 9 -40.50 -26.82 29.38
C ILE P 9 -39.69 -27.07 30.64
N LEU P 10 -40.34 -27.08 31.81
CA LEU P 10 -39.62 -27.41 33.03
C LEU P 10 -39.11 -28.86 33.01
N GLY P 11 -39.97 -29.79 32.61
CA GLY P 11 -39.53 -31.16 32.47
C GLY P 11 -38.41 -31.30 31.46
N GLY P 12 -38.58 -30.65 30.31
CA GLY P 12 -37.56 -30.73 29.27
C GLY P 12 -36.23 -30.19 29.71
N VAL P 13 -36.24 -29.06 30.45
CA VAL P 13 -34.98 -28.49 30.90
C VAL P 13 -34.34 -29.37 31.97
N GLN P 14 -35.15 -30.04 32.80
CA GLN P 14 -34.58 -31.01 33.75
C GLN P 14 -33.86 -32.13 33.01
N LEU P 15 -34.52 -32.71 32.01
CA LEU P 15 -33.91 -33.83 31.27
C LEU P 15 -32.66 -33.38 30.53
N VAL P 16 -32.72 -32.21 29.89
CA VAL P 16 -31.57 -31.68 29.17
C VAL P 16 -30.43 -31.40 30.14
N ALA P 17 -30.75 -30.92 31.34
CA ALA P 17 -29.72 -30.67 32.34
C ALA P 17 -29.02 -31.97 32.74
N GLY P 18 -29.78 -33.05 32.94
CA GLY P 18 -29.15 -34.32 33.29
C GLY P 18 -28.25 -34.84 32.18
N ILE P 19 -28.75 -34.82 30.94
CA ILE P 19 -27.96 -35.32 29.82
C ILE P 19 -26.71 -34.48 29.62
N SER P 20 -26.84 -33.16 29.70
CA SER P 20 -25.70 -32.27 29.55
C SER P 20 -24.72 -32.41 30.71
N GLN P 21 -25.20 -32.78 31.90
CA GLN P 21 -24.30 -33.07 33.00
C GLN P 21 -23.43 -34.28 32.70
N ALA P 22 -24.04 -35.34 32.18
CA ALA P 22 -23.27 -36.51 31.78
C ALA P 22 -22.25 -36.16 30.69
N ASN P 23 -22.69 -35.40 29.68
CA ASN P 23 -21.80 -35.02 28.60
C ASN P 23 -20.68 -34.10 29.10
N SER P 24 -20.98 -33.27 30.10
CA SER P 24 -19.96 -32.39 30.68
C SER P 24 -18.92 -33.20 31.43
N GLN P 25 -19.33 -34.25 32.15
CA GLN P 25 -18.36 -35.14 32.76
C GLN P 25 -17.45 -35.76 31.70
N ALA P 26 -18.05 -36.23 30.60
CA ALA P 26 -17.25 -36.83 29.54
C ALA P 26 -16.25 -35.83 28.95
N ASN P 27 -16.70 -34.60 28.69
CA ASN P 27 -15.83 -33.59 28.10
C ASN P 27 -14.75 -33.15 29.07
N ALA P 28 -15.06 -33.12 30.37
CA ALA P 28 -14.04 -32.82 31.36
C ALA P 28 -12.95 -33.88 31.37
N GLN P 29 -13.34 -35.16 31.25
CA GLN P 29 -12.35 -36.21 31.12
C GLN P 29 -11.50 -36.02 29.86
N ARG P 30 -12.15 -35.67 28.74
CA ARG P 30 -11.42 -35.40 27.50
C ARG P 30 -10.36 -34.32 27.73
N GLN P 31 -10.76 -33.20 28.32
CA GLN P 31 -9.85 -32.07 28.50
C GLN P 31 -8.74 -32.39 29.47
N SER P 32 -9.03 -33.17 30.52
CA SER P 32 -7.98 -33.56 31.45
C SER P 32 -6.93 -34.41 30.76
N LEU P 33 -7.36 -35.37 29.93
CA LEU P 33 -6.40 -36.18 29.19
C LEU P 33 -5.58 -35.33 28.22
N GLN P 34 -6.24 -34.39 27.54
CA GLN P 34 -5.52 -33.47 26.65
C GLN P 34 -4.43 -32.71 27.40
N ALA P 35 -4.78 -32.14 28.55
CA ALA P 35 -3.83 -31.36 29.32
C ALA P 35 -2.66 -32.22 29.81
N GLN P 36 -2.96 -33.43 30.26
CA GLN P 36 -1.88 -34.32 30.72
C GLN P 36 -0.91 -34.64 29.58
N ALA P 37 -1.44 -34.96 28.40
CA ALA P 37 -0.57 -35.27 27.27
C ALA P 37 0.26 -34.05 26.88
N GLN P 38 -0.35 -32.86 26.85
CA GLN P 38 0.39 -31.67 26.49
C GLN P 38 1.50 -31.37 27.48
N THR P 39 1.22 -31.54 28.78
CA THR P 39 2.25 -31.31 29.79
C THR P 39 3.41 -32.27 29.63
N THR P 40 3.12 -33.55 29.38
CA THR P 40 4.19 -34.53 29.19
C THR P 40 5.05 -34.16 27.99
N VAL P 41 4.42 -33.80 26.88
CA VAL P 41 5.18 -33.45 25.67
C VAL P 41 6.03 -32.21 25.92
N ASP P 42 5.48 -31.21 26.61
CA ASP P 42 6.23 -29.99 26.88
C ASP P 42 7.45 -30.27 27.75
N ALA P 43 7.28 -31.09 28.79
CA ALA P 43 8.41 -31.43 29.65
C ALA P 43 9.50 -32.16 28.86
N SER P 44 9.10 -33.11 28.02
CA SER P 44 10.09 -33.82 27.21
C SER P 44 10.83 -32.87 26.28
N ARG P 45 10.10 -31.93 25.66
CA ARG P 45 10.74 -30.98 24.76
C ARG P 45 11.73 -30.09 25.51
N ILE P 46 11.38 -29.66 26.71
CA ILE P 46 12.29 -28.83 27.50
C ILE P 46 13.57 -29.61 27.82
N ARG P 47 13.43 -30.87 28.22
CA ARG P 47 14.62 -31.63 28.56
C ARG P 47 15.47 -31.91 27.31
N GLN P 48 14.81 -32.08 26.15
CA GLN P 48 15.56 -32.22 24.91
C GLN P 48 16.36 -30.96 24.59
N MET P 49 15.77 -29.78 24.80
CA MET P 49 16.50 -28.54 24.60
C MET P 49 17.70 -28.45 25.53
N GLU P 50 17.52 -28.84 26.79
CA GLU P 50 18.64 -28.85 27.72
C GLU P 50 19.76 -29.78 27.25
N ILE P 51 19.38 -30.97 26.76
CA ILE P 51 20.37 -31.91 26.24
C ILE P 51 21.13 -31.29 25.07
N LEU P 52 20.41 -30.62 24.17
CA LEU P 52 21.07 -30.01 23.01
C LEU P 52 22.06 -28.92 23.45
N GLN P 53 21.67 -28.10 24.43
CA GLN P 53 22.60 -27.08 24.93
C GLN P 53 23.86 -27.71 25.53
N ALA P 54 23.68 -28.76 26.34
CA ALA P 54 24.83 -29.43 26.93
C ALA P 54 25.72 -30.03 25.84
N ARG P 55 25.12 -30.59 24.80
CA ARG P 55 25.90 -31.17 23.71
C ARG P 55 26.70 -30.11 22.98
N ASP P 56 26.11 -28.93 22.75
CA ASP P 56 26.85 -27.85 22.11
C ASP P 56 28.04 -27.41 22.96
N GLN P 57 27.83 -27.29 24.28
CA GLN P 57 28.94 -26.93 25.15
C GLN P 57 30.06 -27.98 25.11
N SER P 58 29.67 -29.26 25.12
CA SER P 58 30.68 -30.32 25.03
C SER P 58 31.42 -30.27 23.71
N ARG P 59 30.71 -29.96 22.62
CA ARG P 59 31.37 -29.84 21.32
C ARG P 59 32.40 -28.72 21.32
N PHE P 60 32.06 -27.58 21.92
CA PHE P 60 33.02 -26.49 22.00
C PHE P 60 34.25 -26.89 22.82
N ASN P 61 34.02 -27.59 23.95
CA ASN P 61 35.14 -28.03 24.77
C ASN P 61 36.04 -28.99 23.98
N SER P 62 35.44 -29.91 23.23
CA SER P 62 36.23 -30.84 22.42
C SER P 62 37.02 -30.11 21.35
N SER P 63 36.41 -29.09 20.74
CA SER P 63 37.13 -28.30 19.74
C SER P 63 38.33 -27.59 20.35
N MET P 64 38.17 -27.03 21.54
CA MET P 64 39.30 -26.39 22.21
C MET P 64 40.40 -27.39 22.53
N ASN P 65 40.02 -28.58 22.98
CA ASN P 65 41.01 -29.62 23.27
C ASN P 65 41.77 -30.02 22.01
N GLU P 66 41.06 -30.16 20.89
CA GLU P 66 41.73 -30.48 19.63
C GLU P 66 42.68 -29.37 19.20
N LEU P 67 42.28 -28.11 19.40
CA LEU P 67 43.17 -26.99 19.10
C LEU P 67 44.45 -27.07 19.93
N ALA P 68 44.31 -27.35 21.23
CA ALA P 68 45.49 -27.48 22.08
C ALA P 68 46.39 -28.63 21.62
N ARG P 69 45.77 -29.76 21.27
CA ARG P 69 46.55 -30.92 20.83
C ARG P 69 47.35 -30.59 19.57
N GLN P 70 46.70 -29.95 18.58
CA GLN P 70 47.43 -29.66 17.36
C GLN P 70 48.48 -28.57 17.57
N GLN P 71 48.23 -27.62 18.48
CA GLN P 71 49.27 -26.65 18.81
C GLN P 71 50.49 -27.33 19.39
N ASN P 72 50.29 -28.28 20.31
CA ASN P 72 51.42 -29.04 20.85
C ASN P 72 52.10 -29.85 19.75
N TYR P 73 51.31 -30.40 18.83
CA TYR P 73 51.88 -31.18 17.73
C TYR P 73 52.82 -30.35 16.88
N GLN P 74 52.41 -29.12 16.54
CA GLN P 74 53.30 -28.24 15.80
C GLN P 74 54.51 -27.84 16.63
N ASN P 75 54.30 -27.60 17.93
CA ASN P 75 55.42 -27.15 18.77
C ASN P 75 56.47 -28.25 18.96
N GLN P 76 56.09 -29.52 18.81
CA GLN P 76 57.02 -30.61 19.04
C GLN P 76 58.21 -30.64 18.09
N THR P 77 58.13 -29.93 16.94
CA THR P 77 59.24 -29.93 15.99
C THR P 77 60.46 -29.16 16.51
N PHE P 78 60.28 -28.41 17.60
CA PHE P 78 61.34 -27.51 18.08
C PHE P 78 62.56 -28.30 18.54
N LEU P 79 62.35 -29.46 19.18
CA LEU P 79 63.48 -30.27 19.61
C LEU P 79 64.34 -30.72 18.43
N ILE P 80 63.69 -31.19 17.36
CA ILE P 80 64.42 -31.63 16.18
C ILE P 80 65.16 -30.45 15.55
N GLN P 81 64.50 -29.29 15.48
CA GLN P 81 65.15 -28.11 14.90
C GLN P 81 66.37 -27.71 15.71
N ARG P 82 66.27 -27.70 17.04
CA ARG P 82 67.40 -27.35 17.88
C ARG P 82 68.53 -28.35 17.75
N GLN P 83 68.20 -29.64 17.69
CA GLN P 83 69.23 -30.66 17.54
C GLN P 83 69.96 -30.52 16.20
N LEU P 84 69.21 -30.25 15.13
CA LEU P 84 69.84 -30.04 13.83
C LEU P 84 70.70 -28.78 13.83
N LEU P 85 70.25 -27.71 14.49
CA LEU P 85 71.06 -26.50 14.58
C LEU P 85 72.36 -26.76 15.33
N GLN P 86 72.29 -27.52 16.43
CA GLN P 86 73.50 -27.87 17.17
C GLN P 86 74.43 -28.72 16.32
N GLU P 87 73.87 -29.67 15.56
CA GLU P 87 74.70 -30.50 14.68
C GLU P 87 75.42 -29.64 13.64
N GLN P 88 74.69 -28.70 13.03
CA GLN P 88 75.30 -27.84 12.02
C GLN P 88 76.36 -26.94 12.65
N MET P 89 76.11 -26.43 13.86
CA MET P 89 77.10 -25.60 14.53
C MET P 89 78.37 -26.40 14.84
N ASP P 90 78.21 -27.65 15.26
CA ASP P 90 79.37 -28.51 15.48
C ASP P 90 80.11 -28.76 14.18
N ALA P 91 79.38 -28.98 13.08
CA ALA P 91 80.02 -29.23 11.80
C ALA P 91 80.79 -28.01 11.32
N GLU P 92 80.25 -26.81 11.51
CA GLU P 92 80.91 -25.58 11.10
C GLU P 92 82.14 -25.30 11.95
N MET Q 1 -30.89 -46.84 -11.44
CA MET Q 1 -30.92 -48.27 -11.18
C MET Q 1 -31.61 -49.02 -12.32
N GLY Q 2 -32.66 -49.77 -11.98
CA GLY Q 2 -33.36 -50.53 -13.00
C GLY Q 2 -32.62 -51.78 -13.40
N GLY Q 3 -33.15 -52.43 -14.43
CA GLY Q 3 -32.60 -53.69 -14.90
C GLY Q 3 -31.67 -53.57 -16.09
N ALA Q 4 -31.98 -52.66 -17.01
CA ALA Q 4 -31.19 -52.49 -18.21
C ALA Q 4 -30.11 -51.41 -18.07
N ALA Q 5 -30.39 -50.37 -17.28
CA ALA Q 5 -29.43 -49.28 -17.14
C ALA Q 5 -28.15 -49.77 -16.46
N ILE Q 6 -28.29 -50.68 -15.48
CA ILE Q 6 -27.10 -51.19 -14.78
C ILE Q 6 -26.20 -51.94 -15.76
N GLY Q 7 -26.78 -52.81 -16.57
CA GLY Q 7 -25.98 -53.52 -17.57
C GLY Q 7 -25.37 -52.58 -18.59
N GLY Q 8 -26.13 -51.58 -19.02
CA GLY Q 8 -25.60 -50.61 -19.96
C GLY Q 8 -24.40 -49.86 -19.43
N ILE Q 9 -24.51 -49.37 -18.18
CA ILE Q 9 -23.39 -48.62 -17.61
C ILE Q 9 -22.21 -49.54 -17.31
N LEU Q 10 -22.47 -50.81 -16.97
CA LEU Q 10 -21.36 -51.74 -16.76
C LEU Q 10 -20.60 -51.98 -18.06
N GLY Q 11 -21.32 -52.22 -19.15
CA GLY Q 11 -20.66 -52.37 -20.44
C GLY Q 11 -19.89 -51.11 -20.83
N GLY Q 12 -20.53 -49.95 -20.64
CA GLY Q 12 -19.87 -48.70 -20.99
C GLY Q 12 -18.60 -48.47 -20.20
N VAL Q 13 -18.63 -48.76 -18.89
CA VAL Q 13 -17.44 -48.56 -18.08
C VAL Q 13 -16.35 -49.56 -18.46
N GLN Q 14 -16.72 -50.78 -18.85
CA GLN Q 14 -15.71 -51.71 -19.35
C GLN Q 14 -15.01 -51.17 -20.59
N LEU Q 15 -15.80 -50.69 -21.56
CA LEU Q 15 -15.22 -50.18 -22.80
C LEU Q 15 -14.35 -48.95 -22.53
N VAL Q 16 -14.86 -48.04 -21.69
CA VAL Q 16 -14.10 -46.83 -21.36
C VAL Q 16 -12.80 -47.21 -20.65
N ALA Q 17 -12.85 -48.22 -19.78
CA ALA Q 17 -11.64 -48.67 -19.10
C ALA Q 17 -10.61 -49.19 -20.08
N GLY Q 18 -11.04 -49.98 -21.07
CA GLY Q 18 -10.09 -50.46 -22.06
C GLY Q 18 -9.46 -49.35 -22.88
N ILE Q 19 -10.30 -48.43 -23.37
CA ILE Q 19 -9.78 -47.33 -24.19
C ILE Q 19 -8.85 -46.45 -23.37
N SER Q 20 -9.24 -46.12 -22.14
CA SER Q 20 -8.41 -45.30 -21.28
C SER Q 20 -7.13 -46.02 -20.88
N GLN Q 21 -7.14 -47.34 -20.82
CA GLN Q 21 -5.91 -48.08 -20.55
C GLN Q 21 -4.93 -47.94 -21.71
N ALA Q 22 -5.43 -48.05 -22.93
CA ALA Q 22 -4.56 -47.82 -24.09
C ALA Q 22 -4.01 -46.39 -24.09
N ASN Q 23 -4.88 -45.41 -23.84
CA ASN Q 23 -4.44 -44.02 -23.81
C ASN Q 23 -3.47 -43.79 -22.67
N SER Q 24 -3.62 -44.50 -21.56
CA SER Q 24 -2.70 -44.37 -20.44
C SER Q 24 -1.32 -44.92 -20.80
N GLN Q 25 -1.28 -46.02 -21.53
CA GLN Q 25 0.01 -46.50 -22.04
C GLN Q 25 0.68 -45.44 -22.91
N ALA Q 26 -0.10 -44.84 -23.83
CA ALA Q 26 0.47 -43.82 -24.71
C ALA Q 26 1.00 -42.63 -23.91
N ASN Q 27 0.21 -42.16 -22.94
CA ASN Q 27 0.62 -41.00 -22.15
C ASN Q 27 1.82 -41.31 -21.27
N ALA Q 28 1.89 -42.54 -20.73
CA ALA Q 28 3.06 -42.92 -19.94
C ALA Q 28 4.32 -42.90 -20.79
N GLN Q 29 4.22 -43.38 -22.03
CA GLN Q 29 5.38 -43.28 -22.93
C GLN Q 29 5.73 -41.82 -23.19
N ARG Q 30 4.71 -40.96 -23.36
CA ARG Q 30 4.95 -39.53 -23.52
C ARG Q 30 5.79 -38.99 -22.37
N GLN Q 31 5.36 -39.24 -21.14
CA GLN Q 31 6.05 -38.70 -19.97
C GLN Q 31 7.44 -39.30 -19.83
N SER Q 32 7.62 -40.58 -20.19
CA SER Q 32 8.94 -41.17 -20.14
C SER Q 32 9.90 -40.45 -21.08
N LEU Q 33 9.45 -40.17 -22.31
CA LEU Q 33 10.29 -39.43 -23.24
C LEU Q 33 10.59 -38.03 -22.73
N GLN Q 34 9.58 -37.35 -22.17
CA GLN Q 34 9.78 -36.04 -21.58
C GLN Q 34 10.87 -36.07 -20.51
N ALA Q 35 10.79 -37.03 -19.60
CA ALA Q 35 11.75 -37.11 -18.50
C ALA Q 35 13.15 -37.41 -19.03
N GLN Q 36 13.26 -38.30 -20.02
CA GLN Q 36 14.58 -38.60 -20.58
C GLN Q 36 15.21 -37.36 -21.20
N ALA Q 37 14.42 -36.60 -21.99
CA ALA Q 37 14.96 -35.39 -22.60
C ALA Q 37 15.37 -34.37 -21.54
N GLN Q 38 14.54 -34.20 -20.52
CA GLN Q 38 14.87 -33.23 -19.47
C GLN Q 38 16.14 -33.62 -18.73
N THR Q 39 16.30 -34.91 -18.44
CA THR Q 39 17.51 -35.37 -17.76
C THR Q 39 18.75 -35.13 -18.61
N THR Q 40 18.67 -35.42 -19.92
CA THR Q 40 19.81 -35.18 -20.79
C THR Q 40 20.19 -33.70 -20.81
N VAL Q 41 19.18 -32.82 -20.95
CA VAL Q 41 19.46 -31.39 -21.01
C VAL Q 41 20.07 -30.91 -19.70
N ASP Q 42 19.54 -31.40 -18.57
CA ASP Q 42 20.07 -30.98 -17.27
C ASP Q 42 21.52 -31.41 -17.10
N ALA Q 43 21.85 -32.64 -17.49
CA ALA Q 43 23.23 -33.11 -17.37
C ALA Q 43 24.16 -32.27 -18.23
N SER Q 44 23.74 -31.97 -19.46
CA SER Q 44 24.57 -31.14 -20.33
C SER Q 44 24.77 -29.75 -19.74
N ARG Q 45 23.72 -29.17 -19.16
CA ARG Q 45 23.85 -27.85 -18.55
C ARG Q 45 24.82 -27.87 -17.38
N ILE Q 46 24.75 -28.92 -16.56
CA ILE Q 46 25.66 -29.02 -15.41
C ILE Q 46 27.10 -29.11 -15.90
N ARG Q 47 27.36 -29.91 -16.93
CA ARG Q 47 28.74 -30.02 -17.40
C ARG Q 47 29.21 -28.73 -18.05
N GLN Q 48 28.29 -27.99 -18.69
CA GLN Q 48 28.63 -26.68 -19.22
C GLN Q 48 29.03 -25.72 -18.11
N MET Q 49 28.30 -25.74 -17.00
CA MET Q 49 28.66 -24.89 -15.86
C MET Q 49 30.03 -25.26 -15.31
N GLU Q 50 30.32 -26.57 -15.23
CA GLU Q 50 31.64 -27.00 -14.79
C GLU Q 50 32.73 -26.49 -15.72
N ILE Q 51 32.48 -26.56 -17.04
CA ILE Q 51 33.44 -26.05 -18.01
C ILE Q 51 33.68 -24.56 -17.81
N LEU Q 52 32.60 -23.80 -17.57
CA LEU Q 52 32.74 -22.36 -17.36
C LEU Q 52 33.56 -22.07 -16.12
N GLN Q 53 33.33 -22.81 -15.03
CA GLN Q 53 34.13 -22.60 -13.82
C GLN Q 53 35.61 -22.89 -14.08
N ALA Q 54 35.90 -23.99 -14.76
CA ALA Q 54 37.29 -24.32 -15.08
C ALA Q 54 37.92 -23.23 -15.95
N ARG Q 55 37.16 -22.69 -16.90
CA ARG Q 55 37.68 -21.64 -17.78
C ARG Q 55 37.98 -20.37 -16.99
N ASP Q 56 37.12 -20.01 -16.04
CA ASP Q 56 37.39 -18.84 -15.20
C ASP Q 56 38.66 -19.05 -14.37
N GLN Q 57 38.82 -20.25 -13.81
CA GLN Q 57 40.04 -20.53 -13.06
C GLN Q 57 41.28 -20.40 -13.94
N SER Q 58 41.23 -20.96 -15.14
CA SER Q 58 42.35 -20.87 -16.06
C SER Q 58 42.65 -19.42 -16.45
N ARG Q 59 41.59 -18.61 -16.62
CA ARG Q 59 41.79 -17.21 -16.91
C ARG Q 59 42.51 -16.49 -15.78
N PHE Q 60 42.14 -16.79 -14.53
CA PHE Q 60 42.85 -16.18 -13.41
C PHE Q 60 44.32 -16.60 -13.38
N ASN Q 61 44.58 -17.89 -13.62
CA ASN Q 61 45.97 -18.35 -13.64
C ASN Q 61 46.76 -17.64 -14.73
N SER Q 62 46.18 -17.48 -15.91
CA SER Q 62 46.86 -16.79 -17.00
C SER Q 62 47.12 -15.33 -16.65
N SER Q 63 46.16 -14.68 -15.99
CA SER Q 63 46.38 -13.30 -15.56
C SER Q 63 47.54 -13.19 -14.59
N MET Q 64 47.61 -14.11 -13.63
CA MET Q 64 48.72 -14.10 -12.68
C MET Q 64 50.06 -14.31 -13.38
N ASN Q 65 50.10 -15.23 -14.34
CA ASN Q 65 51.33 -15.47 -15.09
C ASN Q 65 51.75 -14.23 -15.88
N GLU Q 66 50.77 -13.56 -16.50
CA GLU Q 66 51.07 -12.33 -17.23
C GLU Q 66 51.63 -11.26 -16.30
N LEU Q 67 51.05 -11.13 -15.10
CA LEU Q 67 51.57 -10.17 -14.14
C LEU Q 67 53.01 -10.50 -13.75
N ALA Q 68 53.31 -11.78 -13.52
CA ALA Q 68 54.68 -12.15 -13.19
C ALA Q 68 55.64 -11.82 -14.33
N ARG Q 69 55.23 -12.11 -15.57
CA ARG Q 69 56.07 -11.81 -16.72
C ARG Q 69 56.34 -10.30 -16.82
N GLN Q 70 55.30 -9.47 -16.67
CA GLN Q 70 55.52 -8.04 -16.78
C GLN Q 70 56.39 -7.53 -15.64
N GLN Q 71 56.23 -8.08 -14.44
CA GLN Q 71 57.06 -7.67 -13.31
C GLN Q 71 58.53 -7.96 -13.59
N ASN Q 72 58.82 -9.16 -14.11
CA ASN Q 72 60.19 -9.44 -14.54
C ASN Q 72 60.63 -8.47 -15.63
N TYR Q 73 59.71 -8.06 -16.49
CA TYR Q 73 60.06 -7.16 -17.58
C TYR Q 73 60.54 -5.81 -17.06
N GLN Q 74 59.81 -5.20 -16.12
CA GLN Q 74 60.36 -3.97 -15.52
C GLN Q 74 61.63 -4.26 -14.73
N ASN Q 75 61.69 -5.40 -14.02
CA ASN Q 75 62.86 -5.66 -13.20
C ASN Q 75 64.14 -5.79 -14.03
N GLN Q 76 64.01 -6.16 -15.30
CA GLN Q 76 65.18 -6.36 -16.15
C GLN Q 76 66.00 -5.10 -16.39
N THR Q 77 65.43 -3.91 -16.19
CA THR Q 77 66.15 -2.67 -16.44
C THR Q 77 67.26 -2.42 -15.42
N PHE Q 78 67.24 -3.15 -14.31
CA PHE Q 78 68.17 -2.90 -13.21
C PHE Q 78 69.61 -3.14 -13.63
N LEU Q 79 69.84 -4.15 -14.49
CA LEU Q 79 71.20 -4.42 -14.96
C LEU Q 79 71.76 -3.26 -15.76
N ILE Q 80 70.97 -2.71 -16.68
CA ILE Q 80 71.42 -1.56 -17.46
C ILE Q 80 71.66 -0.37 -16.55
N GLN Q 81 70.77 -0.16 -15.56
CA GLN Q 81 70.96 0.96 -14.64
C GLN Q 81 72.26 0.81 -13.84
N ARG Q 82 72.54 -0.39 -13.36
CA ARG Q 82 73.77 -0.63 -12.61
C ARG Q 82 75.00 -0.45 -13.48
N GLN Q 83 74.94 -0.93 -14.72
CA GLN Q 83 76.08 -0.77 -15.62
C GLN Q 83 76.35 0.70 -15.92
N LEU Q 84 75.29 1.48 -16.15
CA LEU Q 84 75.45 2.91 -16.37
C LEU Q 84 75.99 3.61 -15.13
N LEU Q 85 75.54 3.19 -13.94
CA LEU Q 85 76.07 3.76 -12.70
C LEU Q 85 77.56 3.49 -12.57
N GLN Q 86 77.98 2.27 -12.87
CA GLN Q 86 79.41 1.94 -12.83
C GLN Q 86 80.18 2.74 -13.87
N GLU Q 87 79.61 2.92 -15.05
CA GLU Q 87 80.28 3.73 -16.09
C GLU Q 87 80.48 5.16 -15.62
N GLN Q 88 79.44 5.77 -15.04
CA GLN Q 88 79.57 7.14 -14.57
C GLN Q 88 80.53 7.23 -13.40
N MET Q 89 80.53 6.24 -12.51
CA MET Q 89 81.48 6.24 -11.40
C MET Q 89 82.92 6.16 -11.89
N ASP Q 90 83.16 5.33 -12.91
CA ASP Q 90 84.49 5.29 -13.52
C ASP Q 90 84.84 6.61 -14.17
N ALA Q 91 83.87 7.24 -14.84
CA ALA Q 91 84.12 8.53 -15.48
C ALA Q 91 84.47 9.60 -14.47
N GLU Q 92 83.78 9.62 -13.33
CA GLU Q 92 84.04 10.61 -12.30
C GLU Q 92 85.38 10.36 -11.62
N MET R 1 -22.40 -15.74 -50.35
CA MET R 1 -21.95 -16.32 -51.62
C MET R 1 -22.78 -15.80 -52.79
N GLY R 2 -23.58 -16.69 -53.38
CA GLY R 2 -24.40 -16.29 -54.51
C GLY R 2 -23.56 -16.12 -55.77
N GLY R 3 -24.23 -15.58 -56.79
CA GLY R 3 -23.60 -15.39 -58.08
C GLY R 3 -23.10 -13.99 -58.35
N ALA R 4 -23.86 -12.99 -57.88
CA ALA R 4 -23.48 -11.60 -58.10
C ALA R 4 -22.67 -11.01 -56.95
N ALA R 5 -22.91 -11.47 -55.72
CA ALA R 5 -22.20 -10.92 -54.58
C ALA R 5 -20.71 -11.23 -54.64
N ILE R 6 -20.35 -12.42 -55.13
CA ILE R 6 -18.95 -12.79 -55.24
C ILE R 6 -18.23 -11.85 -56.20
N GLY R 7 -18.82 -11.62 -57.37
CA GLY R 7 -18.22 -10.69 -58.31
C GLY R 7 -18.15 -9.28 -57.77
N GLY R 8 -19.20 -8.84 -57.07
CA GLY R 8 -19.19 -7.51 -56.49
C GLY R 8 -18.07 -7.33 -55.49
N ILE R 9 -17.91 -8.29 -54.58
CA ILE R 9 -16.86 -8.17 -53.58
C ILE R 9 -15.48 -8.31 -54.20
N LEU R 10 -15.35 -9.12 -55.27
CA LEU R 10 -14.05 -9.20 -55.94
C LEU R 10 -13.68 -7.87 -56.58
N GLY R 11 -14.62 -7.24 -57.28
CA GLY R 11 -14.35 -5.93 -57.83
C GLY R 11 -14.02 -4.91 -56.75
N GLY R 12 -14.81 -4.92 -55.67
CA GLY R 12 -14.56 -3.98 -54.59
C GLY R 12 -13.19 -4.16 -53.96
N VAL R 13 -12.77 -5.40 -53.74
CA VAL R 13 -11.47 -5.64 -53.13
C VAL R 13 -10.36 -5.24 -54.10
N GLN R 14 -10.55 -5.42 -55.41
CA GLN R 14 -9.56 -4.93 -56.37
C GLN R 14 -9.39 -3.42 -56.26
N LEU R 15 -10.52 -2.69 -56.26
CA LEU R 15 -10.44 -1.23 -56.21
C LEU R 15 -9.83 -0.76 -54.89
N VAL R 16 -10.24 -1.37 -53.78
CA VAL R 16 -9.69 -1.02 -52.48
C VAL R 16 -8.20 -1.30 -52.43
N ALA R 17 -7.78 -2.41 -53.06
CA ALA R 17 -6.36 -2.73 -53.10
C ALA R 17 -5.57 -1.66 -53.85
N GLY R 18 -6.10 -1.20 -54.98
CA GLY R 18 -5.41 -0.14 -55.71
C GLY R 18 -5.29 1.15 -54.93
N ILE R 19 -6.41 1.58 -54.34
CA ILE R 19 -6.41 2.83 -53.59
C ILE R 19 -5.48 2.73 -52.37
N SER R 20 -5.54 1.61 -51.66
CA SER R 20 -4.68 1.41 -50.50
C SER R 20 -3.22 1.29 -50.91
N GLN R 21 -2.93 0.81 -52.13
CA GLN R 21 -1.56 0.77 -52.61
C GLN R 21 -1.02 2.18 -52.82
N ALA R 22 -1.84 3.06 -53.40
CA ALA R 22 -1.43 4.45 -53.54
C ALA R 22 -1.20 5.09 -52.17
N ASN R 23 -2.15 4.88 -51.25
CA ASN R 23 -2.01 5.44 -49.90
C ASN R 23 -0.79 4.86 -49.19
N SER R 24 -0.46 3.60 -49.49
CA SER R 24 0.71 2.98 -48.88
C SER R 24 1.99 3.60 -49.38
N GLN R 25 2.06 3.94 -50.67
CA GLN R 25 3.21 4.70 -51.16
C GLN R 25 3.34 6.03 -50.43
N ALA R 26 2.21 6.75 -50.30
CA ALA R 26 2.25 8.03 -49.61
C ALA R 26 2.75 7.89 -48.17
N ASN R 27 2.19 6.91 -47.44
CA ASN R 27 2.58 6.71 -46.05
C ASN R 27 4.03 6.25 -45.93
N ALA R 28 4.50 5.46 -46.90
CA ALA R 28 5.90 5.03 -46.89
C ALA R 28 6.83 6.22 -47.00
N GLN R 29 6.51 7.18 -47.89
CA GLN R 29 7.34 8.37 -47.95
C GLN R 29 7.22 9.19 -46.67
N ARG R 30 6.02 9.22 -46.08
CA ARG R 30 5.86 9.88 -44.77
C ARG R 30 6.86 9.35 -43.76
N GLN R 31 6.90 8.01 -43.60
CA GLN R 31 7.79 7.41 -42.61
C GLN R 31 9.26 7.59 -42.99
N SER R 32 9.57 7.57 -44.28
CA SER R 32 10.95 7.79 -44.70
C SER R 32 11.42 9.19 -44.31
N LEU R 33 10.59 10.20 -44.54
CA LEU R 33 10.96 11.57 -44.14
C LEU R 33 11.07 11.68 -42.62
N GLN R 34 10.14 11.04 -41.89
CA GLN R 34 10.24 11.02 -40.43
C GLN R 34 11.57 10.46 -39.97
N ALA R 35 11.97 9.31 -40.52
CA ALA R 35 13.21 8.67 -40.11
C ALA R 35 14.42 9.53 -40.46
N GLN R 36 14.41 10.15 -41.64
CA GLN R 36 15.52 11.01 -42.01
C GLN R 36 15.67 12.18 -41.04
N ALA R 37 14.56 12.84 -40.69
CA ALA R 37 14.61 13.94 -39.75
C ALA R 37 15.10 13.48 -38.38
N GLN R 38 14.61 12.34 -37.92
CA GLN R 38 15.03 11.83 -36.61
C GLN R 38 16.52 11.52 -36.60
N THR R 39 17.03 10.92 -37.67
CA THR R 39 18.46 10.61 -37.75
C THR R 39 19.30 11.89 -37.72
N THR R 40 18.86 12.91 -38.47
CA THR R 40 19.62 14.17 -38.47
C THR R 40 19.65 14.78 -37.07
N VAL R 41 18.50 14.80 -36.39
CA VAL R 41 18.44 15.38 -35.05
C VAL R 41 19.32 14.60 -34.09
N ASP R 42 19.30 13.27 -34.18
CA ASP R 42 20.12 12.45 -33.29
C ASP R 42 21.60 12.70 -33.52
N ALA R 43 22.03 12.79 -34.78
CA ALA R 43 23.43 13.07 -35.07
C ALA R 43 23.84 14.43 -34.52
N SER R 44 23.00 15.44 -34.68
CA SER R 44 23.31 16.76 -34.15
C SER R 44 23.41 16.73 -32.62
N ARG R 45 22.52 15.98 -31.98
CA ARG R 45 22.57 15.88 -30.51
C ARG R 45 23.85 15.21 -30.05
N ILE R 46 24.30 14.16 -30.75
CA ILE R 46 25.55 13.51 -30.41
C ILE R 46 26.72 14.48 -30.56
N ARG R 47 26.72 15.25 -31.64
CA ARG R 47 27.77 16.25 -31.84
C ARG R 47 27.78 17.28 -30.71
N GLN R 48 26.59 17.72 -30.29
CA GLN R 48 26.50 18.69 -29.19
C GLN R 48 27.04 18.10 -27.90
N MET R 49 26.72 16.84 -27.61
CA MET R 49 27.22 16.20 -26.40
C MET R 49 28.74 16.10 -26.42
N GLU R 50 29.32 15.73 -27.57
CA GLU R 50 30.77 15.66 -27.68
C GLU R 50 31.40 17.03 -27.46
N ILE R 51 30.80 18.08 -28.04
CA ILE R 51 31.31 19.43 -27.85
C ILE R 51 31.27 19.82 -26.37
N LEU R 52 30.18 19.49 -25.69
CA LEU R 52 30.07 19.82 -24.26
C LEU R 52 31.12 19.11 -23.44
N GLN R 53 31.37 17.83 -23.73
CA GLN R 53 32.42 17.10 -23.01
C GLN R 53 33.78 17.72 -23.22
N ALA R 54 34.10 18.07 -24.47
CA ALA R 54 35.38 18.72 -24.75
C ALA R 54 35.49 20.06 -24.00
N ARG R 55 34.38 20.80 -23.94
CA ARG R 55 34.39 22.09 -23.25
C ARG R 55 34.64 21.90 -21.76
N ASP R 56 34.03 20.88 -21.15
CA ASP R 56 34.28 20.62 -19.74
C ASP R 56 35.74 20.26 -19.48
N GLN R 57 36.31 19.43 -20.35
CA GLN R 57 37.73 19.09 -20.20
C GLN R 57 38.61 20.33 -20.32
N SER R 58 38.32 21.20 -21.28
CA SER R 58 39.09 22.43 -21.43
C SER R 58 38.93 23.32 -20.22
N ARG R 59 37.73 23.37 -19.63
CA ARG R 59 37.52 24.16 -18.43
C ARG R 59 38.38 23.66 -17.28
N PHE R 60 38.45 22.33 -17.11
CA PHE R 60 39.31 21.79 -16.05
C PHE R 60 40.77 22.13 -16.31
N ASN R 61 41.22 22.03 -17.56
CA ASN R 61 42.59 22.37 -17.88
C ASN R 61 42.89 23.84 -17.55
N SER R 62 41.96 24.73 -17.89
CA SER R 62 42.14 26.15 -17.59
C SER R 62 42.18 26.39 -16.09
N SER R 63 41.34 25.68 -15.33
CA SER R 63 41.35 25.82 -13.88
C SER R 63 42.71 25.39 -13.31
N MET R 64 43.26 24.28 -13.81
CA MET R 64 44.57 23.85 -13.34
C MET R 64 45.64 24.88 -13.68
N ASN R 65 45.58 25.46 -14.88
CA ASN R 65 46.55 26.47 -15.26
C ASN R 65 46.45 27.69 -14.36
N GLU R 66 45.22 28.12 -14.03
CA GLU R 66 45.05 29.26 -13.14
C GLU R 66 45.59 28.96 -11.75
N LEU R 67 45.38 27.74 -11.26
CA LEU R 67 45.93 27.36 -9.96
C LEU R 67 47.46 27.42 -9.98
N ALA R 68 48.07 26.93 -11.06
CA ALA R 68 49.52 27.01 -11.16
C ALA R 68 50.00 28.46 -11.18
N ARG R 69 49.30 29.32 -11.92
CA ARG R 69 49.67 30.72 -11.99
C ARG R 69 49.59 31.39 -10.62
N GLN R 70 48.52 31.13 -9.87
CA GLN R 70 48.40 31.76 -8.56
C GLN R 70 49.42 31.19 -7.58
N GLN R 71 49.76 29.91 -7.70
CA GLN R 71 50.82 29.35 -6.85
C GLN R 71 52.14 30.05 -7.11
N ASN R 72 52.49 30.25 -8.40
CA ASN R 72 53.71 30.99 -8.70
C ASN R 72 53.64 32.42 -8.20
N TYR R 73 52.46 33.04 -8.30
CA TYR R 73 52.30 34.41 -7.82
C TYR R 73 52.58 34.52 -6.33
N GLN R 74 52.05 33.57 -5.54
CA GLN R 74 52.37 33.57 -4.12
C GLN R 74 53.84 33.27 -3.86
N ASN R 75 54.43 32.36 -4.65
CA ASN R 75 55.82 31.99 -4.42
C ASN R 75 56.78 33.15 -4.75
N GLN R 76 56.37 34.08 -5.60
CA GLN R 76 57.26 35.15 -6.01
C GLN R 76 57.69 36.08 -4.87
N THR R 77 56.99 36.08 -3.74
CA THR R 77 57.34 36.95 -2.62
C THR R 77 58.64 36.52 -1.95
N PHE R 78 59.13 35.31 -2.26
CA PHE R 78 60.29 34.76 -1.57
C PHE R 78 61.54 35.59 -1.81
N LEU R 79 61.72 36.10 -3.02
CA LEU R 79 62.90 36.92 -3.31
C LEU R 79 62.92 38.18 -2.45
N ILE R 80 61.76 38.86 -2.34
CA ILE R 80 61.69 40.07 -1.53
C ILE R 80 61.95 39.73 -0.06
N GLN R 81 61.37 38.62 0.41
CA GLN R 81 61.58 38.23 1.80
C GLN R 81 63.06 37.94 2.08
N ARG R 82 63.73 37.22 1.17
CA ARG R 82 65.14 36.92 1.36
C ARG R 82 65.99 38.18 1.32
N GLN R 83 65.67 39.11 0.41
CA GLN R 83 66.43 40.35 0.33
C GLN R 83 66.26 41.17 1.61
N LEU R 84 65.04 41.22 2.15
CA LEU R 84 64.82 41.93 3.41
C LEU R 84 65.54 41.25 4.56
N LEU R 85 65.56 39.92 4.58
CA LEU R 85 66.28 39.21 5.63
C LEU R 85 67.78 39.51 5.56
N GLN R 86 68.34 39.54 4.35
CA GLN R 86 69.75 39.88 4.20
C GLN R 86 70.03 41.31 4.64
N GLU R 87 69.13 42.23 4.29
CA GLU R 87 69.29 43.62 4.72
C GLU R 87 69.27 43.73 6.24
N GLN R 88 68.34 43.02 6.88
CA GLN R 88 68.27 43.05 8.34
C GLN R 88 69.51 42.44 8.97
N MET R 89 70.01 41.34 8.40
CA MET R 89 71.22 40.72 8.93
C MET R 89 72.42 41.67 8.80
N ASP R 90 72.53 42.36 7.66
CA ASP R 90 73.59 43.35 7.51
C ASP R 90 73.44 44.48 8.51
N ALA R 91 72.21 44.93 8.76
CA ALA R 91 71.99 45.99 9.73
C ALA R 91 72.39 45.55 11.14
N GLU R 92 72.07 44.32 11.50
CA GLU R 92 72.39 43.80 12.82
C GLU R 92 73.90 43.59 12.98
N MET S 1 -32.53 31.49 -35.11
CA MET S 1 -32.35 32.56 -36.10
C MET S 1 -33.57 33.48 -36.14
N GLY S 2 -34.34 33.39 -37.22
CA GLY S 2 -35.51 34.22 -37.34
C GLY S 2 -35.16 35.68 -37.60
N GLY S 3 -36.19 36.52 -37.50
CA GLY S 3 -36.03 37.93 -37.77
C GLY S 3 -35.94 38.79 -36.52
N ALA S 4 -36.71 38.45 -35.49
CA ALA S 4 -36.71 39.22 -34.26
C ALA S 4 -35.74 38.68 -33.23
N ALA S 5 -35.52 37.35 -33.22
CA ALA S 5 -34.62 36.77 -32.22
C ALA S 5 -33.19 37.25 -32.40
N ILE S 6 -32.75 37.44 -33.65
CA ILE S 6 -31.40 37.91 -33.90
C ILE S 6 -31.21 39.31 -33.32
N GLY S 7 -32.17 40.20 -33.59
CA GLY S 7 -32.09 41.54 -33.02
C GLY S 7 -32.15 41.54 -31.51
N GLY S 8 -33.00 40.68 -30.94
CA GLY S 8 -33.10 40.59 -29.50
C GLY S 8 -31.79 40.15 -28.86
N ILE S 9 -31.17 39.12 -29.41
CA ILE S 9 -29.92 38.64 -28.84
C ILE S 9 -28.79 39.64 -29.08
N LEU S 10 -28.82 40.36 -30.20
CA LEU S 10 -27.80 41.40 -30.42
C LEU S 10 -27.92 42.51 -29.38
N GLY S 11 -29.14 42.99 -29.14
CA GLY S 11 -29.33 43.99 -28.09
C GLY S 11 -28.90 43.46 -26.73
N GLY S 12 -29.31 42.24 -26.41
CA GLY S 12 -28.94 41.66 -25.13
C GLY S 12 -27.45 41.53 -24.94
N VAL S 13 -26.74 41.10 -25.98
CA VAL S 13 -25.30 40.96 -25.85
C VAL S 13 -24.62 42.32 -25.74
N GLN S 14 -25.17 43.35 -26.40
CA GLN S 14 -24.64 44.70 -26.21
C GLN S 14 -24.77 45.14 -24.76
N LEU S 15 -25.96 44.96 -24.18
CA LEU S 15 -26.18 45.39 -22.80
C LEU S 15 -25.30 44.59 -21.83
N VAL S 16 -25.21 43.28 -22.03
CA VAL S 16 -24.37 42.45 -21.18
C VAL S 16 -22.91 42.85 -21.31
N ALA S 17 -22.48 43.21 -22.52
CA ALA S 17 -21.11 43.67 -22.71
C ALA S 17 -20.83 44.93 -21.92
N GLY S 18 -21.77 45.89 -21.95
CA GLY S 18 -21.56 47.11 -21.18
C GLY S 18 -21.49 46.86 -19.68
N ILE S 19 -22.44 46.07 -19.16
CA ILE S 19 -22.47 45.80 -17.73
C ILE S 19 -21.23 45.03 -17.31
N SER S 20 -20.82 44.04 -18.09
CA SER S 20 -19.63 43.27 -17.78
C SER S 20 -18.37 44.10 -17.91
N GLN S 21 -18.38 45.11 -18.78
CA GLN S 21 -17.23 46.03 -18.85
C GLN S 21 -17.10 46.83 -17.56
N ALA S 22 -18.21 47.33 -17.04
CA ALA S 22 -18.16 48.02 -15.76
C ALA S 22 -17.69 47.09 -14.64
N ASN S 23 -18.23 45.88 -14.60
CA ASN S 23 -17.83 44.92 -13.57
C ASN S 23 -16.37 44.52 -13.73
N SER S 24 -15.88 44.50 -14.97
CA SER S 24 -14.47 44.17 -15.21
C SER S 24 -13.56 45.28 -14.69
N GLN S 25 -13.96 46.54 -14.87
CA GLN S 25 -13.20 47.62 -14.24
C GLN S 25 -13.16 47.45 -12.73
N ALA S 26 -14.31 47.14 -12.13
CA ALA S 26 -14.35 46.95 -10.68
C ALA S 26 -13.43 45.81 -10.23
N ASN S 27 -13.48 44.68 -10.94
CA ASN S 27 -12.68 43.53 -10.56
C ASN S 27 -11.19 43.79 -10.79
N ALA S 28 -10.85 44.56 -11.82
CA ALA S 28 -9.46 44.95 -12.03
C ALA S 28 -8.96 45.80 -10.87
N GLN S 29 -9.80 46.71 -10.38
CA GLN S 29 -9.43 47.48 -9.20
C GLN S 29 -9.21 46.56 -8.00
N ARG S 30 -10.12 45.60 -7.81
CA ARG S 30 -9.96 44.63 -6.73
C ARG S 30 -8.60 43.93 -6.81
N GLN S 31 -8.27 43.40 -7.99
CA GLN S 31 -7.05 42.64 -8.15
C GLN S 31 -5.81 43.51 -7.97
N SER S 32 -5.87 44.76 -8.44
CA SER S 32 -4.74 45.67 -8.25
C SER S 32 -4.49 45.92 -6.77
N LEU S 33 -5.56 46.16 -6.00
CA LEU S 33 -5.39 46.36 -4.57
C LEU S 33 -4.83 45.10 -3.90
N GLN S 34 -5.33 43.93 -4.30
CA GLN S 34 -4.80 42.67 -3.78
C GLN S 34 -3.30 42.56 -4.02
N ALA S 35 -2.87 42.83 -5.26
CA ALA S 35 -1.46 42.70 -5.60
C ALA S 35 -0.60 43.69 -4.83
N GLN S 36 -1.09 44.93 -4.68
CA GLN S 36 -0.32 45.93 -3.93
C GLN S 36 -0.14 45.49 -2.47
N ALA S 37 -1.21 45.01 -1.84
CA ALA S 37 -1.10 44.56 -0.46
C ALA S 37 -0.15 43.37 -0.34
N GLN S 38 -0.24 42.42 -1.27
CA GLN S 38 0.64 41.26 -1.21
C GLN S 38 2.09 41.66 -1.38
N THR S 39 2.38 42.59 -2.29
CA THR S 39 3.75 43.05 -2.47
C THR S 39 4.29 43.72 -1.23
N THR S 40 3.48 44.58 -0.59
CA THR S 40 3.92 45.24 0.63
C THR S 40 4.23 44.23 1.72
N VAL S 41 3.35 43.24 1.91
CA VAL S 41 3.56 42.24 2.95
C VAL S 41 4.82 41.43 2.65
N ASP S 42 5.02 41.06 1.39
CA ASP S 42 6.20 40.27 1.03
C ASP S 42 7.49 41.04 1.30
N ALA S 43 7.51 42.33 0.94
CA ALA S 43 8.70 43.14 1.19
C ALA S 43 8.98 43.24 2.69
N SER S 44 7.94 43.46 3.48
CA SER S 44 8.14 43.54 4.93
C SER S 44 8.66 42.22 5.49
N ARG S 45 8.14 41.10 5.01
CA ARG S 45 8.61 39.80 5.48
C ARG S 45 10.07 39.58 5.12
N ILE S 46 10.47 39.98 3.91
CA ILE S 46 11.87 39.83 3.51
C ILE S 46 12.78 40.65 4.42
N ARG S 47 12.39 41.89 4.71
CA ARG S 47 13.24 42.71 5.57
C ARG S 47 13.28 42.17 6.99
N GLN S 48 12.17 41.57 7.45
CA GLN S 48 12.17 40.93 8.76
C GLN S 48 13.15 39.76 8.79
N MET S 49 13.19 38.96 7.72
CA MET S 49 14.13 37.86 7.66
C MET S 49 15.57 38.38 7.68
N GLU S 50 15.84 39.47 6.96
CA GLU S 50 17.17 40.06 7.00
C GLU S 50 17.54 40.51 8.40
N ILE S 51 16.59 41.14 9.11
CA ILE S 51 16.84 41.58 10.47
C ILE S 51 17.16 40.39 11.37
N LEU S 52 16.42 39.29 11.21
CA LEU S 52 16.67 38.11 12.04
C LEU S 52 18.07 37.53 11.76
N GLN S 53 18.48 37.49 10.50
CA GLN S 53 19.82 37.00 10.19
C GLN S 53 20.89 37.88 10.82
N ALA S 54 20.73 39.20 10.72
CA ALA S 54 21.70 40.11 11.32
C ALA S 54 21.75 39.92 12.84
N ARG S 55 20.58 39.71 13.46
CA ARG S 55 20.54 39.52 14.91
C ARG S 55 21.25 38.23 15.30
N ASP S 56 21.09 37.16 14.52
CA ASP S 56 21.80 35.92 14.82
C ASP S 56 23.32 36.11 14.72
N GLN S 57 23.78 36.83 13.69
CA GLN S 57 25.20 37.11 13.57
C GLN S 57 25.71 37.91 14.76
N SER S 58 24.95 38.93 15.18
CA SER S 58 25.35 39.72 16.34
C SER S 58 25.39 38.87 17.61
N ARG S 59 24.44 37.95 17.75
CA ARG S 59 24.44 37.07 18.92
C ARG S 59 25.69 36.20 18.95
N PHE S 60 26.08 35.65 17.79
CA PHE S 60 27.31 34.86 17.75
C PHE S 60 28.53 35.69 18.11
N ASN S 61 28.60 36.93 17.60
CA ASN S 61 29.72 37.80 17.92
C ASN S 61 29.78 38.08 19.42
N SER S 62 28.63 38.35 20.03
CA SER S 62 28.58 38.59 21.47
C SER S 62 29.01 37.36 22.26
N SER S 63 28.60 36.17 21.80
CA SER S 63 29.02 34.95 22.46
C SER S 63 30.54 34.78 22.41
N MET S 64 31.13 35.06 21.24
CA MET S 64 32.59 34.98 21.13
C MET S 64 33.27 35.99 22.06
N ASN S 65 32.74 37.20 22.15
CA ASN S 65 33.30 38.20 23.04
C ASN S 65 33.23 37.75 24.50
N GLU S 66 32.10 37.16 24.89
CA GLU S 66 31.98 36.64 26.25
C GLU S 66 32.96 35.52 26.51
N LEU S 67 33.17 34.64 25.53
CA LEU S 67 34.17 33.60 25.67
C LEU S 67 35.56 34.19 25.91
N ALA S 68 35.93 35.21 25.12
CA ALA S 68 37.23 35.85 25.31
C ALA S 68 37.34 36.48 26.69
N ARG S 69 36.27 37.15 27.14
CA ARG S 69 36.30 37.80 28.45
C ARG S 69 36.51 36.79 29.56
N GLN S 70 35.77 35.67 29.51
CA GLN S 70 35.92 34.68 30.58
C GLN S 70 37.28 33.97 30.49
N GLN S 71 37.82 33.79 29.29
CA GLN S 71 39.17 33.23 29.18
C GLN S 71 40.19 34.15 29.84
N ASN S 72 40.09 35.45 29.60
CA ASN S 72 40.98 36.40 30.28
C ASN S 72 40.76 36.38 31.78
N TYR S 73 39.50 36.23 32.22
CA TYR S 73 39.20 36.18 33.65
C TYR S 73 39.89 35.00 34.32
N GLN S 74 39.84 33.83 33.68
CA GLN S 74 40.56 32.68 34.22
C GLN S 74 42.07 32.89 34.17
N ASN S 75 42.58 33.51 33.09
CA ASN S 75 44.01 33.70 32.98
C ASN S 75 44.56 34.68 34.01
N GLN S 76 43.72 35.58 34.52
CA GLN S 76 44.19 36.60 35.46
C GLN S 76 44.74 36.04 36.77
N THR S 77 44.43 34.79 37.11
CA THR S 77 44.90 34.21 38.37
C THR S 77 46.40 33.93 38.33
N PHE S 78 47.00 33.97 37.15
CA PHE S 78 48.41 33.57 36.99
C PHE S 78 49.35 34.49 37.76
N LEU S 79 49.05 35.79 37.80
CA LEU S 79 49.90 36.72 38.56
C LEU S 79 49.90 36.37 40.04
N ILE S 80 48.72 36.09 40.61
CA ILE S 80 48.64 35.73 42.02
C ILE S 80 49.38 34.43 42.27
N GLN S 81 49.22 33.45 41.37
CA GLN S 81 49.92 32.18 41.54
C GLN S 81 51.43 32.37 41.51
N ARG S 82 51.93 33.18 40.58
CA ARG S 82 53.36 33.44 40.49
C ARG S 82 53.87 34.16 41.73
N GLN S 83 53.11 35.14 42.22
CA GLN S 83 53.53 35.87 43.41
C GLN S 83 53.59 34.94 44.63
N LEU S 84 52.60 34.06 44.76
CA LEU S 84 52.63 33.09 45.86
C LEU S 84 53.79 32.12 45.72
N LEU S 85 54.10 31.70 44.50
CA LEU S 85 55.24 30.81 44.29
C LEU S 85 56.55 31.50 44.67
N GLN S 86 56.71 32.77 44.30
CA GLN S 86 57.90 33.52 44.70
C GLN S 86 57.98 33.68 46.21
N GLU S 87 56.84 33.95 46.85
CA GLU S 87 56.84 34.07 48.32
C GLU S 87 57.25 32.76 48.98
N GLN S 88 56.72 31.64 48.47
CA GLN S 88 57.09 30.33 49.02
C GLN S 88 58.57 30.04 48.81
N MET S 89 59.09 30.37 47.62
CA MET S 89 60.51 30.15 47.35
C MET S 89 61.39 30.99 48.27
N ASP S 90 60.99 32.24 48.52
CA ASP S 90 61.72 33.08 49.47
C ASP S 90 61.66 32.49 50.88
N ALA S 91 60.49 31.98 51.28
CA ALA S 91 60.35 31.38 52.60
C ALA S 91 61.23 30.15 52.75
N GLU S 92 61.30 29.32 51.71
CA GLU S 92 62.11 28.10 51.75
C GLU S 92 63.60 28.43 51.76
N MET T 1 -47.40 29.40 13.16
CA MET T 1 -47.73 30.69 13.76
C MET T 1 -49.06 30.60 14.52
N GLY T 2 -50.08 31.30 14.02
CA GLY T 2 -51.37 31.27 14.67
C GLY T 2 -51.39 32.06 15.96
N GLY T 3 -52.49 31.91 16.68
CA GLY T 3 -52.70 32.65 17.92
C GLY T 3 -52.43 31.84 19.17
N ALA T 4 -52.76 30.55 19.14
CA ALA T 4 -52.58 29.69 20.30
C ALA T 4 -51.25 28.93 20.26
N ALA T 5 -50.76 28.59 19.07
CA ALA T 5 -49.52 27.84 18.98
C ALA T 5 -48.34 28.66 19.51
N ILE T 6 -48.33 29.97 19.24
CA ILE T 6 -47.24 30.81 19.72
C ILE T 6 -47.20 30.82 21.24
N GLY T 7 -48.36 31.00 21.88
CA GLY T 7 -48.40 30.97 23.33
C GLY T 7 -48.02 29.60 23.89
N GLY T 8 -48.47 28.53 23.24
CA GLY T 8 -48.11 27.20 23.68
C GLY T 8 -46.61 26.96 23.65
N ILE T 9 -45.98 27.32 22.53
CA ILE T 9 -44.54 27.10 22.42
C ILE T 9 -43.76 28.03 23.34
N LEU T 10 -44.26 29.24 23.59
CA LEU T 10 -43.58 30.12 24.54
C LEU T 10 -43.63 29.54 25.95
N GLY T 11 -44.80 29.07 26.38
CA GLY T 11 -44.89 28.43 27.67
C GLY T 11 -43.98 27.21 27.76
N GLY T 12 -44.02 26.38 26.72
CA GLY T 12 -43.20 25.18 26.71
C GLY T 12 -41.71 25.50 26.79
N VAL T 13 -41.26 26.52 26.07
CA VAL T 13 -39.84 26.86 26.11
C VAL T 13 -39.48 27.44 27.47
N GLN T 14 -40.39 28.16 28.13
CA GLN T 14 -40.10 28.61 29.49
C GLN T 14 -39.90 27.43 30.43
N LEU T 15 -40.82 26.47 30.38
CA LEU T 15 -40.71 25.29 31.25
C LEU T 15 -39.45 24.49 30.97
N VAL T 16 -39.15 24.28 29.68
CA VAL T 16 -37.95 23.54 29.30
C VAL T 16 -36.70 24.29 29.75
N ALA T 17 -36.73 25.62 29.67
CA ALA T 17 -35.58 26.41 30.13
C ALA T 17 -35.35 26.22 31.62
N GLY T 18 -36.42 26.23 32.41
CA GLY T 18 -36.25 26.01 33.84
C GLY T 18 -35.69 24.63 34.16
N ILE T 19 -36.27 23.59 33.54
CA ILE T 19 -35.82 22.23 33.81
C ILE T 19 -34.37 22.05 33.37
N SER T 20 -34.03 22.58 32.18
CA SER T 20 -32.66 22.47 31.68
C SER T 20 -31.69 23.28 32.53
N GLN T 21 -32.16 24.37 33.15
CA GLN T 21 -31.30 25.13 34.06
C GLN T 21 -30.96 24.29 35.28
N ALA T 22 -31.95 23.59 35.84
CA ALA T 22 -31.67 22.70 36.97
C ALA T 22 -30.70 21.59 36.56
N ASN T 23 -30.94 20.97 35.40
CA ASN T 23 -30.06 19.91 34.93
C ASN T 23 -28.66 20.44 34.64
N SER T 24 -28.56 21.69 34.18
CA SER T 24 -27.26 22.29 33.92
C SER T 24 -26.48 22.52 35.21
N GLN T 25 -27.17 22.94 36.27
CA GLN T 25 -26.51 23.03 37.57
C GLN T 25 -25.98 21.66 38.00
N ALA T 26 -26.81 20.62 37.85
CA ALA T 26 -26.37 19.28 38.24
C ALA T 26 -25.14 18.85 37.44
N ASN T 27 -25.17 19.08 36.12
CA ASN T 27 -24.06 18.65 35.27
C ASN T 27 -22.80 19.47 35.54
N ALA T 28 -22.96 20.75 35.89
CA ALA T 28 -21.81 21.57 36.26
C ALA T 28 -21.15 21.02 37.52
N GLN T 29 -21.96 20.61 38.50
CA GLN T 29 -21.39 19.97 39.69
C GLN T 29 -20.67 18.67 39.32
N ARG T 30 -21.28 17.87 38.45
CA ARG T 30 -20.62 16.66 37.95
C ARG T 30 -19.24 16.98 37.40
N GLN T 31 -19.17 17.96 36.50
CA GLN T 31 -17.90 18.29 35.84
C GLN T 31 -16.88 18.83 36.82
N SER T 32 -17.33 19.62 37.80
CA SER T 32 -16.40 20.13 38.81
C SER T 32 -15.79 19.01 39.62
N LEU T 33 -16.61 18.03 40.01
CA LEU T 33 -16.07 16.88 40.75
C LEU T 33 -15.09 16.09 39.88
N GLN T 34 -15.44 15.89 38.61
CA GLN T 34 -14.54 15.20 37.68
C GLN T 34 -13.19 15.90 37.61
N ALA T 35 -13.20 17.23 37.44
CA ALA T 35 -11.96 17.97 37.31
C ALA T 35 -11.14 17.92 38.59
N GLN T 36 -11.80 18.01 39.75
CA GLN T 36 -11.06 17.93 41.01
C GLN T 36 -10.38 16.58 41.16
N ALA T 37 -11.10 15.49 40.86
CA ALA T 37 -10.50 14.16 40.96
C ALA T 37 -9.33 14.02 40.00
N GLN T 38 -9.49 14.49 38.77
CA GLN T 38 -8.41 14.38 37.78
C GLN T 38 -7.18 15.16 38.23
N THR T 39 -7.39 16.36 38.77
CA THR T 39 -6.25 17.15 39.25
C THR T 39 -5.53 16.45 40.39
N THR T 40 -6.27 15.87 41.33
CA THR T 40 -5.64 15.16 42.43
C THR T 40 -4.81 13.99 41.92
N VAL T 41 -5.38 13.20 41.01
CA VAL T 41 -4.66 12.05 40.47
C VAL T 41 -3.40 12.49 39.72
N ASP T 42 -3.50 13.57 38.94
CA ASP T 42 -2.34 14.05 38.19
C ASP T 42 -1.23 14.50 39.12
N ALA T 43 -1.59 15.24 40.18
CA ALA T 43 -0.56 15.68 41.13
C ALA T 43 0.12 14.50 41.80
N SER T 44 -0.67 13.50 42.21
CA SER T 44 -0.07 12.32 42.83
C SER T 44 0.86 11.60 41.86
N ARG T 45 0.46 11.47 40.60
CA ARG T 45 1.31 10.81 39.61
C ARG T 45 2.62 11.57 39.41
N ILE T 46 2.55 12.91 39.36
CA ILE T 46 3.76 13.70 39.21
C ILE T 46 4.71 13.49 40.38
N ARG T 47 4.17 13.49 41.61
CA ARG T 47 5.05 13.29 42.75
C ARG T 47 5.62 11.88 42.78
N GLN T 48 4.85 10.89 42.30
CA GLN T 48 5.38 9.54 42.19
C GLN T 48 6.53 9.48 41.20
N MET T 49 6.41 10.17 40.06
CA MET T 49 7.51 10.23 39.11
C MET T 49 8.75 10.87 39.72
N GLU T 50 8.56 11.94 40.49
CA GLU T 50 9.68 12.57 41.18
C GLU T 50 10.35 11.61 42.15
N ILE T 51 9.55 10.85 42.90
CA ILE T 51 10.09 9.87 43.83
C ILE T 51 10.90 8.82 43.08
N LEU T 52 10.39 8.34 41.95
CA LEU T 52 11.12 7.34 41.18
C LEU T 52 12.45 7.88 40.67
N GLN T 53 12.47 9.13 40.19
CA GLN T 53 13.72 9.72 39.74
C GLN T 53 14.72 9.82 40.89
N ALA T 54 14.28 10.29 42.06
CA ALA T 54 15.19 10.38 43.20
C ALA T 54 15.71 9.01 43.60
N ARG T 55 14.86 7.98 43.53
CA ARG T 55 15.29 6.63 43.86
C ARG T 55 16.34 6.13 42.89
N ASP T 56 16.18 6.44 41.60
CA ASP T 56 17.20 6.05 40.62
C ASP T 56 18.54 6.71 40.91
N GLN T 57 18.51 8.01 41.23
CA GLN T 57 19.77 8.69 41.57
C GLN T 57 20.41 8.06 42.81
N SER T 58 19.60 7.77 43.83
CA SER T 58 20.12 7.14 45.05
C SER T 58 20.72 5.76 44.74
N ARG T 59 20.09 5.00 43.85
CA ARG T 59 20.62 3.70 43.46
C ARG T 59 21.98 3.85 42.78
N PHE T 60 22.12 4.85 41.91
CA PHE T 60 23.42 5.08 41.27
C PHE T 60 24.48 5.44 42.30
N ASN T 61 24.14 6.31 43.25
CA ASN T 61 25.10 6.67 44.28
C ASN T 61 25.52 5.45 45.11
N SER T 62 24.57 4.60 45.45
CA SER T 62 24.88 3.40 46.21
C SER T 62 25.78 2.47 45.41
N SER T 63 25.53 2.35 44.10
CA SER T 63 26.38 1.52 43.26
C SER T 63 27.81 2.04 43.24
N MET T 64 27.97 3.36 43.12
CA MET T 64 29.32 3.95 43.12
C MET T 64 30.02 3.70 44.45
N ASN T 65 29.29 3.83 45.56
CA ASN T 65 29.88 3.58 46.87
C ASN T 65 30.32 2.12 47.01
N GLU T 66 29.49 1.20 46.52
CA GLU T 66 29.86 -0.22 46.55
C GLU T 66 31.11 -0.48 45.72
N LEU T 67 31.22 0.16 44.55
CA LEU T 67 32.41 0.01 43.73
C LEU T 67 33.64 0.52 44.46
N ALA T 68 33.54 1.67 45.12
CA ALA T 68 34.68 2.19 45.87
C ALA T 68 35.08 1.24 46.99
N ARG T 69 34.09 0.70 47.71
CA ARG T 69 34.38 -0.24 48.79
C ARG T 69 35.10 -1.47 48.27
N GLN T 70 34.61 -2.06 47.18
CA GLN T 70 35.26 -3.26 46.68
C GLN T 70 36.66 -2.95 46.15
N GLN T 71 36.85 -1.77 45.54
CA GLN T 71 38.17 -1.39 45.07
C GLN T 71 39.16 -1.31 46.22
N ASN T 72 38.75 -0.68 47.33
CA ASN T 72 39.59 -0.70 48.53
C ASN T 72 39.82 -2.13 49.01
N TYR T 73 38.82 -2.99 48.85
CA TYR T 73 38.94 -4.37 49.31
C TYR T 73 40.05 -5.12 48.57
N GLN T 74 40.09 -5.03 47.24
CA GLN T 74 41.24 -5.62 46.55
C GLN T 74 42.54 -4.88 46.89
N ASN T 75 42.50 -3.55 47.04
CA ASN T 75 43.73 -2.82 47.31
C ASN T 75 44.35 -3.22 48.64
N GLN T 76 43.55 -3.73 49.57
CA GLN T 76 44.08 -4.09 50.88
C GLN T 76 45.09 -5.23 50.86
N THR T 77 45.15 -6.03 49.79
CA THR T 77 46.07 -7.16 49.73
C THR T 77 47.52 -6.72 49.60
N PHE T 78 47.74 -5.47 49.20
CA PHE T 78 49.11 -4.99 48.95
C PHE T 78 49.95 -5.04 50.20
N LEU T 79 49.34 -4.85 51.37
CA LEU T 79 50.08 -4.92 52.63
C LEU T 79 50.68 -6.30 52.85
N ILE T 80 49.86 -7.34 52.72
CA ILE T 80 50.35 -8.71 52.89
C ILE T 80 51.39 -9.03 51.81
N GLN T 81 51.15 -8.56 50.59
CA GLN T 81 52.12 -8.81 49.52
C GLN T 81 53.48 -8.21 49.84
N ARG T 82 53.49 -6.96 50.31
CA ARG T 82 54.75 -6.30 50.65
C ARG T 82 55.43 -6.97 51.84
N GLN T 83 54.65 -7.36 52.84
CA GLN T 83 55.23 -8.03 54.00
C GLN T 83 55.86 -9.36 53.60
N LEU T 84 55.19 -10.13 52.74
CA LEU T 84 55.76 -11.39 52.27
C LEU T 84 57.00 -11.14 51.41
N LEU T 85 57.00 -10.08 50.60
CA LEU T 85 58.19 -9.76 49.82
C LEU T 85 59.37 -9.43 50.72
N GLN T 86 59.13 -8.66 51.78
CA GLN T 86 60.19 -8.35 52.72
C GLN T 86 60.68 -9.61 53.43
N GLU T 87 59.77 -10.49 53.82
CA GLU T 87 60.17 -11.74 54.46
C GLU T 87 61.02 -12.58 53.53
N GLN T 88 60.64 -12.68 52.27
CA GLN T 88 61.42 -13.44 51.30
C GLN T 88 62.79 -12.82 51.08
N MET T 89 62.86 -11.48 51.00
CA MET T 89 64.14 -10.82 50.83
C MET T 89 65.05 -11.06 52.03
N ASP T 90 64.49 -11.03 53.23
CA ASP T 90 65.27 -11.35 54.42
C ASP T 90 65.76 -12.79 54.38
N ALA T 91 64.89 -13.72 53.94
CA ALA T 91 65.29 -15.12 53.87
C ALA T 91 66.41 -15.33 52.86
N GLU T 92 66.34 -14.65 51.72
CA GLU T 92 67.36 -14.78 50.67
C GLU T 92 68.68 -14.16 51.12
N SER U 37 -57.16 60.17 -12.73
CA SER U 37 -56.24 60.49 -11.63
C SER U 37 -54.80 60.23 -12.04
N LYS U 38 -53.98 61.27 -12.02
CA LYS U 38 -52.58 61.14 -12.39
C LYS U 38 -51.77 60.52 -11.24
N THR U 39 -50.58 60.07 -11.57
CA THR U 39 -49.71 59.45 -10.58
C THR U 39 -49.12 60.51 -9.65
N GLN U 40 -48.58 60.05 -8.53
CA GLN U 40 -47.98 60.95 -7.55
C GLN U 40 -46.70 61.55 -8.13
N GLN U 41 -46.49 62.84 -7.86
CA GLN U 41 -45.32 63.56 -8.34
C GLN U 41 -44.89 64.58 -7.29
N ILE U 42 -43.87 65.36 -7.62
CA ILE U 42 -43.37 66.39 -6.71
C ILE U 42 -44.41 67.49 -6.60
N LEU U 43 -44.68 67.92 -5.37
CA LEU U 43 -45.63 69.00 -5.13
C LEU U 43 -44.90 70.30 -4.80
N GLU U 44 -45.66 71.39 -4.79
CA GLU U 44 -45.10 72.68 -4.43
C GLU U 44 -44.76 72.71 -2.94
N ALA U 45 -43.93 73.68 -2.55
CA ALA U 45 -43.55 73.80 -1.15
C ALA U 45 -44.76 74.07 -0.27
N GLY U 46 -45.65 74.96 -0.71
CA GLY U 46 -46.85 75.22 0.07
C GLY U 46 -47.77 74.01 0.17
N ASN U 47 -47.97 73.32 -0.96
CA ASN U 47 -48.83 72.14 -0.95
C ASN U 47 -48.24 71.04 -0.08
N ALA U 48 -46.93 70.81 -0.17
CA ALA U 48 -46.31 69.80 0.66
C ALA U 48 -46.39 70.16 2.13
N ALA U 49 -46.17 71.44 2.46
CA ALA U 49 -46.27 71.87 3.85
C ALA U 49 -47.69 71.67 4.37
N ILE U 50 -48.70 71.98 3.55
CA ILE U 50 -50.08 71.77 3.97
C ILE U 50 -50.36 70.28 4.17
N ALA U 51 -49.88 69.44 3.25
CA ALA U 51 -50.15 68.01 3.35
C ALA U 51 -49.52 67.40 4.58
N GLN U 52 -48.27 67.75 4.87
CA GLN U 52 -47.59 67.17 6.04
C GLN U 52 -48.07 67.80 7.34
N GLN U 53 -48.48 69.08 7.30
CA GLN U 53 -48.90 69.75 8.53
C GLN U 53 -50.23 69.23 9.04
N ALA U 54 -51.04 68.66 8.15
CA ALA U 54 -52.35 68.15 8.54
C ALA U 54 -52.26 66.91 9.43
N VAL U 55 -51.06 66.33 9.58
CA VAL U 55 -50.86 65.19 10.48
C VAL U 55 -50.95 65.73 11.90
N SER U 56 -52.10 65.56 12.53
CA SER U 56 -52.36 66.15 13.84
C SER U 56 -51.61 65.38 14.92
N ILE U 57 -50.47 65.89 15.35
CA ILE U 57 -49.72 65.33 16.46
C ILE U 57 -50.36 65.84 17.75
N GLY U 58 -50.60 64.94 18.69
CA GLY U 58 -51.20 65.31 19.95
C GLY U 58 -52.71 65.16 19.95
N GLN U 59 -53.26 64.94 21.14
CA GLN U 59 -54.70 64.77 21.32
C GLN U 59 -55.34 66.13 21.64
N ALA U 60 -55.00 67.10 20.80
CA ALA U 60 -55.53 68.45 20.94
C ALA U 60 -56.21 68.97 19.69
N SER U 61 -56.45 68.13 18.67
CA SER U 61 -57.10 68.55 17.43
C SER U 61 -58.10 67.47 17.04
N GLN U 62 -59.37 67.71 17.34
CA GLN U 62 -60.46 66.77 17.04
C GLN U 62 -60.19 65.39 17.62
N LEU U 138 -73.97 77.65 -4.47
CA LEU U 138 -72.58 77.25 -4.26
C LEU U 138 -71.65 77.90 -5.28
N THR U 139 -70.58 78.52 -4.79
CA THR U 139 -69.58 79.12 -5.66
C THR U 139 -68.73 78.02 -6.30
N VAL U 140 -67.77 78.43 -7.13
CA VAL U 140 -66.94 77.46 -7.83
C VAL U 140 -66.08 76.67 -6.84
N SER U 141 -65.41 77.37 -5.93
CA SER U 141 -64.54 76.70 -4.96
C SER U 141 -65.33 75.77 -4.06
N GLU U 142 -66.48 76.24 -3.56
CA GLU U 142 -67.30 75.40 -2.68
C GLU U 142 -67.85 74.19 -3.41
N GLN U 143 -68.29 74.38 -4.66
CA GLN U 143 -68.81 73.25 -5.44
C GLN U 143 -67.73 72.22 -5.69
N GLU U 144 -66.53 72.67 -6.07
CA GLU U 144 -65.44 71.74 -6.32
C GLU U 144 -65.00 71.03 -5.05
N ALA U 145 -64.97 71.74 -3.92
CA ALA U 145 -64.62 71.11 -2.65
C ALA U 145 -65.66 70.07 -2.26
N ASN U 146 -66.94 70.37 -2.44
CA ASN U 146 -67.98 69.40 -2.13
C ASN U 146 -67.86 68.17 -3.03
N ALA U 147 -67.60 68.38 -4.32
CA ALA U 147 -67.46 67.25 -5.23
C ALA U 147 -66.27 66.37 -4.85
N VAL U 148 -65.12 66.98 -4.54
CA VAL U 148 -63.94 66.19 -4.20
C VAL U 148 -64.13 65.50 -2.85
N ARG U 149 -64.83 66.14 -1.92
CA ARG U 149 -65.13 65.49 -0.64
C ARG U 149 -66.03 64.27 -0.84
N VAL U 150 -67.06 64.41 -1.69
CA VAL U 150 -67.94 63.29 -1.97
C VAL U 150 -67.17 62.16 -2.64
N GLU U 151 -66.27 62.50 -3.57
CA GLU U 151 -65.50 61.48 -4.25
C GLU U 151 -64.52 60.80 -3.31
N LEU U 152 -63.94 61.54 -2.36
CA LEU U 152 -63.08 60.94 -1.36
C LEU U 152 -63.87 59.98 -0.46
N GLY U 153 -65.08 60.38 -0.07
CA GLY U 153 -65.92 59.47 0.70
C GLY U 153 -66.26 58.22 -0.07
N ASP U 154 -66.55 58.37 -1.37
CA ASP U 154 -66.83 57.19 -2.21
C ASP U 154 -65.61 56.29 -2.33
N LEU U 155 -64.42 56.89 -2.46
CA LEU U 155 -63.20 56.10 -2.51
C LEU U 155 -62.97 55.33 -1.23
N TYR U 156 -63.18 55.98 -0.08
CA TYR U 156 -63.03 55.28 1.20
C TYR U 156 -64.05 54.16 1.34
N ASN U 157 -65.30 54.41 0.91
CA ASN U 157 -66.33 53.38 0.98
C ASN U 157 -65.97 52.19 0.08
N GLU U 158 -65.45 52.46 -1.12
CA GLU U 158 -65.04 51.38 -2.00
C GLU U 158 -63.88 50.59 -1.41
N TRP U 159 -62.91 51.27 -0.79
CA TRP U 159 -61.79 50.57 -0.19
C TRP U 159 -62.25 49.71 0.99
N ARG U 160 -63.16 50.23 1.81
CA ARG U 160 -63.61 49.48 2.98
C ARG U 160 -64.49 48.30 2.58
N SER U 161 -65.44 48.53 1.68
CA SER U 161 -66.41 47.49 1.35
C SER U 161 -65.81 46.42 0.45
N GLY U 162 -64.89 46.82 -0.43
CA GLY U 162 -64.26 45.87 -1.33
C GLY U 162 -63.15 45.05 -0.74
N ASP U 163 -62.87 45.24 0.56
CA ASP U 163 -61.77 44.55 1.24
C ASP U 163 -60.47 44.85 0.49
N LYS U 164 -60.21 46.13 0.27
CA LYS U 164 -58.99 46.54 -0.41
C LYS U 164 -57.85 46.77 0.57
N PHE U 165 -58.17 47.12 1.82
CA PHE U 165 -57.13 47.37 2.81
C PHE U 165 -56.34 46.12 3.16
N ARG U 166 -56.92 44.94 2.97
CA ARG U 166 -56.25 43.68 3.27
C ARG U 166 -55.75 42.96 2.03
N SER U 167 -56.51 43.01 0.93
CA SER U 167 -56.14 42.24 -0.25
C SER U 167 -54.95 42.86 -0.99
N GLU U 168 -54.88 44.18 -1.04
CA GLU U 168 -53.83 44.82 -1.83
C GLU U 168 -52.56 44.97 -0.99
N PRO U 169 -51.39 44.64 -1.54
CA PRO U 169 -50.16 44.64 -0.73
C PRO U 169 -49.82 45.99 -0.13
N GLY U 170 -50.09 47.08 -0.82
CA GLY U 170 -49.75 48.39 -0.30
C GLY U 170 -50.96 49.16 0.20
N GLY U 171 -51.87 48.45 0.85
CA GLY U 171 -53.18 48.97 1.19
C GLY U 171 -53.27 50.37 1.75
N MET U 172 -52.73 50.58 2.96
CA MET U 172 -52.90 51.87 3.61
C MET U 172 -52.14 52.98 2.89
N THR U 173 -50.90 52.69 2.48
CA THR U 173 -50.12 53.67 1.74
C THR U 173 -50.78 54.01 0.42
N LYS U 174 -51.30 53.01 -0.29
CA LYS U 174 -51.98 53.27 -1.55
C LYS U 174 -53.25 54.09 -1.33
N PHE U 175 -54.00 53.79 -0.27
CA PHE U 175 -55.20 54.58 0.02
C PHE U 175 -54.85 56.03 0.29
N ARG U 176 -53.83 56.27 1.11
CA ARG U 176 -53.42 57.64 1.41
C ARG U 176 -52.93 58.35 0.15
N ASP U 177 -52.14 57.66 -0.67
CA ASP U 177 -51.60 58.28 -1.87
C ASP U 177 -52.70 58.59 -2.88
N ALA U 178 -53.70 57.71 -3.00
CA ALA U 178 -54.83 58.01 -3.86
C ALA U 178 -55.61 59.22 -3.36
N GLY U 179 -55.84 59.29 -2.05
CA GLY U 179 -56.52 60.45 -1.50
C GLY U 179 -55.76 61.74 -1.75
N LEU U 180 -54.44 61.72 -1.52
CA LEU U 180 -53.63 62.91 -1.75
C LEU U 180 -53.58 63.28 -3.23
N ALA U 181 -53.50 62.29 -4.13
CA ALA U 181 -53.50 62.58 -5.55
C ALA U 181 -54.82 63.23 -5.96
N ARG U 182 -55.94 62.75 -5.42
CA ARG U 182 -57.23 63.35 -5.76
C ARG U 182 -57.35 64.75 -5.18
N ILE U 183 -56.82 64.98 -3.99
CA ILE U 183 -56.95 66.29 -3.35
C ILE U 183 -56.07 67.33 -4.05
N MET U 184 -54.80 67.01 -4.28
CA MET U 184 -53.85 68.00 -4.80
C MET U 184 -53.92 68.16 -6.31
N SER U 185 -54.66 67.31 -7.02
CA SER U 185 -54.84 67.50 -8.45
C SER U 185 -55.76 68.67 -8.78
N ARG U 186 -56.45 69.22 -7.79
CA ARG U 186 -57.38 70.33 -7.98
C ARG U 186 -56.69 71.61 -7.52
N THR U 187 -56.16 72.37 -8.47
CA THR U 187 -55.49 73.62 -8.16
C THR U 187 -56.44 74.80 -7.99
N ASN U 188 -57.74 74.58 -8.21
CA ASN U 188 -58.76 75.62 -8.08
C ASN U 188 -59.47 75.56 -6.73
N ILE U 189 -58.77 75.16 -5.67
CA ILE U 189 -59.34 75.02 -4.34
C ILE U 189 -58.51 75.83 -3.36
N THR U 190 -59.18 76.58 -2.49
CA THR U 190 -58.49 77.39 -1.51
C THR U 190 -57.78 76.53 -0.48
N GLU U 191 -56.84 77.14 0.24
CA GLU U 191 -55.98 76.39 1.15
C GLU U 191 -56.77 75.77 2.29
N ALA U 192 -57.73 76.51 2.85
CA ALA U 192 -58.50 75.99 3.99
C ALA U 192 -59.31 74.76 3.61
N GLN U 193 -59.92 74.77 2.43
CA GLN U 193 -60.67 73.60 1.98
C GLN U 193 -59.74 72.40 1.77
N LYS U 194 -58.55 72.64 1.23
CA LYS U 194 -57.58 71.56 1.08
C LYS U 194 -57.18 70.99 2.44
N LYS U 195 -56.97 71.86 3.43
CA LYS U 195 -56.64 71.40 4.77
C LYS U 195 -57.76 70.54 5.35
N GLU U 196 -59.01 70.99 5.16
CA GLU U 196 -60.14 70.22 5.67
C GLU U 196 -60.24 68.85 5.00
N LEU U 197 -60.05 68.81 3.67
CA LEU U 197 -60.12 67.55 2.96
C LEU U 197 -59.01 66.59 3.40
N ILE U 198 -57.79 67.10 3.55
CA ILE U 198 -56.69 66.26 3.99
C ILE U 198 -56.92 65.79 5.42
N ASN U 199 -57.52 66.65 6.26
CA ASN U 199 -57.86 66.23 7.62
C ASN U 199 -58.88 65.10 7.61
N LEU U 200 -59.89 65.17 6.75
CA LEU U 200 -60.87 64.11 6.64
C LEU U 200 -60.22 62.80 6.19
N HIS U 201 -59.35 62.89 5.18
CA HIS U 201 -58.67 61.70 4.68
C HIS U 201 -57.78 61.08 5.75
N TYR U 202 -57.05 61.92 6.50
CA TYR U 202 -56.21 61.42 7.58
C TYR U 202 -57.04 60.84 8.71
N GLY U 203 -58.24 61.37 8.95
CA GLY U 203 -59.12 60.78 9.93
C GLY U 203 -59.57 59.38 9.53
N ASN U 204 -59.91 59.20 8.25
CA ASN U 204 -60.24 57.87 7.78
C ASN U 204 -59.06 56.91 7.91
N TRP U 205 -57.86 57.40 7.57
CA TRP U 205 -56.66 56.58 7.71
C TRP U 205 -56.41 56.21 9.16
N ASP U 206 -56.63 57.15 10.08
CA ASP U 206 -56.46 56.88 11.50
C ASP U 206 -57.50 55.89 12.01
N ALA U 207 -58.72 55.92 11.47
CA ALA U 207 -59.71 54.91 11.81
C ALA U 207 -59.26 53.53 11.38
N GLU U 208 -58.68 53.43 10.17
CA GLU U 208 -58.14 52.15 9.72
C GLU U 208 -57.00 51.69 10.62
N MET U 209 -56.12 52.62 11.02
CA MET U 209 -55.06 52.29 11.97
C MET U 209 -55.64 51.78 13.29
N LYS U 210 -56.72 52.41 13.77
CA LYS U 210 -57.35 51.97 15.01
C LYS U 210 -57.86 50.54 14.89
N ALA U 211 -58.52 50.22 13.77
CA ALA U 211 -59.04 48.86 13.58
C ALA U 211 -57.89 47.86 13.54
N TYR U 212 -56.83 48.18 12.80
CA TYR U 212 -55.69 47.27 12.69
C TYR U 212 -55.01 47.06 14.03
N SER U 213 -54.85 48.14 14.80
CA SER U 213 -54.24 48.05 16.12
C SER U 213 -55.11 47.23 17.06
N ASP U 214 -56.44 47.36 16.95
CA ASP U 214 -57.33 46.56 17.78
C ASP U 214 -57.17 45.07 17.46
N ARG U 215 -57.08 44.73 16.19
CA ARG U 215 -56.88 43.32 15.82
C ARG U 215 -55.55 42.80 16.34
N THR U 216 -54.48 43.59 16.20
CA THR U 216 -53.18 43.17 16.72
C THR U 216 -53.23 43.02 18.24
N ALA U 217 -53.95 43.91 18.92
CA ALA U 217 -54.09 43.81 20.37
C ALA U 217 -54.80 42.53 20.78
N LYS U 218 -55.86 42.17 20.04
CA LYS U 218 -56.54 40.90 20.32
C LYS U 218 -55.59 39.72 20.14
N TYR U 219 -54.79 39.75 19.08
CA TYR U 219 -53.82 38.66 18.85
C TYR U 219 -52.83 38.56 20.00
N ALA U 220 -52.26 39.69 20.42
CA ALA U 220 -51.28 39.68 21.49
C ALA U 220 -51.89 39.23 22.81
N GLU U 221 -53.11 39.68 23.10
CA GLU U 221 -53.81 39.24 24.31
C GLU U 221 -54.01 37.73 24.30
N GLU U 222 -54.42 37.18 23.15
CA GLU U 222 -54.62 35.74 23.07
C GLU U 222 -53.31 34.99 23.34
N VAL U 223 -52.21 35.45 22.73
CA VAL U 223 -50.92 34.77 22.92
C VAL U 223 -50.51 34.79 24.40
N SER U 224 -50.56 35.98 25.01
CA SER U 224 -50.13 36.10 26.40
C SER U 224 -51.02 35.28 27.33
N GLN U 225 -52.33 35.31 27.11
CA GLN U 225 -53.24 34.55 27.95
C GLN U 225 -52.98 33.05 27.81
N VAL U 226 -52.73 32.58 26.59
CA VAL U 226 -52.44 31.16 26.39
C VAL U 226 -51.19 30.75 27.16
N ARG U 227 -50.14 31.57 27.06
CA ARG U 227 -48.89 31.23 27.75
C ARG U 227 -49.08 31.20 29.26
N ARG U 228 -49.71 32.24 29.82
CA ARG U 228 -49.91 32.30 31.26
C ARG U 228 -50.79 31.15 31.74
N GLU U 229 -51.84 30.83 30.99
CA GLU U 229 -52.72 29.73 31.36
C GLU U 229 -51.97 28.40 31.35
N SER U 230 -51.10 28.20 30.36
CA SER U 230 -50.31 26.97 30.31
C SER U 230 -49.44 26.83 31.55
N VAL U 231 -48.74 27.90 31.92
CA VAL U 231 -47.85 27.84 33.09
C VAL U 231 -48.67 27.57 34.35
N ILE U 232 -49.77 28.31 34.53
CA ILE U 232 -50.58 28.15 35.73
C ILE U 232 -51.16 26.75 35.80
N LYS U 233 -51.60 26.21 34.66
CA LYS U 233 -52.18 24.87 34.66
C LYS U 233 -51.14 23.81 35.00
N GLU U 234 -49.90 23.95 34.50
CA GLU U 234 -48.89 22.99 34.92
C GLU U 234 -48.68 23.02 36.42
N ARG U 235 -48.51 24.22 36.99
CA ARG U 235 -48.25 24.31 38.42
C ARG U 235 -49.42 23.74 39.22
N THR U 236 -50.65 24.08 38.83
CA THR U 236 -51.83 23.62 39.56
C THR U 236 -51.99 22.11 39.44
N PHE U 237 -51.73 21.56 38.25
CA PHE U 237 -51.79 20.10 38.07
C PHE U 237 -50.78 19.39 38.94
N ARG U 238 -49.55 19.92 39.00
CA ARG U 238 -48.54 19.30 39.85
C ARG U 238 -48.97 19.33 41.32
N VAL U 239 -49.50 20.47 41.77
CA VAL U 239 -49.95 20.57 43.16
C VAL U 239 -51.06 19.56 43.45
N ASN U 240 -52.06 19.49 42.56
CA ASN U 240 -53.18 18.59 42.80
C ASN U 240 -52.73 17.13 42.81
N SER U 241 -51.87 16.76 41.85
CA SER U 241 -51.39 15.38 41.78
C SER U 241 -50.57 15.02 43.02
N VAL U 242 -49.72 15.93 43.49
CA VAL U 242 -48.93 15.64 44.69
C VAL U 242 -49.85 15.49 45.90
N VAL U 243 -50.81 16.39 46.06
CA VAL U 243 -51.68 16.34 47.24
C VAL U 243 -52.54 15.09 47.22
N SER U 244 -53.09 14.74 46.06
CA SER U 244 -54.08 13.68 45.97
C SER U 244 -53.48 12.27 45.99
N GLY U 245 -52.16 12.14 45.96
CA GLY U 245 -51.54 10.84 46.03
C GLY U 245 -51.49 10.21 47.40
N LEU U 246 -51.94 10.93 48.42
CA LEU U 246 -51.92 10.44 49.79
C LEU U 246 -53.01 9.39 50.00
N THR U 247 -52.68 8.39 50.82
CA THR U 247 -53.54 7.26 51.10
C THR U 247 -54.40 7.61 52.33
N TRP U 248 -55.21 6.66 52.80
CA TRP U 248 -56.08 6.91 53.95
C TRP U 248 -55.27 7.29 55.19
N ASP U 249 -54.14 6.62 55.43
CA ASP U 249 -53.34 6.84 56.62
C ASP U 249 -52.00 7.51 56.32
N ALA U 250 -51.93 8.25 55.22
CA ALA U 250 -50.67 8.87 54.82
C ALA U 250 -50.38 10.12 55.65
N ASP U 251 -49.08 10.41 55.81
CA ASP U 251 -48.62 11.61 56.48
C ASP U 251 -48.29 12.65 55.42
N PRO U 252 -48.95 13.81 55.42
CA PRO U 252 -48.76 14.78 54.33
C PRO U 252 -47.54 15.66 54.44
N THR U 253 -46.56 15.33 55.28
CA THR U 253 -45.39 16.19 55.46
C THR U 253 -44.65 16.38 54.14
N ASP U 254 -44.38 15.29 53.43
CA ASP U 254 -43.74 15.41 52.12
C ASP U 254 -44.64 16.13 51.12
N ALA U 255 -45.93 15.83 51.14
CA ALA U 255 -46.87 16.53 50.26
C ALA U 255 -46.93 18.01 50.59
N ILE U 256 -46.93 18.34 51.88
CA ILE U 256 -46.95 19.75 52.29
C ILE U 256 -45.67 20.46 51.84
N LYS U 257 -44.52 19.80 51.98
CA LYS U 257 -43.27 20.40 51.52
C LYS U 257 -43.27 20.62 50.01
N LYS U 258 -43.80 19.65 49.26
CA LYS U 258 -43.87 19.82 47.81
C LYS U 258 -44.83 20.95 47.43
N VAL U 259 -45.93 21.09 48.17
CA VAL U 259 -46.83 22.22 47.95
C VAL U 259 -46.11 23.53 48.24
N ASP U 260 -45.31 23.56 49.30
CA ASP U 260 -44.51 24.75 49.60
C ASP U 260 -43.59 25.08 48.44
N ALA U 261 -42.91 24.07 47.89
CA ALA U 261 -42.01 24.30 46.77
C ALA U 261 -42.75 24.83 45.55
N MET U 262 -43.92 24.26 45.26
CA MET U 262 -44.69 24.70 44.10
C MET U 262 -45.19 26.13 44.28
N VAL U 263 -45.66 26.48 45.48
CA VAL U 263 -46.13 27.83 45.73
C VAL U 263 -44.95 28.81 45.66
N SER U 264 -43.78 28.40 46.14
CA SER U 264 -42.59 29.24 46.01
C SER U 264 -42.25 29.47 44.55
N SER U 265 -42.32 28.43 43.72
CA SER U 265 -42.05 28.59 42.30
C SER U 265 -43.07 29.49 41.63
N THR U 266 -44.34 29.39 42.02
CA THR U 266 -45.38 30.22 41.42
C THR U 266 -45.22 31.68 41.80
N VAL U 267 -45.00 31.95 43.09
CA VAL U 267 -44.92 33.34 43.55
C VAL U 267 -43.65 34.01 43.04
N ASN U 268 -42.53 33.28 43.03
CA ASN U 268 -41.27 33.87 42.60
C ASN U 268 -41.22 34.09 41.09
N ASP U 269 -42.12 33.47 40.33
CA ASP U 269 -42.09 33.56 38.88
C ASP U 269 -42.27 35.01 38.43
N GLN U 270 -41.30 35.50 37.65
CA GLN U 270 -41.32 36.89 37.19
C GLN U 270 -42.10 37.07 35.90
N ASN U 271 -42.52 35.98 35.24
CA ASN U 271 -43.24 36.06 33.99
C ASN U 271 -44.75 36.17 34.17
N LEU U 272 -45.24 36.21 35.40
CA LEU U 272 -46.65 36.32 35.69
C LEU U 272 -46.92 37.58 36.50
N PRO U 273 -48.09 38.20 36.32
CA PRO U 273 -48.43 39.38 37.12
C PRO U 273 -48.83 38.98 38.54
N LEU U 274 -49.02 40.00 39.37
CA LEU U 274 -49.35 39.78 40.77
C LEU U 274 -50.68 39.06 40.93
N LEU U 275 -51.68 39.44 40.14
CA LEU U 275 -53.01 38.85 40.27
C LEU U 275 -52.97 37.35 39.95
N ASP U 276 -52.29 36.99 38.86
CA ASP U 276 -52.22 35.59 38.48
C ASP U 276 -51.52 34.76 39.54
N ARG U 277 -50.40 35.26 40.07
CA ARG U 277 -49.67 34.53 41.10
C ARG U 277 -50.50 34.38 42.37
N LEU U 278 -51.19 35.46 42.77
CA LEU U 278 -52.02 35.39 43.97
C LEU U 278 -53.14 34.38 43.80
N GLN U 279 -53.83 34.41 42.65
CA GLN U 279 -54.92 33.46 42.43
C GLN U 279 -54.42 32.03 42.38
N ALA U 280 -53.28 31.79 41.72
CA ALA U 280 -52.74 30.44 41.67
C ALA U 280 -52.36 29.94 43.06
N ALA U 281 -51.67 30.76 43.85
CA ALA U 281 -51.29 30.34 45.20
C ALA U 281 -52.52 30.10 46.06
N ASN U 282 -53.54 30.95 45.91
CA ASN U 282 -54.79 30.74 46.64
C ASN U 282 -55.41 29.39 46.28
N SER U 283 -55.45 29.06 44.99
CA SER U 283 -56.04 27.79 44.58
C SER U 283 -55.26 26.60 45.14
N MET U 284 -53.92 26.67 45.07
CA MET U 284 -53.12 25.58 45.60
C MET U 284 -53.33 25.40 47.10
N TYR U 285 -53.29 26.49 47.85
CA TYR U 285 -53.45 26.38 49.29
C TYR U 285 -54.86 25.92 49.66
N ASN U 286 -55.87 26.36 48.92
CA ASN U 286 -57.24 25.92 49.17
C ASN U 286 -57.37 24.42 48.93
N THR U 287 -56.79 23.92 47.84
CA THR U 287 -56.85 22.48 47.57
C THR U 287 -56.12 21.69 48.67
N ALA U 288 -54.93 22.17 49.05
CA ALA U 288 -54.18 21.48 50.09
C ALA U 288 -54.95 21.44 51.40
N TYR U 289 -55.56 22.56 51.79
CA TYR U 289 -56.37 22.58 53.01
C TYR U 289 -57.56 21.65 52.88
N GLU U 290 -58.17 21.59 51.70
CA GLU U 290 -59.32 20.72 51.48
C GLU U 290 -58.95 19.26 51.70
N LYS U 291 -57.81 18.84 51.18
CA LYS U 291 -57.48 17.41 51.20
C LYS U 291 -56.84 16.94 52.50
N VAL U 292 -56.46 17.84 53.40
CA VAL U 292 -55.86 17.43 54.67
C VAL U 292 -56.66 17.99 55.86
N VAL U 293 -57.95 18.25 55.67
CA VAL U 293 -58.75 18.87 56.72
C VAL U 293 -58.89 17.95 57.94
N ASN U 294 -58.78 16.64 57.73
CA ASN U 294 -58.96 15.70 58.83
C ASN U 294 -57.72 15.53 59.71
N ASN U 295 -56.57 16.07 59.29
CA ASN U 295 -55.34 16.00 60.07
C ASN U 295 -55.13 17.34 60.76
N ALA U 296 -55.02 17.32 62.09
CA ALA U 296 -54.94 18.56 62.85
C ALA U 296 -53.65 19.30 62.57
N THR U 297 -52.51 18.60 62.60
CA THR U 297 -51.22 19.26 62.40
C THR U 297 -51.11 19.85 61.00
N ALA U 298 -51.51 19.08 59.98
CA ALA U 298 -51.48 19.59 58.62
C ALA U 298 -52.42 20.77 58.45
N ARG U 299 -53.61 20.70 59.05
CA ARG U 299 -54.55 21.81 58.96
C ARG U 299 -53.97 23.07 59.60
N ALA U 300 -53.34 22.94 60.76
CA ALA U 300 -52.74 24.10 61.42
C ALA U 300 -51.60 24.68 60.58
N GLU U 301 -50.76 23.81 60.00
CA GLU U 301 -49.65 24.29 59.19
C GLU U 301 -50.16 25.05 57.97
N VAL U 302 -51.15 24.47 57.29
CA VAL U 302 -51.70 25.13 56.10
C VAL U 302 -52.37 26.45 56.48
N GLU U 303 -53.06 26.48 57.63
CA GLU U 303 -53.69 27.72 58.07
C GLU U 303 -52.65 28.80 58.34
N ARG U 304 -51.54 28.44 59.00
CA ARG U 304 -50.50 29.43 59.26
C ARG U 304 -49.88 29.92 57.96
N LYS U 305 -49.66 29.03 57.00
CA LYS U 305 -49.08 29.46 55.72
C LYS U 305 -50.05 30.35 54.95
N MET U 306 -51.35 30.06 55.01
CA MET U 306 -52.32 30.92 54.36
C MET U 306 -52.40 32.28 55.04
N LYS U 307 -52.26 32.33 56.36
CA LYS U 307 -52.17 33.61 57.04
C LYS U 307 -50.95 34.40 56.58
N ALA U 308 -49.81 33.73 56.43
CA ALA U 308 -48.62 34.40 55.94
C ALA U 308 -48.83 34.93 54.52
N LEU U 309 -49.47 34.13 53.67
CA LEU U 309 -49.76 34.58 52.31
C LEU U 309 -50.73 35.76 52.31
N GLN U 310 -51.70 35.75 53.24
CA GLN U 310 -52.63 36.87 53.35
C GLN U 310 -51.92 38.15 53.75
N ALA U 311 -50.98 38.05 54.70
CA ALA U 311 -50.20 39.23 55.06
C ALA U 311 -49.35 39.71 53.89
N TYR U 312 -48.77 38.76 53.14
CA TYR U 312 -47.99 39.13 51.96
C TYR U 312 -48.86 39.86 50.94
N GLN U 313 -50.07 39.37 50.72
CA GLN U 313 -50.98 40.04 49.80
C GLN U 313 -51.34 41.43 50.29
N TYR U 314 -51.61 41.57 51.59
CA TYR U 314 -51.98 42.86 52.15
C TYR U 314 -50.87 43.88 51.93
N GLU U 315 -49.61 43.47 52.09
CA GLU U 315 -48.51 44.38 51.85
C GLU U 315 -48.24 44.61 50.35
N ALA U 316 -48.39 43.56 49.54
CA ALA U 316 -48.02 43.66 48.13
C ALA U 316 -49.04 44.44 47.31
N ILE U 317 -50.30 44.47 47.74
CA ILE U 317 -51.28 45.31 47.04
C ILE U 317 -50.88 46.77 47.15
N THR U 318 -50.48 47.21 48.35
CA THR U 318 -50.02 48.57 48.53
C THR U 318 -48.69 48.81 47.80
N ASN U 319 -47.78 47.83 47.85
CA ASN U 319 -46.47 48.04 47.24
C ASN U 319 -46.55 48.13 45.73
N TRP U 320 -47.25 47.18 45.09
CA TRP U 320 -47.16 47.02 43.64
C TRP U 320 -47.84 48.17 42.89
N ASN U 321 -48.90 48.74 43.45
CA ASN U 321 -49.69 49.75 42.76
C ASN U 321 -49.19 51.17 43.01
N ASP U 322 -48.08 51.33 43.71
CA ASP U 322 -47.53 52.66 43.95
C ASP U 322 -46.88 53.18 42.67
N GLN U 323 -47.36 54.32 42.18
CA GLN U 323 -46.90 54.87 40.91
C GLN U 323 -45.73 55.83 41.07
N THR U 324 -45.30 56.13 42.29
CA THR U 324 -44.20 57.06 42.51
C THR U 324 -42.85 56.38 42.63
N LYS U 325 -42.80 55.06 42.46
CA LYS U 325 -41.55 54.33 42.58
C LYS U 325 -41.16 53.71 41.23
N PRO U 326 -39.86 53.63 40.96
CA PRO U 326 -39.41 53.02 39.70
C PRO U 326 -39.63 51.51 39.70
N ARG U 327 -39.52 50.92 38.50
CA ARG U 327 -39.76 49.50 38.35
C ARG U 327 -38.75 48.68 39.14
N ALA U 328 -37.47 49.06 39.08
CA ALA U 328 -36.43 48.30 39.77
C ALA U 328 -36.65 48.31 41.28
N GLU U 329 -36.94 49.48 41.85
CA GLU U 329 -37.18 49.57 43.29
C GLU U 329 -38.43 48.79 43.69
N ARG U 330 -39.49 48.86 42.89
CA ARG U 330 -40.71 48.12 43.20
C ARG U 330 -40.46 46.62 43.17
N GLU U 331 -39.73 46.14 42.16
CA GLU U 331 -39.44 44.71 42.08
C GLU U 331 -38.54 44.26 43.23
N ALA U 332 -37.54 45.06 43.58
CA ALA U 332 -36.68 44.71 44.71
C ALA U 332 -37.47 44.65 46.00
N PHE U 333 -38.36 45.63 46.22
CA PHE U 333 -39.18 45.62 47.43
C PHE U 333 -40.14 44.43 47.43
N ASP U 334 -40.68 44.07 46.27
CA ASP U 334 -41.55 42.90 46.20
C ASP U 334 -40.80 41.62 46.52
N GLN U 335 -39.57 41.49 46.02
CA GLN U 335 -38.76 40.31 46.35
C GLN U 335 -38.43 40.29 47.84
N GLN U 336 -38.13 41.44 48.42
CA GLN U 336 -37.88 41.50 49.87
C GLN U 336 -39.12 41.12 50.66
N LEU U 337 -40.29 41.56 50.20
CA LEU U 337 -41.54 41.18 50.85
C LEU U 337 -41.78 39.68 50.77
N GLN U 338 -41.51 39.09 49.60
CA GLN U 338 -41.67 37.65 49.44
C GLN U 338 -40.73 36.89 50.36
N ALA U 339 -39.48 37.35 50.47
CA ALA U 339 -38.53 36.66 51.35
C ALA U 339 -38.87 36.90 52.82
N LYS U 340 -39.56 38.00 53.13
CA LYS U 340 -39.93 38.29 54.51
C LYS U 340 -40.89 37.25 55.07
N HIS U 341 -41.85 36.81 54.26
CA HIS U 341 -42.87 35.87 54.70
C HIS U 341 -42.49 34.42 54.45
N GLY U 342 -41.27 34.16 54.00
CA GLY U 342 -40.83 32.81 53.76
C GLY U 342 -41.47 32.14 52.58
N LEU U 343 -41.87 32.90 51.57
CA LEU U 343 -42.49 32.34 50.38
C LEU U 343 -41.45 31.79 49.40
N ASN U 344 -40.58 32.66 48.89
CA ASN U 344 -39.57 32.27 47.91
C ASN U 344 -38.26 31.85 48.60
N VAL U 345 -38.36 30.77 49.37
CA VAL U 345 -37.18 30.30 50.12
C VAL U 345 -36.20 29.59 49.19
N ASP U 346 -36.68 28.58 48.45
CA ASP U 346 -35.78 27.74 47.66
C ASP U 346 -35.12 28.52 46.53
N SER U 347 -35.91 29.30 45.79
CA SER U 347 -35.36 30.05 44.66
C SER U 347 -34.37 31.10 45.13
N SER U 348 -34.70 31.83 46.19
CA SER U 348 -33.78 32.83 46.71
C SER U 348 -32.50 32.20 47.24
N TYR U 349 -32.62 31.05 47.91
CA TYR U 349 -31.43 30.36 48.40
C TYR U 349 -30.54 29.91 47.23
N MET U 350 -31.15 29.38 46.17
CA MET U 350 -30.38 28.96 45.01
C MET U 350 -29.68 30.14 44.36
N ALA U 351 -30.38 31.27 44.22
CA ALA U 351 -29.76 32.45 43.63
C ALA U 351 -28.62 32.95 44.49
N TRP U 352 -28.81 32.96 45.82
CA TRP U 352 -27.76 33.42 46.72
C TRP U 352 -26.54 32.52 46.65
N GLU U 353 -26.75 31.20 46.58
CA GLU U 353 -25.63 30.27 46.48
C GLU U 353 -24.89 30.43 45.16
N ASN U 354 -25.63 30.64 44.07
CA ASN U 354 -24.98 30.87 42.78
C ASN U 354 -24.16 32.15 42.81
N SER U 355 -24.69 33.20 43.45
CA SER U 355 -23.93 34.44 43.57
C SER U 355 -22.70 34.25 44.44
N ARG U 356 -22.80 33.42 45.49
CA ARG U 356 -21.63 33.14 46.32
C ARG U 356 -20.55 32.44 45.53
N LYS U 357 -20.92 31.44 44.73
CA LYS U 357 -19.94 30.78 43.87
C LYS U 357 -19.34 31.76 42.86
N GLN U 358 -20.17 32.64 42.29
CA GLN U 358 -19.66 33.60 41.33
C GLN U 358 -18.65 34.55 41.97
N TYR U 359 -18.93 35.00 43.20
CA TYR U 359 -18.00 35.89 43.88
C TYR U 359 -16.70 35.16 44.24
N ILE U 360 -16.79 33.90 44.67
CA ILE U 360 -15.60 33.14 44.96
C ILE U 360 -14.76 32.97 43.69
N GLU U 361 -15.41 32.69 42.57
CA GLU U 361 -14.71 32.58 41.30
C GLU U 361 -14.05 33.90 40.91
N PHE U 362 -14.75 35.01 41.16
CA PHE U 362 -14.17 36.32 40.92
C PHE U 362 -12.88 36.53 41.71
N GLN U 363 -12.92 36.20 43.01
CA GLN U 363 -11.73 36.35 43.84
C GLN U 363 -10.59 35.44 43.36
N GLN U 364 -10.91 34.19 43.03
CA GLN U 364 -9.88 33.27 42.57
C GLN U 364 -9.26 33.73 41.25
N GLN U 365 -10.09 34.25 40.34
CA GLN U 365 -9.57 34.73 39.07
C GLN U 365 -8.70 35.97 39.26
N SER U 366 -9.08 36.86 40.18
CA SER U 366 -8.23 38.02 40.46
C SER U 366 -6.88 37.58 41.04
N ARG U 367 -6.90 36.63 41.97
CA ARG U 367 -5.66 36.11 42.53
C ARG U 367 -4.82 35.42 41.45
N GLN U 368 -5.48 34.72 40.52
CA GLN U 368 -4.77 34.09 39.42
C GLN U 368 -4.11 35.13 38.52
N LEU U 369 -4.80 36.24 38.25
CA LEU U 369 -4.19 37.32 37.47
C LEU U 369 -2.94 37.85 38.17
N GLN U 370 -3.04 38.10 39.48
CA GLN U 370 -1.89 38.62 40.20
C GLN U 370 -0.73 37.64 40.20
N ASP U 371 -1.02 36.34 40.36
CA ASP U 371 0.04 35.34 40.28
C ASP U 371 0.65 35.30 38.89
N LEU U 372 -0.18 35.43 37.85
CA LEU U 372 0.32 35.38 36.48
C LEU U 372 1.25 36.54 36.18
N GLU U 373 0.92 37.74 36.68
CA GLU U 373 1.74 38.90 36.37
C GLU U 373 3.17 38.74 36.88
N GLN U 374 3.32 38.27 38.12
CA GLN U 374 4.64 38.12 38.71
C GLN U 374 5.31 36.80 38.36
N ASN U 375 4.60 35.86 37.74
CA ASN U 375 5.22 34.59 37.35
C ASN U 375 5.98 34.69 36.04
N GLY U 376 5.88 35.82 35.33
CA GLY U 376 6.57 36.00 34.08
C GLY U 376 5.83 35.50 32.85
N LEU U 377 4.64 34.93 33.02
CA LEU U 377 3.88 34.44 31.88
C LEU U 377 3.24 35.59 31.10
N ILE U 378 2.80 36.63 31.81
CA ILE U 378 2.13 37.78 31.21
C ILE U 378 2.90 39.04 31.58
N ASP U 379 3.16 39.88 30.59
CA ASP U 379 3.83 41.14 30.83
C ASP U 379 2.83 42.18 31.36
N SER U 380 3.32 43.37 31.69
CA SER U 380 2.49 44.37 32.34
C SER U 380 1.36 44.84 31.44
N ALA U 381 1.65 45.07 30.15
CA ALA U 381 0.64 45.60 29.25
C ALA U 381 -0.51 44.62 29.04
N ARG U 382 -0.18 43.36 28.73
CA ARG U 382 -1.24 42.37 28.57
C ARG U 382 -1.96 42.11 29.89
N LYS U 383 -1.25 42.19 31.02
CA LYS U 383 -1.90 42.01 32.30
C LYS U 383 -2.94 43.09 32.56
N VAL U 384 -2.58 44.36 32.30
CA VAL U 384 -3.53 45.44 32.57
C VAL U 384 -4.69 45.39 31.58
N ASN U 385 -4.41 45.04 30.32
CA ASN U 385 -5.50 44.91 29.35
C ASN U 385 -6.47 43.79 29.75
N LEU U 386 -5.92 42.65 30.19
CA LEU U 386 -6.77 41.53 30.57
C LEU U 386 -7.53 41.83 31.85
N SER U 387 -6.92 42.56 32.78
CA SER U 387 -7.64 42.97 33.99
C SER U 387 -8.81 43.89 33.65
N ASP U 388 -8.57 44.86 32.75
CA ASP U 388 -9.66 45.73 32.33
C ASP U 388 -10.77 44.95 31.66
N ASP U 389 -10.41 44.01 30.77
CA ASP U 389 -11.42 43.20 30.10
C ASP U 389 -12.21 42.35 31.10
N PHE U 390 -11.52 41.78 32.09
CA PHE U 390 -12.18 40.93 33.08
C PHE U 390 -13.15 41.73 33.94
N VAL U 391 -12.72 42.91 34.40
CA VAL U 391 -13.61 43.76 35.19
C VAL U 391 -14.80 44.20 34.35
N GLY U 392 -14.56 44.58 33.10
CA GLY U 392 -15.67 44.97 32.24
C GLY U 392 -16.65 43.85 31.99
N SER U 393 -16.14 42.63 31.82
CA SER U 393 -17.02 41.49 31.62
C SER U 393 -17.86 41.22 32.86
N VAL U 394 -17.26 41.33 34.05
CA VAL U 394 -18.03 41.14 35.28
C VAL U 394 -19.12 42.20 35.40
N VAL U 395 -18.78 43.46 35.12
CA VAL U 395 -19.75 44.54 35.20
C VAL U 395 -20.88 44.32 34.20
N GLN U 396 -20.52 43.92 32.97
CA GLN U 396 -21.54 43.69 31.95
C GLN U 396 -22.47 42.54 32.35
N LEU U 397 -21.92 41.47 32.91
CA LEU U 397 -22.76 40.37 33.38
C LEU U 397 -23.71 40.84 34.47
N ILE U 398 -23.21 41.63 35.42
CA ILE U 398 -24.06 42.07 36.53
C ILE U 398 -25.16 43.00 36.02
N LEU U 399 -24.83 43.90 35.08
CA LEU U 399 -25.79 44.90 34.65
C LEU U 399 -26.77 44.36 33.61
N TYR U 400 -26.24 43.93 32.46
CA TYR U 400 -27.07 43.58 31.32
C TYR U 400 -27.28 42.08 31.18
N GLY U 401 -26.95 41.29 32.20
CA GLY U 401 -27.15 39.87 32.13
C GLY U 401 -28.63 39.50 32.10
N GLU U 402 -28.93 38.40 31.41
CA GLU U 402 -30.30 37.92 31.27
C GLU U 402 -30.60 36.91 32.38
N GLY U 403 -30.78 37.44 33.58
CA GLY U 403 -31.08 36.59 34.72
C GLY U 403 -31.24 37.42 35.97
N ASN U 404 -31.50 36.72 37.08
CA ASN U 404 -31.65 37.35 38.39
C ASN U 404 -30.26 37.55 38.99
N THR U 405 -29.60 38.62 38.54
CA THR U 405 -28.26 38.97 38.99
C THR U 405 -28.27 39.95 40.16
N ALA U 406 -29.44 40.26 40.71
CA ALA U 406 -29.52 41.24 41.80
C ALA U 406 -28.77 40.77 43.04
N ALA U 407 -28.69 39.46 43.25
CA ALA U 407 -27.97 38.95 44.41
C ALA U 407 -26.48 39.27 44.33
N LEU U 408 -25.88 39.14 43.15
CA LEU U 408 -24.48 39.49 42.99
C LEU U 408 -24.26 40.99 43.16
N LYS U 409 -25.20 41.80 42.68
CA LYS U 409 -25.11 43.24 42.88
C LYS U 409 -25.17 43.60 44.35
N GLU U 410 -26.06 42.94 45.10
CA GLU U 410 -26.11 43.17 46.55
C GLU U 410 -24.83 42.72 47.23
N ARG U 411 -24.25 41.61 46.76
CA ARG U 411 -22.98 41.14 47.32
C ARG U 411 -21.87 42.15 47.06
N PHE U 412 -21.84 42.77 45.88
CA PHE U 412 -20.77 43.68 45.54
C PHE U 412 -20.94 45.04 46.23
N THR U 413 -22.09 45.69 46.03
CA THR U 413 -22.29 47.03 46.58
C THR U 413 -22.30 47.02 48.11
N ASP U 414 -22.94 46.03 48.72
CA ASP U 414 -23.04 45.91 50.16
C ASP U 414 -22.16 44.78 50.65
N ASN U 415 -21.35 45.05 51.68
CA ASN U 415 -20.34 44.10 52.13
C ASN U 415 -20.22 44.16 53.64
N ARG U 416 -19.76 43.06 54.23
CA ARG U 416 -19.77 42.91 55.68
C ARG U 416 -18.38 43.11 56.31
N ASN U 417 -17.41 42.30 55.93
CA ASN U 417 -16.09 42.26 56.58
C ASN U 417 -15.01 42.00 55.53
N PHE U 418 -14.22 43.04 55.24
CA PHE U 418 -13.08 43.00 54.32
C PHE U 418 -13.42 42.26 53.02
N GLU U 419 -14.70 42.27 52.64
CA GLU U 419 -15.15 41.77 51.35
C GLU U 419 -15.58 42.98 50.53
N ALA U 420 -15.43 42.90 49.21
CA ALA U 420 -15.72 43.98 48.30
C ALA U 420 -14.93 45.25 48.62
N ASN U 421 -13.90 45.16 49.46
CA ASN U 421 -13.07 46.29 49.82
C ASN U 421 -11.76 46.32 49.06
N THR U 422 -11.48 45.32 48.23
CA THR U 422 -10.27 45.33 47.42
C THR U 422 -10.40 46.36 46.30
N ALA U 423 -9.26 46.65 45.66
CA ALA U 423 -9.26 47.64 44.58
C ALA U 423 -10.14 47.21 43.42
N GLY U 424 -10.06 45.93 43.03
CA GLY U 424 -10.87 45.45 41.92
C GLY U 424 -12.35 45.48 42.23
N ALA U 425 -12.74 45.05 43.43
CA ALA U 425 -14.14 45.06 43.81
C ALA U 425 -14.66 46.49 43.98
N GLY U 426 -13.81 47.38 44.51
CA GLY U 426 -14.20 48.79 44.58
C GLY U 426 -14.41 49.39 43.20
N GLU U 427 -13.54 49.04 42.25
CA GLU U 427 -13.74 49.50 40.87
C GLU U 427 -15.01 48.91 40.27
N VAL U 428 -15.33 47.66 40.59
CA VAL U 428 -16.58 47.07 40.12
C VAL U 428 -17.78 47.82 40.69
N ARG U 429 -17.73 48.17 41.97
CA ARG U 429 -18.81 48.94 42.56
C ARG U 429 -18.95 50.30 41.89
N ARG U 430 -17.83 50.97 41.65
CA ARG U 430 -17.86 52.29 41.01
C ARG U 430 -18.43 52.18 39.60
N LEU U 431 -18.03 51.16 38.85
CA LEU U 431 -18.56 50.96 37.50
C LEU U 431 -20.05 50.67 37.53
N LEU U 432 -20.49 49.83 38.47
CA LEU U 432 -21.91 49.55 38.59
C LEU U 432 -22.71 50.81 38.88
N GLU U 433 -22.14 51.70 39.69
CA GLU U 433 -22.83 52.96 40.00
C GLU U 433 -22.81 53.91 38.81
N ALA U 434 -21.73 53.94 38.03
CA ALA U 434 -21.50 55.02 37.07
C ALA U 434 -21.92 54.70 35.65
N VAL U 435 -21.87 53.43 35.22
CA VAL U 435 -22.06 53.12 33.80
C VAL U 435 -23.44 53.54 33.29
N PRO U 436 -24.56 53.18 33.94
CA PRO U 436 -25.85 53.71 33.47
C PRO U 436 -25.90 55.22 33.51
N ARG U 437 -25.34 55.83 34.57
CA ARG U 437 -25.29 57.29 34.64
C ARG U 437 -24.44 57.86 33.52
N MET U 438 -23.29 57.24 33.23
CA MET U 438 -22.44 57.74 32.16
C MET U 438 -23.13 57.66 30.81
N ARG U 439 -23.82 56.56 30.54
CA ARG U 439 -24.54 56.43 29.26
C ARG U 439 -25.66 57.45 29.16
N ARG U 440 -26.43 57.62 30.24
CA ARG U 440 -27.53 58.57 30.22
C ARG U 440 -27.03 59.99 30.01
N GLU U 441 -25.97 60.37 30.71
CA GLU U 441 -25.45 61.73 30.56
C GLU U 441 -24.81 61.92 29.20
N THR U 442 -24.24 60.86 28.63
CA THR U 442 -23.71 60.96 27.27
C THR U 442 -24.82 61.24 26.27
N ASP U 443 -25.95 60.52 26.39
CA ASP U 443 -27.08 60.77 25.49
C ASP U 443 -27.62 62.18 25.68
N SER U 444 -27.78 62.60 26.94
CA SER U 444 -28.30 63.94 27.22
C SER U 444 -27.37 65.02 26.68
N LEU U 445 -26.06 64.84 26.84
CA LEU U 445 -25.10 65.82 26.35
C LEU U 445 -25.05 65.85 24.84
N ARG U 446 -25.22 64.70 24.18
CA ARG U 446 -25.28 64.70 22.72
C ARG U 446 -26.51 65.46 22.23
N SER U 447 -27.66 65.25 22.87
CA SER U 447 -28.85 66.02 22.51
C SER U 447 -28.63 67.50 22.76
N ASP U 448 -27.99 67.84 23.88
CA ASP U 448 -27.68 69.24 24.18
C ASP U 448 -26.76 69.85 23.14
N ASN U 449 -25.76 69.10 22.69
CA ASN U 449 -24.84 69.60 21.68
C ASN U 449 -25.56 69.84 20.35
N ALA U 450 -26.44 68.91 19.97
CA ALA U 450 -27.24 69.12 18.77
C ALA U 450 -28.11 70.36 18.89
N ALA U 451 -28.71 70.56 20.07
CA ALA U 451 -29.55 71.73 20.29
C ALA U 451 -28.74 73.02 20.18
N LEU U 452 -27.54 73.04 20.76
CA LEU U 452 -26.71 74.23 20.70
C LEU U 452 -26.24 74.49 19.27
N GLN U 453 -25.94 73.45 18.50
CA GLN U 453 -25.56 73.65 17.10
C GLN U 453 -26.72 74.22 16.29
N VAL U 454 -27.93 73.69 16.49
CA VAL U 454 -29.10 74.23 15.81
C VAL U 454 -29.33 75.69 16.20
N ALA U 455 -29.19 75.99 17.49
CA ALA U 455 -29.35 77.37 17.95
C ALA U 455 -28.31 78.29 17.34
N ARG U 456 -27.07 77.81 17.21
CA ARG U 456 -26.02 78.62 16.60
C ARG U 456 -26.34 78.89 15.13
N THR U 457 -26.81 77.88 14.41
CA THR U 457 -27.17 78.09 13.00
C THR U 457 -28.32 79.10 12.88
N ARG U 458 -29.34 78.96 13.73
CA ARG U 458 -30.46 79.88 13.65
C ARG U 458 -30.09 81.28 14.10
N LEU U 459 -29.11 81.41 15.00
CA LEU U 459 -28.64 82.73 15.41
C LEU U 459 -27.81 83.37 14.29
N GLN U 460 -27.03 82.57 13.57
CA GLN U 460 -26.32 83.09 12.41
C GLN U 460 -27.29 83.54 11.33
N ARG U 461 -28.43 82.85 11.18
CA ARG U 461 -29.38 83.22 10.14
C ARG U 461 -30.25 84.41 10.56
N GLU U 462 -31.05 84.25 11.60
CA GLU U 462 -32.05 85.21 12.04
C GLU U 462 -31.96 85.46 13.54
N GLY U 463 -30.75 85.78 14.00
CA GLY U 463 -30.42 85.82 15.42
C GLY U 463 -31.42 86.41 16.38
N VAL U 464 -31.71 87.71 16.27
CA VAL U 464 -32.57 88.38 17.25
C VAL U 464 -33.96 87.76 17.24
N THR U 465 -34.51 87.55 16.04
CA THR U 465 -35.86 86.97 15.94
C THR U 465 -35.91 85.57 16.52
N PHE U 466 -34.88 84.75 16.26
CA PHE U 466 -34.86 83.39 16.80
C PHE U 466 -34.77 83.39 18.32
N LEU U 467 -33.93 84.25 18.88
CA LEU U 467 -33.81 84.32 20.34
C LEU U 467 -35.12 84.80 20.98
N MET U 468 -35.80 85.76 20.34
CA MET U 468 -37.06 86.23 20.91
C MET U 468 -38.22 85.27 20.62
N ASN U 469 -38.05 84.33 19.69
CA ASN U 469 -39.12 83.41 19.30
C ASN U 469 -38.66 81.95 19.35
N ALA U 470 -37.77 81.61 20.27
CA ALA U 470 -37.25 80.25 20.35
C ALA U 470 -38.30 79.31 20.94
N ASP U 471 -38.15 78.03 20.61
CA ASP U 471 -39.04 77.00 21.14
C ASP U 471 -38.66 76.69 22.58
N ALA U 472 -39.52 75.94 23.28
CA ALA U 472 -39.30 75.67 24.70
C ALA U 472 -38.01 74.91 24.94
N ARG U 473 -37.58 74.09 23.97
CA ARG U 473 -36.32 73.37 24.12
C ARG U 473 -35.14 74.32 24.20
N THR U 474 -35.13 75.37 23.37
CA THR U 474 -34.01 76.30 23.37
C THR U 474 -34.03 77.18 24.61
N ARG U 475 -35.22 77.61 25.04
CA ARG U 475 -35.33 78.48 26.21
C ARG U 475 -34.70 77.83 27.44
N GLY U 476 -34.82 76.52 27.57
CA GLY U 476 -34.21 75.81 28.67
C GLY U 476 -32.70 75.95 28.70
N LEU U 477 -32.08 75.87 27.52
CA LEU U 477 -30.64 76.06 27.44
C LEU U 477 -30.26 77.53 27.56
N LEU U 478 -31.15 78.42 27.10
CA LEU U 478 -30.91 79.86 27.25
C LEU U 478 -30.86 80.25 28.72
N GLU U 479 -31.78 79.70 29.53
CA GLU U 479 -31.75 79.94 30.96
C GLU U 479 -30.49 79.39 31.59
N SER U 480 -30.06 78.20 31.16
CA SER U 480 -28.84 77.59 31.68
C SER U 480 -27.61 78.35 31.22
N LEU U 496 -33.54 98.86 16.47
CA LEU U 496 -34.35 100.07 16.39
C LEU U 496 -33.57 101.18 15.70
N THR U 497 -32.91 102.01 16.49
CA THR U 497 -32.03 103.05 15.95
C THR U 497 -30.75 102.39 15.46
N PRO U 498 -29.95 103.05 14.60
CA PRO U 498 -28.77 102.38 14.05
C PRO U 498 -27.78 101.86 15.10
N GLU U 499 -27.65 102.54 16.23
CA GLU U 499 -26.73 102.07 17.26
C GLU U 499 -27.31 100.89 18.03
N GLN U 500 -28.64 100.85 18.22
CA GLN U 500 -29.25 99.74 18.93
C GLN U 500 -29.11 98.45 18.15
N GLN U 501 -29.22 98.51 16.82
CA GLN U 501 -29.03 97.32 15.99
C GLN U 501 -27.62 96.76 16.16
N ALA U 502 -26.62 97.64 16.17
CA ALA U 502 -25.25 97.19 16.37
C ALA U 502 -25.04 96.61 17.76
N GLU U 503 -25.64 97.23 18.78
CA GLU U 503 -25.52 96.70 20.13
C GLU U 503 -26.15 95.32 20.26
N TYR U 504 -27.32 95.13 19.67
CA TYR U 504 -27.96 93.82 19.70
C TYR U 504 -27.20 92.79 18.88
N ALA U 505 -26.58 93.21 17.78
CA ALA U 505 -25.72 92.30 17.02
C ALA U 505 -24.53 91.86 17.85
N ARG U 506 -23.94 92.79 18.60
CA ARG U 506 -22.83 92.44 19.49
C ARG U 506 -23.30 91.47 20.57
N GLN U 507 -24.49 91.69 21.12
CA GLN U 507 -25.04 90.76 22.11
C GLN U 507 -25.23 89.37 21.52
N THR U 508 -25.76 89.30 20.30
CA THR U 508 -25.93 88.01 19.64
C THR U 508 -24.59 87.33 19.39
N ASN U 509 -23.57 88.11 19.02
CA ASN U 509 -22.24 87.54 18.85
C ASN U 509 -21.69 86.98 20.16
N GLN U 510 -21.93 87.69 21.27
CA GLN U 510 -21.51 87.18 22.57
C GLN U 510 -22.24 85.89 22.92
N VAL U 511 -23.53 85.82 22.61
CA VAL U 511 -24.32 84.61 22.82
C VAL U 511 -23.74 83.48 21.98
N GLN U 512 -23.34 83.79 20.76
CA GLN U 512 -22.72 82.78 19.90
C GLN U 512 -21.42 82.27 20.49
N GLN U 513 -20.61 83.17 21.06
CA GLN U 513 -19.37 82.75 21.70
C GLN U 513 -19.66 81.83 22.90
N ALA U 514 -20.66 82.18 23.70
CA ALA U 514 -21.04 81.33 24.82
C ALA U 514 -21.52 79.97 24.34
N ILE U 515 -22.30 79.94 23.25
CA ILE U 515 -22.78 78.68 22.69
C ILE U 515 -21.62 77.83 22.21
N GLU U 516 -20.63 78.44 21.55
CA GLU U 516 -19.46 77.71 21.11
C GLU U 516 -18.69 77.13 22.29
N GLN U 517 -18.52 77.92 23.35
CA GLN U 517 -17.82 77.41 24.53
C GLN U 517 -18.56 76.24 25.16
N GLN U 518 -19.89 76.34 25.26
CA GLN U 518 -20.67 75.24 25.81
C GLN U 518 -20.58 74.00 24.93
N ILE U 519 -20.58 74.18 23.61
CA ILE U 519 -20.43 73.06 22.69
C ILE U 519 -19.09 72.38 22.90
N ILE U 520 -18.02 73.17 23.04
CA ILE U 520 -16.70 72.60 23.26
C ILE U 520 -16.67 71.81 24.55
N ILE U 521 -17.25 72.37 25.62
CA ILE U 521 -17.25 71.69 26.92
C ILE U 521 -18.02 70.37 26.83
N ASN U 522 -19.20 70.41 26.21
CA ASN U 522 -20.01 69.21 26.10
C ASN U 522 -19.33 68.14 25.26
N ASP U 523 -18.69 68.55 24.15
CA ASP U 523 -17.99 67.58 23.31
C ASP U 523 -16.83 66.94 24.05
N GLN U 524 -16.08 67.75 24.81
CA GLN U 524 -14.98 67.18 25.60
C GLN U 524 -15.50 66.19 26.64
N ARG U 525 -16.59 66.54 27.33
CA ARG U 525 -17.16 65.63 28.31
C ARG U 525 -17.64 64.34 27.67
N VAL U 526 -18.29 64.44 26.51
CA VAL U 526 -18.78 63.25 25.81
C VAL U 526 -17.62 62.36 25.38
N GLN U 527 -16.55 62.97 24.86
CA GLN U 527 -15.38 62.19 24.46
C GLN U 527 -14.75 61.49 25.66
N ASN U 528 -14.63 62.19 26.79
CA ASN U 528 -14.08 61.57 27.98
C ASN U 528 -14.93 60.40 28.46
N ASN U 529 -16.26 60.59 28.47
CA ASN U 529 -17.16 59.52 28.89
C ASN U 529 -17.06 58.32 27.96
N ALA U 530 -17.02 58.56 26.65
CA ALA U 530 -16.91 57.48 25.69
C ALA U 530 -15.61 56.72 25.85
N ALA U 531 -14.50 57.43 26.04
CA ALA U 531 -13.22 56.75 26.25
C ALA U 531 -13.22 55.92 27.53
N GLU U 532 -13.76 56.48 28.61
CA GLU U 532 -13.81 55.74 29.87
C GLU U 532 -14.67 54.49 29.75
N LEU U 533 -15.82 54.60 29.07
CA LEU U 533 -16.67 53.43 28.90
C LEU U 533 -16.03 52.39 27.98
N ALA U 534 -15.37 52.83 26.91
CA ALA U 534 -14.77 51.90 25.97
C ALA U 534 -13.51 51.26 26.51
N LYS U 535 -12.90 51.84 27.55
CA LYS U 535 -11.76 51.18 28.18
C LYS U 535 -12.13 49.80 28.70
N TYR U 536 -13.34 49.63 29.21
CA TYR U 536 -13.81 48.35 29.73
C TYR U 536 -14.68 47.58 28.74
N GLY U 537 -14.91 48.12 27.55
CA GLY U 537 -15.73 47.44 26.56
C GLY U 537 -17.22 47.60 26.74
N LEU U 538 -17.66 48.57 27.54
CA LEU U 538 -19.08 48.78 27.81
C LEU U 538 -19.67 49.89 26.96
N SER U 539 -18.97 50.34 25.93
CA SER U 539 -19.46 51.39 25.05
C SER U 539 -20.32 50.86 23.92
N GLU U 540 -20.51 49.55 23.83
CA GLU U 540 -21.36 48.97 22.81
C GLU U 540 -22.82 49.30 23.06
N PRO U 541 -23.66 49.25 22.03
CA PRO U 541 -25.10 49.49 22.24
C PRO U 541 -25.69 48.50 23.23
N GLU U 542 -26.85 48.86 23.77
CA GLU U 542 -27.46 48.08 24.84
C GLU U 542 -27.83 46.68 24.36
N ASP U 543 -28.33 46.55 23.13
CA ASP U 543 -28.73 45.24 22.63
C ASP U 543 -27.54 44.30 22.53
N VAL U 544 -26.41 44.78 22.01
CA VAL U 544 -25.23 43.93 21.90
C VAL U 544 -24.69 43.55 23.27
N LEU U 545 -24.70 44.50 24.21
CA LEU U 545 -24.25 44.21 25.56
C LEU U 545 -25.13 43.14 26.22
N ARG U 546 -26.45 43.24 26.01
CA ARG U 546 -27.35 42.21 26.54
C ARG U 546 -27.12 40.87 25.87
N LYS U 547 -26.82 40.86 24.57
CA LYS U 547 -26.66 39.60 23.85
C LYS U 547 -25.36 38.90 24.18
N ASN U 548 -24.27 39.66 24.33
CA ASN U 548 -22.94 39.08 24.46
C ASN U 548 -22.45 38.99 25.90
N ALA U 549 -23.30 39.26 26.89
CA ALA U 549 -22.85 39.28 28.27
C ALA U 549 -22.40 37.89 28.72
N ALA U 550 -23.30 36.90 28.62
CA ALA U 550 -22.97 35.56 29.08
C ALA U 550 -21.82 34.96 28.26
N THR U 551 -21.84 35.16 26.94
CA THR U 551 -20.77 34.63 26.10
C THR U 551 -19.42 35.23 26.46
N ARG U 552 -19.38 36.56 26.66
CA ARG U 552 -18.13 37.21 27.02
C ARG U 552 -17.62 36.72 28.37
N ARG U 553 -18.52 36.60 29.35
CA ARG U 553 -18.11 36.10 30.66
C ARG U 553 -17.58 34.68 30.58
N LYS U 554 -18.25 33.82 29.81
CA LYS U 554 -17.81 32.44 29.67
C LYS U 554 -16.45 32.36 28.98
N LEU U 555 -16.24 33.19 27.96
CA LEU U 555 -14.94 33.21 27.28
C LEU U 555 -13.85 33.68 28.22
N VAL U 556 -14.13 34.71 29.02
CA VAL U 556 -13.15 35.19 29.99
C VAL U 556 -12.83 34.10 31.01
N ASN U 557 -13.86 33.37 31.47
CA ASN U 557 -13.64 32.28 32.41
C ASN U 557 -12.79 31.18 31.80
N ASP U 558 -13.04 30.84 30.53
CA ASP U 558 -12.24 29.81 29.87
C ASP U 558 -10.79 30.24 29.73
N THR U 559 -10.56 31.49 29.34
CA THR U 559 -9.20 31.99 29.22
C THR U 559 -8.50 31.98 30.58
N MET U 560 -9.21 32.38 31.63
CA MET U 560 -8.62 32.36 32.97
C MET U 560 -8.31 30.94 33.40
N TYR U 561 -9.17 29.99 33.07
CA TYR U 561 -8.91 28.60 33.42
C TYR U 561 -7.66 28.07 32.71
N GLN U 562 -7.52 28.36 31.42
CA GLN U 562 -6.34 27.91 30.69
C GLN U 562 -5.07 28.55 31.26
N LEU U 563 -5.13 29.85 31.55
CA LEU U 563 -3.98 30.51 32.15
C LEU U 563 -3.67 29.94 33.53
N GLY U 564 -4.70 29.55 34.28
CA GLY U 564 -4.48 28.94 35.58
C GLY U 564 -3.80 27.60 35.49
N THR U 565 -4.20 26.78 34.51
CA THR U 565 -3.50 25.51 34.29
C THR U 565 -2.05 25.74 33.90
N GLN U 566 -1.80 26.72 33.04
CA GLN U 566 -0.43 27.02 32.65
C GLN U 566 0.40 27.47 33.85
N ALA U 567 -0.18 28.33 34.70
CA ALA U 567 0.52 28.79 35.89
C ALA U 567 0.75 27.66 36.87
N GLU U 568 -0.21 26.72 36.97
CA GLU U 568 -0.02 25.56 37.84
C GLU U 568 1.15 24.71 37.36
N GLN U 569 1.25 24.50 36.05
CA GLN U 569 2.38 23.74 35.51
C GLN U 569 3.69 24.47 35.79
N VAL U 570 3.72 25.79 35.60
CA VAL U 570 4.93 26.56 35.89
C VAL U 570 5.31 26.43 37.37
N ARG U 571 4.31 26.50 38.26
CA ARG U 571 4.57 26.34 39.68
C ARG U 571 5.13 24.95 39.98
N ARG U 572 4.61 23.93 39.32
CA ARG U 572 5.17 22.59 39.48
C ARG U 572 6.63 22.57 39.08
N THR U 573 6.97 23.22 37.97
CA THR U 573 8.37 23.31 37.55
C THR U 573 9.15 24.39 38.30
N GLN U 574 8.46 25.31 38.98
CA GLN U 574 9.13 26.40 39.67
C GLN U 574 9.91 25.85 40.86
N THR U 575 11.24 25.90 40.76
CA THR U 575 12.12 25.48 41.85
C THR U 575 12.63 26.71 42.59
N SER U 576 12.05 26.98 43.75
CA SER U 576 12.46 28.10 44.58
C SER U 576 13.05 27.67 45.91
N GLY U 577 12.33 26.85 46.68
CA GLY U 577 12.85 26.40 47.96
C GLY U 577 13.00 27.55 48.94
N TYR U 578 14.01 27.44 49.80
CA TYR U 578 14.30 28.43 50.82
C TYR U 578 15.74 28.24 51.27
N GLY U 579 16.10 28.89 52.37
CA GLY U 579 17.41 28.70 52.95
C GLY U 579 16.99 27.33 53.43
N GLN U 580 17.80 26.31 53.11
CA GLN U 580 17.45 24.93 53.38
C GLN U 580 18.68 24.60 54.21
N LEU U 581 18.49 24.39 55.51
CA LEU U 581 19.58 23.96 56.38
C LEU U 581 19.97 22.52 56.08
N GLY U 582 21.22 22.18 56.33
CA GLY U 582 21.67 20.81 56.16
C GLY U 582 22.02 20.49 54.71
N ILE U 583 21.87 19.21 54.36
CA ILE U 583 22.24 18.74 53.03
C ILE U 583 21.31 19.34 51.99
N THR U 584 21.91 19.91 50.94
CA THR U 584 21.18 20.51 49.83
C THR U 584 21.61 19.91 48.50
N SER U 585 21.84 18.61 48.48
CA SER U 585 22.21 17.93 47.26
C SER U 585 21.03 17.92 46.29
N PRO U 586 21.30 17.80 44.97
CA PRO U 586 20.24 17.83 43.96
C PRO U 586 19.42 16.54 43.90
N THR U 587 19.04 16.04 45.08
CA THR U 587 18.10 14.93 45.21
C THR U 587 17.02 15.32 46.21
N THR U 588 17.36 16.27 47.08
CA THR U 588 16.41 16.80 48.05
C THR U 588 15.55 17.92 47.49
N ALA U 589 15.86 18.41 46.30
CA ALA U 589 15.09 19.51 45.72
C ALA U 589 13.65 19.09 45.45
N LEU U 590 13.45 17.88 44.95
CA LEU U 590 12.11 17.37 44.67
C LEU U 590 11.40 16.97 45.97
N ASP U 605 -7.52 22.99 64.04
CA ASP U 605 -8.62 22.33 64.74
C ASP U 605 -9.13 23.18 65.90
N GLY U 606 -8.41 24.25 66.22
CA GLY U 606 -8.78 25.15 67.29
C GLY U 606 -7.74 25.32 68.37
N TYR U 607 -6.70 24.49 68.41
CA TYR U 607 -5.67 24.58 69.43
C TYR U 607 -4.43 25.25 68.87
N ARG U 608 -3.68 25.89 69.78
CA ARG U 608 -2.48 26.62 69.38
C ARG U 608 -1.42 25.64 68.87
N ARG U 609 -0.78 26.00 67.76
CA ARG U 609 0.24 25.18 67.13
C ARG U 609 1.61 25.73 67.51
N LEU U 610 2.41 24.92 68.19
CA LEU U 610 3.75 25.30 68.59
C LEU U 610 4.76 24.97 67.50
N ARG U 611 5.80 25.79 67.40
CA ARG U 611 6.84 25.56 66.41
C ARG U 611 7.60 24.28 66.74
N PRO U 612 8.02 23.53 65.73
CA PRO U 612 8.79 22.31 66.00
C PRO U 612 10.12 22.65 66.64
N PRO U 613 10.65 21.76 67.49
CA PRO U 613 11.93 22.04 68.14
C PRO U 613 13.09 21.95 67.17
N VAL U 614 13.24 22.96 66.32
CA VAL U 614 14.25 22.98 65.27
C VAL U 614 15.25 24.10 65.57
N VAL U 615 16.53 23.80 65.40
CA VAL U 615 17.59 24.77 65.56
C VAL U 615 17.95 25.36 64.20
N ALA U 616 18.60 26.51 64.21
CA ALA U 616 18.94 27.22 62.99
C ALA U 616 20.40 27.04 62.58
N ASN U 617 21.25 26.49 63.44
CA ASN U 617 22.66 26.30 63.14
C ASN U 617 23.08 24.90 63.53
N LEU U 618 24.06 24.35 62.80
CA LEU U 618 24.55 23.02 63.02
C LEU U 618 26.07 23.03 63.18
N ALA U 619 26.59 22.08 63.95
CA ALA U 619 28.01 22.02 64.23
C ALA U 619 28.78 21.51 63.03
N THR U 620 29.94 22.12 62.77
CA THR U 620 30.84 21.69 61.72
C THR U 620 32.25 21.58 62.28
N VAL U 621 33.02 20.64 61.74
CA VAL U 621 34.40 20.41 62.17
C VAL U 621 35.30 20.47 60.94
N LYS U 622 36.31 21.33 60.98
CA LYS U 622 37.32 21.42 59.94
C LYS U 622 38.65 21.00 60.54
N PHE U 623 39.30 20.03 59.93
CA PHE U 623 40.53 19.42 60.45
C PHE U 623 41.70 19.83 59.56
N THR U 624 42.49 20.78 60.05
CA THR U 624 43.70 21.17 59.33
C THR U 624 44.90 20.34 59.77
N GLY U 625 44.73 19.48 60.77
CA GLY U 625 45.83 18.67 61.26
C GLY U 625 46.11 17.49 60.34
N SER U 626 47.16 16.74 60.71
CA SER U 626 47.60 15.58 59.96
C SER U 626 46.96 14.29 60.43
N SER U 627 46.01 14.36 61.36
CA SER U 627 45.30 13.17 61.83
C SER U 627 44.41 12.67 60.71
N ARG U 628 44.85 11.61 60.02
CA ARG U 628 44.25 11.17 58.78
C ARG U 628 43.75 9.74 58.92
N ASN U 629 42.56 9.48 58.35
CA ASN U 629 41.98 8.14 58.33
C ASN U 629 41.36 7.79 56.98
N GLY U 630 41.60 8.59 55.95
CA GLY U 630 41.05 8.37 54.62
C GLY U 630 40.18 9.49 54.11
N ILE U 631 39.70 10.36 54.99
CA ILE U 631 38.88 11.50 54.59
C ILE U 631 39.79 12.64 54.10
N VAL U 632 39.31 13.36 53.10
CA VAL U 632 40.19 14.28 52.34
C VAL U 632 40.65 15.41 53.25
N PRO U 633 41.87 15.93 53.07
CA PRO U 633 42.36 17.00 53.96
C PRO U 633 41.56 18.28 53.81
N GLY U 634 41.45 19.01 54.92
CA GLY U 634 40.89 20.36 54.88
C GLY U 634 39.44 20.45 54.49
N SER U 635 38.70 19.35 54.63
CA SER U 635 37.28 19.35 54.32
C SER U 635 36.45 19.64 55.57
N LYS U 636 35.24 20.12 55.37
CA LYS U 636 34.33 20.44 56.46
C LYS U 636 33.22 19.40 56.51
N VAL U 637 33.04 18.81 57.69
CA VAL U 637 32.02 17.79 57.91
C VAL U 637 31.00 18.33 58.90
N MET U 638 29.72 18.05 58.63
CA MET U 638 28.63 18.54 59.47
C MET U 638 28.26 17.46 60.48
N LEU U 639 28.47 17.75 61.76
CA LEU U 639 28.08 16.83 62.81
C LEU U 639 26.60 16.99 63.14
N PRO U 640 25.99 15.95 63.71
CA PRO U 640 24.56 16.03 64.06
C PRO U 640 24.30 16.75 65.38
N PHE U 641 25.29 17.50 65.86
CA PHE U 641 25.15 18.24 67.10
C PHE U 641 24.87 19.72 66.82
N MET U 642 24.41 20.41 67.86
CA MET U 642 24.15 21.84 67.74
C MET U 642 25.45 22.61 67.54
N ALA U 643 25.36 23.75 66.85
CA ALA U 643 26.55 24.56 66.58
C ALA U 643 27.19 25.05 67.87
N ALA U 644 26.39 25.28 68.92
CA ALA U 644 26.95 25.68 70.21
C ALA U 644 27.77 24.57 70.84
N ASP U 645 27.56 23.32 70.44
CA ASP U 645 28.28 22.17 70.96
C ASP U 645 29.40 21.72 70.04
N ALA U 646 29.77 22.52 69.04
CA ALA U 646 30.81 22.12 68.11
C ALA U 646 32.15 21.95 68.80
N GLY U 647 32.49 22.85 69.72
CA GLY U 647 33.77 22.78 70.40
C GLY U 647 33.83 21.79 71.54
N ARG U 648 32.68 21.31 72.01
CA ARG U 648 32.62 20.39 73.14
C ARG U 648 32.58 18.93 72.72
N VAL U 649 32.59 18.63 71.42
CA VAL U 649 32.53 17.26 70.94
C VAL U 649 33.86 16.90 70.31
N ARG U 650 34.18 15.61 70.32
CA ARG U 650 35.42 15.09 69.77
C ARG U 650 35.12 13.95 68.81
N VAL U 651 35.92 13.85 67.76
CA VAL U 651 35.74 12.85 66.71
C VAL U 651 36.40 11.52 67.07
N ASN U 652 37.12 11.48 68.20
CA ASN U 652 37.86 10.30 68.64
C ASN U 652 38.91 9.88 67.61
N SER U 653 39.86 10.79 67.38
CA SER U 653 40.97 10.57 66.46
C SER U 653 40.50 10.22 65.05
N THR U 664 36.61 -0.37 66.86
CA THR U 664 36.63 -0.55 65.42
C THR U 664 35.36 -1.24 64.93
N HIS U 665 34.50 -0.47 64.26
CA HIS U 665 33.25 -1.00 63.73
C HIS U 665 32.81 -0.10 62.58
N ALA U 666 31.57 -0.27 62.14
CA ALA U 666 31.06 0.40 60.95
C ALA U 666 30.45 1.76 61.23
N GLY U 667 30.41 2.20 62.48
CA GLY U 667 29.82 3.49 62.84
C GLY U 667 30.82 4.38 63.55
N GLU U 668 30.76 5.68 63.23
CA GLU U 668 31.61 6.65 63.90
C GLU U 668 31.05 6.98 65.28
N ASP U 669 31.94 7.11 66.26
CA ASP U 669 31.58 7.51 67.61
C ASP U 669 32.09 8.91 67.87
N ILE U 670 31.20 9.81 68.28
CA ILE U 670 31.54 11.18 68.60
C ILE U 670 31.35 11.37 70.09
N ALA U 671 32.44 11.64 70.80
CA ALA U 671 32.37 11.81 72.25
C ALA U 671 31.85 13.20 72.60
N ALA U 672 30.76 13.24 73.35
CA ALA U 672 30.12 14.49 73.75
C ALA U 672 29.79 14.44 75.23
N PRO U 673 29.76 15.58 75.90
CA PRO U 673 29.36 15.59 77.31
C PRO U 673 27.92 15.15 77.48
N GLY U 674 27.63 14.53 78.62
CA GLY U 674 26.30 14.05 78.92
C GLY U 674 25.25 15.14 78.91
N GLY U 675 24.15 14.89 78.21
CA GLY U 675 23.05 15.85 78.13
C GLY U 675 22.97 16.61 76.82
N THR U 676 23.97 16.52 75.95
CA THR U 676 23.90 17.21 74.67
C THR U 676 22.81 16.60 73.80
N LYS U 677 22.23 17.44 72.95
CA LYS U 677 21.09 17.07 72.12
C LYS U 677 21.57 16.66 70.74
N VAL U 678 21.12 15.49 70.28
CA VAL U 678 21.39 15.03 68.92
C VAL U 678 20.38 15.67 67.98
N VAL U 679 20.88 16.28 66.91
CA VAL U 679 20.07 17.07 65.99
C VAL U 679 20.17 16.47 64.59
N SER U 680 19.03 16.25 63.96
CA SER U 680 19.01 15.72 62.60
C SER U 680 19.58 16.76 61.63
N TYR U 681 20.61 16.38 60.88
CA TYR U 681 21.22 17.30 59.93
C TYR U 681 20.52 17.30 58.58
N VAL U 682 19.61 16.36 58.33
CA VAL U 682 18.90 16.28 57.06
C VAL U 682 17.41 16.14 57.35
N SER U 683 16.60 16.56 56.39
CA SER U 683 15.15 16.48 56.51
C SER U 683 14.67 15.15 55.93
N GLY U 684 13.86 14.43 56.69
CA GLY U 684 13.38 13.15 56.24
C GLY U 684 12.30 12.61 57.15
N GLN U 685 11.98 11.34 56.95
CA GLN U 685 10.94 10.65 57.70
C GLN U 685 11.57 9.67 58.68
N VAL U 686 11.13 9.73 59.93
CA VAL U 686 11.62 8.80 60.95
C VAL U 686 10.96 7.45 60.72
N ILE U 687 11.78 6.41 60.57
CA ILE U 687 11.25 5.09 60.25
C ILE U 687 10.92 4.32 61.53
N LYS U 688 11.85 4.30 62.49
CA LYS U 688 11.70 3.46 63.66
C LYS U 688 12.41 4.07 64.85
N VAL U 689 11.80 3.94 66.02
CA VAL U 689 12.38 4.42 67.28
C VAL U 689 12.21 3.29 68.29
N THR U 690 13.25 2.47 68.44
CA THR U 690 13.18 1.32 69.35
C THR U 690 14.41 1.24 70.24
N ARG U 691 14.51 0.17 71.04
CA ARG U 691 15.60 -0.02 71.98
C ARG U 691 16.07 -1.46 71.92
N GLN U 692 17.38 -1.66 71.86
CA GLN U 692 18.00 -2.99 71.93
C GLN U 692 18.92 -3.01 73.15
N LYS U 693 18.55 -3.82 74.14
CA LYS U 693 19.34 -3.92 75.37
C LYS U 693 20.51 -4.89 75.16
N GLY U 694 21.70 -4.48 75.58
CA GLY U 694 22.85 -5.35 75.45
C GLY U 694 24.10 -4.67 74.91
N ILE U 695 24.58 -5.14 73.77
CA ILE U 695 25.86 -4.69 73.22
C ILE U 695 25.67 -3.49 72.31
N GLY U 696 24.92 -3.68 71.22
CA GLY U 696 24.82 -2.69 70.16
C GLY U 696 23.44 -2.07 70.07
N TYR U 697 23.40 -0.81 69.63
CA TYR U 697 22.17 -0.08 69.36
C TYR U 697 21.27 0.00 70.59
N GLY U 698 21.79 0.64 71.64
CA GLY U 698 21.03 0.81 72.86
C GLY U 698 19.71 1.51 72.63
N ARG U 699 19.76 2.79 72.29
CA ARG U 699 18.60 3.53 71.80
C ARG U 699 18.96 4.10 70.44
N TYR U 700 18.34 3.59 69.39
CA TYR U 700 18.68 3.98 68.02
C TYR U 700 17.43 4.53 67.32
N ILE U 701 17.64 5.57 66.54
CA ILE U 701 16.59 6.21 65.75
C ILE U 701 17.05 6.28 64.31
N THR U 702 16.22 5.79 63.39
CA THR U 702 16.55 5.75 61.98
C THR U 702 15.70 6.77 61.22
N ILE U 703 16.35 7.60 60.42
CA ILE U 703 15.68 8.63 59.64
C ILE U 703 15.98 8.38 58.17
N LYS U 704 14.92 8.30 57.35
CA LYS U 704 15.05 8.17 55.90
C LYS U 704 15.22 9.57 55.33
N GLY U 705 16.47 9.98 55.14
CA GLY U 705 16.73 11.33 54.67
C GLY U 705 16.27 11.54 53.24
N ASP U 706 16.02 12.80 52.90
CA ASP U 706 15.61 13.16 51.55
C ASP U 706 16.73 12.97 50.53
N ASP U 707 17.97 12.78 50.97
CA ASP U 707 19.08 12.54 50.08
C ASP U 707 19.14 11.09 49.57
N GLY U 708 18.28 10.21 50.08
CA GLY U 708 18.27 8.83 49.68
C GLY U 708 19.09 7.90 50.54
N MET U 709 19.69 8.40 51.61
CA MET U 709 20.51 7.60 52.51
C MET U 709 19.84 7.53 53.87
N TYR U 710 19.95 6.37 54.52
CA TYR U 710 19.37 6.15 55.83
C TYR U 710 20.40 6.47 56.91
N HIS U 711 20.01 7.32 57.86
CA HIS U 711 20.90 7.77 58.93
C HIS U 711 20.42 7.21 60.24
N ARG U 712 21.33 6.59 60.99
CA ARG U 712 21.02 5.95 62.26
C ARG U 712 21.83 6.59 63.38
N PHE U 713 21.15 6.99 64.44
CA PHE U 713 21.79 7.54 65.63
C PHE U 713 21.50 6.60 66.80
N ALA U 714 22.53 5.91 67.28
CA ALA U 714 22.38 4.90 68.32
C ALA U 714 23.03 5.39 69.62
N HIS U 715 22.90 4.57 70.66
CA HIS U 715 23.43 4.88 71.99
C HIS U 715 22.88 6.21 72.51
N LEU U 716 21.56 6.34 72.51
CA LEU U 716 20.88 7.53 72.99
C LEU U 716 20.36 7.33 74.41
N SER U 717 20.01 8.44 75.05
CA SER U 717 19.42 8.41 76.38
C SER U 717 17.89 8.50 76.32
N ALA U 718 17.37 9.38 75.47
CA ALA U 718 15.94 9.54 75.31
C ALA U 718 15.63 9.93 73.87
N HIS U 719 14.40 9.66 73.46
CA HIS U 719 13.92 10.01 72.13
C HIS U 719 13.01 11.24 72.20
N ASN U 720 13.13 12.10 71.20
CA ASN U 720 12.27 13.26 71.08
C ASN U 720 11.39 13.21 69.82
N VAL U 721 11.50 12.17 69.02
CA VAL U 721 10.71 12.02 67.81
C VAL U 721 9.79 10.81 67.96
N LYS U 722 8.94 10.60 66.96
CA LYS U 722 7.98 9.51 66.95
C LYS U 722 8.09 8.76 65.63
N GLN U 723 7.72 7.48 65.66
CA GLN U 723 7.74 6.68 64.45
C GLN U 723 6.79 7.25 63.40
N GLY U 724 7.26 7.35 62.17
CA GLY U 724 6.46 7.90 61.10
C GLY U 724 6.32 9.40 61.10
N GLN U 725 7.20 10.11 61.81
CA GLN U 725 7.14 11.56 61.90
C GLN U 725 8.11 12.18 60.90
N ARG U 726 7.64 13.23 60.22
CA ARG U 726 8.46 13.97 59.27
C ARG U 726 9.24 15.03 60.03
N VAL U 727 10.56 14.93 60.01
CA VAL U 727 11.44 15.85 60.72
C VAL U 727 12.20 16.69 59.70
N GLU U 728 12.26 17.99 59.93
CA GLU U 728 13.02 18.89 59.08
C GLU U 728 14.48 18.92 59.54
N ALA U 729 15.32 19.53 58.71
CA ALA U 729 16.72 19.71 59.07
C ALA U 729 16.83 20.62 60.27
N GLY U 730 17.69 20.25 61.22
CA GLY U 730 17.81 20.97 62.46
C GLY U 730 16.87 20.52 63.56
N HIS U 731 16.03 19.53 63.30
CA HIS U 731 15.12 19.03 64.31
C HIS U 731 15.89 18.31 65.41
N VAL U 732 15.43 18.45 66.65
CA VAL U 732 16.06 17.78 67.78
C VAL U 732 15.58 16.34 67.82
N ILE U 733 16.53 15.41 67.82
CA ILE U 733 16.23 13.98 67.79
C ILE U 733 16.24 13.37 69.18
N GLY U 734 17.28 13.62 69.96
CA GLY U 734 17.36 13.05 71.29
C GLY U 734 18.66 13.43 71.96
N LEU U 735 18.91 12.79 73.11
CA LEU U 735 20.09 13.05 73.91
C LEU U 735 21.10 11.91 73.73
N VAL U 736 22.35 12.22 74.02
CA VAL U 736 23.42 11.23 73.91
C VAL U 736 23.38 10.31 75.12
N GLY U 737 23.90 9.09 74.94
CA GLY U 737 23.91 8.09 76.00
C GLY U 737 25.30 7.53 76.23
N ASP U 738 25.38 6.66 77.24
CA ASP U 738 26.62 6.00 77.63
C ASP U 738 26.41 4.50 77.74
N ASP U 739 25.68 3.93 76.79
CA ASP U 739 25.36 2.50 76.84
C ASP U 739 26.61 1.64 76.66
N GLY U 740 27.58 2.11 75.86
CA GLY U 740 28.77 1.33 75.62
C GLY U 740 29.79 1.41 76.74
N SER U 741 30.24 2.62 77.04
CA SER U 741 31.22 2.85 78.09
C SER U 741 30.63 3.78 79.15
N PRO U 742 30.16 3.24 80.27
CA PRO U 742 29.62 4.10 81.34
C PRO U 742 30.66 5.11 81.83
N GLY U 743 30.20 6.32 82.12
CA GLY U 743 31.08 7.38 82.54
C GLY U 743 31.37 8.38 81.44
N SER U 744 31.56 7.89 80.22
CA SER U 744 31.81 8.72 79.06
C SER U 744 30.66 8.57 78.08
N TYR U 745 30.09 9.70 77.65
CA TYR U 745 28.96 9.70 76.74
C TYR U 745 29.43 9.90 75.30
N HIS U 746 28.72 9.25 74.38
CA HIS U 746 29.08 9.30 72.97
C HIS U 746 27.81 9.08 72.16
N LEU U 747 27.96 9.17 70.83
CA LEU U 747 26.85 8.96 69.91
C LEU U 747 27.33 8.05 68.78
N HIS U 748 26.64 6.92 68.60
CA HIS U 748 26.92 6.01 67.51
C HIS U 748 26.20 6.52 66.26
N TRP U 749 26.96 6.96 65.27
CA TRP U 749 26.42 7.56 64.06
C TRP U 749 26.77 6.68 62.87
N GLU U 750 25.76 6.28 62.11
CA GLU U 750 25.94 5.33 61.01
C GLU U 750 25.05 5.74 59.84
N VAL U 751 25.59 5.63 58.63
CA VAL U 751 24.90 6.01 57.41
C VAL U 751 24.81 4.79 56.51
N ARG U 752 23.61 4.54 55.97
CA ARG U 752 23.34 3.37 55.15
C ARG U 752 22.55 3.77 53.91
N ASP U 753 22.64 2.94 52.88
CA ASP U 753 21.77 3.06 51.72
C ASP U 753 20.54 2.18 51.81
N ASN U 754 20.44 1.35 52.85
CA ASN U 754 19.30 0.47 53.06
C ASN U 754 18.90 0.53 54.54
N ASP U 755 17.72 -0.01 54.83
CA ASP U 755 17.18 -0.03 56.20
C ASP U 755 17.47 -1.35 56.90
N GLY U 756 18.61 -1.96 56.63
CA GLY U 756 18.98 -3.22 57.25
C GLY U 756 19.58 -3.03 58.62
N TYR U 757 20.27 -4.07 59.09
CA TYR U 757 20.85 -4.09 60.42
C TYR U 757 22.25 -4.68 60.40
N GLY U 758 22.86 -4.75 59.22
CA GLY U 758 24.16 -5.37 59.10
C GLY U 758 25.23 -4.41 58.60
N ALA U 759 26.43 -4.94 58.39
CA ALA U 759 27.55 -4.14 57.87
C ALA U 759 27.59 -4.13 56.35
N ASN U 760 26.63 -4.78 55.68
CA ASN U 760 26.59 -4.82 54.23
C ASN U 760 25.75 -3.65 53.73
N GLY U 761 26.43 -2.55 53.42
CA GLY U 761 25.75 -1.36 52.95
C GLY U 761 26.06 -0.13 53.79
N THR U 762 27.11 -0.21 54.60
CA THR U 762 27.47 0.88 55.50
C THR U 762 28.51 1.78 54.83
N VAL U 763 28.34 3.08 55.03
CA VAL U 763 29.23 4.10 54.51
C VAL U 763 29.74 4.93 55.68
N ASN U 764 31.03 5.25 55.66
CA ASN U 764 31.64 6.03 56.72
C ASN U 764 30.99 7.42 56.78
N PRO U 765 30.40 7.81 57.91
CA PRO U 765 29.71 9.10 57.95
C PRO U 765 30.60 10.30 57.64
N LEU U 766 31.86 10.28 58.10
CA LEU U 766 32.74 11.41 57.86
C LEU U 766 33.04 11.57 56.38
N LYS U 767 33.40 10.47 55.71
CA LYS U 767 33.67 10.53 54.28
C LYS U 767 32.42 10.93 53.50
N TYR U 768 31.25 10.41 53.92
CA TYR U 768 30.01 10.74 53.21
C TYR U 768 29.69 12.23 53.35
N MET U 769 29.82 12.79 54.55
CA MET U 769 29.51 14.20 54.74
C MET U 769 30.60 15.11 54.16
N GLY U 770 31.80 14.59 53.96
CA GLY U 770 32.84 15.42 53.37
C GLY U 770 32.54 15.78 51.92
N GLY U 771 31.91 14.87 51.19
CA GLY U 771 31.68 15.04 49.77
C GLY U 771 30.27 15.43 49.35
N VAL U 772 29.43 15.87 50.28
CA VAL U 772 28.08 16.31 49.96
C VAL U 772 27.99 17.81 50.11
N ASN U 773 27.06 18.42 49.36
CA ASN U 773 26.82 19.85 49.43
C ASN U 773 25.81 20.13 50.55
N PHE U 774 26.19 21.01 51.47
CA PHE U 774 25.34 21.31 52.61
C PHE U 774 25.45 22.78 52.97
N LYS U 775 24.41 23.29 53.63
CA LYS U 775 24.38 24.65 54.14
C LYS U 775 24.30 24.56 55.66
N GLU U 776 25.38 24.90 56.34
CA GLU U 776 25.49 24.66 57.78
C GLU U 776 24.69 25.64 58.62
N SER U 777 24.31 26.78 58.06
CA SER U 777 23.59 27.80 58.82
C SER U 777 22.37 28.27 58.05
N SER U 778 21.29 28.52 58.78
CA SER U 778 20.06 29.06 58.20
C SER U 778 19.67 30.39 58.84
N ALA U 779 20.47 30.91 59.77
CA ALA U 779 20.18 32.19 60.42
C ALA U 779 20.49 33.34 59.48
N PRO U 780 19.67 34.39 59.49
CA PRO U 780 19.94 35.54 58.63
C PRO U 780 21.21 36.26 59.08
N PRO U 781 21.91 36.89 58.16
CA PRO U 781 23.09 37.66 58.55
C PRO U 781 22.69 38.84 59.41
N PRO U 782 23.59 39.33 60.27
CA PRO U 782 23.23 40.44 61.15
C PRO U 782 22.98 41.72 60.38
N GLN U 783 22.10 42.54 60.94
CA GLN U 783 21.70 43.80 60.32
C GLN U 783 22.45 44.94 60.99
N GLY U 784 23.09 45.78 60.20
CA GLY U 784 23.89 46.88 60.71
C GLY U 784 23.96 48.03 59.73
N ASN U 785 25.12 48.67 59.68
CA ASN U 785 25.35 49.84 58.84
C ASN U 785 25.96 49.40 57.51
N THR U 786 25.39 49.88 56.41
CA THR U 786 25.88 49.58 55.07
C THR U 786 26.40 50.83 54.38
N ASN U 787 27.00 51.74 55.15
CA ASN U 787 27.58 52.96 54.60
C ASN U 787 28.89 52.60 53.91
N GLY U 788 28.76 52.03 52.71
CA GLY U 788 29.91 51.59 51.95
C GLY U 788 29.64 50.29 51.21
N TRP U 789 28.65 49.54 51.67
CA TRP U 789 28.20 48.33 50.99
C TRP U 789 27.02 48.65 50.07
N GLY U 790 27.24 49.60 49.17
CA GLY U 790 26.23 50.04 48.22
C GLY U 790 26.59 49.61 46.81
N TYR U 791 25.57 49.36 46.01
CA TYR U 791 25.73 48.92 44.63
C TYR U 791 25.20 50.00 43.70
N ASN U 792 26.04 50.43 42.77
CA ASN U 792 25.65 51.38 41.73
C ASN U 792 25.72 50.67 40.39
N VAL U 793 24.60 50.68 39.66
CA VAL U 793 24.54 49.93 38.40
C VAL U 793 25.45 50.56 37.36
N ASN U 794 25.55 51.90 37.34
CA ASN U 794 26.42 52.57 36.39
C ASN U 794 27.88 52.42 36.76
N ASN U 795 28.21 52.43 38.05
CA ASN U 795 29.59 52.34 38.53
C ASN U 795 29.67 51.21 39.55
N PRO U 796 29.76 49.95 39.09
CA PRO U 796 29.85 48.84 40.02
C PRO U 796 31.12 48.93 40.84
N PRO U 797 31.10 48.42 42.08
CA PRO U 797 32.29 48.50 42.92
C PRO U 797 33.44 47.69 42.33
N THR U 798 34.66 48.18 42.57
CA THR U 798 35.85 47.51 42.05
C THR U 798 36.26 46.32 42.89
N ALA U 799 36.11 46.42 44.21
CA ALA U 799 36.56 45.39 45.14
C ALA U 799 35.35 44.66 45.72
N ARG U 800 35.41 43.33 45.68
CA ARG U 800 34.34 42.48 46.19
C ARG U 800 34.93 41.39 47.06
N VAL U 801 34.10 40.85 47.95
CA VAL U 801 34.51 39.79 48.86
C VAL U 801 33.51 38.66 48.74
N PRO U 802 33.89 37.44 49.13
CA PRO U 802 32.93 36.32 49.08
C PRO U 802 31.70 36.58 49.93
N ALA U 803 30.58 36.01 49.50
CA ALA U 803 29.29 36.32 50.11
C ALA U 803 29.21 35.91 51.57
N ASN U 804 30.06 34.98 52.01
CA ASN U 804 30.04 34.54 53.41
C ASN U 804 30.75 35.52 54.34
N ALA U 805 31.04 36.74 53.87
CA ALA U 805 31.68 37.74 54.70
C ALA U 805 30.68 38.37 55.65
N ILE U 806 31.20 39.17 56.58
CA ILE U 806 30.38 39.94 57.52
C ILE U 806 30.46 41.41 57.10
N LYS U 807 29.29 42.01 56.87
CA LYS U 807 29.23 43.39 56.38
C LYS U 807 29.37 44.35 57.56
N LEU U 808 30.60 44.69 57.89
CA LEU U 808 30.89 45.65 58.93
C LEU U 808 30.69 47.07 58.42
N PRO U 809 30.43 48.02 59.32
CA PRO U 809 30.17 49.40 58.86
C PRO U 809 31.41 50.02 58.22
N ASN U 810 31.16 51.00 57.35
CA ASN U 810 32.21 51.76 56.67
C ASN U 810 33.07 50.87 55.77
N GLY U 811 32.45 49.89 55.12
CA GLY U 811 33.13 49.09 54.13
C GLY U 811 34.11 48.06 54.67
N LYS U 812 34.05 47.75 55.95
CA LYS U 812 34.94 46.75 56.53
C LYS U 812 34.29 45.37 56.49
N PHE U 813 35.13 44.34 56.60
CA PHE U 813 34.67 42.96 56.53
C PHE U 813 35.60 42.08 57.36
N LEU U 814 35.17 40.84 57.57
CA LEU U 814 35.89 39.88 58.39
C LEU U 814 35.74 38.49 57.79
N VAL U 815 36.83 37.95 57.23
CA VAL U 815 36.78 36.67 56.52
C VAL U 815 37.96 35.82 56.96
N ASN U 816 37.67 34.57 57.33
CA ASN U 816 38.67 33.58 57.80
C ASN U 816 39.57 34.17 58.89
N ASN U 817 38.95 34.66 59.95
CA ASN U 817 39.63 35.17 61.15
C ASN U 817 40.50 36.38 60.87
N ARG U 818 40.38 36.98 59.69
CA ARG U 818 41.11 38.18 59.33
C ARG U 818 40.11 39.25 58.91
N THR U 819 40.35 40.49 59.33
CA THR U 819 39.45 41.59 59.07
C THR U 819 40.21 42.73 58.40
N GLY U 820 39.49 43.48 57.58
CA GLY U 820 40.09 44.58 56.85
C GLY U 820 39.04 45.40 56.14
N ALA U 821 39.50 46.17 55.16
CA ALA U 821 38.64 47.05 54.39
C ALA U 821 38.64 46.62 52.93
N LEU U 822 37.57 46.99 52.23
CA LEU U 822 37.45 46.67 50.80
C LEU U 822 38.48 47.45 50.00
N GLY U 823 39.23 46.74 49.15
CA GLY U 823 40.26 47.35 48.35
C GLY U 823 41.60 47.50 49.03
N ASN U 824 41.69 47.18 50.32
CA ASN U 824 42.94 47.28 51.06
C ASN U 824 43.51 45.89 51.26
N PRO U 825 44.67 45.56 50.68
CA PRO U 825 45.22 44.21 50.86
C PRO U 825 45.73 43.92 52.26
N THR U 826 45.90 44.95 53.10
CA THR U 826 46.38 44.75 54.46
C THR U 826 45.28 44.13 55.31
N ALA U 827 45.56 42.96 55.88
CA ALA U 827 44.60 42.23 56.70
C ALA U 827 45.11 42.14 58.12
N ARG U 828 44.23 42.44 59.08
CA ARG U 828 44.56 42.38 60.50
C ARG U 828 43.82 41.22 61.15
N ALA U 829 44.47 40.61 62.15
CA ALA U 829 43.86 39.49 62.85
C ALA U 829 42.60 39.94 63.58
N ALA U 830 41.55 39.11 63.50
CA ALA U 830 40.28 39.45 64.13
C ALA U 830 40.42 39.50 65.65
N SER U 831 41.17 38.56 66.23
CA SER U 831 41.32 38.51 67.68
C SER U 831 42.16 39.67 68.22
N GLU U 832 42.99 40.29 67.37
CA GLU U 832 43.84 41.38 67.83
C GLU U 832 43.13 42.73 67.80
N GLN U 833 42.33 42.99 66.77
CA GLN U 833 41.67 44.29 66.65
C GLN U 833 40.35 44.33 67.41
N TYR U 834 39.56 43.26 67.34
CA TYR U 834 38.27 43.19 68.03
C TYR U 834 38.46 42.41 69.32
N THR U 835 38.39 43.11 70.46
CA THR U 835 38.58 42.52 71.78
C THR U 835 37.30 42.73 72.59
N VAL U 836 37.38 42.37 73.89
CA VAL U 836 36.24 42.56 74.77
C VAL U 836 35.94 44.04 74.99
N GLY U 837 36.98 44.88 74.97
CA GLY U 837 36.76 46.31 75.13
C GLY U 837 36.16 46.97 73.91
N ARG U 838 36.40 46.42 72.73
CA ARG U 838 35.84 46.92 71.47
C ARG U 838 35.28 45.73 70.71
N PRO U 839 34.08 45.28 71.04
CA PRO U 839 33.50 44.11 70.38
C PRO U 839 33.04 44.44 68.97
N VAL U 840 32.78 43.38 68.21
CA VAL U 840 32.35 43.51 66.82
C VAL U 840 30.93 44.07 66.83
N ASN U 841 30.79 45.33 66.42
CA ASN U 841 29.50 45.99 66.31
C ASN U 841 29.22 46.32 64.85
N THR U 842 28.08 45.85 64.36
CA THR U 842 27.71 46.11 62.96
C THR U 842 27.25 47.54 62.73
N GLY U 843 27.03 48.31 63.79
CA GLY U 843 26.66 49.71 63.64
C GLY U 843 25.22 49.88 63.21
N LYS U 844 24.85 51.14 62.99
CA LYS U 844 23.52 51.49 62.53
C LYS U 844 23.62 52.66 61.55
N VAL U 845 22.62 52.78 60.70
CA VAL U 845 22.54 53.87 59.73
C VAL U 845 21.83 55.05 60.37
N SER U 846 22.44 56.23 60.28
CA SER U 846 21.83 57.43 60.85
C SER U 846 20.54 57.77 60.12
N GLY U 847 19.51 58.12 60.89
CA GLY U 847 18.21 58.43 60.34
C GLY U 847 18.00 59.87 59.92
N SER U 848 19.02 60.73 60.05
CA SER U 848 18.87 62.12 59.68
C SER U 848 20.09 62.69 58.95
N SER U 849 21.09 61.87 58.62
CA SER U 849 22.31 62.34 57.97
C SER U 849 22.44 61.69 56.60
N TRP U 850 22.69 62.51 55.58
CA TRP U 850 22.91 62.02 54.23
C TRP U 850 23.78 63.01 53.49
N SER U 851 24.36 62.54 52.37
CA SER U 851 25.32 63.35 51.62
C SER U 851 24.69 64.58 50.99
N GLY U 852 23.37 64.60 50.83
CA GLY U 852 22.69 65.73 50.23
C GLY U 852 22.47 65.62 48.73
N THR U 853 23.12 64.67 48.06
CA THR U 853 22.96 64.47 46.63
C THR U 853 22.61 63.01 46.37
N ASN U 854 21.66 62.78 45.48
CA ASN U 854 21.24 61.43 45.10
C ASN U 854 21.81 61.12 43.71
N ASP U 855 22.53 60.00 43.63
CA ASP U 855 23.18 59.59 42.39
C ASP U 855 22.26 58.64 41.62
N TYR U 856 22.05 58.93 40.35
CA TYR U 856 21.23 58.06 39.51
C TYR U 856 21.90 56.71 39.35
N GLY U 857 21.11 55.65 39.44
CA GLY U 857 21.63 54.30 39.37
C GLY U 857 22.02 53.70 40.70
N GLU U 858 21.96 54.46 41.79
CA GLU U 858 22.26 53.93 43.11
C GLU U 858 21.15 52.98 43.54
N THR U 859 21.49 51.70 43.66
CA THR U 859 20.49 50.67 43.93
C THR U 859 20.19 50.49 45.41
N TYR U 860 21.07 50.94 46.30
CA TYR U 860 20.89 50.82 47.74
C TYR U 860 20.69 49.37 48.17
N GLY U 861 21.28 48.44 47.42
CA GLY U 861 21.20 47.04 47.76
C GLY U 861 19.96 46.32 47.30
N TYR U 862 19.12 46.95 46.49
CA TYR U 862 17.86 46.37 46.04
C TYR U 862 17.99 45.89 44.61
N ALA U 863 17.58 44.64 44.35
CA ALA U 863 17.72 44.07 43.02
C ALA U 863 16.74 44.70 42.03
N TYR U 864 15.55 45.10 42.49
CA TYR U 864 14.58 45.71 41.58
C TYR U 864 15.11 47.03 41.02
N LEU U 865 15.78 47.82 41.86
CA LEU U 865 16.37 49.07 41.38
C LEU U 865 17.50 48.81 40.40
N ALA U 866 18.31 47.77 40.64
CA ALA U 866 19.40 47.44 39.72
C ALA U 866 18.89 46.94 38.38
N ASN U 867 17.79 46.19 38.38
CA ASN U 867 17.27 45.62 37.15
C ASN U 867 16.35 46.56 36.38
N ASN U 868 15.96 47.69 36.98
CA ASN U 868 15.13 48.70 36.32
C ASN U 868 15.79 50.05 36.49
N PRO U 869 16.85 50.32 35.71
CA PRO U 869 17.56 51.60 35.88
C PRO U 869 16.71 52.83 35.64
N GLU U 870 15.71 52.74 34.74
CA GLU U 870 14.82 53.88 34.53
C GLU U 870 14.03 54.20 35.78
N PHE U 871 13.54 53.16 36.48
CA PHE U 871 12.83 53.38 37.74
C PHE U 871 13.76 53.99 38.79
N THR U 872 15.01 53.54 38.84
CA THR U 872 15.97 54.12 39.77
C THR U 872 16.22 55.58 39.47
N LYS U 873 16.36 55.93 38.19
CA LYS U 873 16.57 57.32 37.80
C LYS U 873 15.38 58.18 38.19
N LYS U 874 14.17 57.69 37.91
CA LYS U 874 12.97 58.47 38.25
C LYS U 874 12.84 58.63 39.76
N LEU U 875 13.17 57.59 40.52
CA LEU U 875 13.11 57.67 41.98
C LEU U 875 14.14 58.66 42.52
N ALA U 876 15.34 58.67 41.92
CA ALA U 876 16.34 59.65 42.33
C ALA U 876 15.88 61.07 42.03
N ILE U 877 15.26 61.28 40.86
CA ILE U 877 14.73 62.59 40.53
C ILE U 877 13.69 63.01 41.57
N THR U 878 12.76 62.11 41.89
CA THR U 878 11.71 62.44 42.85
C THR U 878 12.29 62.75 44.22
N ALA U 879 13.25 61.95 44.67
CA ALA U 879 13.85 62.17 45.98
C ALA U 879 14.60 63.50 46.03
N THR U 880 15.35 63.83 44.98
CA THR U 880 16.06 65.10 44.94
C THR U 880 15.09 66.27 44.92
N ARG U 881 14.00 66.14 44.16
CA ARG U 881 13.01 67.20 44.11
C ARG U 881 12.34 67.41 45.46
N LEU U 882 12.05 66.31 46.17
CA LEU U 882 11.43 66.41 47.49
C LEU U 882 12.38 66.87 48.57
N GLY U 883 13.69 66.88 48.30
CA GLY U 883 14.66 67.29 49.31
C GLY U 883 14.99 66.22 50.32
N ILE U 884 14.70 64.95 50.03
CA ILE U 884 14.97 63.86 50.96
C ILE U 884 15.96 62.89 50.31
N SER U 885 16.60 62.11 51.15
CA SER U 885 17.51 61.07 50.66
C SER U 885 16.72 59.99 49.92
N ALA U 886 17.30 59.51 48.83
CA ALA U 886 16.64 58.46 48.06
C ALA U 886 16.56 57.17 48.86
N GLN U 887 17.50 56.94 49.77
CA GLN U 887 17.52 55.69 50.53
C GLN U 887 16.28 55.55 51.40
N TRP U 888 15.84 56.64 52.04
CA TRP U 888 14.68 56.57 52.91
C TRP U 888 13.43 56.16 52.13
N LEU U 889 13.16 56.85 51.02
CA LEU U 889 11.98 56.53 50.22
C LEU U 889 12.10 55.14 49.62
N VAL U 890 13.30 54.74 49.20
CA VAL U 890 13.52 53.40 48.67
C VAL U 890 13.13 52.36 49.71
N ASP U 891 13.62 52.52 50.94
CA ASP U 891 13.33 51.56 51.99
C ASP U 891 11.85 51.53 52.33
N ILE U 892 11.22 52.69 52.41
CA ILE U 892 9.80 52.75 52.75
C ILE U 892 8.96 52.06 51.67
N MET U 893 9.23 52.36 50.41
CA MET U 893 8.47 51.74 49.32
C MET U 893 8.73 50.24 49.26
N ALA U 894 9.97 49.82 49.50
CA ALA U 894 10.28 48.38 49.47
C ALA U 894 9.54 47.65 50.57
N PHE U 895 9.48 48.23 51.77
CA PHE U 895 8.74 47.60 52.85
C PHE U 895 7.24 47.58 52.55
N GLU U 896 6.71 48.68 52.00
CA GLU U 896 5.27 48.78 51.76
C GLU U 896 4.80 47.87 50.64
N THR U 897 5.69 47.42 49.76
CA THR U 897 5.31 46.61 48.61
C THR U 897 5.92 45.21 48.64
N GLY U 898 6.47 44.80 49.78
CA GLY U 898 7.10 43.50 49.87
C GLY U 898 8.28 43.35 48.92
N ASN U 899 9.17 44.34 48.95
CA ASN U 899 10.37 44.37 48.08
C ASN U 899 9.98 44.42 46.61
N PHE U 900 9.06 45.34 46.29
CA PHE U 900 8.67 45.68 44.92
C PHE U 900 8.02 44.50 44.19
N LYS U 901 7.58 43.48 44.91
CA LYS U 901 6.90 42.35 44.29
C LYS U 901 5.39 42.49 44.30
N LYS U 902 4.85 43.55 44.91
CA LYS U 902 3.41 43.73 45.06
C LYS U 902 2.99 45.15 44.73
N ALA U 903 3.75 45.84 43.88
CA ALA U 903 3.45 47.24 43.57
C ALA U 903 2.16 47.36 42.75
N THR U 904 1.97 46.47 41.77
CA THR U 904 0.83 46.53 40.87
C THR U 904 -0.18 45.41 41.17
N ASN U 905 -0.36 45.09 42.44
CA ASN U 905 -1.31 44.08 42.88
C ASN U 905 -2.52 44.78 43.48
N TRP U 906 -3.69 44.56 42.88
CA TRP U 906 -4.91 45.23 43.31
C TRP U 906 -5.88 44.30 44.04
N SER U 907 -5.40 43.15 44.50
CA SER U 907 -6.25 42.26 45.30
C SER U 907 -5.53 41.64 46.49
N HIS U 908 -4.23 41.90 46.69
CA HIS U 908 -3.54 41.32 47.83
C HIS U 908 -4.09 41.88 49.15
N SER U 909 -4.34 43.19 49.19
CA SER U 909 -4.77 43.85 50.42
C SER U 909 -6.29 43.78 50.51
N ARG U 910 -6.79 43.21 51.61
CA ARG U 910 -8.23 43.07 51.79
C ARG U 910 -8.90 44.41 52.13
N THR U 911 -8.13 45.40 52.57
CA THR U 911 -8.66 46.73 52.85
C THR U 911 -8.53 47.69 51.68
N GLY U 912 -7.93 47.25 50.57
CA GLY U 912 -7.82 48.07 49.39
C GLY U 912 -6.64 49.03 49.40
N VAL U 913 -5.46 48.50 49.68
CA VAL U 913 -4.23 49.30 49.74
C VAL U 913 -3.30 48.82 48.64
N VAL U 914 -2.94 49.73 47.73
CA VAL U 914 -2.05 49.42 46.61
C VAL U 914 -1.03 50.55 46.50
N GLY U 915 -0.14 50.40 45.52
CA GLY U 915 0.82 51.44 45.19
C GLY U 915 2.16 51.24 45.86
N LEU U 916 3.11 52.09 45.47
CA LEU U 916 4.45 52.02 46.03
C LEU U 916 4.45 52.36 47.51
N ILE U 917 3.68 53.36 47.91
CA ILE U 917 3.67 53.82 49.29
C ILE U 917 2.38 53.41 50.00
N GLY U 918 1.60 52.51 49.42
CA GLY U 918 0.39 52.04 50.05
C GLY U 918 -0.74 53.04 50.02
N PHE U 919 -1.25 53.34 48.83
CA PHE U 919 -2.32 54.32 48.68
C PHE U 919 -3.64 53.76 49.20
N THR U 920 -4.23 54.44 50.17
CA THR U 920 -5.55 54.09 50.66
C THR U 920 -6.62 54.68 49.74
N PRO U 921 -7.84 54.13 49.76
CA PRO U 921 -8.90 54.70 48.92
C PRO U 921 -9.16 56.17 49.20
N ALA U 922 -9.09 56.61 50.46
CA ALA U 922 -9.23 58.02 50.77
C ALA U 922 -8.09 58.82 50.16
N THR U 923 -6.85 58.32 50.26
CA THR U 923 -5.71 58.99 49.64
C THR U 923 -5.86 59.03 48.12
N ALA U 924 -6.32 57.92 47.53
CA ALA U 924 -6.52 57.89 46.08
C ALA U 924 -7.56 58.93 45.65
N ARG U 925 -8.66 59.03 46.40
CA ARG U 925 -9.67 60.05 46.09
C ARG U 925 -9.11 61.45 46.25
N ALA U 926 -8.29 61.67 47.27
CA ALA U 926 -7.67 62.98 47.47
C ALA U 926 -6.76 63.34 46.30
N LEU U 927 -5.99 62.38 45.80
CA LEU U 927 -5.09 62.64 44.68
C LEU U 927 -5.82 62.83 43.36
N GLY U 928 -7.12 62.57 43.31
CA GLY U 928 -7.88 62.74 42.08
C GLY U 928 -8.02 61.52 41.21
N THR U 929 -7.61 60.35 41.71
CA THR U 929 -7.71 59.12 40.94
C THR U 929 -8.39 58.03 41.77
N THR U 930 -8.38 56.80 41.28
CA THR U 930 -8.96 55.68 42.00
C THR U 930 -7.89 54.64 42.33
N THR U 931 -8.20 53.80 43.31
CA THR U 931 -7.24 52.79 43.77
C THR U 931 -6.89 51.81 42.67
N TYR U 932 -7.90 51.39 41.88
CA TYR U 932 -7.66 50.44 40.80
C TYR U 932 -6.69 51.02 39.77
N ALA U 933 -6.88 52.29 39.40
CA ALA U 933 -5.97 52.93 38.46
C ALA U 933 -4.56 53.04 39.03
N LEU U 934 -4.44 53.38 40.31
CA LEU U 934 -3.12 53.47 40.93
C LEU U 934 -2.42 52.11 40.91
N ALA U 935 -3.17 51.03 41.14
CA ALA U 935 -2.57 49.71 41.04
C ALA U 935 -2.20 49.36 39.61
N LYS U 936 -2.98 49.83 38.64
CA LYS U 936 -2.74 49.46 37.24
C LYS U 936 -1.48 50.10 36.67
N MET U 937 -1.18 51.34 37.07
CA MET U 937 -0.04 52.04 36.49
C MET U 937 1.28 51.40 36.93
N PRO U 938 2.30 51.43 36.08
CA PRO U 938 3.61 50.91 36.46
C PRO U 938 4.25 51.78 37.53
N PRO U 939 5.22 51.24 38.28
CA PRO U 939 5.82 52.03 39.37
C PRO U 939 6.46 53.33 38.91
N GLU U 940 7.03 53.37 37.70
CA GLU U 940 7.63 54.60 37.22
C GLU U 940 6.60 55.71 37.11
N LYS U 941 5.39 55.40 36.64
CA LYS U 941 4.33 56.39 36.61
C LYS U 941 3.74 56.64 37.99
N GLN U 942 3.76 55.61 38.86
CA GLN U 942 3.28 55.79 40.23
C GLN U 942 4.17 56.73 41.03
N LEU U 943 5.44 56.89 40.65
CA LEU U 943 6.30 57.83 41.34
C LEU U 943 5.80 59.25 41.22
N ASP U 944 5.15 59.59 40.10
CA ASP U 944 4.55 60.91 39.97
C ASP U 944 3.49 61.15 41.03
N TYR U 945 2.62 60.17 41.25
CA TYR U 945 1.60 60.32 42.27
C TYR U 945 2.19 60.28 43.67
N VAL U 946 3.28 59.53 43.87
CA VAL U 946 3.97 59.57 45.16
C VAL U 946 4.49 60.97 45.44
N TYR U 947 5.11 61.59 44.43
CA TYR U 947 5.60 62.96 44.59
C TYR U 947 4.46 63.93 44.84
N LYS U 948 3.35 63.75 44.13
CA LYS U 948 2.19 64.62 44.33
C LYS U 948 1.66 64.51 45.76
N TYR U 949 1.56 63.27 46.28
CA TYR U 949 1.10 63.09 47.64
C TYR U 949 2.06 63.68 48.66
N LEU U 950 3.36 63.52 48.43
CA LEU U 950 4.36 64.04 49.36
C LEU U 950 4.60 65.54 49.20
N SER U 951 3.97 66.17 48.21
CA SER U 951 4.07 67.62 48.02
C SER U 951 3.04 68.38 48.84
N ASP U 952 2.26 67.69 49.66
CA ASP U 952 1.28 68.30 50.54
C ASP U 952 2.01 69.27 51.48
N PRO U 953 1.65 70.56 51.50
CA PRO U 953 2.41 71.49 52.36
C PRO U 953 2.13 71.32 53.84
N GLN U 954 1.17 70.47 54.22
CA GLN U 954 1.09 70.03 55.61
C GLN U 954 2.12 68.97 55.93
N LEU U 955 2.79 68.44 54.92
CA LEU U 955 3.83 67.45 55.09
C LEU U 955 5.18 67.89 54.58
N LYS U 956 5.23 68.58 53.43
CA LYS U 956 6.47 68.79 52.70
C LYS U 956 7.59 69.43 53.52
N PRO U 957 7.36 70.48 54.33
CA PRO U 957 8.48 71.08 55.06
C PRO U 957 9.20 70.10 56.00
N HIS U 958 8.52 69.06 56.47
CA HIS U 958 9.07 68.19 57.49
C HIS U 958 9.75 66.93 56.95
N LEU U 959 9.63 66.63 55.66
CA LEU U 959 10.28 65.42 55.15
C LEU U 959 11.80 65.52 55.22
N SER U 960 12.36 66.72 55.07
CA SER U 960 13.81 66.88 55.03
C SER U 960 14.48 66.71 56.38
N LYS U 961 13.71 66.60 57.47
CA LYS U 961 14.29 66.50 58.80
C LYS U 961 14.75 65.10 59.17
N GLY U 962 14.35 64.08 58.42
CA GLY U 962 14.81 62.74 58.71
C GLY U 962 13.90 61.70 58.09
N VAL U 963 14.33 60.44 58.19
CA VAL U 963 13.55 59.33 57.66
C VAL U 963 12.29 59.11 58.48
N GLU U 964 12.34 59.40 59.78
CA GLU U 964 11.17 59.18 60.63
C GLU U 964 9.98 60.04 60.20
N TYR U 965 10.24 61.28 59.79
CA TYR U 965 9.16 62.15 59.35
C TYR U 965 8.53 61.65 58.06
N VAL U 966 9.35 61.21 57.11
CA VAL U 966 8.82 60.67 55.86
C VAL U 966 8.00 59.41 56.13
N ALA U 967 8.51 58.52 56.99
CA ALA U 967 7.79 57.31 57.33
C ALA U 967 6.47 57.63 58.01
N ALA U 968 6.46 58.61 58.92
CA ALA U 968 5.23 59.00 59.59
C ALA U 968 4.23 59.58 58.60
N SER U 969 4.70 60.40 57.65
CA SER U 969 3.81 60.97 56.65
C SER U 969 3.19 59.89 55.78
N ILE U 970 3.99 58.90 55.38
CA ILE U 970 3.46 57.84 54.53
C ILE U 970 2.54 56.90 55.33
N PHE U 971 2.81 56.73 56.63
CA PHE U 971 2.06 55.78 57.44
C PHE U 971 0.74 56.36 57.92
N GLY U 972 0.79 57.46 58.66
CA GLY U 972 -0.40 58.03 59.26
C GLY U 972 -0.93 59.27 58.56
N GLY U 973 -0.06 59.98 57.85
CA GLY U 973 -0.48 61.17 57.13
C GLY U 973 -0.25 62.46 57.89
N SER U 974 -1.06 63.48 57.59
CA SER U 974 -0.88 64.79 58.22
C SER U 974 -1.03 64.78 59.73
N PRO U 975 -2.07 64.17 60.33
CA PRO U 975 -2.18 64.27 61.81
C PRO U 975 -1.04 63.57 62.54
N LEU U 976 -0.53 62.47 62.01
CA LEU U 976 0.62 61.81 62.64
C LEU U 976 1.84 62.73 62.60
N VAL U 977 2.07 63.42 61.48
CA VAL U 977 3.20 64.33 61.39
C VAL U 977 3.02 65.50 62.35
N ARG U 978 1.80 66.02 62.46
CA ARG U 978 1.56 67.10 63.42
C ARG U 978 1.82 66.66 64.84
N LYS U 979 1.34 65.47 65.22
CA LYS U 979 1.59 64.95 66.56
C LYS U 979 3.07 64.71 66.80
N MET U 980 3.79 64.26 65.76
CA MET U 980 5.24 64.11 65.88
C MET U 980 5.91 65.45 66.11
N VAL U 981 5.47 66.49 65.41
CA VAL U 981 6.08 67.81 65.56
C VAL U 981 5.83 68.36 66.95
N ASN U 982 4.59 68.30 67.43
CA ASN U 982 4.29 68.82 68.77
C ASN U 982 4.91 67.94 69.85
N ASN U 983 4.83 66.62 69.70
CA ASN U 983 5.34 65.67 70.70
C ASN U 983 6.14 64.59 69.98
N ARG U 984 7.46 64.77 69.93
CA ARG U 984 8.31 63.79 69.27
C ARG U 984 8.30 62.46 70.01
N SER U 985 8.37 62.48 71.34
CA SER U 985 8.40 61.25 72.11
C SER U 985 7.02 60.60 72.20
N GLY U 986 5.97 61.41 72.31
CA GLY U 986 4.64 60.86 72.45
C GLY U 986 4.17 60.10 71.22
N ALA U 987 4.57 60.56 70.04
CA ALA U 987 4.12 59.91 68.80
C ALA U 987 4.73 58.53 68.62
N MET U 988 5.80 58.19 69.34
CA MET U 988 6.47 56.91 69.20
C MET U 988 6.30 56.04 70.45
N GLN U 989 5.11 56.09 71.06
CA GLN U 989 4.85 55.27 72.23
C GLN U 989 4.76 53.80 71.86
N ARG U 990 5.25 52.94 72.76
CA ARG U 990 5.24 51.50 72.56
C ARG U 990 4.15 50.82 73.39
N GLY U 991 3.14 51.57 73.80
CA GLY U 991 2.08 51.01 74.63
C GLY U 991 1.04 50.23 73.84
N ASP U 992 1.12 48.91 73.92
CA ASP U 992 0.21 47.98 73.21
C ASP U 992 0.21 48.38 71.73
N GLY U 993 -0.95 48.40 71.06
CA GLY U 993 -1.02 48.82 69.67
C GLY U 993 -0.48 47.79 68.70
N ASP U 994 0.84 47.58 68.73
CA ASP U 994 1.54 46.61 67.89
C ASP U 994 1.52 47.01 66.42
N ILE U 995 0.85 48.11 66.10
CA ILE U 995 0.79 48.61 64.73
C ILE U 995 1.21 50.07 64.77
N ASN U 996 1.94 50.44 65.81
CA ASN U 996 2.36 51.83 65.98
C ASN U 996 3.57 52.13 65.09
N LEU U 997 4.08 53.36 65.21
CA LEU U 997 5.13 53.82 64.30
C LEU U 997 6.49 53.21 64.64
N GLN U 998 6.72 52.84 65.90
CA GLN U 998 8.02 52.31 66.29
C GLN U 998 8.33 51.02 65.53
N ASN U 999 7.36 50.11 65.46
CA ASN U 999 7.58 48.87 64.72
C ASN U 999 7.77 49.14 63.24
N TYR U 1000 7.01 50.09 62.70
CA TYR U 1000 7.14 50.45 61.29
C TYR U 1000 8.55 50.94 60.98
N LEU U 1001 9.13 51.75 61.87
CA LEU U 1001 10.52 52.17 61.70
C LEU U 1001 11.48 51.03 61.93
N LYS U 1002 11.13 50.09 62.82
CA LYS U 1002 12.00 48.94 63.08
C LYS U 1002 12.15 48.06 61.85
N LYS U 1003 11.07 47.87 61.10
CA LYS U 1003 11.11 47.00 59.92
C LYS U 1003 11.69 47.68 58.68
N LEU U 1004 12.01 48.97 58.75
CA LEU U 1004 12.54 49.68 57.60
C LEU U 1004 13.98 49.24 57.31
N GLY U 1005 14.28 49.01 56.04
CA GLY U 1005 15.62 48.64 55.64
C GLY U 1005 15.98 47.19 55.92
N ARG U 1006 15.01 46.38 56.33
CA ARG U 1006 15.28 45.01 56.74
C ARG U 1006 15.65 44.12 55.55
N ASP U 1007 15.09 44.38 54.38
CA ASP U 1007 15.31 43.48 53.24
C ASP U 1007 16.75 43.50 52.75
N VAL U 1008 17.53 44.51 53.11
CA VAL U 1008 18.91 44.64 52.63
C VAL U 1008 19.92 44.65 53.77
N GLY U 1009 19.49 44.51 55.01
CA GLY U 1009 20.40 44.52 56.13
C GLY U 1009 20.69 45.89 56.72
N ARG U 1010 19.74 46.82 56.64
CA ARG U 1010 19.91 48.16 57.18
C ARG U 1010 18.93 48.40 58.32
N ARG U 1011 19.43 48.92 59.43
CA ARG U 1011 18.60 49.35 60.53
C ARG U 1011 18.94 50.80 60.86
N TYR U 1012 17.91 51.61 61.08
CA TYR U 1012 18.09 53.04 61.29
C TYR U 1012 18.21 53.35 62.78
N ASP U 1013 19.11 54.29 63.09
CA ASP U 1013 19.30 54.77 64.46
C ASP U 1013 18.58 56.12 64.55
N ILE U 1014 17.36 56.10 65.06
CA ILE U 1014 16.51 57.28 65.14
C ILE U 1014 16.45 57.74 66.59
N ARG U 1015 16.66 59.03 66.81
CA ARG U 1015 16.62 59.58 68.16
C ARG U 1015 15.22 59.44 68.75
N SER U 1016 15.17 59.23 70.07
CA SER U 1016 13.96 59.02 70.84
C SER U 1016 13.23 57.73 70.47
N MET U 1017 13.85 56.88 69.65
CA MET U 1017 13.26 55.61 69.26
C MET U 1017 14.19 54.43 69.46
N SER U 1018 15.48 54.61 69.25
CA SER U 1018 16.44 53.51 69.28
C SER U 1018 17.16 53.37 70.61
N ARG U 1019 16.71 54.08 71.65
CA ARG U 1019 17.29 53.89 72.98
C ARG U 1019 17.10 52.46 73.46
N ALA U 1020 15.89 51.91 73.27
CA ALA U 1020 15.64 50.53 73.68
C ALA U 1020 16.48 49.55 72.90
N ASP U 1021 16.62 49.76 71.58
CA ASP U 1021 17.45 48.88 70.77
C ASP U 1021 18.91 48.94 71.20
N ARG U 1022 19.42 50.14 71.47
CA ARG U 1022 20.81 50.27 71.88
C ARG U 1022 21.06 49.64 73.25
N LEU U 1023 20.12 49.83 74.19
CA LEU U 1023 20.32 49.30 75.53
C LEU U 1023 20.18 47.78 75.56
N ILE U 1024 19.14 47.26 74.90
CA ILE U 1024 18.91 45.81 74.90
C ILE U 1024 20.00 45.10 74.10
N GLY U 1025 20.46 45.69 73.02
CA GLY U 1025 21.46 45.10 72.17
C GLY U 1025 22.89 45.35 72.59
N SER U 1026 23.13 45.82 73.82
CA SER U 1026 24.47 46.13 74.30
C SER U 1026 25.11 44.97 75.05
N ALA U 1027 24.64 43.75 74.85
CA ALA U 1027 25.21 42.59 75.50
C ALA U 1027 26.33 42.02 74.64
N VAL U 1028 27.43 41.62 75.29
CA VAL U 1028 28.61 41.12 74.60
C VAL U 1028 28.67 39.61 74.77
N HIS U 1029 28.80 38.89 73.66
CA HIS U 1029 28.92 37.44 73.65
C HIS U 1029 30.36 37.04 73.38
N THR U 1030 30.90 36.18 74.23
CA THR U 1030 32.24 35.62 74.04
C THR U 1030 32.20 34.19 73.51
N GLY U 1031 31.03 33.56 73.47
CA GLY U 1031 30.89 32.23 72.92
C GLY U 1031 29.79 32.18 71.89
N PHE U 1032 29.34 30.96 71.54
CA PHE U 1032 28.27 30.79 70.57
C PHE U 1032 26.93 30.66 71.27
N HIS U 1033 25.94 31.42 70.80
CA HIS U 1033 24.57 31.32 71.28
C HIS U 1033 23.65 31.11 70.09
N GLU U 1034 22.65 30.25 70.27
CA GLU U 1034 21.83 29.81 69.15
C GLU U 1034 21.03 30.96 68.54
N GLY U 1035 20.46 31.84 69.37
CA GLY U 1035 19.60 32.89 68.85
C GLY U 1035 20.33 34.04 68.21
N CYS U 1036 21.65 34.13 68.37
CA CYS U 1036 22.42 35.26 67.90
C CYS U 1036 22.78 35.08 66.43
N ALA U 1037 22.45 36.08 65.61
CA ALA U 1037 22.80 36.04 64.19
C ALA U 1037 24.27 36.35 63.95
N THR U 1038 24.88 37.18 64.81
CA THR U 1038 26.30 37.50 64.64
C THR U 1038 27.16 36.26 64.86
N CYS U 1039 26.80 35.41 65.82
CA CYS U 1039 27.54 34.16 66.01
C CYS U 1039 27.43 33.27 64.79
N ALA U 1040 26.24 33.17 64.20
CA ALA U 1040 26.06 32.36 63.00
C ALA U 1040 26.88 32.91 61.84
N ALA U 1041 26.91 34.23 61.68
CA ALA U 1041 27.71 34.84 60.62
C ALA U 1041 29.19 34.59 60.85
N LEU U 1042 29.66 34.70 62.09
CA LEU U 1042 31.06 34.44 62.38
C LEU U 1042 31.43 33.00 62.09
N ARG U 1043 30.57 32.05 62.44
CA ARG U 1043 30.84 30.65 62.14
C ARG U 1043 30.81 30.39 60.64
N SER U 1044 29.88 31.01 59.91
CA SER U 1044 29.78 30.80 58.48
C SER U 1044 30.97 31.41 57.74
N SER U 1045 31.52 32.52 58.23
CA SER U 1045 32.68 33.12 57.61
C SER U 1045 33.95 32.31 57.80
N GLY U 1046 33.91 31.27 58.64
CA GLY U 1046 35.09 30.48 58.94
C GLY U 1046 35.91 31.00 60.10
N SER U 1047 35.53 32.13 60.68
CA SER U 1047 36.28 32.73 61.76
C SER U 1047 35.85 32.17 63.10
N ASP U 1048 36.70 32.35 64.11
CA ASP U 1048 36.35 31.98 65.47
C ASP U 1048 35.41 33.01 66.07
N ILE U 1049 34.79 32.65 67.19
CA ILE U 1049 33.81 33.52 67.83
C ILE U 1049 34.55 34.60 68.62
N VAL U 1050 34.77 35.75 68.00
CA VAL U 1050 35.39 36.89 68.66
C VAL U 1050 34.32 37.64 69.44
N PRO U 1051 34.68 38.47 70.42
CA PRO U 1051 33.66 39.25 71.14
C PRO U 1051 32.85 40.11 70.18
N HIS U 1052 31.55 40.17 70.42
CA HIS U 1052 30.62 40.91 69.57
C HIS U 1052 29.37 41.25 70.38
N ASN U 1053 28.63 42.23 69.87
CA ASN U 1053 27.39 42.63 70.52
C ASN U 1053 26.27 41.63 70.21
N ALA U 1054 25.27 41.62 71.08
CA ALA U 1054 24.11 40.74 70.92
C ALA U 1054 23.20 41.32 69.85
N GLU U 1055 22.88 40.51 68.83
CA GLU U 1055 21.97 40.90 67.76
C GLU U 1055 20.92 39.80 67.64
N PHE U 1056 19.86 39.91 68.43
CA PHE U 1056 18.78 38.94 68.44
C PHE U 1056 17.64 39.44 67.54
N ASP U 1057 16.52 38.73 67.59
CA ASP U 1057 15.35 39.11 66.79
C ASP U 1057 14.06 38.70 67.48
N LYS V 38 -41.14 51.30 -50.06
CA LYS V 38 -39.75 50.89 -50.04
C LYS V 38 -39.25 50.73 -48.62
N THR V 39 -38.06 50.16 -48.47
CA THR V 39 -37.46 49.94 -47.16
C THR V 39 -36.59 51.16 -46.80
N GLN V 40 -35.78 51.02 -45.76
CA GLN V 40 -34.90 52.10 -45.34
C GLN V 40 -33.85 52.39 -46.41
N GLN V 41 -33.62 53.67 -46.67
CA GLN V 41 -32.60 54.12 -47.61
C GLN V 41 -31.90 55.32 -47.03
N ILE V 42 -30.67 55.56 -47.50
CA ILE V 42 -29.92 56.75 -47.10
C ILE V 42 -30.57 57.95 -47.77
N LEU V 43 -31.10 58.87 -46.97
CA LEU V 43 -31.75 60.05 -47.53
C LEU V 43 -30.71 61.09 -47.94
N GLU V 44 -31.17 62.09 -48.69
CA GLU V 44 -30.31 63.20 -49.07
C GLU V 44 -29.95 64.02 -47.84
N ALA V 45 -28.80 64.70 -47.91
CA ALA V 45 -28.30 65.42 -46.75
C ALA V 45 -29.30 66.46 -46.25
N GLY V 46 -29.85 67.26 -47.16
CA GLY V 46 -30.88 68.21 -46.76
C GLY V 46 -32.14 67.52 -46.26
N ASN V 47 -32.52 66.43 -46.93
CA ASN V 47 -33.69 65.67 -46.50
C ASN V 47 -33.49 65.08 -45.10
N ALA V 48 -32.32 64.51 -44.85
CA ALA V 48 -32.04 63.98 -43.51
C ALA V 48 -32.00 65.10 -42.47
N ALA V 49 -31.46 66.26 -42.85
CA ALA V 49 -31.45 67.39 -41.93
C ALA V 49 -32.86 67.82 -41.57
N ILE V 50 -33.75 67.88 -42.55
CA ILE V 50 -35.14 68.23 -42.28
C ILE V 50 -35.79 67.16 -41.40
N ALA V 51 -35.49 65.89 -41.66
CA ALA V 51 -36.09 64.81 -40.88
C ALA V 51 -35.67 64.88 -39.42
N GLN V 52 -34.39 65.13 -39.16
CA GLN V 52 -33.92 65.13 -37.78
C GLN V 52 -34.19 66.45 -37.07
N GLN V 53 -34.32 67.55 -37.81
CA GLN V 53 -34.60 68.83 -37.16
C GLN V 53 -36.02 68.93 -36.63
N ALA V 54 -36.94 68.13 -37.16
CA ALA V 54 -38.34 68.25 -36.77
C ALA V 54 -38.62 67.76 -35.36
N VAL V 55 -37.71 67.01 -34.75
CA VAL V 55 -37.93 66.56 -33.38
C VAL V 55 -37.85 67.75 -32.44
N SER V 56 -38.77 67.79 -31.47
CA SER V 56 -38.93 68.93 -30.58
C SER V 56 -37.99 68.78 -29.38
N ILE V 57 -36.70 68.96 -29.64
CA ILE V 57 -35.70 68.86 -28.58
C ILE V 57 -35.93 69.92 -27.50
N GLY V 58 -36.14 71.17 -27.90
CA GLY V 58 -36.43 72.21 -26.95
C GLY V 58 -37.87 72.16 -26.47
N GLN V 59 -38.08 72.61 -25.23
CA GLN V 59 -39.42 72.62 -24.66
C GLN V 59 -40.30 73.68 -25.32
N ALA V 60 -39.73 74.84 -25.63
CA ALA V 60 -40.51 75.93 -26.20
C ALA V 60 -41.07 75.55 -27.56
N SER V 61 -40.25 74.95 -28.42
CA SER V 61 -40.70 74.54 -29.75
C SER V 61 -41.21 73.11 -29.70
N GLN V 62 -42.51 72.93 -29.95
CA GLN V 62 -43.12 71.60 -29.93
C GLN V 62 -43.67 71.23 -31.30
N LEU V 138 -55.16 71.22 -53.33
CA LEU V 138 -55.68 71.08 -54.72
C LEU V 138 -54.52 70.90 -55.69
N THR V 139 -53.37 71.52 -55.39
CA THR V 139 -52.17 71.39 -56.26
C THR V 139 -51.66 69.95 -56.14
N VAL V 140 -50.87 69.50 -57.13
CA VAL V 140 -50.26 68.15 -57.05
C VAL V 140 -49.60 68.02 -55.67
N SER V 141 -48.85 69.04 -55.25
CA SER V 141 -48.14 68.94 -53.98
C SER V 141 -49.13 68.89 -52.83
N GLU V 142 -50.15 69.75 -52.86
CA GLU V 142 -51.15 69.75 -51.80
C GLU V 142 -51.93 68.45 -51.78
N GLN V 143 -52.29 67.93 -52.95
CA GLN V 143 -53.02 66.67 -53.02
C GLN V 143 -52.20 65.52 -52.45
N GLU V 144 -50.91 65.44 -52.81
CA GLU V 144 -50.07 64.38 -52.28
C GLU V 144 -49.84 64.55 -50.78
N ALA V 145 -49.72 65.79 -50.30
CA ALA V 145 -49.58 66.01 -48.86
C ALA V 145 -50.81 65.54 -48.12
N ASN V 146 -52.00 65.84 -48.65
CA ASN V 146 -53.24 65.39 -48.01
C ASN V 146 -53.33 63.86 -48.03
N ALA V 147 -52.94 63.24 -49.15
CA ALA V 147 -52.96 61.79 -49.23
C ALA V 147 -52.01 61.17 -48.21
N VAL V 148 -50.81 61.74 -48.08
CA VAL V 148 -49.85 61.24 -47.10
C VAL V 148 -50.41 61.41 -45.69
N ARG V 149 -51.05 62.55 -45.41
CA ARG V 149 -51.66 62.76 -44.10
C ARG V 149 -52.70 61.69 -43.79
N VAL V 150 -53.62 61.46 -44.74
CA VAL V 150 -54.69 60.49 -44.53
C VAL V 150 -54.11 59.09 -44.35
N GLU V 151 -53.12 58.71 -45.17
CA GLU V 151 -52.62 57.35 -45.11
C GLU V 151 -51.75 57.13 -43.87
N LEU V 152 -51.05 58.17 -43.41
CA LEU V 152 -50.34 58.08 -42.14
C LEU V 152 -51.31 57.92 -40.98
N GLY V 153 -52.42 58.67 -40.99
CA GLY V 153 -53.43 58.49 -39.97
C GLY V 153 -54.01 57.09 -39.98
N ASP V 154 -54.26 56.55 -41.18
CA ASP V 154 -54.76 55.18 -41.29
C ASP V 154 -53.73 54.18 -40.75
N LEU V 155 -52.45 54.41 -41.05
CA LEU V 155 -51.40 53.53 -40.54
C LEU V 155 -51.36 53.54 -39.02
N TYR V 156 -51.45 54.72 -38.42
CA TYR V 156 -51.40 54.79 -36.95
C TYR V 156 -52.65 54.16 -36.34
N ASN V 157 -53.82 54.37 -36.95
CA ASN V 157 -55.03 53.75 -36.45
C ASN V 157 -54.96 52.24 -36.52
N GLU V 158 -54.41 51.71 -37.62
CA GLU V 158 -54.21 50.27 -37.72
C GLU V 158 -53.21 49.79 -36.68
N TRP V 159 -52.19 50.59 -36.40
CA TRP V 159 -51.21 50.22 -35.39
C TRP V 159 -51.85 50.16 -34.01
N ARG V 160 -52.82 51.04 -33.77
CA ARG V 160 -53.53 51.05 -32.46
C ARG V 160 -54.61 49.96 -32.48
N SER V 161 -55.32 49.81 -33.60
CA SER V 161 -56.36 48.77 -33.73
C SER V 161 -55.79 47.43 -33.27
N GLY V 162 -54.69 47.00 -33.88
CA GLY V 162 -54.05 45.72 -33.51
C GLY V 162 -53.16 45.88 -32.29
N ASP V 163 -53.05 47.10 -31.75
CA ASP V 163 -52.13 47.35 -30.60
C ASP V 163 -50.83 46.60 -30.88
N LYS V 164 -50.51 46.40 -32.16
CA LYS V 164 -49.25 45.71 -32.51
C LYS V 164 -48.10 46.38 -31.76
N PHE V 165 -48.34 47.59 -31.23
CA PHE V 165 -47.24 48.29 -30.59
C PHE V 165 -46.65 47.49 -29.44
N ARG V 166 -47.46 46.63 -28.81
CA ARG V 166 -46.99 45.81 -27.70
C ARG V 166 -46.52 44.44 -28.14
N SER V 167 -46.98 43.96 -29.29
CA SER V 167 -46.64 42.62 -29.78
C SER V 167 -45.48 42.63 -30.75
N GLU V 168 -45.33 43.66 -31.56
CA GLU V 168 -44.25 43.72 -32.53
C GLU V 168 -42.98 44.23 -31.85
N PRO V 169 -41.87 43.49 -31.93
CA PRO V 169 -40.69 43.84 -31.11
C PRO V 169 -40.14 45.24 -31.38
N GLY V 170 -40.19 45.71 -32.62
CA GLY V 170 -39.62 47.00 -32.95
C GLY V 170 -40.60 48.15 -32.95
N GLY V 171 -41.48 48.21 -31.95
CA GLY V 171 -42.60 49.13 -31.95
C GLY V 171 -42.27 50.58 -32.30
N MET V 172 -41.56 51.27 -31.41
CA MET V 172 -41.25 52.68 -31.65
C MET V 172 -40.41 52.87 -32.90
N THR V 173 -39.33 52.09 -33.02
CA THR V 173 -38.38 52.29 -34.11
C THR V 173 -39.01 51.97 -35.46
N LYS V 174 -39.66 50.81 -35.58
CA LYS V 174 -40.28 50.47 -36.86
C LYS V 174 -41.45 51.38 -37.18
N PHE V 175 -42.20 51.81 -36.17
CA PHE V 175 -43.29 52.75 -36.42
C PHE V 175 -42.75 54.06 -37.01
N ARG V 176 -41.71 54.62 -36.38
CA ARG V 176 -41.14 55.87 -36.88
C ARG V 176 -40.51 55.68 -38.26
N ASP V 177 -39.83 54.56 -38.48
CA ASP V 177 -39.20 54.32 -39.77
C ASP V 177 -40.24 54.19 -40.87
N ALA V 178 -41.34 53.47 -40.60
CA ALA V 178 -42.42 53.36 -41.57
C ALA V 178 -43.05 54.72 -41.84
N GLY V 179 -43.22 55.53 -40.80
CA GLY V 179 -43.76 56.86 -41.00
C GLY V 179 -42.86 57.72 -41.88
N LEU V 180 -41.54 57.68 -41.61
CA LEU V 180 -40.60 58.46 -42.42
C LEU V 180 -40.58 57.98 -43.86
N ALA V 181 -40.61 56.66 -44.07
CA ALA V 181 -40.63 56.11 -45.43
C ALA V 181 -41.89 56.54 -46.16
N ARG V 182 -43.04 56.49 -45.48
CA ARG V 182 -44.28 56.91 -46.10
C ARG V 182 -44.27 58.39 -46.44
N ILE V 183 -43.72 59.21 -45.55
CA ILE V 183 -43.64 60.65 -45.80
C ILE V 183 -42.74 60.94 -46.98
N MET V 184 -41.59 60.27 -47.06
CA MET V 184 -40.55 60.66 -48.00
C MET V 184 -40.50 59.78 -49.25
N SER V 185 -41.46 58.88 -49.43
CA SER V 185 -41.54 58.13 -50.67
C SER V 185 -41.83 59.04 -51.85
N ARG V 186 -42.72 60.01 -51.66
CA ARG V 186 -43.04 60.99 -52.69
C ARG V 186 -41.95 62.06 -52.70
N THR V 187 -41.24 62.17 -53.82
CA THR V 187 -40.07 63.04 -53.90
C THR V 187 -40.38 64.44 -54.43
N ASN V 188 -41.64 64.72 -54.79
CA ASN V 188 -42.00 66.02 -55.33
C ASN V 188 -42.76 66.88 -54.34
N ILE V 189 -42.87 66.47 -53.09
CA ILE V 189 -43.54 67.27 -52.06
C ILE V 189 -42.59 68.36 -51.58
N THR V 190 -43.10 69.58 -51.46
CA THR V 190 -42.28 70.73 -51.12
C THR V 190 -41.86 70.65 -49.65
N GLU V 191 -41.15 71.68 -49.18
CA GLU V 191 -40.54 71.63 -47.86
C GLU V 191 -41.57 71.77 -46.75
N ALA V 192 -42.54 72.68 -46.92
CA ALA V 192 -43.47 72.98 -45.82
C ALA V 192 -44.34 71.78 -45.48
N GLN V 193 -44.89 71.10 -46.49
CA GLN V 193 -45.72 69.94 -46.23
C GLN V 193 -44.91 68.80 -45.61
N LYS V 194 -43.68 68.61 -46.07
CA LYS V 194 -42.82 67.59 -45.47
C LYS V 194 -42.55 67.89 -44.00
N LYS V 195 -42.23 69.15 -43.68
CA LYS V 195 -42.00 69.53 -42.30
C LYS V 195 -43.24 69.28 -41.45
N GLU V 196 -44.41 69.69 -41.95
CA GLU V 196 -45.63 69.56 -41.16
C GLU V 196 -46.00 68.10 -40.94
N LEU V 197 -45.87 67.27 -41.99
CA LEU V 197 -46.16 65.84 -41.83
C LEU V 197 -45.21 65.18 -40.85
N ILE V 198 -43.91 65.49 -40.94
CA ILE V 198 -42.96 64.88 -40.02
C ILE V 198 -43.23 65.36 -38.58
N ASN V 199 -43.61 66.63 -38.42
CA ASN V 199 -43.98 67.13 -37.10
C ASN V 199 -45.19 66.40 -36.55
N LEU V 200 -46.20 66.14 -37.40
CA LEU V 200 -47.37 65.40 -36.95
C LEU V 200 -46.98 63.99 -36.50
N HIS V 201 -46.16 63.31 -37.29
CA HIS V 201 -45.76 61.95 -36.94
C HIS V 201 -44.96 61.94 -35.64
N TYR V 202 -44.05 62.90 -35.48
CA TYR V 202 -43.24 62.96 -34.26
C TYR V 202 -44.10 63.31 -33.05
N GLY V 203 -45.10 64.18 -33.22
CA GLY V 203 -45.99 64.48 -32.11
C GLY V 203 -46.81 63.27 -31.69
N ASN V 204 -47.27 62.48 -32.66
CA ASN V 204 -47.97 61.24 -32.34
C ASN V 204 -47.07 60.27 -31.58
N TRP V 205 -45.81 60.15 -32.04
CA TRP V 205 -44.85 59.30 -31.37
C TRP V 205 -44.60 59.76 -29.93
N ASP V 206 -44.47 61.07 -29.74
CA ASP V 206 -44.27 61.62 -28.40
C ASP V 206 -45.47 61.37 -27.52
N ALA V 207 -46.68 61.47 -28.07
CA ALA V 207 -47.88 61.20 -27.28
C ALA V 207 -47.93 59.74 -26.82
N GLU V 208 -47.57 58.81 -27.71
CA GLU V 208 -47.61 57.42 -27.29
C GLU V 208 -46.49 57.11 -26.30
N MET V 209 -45.34 57.77 -26.45
CA MET V 209 -44.31 57.67 -25.41
C MET V 209 -44.79 58.26 -24.09
N LYS V 210 -45.63 59.29 -24.13
CA LYS V 210 -46.24 59.82 -22.91
C LYS V 210 -47.11 58.77 -22.24
N ALA V 211 -47.91 58.04 -23.03
CA ALA V 211 -48.73 56.96 -22.47
C ALA V 211 -47.85 55.86 -21.87
N TYR V 212 -46.78 55.49 -22.57
CA TYR V 212 -45.86 54.48 -22.06
C TYR V 212 -45.21 54.94 -20.75
N SER V 213 -44.87 56.23 -20.69
CA SER V 213 -44.32 56.80 -19.46
C SER V 213 -45.33 56.74 -18.33
N ASP V 214 -46.61 56.97 -18.63
CA ASP V 214 -47.64 56.85 -17.61
C ASP V 214 -47.72 55.42 -17.07
N ARG V 215 -47.65 54.43 -17.97
CA ARG V 215 -47.71 53.04 -17.52
C ARG V 215 -46.50 52.70 -16.64
N THR V 216 -45.31 53.10 -17.07
CA THR V 216 -44.11 52.83 -16.27
C THR V 216 -44.16 53.55 -14.93
N ALA V 217 -44.74 54.76 -14.93
CA ALA V 217 -44.91 55.51 -13.68
C ALA V 217 -45.82 54.76 -12.73
N LYS V 218 -46.92 54.19 -13.24
CA LYS V 218 -47.80 53.41 -12.39
C LYS V 218 -47.06 52.21 -11.81
N TYR V 219 -46.26 51.53 -12.63
CA TYR V 219 -45.51 50.36 -12.14
C TYR V 219 -44.55 50.75 -11.02
N ALA V 220 -43.74 51.79 -11.26
CA ALA V 220 -42.76 52.21 -10.27
C ALA V 220 -43.43 52.70 -8.99
N GLU V 221 -44.53 53.43 -9.14
CA GLU V 221 -45.28 53.90 -7.97
C GLU V 221 -45.80 52.73 -7.15
N GLU V 222 -46.31 51.69 -7.83
CA GLU V 222 -46.79 50.52 -7.11
C GLU V 222 -45.64 49.85 -6.35
N VAL V 223 -44.48 49.73 -6.97
CA VAL V 223 -43.34 49.11 -6.30
C VAL V 223 -42.94 49.88 -5.05
N SER V 224 -42.80 51.21 -5.18
CA SER V 224 -42.39 52.03 -4.05
C SER V 224 -43.43 52.00 -2.94
N GLN V 225 -44.71 52.04 -3.31
CA GLN V 225 -45.77 51.98 -2.31
C GLN V 225 -45.76 50.65 -1.56
N VAL V 226 -45.53 49.54 -2.27
CA VAL V 226 -45.45 48.25 -1.62
C VAL V 226 -44.31 48.22 -0.61
N ARG V 227 -43.14 48.72 -1.01
CA ARG V 227 -41.99 48.73 -0.08
C ARG V 227 -42.30 49.55 1.17
N ARG V 228 -42.78 50.78 0.98
CA ARG V 228 -43.04 51.65 2.12
C ARG V 228 -44.11 51.07 3.02
N GLU V 229 -45.17 50.49 2.44
CA GLU V 229 -46.22 49.88 3.23
C GLU V 229 -45.69 48.71 4.03
N SER V 230 -44.83 47.89 3.45
CA SER V 230 -44.25 46.78 4.18
C SER V 230 -43.47 47.27 5.39
N VAL V 231 -42.64 48.30 5.20
CA VAL V 231 -41.83 48.81 6.31
C VAL V 231 -42.73 49.36 7.42
N ILE V 232 -43.71 50.19 7.03
CA ILE V 232 -44.60 50.81 8.02
C ILE V 232 -45.40 49.74 8.76
N LYS V 233 -45.87 48.72 8.04
CA LYS V 233 -46.66 47.67 8.68
C LYS V 233 -45.82 46.86 9.66
N GLU V 234 -44.57 46.56 9.31
CA GLU V 234 -43.72 45.86 10.28
C GLU V 234 -43.56 46.68 11.55
N ARG V 235 -43.22 47.97 11.41
CA ARG V 235 -43.01 48.80 12.59
C ARG V 235 -44.29 48.90 13.43
N THR V 236 -45.43 49.14 12.77
CA THR V 236 -46.68 49.29 13.49
C THR V 236 -47.09 48.00 14.19
N PHE V 237 -46.91 46.85 13.51
CA PHE V 237 -47.24 45.59 14.15
C PHE V 237 -46.38 45.34 15.38
N ARG V 238 -45.08 45.61 15.28
CA ARG V 238 -44.21 45.39 16.43
C ARG V 238 -44.63 46.29 17.59
N VAL V 239 -44.92 47.57 17.31
CA VAL V 239 -45.30 48.50 18.37
C VAL V 239 -46.62 48.07 19.01
N ASN V 240 -47.61 47.70 18.18
CA ASN V 240 -48.91 47.30 18.72
C ASN V 240 -48.80 46.04 19.56
N SER V 241 -48.03 45.05 19.10
CA SER V 241 -47.88 43.82 19.87
C SER V 241 -47.12 44.07 21.16
N VAL V 242 -46.17 45.02 21.17
CA VAL V 242 -45.47 45.34 22.40
C VAL V 242 -46.40 46.03 23.39
N VAL V 243 -47.17 47.01 22.92
CA VAL V 243 -47.99 47.80 23.84
C VAL V 243 -49.18 46.98 24.34
N SER V 244 -49.64 46.00 23.56
CA SER V 244 -50.79 45.21 23.95
C SER V 244 -50.44 44.04 24.86
N GLY V 245 -49.16 43.77 25.08
CA GLY V 245 -48.78 42.69 25.96
C GLY V 245 -48.91 42.98 27.43
N LEU V 246 -49.24 44.22 27.78
CA LEU V 246 -49.37 44.59 29.19
C LEU V 246 -50.66 44.04 29.77
N THR V 247 -50.59 43.60 31.03
CA THR V 247 -51.72 42.99 31.70
C THR V 247 -52.55 44.07 32.41
N TRP V 248 -53.47 43.65 33.27
CA TRP V 248 -54.32 44.60 33.98
C TRP V 248 -53.53 45.48 34.93
N ASP V 249 -52.38 45.00 35.42
CA ASP V 249 -51.59 45.73 36.41
C ASP V 249 -50.11 45.78 36.04
N ALA V 250 -49.77 45.58 34.78
CA ALA V 250 -48.38 45.60 34.36
C ALA V 250 -47.83 47.02 34.34
N ASP V 251 -46.57 47.15 34.75
CA ASP V 251 -45.89 48.44 34.69
C ASP V 251 -45.45 48.70 33.26
N PRO V 252 -45.90 49.79 32.63
CA PRO V 252 -45.61 50.02 31.21
C PRO V 252 -44.28 50.69 30.91
N THR V 253 -43.37 50.78 31.87
CA THR V 253 -42.10 51.47 31.63
C THR V 253 -41.32 50.81 30.50
N ASP V 254 -41.20 49.48 30.54
CA ASP V 254 -40.52 48.76 29.46
C ASP V 254 -41.27 48.90 28.15
N ALA V 255 -42.60 48.85 28.18
CA ALA V 255 -43.38 49.01 26.96
C ALA V 255 -43.20 50.39 26.36
N ILE V 256 -43.21 51.44 27.20
CA ILE V 256 -42.99 52.80 26.71
C ILE V 256 -41.59 52.94 26.14
N LYS V 257 -40.60 52.34 26.81
CA LYS V 257 -39.23 52.40 26.29
C LYS V 257 -39.11 51.72 24.93
N LYS V 258 -39.77 50.56 24.78
CA LYS V 258 -39.72 49.85 23.50
C LYS V 258 -40.44 50.63 22.41
N VAL V 259 -41.57 51.25 22.74
CA VAL V 259 -42.28 52.08 21.76
C VAL V 259 -41.41 53.25 21.34
N ASP V 260 -40.71 53.87 22.30
CA ASP V 260 -39.80 54.96 21.98
C ASP V 260 -38.67 54.48 21.07
N ALA V 261 -38.14 53.29 21.34
CA ALA V 261 -37.07 52.75 20.50
C ALA V 261 -37.55 52.50 19.08
N MET V 262 -38.76 51.97 18.93
CA MET V 262 -39.30 51.73 17.58
C MET V 262 -39.63 53.04 16.87
N VAL V 263 -40.10 54.05 17.59
CA VAL V 263 -40.31 55.36 16.98
C VAL V 263 -38.97 55.95 16.54
N SER V 264 -37.92 55.72 17.34
CA SER V 264 -36.58 56.14 16.95
C SER V 264 -36.15 55.45 15.65
N SER V 265 -36.40 54.15 15.56
CA SER V 265 -36.03 53.41 14.35
C SER V 265 -36.80 53.92 13.14
N THR V 266 -38.09 54.22 13.31
CA THR V 266 -38.90 54.65 12.19
C THR V 266 -38.52 56.06 11.73
N VAL V 267 -38.35 56.98 12.68
CA VAL V 267 -38.04 58.37 12.34
C VAL V 267 -36.65 58.47 11.72
N ASN V 268 -35.69 57.69 12.22
CA ASN V 268 -34.33 57.73 11.70
C ASN V 268 -34.19 56.96 10.40
N ASP V 269 -35.21 56.24 9.96
CA ASP V 269 -35.12 55.45 8.73
C ASP V 269 -34.98 56.39 7.53
N GLN V 270 -33.93 56.17 6.74
CA GLN V 270 -33.58 57.08 5.65
C GLN V 270 -34.24 56.74 4.33
N ASN V 271 -34.92 55.59 4.23
CA ASN V 271 -35.57 55.19 2.99
C ASN V 271 -37.01 55.69 2.89
N LEU V 272 -37.53 56.33 3.93
CA LEU V 272 -38.90 56.81 3.95
C LEU V 272 -38.94 58.33 3.88
N PRO V 273 -39.97 58.90 3.27
CA PRO V 273 -40.11 60.36 3.25
C PRO V 273 -40.53 60.88 4.62
N LEU V 274 -40.47 62.22 4.75
CA LEU V 274 -40.80 62.85 6.02
C LEU V 274 -42.26 62.62 6.39
N LEU V 275 -43.16 62.67 5.41
CA LEU V 275 -44.58 62.51 5.70
C LEU V 275 -44.89 61.13 6.27
N ASP V 276 -44.34 60.08 5.64
CA ASP V 276 -44.58 58.73 6.13
C ASP V 276 -44.04 58.54 7.54
N ARG V 277 -42.82 59.03 7.79
CA ARG V 277 -42.23 58.86 9.11
C ARG V 277 -43.03 59.61 10.18
N LEU V 278 -43.41 60.85 9.90
CA LEU V 278 -44.19 61.62 10.87
C LEU V 278 -45.54 60.97 11.14
N GLN V 279 -46.21 60.50 10.08
CA GLN V 279 -47.53 59.91 10.24
C GLN V 279 -47.46 58.58 10.99
N ALA V 280 -46.44 57.76 10.70
CA ALA V 280 -46.26 56.52 11.43
C ALA V 280 -45.98 56.79 12.90
N ALA V 281 -45.12 57.79 13.18
CA ALA V 281 -44.86 58.14 14.58
C ALA V 281 -46.12 58.63 15.27
N ASN V 282 -46.95 59.39 14.56
CA ASN V 282 -48.23 59.81 15.11
C ASN V 282 -49.09 58.60 15.47
N SER V 283 -49.17 57.63 14.58
CA SER V 283 -49.98 56.45 14.86
C SER V 283 -49.46 55.68 16.07
N MET V 284 -48.14 55.49 16.14
CA MET V 284 -47.55 54.76 17.27
C MET V 284 -47.82 55.48 18.59
N TYR V 285 -47.59 56.80 18.63
CA TYR V 285 -47.80 57.55 19.85
C TYR V 285 -49.28 57.57 20.24
N ASN V 286 -50.18 57.70 19.27
CA ASN V 286 -51.61 57.70 19.57
C ASN V 286 -52.04 56.36 20.14
N THR V 287 -51.57 55.25 19.54
CA THR V 287 -51.90 53.94 20.07
C THR V 287 -51.36 53.75 21.48
N ALA V 288 -50.11 54.17 21.71
CA ALA V 288 -49.53 54.05 23.05
C ALA V 288 -50.31 54.88 24.06
N TYR V 289 -50.69 56.11 23.70
CA TYR V 289 -51.46 56.95 24.60
C TYR V 289 -52.81 56.32 24.91
N GLU V 290 -53.48 55.77 23.90
CA GLU V 290 -54.80 55.19 24.12
C GLU V 290 -54.72 53.94 24.97
N LYS V 291 -53.62 53.18 24.86
CA LYS V 291 -53.53 51.92 25.59
C LYS V 291 -53.24 52.13 27.07
N VAL V 292 -52.45 53.14 27.43
CA VAL V 292 -52.04 53.33 28.81
C VAL V 292 -52.61 54.63 29.36
N VAL V 293 -53.79 55.01 28.88
CA VAL V 293 -54.40 56.28 29.28
C VAL V 293 -54.72 56.33 30.76
N ASN V 294 -54.94 55.18 31.40
CA ASN V 294 -55.35 55.17 32.81
C ASN V 294 -54.18 55.36 33.77
N ASN V 295 -52.95 55.17 33.32
CA ASN V 295 -51.78 55.35 34.16
C ASN V 295 -51.30 56.80 34.05
N ALA V 296 -51.26 57.50 35.18
CA ALA V 296 -50.96 58.93 35.16
C ALA V 296 -49.54 59.20 34.69
N THR V 297 -48.56 58.50 35.27
CA THR V 297 -47.17 58.74 34.93
C THR V 297 -46.87 58.36 33.48
N ALA V 298 -47.37 57.19 33.05
CA ALA V 298 -47.16 56.77 31.67
C ALA V 298 -47.83 57.73 30.70
N ARG V 299 -49.04 58.19 31.03
CA ARG V 299 -49.73 59.15 30.18
C ARG V 299 -48.96 60.46 30.08
N ALA V 300 -48.40 60.92 31.21
CA ALA V 300 -47.62 62.15 31.19
C ALA V 300 -46.36 61.99 30.33
N GLU V 301 -45.68 60.85 30.45
CA GLU V 301 -44.49 60.61 29.63
C GLU V 301 -44.85 60.56 28.15
N VAL V 302 -45.95 59.89 27.81
CA VAL V 302 -46.39 59.82 26.42
C VAL V 302 -46.73 61.21 25.90
N GLU V 303 -47.40 62.03 26.73
CA GLU V 303 -47.73 63.39 26.31
C GLU V 303 -46.47 64.22 26.09
N ARG V 304 -45.47 64.05 26.95
CA ARG V 304 -44.21 64.78 26.74
C ARG V 304 -43.54 64.36 25.43
N LYS V 305 -43.53 63.05 25.15
CA LYS V 305 -42.97 62.59 23.89
C LYS V 305 -43.73 63.14 22.69
N MET V 306 -45.06 63.20 22.81
CA MET V 306 -45.89 63.72 21.71
C MET V 306 -45.67 65.21 21.51
N LYS V 307 -45.44 65.96 22.60
CA LYS V 307 -45.10 67.38 22.45
C LYS V 307 -43.74 67.56 21.80
N ALA V 308 -42.78 66.70 22.15
CA ALA V 308 -41.48 66.74 21.48
C ALA V 308 -41.64 66.46 19.98
N LEU V 309 -42.48 65.49 19.62
CA LEU V 309 -42.76 65.22 18.22
C LEU V 309 -43.46 66.41 17.55
N GLN V 310 -44.34 67.09 18.30
CA GLN V 310 -44.99 68.29 17.78
C GLN V 310 -43.97 69.35 17.39
N ALA V 311 -43.04 69.64 18.29
CA ALA V 311 -42.02 70.66 18.01
C ALA V 311 -41.11 70.21 16.86
N TYR V 312 -40.75 68.92 16.84
CA TYR V 312 -39.93 68.41 15.76
C TYR V 312 -40.63 68.57 14.41
N GLN V 313 -41.93 68.29 14.36
CA GLN V 313 -42.68 68.49 13.13
C GLN V 313 -42.71 69.96 12.74
N TYR V 314 -42.93 70.85 13.70
CA TYR V 314 -42.91 72.28 13.41
C TYR V 314 -41.61 72.70 12.75
N GLU V 315 -40.48 72.25 13.27
CA GLU V 315 -39.21 72.65 12.66
C GLU V 315 -38.92 71.91 11.36
N ALA V 316 -39.32 70.65 11.26
CA ALA V 316 -39.01 69.87 10.06
C ALA V 316 -39.81 70.31 8.86
N ILE V 317 -41.04 70.83 9.08
CA ILE V 317 -41.81 71.35 7.95
C ILE V 317 -41.06 72.49 7.28
N THR V 318 -40.52 73.42 8.09
CA THR V 318 -39.78 74.53 7.53
C THR V 318 -38.45 74.08 6.93
N ASN V 319 -37.75 73.16 7.61
CA ASN V 319 -36.43 72.75 7.13
C ASN V 319 -36.52 71.98 5.82
N TRP V 320 -37.50 71.07 5.70
CA TRP V 320 -37.52 70.14 4.58
C TRP V 320 -37.99 70.79 3.29
N ASN V 321 -38.91 71.76 3.37
CA ASN V 321 -39.58 72.30 2.19
C ASN V 321 -38.96 73.60 1.70
N ASP V 322 -37.71 73.87 2.07
CA ASP V 322 -37.01 75.05 1.57
C ASP V 322 -36.17 74.64 0.37
N GLN V 323 -36.44 75.25 -0.79
CA GLN V 323 -35.76 74.90 -2.03
C GLN V 323 -34.48 75.67 -2.24
N THR V 324 -34.13 76.59 -1.34
CA THR V 324 -32.90 77.37 -1.45
C THR V 324 -31.73 76.68 -0.76
N LYS V 325 -31.92 75.47 -0.25
CA LYS V 325 -30.89 74.75 0.47
C LYS V 325 -30.59 73.41 -0.20
N PRO V 326 -29.34 72.98 -0.21
CA PRO V 326 -29.01 71.73 -0.89
C PRO V 326 -29.57 70.52 -0.16
N ARG V 327 -29.72 69.42 -0.90
CA ARG V 327 -30.30 68.20 -0.34
C ARG V 327 -29.45 67.66 0.79
N ALA V 328 -28.12 67.63 0.61
CA ALA V 328 -27.24 67.08 1.64
C ALA V 328 -27.30 67.91 2.92
N GLU V 329 -27.26 69.23 2.78
CA GLU V 329 -27.31 70.08 3.98
C GLU V 329 -28.67 70.01 4.65
N ARG V 330 -29.76 69.91 3.87
CA ARG V 330 -31.08 69.76 4.47
C ARG V 330 -31.20 68.43 5.22
N GLU V 331 -30.65 67.35 4.65
CA GLU V 331 -30.66 66.07 5.35
C GLU V 331 -29.85 66.14 6.64
N ALA V 332 -28.68 66.79 6.58
CA ALA V 332 -27.86 66.94 7.78
C ALA V 332 -28.60 67.74 8.86
N PHE V 333 -29.29 68.82 8.46
CA PHE V 333 -30.04 69.61 9.41
C PHE V 333 -31.23 68.83 9.96
N ASP V 334 -31.87 67.99 9.15
CA ASP V 334 -32.97 67.17 9.65
C ASP V 334 -32.48 66.16 10.69
N GLN V 335 -31.34 65.52 10.43
CA GLN V 335 -30.77 64.62 11.43
C GLN V 335 -30.38 65.38 12.69
N GLN V 336 -29.85 66.60 12.52
CA GLN V 336 -29.51 67.42 13.67
C GLN V 336 -30.74 67.76 14.50
N LEU V 337 -31.86 68.07 13.84
CA LEU V 337 -33.10 68.35 14.56
C LEU V 337 -33.62 67.12 15.28
N GLN V 338 -33.53 65.95 14.63
CA GLN V 338 -33.96 64.71 15.26
C GLN V 338 -33.13 64.43 16.51
N ALA V 339 -31.82 64.65 16.44
CA ALA V 339 -30.97 64.49 17.61
C ALA V 339 -31.31 65.55 18.67
N LYS V 340 -31.67 66.75 18.24
CA LYS V 340 -32.01 67.82 19.16
C LYS V 340 -33.24 67.48 19.99
N HIS V 341 -34.27 66.95 19.35
CA HIS V 341 -35.48 66.58 20.07
C HIS V 341 -35.40 65.18 20.69
N GLY V 342 -34.29 64.47 20.49
CA GLY V 342 -34.09 63.19 21.14
C GLY V 342 -34.82 62.03 20.51
N LEU V 343 -35.37 62.19 19.31
CA LEU V 343 -36.07 61.08 18.67
C LEU V 343 -35.12 59.95 18.30
N ASN V 344 -34.01 60.28 17.65
CA ASN V 344 -33.14 59.28 17.05
C ASN V 344 -31.85 59.06 17.82
N VAL V 345 -31.82 59.37 19.12
CA VAL V 345 -30.61 59.17 19.91
C VAL V 345 -30.25 57.69 19.97
N ASP V 346 -31.24 56.84 20.22
CA ASP V 346 -30.98 55.40 20.29
C ASP V 346 -30.46 54.86 18.96
N SER V 347 -31.05 55.28 17.85
CA SER V 347 -30.61 54.82 16.55
C SER V 347 -29.24 55.39 16.19
N SER V 348 -29.01 56.67 16.51
CA SER V 348 -27.76 57.31 16.13
C SER V 348 -26.58 56.88 16.98
N TYR V 349 -26.82 56.34 18.18
CA TYR V 349 -25.72 55.97 19.07
C TYR V 349 -24.85 54.88 18.45
N MET V 350 -25.48 53.91 17.79
CA MET V 350 -24.73 52.79 17.23
C MET V 350 -23.78 53.27 16.13
N ALA V 351 -24.29 54.09 15.20
CA ALA V 351 -23.44 54.66 14.17
C ALA V 351 -22.37 55.59 14.75
N TRP V 352 -22.73 56.32 15.82
CA TRP V 352 -21.76 57.19 16.48
C TRP V 352 -20.60 56.38 17.05
N GLU V 353 -20.90 55.26 17.71
CA GLU V 353 -19.86 54.39 18.24
C GLU V 353 -19.03 53.77 17.12
N ASN V 354 -19.68 53.38 16.02
CA ASN V 354 -18.93 52.83 14.90
C ASN V 354 -17.96 53.86 14.33
N SER V 355 -18.41 55.11 14.18
CA SER V 355 -17.53 56.16 13.68
C SER V 355 -16.39 56.44 14.65
N ARG V 356 -16.67 56.44 15.95
CA ARG V 356 -15.61 56.64 16.93
C ARG V 356 -14.57 55.52 16.85
N LYS V 357 -15.03 54.28 16.72
CA LYS V 357 -14.10 53.16 16.60
C LYS V 357 -13.27 53.28 15.33
N GLN V 358 -13.89 53.69 14.22
CA GLN V 358 -13.14 53.86 12.98
C GLN V 358 -12.08 54.95 13.12
N TYR V 359 -12.42 56.06 13.77
CA TYR V 359 -11.44 57.13 13.96
C TYR V 359 -10.29 56.68 14.86
N ILE V 360 -10.60 55.94 15.93
CA ILE V 360 -9.55 55.43 16.80
C ILE V 360 -8.65 54.46 16.03
N GLU V 361 -9.25 53.62 15.19
CA GLU V 361 -8.46 52.70 14.37
C GLU V 361 -7.55 53.46 13.42
N PHE V 362 -8.06 54.54 12.81
CA PHE V 362 -7.23 55.34 11.91
C PHE V 362 -6.05 55.96 12.65
N GLN V 363 -6.30 56.51 13.84
CA GLN V 363 -5.20 57.09 14.63
C GLN V 363 -4.17 56.02 15.00
N GLN V 364 -4.65 54.84 15.43
CA GLN V 364 -3.75 53.75 15.77
C GLN V 364 -2.93 53.31 14.57
N GLN V 365 -3.55 53.28 13.38
CA GLN V 365 -2.83 52.92 12.17
C GLN V 365 -1.74 53.93 11.86
N SER V 366 -2.03 55.22 12.01
CA SER V 366 -1.03 56.25 11.76
C SER V 366 0.15 56.12 12.72
N ARG V 367 -0.14 55.97 14.02
CA ARG V 367 0.93 55.81 15.00
C ARG V 367 1.72 54.53 14.75
N GLN V 368 1.03 53.47 14.32
CA GLN V 368 1.68 52.21 14.02
C GLN V 368 2.61 52.34 12.82
N LEU V 369 2.20 53.10 11.80
CA LEU V 369 3.07 53.34 10.66
C LEU V 369 4.30 54.14 11.08
N GLN V 370 4.13 55.13 11.95
CA GLN V 370 5.28 55.87 12.44
C GLN V 370 6.24 54.97 13.20
N ASP V 371 5.69 54.09 14.05
CA ASP V 371 6.53 53.14 14.78
C ASP V 371 7.23 52.17 13.84
N LEU V 372 6.55 51.76 12.76
CA LEU V 372 7.16 50.88 11.78
C LEU V 372 8.33 51.57 11.08
N GLU V 373 8.17 52.86 10.76
CA GLU V 373 9.30 53.60 10.21
C GLU V 373 10.45 53.66 11.21
N GLN V 374 10.14 53.93 12.48
CA GLN V 374 11.19 54.02 13.49
C GLN V 374 11.95 52.70 13.63
N ASN V 375 11.21 51.58 13.61
CA ASN V 375 11.86 50.27 13.62
C ASN V 375 12.62 50.03 12.33
N GLY V 376 12.14 50.55 11.20
CA GLY V 376 12.80 50.39 9.93
C GLY V 376 12.16 49.43 8.96
N LEU V 377 11.13 48.69 9.38
CA LEU V 377 10.50 47.71 8.51
C LEU V 377 9.92 48.33 7.24
N ILE V 378 9.61 49.63 7.26
CA ILE V 378 9.07 50.32 6.10
C ILE V 378 9.92 51.55 5.81
N ASP V 379 10.35 51.67 4.56
CA ASP V 379 11.18 52.77 4.11
C ASP V 379 10.35 54.05 4.01
N SER V 380 11.06 55.18 3.86
CA SER V 380 10.39 56.47 3.75
C SER V 380 9.51 56.55 2.51
N ALA V 381 9.98 55.99 1.38
CA ALA V 381 9.19 56.02 0.16
C ALA V 381 7.89 55.25 0.33
N ARG V 382 7.95 54.08 0.96
CA ARG V 382 6.75 53.27 1.15
C ARG V 382 5.81 53.91 2.16
N LYS V 383 6.36 54.64 3.14
CA LYS V 383 5.52 55.29 4.15
C LYS V 383 4.62 56.33 3.52
N VAL V 384 5.13 57.11 2.57
CA VAL V 384 4.32 58.11 1.90
C VAL V 384 3.16 57.44 1.17
N ASN V 385 3.43 56.35 0.48
CA ASN V 385 2.38 55.63 -0.23
C ASN V 385 1.34 55.08 0.74
N LEU V 386 1.77 54.54 1.88
CA LEU V 386 0.83 53.97 2.84
C LEU V 386 -0.03 55.06 3.49
N SER V 387 0.57 56.21 3.82
CA SER V 387 -0.20 57.31 4.37
C SER V 387 -1.20 57.84 3.35
N ASP V 388 -0.79 57.96 2.09
CA ASP V 388 -1.71 58.36 1.03
C ASP V 388 -2.85 57.36 0.90
N ASP V 389 -2.53 56.06 1.01
CA ASP V 389 -3.57 55.03 0.97
C ASP V 389 -4.55 55.19 2.12
N PHE V 390 -4.04 55.45 3.33
CA PHE V 390 -4.92 55.68 4.48
C PHE V 390 -5.87 56.83 4.21
N VAL V 391 -5.32 57.98 3.79
CA VAL V 391 -6.14 59.16 3.58
C VAL V 391 -7.16 58.93 2.47
N GLY V 392 -6.72 58.30 1.37
CA GLY V 392 -7.63 58.04 0.27
C GLY V 392 -8.74 57.08 0.64
N SER V 393 -8.43 56.02 1.39
CA SER V 393 -9.46 55.09 1.81
C SER V 393 -10.46 55.75 2.74
N VAL V 394 -9.98 56.57 3.68
CA VAL V 394 -10.88 57.26 4.59
C VAL V 394 -11.80 58.21 3.82
N VAL V 395 -11.23 58.98 2.89
CA VAL V 395 -12.02 59.93 2.12
C VAL V 395 -13.02 59.18 1.24
N GLN V 396 -12.62 58.05 0.67
CA GLN V 396 -13.53 57.25 -0.15
C GLN V 396 -14.69 56.73 0.67
N LEU V 397 -14.42 56.24 1.88
CA LEU V 397 -15.50 55.79 2.74
C LEU V 397 -16.45 56.93 3.09
N ILE V 398 -15.90 58.11 3.41
CA ILE V 398 -16.75 59.22 3.82
C ILE V 398 -17.61 59.70 2.67
N LEU V 399 -17.04 59.81 1.46
CA LEU V 399 -17.73 60.42 0.34
C LEU V 399 -18.54 59.41 -0.47
N TYR V 400 -17.88 58.40 -1.02
CA TYR V 400 -18.49 57.47 -1.96
C TYR V 400 -18.88 56.15 -1.31
N GLY V 401 -18.87 56.08 0.01
CA GLY V 401 -19.24 54.87 0.71
C GLY V 401 -20.74 54.65 0.73
N GLU V 402 -21.14 53.54 1.34
CA GLU V 402 -22.54 53.15 1.44
C GLU V 402 -23.03 53.32 2.87
N GLY V 403 -24.29 53.71 2.99
CA GLY V 403 -24.90 53.94 4.29
C GLY V 403 -24.70 55.36 4.77
N ASN V 404 -25.31 55.65 5.92
CA ASN V 404 -25.23 56.97 6.53
C ASN V 404 -23.88 57.10 7.22
N THR V 405 -22.87 57.49 6.44
CA THR V 405 -21.53 57.71 6.94
C THR V 405 -21.31 59.15 7.40
N ALA V 406 -22.39 59.87 7.74
CA ALA V 406 -22.26 61.25 8.15
C ALA V 406 -21.56 61.38 9.50
N ALA V 407 -21.68 60.37 10.36
CA ALA V 407 -21.07 60.44 11.69
C ALA V 407 -19.56 60.57 11.59
N LEU V 408 -18.94 59.77 10.71
CA LEU V 408 -17.50 59.87 10.52
C LEU V 408 -17.12 61.23 9.91
N LYS V 409 -17.98 61.77 9.04
CA LYS V 409 -17.71 63.08 8.46
C LYS V 409 -17.71 64.16 9.53
N GLU V 410 -18.68 64.12 10.45
CA GLU V 410 -18.68 65.08 11.56
C GLU V 410 -17.48 64.85 12.48
N ARG V 411 -17.11 63.60 12.71
CA ARG V 411 -15.96 63.30 13.55
C ARG V 411 -14.68 63.90 12.98
N PHE V 412 -14.48 63.75 11.68
CA PHE V 412 -13.26 64.28 11.06
C PHE V 412 -13.33 65.80 10.88
N THR V 413 -14.54 66.35 10.68
CA THR V 413 -14.68 67.79 10.52
C THR V 413 -14.40 68.55 11.81
N ASP V 414 -14.52 67.89 12.96
CA ASP V 414 -14.32 68.54 14.25
C ASP V 414 -12.83 68.82 14.44
N ASN V 415 -12.37 69.93 13.88
CA ASN V 415 -10.98 70.34 13.99
C ASN V 415 -10.61 70.82 15.39
N ARG V 416 -11.61 71.08 16.25
CA ARG V 416 -11.32 71.50 17.61
C ARG V 416 -10.55 70.43 18.38
N ASN V 417 -10.92 69.17 18.18
CA ASN V 417 -10.20 68.07 18.80
C ASN V 417 -8.78 68.01 18.25
N PHE V 418 -7.81 67.87 19.16
CA PHE V 418 -6.40 67.88 18.81
C PHE V 418 -5.79 66.48 18.80
N GLU V 419 -6.61 65.45 18.99
CA GLU V 419 -6.11 64.08 19.08
C GLU V 419 -5.54 63.66 17.73
N ALA V 420 -4.21 63.53 17.67
CA ALA V 420 -3.50 63.08 16.48
C ALA V 420 -3.86 63.94 15.27
N ASN V 421 -3.80 65.26 15.45
CA ASN V 421 -4.06 66.16 14.34
C ASN V 421 -2.99 66.03 13.26
N THR V 422 -1.78 65.61 13.64
CA THR V 422 -0.72 65.39 12.66
C THR V 422 -0.84 64.04 11.97
N ALA V 423 -1.75 63.17 12.41
CA ALA V 423 -1.91 61.87 11.79
C ALA V 423 -2.45 61.97 10.36
N GLY V 424 -3.10 63.08 10.01
CA GLY V 424 -3.63 63.24 8.67
C GLY V 424 -5.07 63.71 8.66
N ALA V 425 -5.59 64.13 9.81
CA ALA V 425 -6.96 64.63 9.87
C ALA V 425 -7.13 65.89 9.04
N GLY V 426 -6.13 66.78 9.06
CA GLY V 426 -6.19 67.96 8.23
C GLY V 426 -6.21 67.62 6.75
N GLU V 427 -5.40 66.63 6.34
CA GLU V 427 -5.42 66.19 4.95
C GLU V 427 -6.78 65.62 4.57
N VAL V 428 -7.39 64.84 5.46
CA VAL V 428 -8.70 64.27 5.18
C VAL V 428 -9.74 65.38 5.04
N ARG V 429 -9.70 66.37 5.93
CA ARG V 429 -10.64 67.49 5.83
C ARG V 429 -10.45 68.26 4.53
N ARG V 430 -9.20 68.52 4.16
CA ARG V 430 -8.93 69.25 2.92
C ARG V 430 -9.43 68.46 1.71
N LEU V 431 -9.20 67.15 1.68
CA LEU V 431 -9.68 66.34 0.58
C LEU V 431 -11.20 66.32 0.53
N LEU V 432 -11.85 66.21 1.70
CA LEU V 432 -13.31 66.20 1.73
C LEU V 432 -13.86 67.53 1.20
N GLU V 433 -13.19 68.64 1.51
CA GLU V 433 -13.66 69.93 1.02
C GLU V 433 -13.39 70.09 -0.46
N ALA V 434 -12.28 69.54 -0.96
CA ALA V 434 -11.80 69.87 -2.29
C ALA V 434 -12.26 68.91 -3.39
N VAL V 435 -12.42 67.62 -3.09
CA VAL V 435 -12.61 66.63 -4.15
C VAL V 435 -13.83 66.92 -5.03
N PRO V 436 -15.04 67.12 -4.48
CA PRO V 436 -16.18 67.41 -5.38
C PRO V 436 -16.01 68.72 -6.15
N ARG V 437 -15.48 69.75 -5.49
CA ARG V 437 -15.30 71.03 -6.16
C ARG V 437 -14.36 70.90 -7.35
N MET V 438 -13.23 70.21 -7.17
CA MET V 438 -12.26 70.12 -8.25
C MET V 438 -12.66 69.07 -9.29
N ARG V 439 -13.48 68.09 -8.92
CA ARG V 439 -14.08 67.25 -9.96
C ARG V 439 -15.02 68.05 -10.85
N ARG V 440 -15.85 68.90 -10.24
CA ARG V 440 -16.70 69.78 -11.03
C ARG V 440 -15.87 70.73 -11.89
N GLU V 441 -14.78 71.26 -11.33
CA GLU V 441 -13.90 72.13 -12.08
C GLU V 441 -13.27 71.40 -13.26
N THR V 442 -12.86 70.14 -13.06
CA THR V 442 -12.30 69.35 -14.15
C THR V 442 -13.34 69.13 -15.25
N ASP V 443 -14.58 68.82 -14.86
CA ASP V 443 -15.63 68.64 -15.87
C ASP V 443 -15.87 69.93 -16.66
N SER V 444 -15.92 71.07 -15.96
CA SER V 444 -16.11 72.34 -16.64
C SER V 444 -14.94 72.65 -17.57
N LEU V 445 -13.72 72.33 -17.15
CA LEU V 445 -12.55 72.54 -17.99
C LEU V 445 -12.60 71.66 -19.23
N ARG V 446 -13.06 70.42 -19.08
CA ARG V 446 -13.21 69.54 -20.24
C ARG V 446 -14.23 70.11 -21.21
N SER V 447 -15.35 70.61 -20.71
CA SER V 447 -16.34 71.24 -21.58
C SER V 447 -15.77 72.46 -22.29
N ASP V 448 -15.00 73.27 -21.57
CA ASP V 448 -14.39 74.45 -22.18
C ASP V 448 -13.38 74.05 -23.25
N ASN V 449 -12.59 73.00 -22.99
CA ASN V 449 -11.63 72.53 -23.98
C ASN V 449 -12.34 72.01 -25.23
N ALA V 450 -13.44 71.29 -25.05
CA ALA V 450 -14.22 70.83 -26.20
C ALA V 450 -14.76 72.02 -26.98
N ALA V 451 -15.25 73.05 -26.28
CA ALA V 451 -15.75 74.24 -26.94
C ALA V 451 -14.64 74.93 -27.74
N LEU V 452 -13.45 75.04 -27.15
CA LEU V 452 -12.33 75.67 -27.85
C LEU V 452 -11.92 74.87 -29.08
N GLN V 453 -11.90 73.54 -28.97
CA GLN V 453 -11.55 72.71 -30.12
C GLN V 453 -12.59 72.85 -31.23
N VAL V 454 -13.87 72.87 -30.87
CA VAL V 454 -14.92 73.05 -31.88
C VAL V 454 -14.78 74.41 -32.55
N ALA V 455 -14.52 75.46 -31.75
CA ALA V 455 -14.36 76.79 -32.32
C ALA V 455 -13.17 76.85 -33.26
N ARG V 456 -12.04 76.23 -32.88
CA ARG V 456 -10.86 76.22 -33.72
C ARG V 456 -11.12 75.46 -35.02
N THR V 457 -11.78 74.31 -34.94
CA THR V 457 -12.08 73.54 -36.15
C THR V 457 -13.00 74.31 -37.08
N ARG V 458 -14.04 74.94 -36.53
CA ARG V 458 -14.94 75.73 -37.36
C ARG V 458 -14.23 76.94 -37.95
N LEU V 459 -13.33 77.56 -37.19
CA LEU V 459 -12.58 78.69 -37.70
C LEU V 459 -11.66 78.27 -38.85
N GLN V 460 -11.02 77.11 -38.73
CA GLN V 460 -10.20 76.61 -39.83
C GLN V 460 -11.04 76.27 -41.06
N ARG V 461 -12.19 75.62 -40.86
CA ARG V 461 -12.97 75.14 -42.00
C ARG V 461 -13.69 76.27 -42.72
N GLU V 462 -14.28 77.21 -41.98
CA GLU V 462 -15.11 78.24 -42.58
C GLU V 462 -14.42 79.60 -42.64
N GLY V 463 -13.47 79.88 -41.76
CA GLY V 463 -12.81 81.16 -41.71
C GLY V 463 -13.39 82.09 -40.66
N VAL V 464 -13.20 83.38 -40.89
CA VAL V 464 -13.71 84.39 -39.96
C VAL V 464 -15.23 84.43 -39.95
N THR V 465 -15.87 83.90 -40.99
CA THR V 465 -17.33 83.87 -41.05
C THR V 465 -17.91 83.08 -39.87
N PHE V 466 -17.14 82.19 -39.27
CA PHE V 466 -17.58 81.48 -38.08
C PHE V 466 -17.92 82.44 -36.94
N LEU V 467 -17.13 83.52 -36.79
CA LEU V 467 -17.37 84.49 -35.72
C LEU V 467 -18.63 85.32 -35.95
N MET V 468 -19.22 85.26 -37.15
CA MET V 468 -20.41 86.07 -37.43
C MET V 468 -21.61 85.56 -36.65
N ASN V 469 -21.81 84.24 -36.60
CA ASN V 469 -22.97 83.64 -35.97
C ASN V 469 -22.59 82.65 -34.89
N ALA V 470 -21.51 82.94 -34.16
CA ALA V 470 -21.11 82.08 -33.04
C ALA V 470 -22.11 82.21 -31.89
N ASP V 471 -22.29 81.11 -31.17
CA ASP V 471 -23.20 81.12 -30.03
C ASP V 471 -22.60 81.93 -28.88
N ALA V 472 -23.45 82.20 -27.88
CA ALA V 472 -23.06 83.09 -26.78
C ALA V 472 -21.88 82.54 -25.99
N ARG V 473 -21.88 81.23 -25.73
CA ARG V 473 -20.82 80.66 -24.90
C ARG V 473 -19.45 80.78 -25.58
N THR V 474 -19.39 80.47 -26.88
CA THR V 474 -18.12 80.59 -27.60
C THR V 474 -17.66 82.04 -27.65
N ARG V 475 -18.61 82.97 -27.84
CA ARG V 475 -18.27 84.39 -27.82
C ARG V 475 -17.69 84.80 -26.48
N GLY V 476 -18.28 84.32 -25.39
CA GLY V 476 -17.74 84.62 -24.07
C GLY V 476 -16.37 84.03 -23.85
N LEU V 477 -16.15 82.80 -24.31
CA LEU V 477 -14.83 82.19 -24.19
C LEU V 477 -13.78 82.97 -24.99
N LEU V 478 -14.15 83.41 -26.18
CA LEU V 478 -13.23 84.23 -26.98
C LEU V 478 -12.95 85.56 -26.30
N GLU V 479 -13.97 86.16 -25.69
CA GLU V 479 -13.77 87.42 -24.97
C GLU V 479 -12.83 87.23 -23.79
N SER V 480 -12.99 86.14 -23.04
CA SER V 480 -12.13 85.86 -21.90
C SER V 480 -10.78 85.30 -22.36
N LEU V 496 -16.64 90.87 -47.48
CA LEU V 496 -15.77 91.81 -48.18
C LEU V 496 -14.94 91.10 -49.24
N THR V 497 -14.04 91.84 -49.88
CA THR V 497 -13.18 91.29 -50.92
C THR V 497 -12.13 90.38 -50.29
N PRO V 498 -11.53 89.49 -51.09
CA PRO V 498 -10.54 88.56 -50.52
C PRO V 498 -9.35 89.24 -49.86
N GLU V 499 -8.98 90.46 -50.28
CA GLU V 499 -7.86 91.15 -49.66
C GLU V 499 -8.11 91.40 -48.17
N GLN V 500 -9.26 92.02 -47.86
CA GLN V 500 -9.66 92.14 -46.47
C GLN V 500 -9.87 90.76 -45.84
N GLN V 501 -10.37 89.80 -46.63
CA GLN V 501 -10.49 88.44 -46.14
C GLN V 501 -9.14 87.75 -45.96
N ALA V 502 -8.09 88.23 -46.63
CA ALA V 502 -6.74 87.77 -46.37
C ALA V 502 -6.16 88.38 -45.10
N GLU V 503 -6.43 89.67 -44.85
CA GLU V 503 -6.10 90.24 -43.55
C GLU V 503 -6.84 89.52 -42.43
N TYR V 504 -8.08 89.11 -42.70
CA TYR V 504 -8.84 88.32 -41.74
C TYR V 504 -8.19 86.97 -41.48
N ALA V 505 -7.64 86.33 -42.52
CA ALA V 505 -6.90 85.08 -42.31
C ALA V 505 -5.63 85.31 -41.50
N ARG V 506 -4.95 86.42 -41.75
CA ARG V 506 -3.76 86.74 -40.97
C ARG V 506 -4.10 86.92 -39.50
N GLN V 507 -5.24 87.58 -39.21
CA GLN V 507 -5.70 87.66 -37.83
C GLN V 507 -6.14 86.31 -37.30
N THR V 508 -6.68 85.47 -38.18
CA THR V 508 -7.14 84.13 -37.79
C THR V 508 -5.97 83.28 -37.31
N ASN V 509 -4.80 83.45 -37.92
CA ASN V 509 -3.61 82.73 -37.46
C ASN V 509 -3.34 83.03 -35.98
N GLN V 510 -3.31 84.32 -35.62
CA GLN V 510 -3.05 84.70 -34.23
C GLN V 510 -4.18 84.23 -33.31
N VAL V 511 -5.42 84.30 -33.79
CA VAL V 511 -6.54 83.82 -32.98
C VAL V 511 -6.40 82.34 -32.68
N GLN V 512 -6.02 81.56 -33.70
CA GLN V 512 -5.83 80.12 -33.51
C GLN V 512 -4.67 79.84 -32.56
N GLN V 513 -3.59 80.61 -32.65
CA GLN V 513 -2.48 80.44 -31.70
C GLN V 513 -2.94 80.71 -30.27
N ALA V 514 -3.73 81.77 -30.08
CA ALA V 514 -4.24 82.07 -28.74
C ALA V 514 -5.16 80.96 -28.23
N ILE V 515 -6.02 80.44 -29.10
CA ILE V 515 -6.92 79.36 -28.71
C ILE V 515 -6.12 78.12 -28.31
N GLU V 516 -5.08 77.79 -29.09
CA GLU V 516 -4.24 76.65 -28.76
C GLU V 516 -3.53 76.85 -27.43
N GLN V 517 -3.04 78.06 -27.18
CA GLN V 517 -2.38 78.34 -25.90
C GLN V 517 -3.35 78.17 -24.74
N GLN V 518 -4.57 78.68 -24.88
CA GLN V 518 -5.57 78.52 -23.82
C GLN V 518 -5.88 77.05 -23.59
N ILE V 519 -5.98 76.27 -24.67
CA ILE V 519 -6.19 74.83 -24.53
C ILE V 519 -5.03 74.19 -23.78
N ILE V 520 -3.79 74.64 -24.06
CA ILE V 520 -2.63 74.10 -23.36
C ILE V 520 -2.73 74.37 -21.86
N ILE V 521 -3.10 75.60 -21.49
CA ILE V 521 -3.20 75.93 -20.07
C ILE V 521 -4.29 75.10 -19.39
N ASN V 522 -5.45 74.98 -20.04
CA ASN V 522 -6.54 74.22 -19.45
C ASN V 522 -6.17 72.75 -19.29
N ASP V 523 -5.51 72.18 -20.31
CA ASP V 523 -5.08 70.79 -20.21
C ASP V 523 -4.04 70.59 -19.13
N GLN V 524 -3.14 71.57 -18.96
CA GLN V 524 -2.17 71.50 -17.88
C GLN V 524 -2.86 71.48 -16.51
N ARG V 525 -3.85 72.34 -16.32
CA ARG V 525 -4.58 72.34 -15.06
C ARG V 525 -5.31 71.03 -14.84
N VAL V 526 -5.94 70.50 -15.89
CA VAL V 526 -6.64 69.22 -15.77
C VAL V 526 -5.69 68.10 -15.41
N GLN V 527 -4.52 68.08 -16.06
CA GLN V 527 -3.53 67.05 -15.77
C GLN V 527 -3.02 67.14 -14.35
N ASN V 528 -2.80 68.37 -13.86
CA ASN V 528 -2.37 68.54 -12.47
C ASN V 528 -3.43 68.01 -11.50
N ASN V 529 -4.69 68.36 -11.74
CA ASN V 529 -5.77 67.88 -10.87
C ASN V 529 -5.85 66.36 -10.88
N ALA V 530 -5.79 65.76 -12.08
CA ALA V 530 -5.89 64.31 -12.19
C ALA V 530 -4.71 63.62 -11.52
N ALA V 531 -3.50 64.17 -11.67
CA ALA V 531 -2.33 63.56 -11.04
C ALA V 531 -2.42 63.62 -9.53
N GLU V 532 -2.83 64.77 -8.97
CA GLU V 532 -2.93 64.85 -7.52
C GLU V 532 -4.13 64.07 -6.97
N LEU V 533 -5.15 63.81 -7.79
CA LEU V 533 -6.19 62.85 -7.39
C LEU V 533 -5.65 61.43 -7.37
N ALA V 534 -4.97 61.02 -8.45
CA ALA V 534 -4.45 59.66 -8.53
C ALA V 534 -3.36 59.39 -7.51
N LYS V 535 -2.71 60.43 -6.99
CA LYS V 535 -1.73 60.23 -5.93
C LYS V 535 -2.38 59.59 -4.71
N TYR V 536 -3.61 59.98 -4.39
CA TYR V 536 -4.36 59.38 -3.29
C TYR V 536 -5.13 58.14 -3.71
N GLY V 537 -5.58 58.08 -4.95
CA GLY V 537 -6.35 56.97 -5.45
C GLY V 537 -7.83 57.23 -5.67
N LEU V 538 -8.24 58.48 -5.84
CA LEU V 538 -9.64 58.85 -6.02
C LEU V 538 -9.94 59.35 -7.43
N SER V 539 -9.10 58.97 -8.40
CA SER V 539 -9.28 59.41 -9.78
C SER V 539 -10.22 58.51 -10.56
N GLU V 540 -10.67 57.41 -9.99
CA GLU V 540 -11.55 56.48 -10.68
C GLU V 540 -12.95 57.07 -10.83
N PRO V 541 -13.73 56.54 -11.77
CA PRO V 541 -15.13 57.00 -11.90
C PRO V 541 -15.91 56.78 -10.61
N GLU V 542 -17.05 57.47 -10.53
CA GLU V 542 -17.83 57.46 -9.30
C GLU V 542 -18.35 56.06 -8.95
N ASP V 543 -18.81 55.32 -9.96
CA ASP V 543 -19.27 53.96 -9.70
C ASP V 543 -18.13 53.07 -9.21
N VAL V 544 -16.96 53.18 -9.83
CA VAL V 544 -15.82 52.36 -9.44
C VAL V 544 -15.42 52.66 -8.00
N LEU V 545 -15.37 53.95 -7.65
CA LEU V 545 -15.04 54.33 -6.28
C LEU V 545 -16.10 53.84 -5.30
N ARG V 546 -17.37 53.92 -5.70
CA ARG V 546 -18.45 53.48 -4.81
C ARG V 546 -18.38 51.99 -4.54
N LYS V 547 -18.05 51.19 -5.56
CA LYS V 547 -18.05 49.74 -5.38
C LYS V 547 -16.78 49.25 -4.69
N ASN V 548 -15.75 50.07 -4.59
CA ASN V 548 -14.44 49.67 -4.11
C ASN V 548 -14.00 50.47 -2.90
N ALA V 549 -14.91 50.64 -1.92
CA ALA V 549 -14.57 51.39 -0.71
C ALA V 549 -14.36 50.47 0.49
N ALA V 550 -15.36 49.65 0.80
CA ALA V 550 -15.27 48.76 1.95
C ALA V 550 -14.15 47.75 1.79
N THR V 551 -14.01 47.18 0.60
CA THR V 551 -12.93 46.22 0.36
C THR V 551 -11.56 46.90 0.44
N ARG V 552 -11.46 48.13 -0.06
CA ARG V 552 -10.20 48.84 0.03
C ARG V 552 -9.80 49.10 1.49
N ARG V 553 -10.77 49.54 2.30
CA ARG V 553 -10.48 49.75 3.72
C ARG V 553 -10.12 48.44 4.42
N LYS V 554 -10.82 47.36 4.08
CA LYS V 554 -10.52 46.07 4.68
C LYS V 554 -9.12 45.61 4.30
N LEU V 555 -8.71 45.82 3.05
CA LEU V 555 -7.37 45.46 2.63
C LEU V 555 -6.32 46.30 3.36
N VAL V 556 -6.58 47.59 3.54
CA VAL V 556 -5.66 48.43 4.28
C VAL V 556 -5.50 47.92 5.71
N ASN V 557 -6.64 47.61 6.35
CA ASN V 557 -6.60 47.12 7.73
C ASN V 557 -5.86 45.79 7.83
N ASP V 558 -6.11 44.88 6.88
CA ASP V 558 -5.43 43.58 6.90
C ASP V 558 -3.92 43.74 6.68
N THR V 559 -3.53 44.62 5.76
CA THR V 559 -2.11 44.86 5.52
C THR V 559 -1.44 45.40 6.78
N MET V 560 -2.07 46.37 7.44
CA MET V 560 -1.48 46.89 8.66
C MET V 560 -1.49 45.88 9.79
N TYR V 561 -2.49 44.99 9.83
CA TYR V 561 -2.50 43.93 10.83
C TYR V 561 -1.33 42.98 10.64
N GLN V 562 -1.06 42.58 9.40
CA GLN V 562 0.08 41.70 9.14
C GLN V 562 1.40 42.41 9.44
N LEU V 563 1.49 43.70 9.10
CA LEU V 563 2.68 44.47 9.42
C LEU V 563 2.90 44.52 10.93
N GLY V 564 1.83 44.74 11.69
CA GLY V 564 1.95 44.76 13.14
C GLY V 564 2.31 43.41 13.72
N THR V 565 1.79 42.33 13.13
CA THR V 565 2.18 41.00 13.58
C THR V 565 3.67 40.77 13.38
N GLN V 566 4.20 41.16 12.22
CA GLN V 566 5.63 40.99 11.98
C GLN V 566 6.44 41.87 12.92
N ALA V 567 6.01 43.11 13.15
CA ALA V 567 6.72 43.99 14.07
C ALA V 567 6.71 43.43 15.49
N GLU V 568 5.58 42.88 15.92
CA GLU V 568 5.49 42.27 17.24
C GLU V 568 6.42 41.08 17.37
N GLN V 569 6.49 40.26 16.32
CA GLN V 569 7.43 39.13 16.34
C GLN V 569 8.87 39.63 16.48
N VAL V 570 9.23 40.67 15.70
CA VAL V 570 10.59 41.18 15.73
C VAL V 570 10.92 41.75 17.11
N ARG V 571 10.00 42.51 17.70
CA ARG V 571 10.28 43.11 19.00
C ARG V 571 10.29 42.06 20.11
N ARG V 572 9.47 41.01 19.97
CA ARG V 572 9.47 39.94 20.95
C ARG V 572 10.78 39.16 20.92
N THR V 573 11.33 38.91 19.73
CA THR V 573 12.60 38.23 19.65
C THR V 573 13.76 39.08 20.14
N GLN V 574 13.54 40.39 20.35
CA GLN V 574 14.57 41.27 20.90
C GLN V 574 14.68 41.03 22.40
N THR V 575 15.53 40.09 22.77
CA THR V 575 15.78 39.76 24.16
C THR V 575 17.28 39.73 24.44
N SER V 576 17.66 40.13 25.64
CA SER V 576 19.06 40.14 26.02
C SER V 576 19.49 38.74 26.46
N GLY V 577 20.75 38.41 26.14
CA GLY V 577 21.31 37.12 26.49
C GLY V 577 21.98 37.04 27.84
N TYR V 578 21.85 38.09 28.66
CA TYR V 578 22.48 38.12 29.98
C TYR V 578 21.42 38.01 31.06
N GLY V 579 21.76 37.31 32.14
CA GLY V 579 20.81 37.08 33.21
C GLY V 579 20.59 38.30 34.08
N GLN V 580 19.59 38.19 34.94
CA GLN V 580 19.24 39.27 35.84
C GLN V 580 20.30 39.42 36.94
N LEU V 581 20.44 40.64 37.45
CA LEU V 581 21.41 40.96 38.48
C LEU V 581 20.74 40.87 39.85
N GLY V 582 21.42 40.22 40.80
CA GLY V 582 20.92 40.12 42.15
C GLY V 582 20.74 38.70 42.63
N ILE V 583 20.67 38.52 43.95
CA ILE V 583 20.47 37.21 44.56
C ILE V 583 19.36 37.33 45.60
N THR V 584 18.81 36.17 45.96
CA THR V 584 17.79 36.12 47.01
C THR V 584 18.39 36.63 48.32
N SER V 585 17.65 37.49 49.00
CA SER V 585 18.17 38.14 50.19
C SER V 585 18.42 37.12 51.30
N PRO V 586 19.63 37.02 51.83
CA PRO V 586 19.87 36.06 52.92
C PRO V 586 19.19 36.48 54.21
N THR V 587 19.03 37.77 54.44
CA THR V 587 18.24 38.25 55.57
C THR V 587 16.78 37.88 55.37
N THR V 588 16.05 37.71 56.46
CA THR V 588 14.74 37.09 56.41
C THR V 588 13.76 37.89 55.55
N ALA V 589 12.89 37.18 54.84
CA ALA V 589 11.87 37.81 54.01
C ALA V 589 10.49 37.53 54.56
N SER W 37 -69.65 10.18 45.79
CA SER W 37 -68.55 9.65 46.58
C SER W 37 -67.26 10.41 46.31
N LYS W 38 -66.71 11.04 47.35
CA LYS W 38 -65.48 11.79 47.21
C LYS W 38 -64.27 10.87 47.13
N THR W 39 -63.16 11.43 46.67
CA THR W 39 -61.93 10.68 46.54
C THR W 39 -61.33 10.38 47.91
N GLN W 40 -60.40 9.42 47.94
CA GLN W 40 -59.74 9.05 49.19
C GLN W 40 -58.85 10.19 49.67
N GLN W 41 -58.88 10.43 50.98
CA GLN W 41 -58.07 11.47 51.60
C GLN W 41 -57.57 10.98 52.96
N ILE W 42 -56.87 11.85 53.68
CA ILE W 42 -56.34 11.48 54.98
C ILE W 42 -57.47 11.51 56.01
N LEU W 43 -57.46 10.52 56.90
CA LEU W 43 -58.48 10.39 57.93
C LEU W 43 -57.96 10.90 59.27
N GLU W 44 -58.87 10.93 60.24
CA GLU W 44 -58.49 11.21 61.61
C GLU W 44 -57.71 10.04 62.19
N ALA W 45 -57.04 10.28 63.31
CA ALA W 45 -56.29 9.21 63.96
C ALA W 45 -57.19 8.07 64.37
N GLY W 46 -58.35 8.38 64.96
CA GLY W 46 -59.26 7.33 65.40
C GLY W 46 -59.82 6.52 64.23
N ASN W 47 -60.24 7.19 63.16
CA ASN W 47 -60.80 6.49 62.03
C ASN W 47 -59.78 5.59 61.36
N ALA W 48 -58.55 6.08 61.17
CA ALA W 48 -57.50 5.26 60.57
C ALA W 48 -57.14 4.09 61.48
N ALA W 49 -57.07 4.33 62.79
CA ALA W 49 -56.78 3.25 63.72
C ALA W 49 -57.84 2.17 63.67
N ILE W 50 -59.11 2.56 63.60
CA ILE W 50 -60.19 1.58 63.53
C ILE W 50 -60.17 0.84 62.20
N ALA W 51 -59.86 1.55 61.11
CA ALA W 51 -59.76 0.89 59.81
C ALA W 51 -58.65 -0.15 59.80
N GLN W 52 -57.51 0.16 60.41
CA GLN W 52 -56.42 -0.80 60.46
C GLN W 52 -56.69 -1.90 61.48
N GLN W 53 -57.51 -1.62 62.50
CA GLN W 53 -57.79 -2.62 63.53
C GLN W 53 -58.59 -3.80 63.00
N ALA W 54 -59.54 -3.55 62.10
CA ALA W 54 -60.48 -4.58 61.68
C ALA W 54 -59.83 -5.64 60.80
N VAL W 55 -58.56 -5.50 60.45
CA VAL W 55 -57.85 -6.53 59.70
C VAL W 55 -57.60 -7.68 60.67
N SER W 56 -58.44 -8.70 60.62
CA SER W 56 -58.40 -9.78 61.59
C SER W 56 -57.21 -10.70 61.30
N ILE W 57 -56.15 -10.54 62.08
CA ILE W 57 -54.97 -11.39 61.95
C ILE W 57 -55.20 -12.65 62.75
N GLY W 58 -55.07 -13.80 62.09
CA GLY W 58 -55.28 -15.07 62.75
C GLY W 58 -56.71 -15.57 62.63
N GLN W 59 -56.87 -16.87 62.86
CA GLN W 59 -58.18 -17.53 62.74
C GLN W 59 -58.89 -17.53 64.10
N ALA W 60 -58.97 -16.33 64.69
CA ALA W 60 -59.63 -16.18 65.97
C ALA W 60 -60.75 -15.15 65.96
N SER W 61 -61.19 -14.68 64.79
CA SER W 61 -62.27 -13.71 64.68
C SER W 61 -63.11 -14.08 63.47
N GLN W 62 -64.26 -14.72 63.71
CA GLN W 62 -65.17 -15.16 62.66
C GLN W 62 -64.48 -16.01 61.62
N LEU W 138 -86.47 2.44 63.57
CA LEU W 138 -85.04 2.63 63.37
C LEU W 138 -84.63 4.07 63.68
N THR W 139 -83.61 4.23 64.53
CA THR W 139 -83.08 5.53 64.83
C THR W 139 -82.26 6.06 63.67
N VAL W 140 -81.72 7.27 63.81
CA VAL W 140 -80.95 7.88 62.72
C VAL W 140 -79.69 7.08 62.44
N SER W 141 -78.93 6.74 63.48
CA SER W 141 -77.68 6.01 63.29
C SER W 141 -77.94 4.64 62.70
N GLU W 142 -78.95 3.92 63.22
CA GLU W 142 -79.25 2.59 62.70
C GLU W 142 -79.73 2.66 61.25
N GLN W 143 -80.57 3.65 60.93
CA GLN W 143 -81.05 3.79 59.56
C GLN W 143 -79.90 4.08 58.60
N GLU W 144 -78.99 4.98 58.98
CA GLU W 144 -77.87 5.31 58.12
C GLU W 144 -76.92 4.13 57.98
N ALA W 145 -76.69 3.38 59.06
CA ALA W 145 -75.86 2.18 58.99
C ALA W 145 -76.48 1.13 58.07
N ASN W 146 -77.79 0.94 58.16
CA ASN W 146 -78.46 0.00 57.27
C ASN W 146 -78.35 0.45 55.82
N ALA W 147 -78.52 1.75 55.56
CA ALA W 147 -78.42 2.26 54.20
C ALA W 147 -77.02 2.06 53.63
N VAL W 148 -75.98 2.36 54.43
CA VAL W 148 -74.62 2.22 53.92
C VAL W 148 -74.26 0.75 53.78
N ARG W 149 -74.80 -0.12 54.63
CA ARG W 149 -74.58 -1.56 54.46
C ARG W 149 -75.22 -2.05 53.16
N VAL W 150 -76.43 -1.60 52.86
CA VAL W 150 -77.08 -1.96 51.61
C VAL W 150 -76.28 -1.45 50.43
N GLU W 151 -75.76 -0.23 50.53
CA GLU W 151 -74.94 0.33 49.46
C GLU W 151 -73.66 -0.48 49.26
N LEU W 152 -73.01 -0.89 50.36
CA LEU W 152 -71.82 -1.72 50.24
C LEU W 152 -72.14 -3.07 49.59
N GLY W 153 -73.25 -3.68 49.98
CA GLY W 153 -73.65 -4.93 49.36
C GLY W 153 -73.93 -4.77 47.87
N ASP W 154 -74.59 -3.68 47.50
CA ASP W 154 -74.84 -3.42 46.08
C ASP W 154 -73.54 -3.18 45.33
N LEU W 155 -72.59 -2.48 45.94
CA LEU W 155 -71.29 -2.26 45.31
C LEU W 155 -70.57 -3.58 45.08
N TYR W 156 -70.57 -4.47 46.09
CA TYR W 156 -69.93 -5.76 45.93
C TYR W 156 -70.61 -6.59 44.84
N ASN W 157 -71.96 -6.56 44.81
CA ASN W 157 -72.68 -7.30 43.79
C ASN W 157 -72.37 -6.77 42.39
N GLU W 158 -72.30 -5.44 42.24
CA GLU W 158 -71.95 -4.86 40.95
C GLU W 158 -70.53 -5.24 40.54
N TRP W 159 -69.60 -5.22 41.50
CA TRP W 159 -68.22 -5.58 41.17
C TRP W 159 -68.10 -7.04 40.77
N ARG W 160 -68.80 -7.93 41.46
CA ARG W 160 -68.71 -9.36 41.16
C ARG W 160 -69.41 -9.69 39.84
N SER W 161 -70.62 -9.17 39.65
CA SER W 161 -71.40 -9.54 38.47
C SER W 161 -70.85 -8.87 37.22
N GLY W 162 -70.30 -7.67 37.34
CA GLY W 162 -69.77 -6.94 36.22
C GLY W 162 -68.38 -7.34 35.79
N ASP W 163 -67.79 -8.34 36.43
CA ASP W 163 -66.42 -8.79 36.15
C ASP W 163 -65.43 -7.63 36.31
N LYS W 164 -65.69 -6.78 37.31
CA LYS W 164 -64.83 -5.62 37.54
C LYS W 164 -63.54 -6.00 38.24
N PHE W 165 -63.55 -7.10 39.01
CA PHE W 165 -62.34 -7.54 39.70
C PHE W 165 -61.24 -7.96 38.73
N ARG W 166 -61.58 -8.37 37.52
CA ARG W 166 -60.61 -8.80 36.53
C ARG W 166 -60.35 -7.76 35.46
N SER W 167 -61.38 -7.03 35.02
CA SER W 167 -61.22 -6.10 33.91
C SER W 167 -60.46 -4.85 34.32
N GLU W 168 -60.68 -4.35 35.53
CA GLU W 168 -60.07 -3.08 35.92
C GLU W 168 -58.66 -3.33 36.46
N PRO W 169 -57.66 -2.55 36.01
CA PRO W 169 -56.28 -2.84 36.40
C PRO W 169 -56.03 -2.78 37.90
N GLY W 170 -56.64 -1.84 38.61
CA GLY W 170 -56.46 -1.74 40.04
C GLY W 170 -57.64 -2.29 40.80
N GLY W 171 -58.26 -3.34 40.25
CA GLY W 171 -59.54 -3.86 40.69
C GLY W 171 -59.75 -4.01 42.18
N MET W 172 -58.96 -4.87 42.83
CA MET W 172 -59.23 -5.22 44.22
C MET W 172 -58.90 -4.07 45.16
N THR W 173 -57.78 -3.38 44.92
CA THR W 173 -57.46 -2.20 45.72
C THR W 173 -58.51 -1.11 45.51
N LYS W 174 -59.00 -0.96 44.26
CA LYS W 174 -60.05 0.02 44.01
C LYS W 174 -61.33 -0.34 44.74
N PHE W 175 -61.68 -1.64 44.77
CA PHE W 175 -62.86 -2.07 45.50
C PHE W 175 -62.73 -1.76 46.98
N ARG W 176 -61.57 -2.06 47.57
CA ARG W 176 -61.37 -1.76 48.99
C ARG W 176 -61.44 -0.25 49.25
N ASP W 177 -60.83 0.54 48.38
CA ASP W 177 -60.83 1.99 48.57
C ASP W 177 -62.23 2.57 48.40
N ALA W 178 -63.01 2.05 47.45
CA ALA W 178 -64.38 2.51 47.29
C ALA W 178 -65.22 2.17 48.52
N GLY W 179 -65.06 0.96 49.05
CA GLY W 179 -65.77 0.61 50.27
C GLY W 179 -65.39 1.50 51.43
N LEU W 180 -64.09 1.75 51.60
CA LEU W 180 -63.63 2.60 52.70
C LEU W 180 -64.12 4.04 52.54
N ALA W 181 -64.14 4.55 51.30
CA ALA W 181 -64.66 5.89 51.07
C ALA W 181 -66.15 5.96 51.39
N ARG W 182 -66.90 4.92 51.02
CA ARG W 182 -68.33 4.91 51.32
C ARG W 182 -68.58 4.87 52.83
N ILE W 183 -67.81 4.06 53.56
CA ILE W 183 -68.01 3.97 55.00
C ILE W 183 -67.58 5.26 55.70
N MET W 184 -66.42 5.80 55.33
CA MET W 184 -65.84 6.94 56.05
C MET W 184 -66.48 8.27 55.67
N SER W 185 -67.22 8.35 54.57
CA SER W 185 -67.88 9.59 54.21
C SER W 185 -69.07 9.90 55.13
N ARG W 186 -69.48 8.97 55.97
CA ARG W 186 -70.60 9.15 56.89
C ARG W 186 -70.04 9.37 58.29
N THR W 187 -69.99 10.63 58.71
CA THR W 187 -69.50 10.96 60.04
C THR W 187 -70.58 10.87 61.12
N ASN W 188 -71.81 10.55 60.74
CA ASN W 188 -72.92 10.44 61.67
C ASN W 188 -73.22 8.99 62.04
N ILE W 189 -72.18 8.16 62.16
CA ILE W 189 -72.31 6.74 62.45
C ILE W 189 -71.50 6.41 63.68
N THR W 190 -72.07 5.61 64.58
CA THR W 190 -71.36 5.19 65.78
C THR W 190 -70.17 4.31 65.39
N GLU W 191 -69.17 4.29 66.28
CA GLU W 191 -67.91 3.63 65.95
C GLU W 191 -68.08 2.13 65.76
N ALA W 192 -68.91 1.49 66.59
CA ALA W 192 -69.12 0.05 66.48
C ALA W 192 -69.77 -0.31 65.16
N GLN W 193 -70.72 0.50 64.69
CA GLN W 193 -71.33 0.26 63.39
C GLN W 193 -70.30 0.36 62.27
N LYS W 194 -69.40 1.34 62.36
CA LYS W 194 -68.32 1.44 61.37
C LYS W 194 -67.42 0.22 61.41
N LYS W 195 -67.12 -0.28 62.62
CA LYS W 195 -66.33 -1.50 62.73
C LYS W 195 -67.02 -2.67 62.05
N GLU W 196 -68.33 -2.82 62.28
CA GLU W 196 -69.07 -3.93 61.67
C GLU W 196 -69.09 -3.81 60.14
N LEU W 197 -69.31 -2.60 59.64
CA LEU W 197 -69.34 -2.39 58.19
C LEU W 197 -67.97 -2.69 57.57
N ILE W 198 -66.90 -2.23 58.22
CA ILE W 198 -65.57 -2.49 57.70
C ILE W 198 -65.25 -3.97 57.75
N ASN W 199 -65.72 -4.66 58.79
CA ASN W 199 -65.54 -6.10 58.88
C ASN W 199 -66.25 -6.81 57.74
N LEU W 200 -67.48 -6.37 57.40
CA LEU W 200 -68.19 -6.96 56.27
C LEU W 200 -67.44 -6.74 54.96
N HIS W 201 -66.95 -5.51 54.75
CA HIS W 201 -66.21 -5.22 53.53
C HIS W 201 -64.94 -6.06 53.44
N TYR W 202 -64.22 -6.19 54.56
CA TYR W 202 -63.00 -7.00 54.57
C TYR W 202 -63.33 -8.48 54.38
N GLY W 203 -64.48 -8.93 54.85
CA GLY W 203 -64.88 -10.31 54.59
C GLY W 203 -65.12 -10.56 53.11
N ASN W 204 -65.78 -9.61 52.43
CA ASN W 204 -65.93 -9.73 50.99
C ASN W 204 -64.58 -9.73 50.29
N TRP W 205 -63.68 -8.86 50.74
CA TRP W 205 -62.33 -8.80 50.16
C TRP W 205 -61.58 -10.11 50.37
N ASP W 206 -61.75 -10.73 51.54
CA ASP W 206 -61.09 -12.00 51.83
C ASP W 206 -61.71 -13.13 51.02
N ALA W 207 -63.01 -13.06 50.74
CA ALA W 207 -63.61 -14.03 49.83
C ALA W 207 -63.00 -13.93 48.44
N GLU W 208 -62.78 -12.70 47.96
CA GLU W 208 -62.09 -12.52 46.69
C GLU W 208 -60.66 -13.06 46.75
N MET W 209 -59.97 -12.82 47.87
CA MET W 209 -58.66 -13.43 48.09
C MET W 209 -58.72 -14.95 47.93
N LYS W 210 -59.71 -15.58 48.57
CA LYS W 210 -59.81 -17.04 48.53
C LYS W 210 -60.05 -17.54 47.11
N ALA W 211 -60.92 -16.86 46.37
CA ALA W 211 -61.19 -17.27 44.99
C ALA W 211 -59.92 -17.15 44.13
N TYR W 212 -59.23 -16.02 44.24
CA TYR W 212 -58.03 -15.81 43.44
C TYR W 212 -56.93 -16.82 43.81
N SER W 213 -56.78 -17.09 45.12
CA SER W 213 -55.79 -18.06 45.56
C SER W 213 -56.15 -19.46 45.07
N ASP W 214 -57.43 -19.79 45.03
CA ASP W 214 -57.84 -21.08 44.50
C ASP W 214 -57.48 -21.21 43.02
N ARG W 215 -57.72 -20.15 42.25
CA ARG W 215 -57.36 -20.21 40.83
C ARG W 215 -55.85 -20.37 40.65
N THR W 216 -55.07 -19.61 41.41
CA THR W 216 -53.61 -19.74 41.33
C THR W 216 -53.15 -21.12 41.74
N ALA W 217 -53.79 -21.70 42.77
CA ALA W 217 -53.46 -23.05 43.20
C ALA W 217 -53.74 -24.07 42.12
N LYS W 218 -54.87 -23.91 41.42
CA LYS W 218 -55.17 -24.81 40.31
C LYS W 218 -54.10 -24.71 39.22
N TYR W 219 -53.68 -23.48 38.90
CA TYR W 219 -52.64 -23.30 37.89
C TYR W 219 -51.34 -23.99 38.30
N ALA W 220 -50.91 -23.77 39.55
CA ALA W 220 -49.66 -24.37 40.01
C ALA W 220 -49.74 -25.89 40.04
N GLU W 221 -50.88 -26.43 40.48
CA GLU W 221 -51.07 -27.87 40.48
C GLU W 221 -50.97 -28.44 39.07
N GLU W 222 -51.59 -27.76 38.10
CA GLU W 222 -51.51 -28.22 36.71
C GLU W 222 -50.07 -28.24 36.22
N VAL W 223 -49.31 -27.18 36.51
CA VAL W 223 -47.92 -27.11 36.05
C VAL W 223 -47.11 -28.24 36.66
N SER W 224 -47.21 -28.43 37.97
CA SER W 224 -46.43 -29.47 38.64
C SER W 224 -46.79 -30.86 38.14
N GLN W 225 -48.10 -31.12 37.98
CA GLN W 225 -48.54 -32.41 37.48
C GLN W 225 -48.02 -32.68 36.08
N VAL W 226 -48.05 -31.66 35.22
CA VAL W 226 -47.54 -31.83 33.85
C VAL W 226 -46.06 -32.20 33.88
N ARG W 227 -45.28 -31.48 34.67
CA ARG W 227 -43.84 -31.76 34.72
C ARG W 227 -43.56 -33.17 35.24
N ARG W 228 -44.21 -33.54 36.34
CA ARG W 228 -43.97 -34.87 36.92
C ARG W 228 -44.41 -35.97 35.96
N GLU W 229 -45.54 -35.77 35.27
CA GLU W 229 -46.01 -36.76 34.32
C GLU W 229 -45.05 -36.90 33.16
N SER W 230 -44.48 -35.79 32.68
CA SER W 230 -43.50 -35.87 31.61
C SER W 230 -42.29 -36.70 32.02
N VAL W 231 -41.76 -36.45 33.22
CA VAL W 231 -40.58 -37.18 33.67
C VAL W 231 -40.91 -38.67 33.82
N ILE W 232 -42.04 -38.97 34.46
CA ILE W 232 -42.42 -40.36 34.69
C ILE W 232 -42.64 -41.08 33.37
N LYS W 233 -43.27 -40.41 32.40
CA LYS W 233 -43.53 -41.04 31.11
C LYS W 233 -42.23 -41.31 30.36
N GLU W 234 -41.25 -40.40 30.44
CA GLU W 234 -39.97 -40.69 29.79
C GLU W 234 -39.35 -41.95 30.39
N ARG W 235 -39.30 -42.02 31.73
CA ARG W 235 -38.66 -43.16 32.36
C ARG W 235 -39.38 -44.46 32.01
N THR W 236 -40.72 -44.44 32.07
CA THR W 236 -41.49 -45.64 31.76
C THR W 236 -41.33 -46.05 30.31
N PHE W 237 -41.31 -45.09 29.39
CA PHE W 237 -41.13 -45.41 27.99
C PHE W 237 -39.77 -46.04 27.75
N ARG W 238 -38.71 -45.50 28.36
CA ARG W 238 -37.39 -46.09 28.19
C ARG W 238 -37.35 -47.52 28.72
N VAL W 239 -37.92 -47.74 29.91
CA VAL W 239 -37.92 -49.09 30.49
C VAL W 239 -38.68 -50.04 29.58
N ASN W 240 -39.86 -49.63 29.11
CA ASN W 240 -40.70 -50.51 28.31
C ASN W 240 -40.03 -50.84 26.98
N SER W 241 -39.42 -49.84 26.34
CA SER W 241 -38.75 -50.06 25.07
C SER W 241 -37.56 -51.00 25.23
N VAL W 242 -36.78 -50.83 26.31
CA VAL W 242 -35.64 -51.72 26.52
C VAL W 242 -36.11 -53.15 26.78
N VAL W 243 -37.14 -53.31 27.62
CA VAL W 243 -37.61 -54.65 27.95
C VAL W 243 -38.20 -55.34 26.72
N SER W 244 -38.95 -54.60 25.91
CA SER W 244 -39.67 -55.18 24.79
C SER W 244 -38.79 -55.47 23.58
N GLY W 245 -37.53 -55.04 23.60
CA GLY W 245 -36.64 -55.28 22.48
C GLY W 245 -36.06 -56.67 22.41
N LEU W 246 -36.33 -57.51 23.40
CA LEU W 246 -35.79 -58.86 23.42
C LEU W 246 -36.50 -59.75 22.40
N THR W 247 -35.73 -60.64 21.79
CA THR W 247 -36.21 -61.55 20.77
C THR W 247 -36.72 -62.82 21.47
N TRP W 248 -37.14 -63.83 20.70
CA TRP W 248 -37.66 -65.06 21.28
C TRP W 248 -36.63 -65.74 22.17
N ASP W 249 -35.37 -65.77 21.72
CA ASP W 249 -34.30 -66.48 22.43
C ASP W 249 -33.25 -65.54 22.99
N ALA W 250 -33.60 -64.28 23.21
CA ALA W 250 -32.64 -63.32 23.72
C ALA W 250 -32.39 -63.52 25.21
N ASP W 251 -31.22 -63.08 25.67
CA ASP W 251 -30.87 -63.13 27.09
C ASP W 251 -31.14 -61.76 27.71
N PRO W 252 -31.90 -61.69 28.79
CA PRO W 252 -32.32 -60.38 29.34
C PRO W 252 -31.34 -59.73 30.30
N THR W 253 -30.09 -60.20 30.39
CA THR W 253 -29.15 -59.65 31.36
C THR W 253 -28.94 -58.16 31.14
N ASP W 254 -28.68 -57.75 29.90
CA ASP W 254 -28.52 -56.34 29.59
C ASP W 254 -29.83 -55.58 29.83
N ALA W 255 -30.96 -56.17 29.45
CA ALA W 255 -32.24 -55.51 29.68
C ALA W 255 -32.51 -55.32 31.16
N ILE W 256 -32.21 -56.34 31.98
CA ILE W 256 -32.42 -56.22 33.41
C ILE W 256 -31.47 -55.19 34.01
N LYS W 257 -30.23 -55.13 33.52
CA LYS W 257 -29.30 -54.10 34.01
C LYS W 257 -29.79 -52.70 33.66
N LYS W 258 -30.32 -52.52 32.45
CA LYS W 258 -30.85 -51.21 32.07
C LYS W 258 -32.09 -50.85 32.89
N VAL W 259 -32.92 -51.85 33.19
CA VAL W 259 -34.07 -51.60 34.07
C VAL W 259 -33.59 -51.18 35.46
N ASP W 260 -32.53 -51.84 35.96
CA ASP W 260 -31.95 -51.45 37.25
C ASP W 260 -31.48 -50.01 37.21
N ALA W 261 -30.79 -49.62 36.13
CA ALA W 261 -30.30 -48.26 36.01
C ALA W 261 -31.45 -47.25 35.98
N MET W 262 -32.51 -47.56 35.23
CA MET W 262 -33.63 -46.64 35.14
C MET W 262 -34.37 -46.52 36.48
N VAL W 263 -34.53 -47.64 37.19
CA VAL W 263 -35.19 -47.58 38.49
C VAL W 263 -34.31 -46.83 39.49
N SER W 264 -32.99 -46.98 39.38
CA SER W 264 -32.09 -46.19 40.22
C SER W 264 -32.25 -44.70 39.93
N SER W 265 -32.35 -44.33 38.66
CA SER W 265 -32.55 -42.93 38.31
C SER W 265 -33.87 -42.41 38.83
N THR W 266 -34.92 -43.22 38.74
CA THR W 266 -36.25 -42.79 39.18
C THR W 266 -36.30 -42.63 40.70
N VAL W 267 -35.80 -43.60 41.44
CA VAL W 267 -35.87 -43.56 42.90
C VAL W 267 -34.98 -42.45 43.45
N ASN W 268 -33.81 -42.25 42.84
CA ASN W 268 -32.90 -41.22 43.32
C ASN W 268 -33.34 -39.82 42.92
N ASP W 269 -34.35 -39.69 42.07
CA ASP W 269 -34.80 -38.38 41.61
C ASP W 269 -35.35 -37.57 42.78
N GLN W 270 -34.74 -36.41 43.02
CA GLN W 270 -35.15 -35.56 44.14
C GLN W 270 -36.31 -34.63 43.79
N ASN W 271 -36.67 -34.54 42.51
CA ASN W 271 -37.74 -33.66 42.07
C ASN W 271 -39.11 -34.32 42.08
N LEU W 272 -39.19 -35.59 42.50
CA LEU W 272 -40.45 -36.31 42.55
C LEU W 272 -40.75 -36.72 43.99
N PRO W 273 -42.03 -36.81 44.35
CA PRO W 273 -42.39 -37.26 45.70
C PRO W 273 -42.21 -38.76 45.85
N LEU W 274 -42.33 -39.22 47.10
CA LEU W 274 -42.15 -40.64 47.39
C LEU W 274 -43.19 -41.50 46.67
N LEU W 275 -44.45 -41.06 46.65
CA LEU W 275 -45.50 -41.83 46.02
C LEU W 275 -45.24 -42.01 44.53
N ASP W 276 -44.87 -40.93 43.84
CA ASP W 276 -44.61 -41.02 42.41
C ASP W 276 -43.44 -41.95 42.12
N ARG W 277 -42.36 -41.83 42.89
CA ARG W 277 -41.19 -42.67 42.66
C ARG W 277 -41.50 -44.13 42.90
N LEU W 278 -42.19 -44.44 44.01
CA LEU W 278 -42.54 -45.83 44.30
C LEU W 278 -43.46 -46.38 43.22
N GLN W 279 -44.43 -45.59 42.76
CA GLN W 279 -45.40 -46.09 41.79
C GLN W 279 -44.75 -46.30 40.42
N ALA W 280 -43.84 -45.41 40.02
CA ALA W 280 -43.12 -45.60 38.78
C ALA W 280 -42.22 -46.83 38.85
N ALA W 281 -41.53 -47.02 39.97
CA ALA W 281 -40.70 -48.21 40.13
C ALA W 281 -41.56 -49.47 40.09
N ASN W 282 -42.75 -49.41 40.68
CA ASN W 282 -43.69 -50.52 40.59
C ASN W 282 -44.06 -50.83 39.14
N SER W 283 -44.37 -49.80 38.36
CA SER W 283 -44.74 -50.02 36.97
C SER W 283 -43.59 -50.67 36.19
N MET W 284 -42.37 -50.15 36.37
CA MET W 284 -41.23 -50.70 35.64
C MET W 284 -40.94 -52.14 36.04
N TYR W 285 -40.93 -52.43 37.35
CA TYR W 285 -40.66 -53.78 37.80
C TYR W 285 -41.76 -54.74 37.37
N ASN W 286 -43.02 -54.31 37.39
CA ASN W 286 -44.11 -55.17 36.95
C ASN W 286 -43.99 -55.49 35.48
N THR W 287 -43.67 -54.49 34.65
CA THR W 287 -43.49 -54.75 33.22
C THR W 287 -42.34 -55.71 32.98
N ALA W 288 -41.21 -55.48 33.67
CA ALA W 288 -40.06 -56.35 33.50
C ALA W 288 -40.38 -57.78 33.91
N TYR W 289 -41.07 -57.95 35.04
CA TYR W 289 -41.43 -59.30 35.49
C TYR W 289 -42.38 -59.96 34.50
N GLU W 290 -43.34 -59.22 33.98
CA GLU W 290 -44.30 -59.80 33.04
C GLU W 290 -43.63 -60.25 31.77
N LYS W 291 -42.67 -59.48 31.26
CA LYS W 291 -42.09 -59.77 29.95
C LYS W 291 -41.00 -60.85 29.98
N VAL W 292 -40.55 -61.29 31.16
CA VAL W 292 -39.52 -62.31 31.25
C VAL W 292 -39.97 -63.50 32.11
N VAL W 293 -41.28 -63.75 32.15
CA VAL W 293 -41.82 -64.78 33.05
C VAL W 293 -41.32 -66.17 32.68
N ASN W 294 -41.05 -66.42 31.40
CA ASN W 294 -40.66 -67.75 30.95
C ASN W 294 -39.20 -68.09 31.23
N ASN W 295 -38.39 -67.12 31.65
CA ASN W 295 -37.00 -67.37 32.00
C ASN W 295 -36.89 -67.45 33.52
N ALA W 296 -36.38 -68.58 34.02
CA ALA W 296 -36.35 -68.81 35.46
C ALA W 296 -35.38 -67.86 36.15
N THR W 297 -34.18 -67.69 35.59
CA THR W 297 -33.17 -66.85 36.22
C THR W 297 -33.61 -65.39 36.26
N ALA W 298 -34.13 -64.89 35.14
CA ALA W 298 -34.62 -63.52 35.10
C ALA W 298 -35.80 -63.32 36.05
N ARG W 299 -36.70 -64.31 36.10
CA ARG W 299 -37.83 -64.22 37.01
C ARG W 299 -37.36 -64.15 38.46
N ALA W 300 -36.40 -64.99 38.83
CA ALA W 300 -35.89 -64.97 40.20
C ALA W 300 -35.21 -63.65 40.52
N GLU W 301 -34.42 -63.13 39.58
CA GLU W 301 -33.73 -61.86 39.81
C GLU W 301 -34.74 -60.72 40.01
N VAL W 302 -35.74 -60.65 39.14
CA VAL W 302 -36.75 -59.61 39.25
C VAL W 302 -37.54 -59.76 40.53
N GLU W 303 -37.84 -60.99 40.93
CA GLU W 303 -38.58 -61.21 42.17
C GLU W 303 -37.78 -60.75 43.38
N ARG W 304 -36.48 -61.06 43.43
CA ARG W 304 -35.66 -60.60 44.54
C ARG W 304 -35.57 -59.08 44.57
N LYS W 305 -35.44 -58.45 43.40
CA LYS W 305 -35.37 -56.99 43.38
C LYS W 305 -36.70 -56.36 43.81
N MET W 306 -37.83 -56.99 43.44
CA MET W 306 -39.12 -56.48 43.91
C MET W 306 -39.27 -56.65 45.41
N LYS W 307 -38.75 -57.75 45.96
CA LYS W 307 -38.76 -57.92 47.42
C LYS W 307 -37.91 -56.85 48.10
N ALA W 308 -36.75 -56.54 47.52
CA ALA W 308 -35.92 -55.46 48.06
C ALA W 308 -36.65 -54.12 48.02
N LEU W 309 -37.34 -53.84 46.91
CA LEU W 309 -38.12 -52.61 46.82
C LEU W 309 -39.26 -52.59 47.83
N GLN W 310 -39.86 -53.76 48.08
CA GLN W 310 -40.93 -53.85 49.07
C GLN W 310 -40.41 -53.53 50.47
N ALA W 311 -39.23 -54.06 50.81
CA ALA W 311 -38.63 -53.71 52.10
C ALA W 311 -38.30 -52.23 52.17
N TYR W 312 -37.80 -51.67 51.06
CA TYR W 312 -37.52 -50.24 51.02
C TYR W 312 -38.79 -49.43 51.26
N GLN W 313 -39.90 -49.84 50.66
CA GLN W 313 -41.18 -49.16 50.92
C GLN W 313 -41.56 -49.29 52.39
N TYR W 314 -41.47 -50.50 52.94
CA TYR W 314 -41.89 -50.72 54.32
C TYR W 314 -41.11 -49.83 55.28
N GLU W 315 -39.85 -49.54 54.95
CA GLU W 315 -39.07 -48.66 55.81
C GLU W 315 -39.27 -47.18 55.48
N ALA W 316 -39.45 -46.84 54.21
CA ALA W 316 -39.56 -45.45 53.79
C ALA W 316 -40.90 -44.83 54.16
N ILE W 317 -41.96 -45.63 54.25
CA ILE W 317 -43.24 -45.09 54.70
C ILE W 317 -43.10 -44.58 56.13
N THR W 318 -42.46 -45.36 56.99
CA THR W 318 -42.22 -44.92 58.36
C THR W 318 -41.26 -43.74 58.41
N ASN W 319 -40.20 -43.77 57.60
CA ASN W 319 -39.21 -42.69 57.65
C ASN W 319 -39.78 -41.36 57.18
N TRP W 320 -40.45 -41.36 56.03
CA TRP W 320 -40.79 -40.10 55.36
C TRP W 320 -41.88 -39.33 56.09
N ASN W 321 -42.83 -40.02 56.71
CA ASN W 321 -43.97 -39.37 57.33
C ASN W 321 -43.74 -38.99 58.77
N ASP W 322 -42.52 -39.17 59.29
CA ASP W 322 -42.21 -38.78 60.65
C ASP W 322 -42.09 -37.26 60.72
N GLN W 323 -42.95 -36.63 61.52
CA GLN W 323 -43.01 -35.17 61.59
C GLN W 323 -42.09 -34.59 62.65
N THR W 324 -41.39 -35.42 63.42
CA THR W 324 -40.51 -34.94 64.48
C THR W 324 -39.07 -34.78 64.02
N LYS W 325 -38.78 -35.00 62.73
CA LYS W 325 -37.44 -34.89 62.23
C LYS W 325 -37.33 -33.76 61.22
N PRO W 326 -36.17 -33.10 61.15
CA PRO W 326 -36.00 -32.02 60.16
C PRO W 326 -35.89 -32.57 58.76
N ARG W 327 -36.04 -31.66 57.79
CA ARG W 327 -36.02 -32.07 56.38
C ARG W 327 -34.66 -32.66 55.99
N ALA W 328 -33.57 -32.03 56.43
CA ALA W 328 -32.24 -32.52 56.06
C ALA W 328 -31.99 -33.92 56.61
N GLU W 329 -32.34 -34.14 57.88
CA GLU W 329 -32.15 -35.47 58.48
C GLU W 329 -33.02 -36.52 57.79
N ARG W 330 -34.27 -36.16 57.48
CA ARG W 330 -35.15 -37.10 56.80
C ARG W 330 -34.62 -37.46 55.42
N GLU W 331 -34.13 -36.46 54.67
CA GLU W 331 -33.59 -36.74 53.33
C GLU W 331 -32.32 -37.57 53.42
N ALA W 332 -31.44 -37.28 54.39
CA ALA W 332 -30.23 -38.08 54.56
C ALA W 332 -30.57 -39.52 54.92
N PHE W 333 -31.54 -39.72 55.81
CA PHE W 333 -31.94 -41.07 56.18
C PHE W 333 -32.58 -41.80 54.99
N ASP W 334 -33.35 -41.08 54.18
CA ASP W 334 -33.94 -41.70 52.99
C ASP W 334 -32.86 -42.12 51.99
N GLN W 335 -31.84 -41.27 51.80
CA GLN W 335 -30.73 -41.65 50.92
C GLN W 335 -29.99 -42.86 51.47
N GLN W 336 -29.78 -42.91 52.79
CA GLN W 336 -29.13 -44.07 53.39
C GLN W 336 -29.98 -45.32 53.21
N LEU W 337 -31.30 -45.19 53.34
CA LEU W 337 -32.19 -46.32 53.11
C LEU W 337 -32.12 -46.80 51.67
N GLN W 338 -32.08 -45.86 50.72
CA GLN W 338 -31.98 -46.24 49.31
C GLN W 338 -30.67 -46.96 49.03
N ALA W 339 -29.57 -46.47 49.60
CA ALA W 339 -28.28 -47.12 49.39
C ALA W 339 -28.23 -48.46 50.11
N LYS W 340 -29.01 -48.64 51.17
CA LYS W 340 -29.02 -49.90 51.90
C LYS W 340 -29.54 -51.04 51.04
N HIS W 341 -30.60 -50.80 50.28
CA HIS W 341 -31.24 -51.84 49.48
C HIS W 341 -30.64 -51.95 48.08
N GLY W 342 -29.57 -51.22 47.79
CA GLY W 342 -28.95 -51.29 46.48
C GLY W 342 -29.75 -50.67 45.37
N LEU W 343 -30.59 -49.68 45.69
CA LEU W 343 -31.41 -49.02 44.67
C LEU W 343 -30.61 -47.97 43.90
N ASN W 344 -30.11 -46.95 44.60
CA ASN W 344 -29.36 -45.87 43.96
C ASN W 344 -27.85 -46.15 43.99
N VAL W 345 -27.48 -47.21 43.27
CA VAL W 345 -26.07 -47.61 43.22
C VAL W 345 -25.26 -46.68 42.32
N ASP W 346 -25.70 -46.52 41.07
CA ASP W 346 -24.92 -45.77 40.10
C ASP W 346 -24.82 -44.30 40.49
N SER W 347 -25.93 -43.69 40.90
CA SER W 347 -25.91 -42.28 41.27
C SER W 347 -25.03 -42.03 42.48
N SER W 348 -25.13 -42.90 43.49
CA SER W 348 -24.30 -42.75 44.68
C SER W 348 -22.82 -42.93 44.34
N TYR W 349 -22.50 -43.90 43.49
CA TYR W 349 -21.11 -44.09 43.09
C TYR W 349 -20.58 -42.87 42.34
N MET W 350 -21.39 -42.31 41.42
CA MET W 350 -20.95 -41.13 40.68
C MET W 350 -20.74 -39.95 41.62
N ALA W 351 -21.66 -39.74 42.56
CA ALA W 351 -21.50 -38.64 43.51
C ALA W 351 -20.26 -38.83 44.37
N TRP W 352 -20.02 -40.06 44.83
CA TRP W 352 -18.83 -40.32 45.64
C TRP W 352 -17.55 -40.09 44.85
N GLU W 353 -17.54 -40.51 43.59
CA GLU W 353 -16.34 -40.29 42.76
C GLU W 353 -16.10 -38.80 42.52
N ASN W 354 -17.17 -38.05 42.26
CA ASN W 354 -17.02 -36.60 42.09
C ASN W 354 -16.50 -35.95 43.36
N SER W 355 -17.00 -36.38 44.52
CA SER W 355 -16.52 -35.85 45.79
C SER W 355 -15.06 -36.22 46.03
N ARG W 356 -14.66 -37.42 45.64
CA ARG W 356 -13.27 -37.83 45.80
C ARG W 356 -12.36 -36.97 44.94
N LYS W 357 -12.74 -36.72 43.69
CA LYS W 357 -11.97 -35.82 42.85
C LYS W 357 -11.92 -34.41 43.43
N GLN W 358 -13.04 -33.93 43.96
CA GLN W 358 -13.06 -32.59 44.56
C GLN W 358 -12.12 -32.51 45.76
N TYR W 359 -12.10 -33.55 46.59
CA TYR W 359 -11.22 -33.56 47.75
C TYR W 359 -9.76 -33.65 47.35
N ILE W 360 -9.45 -34.45 46.34
CA ILE W 360 -8.08 -34.52 45.85
C ILE W 360 -7.64 -33.17 45.30
N GLU W 361 -8.53 -32.50 44.56
CA GLU W 361 -8.22 -31.16 44.07
C GLU W 361 -8.02 -30.18 45.21
N PHE W 362 -8.81 -30.31 46.28
CA PHE W 362 -8.63 -29.46 47.45
C PHE W 362 -7.24 -29.64 48.05
N GLN W 363 -6.82 -30.90 48.24
CA GLN W 363 -5.50 -31.16 48.80
C GLN W 363 -4.39 -30.64 47.89
N GLN W 364 -4.53 -30.85 46.58
CA GLN W 364 -3.51 -30.40 45.65
C GLN W 364 -3.42 -28.88 45.63
N GLN W 365 -4.55 -28.19 45.69
CA GLN W 365 -4.54 -26.73 45.71
C GLN W 365 -3.94 -26.20 47.01
N SER W 366 -4.21 -26.86 48.13
CA SER W 366 -3.58 -26.44 49.38
C SER W 366 -2.06 -26.60 49.31
N ARG W 367 -1.60 -27.74 48.79
CA ARG W 367 -0.17 -27.95 48.63
C ARG W 367 0.43 -26.94 47.66
N GLN W 368 -0.31 -26.59 46.62
CA GLN W 368 0.16 -25.56 45.68
C GLN W 368 0.29 -24.21 46.36
N LEU W 369 -0.66 -23.85 47.23
CA LEU W 369 -0.55 -22.60 47.98
C LEU W 369 0.70 -22.61 48.86
N GLN W 370 0.95 -23.73 49.55
CA GLN W 370 2.13 -23.80 50.40
C GLN W 370 3.42 -23.69 49.58
N ASP W 371 3.46 -24.34 48.42
CA ASP W 371 4.62 -24.22 47.56
C ASP W 371 4.80 -22.80 47.05
N LEU W 372 3.68 -22.13 46.73
CA LEU W 372 3.74 -20.76 46.22
C LEU W 372 4.28 -19.80 47.28
N GLU W 373 3.89 -19.99 48.54
CA GLU W 373 4.30 -19.07 49.58
C GLU W 373 5.81 -19.03 49.74
N GLN W 374 6.45 -20.21 49.75
CA GLN W 374 7.89 -20.26 49.96
C GLN W 374 8.69 -20.17 48.66
N ASN W 375 8.04 -20.16 47.50
CA ASN W 375 8.75 -20.01 46.23
C ASN W 375 9.05 -18.56 45.90
N GLY W 376 8.51 -17.62 46.67
CA GLY W 376 8.73 -16.21 46.42
C GLY W 376 7.77 -15.56 45.46
N LEU W 377 6.85 -16.33 44.87
CA LEU W 377 5.89 -15.76 43.93
C LEU W 377 4.84 -14.93 44.65
N ILE W 378 4.38 -15.39 45.81
CA ILE W 378 3.35 -14.71 46.59
C ILE W 378 3.92 -14.41 47.96
N ASP W 379 3.73 -13.17 48.42
CA ASP W 379 4.19 -12.77 49.74
C ASP W 379 3.23 -13.29 50.81
N SER W 380 3.53 -12.98 52.07
CA SER W 380 2.80 -13.57 53.18
C SER W 380 1.36 -13.07 53.23
N ALA W 381 1.16 -11.75 53.14
CA ALA W 381 -0.18 -11.19 53.30
C ALA W 381 -1.13 -11.68 52.20
N ARG W 382 -0.66 -11.67 50.95
CA ARG W 382 -1.53 -12.12 49.87
C ARG W 382 -1.76 -13.63 49.94
N LYS W 383 -0.78 -14.38 50.45
CA LYS W 383 -0.99 -15.80 50.68
C LYS W 383 -2.09 -16.03 51.72
N VAL W 384 -2.08 -15.25 52.80
CA VAL W 384 -3.14 -15.38 53.81
C VAL W 384 -4.49 -15.03 53.22
N ASN W 385 -4.55 -13.94 52.44
CA ASN W 385 -5.81 -13.54 51.82
C ASN W 385 -6.33 -14.61 50.87
N LEU W 386 -5.43 -15.18 50.05
CA LEU W 386 -5.83 -16.20 49.10
C LEU W 386 -6.27 -17.47 49.80
N SER W 387 -5.59 -17.85 50.88
CA SER W 387 -6.01 -19.03 51.64
C SER W 387 -7.39 -18.82 52.25
N ASP W 388 -7.64 -17.64 52.82
CA ASP W 388 -8.95 -17.34 53.38
C ASP W 388 -10.02 -17.40 52.29
N ASP W 389 -9.76 -16.80 51.13
CA ASP W 389 -10.72 -16.83 50.04
C ASP W 389 -10.99 -18.24 49.56
N PHE W 390 -9.93 -19.05 49.46
CA PHE W 390 -10.08 -20.43 48.98
C PHE W 390 -10.89 -21.27 49.95
N VAL W 391 -10.60 -21.16 51.25
CA VAL W 391 -11.37 -21.90 52.25
C VAL W 391 -12.82 -21.44 52.25
N GLY W 392 -13.05 -20.12 52.16
CA GLY W 392 -14.41 -19.62 52.12
C GLY W 392 -15.17 -20.10 50.88
N SER W 393 -14.49 -20.16 49.74
CA SER W 393 -15.13 -20.66 48.53
C SER W 393 -15.50 -22.13 48.66
N VAL W 394 -14.60 -22.93 49.25
CA VAL W 394 -14.92 -24.34 49.46
C VAL W 394 -16.11 -24.50 50.38
N VAL W 395 -16.14 -23.73 51.48
CA VAL W 395 -17.26 -23.82 52.42
C VAL W 395 -18.55 -23.39 51.76
N GLN W 396 -18.52 -22.31 50.97
CA GLN W 396 -19.71 -21.84 50.28
C GLN W 396 -20.21 -22.88 49.28
N LEU W 397 -19.30 -23.52 48.54
CA LEU W 397 -19.71 -24.55 47.60
C LEU W 397 -20.36 -25.72 48.33
N ILE W 398 -19.79 -26.13 49.47
CA ILE W 398 -20.35 -27.26 50.20
C ILE W 398 -21.73 -26.91 50.76
N LEU W 399 -21.88 -25.70 51.29
CA LEU W 399 -23.12 -25.34 51.98
C LEU W 399 -24.22 -24.94 51.01
N TYR W 400 -24.00 -23.88 50.24
CA TYR W 400 -25.03 -23.27 49.42
C TYR W 400 -24.96 -23.70 47.95
N GLY W 401 -24.17 -24.73 47.64
CA GLY W 401 -24.09 -25.19 46.27
C GLY W 401 -25.39 -25.81 45.79
N GLU W 402 -25.65 -25.65 44.49
CA GLU W 402 -26.87 -26.18 43.88
C GLU W 402 -26.60 -27.58 43.32
N GLY W 403 -26.53 -28.53 44.24
CA GLY W 403 -26.28 -29.91 43.86
C GLY W 403 -26.24 -30.81 45.07
N ASN W 404 -25.98 -32.09 44.82
CA ASN W 404 -25.88 -33.09 45.88
C ASN W 404 -24.46 -33.07 46.42
N THR W 405 -24.20 -32.09 47.28
CA THR W 405 -22.88 -31.91 47.89
C THR W 405 -22.76 -32.62 49.24
N ALA W 406 -23.76 -33.43 49.62
CA ALA W 406 -23.72 -34.11 50.91
C ALA W 406 -22.55 -35.09 50.99
N ALA W 407 -22.12 -35.65 49.86
CA ALA W 407 -21.00 -36.58 49.89
C ALA W 407 -19.71 -35.88 50.31
N LEU W 408 -19.47 -34.67 49.80
CA LEU W 408 -18.29 -33.92 50.19
C LEU W 408 -18.36 -33.52 51.67
N LYS W 409 -19.56 -33.18 52.14
CA LYS W 409 -19.72 -32.85 53.56
C LYS W 409 -19.42 -34.06 54.44
N GLU W 410 -19.87 -35.25 54.02
CA GLU W 410 -19.53 -36.47 54.76
C GLU W 410 -18.03 -36.74 54.71
N ARG W 411 -17.40 -36.48 53.57
CA ARG W 411 -15.96 -36.67 53.46
C ARG W 411 -15.21 -35.74 54.39
N PHE W 412 -15.65 -34.49 54.52
CA PHE W 412 -14.95 -33.53 55.36
C PHE W 412 -15.21 -33.76 56.84
N THR W 413 -16.49 -33.83 57.24
CA THR W 413 -16.82 -33.96 58.66
C THR W 413 -16.34 -35.29 59.23
N ASP W 414 -16.51 -36.38 58.50
CA ASP W 414 -16.14 -37.71 58.95
C ASP W 414 -14.94 -38.20 58.16
N ASN W 415 -13.94 -38.74 58.86
CA ASN W 415 -12.68 -39.10 58.23
C ASN W 415 -12.14 -40.38 58.86
N ARG W 416 -11.31 -41.09 58.11
CA ARG W 416 -10.84 -42.41 58.52
C ARG W 416 -9.41 -42.40 59.04
N ASN W 417 -8.46 -41.99 58.21
CA ASN W 417 -7.02 -42.12 58.51
C ASN W 417 -6.28 -40.89 58.01
N PHE W 418 -5.85 -40.04 58.93
CA PHE W 418 -5.06 -38.83 58.67
C PHE W 418 -5.60 -38.03 57.48
N GLU W 419 -6.89 -38.15 57.22
CA GLU W 419 -7.58 -37.32 56.24
C GLU W 419 -8.49 -36.37 57.01
N ALA W 420 -8.72 -35.19 56.46
CA ALA W 420 -9.50 -34.13 57.10
C ALA W 420 -8.95 -33.73 58.46
N ASN W 421 -7.71 -34.13 58.77
CA ASN W 421 -7.08 -33.79 60.04
C ASN W 421 -6.08 -32.65 59.90
N THR W 422 -5.86 -32.15 58.69
CA THR W 422 -4.96 -31.02 58.51
C THR W 422 -5.63 -29.74 59.01
N ALA W 423 -4.83 -28.69 59.14
CA ALA W 423 -5.33 -27.42 59.66
C ALA W 423 -6.41 -26.85 58.75
N GLY W 424 -6.19 -26.89 57.43
CA GLY W 424 -7.19 -26.36 56.51
C GLY W 424 -8.48 -27.14 56.54
N ALA W 425 -8.39 -28.47 56.56
CA ALA W 425 -9.59 -29.29 56.59
C ALA W 425 -10.32 -29.16 57.93
N GLY W 426 -9.56 -29.02 59.02
CA GLY W 426 -10.19 -28.76 60.31
C GLY W 426 -10.91 -27.43 60.32
N GLU W 427 -10.31 -26.40 59.71
CA GLU W 427 -10.98 -25.12 59.59
C GLU W 427 -12.24 -25.24 58.74
N VAL W 428 -12.19 -26.03 57.68
CA VAL W 428 -13.37 -26.25 56.84
C VAL W 428 -14.47 -26.92 57.66
N ARG W 429 -14.11 -27.92 58.47
CA ARG W 429 -15.11 -28.57 59.32
C ARG W 429 -15.72 -27.59 60.30
N ARG W 430 -14.89 -26.76 60.94
CA ARG W 430 -15.39 -25.79 61.90
C ARG W 430 -16.31 -24.78 61.23
N LEU W 431 -15.94 -24.32 60.04
CA LEU W 431 -16.80 -23.38 59.32
C LEU W 431 -18.12 -24.02 58.93
N LEU W 432 -18.07 -25.28 58.47
CA LEU W 432 -19.31 -25.97 58.12
C LEU W 432 -20.23 -26.11 59.33
N GLU W 433 -19.64 -26.35 60.51
CA GLU W 433 -20.45 -26.45 61.72
C GLU W 433 -20.99 -25.09 62.16
N ALA W 434 -20.22 -24.02 61.99
CA ALA W 434 -20.52 -22.75 62.63
C ALA W 434 -21.30 -21.77 61.76
N VAL W 435 -21.11 -21.78 60.43
CA VAL W 435 -21.65 -20.72 59.59
C VAL W 435 -23.18 -20.63 59.66
N PRO W 436 -23.95 -21.71 59.48
CA PRO W 436 -25.40 -21.58 59.69
C PRO W 436 -25.75 -21.17 61.10
N ARG W 437 -25.04 -21.72 62.10
CA ARG W 437 -25.27 -21.32 63.47
C ARG W 437 -24.93 -19.86 63.68
N MET W 438 -23.82 -19.40 63.10
CA MET W 438 -23.44 -18.00 63.25
C MET W 438 -24.47 -17.07 62.63
N ARG W 439 -24.98 -17.41 61.45
CA ARG W 439 -25.97 -16.55 60.80
C ARG W 439 -27.28 -16.53 61.57
N ARG W 440 -27.75 -17.68 62.02
CA ARG W 440 -28.97 -17.73 62.82
C ARG W 440 -28.80 -16.95 64.12
N GLU W 441 -27.64 -17.10 64.76
CA GLU W 441 -27.34 -16.39 65.99
C GLU W 441 -27.32 -14.88 65.76
N THR W 442 -26.74 -14.45 64.65
CA THR W 442 -26.71 -13.02 64.33
C THR W 442 -28.12 -12.48 64.12
N ASP W 443 -28.97 -13.21 63.40
CA ASP W 443 -30.34 -12.76 63.20
C ASP W 443 -31.10 -12.67 64.53
N SER W 444 -30.96 -13.70 65.37
CA SER W 444 -31.64 -13.70 66.66
C SER W 444 -31.15 -12.57 67.54
N LEU W 445 -29.83 -12.31 67.55
CA LEU W 445 -29.29 -11.24 68.36
C LEU W 445 -29.71 -9.87 67.85
N ARG W 446 -29.82 -9.70 66.53
CA ARG W 446 -30.32 -8.44 65.99
C ARG W 446 -31.77 -8.20 66.41
N SER W 447 -32.60 -9.24 66.34
CA SER W 447 -33.98 -9.10 66.82
C SER W 447 -34.01 -8.78 68.31
N ASP W 448 -33.14 -9.42 69.09
CA ASP W 448 -33.06 -9.14 70.52
C ASP W 448 -32.65 -7.70 70.78
N ASN W 449 -31.69 -7.19 70.02
CA ASN W 449 -31.26 -5.81 70.18
C ASN W 449 -32.38 -4.84 69.84
N ALA W 450 -33.13 -5.11 68.77
CA ALA W 450 -34.28 -4.26 68.44
C ALA W 450 -35.32 -4.30 69.54
N ALA W 451 -35.57 -5.48 70.10
CA ALA W 451 -36.53 -5.59 71.20
C ALA W 451 -36.07 -4.79 72.41
N LEU W 452 -34.79 -4.87 72.75
CA LEU W 452 -34.27 -4.13 73.89
C LEU W 452 -34.37 -2.63 73.65
N GLN W 453 -34.09 -2.17 72.43
CA GLN W 453 -34.21 -0.74 72.14
C GLN W 453 -35.65 -0.26 72.24
N VAL W 454 -36.59 -1.04 71.71
CA VAL W 454 -38.00 -0.67 71.81
C VAL W 454 -38.43 -0.63 73.28
N ALA W 455 -38.00 -1.62 74.07
CA ALA W 455 -38.34 -1.64 75.48
C ALA W 455 -37.72 -0.46 76.21
N ARG W 456 -36.49 -0.08 75.85
CA ARG W 456 -35.86 1.08 76.47
C ARG W 456 -36.63 2.35 76.18
N THR W 457 -37.07 2.53 74.94
CA THR W 457 -37.85 3.71 74.59
C THR W 457 -39.16 3.74 75.36
N ARG W 458 -39.84 2.59 75.43
CA ARG W 458 -41.12 2.55 76.13
C ARG W 458 -40.93 2.74 77.64
N LEU W 459 -39.78 2.34 78.18
CA LEU W 459 -39.49 2.57 79.59
C LEU W 459 -39.18 4.04 79.85
N GLN W 460 -38.48 4.69 78.92
CA GLN W 460 -38.25 6.13 79.05
C GLN W 460 -39.55 6.90 78.97
N ARG W 461 -40.51 6.42 78.19
CA ARG W 461 -41.79 7.12 78.07
C ARG W 461 -42.72 6.83 79.24
N GLU W 462 -43.11 5.57 79.41
CA GLU W 462 -44.12 5.15 80.37
C GLU W 462 -43.64 3.93 81.17
N GLY W 463 -42.46 4.05 81.75
CA GLY W 463 -41.73 2.93 82.35
C GLY W 463 -42.51 1.92 83.16
N VAL W 464 -43.06 2.34 84.31
CA VAL W 464 -43.70 1.40 85.21
C VAL W 464 -44.88 0.72 84.52
N THR W 465 -45.70 1.51 83.82
CA THR W 465 -46.86 0.96 83.13
C THR W 465 -46.43 -0.03 82.05
N PHE W 466 -45.38 0.31 81.29
CA PHE W 466 -44.91 -0.60 80.25
C PHE W 466 -44.38 -1.91 80.83
N LEU W 467 -43.60 -1.83 81.90
CA LEU W 467 -43.07 -3.05 82.51
C LEU W 467 -44.18 -3.92 83.07
N MET W 468 -45.20 -3.29 83.68
CA MET W 468 -46.31 -4.09 84.21
C MET W 468 -47.28 -4.54 83.12
N ASN W 469 -47.19 -3.96 81.92
CA ASN W 469 -48.09 -4.29 80.82
C ASN W 469 -47.32 -4.65 79.54
N ALA W 470 -46.16 -5.27 79.68
CA ALA W 470 -45.37 -5.65 78.51
C ALA W 470 -46.02 -6.83 77.79
N ASP W 471 -45.70 -6.94 76.50
CA ASP W 471 -46.23 -8.02 75.67
C ASP W 471 -45.42 -9.30 75.94
N ALA W 472 -45.80 -10.39 75.27
CA ALA W 472 -45.12 -11.66 75.48
C ALA W 472 -43.66 -11.60 75.03
N ARG W 473 -43.38 -10.86 73.96
CA ARG W 473 -42.01 -10.76 73.46
C ARG W 473 -41.09 -10.12 74.49
N THR W 474 -41.52 -9.00 75.08
CA THR W 474 -40.68 -8.31 76.05
C THR W 474 -40.53 -9.12 77.33
N ARG W 475 -41.60 -9.78 77.75
CA ARG W 475 -41.58 -10.55 78.99
C ARG W 475 -40.49 -11.62 78.97
N GLY W 476 -40.30 -12.26 77.81
CA GLY W 476 -39.24 -13.25 77.66
C GLY W 476 -37.87 -12.67 77.90
N LEU W 477 -37.62 -11.48 77.37
CA LEU W 477 -36.34 -10.80 77.62
C LEU W 477 -36.24 -10.33 79.07
N LEU W 478 -37.37 -9.94 79.65
CA LEU W 478 -37.38 -9.51 81.05
C LEU W 478 -36.99 -10.66 81.97
N GLU W 479 -37.50 -11.86 81.68
CA GLU W 479 -37.11 -13.03 82.46
C GLU W 479 -35.63 -13.33 82.31
N SER W 480 -35.11 -13.21 81.09
CA SER W 480 -33.69 -13.46 80.83
C SER W 480 -32.82 -12.38 81.45
N LEU W 496 -47.04 5.06 94.48
CA LEU W 496 -48.07 5.21 95.50
C LEU W 496 -47.80 6.45 96.35
N THR W 497 -47.11 6.25 97.47
CA THR W 497 -46.68 7.35 98.32
C THR W 497 -45.49 8.04 97.64
N PRO W 498 -45.15 9.28 98.02
CA PRO W 498 -44.06 9.98 97.30
C PRO W 498 -42.73 9.24 97.30
N GLU W 499 -42.42 8.49 98.36
CA GLU W 499 -41.15 7.76 98.38
C GLU W 499 -41.21 6.51 97.51
N GLN W 500 -42.37 5.87 97.42
CA GLN W 500 -42.51 4.67 96.60
C GLN W 500 -42.32 5.00 95.12
N GLN W 501 -42.82 6.16 94.68
CA GLN W 501 -42.63 6.58 93.31
C GLN W 501 -41.16 6.74 92.98
N ALA W 502 -40.40 7.35 93.88
CA ALA W 502 -38.96 7.51 93.68
C ALA W 502 -38.25 6.16 93.68
N GLU W 503 -38.66 5.26 94.57
CA GLU W 503 -38.04 3.93 94.60
C GLU W 503 -38.27 3.18 93.29
N TYR W 504 -39.51 3.22 92.79
CA TYR W 504 -39.81 2.55 91.53
C TYR W 504 -39.11 3.23 90.35
N ALA W 505 -38.95 4.55 90.41
CA ALA W 505 -38.19 5.24 89.37
C ALA W 505 -36.73 4.78 89.36
N ARG W 506 -36.14 4.62 90.55
CA ARG W 506 -34.77 4.11 90.63
C ARG W 506 -34.69 2.68 90.10
N GLN W 507 -35.70 1.86 90.41
CA GLN W 507 -35.73 0.50 89.87
C GLN W 507 -35.79 0.50 88.35
N THR W 508 -36.63 1.37 87.78
CA THR W 508 -36.70 1.46 86.33
C THR W 508 -35.39 1.95 85.73
N ASN W 509 -34.71 2.87 86.42
CA ASN W 509 -33.40 3.32 85.96
C ASN W 509 -32.39 2.17 85.97
N GLN W 510 -32.43 1.34 87.00
CA GLN W 510 -31.55 0.16 87.05
C GLN W 510 -31.86 -0.80 85.91
N VAL W 511 -33.14 -1.00 85.61
CA VAL W 511 -33.56 -1.85 84.49
C VAL W 511 -33.02 -1.26 83.19
N GLN W 512 -33.08 0.06 83.06
CA GLN W 512 -32.56 0.72 81.86
C GLN W 512 -31.05 0.52 81.74
N GLN W 513 -30.33 0.60 82.85
CA GLN W 513 -28.89 0.34 82.82
C GLN W 513 -28.60 -1.09 82.38
N ALA W 514 -29.37 -2.05 82.89
CA ALA W 514 -29.21 -3.43 82.47
C ALA W 514 -29.51 -3.58 80.97
N ILE W 515 -30.52 -2.86 80.47
CA ILE W 515 -30.83 -2.90 79.05
C ILE W 515 -29.67 -2.34 78.23
N GLU W 516 -29.06 -1.24 78.70
CA GLU W 516 -27.87 -0.71 78.04
C GLU W 516 -26.77 -1.75 77.98
N GLN W 517 -26.50 -2.43 79.10
CA GLN W 517 -25.42 -3.40 79.13
C GLN W 517 -25.69 -4.58 78.19
N GLN W 518 -26.93 -5.08 78.19
CA GLN W 518 -27.28 -6.19 77.30
C GLN W 518 -27.21 -5.77 75.85
N ILE W 519 -27.64 -4.54 75.53
CA ILE W 519 -27.55 -4.04 74.16
C ILE W 519 -26.09 -3.97 73.72
N ILE W 520 -25.22 -3.47 74.60
CA ILE W 520 -23.80 -3.37 74.26
C ILE W 520 -23.22 -4.75 74.00
N ILE W 521 -23.54 -5.72 74.87
CA ILE W 521 -23.02 -7.07 74.72
C ILE W 521 -23.50 -7.68 73.40
N ASN W 522 -24.80 -7.53 73.11
CA ASN W 522 -25.35 -8.11 71.88
C ASN W 522 -24.75 -7.46 70.65
N ASP W 523 -24.57 -6.13 70.67
CA ASP W 523 -24.00 -5.44 69.51
C ASP W 523 -22.55 -5.87 69.27
N GLN W 524 -21.77 -6.00 70.35
CA GLN W 524 -20.40 -6.47 70.19
C GLN W 524 -20.36 -7.89 69.64
N ARG W 525 -21.25 -8.75 70.14
CA ARG W 525 -21.30 -10.13 69.67
C ARG W 525 -21.68 -10.20 68.19
N VAL W 526 -22.65 -9.37 67.78
CA VAL W 526 -23.06 -9.33 66.38
C VAL W 526 -21.92 -8.83 65.49
N GLN W 527 -21.21 -7.79 65.95
CA GLN W 527 -20.09 -7.27 65.16
C GLN W 527 -19.00 -8.32 65.02
N ASN W 528 -18.71 -9.06 66.10
CA ASN W 528 -17.72 -10.12 66.02
C ASN W 528 -18.14 -11.21 65.04
N ASN W 529 -19.40 -11.63 65.10
CA ASN W 529 -19.88 -12.64 64.17
C ASN W 529 -19.81 -12.15 62.73
N ALA W 530 -20.19 -10.90 62.49
CA ALA W 530 -20.15 -10.36 61.13
C ALA W 530 -18.73 -10.29 60.61
N ALA W 531 -17.79 -9.85 61.44
CA ALA W 531 -16.39 -9.79 61.00
C ALA W 531 -15.85 -11.19 60.71
N GLU W 532 -16.14 -12.15 61.57
CA GLU W 532 -15.65 -13.52 61.35
C GLU W 532 -16.23 -14.10 60.07
N LEU W 533 -17.52 -13.86 59.81
CA LEU W 533 -18.13 -14.38 58.58
C LEU W 533 -17.57 -13.67 57.35
N ALA W 534 -17.38 -12.35 57.42
CA ALA W 534 -16.91 -11.61 56.26
C ALA W 534 -15.43 -11.83 55.99
N LYS W 535 -14.68 -12.35 56.95
CA LYS W 535 -13.29 -12.69 56.68
C LYS W 535 -13.17 -13.72 55.57
N TYR W 536 -14.14 -14.63 55.47
CA TYR W 536 -14.15 -15.65 54.42
C TYR W 536 -15.10 -15.32 53.28
N GLY W 537 -15.76 -14.18 53.32
CA GLY W 537 -16.69 -13.81 52.26
C GLY W 537 -18.06 -14.44 52.35
N LEU W 538 -18.43 -15.00 53.51
CA LEU W 538 -19.70 -15.67 53.69
C LEU W 538 -20.74 -14.77 54.35
N SER W 539 -20.48 -13.47 54.44
CA SER W 539 -21.42 -12.54 55.04
C SER W 539 -22.47 -12.04 54.06
N GLU W 540 -22.39 -12.46 52.79
CA GLU W 540 -23.37 -12.04 51.80
C GLU W 540 -24.73 -12.70 52.08
N PRO W 541 -25.81 -12.10 51.57
CA PRO W 541 -27.13 -12.72 51.74
C PRO W 541 -27.17 -14.11 51.14
N GLU W 542 -28.17 -14.88 51.57
CA GLU W 542 -28.26 -16.29 51.17
C GLU W 542 -28.45 -16.43 49.67
N ASP W 543 -29.25 -15.56 49.06
CA ASP W 543 -29.50 -15.66 47.63
C ASP W 543 -28.22 -15.45 46.83
N VAL W 544 -27.43 -14.45 47.19
CA VAL W 544 -26.18 -14.18 46.48
C VAL W 544 -25.21 -15.34 46.67
N LEU W 545 -25.11 -15.87 47.89
CA LEU W 545 -24.24 -17.01 48.14
C LEU W 545 -24.64 -18.22 47.31
N ARG W 546 -25.95 -18.47 47.20
CA ARG W 546 -26.43 -19.56 46.36
C ARG W 546 -26.12 -19.31 44.88
N LYS W 547 -26.23 -18.06 44.44
CA LYS W 547 -26.04 -17.76 43.02
C LYS W 547 -24.57 -17.80 42.62
N ASN W 548 -23.66 -17.37 43.51
CA ASN W 548 -22.26 -17.19 43.16
C ASN W 548 -21.37 -18.33 43.64
N ALA W 549 -21.94 -19.42 44.15
CA ALA W 549 -21.13 -20.50 44.71
C ALA W 549 -20.27 -21.16 43.63
N ALA W 550 -20.92 -21.71 42.59
CA ALA W 550 -20.19 -22.41 41.55
C ALA W 550 -19.25 -21.49 40.80
N THR W 551 -19.70 -20.26 40.51
CA THR W 551 -18.85 -19.31 39.80
C THR W 551 -17.61 -18.96 40.61
N ARG W 552 -17.78 -18.70 41.91
CA ARG W 552 -16.64 -18.39 42.76
C ARG W 552 -15.67 -19.56 42.84
N ARG W 553 -16.20 -20.78 42.99
CA ARG W 553 -15.33 -21.95 43.06
C ARG W 553 -14.56 -22.14 41.75
N LYS W 554 -15.23 -21.96 40.62
CA LYS W 554 -14.57 -22.12 39.32
C LYS W 554 -13.50 -21.05 39.13
N LEU W 555 -13.78 -19.81 39.54
CA LEU W 555 -12.78 -18.75 39.43
C LEU W 555 -11.56 -19.04 40.30
N VAL W 556 -11.80 -19.53 41.52
CA VAL W 556 -10.70 -19.89 42.40
C VAL W 556 -9.87 -21.01 41.80
N ASN W 557 -10.54 -22.00 41.21
CA ASN W 557 -9.83 -23.10 40.56
C ASN W 557 -9.00 -22.61 39.40
N ASP W 558 -9.53 -21.70 38.58
CA ASP W 558 -8.77 -21.16 37.46
C ASP W 558 -7.54 -20.38 37.93
N THR W 559 -7.72 -19.55 38.97
CA THR W 559 -6.58 -18.82 39.52
C THR W 559 -5.53 -19.76 40.07
N MET W 560 -5.97 -20.82 40.76
CA MET W 560 -5.03 -21.80 41.29
C MET W 560 -4.29 -22.52 40.17
N TYR W 561 -4.99 -22.82 39.08
CA TYR W 561 -4.33 -23.47 37.95
C TYR W 561 -3.27 -22.58 37.32
N GLN W 562 -3.59 -21.29 37.14
CA GLN W 562 -2.60 -20.37 36.57
C GLN W 562 -1.40 -20.23 37.49
N LEU W 563 -1.64 -20.10 38.80
CA LEU W 563 -0.55 -20.01 39.75
C LEU W 563 0.29 -21.27 39.76
N GLY W 564 -0.36 -22.43 39.61
CA GLY W 564 0.37 -23.68 39.54
C GLY W 564 1.24 -23.79 38.31
N THR W 565 0.75 -23.30 37.16
CA THR W 565 1.57 -23.27 35.97
C THR W 565 2.79 -22.36 36.15
N GLN W 566 2.59 -21.19 36.76
CA GLN W 566 3.71 -20.29 37.02
C GLN W 566 4.72 -20.94 37.97
N ALA W 567 4.23 -21.61 39.01
CA ALA W 567 5.12 -22.29 39.94
C ALA W 567 5.86 -23.43 39.27
N GLU W 568 5.21 -24.13 38.34
CA GLU W 568 5.88 -25.18 37.59
C GLU W 568 7.01 -24.61 36.74
N GLN W 569 6.75 -23.47 36.09
CA GLN W 569 7.81 -22.82 35.32
C GLN W 569 8.98 -22.44 36.23
N VAL W 570 8.69 -21.86 37.40
CA VAL W 570 9.75 -21.49 38.33
C VAL W 570 10.53 -22.71 38.77
N ARG W 571 9.84 -23.82 39.07
CA ARG W 571 10.51 -25.05 39.46
C ARG W 571 11.40 -25.57 38.34
N ARG W 572 10.94 -25.48 37.09
CA ARG W 572 11.78 -25.85 35.97
C ARG W 572 13.06 -25.01 35.93
N THR W 573 12.93 -23.71 36.17
CA THR W 573 14.10 -22.84 36.22
C THR W 573 14.81 -22.87 37.58
N GLN W 574 14.18 -23.40 38.62
CA GLN W 574 14.76 -23.41 39.96
C GLN W 574 15.97 -24.34 39.98
N THR W 575 17.16 -23.75 40.06
CA THR W 575 18.41 -24.51 40.13
C THR W 575 18.85 -24.59 41.59
N SER W 576 18.61 -25.74 42.21
CA SER W 576 19.00 -25.97 43.60
C SER W 576 20.03 -27.07 43.73
N GLY W 577 19.75 -28.26 43.20
CA GLY W 577 20.70 -29.36 43.28
C GLY W 577 20.89 -29.81 44.72
N TYR W 578 22.11 -30.24 45.03
CA TYR W 578 22.48 -30.74 46.34
C TYR W 578 23.99 -30.68 46.47
N GLY W 579 24.52 -31.32 47.51
CA GLY W 579 25.96 -31.43 47.66
C GLY W 579 25.96 -32.41 46.51
N GLN W 580 26.87 -32.22 45.56
CA GLN W 580 26.91 -32.99 44.33
C GLN W 580 28.38 -33.38 44.43
N LEU W 581 28.65 -34.66 44.69
CA LEU W 581 30.00 -35.16 44.73
C LEU W 581 30.58 -35.22 43.32
N GLY W 582 31.90 -35.11 43.22
CA GLY W 582 32.56 -35.22 41.93
C GLY W 582 32.51 -33.94 41.14
N ILE W 583 32.51 -34.08 39.81
CA ILE W 583 32.55 -32.93 38.91
C ILE W 583 31.24 -32.16 39.03
N THR W 584 31.37 -30.84 39.19
CA THR W 584 30.23 -29.93 39.28
C THR W 584 30.37 -28.79 38.28
N SER W 585 30.85 -29.11 37.08
CA SER W 585 30.99 -28.11 36.02
C SER W 585 29.60 -27.68 35.54
N PRO W 586 29.49 -26.46 34.98
CA PRO W 586 28.20 -25.94 34.51
C PRO W 586 27.70 -26.58 33.22
N THR W 587 27.80 -27.92 33.16
CA THR W 587 27.21 -28.71 32.09
C THR W 587 26.42 -29.85 32.73
N THR W 588 26.78 -30.19 33.96
CA THR W 588 26.07 -31.21 34.73
C THR W 588 24.87 -30.67 35.48
N ALA W 589 24.70 -29.34 35.52
CA ALA W 589 23.58 -28.76 36.25
C ALA W 589 22.24 -29.18 35.65
N LEU W 590 22.15 -29.19 34.32
CA LEU W 590 20.93 -29.59 33.65
C LEU W 590 20.73 -31.10 33.69
N ASP W 605 7.23 -51.78 44.16
CA ASP W 605 6.54 -53.00 43.74
C ASP W 605 6.22 -53.90 44.92
N GLY W 606 6.78 -53.59 46.09
CA GLY W 606 6.54 -54.34 47.30
C GLY W 606 7.78 -54.89 47.97
N TYR W 607 8.94 -54.83 47.32
CA TYR W 607 10.18 -55.34 47.89
C TYR W 607 11.03 -54.19 48.43
N ARG W 608 11.88 -54.52 49.40
CA ARG W 608 12.73 -53.53 50.02
C ARG W 608 13.76 -53.01 49.02
N ARG W 609 13.95 -51.69 49.00
CA ARG W 609 14.89 -51.05 48.10
C ARG W 609 16.16 -50.72 48.86
N LEU W 610 17.28 -51.29 48.42
CA LEU W 610 18.57 -51.05 49.06
C LEU W 610 19.24 -49.83 48.44
N ARG W 611 20.02 -49.12 49.26
CA ARG W 611 20.73 -47.95 48.78
C ARG W 611 21.81 -48.37 47.79
N PRO W 612 22.06 -47.56 46.75
CA PRO W 612 23.10 -47.92 45.79
C PRO W 612 24.47 -47.92 46.46
N PRO W 613 25.38 -48.77 45.99
CA PRO W 613 26.73 -48.80 46.59
C PRO W 613 27.53 -47.56 46.26
N VAL W 614 27.21 -46.45 46.91
CA VAL W 614 27.85 -45.16 46.64
C VAL W 614 28.62 -44.73 47.88
N VAL W 615 29.84 -44.23 47.67
CA VAL W 615 30.67 -43.71 48.73
C VAL W 615 30.47 -42.20 48.81
N ALA W 616 30.85 -41.63 49.96
CA ALA W 616 30.66 -40.20 50.20
C ALA W 616 31.93 -39.39 50.04
N ASN W 617 33.09 -40.02 49.88
CA ASN W 617 34.35 -39.32 49.73
C ASN W 617 35.15 -39.94 48.59
N LEU W 618 35.96 -39.11 47.94
CA LEU W 618 36.77 -39.53 46.79
C LEU W 618 38.22 -39.13 47.01
N ALA W 619 39.12 -39.92 46.43
CA ALA W 619 40.54 -39.70 46.60
C ALA W 619 41.02 -38.53 45.76
N THR W 620 41.89 -37.71 46.34
CA THR W 620 42.51 -36.59 45.64
C THR W 620 44.00 -36.60 45.89
N VAL W 621 44.77 -36.16 44.89
CA VAL W 621 46.22 -36.13 44.97
C VAL W 621 46.69 -34.72 44.62
N LYS W 622 47.46 -34.13 45.53
CA LYS W 622 48.09 -32.83 45.31
C LYS W 622 49.60 -33.03 45.27
N PHE W 623 50.22 -32.57 44.19
CA PHE W 623 51.64 -32.79 43.93
C PHE W 623 52.37 -31.47 44.08
N THR W 624 53.09 -31.31 45.20
CA THR W 624 53.92 -30.12 45.39
C THR W 624 55.34 -30.34 44.89
N GLY W 625 55.66 -31.56 44.46
CA GLY W 625 57.01 -31.84 43.98
C GLY W 625 57.25 -31.33 42.58
N SER W 626 58.47 -31.55 42.11
CA SER W 626 58.91 -31.12 40.79
C SER W 626 58.74 -32.20 39.72
N SER W 627 58.08 -33.30 40.05
CA SER W 627 57.82 -34.37 39.09
C SER W 627 56.77 -33.86 38.11
N ARG W 628 57.22 -33.38 36.95
CA ARG W 628 56.38 -32.63 36.03
C ARG W 628 56.23 -33.38 34.71
N ASN W 629 55.02 -33.36 34.16
CA ASN W 629 54.73 -33.97 32.87
C ASN W 629 53.82 -33.11 32.01
N GLY W 630 53.59 -31.85 32.38
CA GLY W 630 52.73 -30.95 31.63
C GLY W 630 51.53 -30.46 32.40
N ILE W 631 51.15 -31.14 33.48
CA ILE W 631 50.03 -30.72 34.31
C ILE W 631 50.49 -29.63 35.26
N VAL W 632 49.60 -28.66 35.52
CA VAL W 632 50.00 -27.41 36.17
C VAL W 632 50.48 -27.68 37.59
N PRO W 633 51.47 -26.94 38.09
CA PRO W 633 51.97 -27.20 39.45
C PRO W 633 50.91 -26.95 40.50
N GLY W 634 50.97 -27.76 41.57
CA GLY W 634 50.16 -27.51 42.76
C GLY W 634 48.67 -27.66 42.56
N SER W 635 48.25 -28.40 41.54
CA SER W 635 46.83 -28.61 41.29
C SER W 635 46.37 -29.91 41.94
N LYS W 636 45.07 -30.00 42.19
CA LYS W 636 44.46 -31.16 42.82
C LYS W 636 43.67 -31.94 41.77
N VAL W 637 43.93 -33.23 41.68
CA VAL W 637 43.26 -34.12 40.72
C VAL W 637 42.47 -35.15 41.50
N MET W 638 41.26 -35.44 41.02
CA MET W 638 40.38 -36.40 41.69
C MET W 638 40.55 -37.77 41.05
N LEU W 639 41.13 -38.70 41.80
CA LEU W 639 41.30 -40.06 41.31
C LEU W 639 39.99 -40.83 41.42
N PRO W 640 39.82 -41.88 40.61
CA PRO W 640 38.58 -42.67 40.67
C PRO W 640 38.58 -43.69 41.80
N PHE W 641 39.46 -43.53 42.78
CA PHE W 641 39.52 -44.43 43.92
C PHE W 641 38.88 -43.81 45.15
N MET W 642 38.60 -44.65 46.14
CA MET W 642 38.04 -44.17 47.39
C MET W 642 39.05 -43.31 48.14
N ALA W 643 38.52 -42.38 48.94
CA ALA W 643 39.40 -41.48 49.69
C ALA W 643 40.27 -42.24 50.68
N ALA W 644 39.79 -43.36 51.21
CA ALA W 644 40.60 -44.19 52.09
C ALA W 644 41.78 -44.82 51.36
N ASP W 645 41.71 -44.93 50.04
CA ASP W 645 42.78 -45.50 49.24
C ASP W 645 43.66 -44.45 48.57
N ALA W 646 43.53 -43.18 48.99
CA ALA W 646 44.32 -42.11 48.37
C ALA W 646 45.81 -42.32 48.60
N GLY W 647 46.19 -42.72 49.82
CA GLY W 647 47.60 -42.90 50.13
C GLY W 647 48.20 -44.18 49.61
N ARG W 648 47.38 -45.16 49.24
CA ARG W 648 47.86 -46.46 48.80
C ARG W 648 48.00 -46.58 47.30
N VAL W 649 47.69 -45.52 46.55
CA VAL W 649 47.77 -45.54 45.10
C VAL W 649 48.90 -44.63 44.65
N ARG W 650 49.47 -44.94 43.48
CA ARG W 650 50.57 -44.17 42.92
C ARG W 650 50.25 -43.79 41.48
N VAL W 651 50.73 -42.61 41.09
CA VAL W 651 50.46 -42.05 39.76
C VAL W 651 51.45 -42.58 38.72
N ASN W 652 52.47 -43.32 39.16
CA ASN W 652 53.52 -43.84 38.28
C ASN W 652 54.27 -42.69 37.59
N SER W 653 54.90 -41.87 38.43
CA SER W 653 55.71 -40.74 37.96
C SER W 653 54.91 -39.78 37.08
N THR W 664 54.08 -46.02 27.66
CA THR W 664 53.71 -44.83 26.92
C THR W 664 52.52 -45.10 26.00
N HIS W 665 51.36 -44.58 26.39
CA HIS W 665 50.13 -44.76 25.62
C HIS W 665 49.18 -43.61 25.94
N ALA W 666 47.93 -43.75 25.53
CA ALA W 666 46.95 -42.67 25.63
C ALA W 666 46.20 -42.67 26.97
N GLY W 667 46.44 -43.63 27.84
CA GLY W 667 45.74 -43.72 29.11
C GLY W 667 46.70 -43.72 30.27
N GLU W 668 46.31 -43.04 31.35
CA GLU W 668 47.12 -43.04 32.56
C GLU W 668 46.92 -44.33 33.34
N ASP W 669 48.02 -44.85 33.88
CA ASP W 669 47.98 -46.04 34.73
C ASP W 669 48.23 -45.63 36.17
N ILE W 670 47.33 -46.02 37.06
CA ILE W 670 47.44 -45.74 38.49
C ILE W 670 47.66 -47.06 39.20
N ALA W 671 48.85 -47.23 39.79
CA ALA W 671 49.16 -48.47 40.48
C ALA W 671 48.48 -48.50 41.84
N ALA W 672 47.71 -49.55 42.07
CA ALA W 672 46.97 -49.73 43.32
C ALA W 672 47.12 -51.17 43.78
N PRO W 673 47.02 -51.41 45.10
CA PRO W 673 47.07 -52.79 45.59
C PRO W 673 45.87 -53.58 45.11
N GLY W 674 46.07 -54.89 44.93
CA GLY W 674 45.02 -55.76 44.46
C GLY W 674 43.81 -55.79 45.37
N GLY W 675 42.62 -55.65 44.79
CA GLY W 675 41.38 -55.66 45.53
C GLY W 675 40.75 -54.31 45.76
N THR W 676 41.43 -53.21 45.45
CA THR W 676 40.84 -51.89 45.61
C THR W 676 39.67 -51.70 44.65
N LYS W 677 38.71 -50.88 45.06
CA LYS W 677 37.49 -50.66 44.30
C LYS W 677 37.62 -49.40 43.46
N VAL W 678 37.27 -49.51 42.17
CA VAL W 678 37.23 -48.36 41.29
C VAL W 678 35.89 -47.66 41.46
N VAL W 679 35.92 -46.34 41.66
CA VAL W 679 34.74 -45.56 41.98
C VAL W 679 34.55 -44.51 40.89
N SER W 680 33.32 -44.40 40.39
CA SER W 680 33.01 -43.42 39.36
C SER W 680 33.00 -42.02 40.00
N TYR W 681 33.85 -41.13 39.47
CA TYR W 681 33.94 -39.77 39.98
C TYR W 681 32.87 -38.85 39.43
N VAL W 682 32.17 -39.26 38.37
CA VAL W 682 31.15 -38.42 37.75
C VAL W 682 29.87 -39.23 37.61
N SER W 683 28.74 -38.53 37.59
CA SER W 683 27.44 -39.16 37.44
C SER W 683 27.08 -39.25 35.95
N GLY W 684 26.72 -40.43 35.51
CA GLY W 684 26.39 -40.62 34.12
C GLY W 684 25.76 -41.97 33.86
N GLN W 685 25.67 -42.31 32.58
CA GLN W 685 25.07 -43.56 32.14
C GLN W 685 26.16 -44.51 31.67
N VAL W 686 26.11 -45.75 32.16
CA VAL W 686 27.06 -46.77 31.73
C VAL W 686 26.67 -47.23 30.32
N ILE W 687 27.59 -47.07 29.38
CA ILE W 687 27.29 -47.34 27.99
C ILE W 687 27.49 -48.82 27.66
N LYS W 688 28.63 -49.37 28.07
CA LYS W 688 29.02 -50.71 27.64
C LYS W 688 30.01 -51.31 28.62
N VAL W 689 29.82 -52.60 28.93
CA VAL W 689 30.64 -53.33 29.89
C VAL W 689 31.00 -54.67 29.25
N THR W 690 32.19 -54.73 28.64
CA THR W 690 32.61 -55.95 27.94
C THR W 690 34.02 -56.37 28.34
N ARG W 691 34.56 -57.36 27.62
CA ARG W 691 35.88 -57.91 27.89
C ARG W 691 36.62 -58.08 26.57
N GLN W 692 37.87 -57.63 26.52
CA GLN W 692 38.76 -57.88 25.40
C GLN W 692 39.99 -58.61 25.92
N LYS W 693 40.12 -59.89 25.58
CA LYS W 693 41.22 -60.71 26.05
C LYS W 693 42.44 -60.48 25.15
N GLY W 694 43.60 -60.29 25.77
CA GLY W 694 44.81 -60.06 25.00
C GLY W 694 45.67 -58.92 25.53
N ILE W 695 45.87 -57.89 24.70
CA ILE W 695 46.81 -56.83 25.02
C ILE W 695 46.12 -55.67 25.75
N GLY W 696 45.13 -55.06 25.10
CA GLY W 696 44.52 -53.84 25.60
C GLY W 696 43.09 -54.04 26.03
N TYR W 697 42.69 -53.29 27.06
CA TYR W 697 41.32 -53.24 27.56
C TYR W 697 40.82 -54.63 27.97
N GLY W 698 41.50 -55.20 28.97
CA GLY W 698 41.13 -56.51 29.48
C GLY W 698 39.68 -56.57 29.95
N ARG W 699 39.38 -55.87 31.04
CA ARG W 699 38.00 -55.62 31.46
C ARG W 699 37.83 -54.11 31.55
N TYR W 700 36.98 -53.56 30.68
CA TYR W 700 36.81 -52.13 30.58
C TYR W 700 35.34 -51.77 30.71
N ILE W 701 35.07 -50.64 31.37
CA ILE W 701 33.73 -50.12 31.57
C ILE W 701 33.72 -48.66 31.15
N THR W 702 32.76 -48.28 30.31
CA THR W 702 32.65 -46.93 29.78
C THR W 702 31.42 -46.26 30.36
N ILE W 703 31.61 -45.04 30.88
CA ILE W 703 30.53 -44.25 31.47
C ILE W 703 30.43 -42.94 30.71
N LYS W 704 29.23 -42.62 30.24
CA LYS W 704 28.96 -41.34 29.58
C LYS W 704 28.65 -40.32 30.66
N GLY W 705 29.67 -39.58 31.09
CA GLY W 705 29.49 -38.63 32.17
C GLY W 705 28.60 -37.47 31.77
N ASP W 706 28.00 -36.85 32.79
CA ASP W 706 27.16 -35.68 32.58
C ASP W 706 27.95 -34.46 32.13
N ASP W 707 29.26 -34.48 32.26
CA ASP W 707 30.10 -33.37 31.78
C ASP W 707 30.27 -33.38 30.27
N GLY W 708 29.82 -34.43 29.59
CA GLY W 708 29.94 -34.52 28.15
C GLY W 708 31.14 -35.29 27.65
N MET W 709 31.93 -35.88 28.54
CA MET W 709 33.11 -36.64 28.16
C MET W 709 32.95 -38.09 28.61
N TYR W 710 33.41 -39.01 27.76
CA TYR W 710 33.32 -40.43 28.04
C TYR W 710 34.54 -40.88 28.83
N HIS W 711 34.31 -41.59 29.94
CA HIS W 711 35.37 -42.06 30.82
C HIS W 711 35.43 -43.58 30.74
N ARG W 712 36.63 -44.11 30.52
CA ARG W 712 36.84 -45.53 30.36
C ARG W 712 37.81 -46.02 31.44
N PHE W 713 37.41 -47.06 32.16
CA PHE W 713 38.23 -47.71 33.17
C PHE W 713 38.51 -49.13 32.71
N ALA W 714 39.75 -49.41 32.33
CA ALA W 714 40.14 -50.70 31.77
C ALA W 714 41.03 -51.45 32.75
N HIS W 715 41.38 -52.69 32.38
CA HIS W 715 42.20 -53.56 33.21
C HIS W 715 41.57 -53.79 34.58
N LEU W 716 40.32 -54.25 34.56
CA LEU W 716 39.58 -54.52 35.79
C LEU W 716 39.57 -56.02 36.08
N SER W 717 39.19 -56.36 37.32
CA SER W 717 39.05 -57.74 37.73
C SER W 717 37.60 -58.22 37.65
N ALA W 718 36.66 -57.39 38.10
CA ALA W 718 35.25 -57.71 38.03
C ALA W 718 34.45 -56.43 37.86
N HIS W 719 33.24 -56.58 37.33
CA HIS W 719 32.32 -55.46 37.15
C HIS W 719 31.25 -55.47 38.23
N ASN W 720 30.85 -54.27 38.65
CA ASN W 720 29.76 -54.11 39.60
C ASN W 720 28.59 -53.34 39.02
N VAL W 721 28.69 -52.86 37.78
CA VAL W 721 27.62 -52.12 37.14
C VAL W 721 27.08 -52.94 35.97
N LYS W 722 26.01 -52.44 35.36
CA LYS W 722 25.35 -53.10 34.25
C LYS W 722 25.22 -52.15 33.08
N GLN W 723 25.15 -52.69 31.88
CA GLN W 723 24.99 -51.87 30.69
C GLN W 723 23.67 -51.11 30.75
N GLY W 724 23.72 -49.82 30.43
CA GLY W 724 22.53 -48.99 30.47
C GLY W 724 22.09 -48.58 31.85
N GLN W 725 22.97 -48.66 32.84
CA GLN W 725 22.64 -48.30 34.22
C GLN W 725 23.10 -46.87 34.51
N ARG W 726 22.24 -46.11 35.18
CA ARG W 726 22.57 -44.74 35.57
C ARG W 726 23.28 -44.79 36.91
N VAL W 727 24.55 -44.36 36.92
CA VAL W 727 25.38 -44.39 38.11
C VAL W 727 25.61 -42.95 38.56
N GLU W 728 25.47 -42.72 39.86
CA GLU W 728 25.75 -41.42 40.44
C GLU W 728 27.23 -41.30 40.77
N ALA W 729 27.66 -40.09 41.09
CA ALA W 729 29.04 -39.88 41.51
C ALA W 729 29.29 -40.60 42.83
N GLY W 730 30.46 -41.24 42.92
CA GLY W 730 30.77 -42.06 44.07
C GLY W 730 30.31 -43.50 43.99
N HIS W 731 29.68 -43.89 42.89
CA HIS W 731 29.23 -45.27 42.72
C HIS W 731 30.42 -46.19 42.56
N VAL W 732 30.32 -47.40 43.12
CA VAL W 732 31.37 -48.40 42.98
C VAL W 732 31.24 -49.07 41.62
N ILE W 733 32.32 -49.04 40.85
CA ILE W 733 32.33 -49.56 39.49
C ILE W 733 32.88 -50.98 39.43
N GLY W 734 34.04 -51.21 40.02
CA GLY W 734 34.64 -52.53 39.97
C GLY W 734 35.98 -52.55 40.66
N LEU W 735 36.68 -53.67 40.50
CA LEU W 735 37.97 -53.88 41.13
C LEU W 735 39.09 -53.74 40.10
N VAL W 736 40.28 -53.42 40.60
CA VAL W 736 41.45 -53.25 39.73
C VAL W 736 41.96 -54.62 39.31
N GLY W 737 42.65 -54.67 38.18
CA GLY W 737 43.17 -55.92 37.64
C GLY W 737 44.65 -55.83 37.35
N ASP W 738 45.21 -56.96 36.93
CA ASP W 738 46.61 -57.10 36.60
C ASP W 738 46.79 -57.73 35.22
N ASP W 739 45.92 -57.34 34.27
CA ASP W 739 45.95 -57.95 32.95
C ASP W 739 47.23 -57.61 32.19
N GLY W 740 47.79 -56.43 32.43
CA GLY W 740 48.99 -56.03 31.72
C GLY W 740 50.25 -56.63 32.30
N SER W 741 50.52 -56.35 33.58
CA SER W 741 51.70 -56.87 34.26
C SER W 741 51.27 -57.71 35.45
N PRO W 742 51.27 -59.04 35.33
CA PRO W 742 50.90 -59.89 36.47
C PRO W 742 51.81 -59.65 37.66
N GLY W 743 51.22 -59.67 38.85
CA GLY W 743 51.96 -59.41 40.07
C GLY W 743 51.70 -58.03 40.63
N SER W 744 51.61 -57.04 39.74
CA SER W 744 51.31 -55.67 40.12
C SER W 744 49.98 -55.25 39.51
N TYR W 745 49.10 -54.72 40.35
CA TYR W 745 47.77 -54.31 39.92
C TYR W 745 47.75 -52.82 39.60
N HIS W 746 46.94 -52.46 38.61
CA HIS W 746 46.83 -51.07 38.16
C HIS W 746 45.45 -50.87 37.55
N LEU W 747 45.20 -49.63 37.12
CA LEU W 747 43.92 -49.28 36.50
C LEU W 747 44.21 -48.41 35.28
N HIS W 748 43.77 -48.85 34.11
CA HIS W 748 43.90 -48.06 32.89
C HIS W 748 42.74 -47.07 32.84
N TRP W 749 43.06 -45.79 32.96
CA TRP W 749 42.06 -44.73 33.03
C TRP W 749 42.21 -43.84 31.80
N GLU W 750 41.12 -43.69 31.05
CA GLU W 750 41.13 -42.96 29.79
C GLU W 750 39.90 -42.06 29.70
N VAL W 751 40.08 -40.86 29.18
CA VAL W 751 39.01 -39.88 29.03
C VAL W 751 38.90 -39.50 27.56
N ARG W 752 37.69 -39.53 27.03
CA ARG W 752 37.43 -39.27 25.62
C ARG W 752 36.24 -38.33 25.47
N ASP W 753 36.19 -37.65 24.33
CA ASP W 753 35.01 -36.89 23.95
C ASP W 753 34.06 -37.69 23.06
N ASN W 754 34.45 -38.89 22.65
CA ASN W 754 33.64 -39.76 21.81
C ASN W 754 33.70 -41.18 22.37
N ASP W 755 32.82 -42.04 21.87
CA ASP W 755 32.72 -43.43 22.32
C ASP W 755 33.46 -44.38 21.38
N GLY W 756 34.58 -43.93 20.82
CA GLY W 756 35.37 -44.73 19.90
C GLY W 756 36.27 -45.71 20.62
N TYR W 757 37.26 -46.20 19.89
CA TYR W 757 38.19 -47.22 20.39
C TYR W 757 39.62 -46.89 19.98
N GLY W 758 39.87 -45.64 19.62
CA GLY W 758 41.18 -45.27 19.12
C GLY W 758 41.84 -44.14 19.89
N ALA W 759 43.02 -43.72 19.45
CA ALA W 759 43.74 -42.63 20.08
C ALA W 759 43.34 -41.26 19.55
N ASN W 760 42.39 -41.21 18.61
CA ASN W 760 41.93 -39.95 18.04
C ASN W 760 40.75 -39.47 18.87
N GLY W 761 41.03 -38.53 19.77
CA GLY W 761 40.00 -37.98 20.64
C GLY W 761 40.29 -38.20 22.11
N THR W 762 41.51 -38.61 22.41
CA THR W 762 41.89 -38.92 23.78
C THR W 762 42.45 -37.68 24.48
N VAL W 763 42.07 -37.50 25.74
CA VAL W 763 42.53 -36.40 26.57
C VAL W 763 43.20 -36.98 27.81
N ASN W 764 44.31 -36.38 28.21
CA ASN W 764 45.03 -36.85 29.39
C ASN W 764 44.17 -36.70 30.62
N PRO W 765 43.88 -37.79 31.35
CA PRO W 765 42.97 -37.67 32.51
C PRO W 765 43.47 -36.70 33.58
N LEU W 766 44.78 -36.65 33.83
CA LEU W 766 45.30 -35.77 34.86
C LEU W 766 45.13 -34.30 34.47
N LYS W 767 45.48 -33.96 33.24
CA LYS W 767 45.31 -32.58 32.78
C LYS W 767 43.84 -32.20 32.75
N TYR W 768 42.97 -33.12 32.33
CA TYR W 768 41.54 -32.84 32.30
C TYR W 768 40.99 -32.60 33.70
N MET W 769 41.41 -33.42 34.67
CA MET W 769 40.94 -33.27 36.04
C MET W 769 41.54 -32.04 36.71
N GLY W 770 42.69 -31.57 36.26
CA GLY W 770 43.29 -30.39 36.85
C GLY W 770 42.45 -29.13 36.64
N GLY W 771 41.81 -29.03 35.47
CA GLY W 771 41.10 -27.84 35.07
C GLY W 771 39.59 -27.87 35.18
N VAL W 772 39.02 -28.85 35.88
CA VAL W 772 37.58 -28.94 36.05
C VAL W 772 37.23 -28.63 37.50
N ASN W 773 36.03 -28.11 37.70
CA ASN W 773 35.54 -27.79 39.03
C ASN W 773 34.87 -29.03 39.61
N PHE W 774 35.33 -29.45 40.79
CA PHE W 774 34.83 -30.66 41.41
C PHE W 774 34.74 -30.46 42.92
N LYS W 775 33.84 -31.23 43.54
CA LYS W 775 33.69 -31.28 44.99
C LYS W 775 34.09 -32.68 45.44
N GLU W 776 35.25 -32.78 46.11
CA GLU W 776 35.82 -34.08 46.41
C GLU W 776 35.11 -34.81 47.54
N SER W 777 34.37 -34.10 48.38
CA SER W 777 33.70 -34.71 49.52
C SER W 777 32.25 -34.30 49.58
N SER W 778 31.39 -35.23 50.00
CA SER W 778 29.97 -34.96 50.18
C SER W 778 29.49 -35.23 51.60
N ALA W 779 30.39 -35.64 52.49
CA ALA W 779 30.02 -35.91 53.87
C ALA W 779 29.80 -34.61 54.64
N PRO W 780 28.81 -34.58 55.53
CA PRO W 780 28.57 -33.36 56.29
C PRO W 780 29.72 -33.08 57.24
N PRO W 781 29.98 -31.80 57.53
CA PRO W 781 31.01 -31.49 58.51
C PRO W 781 30.61 -31.98 59.88
N PRO W 782 31.58 -32.29 60.74
CA PRO W 782 31.25 -32.84 62.05
C PRO W 782 30.51 -31.84 62.93
N GLN W 783 29.65 -32.37 63.79
CA GLN W 783 28.88 -31.56 64.73
C GLN W 783 29.59 -31.54 66.07
N GLY W 784 29.76 -30.35 66.62
CA GLY W 784 30.48 -30.18 67.89
C GLY W 784 30.01 -28.95 68.62
N ASN W 785 30.95 -28.28 69.28
CA ASN W 785 30.67 -27.09 70.07
C ASN W 785 30.94 -25.85 69.23
N THR W 786 29.98 -24.93 69.23
CA THR W 786 30.11 -23.67 68.50
C THR W 786 30.12 -22.48 69.46
N ASN W 787 30.73 -22.66 70.64
CA ASN W 787 30.85 -21.58 71.61
C ASN W 787 31.94 -20.63 71.15
N GLY W 788 31.58 -19.80 70.17
CA GLY W 788 32.51 -18.86 69.59
C GLY W 788 32.30 -18.70 68.10
N TRP W 789 31.66 -19.70 67.48
CA TRP W 789 31.29 -19.63 66.07
C TRP W 789 29.86 -19.14 65.91
N GLY W 790 29.60 -17.96 66.48
CA GLY W 790 28.30 -17.34 66.45
C GLY W 790 28.31 -16.10 65.57
N TYR W 791 27.17 -15.84 64.94
CA TYR W 791 27.01 -14.71 64.04
C TYR W 791 26.01 -13.74 64.63
N ASN W 792 26.41 -12.48 64.78
CA ASN W 792 25.53 -11.41 65.23
C ASN W 792 25.35 -10.43 64.08
N VAL W 793 24.09 -10.18 63.71
CA VAL W 793 23.81 -9.32 62.56
C VAL W 793 24.22 -7.88 62.85
N ASN W 794 24.03 -7.43 64.09
CA ASN W 794 24.42 -6.06 64.44
C ASN W 794 25.93 -5.92 64.58
N ASN W 795 26.62 -6.94 65.08
CA ASN W 795 28.06 -6.91 65.29
C ASN W 795 28.67 -8.13 64.62
N PRO W 796 28.88 -8.09 63.31
CA PRO W 796 29.46 -9.24 62.63
C PRO W 796 30.87 -9.50 63.12
N PRO W 797 31.32 -10.75 63.08
CA PRO W 797 32.67 -11.06 63.57
C PRO W 797 33.74 -10.39 62.73
N THR W 798 34.85 -10.04 63.39
CA THR W 798 35.95 -9.36 62.70
C THR W 798 36.84 -10.34 61.95
N ALA W 799 37.06 -11.52 62.51
CA ALA W 799 37.97 -12.51 61.95
C ALA W 799 37.18 -13.67 61.38
N ARG W 800 37.50 -14.05 60.13
CA ARG W 800 36.83 -15.15 59.45
C ARG W 800 37.87 -16.05 58.80
N VAL W 801 37.48 -17.29 58.55
CA VAL W 801 38.36 -18.28 57.95
C VAL W 801 37.62 -18.90 56.76
N PRO W 802 38.35 -19.48 55.82
CA PRO W 802 37.68 -20.13 54.68
C PRO W 802 36.74 -21.22 55.12
N ALA W 803 35.67 -21.42 54.33
CA ALA W 803 34.59 -22.31 54.73
C ALA W 803 35.03 -23.76 54.89
N ASN W 804 36.14 -24.16 54.27
CA ASN W 804 36.63 -25.53 54.38
C ASN W 804 37.35 -25.80 55.69
N ALA W 805 37.30 -24.86 56.64
CA ALA W 805 37.93 -25.06 57.94
C ALA W 805 37.12 -26.01 58.80
N ILE W 806 37.73 -26.43 59.90
CA ILE W 806 37.08 -27.28 60.90
C ILE W 806 36.70 -26.42 62.09
N LYS W 807 35.43 -26.45 62.48
CA LYS W 807 34.92 -25.59 63.55
C LYS W 807 35.20 -26.29 64.88
N LEU W 808 36.37 -26.03 65.45
CA LEU W 808 36.74 -26.54 66.76
C LEU W 808 36.10 -25.69 67.85
N PRO W 809 35.92 -26.25 69.05
CA PRO W 809 35.27 -25.49 70.12
C PRO W 809 36.11 -24.29 70.57
N ASN W 810 35.42 -23.30 71.12
CA ASN W 810 36.04 -22.08 71.67
C ASN W 810 36.77 -21.28 70.59
N GLY W 811 36.22 -21.25 69.37
CA GLY W 811 36.74 -20.40 68.33
C GLY W 811 38.01 -20.87 67.66
N LYS W 812 38.42 -22.11 67.89
CA LYS W 812 39.62 -22.64 67.24
C LYS W 812 39.25 -23.27 65.90
N PHE W 813 40.26 -23.40 65.04
CA PHE W 813 40.05 -23.92 63.70
C PHE W 813 41.32 -24.63 63.22
N LEU W 814 41.18 -25.35 62.12
CA LEU W 814 42.28 -26.12 61.53
C LEU W 814 42.25 -25.97 60.02
N VAL W 815 43.27 -25.34 59.46
CA VAL W 815 43.37 -25.13 58.02
C VAL W 815 44.79 -25.46 57.58
N ASN W 816 44.90 -26.30 56.54
CA ASN W 816 46.18 -26.59 55.87
C ASN W 816 47.23 -27.08 56.86
N ASN W 817 46.86 -28.08 57.65
CA ASN W 817 47.74 -28.73 58.63
C ASN W 817 48.21 -27.78 59.73
N ARG W 818 47.61 -26.61 59.85
CA ARG W 818 47.93 -25.64 60.89
C ARG W 818 46.67 -25.27 61.65
N THR W 819 46.80 -25.17 62.97
CA THR W 819 45.67 -24.86 63.84
C THR W 819 45.93 -23.58 64.61
N GLY W 820 44.85 -22.93 65.00
CA GLY W 820 44.95 -21.69 65.74
C GLY W 820 43.59 -21.21 66.18
N ALA W 821 43.55 -19.96 66.63
CA ALA W 821 42.32 -19.32 67.07
C ALA W 821 41.97 -18.16 66.15
N LEU W 822 40.69 -17.82 66.12
CA LEU W 822 40.21 -16.73 65.30
C LEU W 822 40.77 -15.41 65.80
N GLY W 823 41.36 -14.62 64.91
CA GLY W 823 41.96 -13.36 65.26
C GLY W 823 43.38 -13.45 65.77
N ASN W 824 43.92 -14.66 65.93
CA ASN W 824 45.28 -14.84 66.41
C ASN W 824 46.17 -15.26 65.26
N PRO W 825 47.16 -14.46 64.85
CA PRO W 825 48.00 -14.85 63.72
C PRO W 825 48.95 -16.00 64.02
N THR W 826 49.12 -16.36 65.29
CA THR W 826 50.03 -17.45 65.66
C THR W 826 49.38 -18.78 65.34
N ALA W 827 50.04 -19.57 64.49
CA ALA W 827 49.52 -20.87 64.06
C ALA W 827 50.46 -21.97 64.52
N ARG W 828 49.88 -23.02 65.11
CA ARG W 828 50.64 -24.17 65.58
C ARG W 828 50.39 -25.37 64.67
N ALA W 829 51.41 -26.22 64.56
CA ALA W 829 51.30 -27.40 63.72
C ALA W 829 50.25 -28.36 64.28
N ALA W 830 49.44 -28.93 63.38
CA ALA W 830 48.39 -29.84 63.80
C ALA W 830 48.97 -31.11 64.43
N SER W 831 50.04 -31.65 63.84
CA SER W 831 50.62 -32.88 64.36
C SER W 831 51.32 -32.68 65.70
N GLU W 832 51.71 -31.46 66.03
CA GLU W 832 52.43 -31.20 67.28
C GLU W 832 51.49 -31.03 68.47
N GLN W 833 50.36 -30.36 68.28
CA GLN W 833 49.46 -30.10 69.39
C GLN W 833 48.41 -31.21 69.54
N TYR W 834 47.85 -31.69 68.43
CA TYR W 834 46.86 -32.76 68.46
C TYR W 834 47.57 -34.09 68.22
N THR W 835 47.72 -34.88 69.27
CA THR W 835 48.38 -36.17 69.22
C THR W 835 47.40 -37.26 69.63
N VAL W 836 47.92 -38.48 69.78
CA VAL W 836 47.07 -39.60 70.21
C VAL W 836 46.62 -39.39 71.65
N GLY W 837 47.44 -38.73 72.47
CA GLY W 837 47.03 -38.44 73.84
C GLY W 837 45.89 -37.45 73.93
N ARG W 838 45.87 -36.44 73.05
CA ARG W 838 44.81 -35.45 73.00
C ARG W 838 44.34 -35.34 71.55
N PRO W 839 43.39 -36.19 71.15
CA PRO W 839 42.93 -36.16 69.75
C PRO W 839 42.01 -34.98 69.49
N VAL W 840 41.76 -34.74 68.21
CA VAL W 840 40.90 -33.64 67.79
C VAL W 840 39.46 -33.97 68.20
N ASN W 841 38.95 -33.26 69.20
CA ASN W 841 37.59 -33.42 69.66
C ASN W 841 36.82 -32.13 69.40
N THR W 842 35.70 -32.25 68.69
CA THR W 842 34.87 -31.09 68.38
C THR W 842 34.09 -30.58 69.57
N GLY W 843 34.02 -31.34 70.66
CA GLY W 843 33.35 -30.90 71.86
C GLY W 843 31.84 -30.95 71.72
N LYS W 844 31.16 -30.49 72.77
CA LYS W 844 29.71 -30.42 72.81
C LYS W 844 29.29 -29.16 73.54
N VAL W 845 28.07 -28.72 73.26
CA VAL W 845 27.48 -27.55 73.90
C VAL W 845 26.76 -28.00 75.17
N SER W 846 27.05 -27.35 76.29
CA SER W 846 26.41 -27.71 77.55
C SER W 846 24.92 -27.40 77.48
N GLY W 847 24.11 -28.32 77.99
CA GLY W 847 22.67 -28.20 77.96
C GLY W 847 22.06 -27.46 79.12
N SER W 848 22.87 -26.93 80.04
CA SER W 848 22.34 -26.20 81.18
C SER W 848 23.13 -24.96 81.54
N SER W 849 24.13 -24.57 80.75
CA SER W 849 24.97 -23.42 81.05
C SER W 849 24.81 -22.38 79.95
N TRP W 850 24.59 -21.13 80.36
CA TRP W 850 24.49 -20.02 79.42
C TRP W 850 24.88 -18.74 80.14
N SER W 851 25.17 -17.70 79.35
CA SER W 851 25.68 -16.45 79.91
C SER W 851 24.65 -15.72 80.77
N GLY W 852 23.37 -16.04 80.62
CA GLY W 852 22.33 -15.39 81.38
C GLY W 852 21.71 -14.17 80.72
N THR W 853 22.30 -13.68 79.63
CA THR W 853 21.77 -12.54 78.89
C THR W 853 21.62 -12.92 77.43
N ASN W 854 20.50 -12.52 76.82
CA ASN W 854 20.23 -12.79 75.42
C ASN W 854 20.48 -11.52 74.62
N ASP W 855 21.32 -11.61 73.59
CA ASP W 855 21.69 -10.47 72.79
C ASP W 855 20.78 -10.36 71.57
N TYR W 856 20.21 -9.18 71.36
CA TYR W 856 19.38 -8.95 70.19
C TYR W 856 20.24 -8.99 68.94
N GLY W 857 19.73 -9.67 67.90
CA GLY W 857 20.47 -9.85 66.67
C GLY W 857 21.35 -11.07 66.63
N GLU W 858 21.46 -11.82 67.73
CA GLU W 858 22.25 -13.04 67.74
C GLU W 858 21.56 -14.10 66.91
N THR W 859 22.13 -14.44 65.76
CA THR W 859 21.51 -15.37 64.83
C THR W 859 21.70 -16.83 65.22
N TYR W 860 22.68 -17.13 66.07
CA TYR W 860 22.98 -18.49 66.51
C TYR W 860 23.24 -19.42 65.32
N GLY W 861 23.79 -18.88 64.24
CA GLY W 861 24.11 -19.67 63.07
C GLY W 861 22.96 -19.95 62.13
N TYR W 862 21.81 -19.30 62.33
CA TYR W 862 20.63 -19.54 61.50
C TYR W 862 20.42 -18.38 60.55
N ALA W 863 20.22 -18.70 59.27
CA ALA W 863 20.06 -17.65 58.25
C ALA W 863 18.74 -16.91 58.39
N TYR W 864 17.69 -17.61 58.81
CA TYR W 864 16.38 -16.96 58.95
C TYR W 864 16.42 -15.86 59.99
N LEU W 865 17.14 -16.10 61.10
CA LEU W 865 17.30 -15.05 62.10
C LEU W 865 18.14 -13.89 61.56
N ALA W 866 19.05 -14.17 60.63
CA ALA W 866 19.88 -13.11 60.06
C ALA W 866 19.11 -12.24 59.08
N ASN W 867 18.24 -12.84 58.27
CA ASN W 867 17.47 -12.07 57.30
C ASN W 867 16.21 -11.44 57.88
N ASN W 868 15.83 -11.80 59.11
CA ASN W 868 14.66 -11.23 59.78
C ASN W 868 15.08 -10.75 61.16
N PRO W 869 15.77 -9.61 61.22
CA PRO W 869 16.24 -9.11 62.53
C PRO W 869 15.12 -8.79 63.51
N GLU W 870 13.95 -8.38 63.01
CA GLU W 870 12.82 -8.12 63.91
C GLU W 870 12.38 -9.40 64.61
N PHE W 871 12.34 -10.51 63.87
CA PHE W 871 12.01 -11.80 64.47
C PHE W 871 13.05 -12.19 65.51
N THR W 872 14.33 -11.95 65.22
CA THR W 872 15.38 -12.25 66.19
C THR W 872 15.21 -11.42 67.46
N LYS W 873 14.89 -10.13 67.31
CA LYS W 873 14.68 -9.28 68.47
C LYS W 873 13.50 -9.75 69.30
N LYS W 874 12.40 -10.09 68.64
CA LYS W 874 11.22 -10.57 69.37
C LYS W 874 11.51 -11.88 70.08
N LEU W 875 12.26 -12.77 69.42
CA LEU W 875 12.62 -14.05 70.02
C LEU W 875 13.54 -13.85 71.23
N ALA W 876 14.47 -12.90 71.13
CA ALA W 876 15.32 -12.60 72.28
C ALA W 876 14.51 -12.04 73.44
N ILE W 877 13.54 -11.16 73.15
CA ILE W 877 12.67 -10.64 74.20
C ILE W 877 11.92 -11.78 74.88
N THR W 878 11.34 -12.68 74.08
CA THR W 878 10.58 -13.80 74.64
C THR W 878 11.46 -14.71 75.49
N ALA W 879 12.66 -15.01 75.00
CA ALA W 879 13.56 -15.88 75.74
C ALA W 879 14.00 -15.24 77.05
N THR W 880 14.32 -13.95 77.03
CA THR W 880 14.70 -13.27 78.26
C THR W 880 13.54 -13.22 79.25
N ARG W 881 12.32 -12.99 78.75
CA ARG W 881 11.16 -12.96 79.63
C ARG W 881 10.90 -14.32 80.25
N LEU W 882 11.07 -15.40 79.48
CA LEU W 882 10.85 -16.75 79.99
C LEU W 882 11.97 -17.22 80.91
N GLY W 883 13.10 -16.53 80.95
CA GLY W 883 14.21 -16.96 81.78
C GLY W 883 15.04 -18.08 81.19
N ILE W 884 14.92 -18.35 79.89
CA ILE W 884 15.65 -19.41 79.23
C ILE W 884 16.59 -18.79 78.20
N SER W 885 17.61 -19.56 77.83
CA SER W 885 18.53 -19.12 76.81
C SER W 885 17.84 -19.08 75.46
N ALA W 886 18.15 -18.05 74.66
CA ALA W 886 17.55 -17.93 73.34
C ALA W 886 17.98 -19.06 72.42
N GLN W 887 19.18 -19.60 72.63
CA GLN W 887 19.70 -20.65 71.75
C GLN W 887 18.83 -21.91 71.82
N TRP W 888 18.39 -22.28 73.02
CA TRP W 888 17.58 -23.49 73.16
C TRP W 888 16.27 -23.37 72.40
N LEU W 889 15.55 -22.26 72.61
CA LEU W 889 14.28 -22.06 71.93
C LEU W 889 14.48 -21.93 70.42
N VAL W 890 15.56 -21.26 70.01
CA VAL W 890 15.87 -21.15 68.58
C VAL W 890 16.03 -22.52 67.97
N ASP W 891 16.83 -23.39 68.61
CA ASP W 891 17.08 -24.71 68.08
C ASP W 891 15.80 -25.54 68.04
N ILE W 892 14.98 -25.47 69.09
CA ILE W 892 13.76 -26.25 69.14
C ILE W 892 12.80 -25.81 68.03
N MET W 893 12.61 -24.50 67.87
CA MET W 893 11.72 -24.00 66.83
C MET W 893 12.26 -24.34 65.44
N ALA W 894 13.58 -24.26 65.25
CA ALA W 894 14.15 -24.58 63.94
C ALA W 894 13.93 -26.05 63.59
N PHE W 895 14.11 -26.94 64.57
CA PHE W 895 13.83 -28.35 64.31
C PHE W 895 12.35 -28.59 64.06
N GLU W 896 11.48 -27.94 64.83
CA GLU W 896 10.05 -28.21 64.72
C GLU W 896 9.44 -27.66 63.43
N THR W 897 10.12 -26.73 62.76
CA THR W 897 9.60 -26.11 61.55
C THR W 897 10.47 -26.40 60.32
N GLY W 898 11.40 -27.34 60.41
CA GLY W 898 12.28 -27.63 59.30
C GLY W 898 13.15 -26.44 58.91
N ASN W 899 13.79 -25.83 59.92
CA ASN W 899 14.64 -24.65 59.72
C ASN W 899 13.83 -23.46 59.19
N PHE W 900 12.70 -23.20 59.84
CA PHE W 900 11.86 -22.02 59.58
C PHE W 900 11.28 -21.99 58.18
N LYS W 901 11.26 -23.13 57.48
CA LYS W 901 10.69 -23.18 56.15
C LYS W 901 9.25 -23.68 56.13
N LYS W 902 8.72 -24.10 57.28
CA LYS W 902 7.37 -24.63 57.38
C LYS W 902 6.60 -24.02 58.54
N ALA W 903 6.95 -22.79 58.92
CA ALA W 903 6.30 -22.16 60.06
C ALA W 903 4.84 -21.82 59.77
N THR W 904 4.57 -21.33 58.57
CA THR W 904 3.21 -20.90 58.18
C THR W 904 2.59 -21.88 57.19
N ASN W 905 2.86 -23.16 57.35
CA ASN W 905 2.32 -24.21 56.50
C ASN W 905 1.21 -24.93 57.26
N TRP W 906 -0.01 -24.91 56.72
CA TRP W 906 -1.17 -25.49 57.38
C TRP W 906 -1.64 -26.77 56.72
N SER W 907 -0.82 -27.39 55.86
CA SER W 907 -1.17 -28.67 55.28
C SER W 907 -0.02 -29.66 55.21
N HIS W 908 1.18 -29.28 55.65
CA HIS W 908 2.31 -30.21 55.61
C HIS W 908 2.09 -31.39 56.55
N SER W 909 1.57 -31.12 57.75
CA SER W 909 1.38 -32.15 58.76
C SER W 909 0.01 -32.78 58.59
N ARG W 910 -0.02 -34.11 58.42
CA ARG W 910 -1.29 -34.81 58.24
C ARG W 910 -2.08 -34.92 59.53
N THR W 911 -1.45 -34.73 60.68
CA THR W 911 -2.14 -34.76 61.97
C THR W 911 -2.56 -33.38 62.45
N GLY W 912 -2.25 -32.33 61.69
CA GLY W 912 -2.69 -30.99 62.05
C GLY W 912 -1.77 -30.29 63.04
N VAL W 913 -0.47 -30.30 62.76
CA VAL W 913 0.53 -29.67 63.62
C VAL W 913 1.18 -28.53 62.85
N VAL W 914 1.05 -27.31 63.38
CA VAL W 914 1.61 -26.12 62.76
C VAL W 914 2.30 -25.30 63.84
N GLY W 915 2.86 -24.17 63.42
CA GLY W 915 3.42 -23.20 64.34
C GLY W 915 4.92 -23.39 64.54
N LEU W 916 5.50 -22.42 65.27
CA LEU W 916 6.93 -22.46 65.54
C LEU W 916 7.30 -23.65 66.41
N ILE W 917 6.49 -23.97 67.41
CA ILE W 917 6.79 -25.04 68.34
C ILE W 917 5.87 -26.24 68.13
N GLY W 918 5.20 -26.31 66.98
CA GLY W 918 4.36 -27.46 66.69
C GLY W 918 3.07 -27.49 67.48
N PHE W 919 2.18 -26.52 67.24
CA PHE W 919 0.93 -26.43 67.98
C PHE W 919 -0.03 -27.52 67.53
N THR W 920 -0.40 -28.40 68.46
CA THR W 920 -1.43 -29.39 68.19
C THR W 920 -2.82 -28.78 68.33
N PRO W 921 -3.83 -29.39 67.72
CA PRO W 921 -5.19 -28.84 67.86
C PRO W 921 -5.66 -28.69 69.30
N ALA W 922 -5.30 -29.64 70.16
CA ALA W 922 -5.63 -29.52 71.58
C ALA W 922 -4.93 -28.32 72.20
N THR W 923 -3.64 -28.14 71.88
CA THR W 923 -2.91 -26.97 72.39
C THR W 923 -3.50 -25.68 71.85
N ALA W 924 -3.87 -25.66 70.57
CA ALA W 924 -4.48 -24.47 69.99
C ALA W 924 -5.79 -24.14 70.69
N ARG W 925 -6.62 -25.15 70.96
CA ARG W 925 -7.86 -24.91 71.68
C ARG W 925 -7.59 -24.41 73.09
N ALA W 926 -6.56 -24.95 73.75
CA ALA W 926 -6.21 -24.50 75.09
C ALA W 926 -5.80 -23.03 75.08
N LEU W 927 -5.03 -22.62 74.08
CA LEU W 927 -4.59 -21.23 73.99
C LEU W 927 -5.70 -20.28 73.61
N GLY W 928 -6.87 -20.77 73.22
CA GLY W 928 -7.98 -19.92 72.86
C GLY W 928 -8.11 -19.61 71.39
N THR W 929 -7.34 -20.27 70.53
CA THR W 929 -7.40 -20.03 69.09
C THR W 929 -7.55 -21.35 68.35
N THR W 930 -7.42 -21.31 67.02
CA THR W 930 -7.50 -22.51 66.21
C THR W 930 -6.18 -22.75 65.47
N THR W 931 -6.00 -23.98 65.01
CA THR W 931 -4.77 -24.36 64.33
C THR W 931 -4.57 -23.55 63.05
N TYR W 932 -5.64 -23.34 62.30
CA TYR W 932 -5.55 -22.59 61.04
C TYR W 932 -5.10 -21.15 61.29
N ALA W 933 -5.64 -20.50 62.33
CA ALA W 933 -5.23 -19.14 62.64
C ALA W 933 -3.77 -19.10 63.08
N LEU W 934 -3.34 -20.07 63.88
CA LEU W 934 -1.94 -20.12 64.28
C LEU W 934 -1.02 -20.29 63.08
N ALA W 935 -1.44 -21.08 62.11
CA ALA W 935 -0.63 -21.25 60.90
C ALA W 935 -0.63 -19.99 60.04
N LYS W 936 -1.73 -19.24 60.02
CA LYS W 936 -1.80 -18.05 59.17
C LYS W 936 -0.91 -16.92 59.69
N MET W 937 -0.80 -16.78 61.00
CA MET W 937 -0.08 -15.64 61.57
C MET W 937 1.42 -15.75 61.28
N PRO W 938 2.09 -14.61 61.12
CA PRO W 938 3.55 -14.63 60.90
C PRO W 938 4.28 -15.10 62.14
N PRO W 939 5.52 -15.58 62.00
CA PRO W 939 6.24 -16.10 63.17
C PRO W 939 6.42 -15.07 64.28
N GLU W 940 6.57 -13.79 63.94
CA GLU W 940 6.69 -12.77 64.97
C GLU W 940 5.44 -12.73 65.84
N LYS W 941 4.26 -12.84 65.23
CA LYS W 941 3.03 -12.93 66.01
C LYS W 941 2.91 -14.27 66.73
N GLN W 942 3.41 -15.35 66.12
CA GLN W 942 3.35 -16.65 66.77
C GLN W 942 4.22 -16.73 68.00
N LEU W 943 5.24 -15.88 68.10
CA LEU W 943 6.08 -15.87 69.31
C LEU W 943 5.27 -15.50 70.54
N ASP W 944 4.26 -14.63 70.39
CA ASP W 944 3.40 -14.30 71.51
C ASP W 944 2.68 -15.54 72.03
N TYR W 945 2.14 -16.36 71.12
CA TYR W 945 1.45 -17.58 71.54
C TYR W 945 2.43 -18.61 72.09
N VAL W 946 3.65 -18.65 71.56
CA VAL W 946 4.68 -19.52 72.14
C VAL W 946 4.96 -19.13 73.59
N TYR W 947 5.10 -17.83 73.83
CA TYR W 947 5.32 -17.35 75.20
C TYR W 947 4.12 -17.65 76.09
N LYS W 948 2.91 -17.49 75.57
CA LYS W 948 1.72 -17.80 76.35
C LYS W 948 1.66 -19.27 76.72
N TYR W 949 1.99 -20.15 75.77
CA TYR W 949 1.99 -21.58 76.06
C TYR W 949 3.07 -21.95 77.06
N LEU W 950 4.25 -21.35 76.94
CA LEU W 950 5.35 -21.66 77.84
C LEU W 950 5.24 -20.95 79.18
N SER W 951 4.24 -20.08 79.36
CA SER W 951 4.01 -19.40 80.62
C SER W 951 3.12 -20.21 81.57
N ASP W 952 2.77 -21.44 81.19
CA ASP W 952 1.97 -22.32 82.02
C ASP W 952 2.71 -22.56 83.34
N PRO W 953 2.06 -22.34 84.50
CA PRO W 953 2.74 -22.58 85.77
C PRO W 953 3.15 -24.03 85.98
N GLN W 954 2.57 -24.97 85.24
CA GLN W 954 3.04 -26.35 85.29
C GLN W 954 4.31 -26.56 84.49
N LEU W 955 4.73 -25.57 83.70
CA LEU W 955 5.91 -25.67 82.85
C LEU W 955 6.94 -24.60 83.11
N LYS W 956 6.51 -23.37 83.41
CA LYS W 956 7.43 -22.24 83.52
C LYS W 956 8.52 -22.43 84.56
N PRO W 957 8.23 -22.85 85.80
CA PRO W 957 9.32 -22.93 86.80
C PRO W 957 10.47 -23.83 86.40
N HIS W 958 10.19 -24.90 85.64
CA HIS W 958 11.22 -25.87 85.28
C HIS W 958 11.96 -25.52 83.99
N LEU W 959 11.53 -24.46 83.28
CA LEU W 959 12.14 -24.14 81.99
C LEU W 959 13.58 -23.70 82.14
N SER W 960 13.91 -22.97 83.20
CA SER W 960 15.25 -22.40 83.34
C SER W 960 16.30 -23.42 83.74
N LYS W 961 15.90 -24.65 84.07
CA LYS W 961 16.85 -25.65 84.54
C LYS W 961 17.69 -26.27 83.43
N GLY W 962 17.29 -26.12 82.18
CA GLY W 962 18.08 -26.65 81.09
C GLY W 962 17.27 -26.74 79.81
N VAL W 963 17.99 -27.08 78.73
CA VAL W 963 17.34 -27.23 77.42
C VAL W 963 16.44 -28.46 77.40
N GLU W 964 16.79 -29.51 78.15
CA GLU W 964 16.00 -30.73 78.13
C GLU W 964 14.59 -30.49 78.67
N TYR W 965 14.46 -29.64 79.70
CA TYR W 965 13.14 -29.34 80.24
C TYR W 965 12.28 -28.58 79.24
N VAL W 966 12.86 -27.61 78.54
CA VAL W 966 12.11 -26.86 77.53
C VAL W 966 11.69 -27.80 76.40
N ALA W 967 12.61 -28.66 75.96
CA ALA W 967 12.28 -29.61 74.89
C ALA W 967 11.18 -30.56 75.33
N ALA W 968 11.23 -31.04 76.57
CA ALA W 968 10.18 -31.93 77.06
C ALA W 968 8.84 -31.21 77.14
N SER W 969 8.85 -29.95 77.59
CA SER W 969 7.60 -29.20 77.67
C SER W 969 7.00 -28.99 76.29
N ILE W 970 7.83 -28.70 75.30
CA ILE W 970 7.32 -28.48 73.95
C ILE W 970 6.90 -29.80 73.31
N PHE W 971 7.55 -30.91 73.67
CA PHE W 971 7.29 -32.19 73.03
C PHE W 971 6.07 -32.88 73.62
N GLY W 972 6.11 -33.17 74.92
CA GLY W 972 5.04 -33.93 75.54
C GLY W 972 4.11 -33.10 76.42
N GLY W 973 4.57 -31.93 76.85
CA GLY W 973 3.74 -31.06 77.65
C GLY W 973 3.93 -31.23 79.14
N SER W 974 2.88 -30.94 79.91
CA SER W 974 2.97 -31.02 81.37
C SER W 974 3.29 -32.43 81.90
N PRO W 975 2.64 -33.51 81.45
CA PRO W 975 2.96 -34.82 82.06
C PRO W 975 4.38 -35.27 81.81
N LEU W 976 4.94 -34.97 80.64
CA LEU W 976 6.33 -35.32 80.38
C LEU W 976 7.26 -34.55 81.31
N VAL W 977 6.97 -33.28 81.55
CA VAL W 977 7.78 -32.48 82.48
C VAL W 977 7.68 -33.04 83.89
N ARG W 978 6.47 -33.42 84.31
CA ARG W 978 6.32 -33.99 85.64
C ARG W 978 7.07 -35.30 85.78
N LYS W 979 7.02 -36.14 84.75
CA LYS W 979 7.78 -37.39 84.76
C LYS W 979 9.28 -37.12 84.81
N MET W 980 9.73 -36.07 84.09
CA MET W 980 11.14 -35.67 84.16
C MET W 980 11.53 -35.26 85.57
N VAL W 981 10.68 -34.45 86.22
CA VAL W 981 10.98 -33.98 87.57
C VAL W 981 11.04 -35.16 88.55
N ASN W 982 10.06 -36.05 88.46
CA ASN W 982 10.02 -37.19 89.37
C ASN W 982 11.11 -38.20 89.05
N ASN W 983 11.29 -38.53 87.76
CA ASN W 983 12.27 -39.53 87.32
C ASN W 983 13.01 -38.97 86.12
N ARG W 984 14.18 -38.36 86.38
CA ARG W 984 14.97 -37.79 85.29
C ARG W 984 15.46 -38.88 84.33
N SER W 985 15.93 -40.01 84.87
CA SER W 985 16.45 -41.07 84.02
C SER W 985 15.33 -41.85 83.35
N GLY W 986 14.20 -42.03 84.04
CA GLY W 986 13.11 -42.80 83.48
C GLY W 986 12.49 -42.16 82.26
N ALA W 987 12.42 -40.82 82.24
CA ALA W 987 11.80 -40.12 81.12
C ALA W 987 12.60 -40.24 79.83
N MET W 988 13.90 -40.52 79.92
CA MET W 988 14.77 -40.61 78.75
C MET W 988 15.12 -42.05 78.41
N GLN W 989 14.18 -42.97 78.60
CA GLN W 989 14.42 -44.36 78.26
C GLN W 989 14.53 -44.54 76.75
N ARG W 990 15.42 -45.44 76.34
CA ARG W 990 15.66 -45.74 74.93
C ARG W 990 15.04 -47.07 74.52
N GLY W 991 14.04 -47.55 75.26
CA GLY W 991 13.43 -48.83 74.94
C GLY W 991 12.39 -48.74 73.84
N ASP W 992 12.78 -49.19 72.64
CA ASP W 992 11.91 -49.18 71.45
C ASP W 992 11.37 -47.77 71.26
N GLY W 993 10.09 -47.60 70.93
CA GLY W 993 9.51 -46.27 70.81
C GLY W 993 9.94 -45.55 69.54
N ASP W 994 11.22 -45.17 69.48
CA ASP W 994 11.82 -44.48 68.34
C ASP W 994 11.28 -43.06 68.18
N ILE W 995 10.33 -42.67 69.04
CA ILE W 995 9.78 -41.33 69.04
C ILE W 995 9.92 -40.78 70.46
N ASN W 996 10.92 -41.27 71.17
CA ASN W 996 11.15 -40.87 72.55
C ASN W 996 11.84 -39.50 72.60
N LEU W 997 12.04 -39.00 73.83
CA LEU W 997 12.64 -37.69 74.00
C LEU W 997 14.14 -37.71 73.71
N GLN W 998 14.78 -38.87 73.86
CA GLN W 998 16.23 -38.96 73.62
C GLN W 998 16.56 -38.59 72.18
N ASN W 999 15.83 -39.16 71.22
CA ASN W 999 16.08 -38.84 69.82
C ASN W 999 15.78 -37.38 69.53
N TYR W 1000 14.71 -36.84 70.13
CA TYR W 1000 14.37 -35.43 69.95
C TYR W 1000 15.52 -34.54 70.41
N LEU W 1001 16.14 -34.88 71.54
CA LEU W 1001 17.29 -34.11 72.00
C LEU W 1001 18.51 -34.36 71.11
N LYS W 1002 18.63 -35.56 70.55
CA LYS W 1002 19.74 -35.86 69.66
C LYS W 1002 19.70 -35.00 68.40
N LYS W 1003 18.52 -34.79 67.82
CA LYS W 1003 18.41 -34.05 66.57
C LYS W 1003 18.38 -32.54 66.75
N LEU W 1004 18.45 -32.04 67.99
CA LEU W 1004 18.44 -30.60 68.22
C LEU W 1004 19.77 -29.99 67.78
N GLY W 1005 19.69 -28.88 67.05
CA GLY W 1005 20.89 -28.18 66.61
C GLY W 1005 21.62 -28.80 65.44
N ARG W 1006 20.99 -29.76 64.75
CA ARG W 1006 21.68 -30.44 63.65
C ARG W 1006 21.91 -29.50 62.47
N ASP W 1007 20.98 -28.57 62.21
CA ASP W 1007 21.08 -27.72 61.03
C ASP W 1007 22.28 -26.78 61.08
N VAL W 1008 22.82 -26.50 62.26
CA VAL W 1008 23.91 -25.55 62.42
C VAL W 1008 25.18 -26.19 62.93
N GLY W 1009 25.17 -27.49 63.23
CA GLY W 1009 26.35 -28.16 63.73
C GLY W 1009 26.51 -28.15 65.22
N ARG W 1010 25.41 -28.05 65.98
CA ARG W 1010 25.45 -28.03 67.44
C ARG W 1010 24.83 -29.31 67.98
N ARG W 1011 25.53 -29.96 68.90
CA ARG W 1011 24.99 -31.09 69.65
C ARG W 1011 25.12 -30.82 71.13
N TYR W 1012 24.06 -31.13 71.88
CA TYR W 1012 23.99 -30.80 73.30
C TYR W 1012 24.47 -31.97 74.15
N ASP W 1013 25.22 -31.65 75.20
CA ASP W 1013 25.68 -32.63 76.19
C ASP W 1013 24.78 -32.51 77.41
N ILE W 1014 23.76 -33.36 77.47
CA ILE W 1014 22.77 -33.33 78.53
C ILE W 1014 23.03 -34.49 79.47
N ARG W 1015 23.03 -34.21 80.77
CA ARG W 1015 23.28 -35.26 81.76
C ARG W 1015 22.17 -36.30 81.72
N SER W 1016 22.55 -37.55 81.99
CA SER W 1016 21.70 -38.73 81.97
C SER W 1016 21.20 -39.06 80.56
N MET W 1017 21.71 -38.39 79.53
CA MET W 1017 21.34 -38.65 78.14
C MET W 1017 22.53 -38.89 77.24
N SER W 1018 23.64 -38.20 77.46
CA SER W 1018 24.77 -38.24 76.55
C SER W 1018 25.85 -39.22 76.99
N ARG W 1019 25.57 -40.07 77.98
CA ARG W 1019 26.53 -41.09 78.36
C ARG W 1019 26.79 -42.04 77.19
N ALA W 1020 25.73 -42.47 76.51
CA ALA W 1020 25.89 -43.37 75.37
C ALA W 1020 26.65 -42.69 74.24
N ASP W 1021 26.34 -41.42 73.96
CA ASP W 1021 27.05 -40.70 72.91
C ASP W 1021 28.52 -40.54 73.25
N ARG W 1022 28.82 -40.22 74.51
CA ARG W 1022 30.21 -40.03 74.91
C ARG W 1022 30.99 -41.34 74.86
N LEU W 1023 30.37 -42.45 75.30
CA LEU W 1023 31.07 -43.72 75.33
C LEU W 1023 31.26 -44.29 73.92
N ILE W 1024 30.20 -44.24 73.10
CA ILE W 1024 30.29 -44.79 71.75
C ILE W 1024 31.22 -43.95 70.89
N GLY W 1025 31.20 -42.63 71.07
CA GLY W 1025 32.01 -41.73 70.29
C GLY W 1025 33.42 -41.52 70.80
N SER W 1026 33.89 -42.35 71.73
CA SER W 1026 35.21 -42.20 72.32
C SER W 1026 36.29 -43.00 71.59
N ALA W 1027 36.04 -43.37 70.34
CA ALA W 1027 37.02 -44.10 69.55
C ALA W 1027 37.93 -43.13 68.80
N VAL W 1028 39.21 -43.45 68.74
CA VAL W 1028 40.22 -42.60 68.13
C VAL W 1028 40.63 -43.21 66.79
N HIS W 1029 40.59 -42.40 65.74
CA HIS W 1029 40.99 -42.81 64.40
C HIS W 1029 42.34 -42.20 64.06
N THR W 1030 43.28 -43.03 63.62
CA THR W 1030 44.57 -42.55 63.16
C THR W 1030 44.69 -42.54 61.64
N GLY W 1031 43.72 -43.12 60.93
CA GLY W 1031 43.71 -43.10 59.48
C GLY W 1031 42.38 -42.62 58.95
N PHE W 1032 42.12 -42.84 57.66
CA PHE W 1032 40.88 -42.42 57.05
C PHE W 1032 39.86 -43.56 57.07
N HIS W 1033 38.64 -43.25 57.50
CA HIS W 1033 37.53 -44.18 57.49
C HIS W 1033 36.35 -43.53 56.77
N GLU W 1034 35.65 -44.34 55.96
CA GLU W 1034 34.63 -43.78 55.08
C GLU W 1034 33.47 -43.16 55.84
N GLY W 1035 33.01 -43.80 56.91
CA GLY W 1035 31.84 -43.31 57.62
C GLY W 1035 32.09 -42.13 58.52
N CYS W 1036 33.36 -41.78 58.77
CA CYS W 1036 33.71 -40.73 59.70
C CYS W 1036 33.63 -39.37 59.02
N ALA W 1037 32.88 -38.45 59.63
CA ALA W 1037 32.77 -37.09 59.09
C ALA W 1037 34.01 -36.26 59.41
N THR W 1038 34.67 -36.52 60.54
CA THR W 1038 35.86 -35.77 60.88
C THR W 1038 37.00 -36.05 59.89
N CYS W 1039 37.10 -37.29 59.42
CA CYS W 1039 38.10 -37.60 58.40
C CYS W 1039 37.83 -36.83 57.11
N ALA W 1040 36.56 -36.76 56.70
CA ALA W 1040 36.21 -36.00 55.51
C ALA W 1040 36.53 -34.52 55.68
N ALA W 1041 36.22 -33.97 56.86
CA ALA W 1041 36.53 -32.57 57.11
C ALA W 1041 38.04 -32.32 57.09
N LEU W 1042 38.81 -33.25 57.66
CA LEU W 1042 40.26 -33.11 57.66
C LEU W 1042 40.82 -33.14 56.25
N ARG W 1043 40.31 -34.05 55.41
CA ARG W 1043 40.76 -34.11 54.03
C ARG W 1043 40.36 -32.87 53.25
N SER W 1044 39.14 -32.36 53.49
CA SER W 1044 38.67 -31.18 52.77
C SER W 1044 39.44 -29.93 53.17
N SER W 1045 39.84 -29.83 54.44
CA SER W 1045 40.60 -28.67 54.90
C SER W 1045 42.03 -28.66 54.36
N GLY W 1046 42.48 -29.74 53.72
CA GLY W 1046 43.84 -29.84 53.25
C GLY W 1046 44.81 -30.41 54.25
N SER W 1047 44.38 -30.64 55.49
CA SER W 1047 45.25 -31.17 56.51
C SER W 1047 45.38 -32.68 56.37
N ASP W 1048 46.45 -33.22 56.98
CA ASP W 1048 46.62 -34.65 57.05
C ASP W 1048 45.71 -35.23 58.14
N ILE W 1049 45.56 -36.56 58.12
CA ILE W 1049 44.66 -37.21 59.07
C ILE W 1049 45.36 -37.32 60.42
N VAL W 1050 45.11 -36.35 61.29
CA VAL W 1050 45.64 -36.33 62.64
C VAL W 1050 44.72 -37.16 63.53
N PRO W 1051 45.17 -37.62 64.70
CA PRO W 1051 44.28 -38.36 65.59
C PRO W 1051 43.06 -37.53 65.95
N HIS W 1052 41.90 -38.19 65.98
CA HIS W 1052 40.63 -37.53 66.26
C HIS W 1052 39.63 -38.55 66.78
N ASN W 1053 38.58 -38.05 67.42
CA ASN W 1053 37.53 -38.92 67.92
C ASN W 1053 36.61 -39.38 66.79
N ALA W 1054 35.93 -40.49 67.02
CA ALA W 1054 35.01 -41.05 66.04
C ALA W 1054 33.70 -40.27 66.07
N GLU W 1055 33.31 -39.72 64.91
CA GLU W 1055 32.06 -38.96 64.79
C GLU W 1055 31.29 -39.57 63.62
N PHE W 1056 30.52 -40.61 63.90
CA PHE W 1056 29.71 -41.28 62.91
C PHE W 1056 28.28 -40.75 62.97
N ASP W 1057 27.37 -41.39 62.23
CA ASP W 1057 25.97 -40.99 62.21
C ASP W 1057 25.06 -42.20 62.00
N LYS X 38 -63.93 45.78 25.32
CA LYS X 38 -62.55 46.14 25.03
C LYS X 38 -61.59 45.03 25.43
N THR X 39 -60.32 45.19 25.07
CA THR X 39 -59.28 44.23 25.40
C THR X 39 -58.67 44.61 26.76
N GLN X 40 -57.55 43.96 27.10
CA GLN X 40 -56.87 44.27 28.34
C GLN X 40 -56.30 45.67 28.31
N GLN X 41 -56.46 46.40 29.42
CA GLN X 41 -55.88 47.71 29.59
C GLN X 41 -55.33 47.84 31.01
N ILE X 42 -54.33 48.70 31.17
CA ILE X 42 -53.74 48.94 32.48
C ILE X 42 -54.75 49.74 33.30
N LEU X 43 -55.31 49.11 34.33
CA LEU X 43 -56.29 49.76 35.17
C LEU X 43 -55.63 50.80 36.08
N GLU X 44 -56.47 51.61 36.72
CA GLU X 44 -55.97 52.61 37.66
C GLU X 44 -55.42 51.92 38.90
N ALA X 45 -54.64 52.68 39.69
CA ALA X 45 -54.02 52.12 40.88
C ALA X 45 -55.07 51.61 41.86
N GLY X 46 -56.06 52.44 42.18
CA GLY X 46 -57.12 51.99 43.08
C GLY X 46 -57.96 50.88 42.49
N ASN X 47 -58.26 50.98 41.19
CA ASN X 47 -59.02 49.94 40.52
C ASN X 47 -58.27 48.61 40.52
N ALA X 48 -56.97 48.66 40.22
CA ALA X 48 -56.17 47.43 40.27
C ALA X 48 -56.09 46.87 41.69
N ALA X 49 -55.99 47.75 42.69
CA ALA X 49 -55.96 47.30 44.08
C ALA X 49 -57.26 46.59 44.45
N ILE X 50 -58.39 47.15 44.03
CA ILE X 50 -59.67 46.50 44.30
C ILE X 50 -59.76 45.16 43.57
N ALA X 51 -59.31 45.12 42.32
CA ALA X 51 -59.37 43.87 41.55
C ALA X 51 -58.53 42.78 42.18
N GLN X 52 -57.32 43.13 42.64
CA GLN X 52 -56.43 42.12 43.20
C GLN X 52 -56.81 41.74 44.62
N GLN X 53 -57.36 42.68 45.40
CA GLN X 53 -57.65 42.41 46.80
C GLN X 53 -58.84 41.48 46.99
N ALA X 54 -59.72 41.37 46.00
CA ALA X 54 -60.93 40.57 46.16
C ALA X 54 -60.66 39.07 46.20
N VAL X 55 -59.46 38.62 45.82
CA VAL X 55 -59.15 37.21 45.88
C VAL X 55 -59.08 36.76 47.35
N SER X 56 -59.63 35.58 47.61
CA SER X 56 -59.76 35.07 48.98
C SER X 56 -58.50 34.31 49.35
N ILE X 57 -57.41 35.04 49.55
CA ILE X 57 -56.13 34.43 49.94
C ILE X 57 -56.25 33.74 51.29
N GLY X 58 -56.83 34.41 52.28
CA GLY X 58 -57.03 33.79 53.57
C GLY X 58 -58.23 32.86 53.57
N GLN X 59 -58.15 31.84 54.42
CA GLN X 59 -59.26 30.88 54.52
C GLN X 59 -60.48 31.50 55.18
N ALA X 60 -60.28 32.34 56.19
CA ALA X 60 -61.40 32.92 56.91
C ALA X 60 -62.25 33.81 56.00
N SER X 61 -61.61 34.63 55.18
CA SER X 61 -62.32 35.51 54.26
C SER X 61 -62.49 34.83 52.91
N GLN X 62 -63.73 34.55 52.53
CA GLN X 62 -64.00 33.89 51.26
C GLN X 62 -64.83 34.78 50.35
N LEU X 138 -82.14 50.21 41.13
CA LEU X 138 -83.02 51.20 40.46
C LEU X 138 -82.21 52.44 40.07
N THR X 139 -81.09 52.70 40.77
CA THR X 139 -80.23 53.85 40.44
C THR X 139 -79.41 53.44 39.21
N VAL X 140 -78.84 54.41 38.49
CA VAL X 140 -77.96 54.08 37.33
C VAL X 140 -76.88 53.09 37.77
N SER X 141 -76.28 53.33 38.94
CA SER X 141 -75.24 52.40 39.47
C SER X 141 -75.93 51.06 39.70
N GLU X 142 -77.00 51.03 40.50
CA GLU X 142 -77.62 49.74 40.80
C GLU X 142 -78.07 49.03 39.53
N GLN X 143 -78.64 49.78 38.58
CA GLN X 143 -79.07 49.18 37.32
C GLN X 143 -77.89 48.59 36.55
N GLU X 144 -76.78 49.34 36.47
CA GLU X 144 -75.62 48.82 35.77
C GLU X 144 -74.99 47.65 36.51
N ALA X 145 -75.00 47.67 37.84
CA ALA X 145 -74.49 46.52 38.59
C ALA X 145 -75.33 45.28 38.32
N ASN X 146 -76.66 45.42 38.30
CA ASN X 146 -77.52 44.30 37.98
C ASN X 146 -77.27 43.79 36.56
N ALA X 147 -77.10 44.71 35.62
CA ALA X 147 -76.82 44.31 34.24
C ALA X 147 -75.49 43.56 34.15
N VAL X 148 -74.47 44.04 34.85
CA VAL X 148 -73.18 43.36 34.85
C VAL X 148 -73.30 41.97 35.46
N ARG X 149 -74.04 41.84 36.56
CA ARG X 149 -74.24 40.54 37.18
C ARG X 149 -74.93 39.57 36.23
N VAL X 150 -76.00 40.03 35.57
CA VAL X 150 -76.74 39.18 34.64
C VAL X 150 -75.86 38.76 33.47
N GLU X 151 -75.08 39.70 32.93
CA GLU X 151 -74.30 39.37 31.74
C GLU X 151 -73.10 38.50 32.09
N LEU X 152 -72.55 38.66 33.29
CA LEU X 152 -71.52 37.74 33.76
C LEU X 152 -72.08 36.33 33.93
N GLY X 153 -73.28 36.22 34.49
CA GLY X 153 -73.91 34.91 34.59
C GLY X 153 -74.14 34.29 33.23
N ASP X 154 -74.59 35.10 32.26
CA ASP X 154 -74.78 34.59 30.91
C ASP X 154 -73.46 34.15 30.30
N LEU X 155 -72.39 34.91 30.51
CA LEU X 155 -71.08 34.55 30.00
C LEU X 155 -70.62 33.22 30.59
N TYR X 156 -70.78 33.06 31.90
CA TYR X 156 -70.33 31.83 32.55
C TYR X 156 -71.16 30.63 32.08
N ASN X 157 -72.47 30.82 31.91
CA ASN X 157 -73.32 29.76 31.38
C ASN X 157 -72.92 29.37 29.96
N GLU X 158 -72.63 30.37 29.12
CA GLU X 158 -72.15 30.08 27.77
C GLU X 158 -70.81 29.34 27.81
N TRP X 159 -69.95 29.73 28.74
CA TRP X 159 -68.66 29.05 28.87
C TRP X 159 -68.85 27.59 29.26
N ARG X 160 -69.84 27.33 30.12
CA ARG X 160 -70.10 25.93 30.56
C ARG X 160 -70.92 25.21 29.49
N SER X 161 -71.78 25.93 28.78
CA SER X 161 -72.65 25.31 27.74
C SER X 161 -71.80 24.39 26.85
N GLY X 162 -70.83 24.96 26.13
CA GLY X 162 -69.96 24.15 25.26
C GLY X 162 -68.67 23.77 25.96
N ASP X 163 -68.60 23.99 27.28
CA ASP X 163 -67.37 23.70 28.07
C ASP X 163 -66.15 24.13 27.26
N LYS X 164 -66.19 25.32 26.66
CA LYS X 164 -65.00 25.84 25.92
C LYS X 164 -63.82 25.77 26.89
N PHE X 165 -64.12 25.60 28.18
CA PHE X 165 -63.05 25.55 29.18
C PHE X 165 -62.06 24.44 28.91
N ARG X 166 -62.49 23.37 28.25
CA ARG X 166 -61.60 22.27 27.91
C ARG X 166 -61.02 22.39 26.51
N SER X 167 -61.65 23.16 25.63
CA SER X 167 -61.24 23.28 24.24
C SER X 167 -60.42 24.52 23.96
N GLU X 168 -60.68 25.62 24.65
CA GLU X 168 -59.98 26.86 24.39
C GLU X 168 -58.70 26.92 25.22
N PRO X 169 -57.54 27.14 24.59
CA PRO X 169 -56.27 26.96 25.32
C PRO X 169 -56.11 27.85 26.54
N GLY X 170 -56.62 29.08 26.50
CA GLY X 170 -56.46 29.98 27.62
C GLY X 170 -57.67 30.04 28.52
N GLY X 171 -58.28 28.88 28.79
CA GLY X 171 -59.56 28.81 29.46
C GLY X 171 -59.70 29.63 30.73
N MET X 172 -58.99 29.25 31.79
CA MET X 172 -59.15 29.94 33.07
C MET X 172 -58.69 31.38 32.99
N THR X 173 -57.52 31.62 32.39
CA THR X 173 -56.97 32.97 32.34
C THR X 173 -57.85 33.90 31.52
N LYS X 174 -58.26 33.46 30.34
CA LYS X 174 -59.11 34.32 29.51
C LYS X 174 -60.49 34.50 30.12
N PHE X 175 -61.03 33.45 30.77
CA PHE X 175 -62.31 33.61 31.45
C PHE X 175 -62.24 34.67 32.52
N ARG X 176 -61.21 34.61 33.38
CA ARG X 176 -61.08 35.59 34.45
C ARG X 176 -60.81 36.99 33.90
N ASP X 177 -59.98 37.09 32.86
CA ASP X 177 -59.69 38.39 32.26
C ASP X 177 -60.93 39.00 31.62
N ALA X 178 -61.72 38.18 30.92
CA ALA X 178 -62.96 38.67 30.34
C ALA X 178 -63.94 39.08 31.43
N GLY X 179 -63.97 38.35 32.55
CA GLY X 179 -64.79 38.76 33.67
C GLY X 179 -64.40 40.13 34.19
N LEU X 180 -63.09 40.36 34.37
CA LEU X 180 -62.64 41.67 34.82
C LEU X 180 -62.99 42.76 33.81
N ALA X 181 -62.80 42.47 32.52
CA ALA X 181 -63.10 43.46 31.49
C ALA X 181 -64.58 43.82 31.48
N ARG X 182 -65.44 42.81 31.58
CA ARG X 182 -66.88 43.05 31.62
C ARG X 182 -67.27 43.83 32.86
N ILE X 183 -66.66 43.50 34.00
CA ILE X 183 -66.99 44.20 35.24
C ILE X 183 -66.58 45.67 35.15
N MET X 184 -65.39 45.93 34.63
CA MET X 184 -64.78 47.23 34.76
C MET X 184 -64.91 48.09 33.50
N SER X 185 -65.63 47.60 32.48
CA SER X 185 -65.91 48.43 31.32
C SER X 185 -66.80 49.61 31.70
N ARG X 186 -67.78 49.38 32.55
CA ARG X 186 -68.63 50.46 33.05
C ARG X 186 -67.85 51.21 34.14
N THR X 187 -67.54 52.48 33.88
CA THR X 187 -66.64 53.23 34.73
C THR X 187 -67.35 54.06 35.79
N ASN X 188 -68.67 54.02 35.87
CA ASN X 188 -69.41 54.79 36.85
C ASN X 188 -69.99 53.94 37.97
N ILE X 189 -69.62 52.67 38.05
CA ILE X 189 -70.08 51.79 39.13
C ILE X 189 -69.27 52.09 40.38
N THR X 190 -69.96 52.16 41.52
CA THR X 190 -69.32 52.50 42.78
C THR X 190 -68.46 51.33 43.27
N GLU X 191 -67.86 51.49 44.45
CA GLU X 191 -66.90 50.50 44.93
C GLU X 191 -67.59 49.24 45.43
N ALA X 192 -68.76 49.38 46.06
CA ALA X 192 -69.41 48.23 46.68
C ALA X 192 -69.87 47.22 45.63
N GLN X 193 -70.56 47.70 44.59
CA GLN X 193 -71.03 46.80 43.54
C GLN X 193 -69.86 46.18 42.79
N LYS X 194 -68.81 46.96 42.54
CA LYS X 194 -67.62 46.41 41.88
C LYS X 194 -67.01 45.29 42.71
N LYS X 195 -66.87 45.51 44.02
CA LYS X 195 -66.33 44.47 44.90
C LYS X 195 -67.19 43.23 44.89
N GLU X 196 -68.52 43.42 44.95
CA GLU X 196 -69.42 42.27 44.95
C GLU X 196 -69.32 41.48 43.65
N LEU X 197 -69.27 42.18 42.52
CA LEU X 197 -69.19 41.49 41.22
C LEU X 197 -67.87 40.75 41.08
N ILE X 198 -66.76 41.38 41.47
CA ILE X 198 -65.47 40.72 41.38
C ILE X 198 -65.42 39.51 42.31
N ASN X 199 -66.00 39.63 43.50
CA ASN X 199 -66.06 38.49 44.41
C ASN X 199 -66.87 37.35 43.83
N LEU X 200 -67.99 37.66 43.18
CA LEU X 200 -68.81 36.62 42.56
C LEU X 200 -68.04 35.91 41.43
N HIS X 201 -67.36 36.70 40.59
CA HIS X 201 -66.60 36.10 39.49
C HIS X 201 -65.48 35.22 40.02
N TYR X 202 -64.77 35.71 41.05
CA TYR X 202 -63.70 34.91 41.65
C TYR X 202 -64.24 33.66 42.32
N GLY X 203 -65.45 33.73 42.89
CA GLY X 203 -66.05 32.54 43.47
C GLY X 203 -66.39 31.49 42.43
N ASN X 204 -66.92 31.91 41.28
CA ASN X 204 -67.15 30.97 40.20
C ASN X 204 -65.84 30.37 39.70
N TRP X 205 -64.80 31.20 39.57
CA TRP X 205 -63.49 30.70 39.16
C TRP X 205 -62.97 29.67 40.16
N ASP X 206 -63.12 29.95 41.46
CA ASP X 206 -62.67 29.02 42.49
C ASP X 206 -63.45 27.71 42.44
N ALA X 207 -64.76 27.78 42.19
CA ALA X 207 -65.56 26.57 42.08
C ALA X 207 -65.09 25.70 40.91
N GLU X 208 -64.82 26.34 39.76
CA GLU X 208 -64.35 25.56 38.63
C GLU X 208 -62.96 24.98 38.89
N MET X 209 -62.08 25.74 39.56
CA MET X 209 -60.79 25.19 39.93
C MET X 209 -60.96 24.02 40.90
N LYS X 210 -61.97 24.08 41.76
CA LYS X 210 -62.29 22.95 42.64
C LYS X 210 -62.66 21.72 41.83
N ALA X 211 -63.48 21.90 40.80
CA ALA X 211 -63.85 20.76 39.94
C ALA X 211 -62.62 20.19 39.23
N TYR X 212 -61.76 21.07 38.72
CA TYR X 212 -60.54 20.62 38.05
C TYR X 212 -59.63 19.87 39.01
N SER X 213 -59.51 20.36 40.25
CA SER X 213 -58.74 19.66 41.26
C SER X 213 -59.34 18.30 41.57
N ASP X 214 -60.67 18.20 41.57
CA ASP X 214 -61.31 16.91 41.79
C ASP X 214 -60.96 15.93 40.68
N ARG X 215 -60.99 16.39 39.43
CA ARG X 215 -60.64 15.51 38.31
C ARG X 215 -59.18 15.04 38.41
N THR X 216 -58.27 15.97 38.72
CA THR X 216 -56.87 15.58 38.87
C THR X 216 -56.68 14.63 40.04
N ALA X 217 -57.47 14.82 41.11
CA ALA X 217 -57.42 13.91 42.25
C ALA X 217 -57.84 12.51 41.83
N LYS X 218 -58.90 12.40 41.04
CA LYS X 218 -59.32 11.09 40.54
C LYS X 218 -58.22 10.44 39.71
N TYR X 219 -57.57 11.23 38.85
CA TYR X 219 -56.49 10.68 38.02
C TYR X 219 -55.34 10.15 38.89
N ALA X 220 -54.87 10.96 39.83
CA ALA X 220 -53.76 10.56 40.68
C ALA X 220 -54.12 9.36 41.55
N GLU X 221 -55.36 9.33 42.05
CA GLU X 221 -55.82 8.19 42.84
C GLU X 221 -55.81 6.92 42.01
N GLU X 222 -56.27 7.01 40.76
CA GLU X 222 -56.25 5.83 39.89
C GLU X 222 -54.83 5.35 39.66
N VAL X 223 -53.89 6.26 39.43
CA VAL X 223 -52.50 5.87 39.20
C VAL X 223 -51.93 5.15 40.42
N SER X 224 -52.12 5.76 41.61
CA SER X 224 -51.57 5.16 42.83
C SER X 224 -52.21 3.81 43.11
N GLN X 225 -53.53 3.69 42.91
CA GLN X 225 -54.20 2.41 43.11
C GLN X 225 -53.68 1.35 42.16
N VAL X 226 -53.45 1.71 40.90
CA VAL X 226 -52.91 0.74 39.95
C VAL X 226 -51.54 0.25 40.39
N ARG X 227 -50.67 1.18 40.83
CA ARG X 227 -49.34 0.78 41.27
C ARG X 227 -49.42 -0.18 42.46
N ARG X 228 -50.18 0.20 43.49
CA ARG X 228 -50.26 -0.63 44.69
C ARG X 228 -50.87 -1.98 44.38
N GLU X 229 -51.91 -2.01 43.54
CA GLU X 229 -52.53 -3.28 43.16
C GLU X 229 -51.55 -4.17 42.42
N SER X 230 -50.75 -3.60 41.52
CA SER X 230 -49.76 -4.39 40.80
C SER X 230 -48.78 -5.04 41.76
N VAL X 231 -48.27 -4.26 42.72
CA VAL X 231 -47.30 -4.80 43.68
C VAL X 231 -47.94 -5.92 44.50
N ILE X 232 -49.15 -5.68 45.01
CA ILE X 232 -49.81 -6.66 45.87
C ILE X 232 -50.10 -7.94 45.09
N LYS X 233 -50.57 -7.81 43.85
CA LYS X 233 -50.85 -8.99 43.05
C LYS X 233 -49.58 -9.78 42.74
N GLU X 234 -48.46 -9.10 42.45
CA GLU X 234 -47.23 -9.83 42.23
C GLU X 234 -46.86 -10.66 43.45
N ARG X 235 -46.83 -10.02 44.63
CA ARG X 235 -46.43 -10.74 45.84
C ARG X 235 -47.39 -11.88 46.15
N THR X 236 -48.70 -11.63 46.04
CA THR X 236 -49.68 -12.65 46.37
C THR X 236 -49.64 -13.81 45.39
N PHE X 237 -49.43 -13.53 44.11
CA PHE X 237 -49.29 -14.62 43.13
C PHE X 237 -48.08 -15.47 43.44
N ARG X 238 -46.95 -14.84 43.77
CA ARG X 238 -45.76 -15.62 44.10
C ARG X 238 -46.01 -16.51 45.30
N VAL X 239 -46.64 -15.95 46.35
CA VAL X 239 -46.89 -16.73 47.56
C VAL X 239 -47.84 -17.89 47.27
N ASN X 240 -48.92 -17.63 46.54
CA ASN X 240 -49.89 -18.67 46.25
C ASN X 240 -49.28 -19.78 45.40
N SER X 241 -48.49 -19.42 44.39
CA SER X 241 -47.87 -20.44 43.55
C SER X 241 -46.83 -21.24 44.33
N VAL X 242 -46.15 -20.61 45.29
CA VAL X 242 -45.19 -21.35 46.10
C VAL X 242 -45.92 -22.32 47.02
N VAL X 243 -46.97 -21.87 47.69
CA VAL X 243 -47.64 -22.72 48.67
C VAL X 243 -48.42 -23.83 47.99
N SER X 244 -48.86 -23.61 46.76
CA SER X 244 -49.64 -24.62 46.05
C SER X 244 -48.79 -25.68 45.36
N GLY X 245 -47.47 -25.51 45.33
CA GLY X 245 -46.63 -26.50 44.68
C GLY X 245 -46.38 -27.75 45.48
N LEU X 246 -46.85 -27.79 46.73
CA LEU X 246 -46.63 -28.94 47.59
C LEU X 246 -47.53 -30.10 47.17
N THR X 247 -46.98 -31.31 47.23
CA THR X 247 -47.68 -32.51 46.82
C THR X 247 -48.47 -33.09 48.00
N TRP X 248 -48.97 -34.32 47.84
CA TRP X 248 -49.75 -34.94 48.90
C TRP X 248 -48.91 -35.23 50.14
N ASP X 249 -47.60 -35.41 49.96
CA ASP X 249 -46.71 -35.76 51.07
C ASP X 249 -45.48 -34.87 51.14
N ALA X 250 -45.52 -33.70 50.51
CA ALA X 250 -44.37 -32.82 50.50
C ALA X 250 -44.16 -32.17 51.87
N ASP X 251 -42.89 -32.03 52.25
CA ASP X 251 -42.54 -31.33 53.48
C ASP X 251 -42.62 -29.83 53.24
N PRO X 252 -43.45 -29.10 53.97
CA PRO X 252 -43.65 -27.67 53.69
C PRO X 252 -42.64 -26.73 54.33
N THR X 253 -41.52 -27.23 54.85
CA THR X 253 -40.56 -26.35 55.52
C THR X 253 -40.03 -25.29 54.57
N ASP X 254 -39.63 -25.70 53.36
CA ASP X 254 -39.16 -24.73 52.37
C ASP X 254 -40.28 -23.80 51.94
N ALA X 255 -41.50 -24.33 51.78
CA ALA X 255 -42.63 -23.48 51.40
C ALA X 255 -42.94 -22.45 52.48
N ILE X 256 -42.92 -22.86 53.75
CA ILE X 256 -43.15 -21.93 54.84
C ILE X 256 -42.05 -20.88 54.90
N LYS X 257 -40.80 -21.30 54.68
CA LYS X 257 -39.70 -20.35 54.68
C LYS X 257 -39.85 -19.33 53.55
N LYS X 258 -40.27 -19.78 52.37
CA LYS X 258 -40.46 -18.87 51.25
C LYS X 258 -41.63 -17.91 51.50
N VAL X 259 -42.70 -18.41 52.10
CA VAL X 259 -43.83 -17.55 52.46
C VAL X 259 -43.39 -16.51 53.47
N ASP X 260 -42.57 -16.91 54.45
CA ASP X 260 -42.04 -15.96 55.41
C ASP X 260 -41.17 -14.91 54.73
N ALA X 261 -40.35 -15.34 53.76
CA ALA X 261 -39.50 -14.38 53.05
C ALA X 261 -40.33 -13.37 52.28
N MET X 262 -41.40 -13.81 51.62
CA MET X 262 -42.24 -12.87 50.90
C MET X 262 -43.06 -11.99 51.83
N VAL X 263 -43.47 -12.50 52.98
CA VAL X 263 -44.09 -11.63 53.98
C VAL X 263 -43.11 -10.57 54.45
N SER X 264 -41.84 -10.95 54.61
CA SER X 264 -40.80 -9.97 54.93
C SER X 264 -40.68 -8.91 53.84
N SER X 265 -40.69 -9.35 52.58
CA SER X 265 -40.57 -8.40 51.48
C SER X 265 -41.76 -7.44 51.43
N THR X 266 -42.97 -7.96 51.68
CA THR X 266 -44.16 -7.12 51.62
C THR X 266 -44.20 -6.14 52.79
N VAL X 267 -43.93 -6.62 54.00
CA VAL X 267 -44.03 -5.76 55.18
C VAL X 267 -42.94 -4.68 55.16
N ASN X 268 -41.74 -5.04 54.71
CA ASN X 268 -40.64 -4.09 54.68
C ASN X 268 -40.67 -3.18 53.46
N ASP X 269 -41.63 -3.35 52.56
CA ASP X 269 -41.71 -2.52 51.37
C ASP X 269 -42.15 -1.12 51.78
N GLN X 270 -41.37 -0.11 51.39
CA GLN X 270 -41.56 1.25 51.88
C GLN X 270 -42.51 2.08 51.02
N ASN X 271 -42.92 1.58 49.86
CA ASN X 271 -43.81 2.34 48.99
C ASN X 271 -45.28 2.08 49.27
N LEU X 272 -45.61 1.16 50.18
CA LEU X 272 -46.98 0.82 50.51
C LEU X 272 -47.35 1.35 51.89
N PRO X 273 -48.61 1.71 52.09
CA PRO X 273 -49.05 2.15 53.42
C PRO X 273 -49.15 0.98 54.39
N LEU X 274 -49.35 1.32 55.66
CA LEU X 274 -49.43 0.29 56.69
C LEU X 274 -50.60 -0.64 56.48
N LEU X 275 -51.76 -0.08 56.09
CA LEU X 275 -52.96 -0.90 55.93
C LEU X 275 -52.77 -1.95 54.82
N ASP X 276 -52.24 -1.53 53.68
CA ASP X 276 -52.04 -2.47 52.57
C ASP X 276 -51.07 -3.57 52.96
N ARG X 277 -49.96 -3.21 53.61
CA ARG X 277 -48.97 -4.20 53.99
C ARG X 277 -49.54 -5.19 55.00
N LEU X 278 -50.23 -4.70 56.04
CA LEU X 278 -50.80 -5.58 57.04
C LEU X 278 -51.84 -6.50 56.43
N GLN X 279 -52.71 -5.97 55.56
CA GLN X 279 -53.78 -6.78 55.02
C GLN X 279 -53.26 -7.80 54.01
N ALA X 280 -52.24 -7.42 53.22
CA ALA X 280 -51.60 -8.38 52.33
C ALA X 280 -50.94 -9.50 53.11
N ALA X 281 -50.24 -9.16 54.20
CA ALA X 281 -49.64 -10.18 55.03
C ALA X 281 -50.69 -11.09 55.65
N ASN X 282 -51.83 -10.51 56.04
CA ASN X 282 -52.95 -11.31 56.53
C ASN X 282 -53.39 -12.32 55.48
N SER X 283 -53.53 -11.88 54.24
CA SER X 283 -53.95 -12.78 53.17
C SER X 283 -52.93 -13.90 52.96
N MET X 284 -51.63 -13.54 52.94
CA MET X 284 -50.59 -14.54 52.76
C MET X 284 -50.64 -15.60 53.85
N TYR X 285 -50.68 -15.15 55.11
CA TYR X 285 -50.64 -16.10 56.21
C TYR X 285 -51.92 -16.93 56.29
N ASN X 286 -53.06 -16.33 55.96
CA ASN X 286 -54.31 -17.10 55.94
C ASN X 286 -54.27 -18.17 54.87
N THR X 287 -53.77 -17.84 53.68
CA THR X 287 -53.64 -18.85 52.62
C THR X 287 -52.69 -19.95 53.03
N ALA X 288 -51.56 -19.59 53.64
CA ALA X 288 -50.60 -20.60 54.08
C ALA X 288 -51.20 -21.51 55.14
N TYR X 289 -51.97 -20.94 56.07
CA TYR X 289 -52.62 -21.74 57.10
C TYR X 289 -53.65 -22.68 56.50
N GLU X 290 -54.46 -22.19 55.56
CA GLU X 290 -55.50 -23.02 54.97
C GLU X 290 -54.90 -24.15 54.15
N LYS X 291 -53.82 -23.88 53.41
CA LYS X 291 -53.26 -24.91 52.53
C LYS X 291 -52.54 -26.01 53.31
N VAL X 292 -51.93 -25.67 54.46
CA VAL X 292 -51.09 -26.62 55.18
C VAL X 292 -51.73 -26.87 56.54
N VAL X 293 -53.06 -26.88 56.59
CA VAL X 293 -53.76 -27.04 57.85
C VAL X 293 -53.57 -28.43 58.45
N ASN X 294 -53.34 -29.45 57.62
CA ASN X 294 -53.30 -30.83 58.11
C ASN X 294 -51.98 -31.20 58.77
N ASN X 295 -50.91 -30.43 58.54
CA ASN X 295 -49.62 -30.72 59.13
C ASN X 295 -49.50 -30.00 60.47
N ALA X 296 -49.32 -30.77 61.54
CA ALA X 296 -49.37 -30.20 62.89
C ALA X 296 -48.23 -29.21 63.13
N THR X 297 -47.00 -29.61 62.81
CA THR X 297 -45.86 -28.75 63.08
C THR X 297 -45.91 -27.48 62.23
N ALA X 298 -46.21 -27.63 60.94
CA ALA X 298 -46.30 -26.46 60.07
C ALA X 298 -47.45 -25.56 60.48
N ARG X 299 -48.58 -26.14 60.89
CA ARG X 299 -49.69 -25.33 61.38
C ARG X 299 -49.30 -24.56 62.63
N ALA X 300 -48.56 -25.19 63.53
CA ALA X 300 -48.10 -24.50 64.73
C ALA X 300 -47.15 -23.35 64.39
N GLU X 301 -46.25 -23.58 63.44
CA GLU X 301 -45.35 -22.51 63.01
C GLU X 301 -46.11 -21.36 62.39
N VAL X 302 -47.10 -21.66 61.54
CA VAL X 302 -47.91 -20.62 60.93
C VAL X 302 -48.69 -19.85 61.99
N GLU X 303 -49.21 -20.55 63.00
CA GLU X 303 -49.92 -19.88 64.08
C GLU X 303 -49.00 -18.97 64.87
N ARG X 304 -47.76 -19.41 65.12
CA ARG X 304 -46.80 -18.56 65.81
C ARG X 304 -46.49 -17.31 65.01
N LYS X 305 -46.31 -17.47 63.69
CA LYS X 305 -46.07 -16.29 62.84
C LYS X 305 -47.28 -15.36 62.86
N MET X 306 -48.49 -15.93 62.86
CA MET X 306 -49.69 -15.11 62.90
C MET X 306 -49.80 -14.35 64.22
N LYS X 307 -49.43 -14.99 65.34
CA LYS X 307 -49.44 -14.28 66.62
C LYS X 307 -48.40 -13.16 66.64
N ALA X 308 -47.23 -13.40 66.06
CA ALA X 308 -46.23 -12.35 65.96
C ALA X 308 -46.75 -11.18 65.14
N LEU X 309 -47.43 -11.47 64.02
CA LEU X 309 -48.02 -10.41 63.22
C LEU X 309 -49.14 -9.70 63.99
N GLN X 310 -49.87 -10.43 64.82
CA GLN X 310 -50.90 -9.83 65.67
C GLN X 310 -50.30 -8.77 66.59
N ALA X 311 -49.24 -9.15 67.31
CA ALA X 311 -48.60 -8.21 68.23
C ALA X 311 -47.98 -7.04 67.47
N TYR X 312 -47.39 -7.31 66.30
CA TYR X 312 -46.83 -6.24 65.49
C TYR X 312 -47.91 -5.27 65.05
N GLN X 313 -49.08 -5.78 64.67
CA GLN X 313 -50.20 -4.92 64.28
C GLN X 313 -50.65 -4.06 65.45
N TYR X 314 -50.79 -4.67 66.63
CA TYR X 314 -51.16 -3.89 67.82
C TYR X 314 -50.21 -2.73 68.05
N GLU X 315 -48.90 -2.99 68.00
CA GLU X 315 -47.97 -1.90 68.29
C GLU X 315 -47.85 -0.91 67.14
N ALA X 316 -47.95 -1.38 65.90
CA ALA X 316 -47.75 -0.52 64.74
C ALA X 316 -48.92 0.44 64.53
N ILE X 317 -50.15 0.01 64.82
CA ILE X 317 -51.27 0.93 64.71
C ILE X 317 -51.11 2.08 65.70
N THR X 318 -50.70 1.78 66.93
CA THR X 318 -50.50 2.82 67.92
C THR X 318 -49.35 3.74 67.53
N ASN X 319 -48.23 3.17 67.05
CA ASN X 319 -47.08 3.99 66.70
C ASN X 319 -47.36 4.87 65.48
N TRP X 320 -48.06 4.34 64.48
CA TRP X 320 -48.20 5.04 63.21
C TRP X 320 -49.13 6.25 63.32
N ASN X 321 -50.21 6.14 64.11
CA ASN X 321 -51.26 7.14 64.11
C ASN X 321 -51.11 8.16 65.23
N ASP X 322 -49.89 8.41 65.70
CA ASP X 322 -49.64 9.44 66.69
C ASP X 322 -49.17 10.69 65.95
N GLN X 323 -49.93 11.77 66.05
CA GLN X 323 -49.65 13.00 65.33
C GLN X 323 -48.67 13.92 66.05
N THR X 324 -48.24 13.56 67.25
CA THR X 324 -47.25 14.33 67.99
C THR X 324 -45.83 13.88 67.71
N LYS X 325 -45.63 12.95 66.79
CA LYS X 325 -44.34 12.36 66.51
C LYS X 325 -43.96 12.59 65.05
N PRO X 326 -42.71 12.93 64.78
CA PRO X 326 -42.32 13.28 63.40
C PRO X 326 -42.33 12.06 62.49
N ARG X 327 -42.42 12.34 61.18
CA ARG X 327 -42.50 11.27 60.19
C ARG X 327 -41.25 10.39 60.21
N ALA X 328 -40.08 11.01 60.24
CA ALA X 328 -38.83 10.25 60.18
C ALA X 328 -38.69 9.35 61.41
N GLU X 329 -38.96 9.89 62.60
CA GLU X 329 -38.83 9.09 63.81
C GLU X 329 -39.90 8.01 63.89
N ARG X 330 -41.11 8.29 63.41
CA ARG X 330 -42.15 7.27 63.37
C ARG X 330 -41.78 6.14 62.42
N GLU X 331 -41.21 6.47 61.26
CA GLU X 331 -40.75 5.44 60.34
C GLU X 331 -39.62 4.61 60.95
N ALA X 332 -38.69 5.27 61.63
CA ALA X 332 -37.61 4.56 62.30
C ALA X 332 -38.16 3.61 63.36
N PHE X 333 -39.13 4.07 64.14
CA PHE X 333 -39.74 3.20 65.15
C PHE X 333 -40.52 2.05 64.52
N ASP X 334 -41.17 2.29 63.37
CA ASP X 334 -41.87 1.21 62.70
C ASP X 334 -40.92 0.13 62.21
N GLN X 335 -39.80 0.54 61.59
CA GLN X 335 -38.79 -0.43 61.21
C GLN X 335 -38.20 -1.14 62.43
N GLN X 336 -38.04 -0.42 63.53
CA GLN X 336 -37.54 -1.04 64.75
C GLN X 336 -38.51 -2.10 65.26
N LEU X 337 -39.81 -1.81 65.22
CA LEU X 337 -40.81 -2.79 65.63
C LEU X 337 -40.80 -4.01 64.71
N GLN X 338 -40.69 -3.77 63.40
CA GLN X 338 -40.63 -4.87 62.45
C GLN X 338 -39.43 -5.77 62.72
N ALA X 339 -38.28 -5.17 63.03
CA ALA X 339 -37.10 -5.96 63.41
C ALA X 339 -37.33 -6.67 64.73
N LYS X 340 -38.04 -6.03 65.65
CA LYS X 340 -38.29 -6.64 66.95
C LYS X 340 -39.13 -7.91 66.82
N HIS X 341 -40.16 -7.88 66.00
CA HIS X 341 -41.00 -9.06 65.80
C HIS X 341 -40.45 -10.01 64.75
N GLY X 342 -39.31 -9.68 64.14
CA GLY X 342 -38.66 -10.57 63.21
C GLY X 342 -39.28 -10.66 61.84
N LEU X 343 -40.19 -9.74 61.49
CA LEU X 343 -40.81 -9.79 60.17
C LEU X 343 -39.80 -9.47 59.07
N ASN X 344 -39.03 -8.39 59.23
CA ASN X 344 -38.20 -7.86 58.15
C ASN X 344 -36.72 -8.17 58.34
N VAL X 345 -36.37 -9.20 59.10
CA VAL X 345 -34.96 -9.54 59.31
C VAL X 345 -34.31 -9.91 57.99
N ASP X 346 -34.98 -10.75 57.20
CA ASP X 346 -34.43 -11.18 55.92
C ASP X 346 -34.22 -9.98 54.99
N SER X 347 -35.22 -9.10 54.90
CA SER X 347 -35.10 -7.94 54.03
C SER X 347 -34.05 -6.96 54.54
N SER X 348 -33.99 -6.76 55.86
CA SER X 348 -33.07 -5.78 56.43
C SER X 348 -31.62 -6.26 56.44
N TYR X 349 -31.39 -7.58 56.34
CA TYR X 349 -30.02 -8.08 56.40
C TYR X 349 -29.18 -7.57 55.24
N MET X 350 -29.78 -7.48 54.05
CA MET X 350 -29.04 -7.00 52.89
C MET X 350 -28.56 -5.57 53.08
N ALA X 351 -29.47 -4.68 53.49
CA ALA X 351 -29.08 -3.30 53.75
C ALA X 351 -28.11 -3.19 54.91
N TRP X 352 -28.26 -4.03 55.93
CA TRP X 352 -27.32 -4.02 57.05
C TRP X 352 -25.91 -4.39 56.59
N GLU X 353 -25.80 -5.42 55.76
CA GLU X 353 -24.50 -5.82 55.24
C GLU X 353 -23.91 -4.73 54.35
N ASN X 354 -24.75 -4.10 53.52
CA ASN X 354 -24.26 -3.02 52.67
C ASN X 354 -23.75 -1.85 53.50
N SER X 355 -24.47 -1.49 54.56
CA SER X 355 -24.02 -0.41 55.44
C SER X 355 -22.73 -0.77 56.15
N ARG X 356 -22.61 -2.01 56.60
CA ARG X 356 -21.37 -2.44 57.25
C ARG X 356 -20.19 -2.37 56.28
N LYS X 357 -20.40 -2.81 55.04
CA LYS X 357 -19.34 -2.73 54.04
C LYS X 357 -18.95 -1.28 53.76
N GLN X 358 -19.96 -0.39 53.67
CA GLN X 358 -19.67 1.03 53.44
C GLN X 358 -18.86 1.62 54.59
N TYR X 359 -19.22 1.28 55.83
CA TYR X 359 -18.48 1.79 56.98
C TYR X 359 -17.04 1.27 57.00
N ILE X 360 -16.86 -0.02 56.69
CA ILE X 360 -15.51 -0.57 56.63
C ILE X 360 -14.70 0.11 55.54
N GLU X 361 -15.33 0.38 54.39
CA GLU X 361 -14.65 1.07 53.31
C GLU X 361 -14.25 2.48 53.71
N PHE X 362 -15.12 3.17 54.46
CA PHE X 362 -14.79 4.50 54.94
C PHE X 362 -13.60 4.48 55.89
N GLN X 363 -13.58 3.51 56.81
CA GLN X 363 -12.44 3.39 57.74
C GLN X 363 -11.16 3.08 56.98
N GLN X 364 -11.23 2.17 56.01
CA GLN X 364 -10.05 1.84 55.21
C GLN X 364 -9.56 3.04 54.42
N GLN X 365 -10.49 3.85 53.90
CA GLN X 365 -10.11 5.06 53.19
C GLN X 365 -9.39 6.04 54.10
N SER X 366 -9.88 6.20 55.33
CA SER X 366 -9.22 7.11 56.27
C SER X 366 -7.81 6.63 56.60
N ARG X 367 -7.67 5.33 56.91
CA ARG X 367 -6.34 4.79 57.20
C ARG X 367 -5.42 4.90 55.99
N GLN X 368 -5.97 4.67 54.80
CA GLN X 368 -5.20 4.80 53.57
C GLN X 368 -4.71 6.22 53.37
N LEU X 369 -5.56 7.21 53.65
CA LEU X 369 -5.14 8.60 53.52
C LEU X 369 -4.05 8.94 54.52
N GLN X 370 -4.16 8.44 55.75
CA GLN X 370 -3.10 8.65 56.73
C GLN X 370 -1.79 8.02 56.28
N ASP X 371 -1.85 6.80 55.73
CA ASP X 371 -0.64 6.16 55.22
C ASP X 371 -0.07 6.92 54.04
N LEU X 372 -0.94 7.49 53.20
CA LEU X 372 -0.48 8.29 52.07
C LEU X 372 0.25 9.55 52.56
N GLU X 373 -0.26 10.18 53.62
CA GLU X 373 0.48 11.29 54.22
C GLU X 373 1.83 10.83 54.74
N GLN X 374 1.87 9.69 55.42
CA GLN X 374 3.13 9.19 55.97
C GLN X 374 4.15 8.92 54.87
N ASN X 375 3.70 8.32 53.77
CA ASN X 375 4.57 8.14 52.61
C ASN X 375 4.96 9.47 51.99
N GLY X 376 4.04 10.43 51.95
CA GLY X 376 4.32 11.75 51.40
C GLY X 376 3.62 12.08 50.11
N LEU X 377 2.95 11.12 49.48
CA LEU X 377 2.30 11.36 48.20
C LEU X 377 1.26 12.48 48.25
N ILE X 378 0.71 12.77 49.43
CA ILE X 378 -0.28 13.83 49.59
C ILE X 378 0.17 14.77 50.69
N ASP X 379 0.18 16.05 50.37
CA ASP X 379 0.58 17.09 51.31
C ASP X 379 -0.47 17.29 52.38
N SER X 380 -0.09 18.01 53.43
CA SER X 380 -1.02 18.28 54.53
C SER X 380 -2.22 19.10 54.08
N ALA X 381 -2.00 20.08 53.21
CA ALA X 381 -3.10 20.91 52.73
C ALA X 381 -4.11 20.08 51.95
N ARG X 382 -3.64 19.16 51.11
CA ARG X 382 -4.55 18.34 50.33
C ARG X 382 -5.22 17.28 51.20
N LYS X 383 -4.56 16.86 52.28
CA LYS X 383 -5.16 15.89 53.18
C LYS X 383 -6.43 16.44 53.84
N VAL X 384 -6.40 17.70 54.25
CA VAL X 384 -7.57 18.31 54.85
C VAL X 384 -8.73 18.32 53.86
N ASN X 385 -8.43 18.68 52.61
CA ASN X 385 -9.48 18.70 51.59
C ASN X 385 -10.04 17.31 51.35
N LEU X 386 -9.18 16.29 51.32
CA LEU X 386 -9.67 14.92 51.08
C LEU X 386 -10.50 14.41 52.25
N SER X 387 -10.08 14.71 53.48
CA SER X 387 -10.87 14.31 54.63
C SER X 387 -12.22 15.01 54.66
N ASP X 388 -12.23 16.30 54.33
CA ASP X 388 -13.50 17.02 54.23
C ASP X 388 -14.38 16.43 53.13
N ASP X 389 -13.77 16.03 52.02
CA ASP X 389 -14.53 15.38 50.95
C ASP X 389 -15.13 14.06 51.43
N PHE X 390 -14.36 13.27 52.18
CA PHE X 390 -14.89 12.02 52.74
C PHE X 390 -16.10 12.30 53.61
N VAL X 391 -15.96 13.22 54.56
CA VAL X 391 -17.03 13.50 55.51
C VAL X 391 -18.26 14.04 54.78
N GLY X 392 -18.04 14.96 53.83
CA GLY X 392 -19.16 15.52 53.10
C GLY X 392 -19.88 14.50 52.25
N SER X 393 -19.13 13.61 51.58
CA SER X 393 -19.76 12.57 50.78
C SER X 393 -20.57 11.62 51.64
N VAL X 394 -20.02 11.23 52.80
CA VAL X 394 -20.75 10.32 53.69
C VAL X 394 -22.02 10.99 54.19
N VAL X 395 -21.93 12.25 54.60
CA VAL X 395 -23.11 12.95 55.12
C VAL X 395 -24.14 13.13 54.02
N GLN X 396 -23.70 13.43 52.80
CA GLN X 396 -24.63 13.57 51.68
C GLN X 396 -25.33 12.26 51.39
N LEU X 397 -24.60 11.16 51.40
CA LEU X 397 -25.23 9.85 51.17
C LEU X 397 -26.25 9.54 52.26
N ILE X 398 -25.92 9.84 53.51
CA ILE X 398 -26.81 9.52 54.61
C ILE X 398 -28.07 10.37 54.56
N LEU X 399 -27.92 11.67 54.31
CA LEU X 399 -29.05 12.60 54.42
C LEU X 399 -29.83 12.71 53.10
N TYR X 400 -29.16 13.14 52.04
CA TYR X 400 -29.82 13.46 50.77
C TYR X 400 -29.72 12.33 49.76
N GLY X 401 -29.30 11.14 50.19
CA GLY X 401 -29.18 10.01 49.29
C GLY X 401 -30.52 9.39 48.99
N GLU X 402 -30.48 8.37 48.14
CA GLU X 402 -31.67 7.66 47.70
C GLU X 402 -31.75 6.28 48.34
N GLY X 403 -32.96 5.85 48.65
CA GLY X 403 -33.18 4.57 49.29
C GLY X 403 -33.15 4.66 50.81
N ASN X 404 -33.44 3.53 51.44
CA ASN X 404 -33.47 3.43 52.90
C ASN X 404 -32.03 3.37 53.40
N THR X 405 -31.44 4.55 53.63
CA THR X 405 -30.10 4.66 54.17
C THR X 405 -30.09 4.76 55.69
N ALA X 406 -31.14 4.28 56.35
CA ALA X 406 -31.19 4.37 57.81
C ALA X 406 -30.20 3.43 58.47
N ALA X 407 -29.83 2.35 57.80
CA ALA X 407 -28.86 1.41 58.38
C ALA X 407 -27.50 2.07 58.54
N LEU X 408 -27.04 2.79 57.53
CA LEU X 408 -25.74 3.47 57.62
C LEU X 408 -25.79 4.59 58.65
N LYS X 409 -26.92 5.29 58.73
CA LYS X 409 -27.08 6.33 59.75
C LYS X 409 -27.01 5.74 61.15
N GLU X 410 -27.64 4.58 61.36
CA GLU X 410 -27.54 3.90 62.64
C GLU X 410 -26.11 3.45 62.92
N ARG X 411 -25.42 2.98 61.88
CA ARG X 411 -24.04 2.53 62.04
C ARG X 411 -23.13 3.68 62.50
N PHE X 412 -23.29 4.85 61.91
CA PHE X 412 -22.49 5.99 62.34
C PHE X 412 -22.97 6.58 63.67
N THR X 413 -24.26 6.48 63.97
CA THR X 413 -24.78 7.03 65.22
C THR X 413 -24.28 6.25 66.43
N ASP X 414 -23.86 5.00 66.24
CA ASP X 414 -23.40 4.16 67.34
C ASP X 414 -22.02 4.63 67.79
N ASN X 415 -22.04 5.63 68.68
CA ASN X 415 -20.79 6.16 69.24
C ASN X 415 -20.14 5.21 70.24
N ARG X 416 -20.86 4.17 70.69
CA ARG X 416 -20.27 3.21 71.62
C ARG X 416 -19.10 2.48 70.97
N ASN X 417 -19.24 2.12 69.69
CA ASN X 417 -18.15 1.48 68.98
C ASN X 417 -16.96 2.42 68.86
N PHE X 418 -15.77 1.90 69.16
CA PHE X 418 -14.55 2.71 69.18
C PHE X 418 -13.70 2.47 67.93
N GLU X 419 -14.19 1.71 66.96
CA GLU X 419 -13.42 1.37 65.78
C GLU X 419 -13.19 2.62 64.94
N ALA X 420 -11.95 3.10 64.92
CA ALA X 420 -11.55 4.27 64.12
C ALA X 420 -12.43 5.47 64.43
N ASN X 421 -12.59 5.76 65.73
CA ASN X 421 -13.34 6.93 66.13
C ASN X 421 -12.64 8.21 65.70
N THR X 422 -11.32 8.17 65.57
CA THR X 422 -10.56 9.33 65.11
C THR X 422 -10.60 9.48 63.59
N ALA X 423 -11.14 8.49 62.88
CA ALA X 423 -11.20 8.57 61.42
C ALA X 423 -12.16 9.65 60.93
N GLY X 424 -13.10 10.09 61.77
CA GLY X 424 -14.02 11.12 61.38
C GLY X 424 -15.47 10.78 61.66
N ALA X 425 -15.70 9.71 62.43
CA ALA X 425 -17.07 9.34 62.80
C ALA X 425 -17.73 10.42 63.63
N GLY X 426 -16.99 11.02 64.56
CA GLY X 426 -17.55 12.12 65.34
C GLY X 426 -17.92 13.31 64.48
N GLU X 427 -17.09 13.64 63.49
CA GLU X 427 -17.42 14.72 62.57
C GLU X 427 -18.67 14.40 61.78
N VAL X 428 -18.81 13.15 61.32
CA VAL X 428 -20.00 12.75 60.58
C VAL X 428 -21.24 12.87 61.45
N ARG X 429 -21.15 12.40 62.70
CA ARG X 429 -22.30 12.51 63.60
C ARG X 429 -22.67 13.97 63.86
N ARG X 430 -21.66 14.83 64.08
CA ARG X 430 -21.94 16.25 64.31
C ARG X 430 -22.59 16.89 63.10
N LEU X 431 -22.09 16.57 61.90
CA LEU X 431 -22.69 17.13 60.69
C LEU X 431 -24.12 16.62 60.51
N LEU X 432 -24.36 15.34 60.77
CA LEU X 432 -25.71 14.80 60.65
C LEU X 432 -26.66 15.49 61.61
N GLU X 433 -26.18 15.82 62.81
CA GLU X 433 -27.03 16.50 63.79
C GLU X 433 -27.25 17.96 63.39
N ALA X 434 -26.25 18.60 62.80
CA ALA X 434 -26.26 20.05 62.65
C ALA X 434 -26.78 20.55 61.31
N VAL X 435 -26.62 19.79 60.23
CA VAL X 435 -26.91 20.33 58.90
C VAL X 435 -28.37 20.75 58.73
N PRO X 436 -29.37 19.92 59.03
CA PRO X 436 -30.75 20.40 58.90
C PRO X 436 -31.06 21.56 59.84
N ARG X 437 -30.54 21.51 61.07
CA ARG X 437 -30.77 22.58 62.02
C ARG X 437 -30.20 23.90 61.51
N MET X 438 -28.97 23.87 60.99
CA MET X 438 -28.37 25.11 60.54
C MET X 438 -28.98 25.59 59.23
N ARG X 439 -29.47 24.67 58.38
CA ARG X 439 -30.19 25.11 57.19
C ARG X 439 -31.48 25.82 57.57
N ARG X 440 -32.22 25.28 58.54
CA ARG X 440 -33.42 25.96 59.02
C ARG X 440 -33.07 27.31 59.64
N GLU X 441 -31.99 27.36 60.42
CA GLU X 441 -31.56 28.61 61.02
C GLU X 441 -31.18 29.64 59.96
N THR X 442 -30.48 29.21 58.91
CA THR X 442 -30.10 30.11 57.83
C THR X 442 -31.33 30.65 57.10
N ASP X 443 -32.31 29.78 56.83
CA ASP X 443 -33.53 30.26 56.18
C ASP X 443 -34.26 31.26 57.07
N SER X 444 -34.35 30.98 58.37
CA SER X 444 -35.01 31.91 59.28
C SER X 444 -34.27 33.24 59.36
N LEU X 445 -32.94 33.19 59.39
CA LEU X 445 -32.15 34.42 59.44
C LEU X 445 -32.30 35.24 58.16
N ARG X 446 -32.36 34.57 57.01
CA ARG X 446 -32.57 35.29 55.76
C ARG X 446 -33.95 35.93 55.72
N SER X 447 -34.97 35.22 56.22
CA SER X 447 -36.30 35.81 56.31
C SER X 447 -36.31 37.01 57.24
N ASP X 448 -35.61 36.92 58.37
CA ASP X 448 -35.53 38.05 59.30
C ASP X 448 -34.80 39.23 58.67
N ASN X 449 -33.75 38.96 57.90
CA ASN X 449 -33.03 40.03 57.20
C ASN X 449 -33.94 40.71 56.19
N ALA X 450 -34.73 39.92 55.45
CA ALA X 450 -35.68 40.51 54.52
C ALA X 450 -36.70 41.37 55.26
N ALA X 451 -37.17 40.89 56.41
CA ALA X 451 -38.11 41.67 57.20
C ALA X 451 -37.50 42.98 57.67
N LEU X 452 -36.24 42.94 58.11
CA LEU X 452 -35.56 44.15 58.56
C LEU X 452 -35.37 45.13 57.40
N GLN X 453 -35.01 44.63 56.21
CA GLN X 453 -34.86 45.51 55.06
C GLN X 453 -36.18 46.15 54.67
N VAL X 454 -37.27 45.38 54.70
CA VAL X 454 -38.59 45.94 54.39
C VAL X 454 -38.97 47.00 55.41
N ALA X 455 -38.72 46.72 56.69
CA ALA X 455 -39.03 47.69 57.74
C ALA X 455 -38.23 48.96 57.57
N ARG X 456 -36.94 48.84 57.26
CA ARG X 456 -36.11 50.02 57.06
C ARG X 456 -36.56 50.83 55.85
N THR X 457 -36.92 50.15 54.75
CA THR X 457 -37.40 50.86 53.57
C THR X 457 -38.70 51.61 53.86
N ARG X 458 -39.63 50.95 54.55
CA ARG X 458 -40.88 51.61 54.89
C ARG X 458 -40.65 52.76 55.86
N LEU X 459 -39.73 52.60 56.81
CA LEU X 459 -39.42 53.67 57.75
C LEU X 459 -38.82 54.87 57.03
N GLN X 460 -37.95 54.63 56.05
CA GLN X 460 -37.38 55.72 55.28
C GLN X 460 -38.44 56.41 54.41
N ARG X 461 -39.31 55.63 53.78
CA ARG X 461 -40.27 56.22 52.83
C ARG X 461 -41.38 56.96 53.55
N GLU X 462 -41.93 56.39 54.63
CA GLU X 462 -43.09 56.95 55.30
C GLU X 462 -42.75 57.71 56.57
N GLY X 463 -41.64 57.39 57.21
CA GLY X 463 -41.25 58.05 58.45
C GLY X 463 -41.63 57.24 59.68
N VAL X 464 -41.79 57.96 60.79
CA VAL X 464 -42.15 57.32 62.05
C VAL X 464 -43.56 56.74 62.00
N THR X 465 -44.40 57.19 61.05
CA THR X 465 -45.76 56.69 60.93
C THR X 465 -45.80 55.20 60.61
N PHE X 466 -44.71 54.64 60.07
CA PHE X 466 -44.69 53.21 59.79
C PHE X 466 -44.87 52.38 61.05
N LEU X 467 -44.33 52.86 62.18
CA LEU X 467 -44.44 52.11 63.43
C LEU X 467 -45.85 52.09 64.00
N MET X 468 -46.76 52.94 63.50
CA MET X 468 -48.11 52.99 64.05
C MET X 468 -48.87 51.71 63.72
N ASN X 469 -48.78 51.24 62.47
CA ASN X 469 -49.54 50.08 62.02
C ASN X 469 -48.62 48.96 61.55
N ALA X 470 -47.49 48.78 62.21
CA ALA X 470 -46.60 47.67 61.90
C ALA X 470 -47.23 46.35 62.32
N ASP X 471 -46.94 45.30 61.56
CA ASP X 471 -47.47 43.99 61.87
C ASP X 471 -46.74 43.39 63.08
N ALA X 472 -47.25 42.25 63.55
CA ALA X 472 -46.73 41.65 64.78
C ALA X 472 -45.28 41.23 64.63
N ARG X 473 -44.91 40.66 63.48
CA ARG X 473 -43.55 40.16 63.30
C ARG X 473 -42.53 41.29 63.34
N THR X 474 -42.79 42.37 62.61
CA THR X 474 -41.86 43.50 62.60
C THR X 474 -41.77 44.14 63.98
N ARG X 475 -42.90 44.25 64.68
CA ARG X 475 -42.89 44.80 66.03
C ARG X 475 -42.05 43.92 66.96
N GLY X 476 -42.17 42.60 66.82
CA GLY X 476 -41.35 41.71 67.64
C GLY X 476 -39.87 41.84 67.34
N LEU X 477 -39.50 41.95 66.06
CA LEU X 477 -38.10 42.13 65.71
C LEU X 477 -37.57 43.46 66.25
N LEU X 478 -38.37 44.52 66.17
CA LEU X 478 -37.96 45.80 66.72
C LEU X 478 -37.78 45.71 68.23
N GLU X 479 -38.69 45.00 68.91
CA GLU X 479 -38.56 44.83 70.35
C GLU X 479 -37.30 44.06 70.71
N SER X 480 -36.99 43.01 69.96
CA SER X 480 -35.79 42.21 70.20
C SER X 480 -34.55 42.91 69.64
N LEU X 496 -48.62 64.78 65.04
CA LEU X 496 -48.21 65.99 65.72
C LEU X 496 -47.62 67.01 64.74
N THR X 497 -47.12 68.12 65.27
CA THR X 497 -46.51 69.16 64.46
C THR X 497 -45.15 68.69 63.94
N PRO X 498 -44.64 69.32 62.88
CA PRO X 498 -43.36 68.86 62.32
C PRO X 498 -42.19 68.91 63.29
N GLU X 499 -42.23 69.80 64.30
CA GLU X 499 -41.13 69.86 65.26
C GLU X 499 -41.00 68.54 66.03
N GLN X 500 -42.10 68.06 66.60
CA GLN X 500 -42.08 66.72 67.20
C GLN X 500 -41.83 65.67 66.13
N GLN X 501 -42.32 65.89 64.91
CA GLN X 501 -42.01 64.97 63.82
C GLN X 501 -40.55 65.07 63.37
N ALA X 502 -39.87 66.19 63.65
CA ALA X 502 -38.44 66.27 63.44
C ALA X 502 -37.65 65.56 64.53
N GLU X 503 -38.10 65.64 65.79
CA GLU X 503 -37.53 64.79 66.83
C GLU X 503 -37.74 63.32 66.50
N TYR X 504 -38.90 62.98 65.93
CA TYR X 504 -39.15 61.63 65.47
C TYR X 504 -38.18 61.21 64.37
N ALA X 505 -37.84 62.13 63.45
CA ALA X 505 -36.85 61.80 62.44
C ALA X 505 -35.47 61.61 63.06
N ARG X 506 -35.12 62.42 64.07
CA ARG X 506 -33.85 62.25 64.75
C ARG X 506 -33.77 60.89 65.43
N GLN X 507 -34.86 60.45 66.05
CA GLN X 507 -34.91 59.10 66.62
C GLN X 507 -34.88 58.04 65.53
N THR X 508 -35.50 58.34 64.38
CA THR X 508 -35.53 57.40 63.26
C THR X 508 -34.12 57.14 62.73
N ASN X 509 -33.26 58.16 62.77
CA ASN X 509 -31.87 57.95 62.36
C ASN X 509 -31.23 56.84 63.20
N GLN X 510 -31.34 56.95 64.53
CA GLN X 510 -30.74 55.95 65.41
C GLN X 510 -31.42 54.59 65.23
N VAL X 511 -32.74 54.58 65.00
CA VAL X 511 -33.43 53.32 64.76
C VAL X 511 -32.89 52.65 63.50
N GLN X 512 -32.67 53.43 62.45
CA GLN X 512 -32.12 52.88 61.21
C GLN X 512 -30.70 52.35 61.42
N GLN X 513 -29.89 53.06 62.20
CA GLN X 513 -28.55 52.55 62.48
C GLN X 513 -28.61 51.23 63.24
N ALA X 514 -29.51 51.12 64.22
CA ALA X 514 -29.66 49.86 64.95
C ALA X 514 -30.12 48.74 64.03
N ILE X 515 -31.07 49.04 63.13
CA ILE X 515 -31.55 48.02 62.20
C ILE X 515 -30.42 47.57 61.29
N GLU X 516 -29.62 48.52 60.80
CA GLU X 516 -28.48 48.16 59.94
C GLU X 516 -27.47 47.30 60.69
N GLN X 517 -27.21 47.63 61.96
CA GLN X 517 -26.30 46.81 62.74
C GLN X 517 -26.82 45.39 62.92
N GLN X 518 -28.12 45.25 63.19
CA GLN X 518 -28.71 43.92 63.33
C GLN X 518 -28.61 43.14 62.02
N ILE X 519 -28.85 43.82 60.89
CA ILE X 519 -28.71 43.17 59.59
C ILE X 519 -27.28 42.72 59.37
N ILE X 520 -26.31 43.55 59.77
CA ILE X 520 -24.90 43.18 59.63
C ILE X 520 -24.60 41.92 60.43
N ILE X 521 -25.08 41.86 61.68
CA ILE X 521 -24.82 40.69 62.51
C ILE X 521 -25.44 39.43 61.90
N ASN X 522 -26.70 39.54 61.47
CA ASN X 522 -27.38 38.38 60.90
C ASN X 522 -26.68 37.91 59.62
N ASP X 523 -26.27 38.86 58.77
CA ASP X 523 -25.59 38.49 57.53
C ASP X 523 -24.24 37.83 57.83
N GLN X 524 -23.52 38.33 58.84
CA GLN X 524 -22.27 37.69 59.22
C GLN X 524 -22.49 36.26 59.68
N ARG X 525 -23.53 36.04 60.50
CA ARG X 525 -23.83 34.67 60.93
C ARG X 525 -24.17 33.78 59.74
N VAL X 526 -24.98 34.28 58.81
CA VAL X 526 -25.37 33.49 57.64
C VAL X 526 -24.15 33.15 56.79
N GLN X 527 -23.25 34.13 56.62
CA GLN X 527 -22.04 33.87 55.85
C GLN X 527 -21.16 32.83 56.54
N ASN X 528 -21.06 32.88 57.87
CA ASN X 528 -20.29 31.87 58.58
C ASN X 528 -20.87 30.47 58.38
N ASN X 529 -22.20 30.34 58.50
CA ASN X 529 -22.84 29.05 58.29
C ASN X 529 -22.62 28.54 56.87
N ALA X 530 -22.79 29.43 55.88
CA ALA X 530 -22.61 29.01 54.49
C ALA X 530 -21.17 28.61 54.23
N ALA X 531 -20.21 29.34 54.79
CA ALA X 531 -18.80 29.03 54.57
C ALA X 531 -18.44 27.68 55.17
N GLU X 532 -18.87 27.40 56.40
CA GLU X 532 -18.46 26.12 56.97
C GLU X 532 -19.37 24.97 56.52
N LEU X 533 -20.45 25.27 55.79
CA LEU X 533 -21.10 24.23 55.00
C LEU X 533 -20.31 23.91 53.74
N ALA X 534 -19.96 24.95 52.97
CA ALA X 534 -19.23 24.75 51.72
C ALA X 534 -17.84 24.19 51.95
N LYS X 535 -17.31 24.30 53.17
CA LYS X 535 -16.02 23.66 53.46
C LYS X 535 -16.10 22.16 53.24
N TYR X 536 -17.20 21.53 53.63
CA TYR X 536 -17.41 20.11 53.38
C TYR X 536 -17.96 19.85 51.97
N GLY X 537 -18.78 20.74 51.45
CA GLY X 537 -19.39 20.57 50.15
C GLY X 537 -20.89 20.34 50.15
N LEU X 538 -21.60 20.76 51.20
CA LEU X 538 -23.04 20.55 51.31
C LEU X 538 -23.83 21.85 51.20
N SER X 539 -23.25 22.85 50.53
CA SER X 539 -23.90 24.15 50.37
C SER X 539 -24.79 24.21 49.13
N GLU X 540 -24.83 23.15 48.33
CA GLU X 540 -25.66 23.13 47.14
C GLU X 540 -27.14 23.06 47.54
N PRO X 541 -28.04 23.46 46.64
CA PRO X 541 -29.47 23.28 46.90
C PRO X 541 -29.80 21.80 47.14
N GLU X 542 -30.98 21.58 47.72
CA GLU X 542 -31.37 20.22 48.11
C GLU X 542 -31.47 19.29 46.91
N ASP X 543 -32.03 19.77 45.80
CA ASP X 543 -32.15 18.93 44.61
C ASP X 543 -30.77 18.56 44.07
N VAL X 544 -29.86 19.53 44.01
CA VAL X 544 -28.52 19.25 43.48
C VAL X 544 -27.80 18.23 44.35
N LEU X 545 -27.90 18.38 45.67
CA LEU X 545 -27.29 17.41 46.58
C LEU X 545 -27.92 16.04 46.43
N ARG X 546 -29.24 15.99 46.24
CA ARG X 546 -29.92 14.71 46.07
C ARG X 546 -29.48 14.00 44.80
N LYS X 547 -29.32 14.74 43.70
CA LYS X 547 -28.97 14.09 42.44
C LYS X 547 -27.49 13.73 42.37
N ASN X 548 -26.65 14.33 43.21
CA ASN X 548 -25.20 14.25 43.07
C ASN X 548 -24.55 13.59 44.29
N ALA X 549 -25.11 12.48 44.77
CA ALA X 549 -24.55 11.81 45.93
C ALA X 549 -23.80 10.53 45.54
N ALA X 550 -24.47 9.64 44.82
CA ALA X 550 -23.86 8.37 44.46
C ALA X 550 -22.64 8.59 43.56
N THR X 551 -22.74 9.50 42.60
CA THR X 551 -21.60 9.77 41.73
C THR X 551 -20.45 10.40 42.50
N ARG X 552 -20.76 11.27 43.46
CA ARG X 552 -19.70 11.86 44.28
C ARG X 552 -18.97 10.80 45.08
N ARG X 553 -19.72 9.88 45.71
CA ARG X 553 -19.08 8.81 46.47
C ARG X 553 -18.27 7.91 45.55
N LYS X 554 -18.79 7.60 44.36
CA LYS X 554 -18.04 6.78 43.41
C LYS X 554 -16.75 7.46 42.98
N LEU X 555 -16.80 8.78 42.75
CA LEU X 555 -15.60 9.51 42.39
C LEU X 555 -14.57 9.50 43.51
N VAL X 556 -15.03 9.66 44.75
CA VAL X 556 -14.12 9.60 45.89
C VAL X 556 -13.45 8.22 45.95
N ASN X 557 -14.25 7.17 45.79
CA ASN X 557 -13.71 5.81 45.84
C ASN X 557 -12.71 5.57 44.71
N ASP X 558 -13.02 6.05 43.50
CA ASP X 558 -12.12 5.86 42.38
C ASP X 558 -10.82 6.63 42.58
N THR X 559 -10.90 7.85 43.10
CA THR X 559 -9.70 8.63 43.37
C THR X 559 -8.81 7.91 44.38
N MET X 560 -9.42 7.40 45.46
CA MET X 560 -8.61 6.69 46.45
C MET X 560 -8.08 5.37 45.91
N TYR X 561 -8.81 4.71 45.00
CA TYR X 561 -8.30 3.50 44.38
C TYR X 561 -7.07 3.80 43.53
N GLN X 562 -7.11 4.89 42.76
CA GLN X 562 -5.95 5.27 41.96
C GLN X 562 -4.77 5.64 42.86
N LEU X 563 -5.04 6.37 43.95
CA LEU X 563 -4.00 6.74 44.89
C LEU X 563 -3.36 5.50 45.50
N GLY X 564 -4.19 4.52 45.87
CA GLY X 564 -3.65 3.28 46.43
C GLY X 564 -2.86 2.49 45.42
N THR X 565 -3.29 2.48 44.16
CA THR X 565 -2.52 1.80 43.13
C THR X 565 -1.13 2.44 42.98
N GLN X 566 -1.08 3.77 42.95
CA GLN X 566 0.22 4.44 42.85
C GLN X 566 1.09 4.18 44.07
N ALA X 567 0.49 4.22 45.27
CA ALA X 567 1.25 3.95 46.48
C ALA X 567 1.78 2.53 46.50
N GLU X 568 0.96 1.56 46.05
CA GLU X 568 1.41 0.18 45.98
C GLU X 568 2.55 0.02 45.00
N GLN X 569 2.48 0.71 43.86
CA GLN X 569 3.58 0.66 42.90
C GLN X 569 4.87 1.19 43.53
N VAL X 570 4.77 2.34 44.20
CA VAL X 570 5.95 2.94 44.83
C VAL X 570 6.53 2.02 45.89
N ARG X 571 5.67 1.44 46.73
CA ARG X 571 6.15 0.55 47.79
C ARG X 571 6.77 -0.71 47.21
N ARG X 572 6.16 -1.27 46.15
CA ARG X 572 6.72 -2.47 45.54
C ARG X 572 8.08 -2.20 44.91
N THR X 573 8.25 -1.03 44.29
CA THR X 573 9.56 -0.70 43.74
C THR X 573 10.62 -0.48 44.81
N GLN X 574 10.22 -0.33 46.07
CA GLN X 574 11.17 -0.18 47.17
C GLN X 574 11.75 -1.54 47.51
N THR X 575 12.86 -1.87 46.86
CA THR X 575 13.57 -3.11 47.10
C THR X 575 15.05 -2.83 47.32
N SER X 576 15.67 -3.61 48.19
CA SER X 576 17.10 -3.45 48.47
C SER X 576 17.92 -4.11 47.38
N GLY X 577 19.07 -3.50 47.09
CA GLY X 577 19.99 -4.00 46.09
C GLY X 577 21.01 -4.99 46.60
N TYR X 578 20.90 -5.43 47.85
CA TYR X 578 21.86 -6.35 48.44
C TYR X 578 21.20 -7.71 48.67
N GLY X 579 21.94 -8.78 48.41
CA GLY X 579 21.40 -10.11 48.54
C GLY X 579 21.27 -10.56 49.99
N GLN X 580 20.61 -11.70 50.16
CA GLN X 580 20.40 -12.25 51.49
C GLN X 580 21.69 -12.82 52.05
N LEU X 581 21.75 -12.90 53.38
CA LEU X 581 22.92 -13.40 54.09
C LEU X 581 22.72 -14.87 54.42
N GLY X 582 23.74 -15.68 54.18
CA GLY X 582 23.68 -17.08 54.53
C GLY X 582 23.94 -18.01 53.36
N ILE X 583 24.32 -19.25 53.67
CA ILE X 583 24.60 -20.27 52.66
C ILE X 583 23.86 -21.54 53.07
N THR X 584 23.61 -22.40 52.09
CA THR X 584 22.98 -23.69 52.37
C THR X 584 23.82 -24.48 53.36
N SER X 585 23.17 -25.08 54.35
CA SER X 585 23.89 -25.74 55.44
C SER X 585 24.65 -26.95 54.91
N PRO X 586 25.96 -27.02 55.09
CA PRO X 586 26.69 -28.22 54.65
C PRO X 586 26.36 -29.45 55.48
N THR X 587 26.07 -29.27 56.76
CA THR X 587 25.61 -30.37 57.59
C THR X 587 24.20 -30.77 57.18
N THR X 588 23.91 -32.07 57.25
CA THR X 588 22.61 -32.56 56.80
C THR X 588 21.49 -31.99 57.65
N ALA X 589 20.35 -31.74 57.00
CA ALA X 589 19.19 -31.17 57.69
C ALA X 589 18.25 -32.28 58.15
N SER Y 37 -53.39 -61.61 20.08
CA SER Y 37 -52.02 -62.09 19.99
C SER Y 37 -51.06 -61.15 20.71
N LYS Y 38 -50.34 -61.68 21.70
CA LYS Y 38 -49.40 -60.89 22.46
C LYS Y 38 -48.11 -60.67 21.68
N THR Y 39 -47.33 -59.68 22.11
CA THR Y 39 -46.07 -59.38 21.47
C THR Y 39 -45.04 -60.47 21.76
N GLN Y 40 -43.98 -60.46 20.96
CA GLN Y 40 -42.91 -61.44 21.15
C GLN Y 40 -42.18 -61.19 22.46
N GLN Y 41 -41.84 -62.27 23.17
CA GLN Y 41 -41.14 -62.19 24.43
C GLN Y 41 -40.26 -63.41 24.59
N ILE Y 42 -39.60 -63.53 25.74
CA ILE Y 42 -38.63 -64.58 25.96
C ILE Y 42 -39.37 -65.90 26.23
N LEU Y 43 -38.91 -66.96 25.57
CA LEU Y 43 -39.50 -68.29 25.72
C LEU Y 43 -38.72 -69.12 26.72
N GLU Y 44 -39.27 -70.29 27.04
CA GLU Y 44 -38.56 -71.27 27.85
C GLU Y 44 -37.42 -71.89 27.04
N ALA Y 45 -36.52 -72.57 27.74
CA ALA Y 45 -35.41 -73.24 27.07
C ALA Y 45 -35.92 -74.30 26.11
N GLY Y 46 -36.91 -75.09 26.54
CA GLY Y 46 -37.44 -76.13 25.67
C GLY Y 46 -38.12 -75.58 24.44
N ASN Y 47 -38.94 -74.55 24.60
CA ASN Y 47 -39.63 -73.96 23.46
C ASN Y 47 -38.65 -73.32 22.48
N ALA Y 48 -37.64 -72.61 23.00
CA ALA Y 48 -36.64 -72.01 22.12
C ALA Y 48 -35.85 -73.09 21.40
N ALA Y 49 -35.50 -74.17 22.09
CA ALA Y 49 -34.79 -75.26 21.43
C ALA Y 49 -35.64 -75.89 20.34
N ILE Y 50 -36.93 -76.07 20.60
CA ILE Y 50 -37.82 -76.62 19.57
C ILE Y 50 -37.91 -75.69 18.38
N ALA Y 51 -38.03 -74.38 18.62
CA ALA Y 51 -38.11 -73.43 17.52
C ALA Y 51 -36.84 -73.41 16.69
N GLN Y 52 -35.68 -73.48 17.35
CA GLN Y 52 -34.41 -73.44 16.61
C GLN Y 52 -34.11 -74.77 15.93
N GLN Y 53 -34.64 -75.87 16.46
CA GLN Y 53 -34.44 -77.16 15.80
C GLN Y 53 -35.25 -77.26 14.51
N ALA Y 54 -36.41 -76.62 14.46
CA ALA Y 54 -37.34 -76.81 13.35
C ALA Y 54 -36.86 -76.20 12.04
N VAL Y 55 -35.80 -75.38 12.07
CA VAL Y 55 -35.25 -74.84 10.83
C VAL Y 55 -34.46 -75.96 10.17
N SER Y 56 -34.96 -76.42 9.02
CA SER Y 56 -34.42 -77.62 8.38
C SER Y 56 -33.18 -77.27 7.56
N ILE Y 57 -32.01 -77.50 8.13
CA ILE Y 57 -30.75 -77.30 7.41
C ILE Y 57 -30.51 -78.53 6.56
N GLY Y 58 -30.22 -78.32 5.28
CA GLY Y 58 -29.90 -79.42 4.39
C GLY Y 58 -31.13 -79.97 3.66
N GLN Y 59 -30.85 -80.63 2.54
CA GLN Y 59 -31.90 -81.23 1.72
C GLN Y 59 -32.14 -82.68 2.14
N ALA Y 60 -32.34 -82.85 3.45
CA ALA Y 60 -32.58 -84.16 4.00
C ALA Y 60 -33.86 -84.26 4.83
N SER Y 61 -34.70 -83.22 4.83
CA SER Y 61 -35.95 -83.22 5.60
C SER Y 61 -37.03 -82.57 4.73
N GLN Y 62 -37.88 -83.39 4.13
CA GLN Y 62 -38.96 -82.93 3.26
C GLN Y 62 -38.44 -82.03 2.14
N LEU Y 138 -62.18 -85.61 18.04
CA LEU Y 138 -60.94 -84.87 18.26
C LEU Y 138 -60.76 -84.52 19.73
N THR Y 139 -59.60 -84.87 20.28
CA THR Y 139 -59.28 -84.54 21.66
C THR Y 139 -58.95 -83.05 21.76
N VAL Y 140 -58.63 -82.60 22.99
CA VAL Y 140 -58.35 -81.18 23.20
C VAL Y 140 -57.10 -80.76 22.45
N SER Y 141 -56.02 -81.53 22.57
CA SER Y 141 -54.76 -81.17 21.92
C SER Y 141 -54.92 -81.18 20.40
N GLU Y 142 -55.56 -82.22 19.86
CA GLU Y 142 -55.73 -82.31 18.42
C GLU Y 142 -56.63 -81.18 17.90
N GLN Y 143 -57.72 -80.88 18.62
CA GLN Y 143 -58.61 -79.82 18.19
C GLN Y 143 -57.92 -78.47 18.19
N GLU Y 144 -57.17 -78.17 19.26
CA GLU Y 144 -56.50 -76.88 19.34
C GLU Y 144 -55.36 -76.78 18.33
N ALA Y 145 -54.66 -77.89 18.07
CA ALA Y 145 -53.63 -77.90 17.04
C ALA Y 145 -54.23 -77.66 15.66
N ASN Y 146 -55.38 -78.29 15.38
CA ASN Y 146 -56.05 -78.04 14.11
C ASN Y 146 -56.49 -76.58 13.98
N ALA Y 147 -57.01 -76.02 15.08
CA ALA Y 147 -57.43 -74.62 15.05
C ALA Y 147 -56.27 -73.68 14.78
N VAL Y 148 -55.14 -73.91 15.46
CA VAL Y 148 -53.98 -73.03 15.26
C VAL Y 148 -53.37 -73.24 13.89
N ARG Y 149 -53.44 -74.46 13.35
CA ARG Y 149 -52.98 -74.70 11.99
C ARG Y 149 -53.83 -73.95 10.98
N VAL Y 150 -55.15 -73.97 11.17
CA VAL Y 150 -56.05 -73.22 10.28
C VAL Y 150 -55.76 -71.73 10.40
N GLU Y 151 -55.50 -71.26 11.62
CA GLU Y 151 -55.19 -69.85 11.82
C GLU Y 151 -53.89 -69.46 11.13
N LEU Y 152 -52.87 -70.33 11.20
CA LEU Y 152 -51.62 -70.08 10.50
C LEU Y 152 -51.83 -70.04 8.99
N GLY Y 153 -52.62 -70.97 8.46
CA GLY Y 153 -52.92 -70.95 7.04
C GLY Y 153 -53.64 -69.69 6.62
N ASP Y 154 -54.60 -69.24 7.42
CA ASP Y 154 -55.31 -68.01 7.12
C ASP Y 154 -54.38 -66.80 7.18
N LEU Y 155 -53.45 -66.80 8.15
CA LEU Y 155 -52.48 -65.72 8.22
C LEU Y 155 -51.59 -65.68 6.98
N TYR Y 156 -51.12 -66.85 6.54
CA TYR Y 156 -50.30 -66.89 5.34
C TYR Y 156 -51.09 -66.43 4.11
N ASN Y 157 -52.34 -66.86 4.01
CA ASN Y 157 -53.17 -66.45 2.89
C ASN Y 157 -53.41 -64.95 2.89
N GLU Y 158 -53.65 -64.37 4.07
CA GLU Y 158 -53.83 -62.92 4.16
C GLU Y 158 -52.56 -62.18 3.79
N TRP Y 159 -51.41 -62.68 4.25
CA TRP Y 159 -50.14 -62.02 3.92
C TRP Y 159 -49.85 -62.09 2.42
N ARG Y 160 -50.12 -63.24 1.79
CA ARG Y 160 -49.82 -63.40 0.37
C ARG Y 160 -50.79 -62.60 -0.49
N SER Y 161 -52.09 -62.69 -0.19
CA SER Y 161 -53.09 -62.04 -1.03
C SER Y 161 -53.04 -60.52 -0.86
N GLY Y 162 -52.76 -60.04 0.36
CA GLY Y 162 -52.73 -58.63 0.63
C GLY Y 162 -51.46 -57.92 0.27
N ASP Y 163 -50.50 -58.63 -0.35
CA ASP Y 163 -49.21 -58.05 -0.73
C ASP Y 163 -48.48 -57.48 0.48
N LYS Y 164 -48.64 -58.15 1.62
CA LYS Y 164 -48.00 -57.68 2.86
C LYS Y 164 -46.51 -57.98 2.87
N PHE Y 165 -46.08 -59.01 2.13
CA PHE Y 165 -44.65 -59.33 2.06
C PHE Y 165 -43.84 -58.22 1.40
N ARG Y 166 -44.47 -57.42 0.54
CA ARG Y 166 -43.78 -56.33 -0.14
C ARG Y 166 -44.09 -54.96 0.45
N SER Y 167 -45.33 -54.73 0.89
CA SER Y 167 -45.72 -53.42 1.38
C SER Y 167 -45.14 -53.11 2.76
N GLU Y 168 -45.09 -54.11 3.64
CA GLU Y 168 -44.64 -53.85 5.00
C GLU Y 168 -43.12 -53.92 5.08
N PRO Y 169 -42.48 -52.97 5.76
CA PRO Y 169 -41.01 -52.95 5.78
C PRO Y 169 -40.37 -54.20 6.37
N GLY Y 170 -40.98 -54.81 7.37
CA GLY Y 170 -40.40 -55.98 7.99
C GLY Y 170 -41.08 -57.27 7.58
N GLY Y 171 -41.47 -57.36 6.31
CA GLY Y 171 -42.33 -58.41 5.80
C GLY Y 171 -42.04 -59.83 6.25
N MET Y 172 -40.89 -60.39 5.83
CA MET Y 172 -40.60 -61.78 6.13
C MET Y 172 -40.43 -61.99 7.63
N THR Y 173 -39.68 -61.10 8.29
CA THR Y 173 -39.49 -61.21 9.73
C THR Y 173 -40.81 -61.05 10.47
N LYS Y 174 -41.66 -60.13 10.04
CA LYS Y 174 -42.94 -59.94 10.70
C LYS Y 174 -43.83 -61.17 10.53
N PHE Y 175 -43.85 -61.76 9.33
CA PHE Y 175 -44.63 -62.97 9.12
C PHE Y 175 -44.14 -64.10 10.01
N ARG Y 176 -42.82 -64.30 10.06
CA ARG Y 176 -42.27 -65.35 10.90
C ARG Y 176 -42.59 -65.12 12.37
N ASP Y 177 -42.44 -63.87 12.84
CA ASP Y 177 -42.69 -63.57 14.24
C ASP Y 177 -44.17 -63.72 14.58
N ALA Y 178 -45.06 -63.34 13.67
CA ALA Y 178 -46.49 -63.55 13.91
C ALA Y 178 -46.81 -65.02 14.01
N GLY Y 179 -46.25 -65.84 13.11
CA GLY Y 179 -46.47 -67.27 13.18
C GLY Y 179 -45.95 -67.87 14.48
N LEU Y 180 -44.74 -67.47 14.88
CA LEU Y 180 -44.17 -67.98 16.12
C LEU Y 180 -44.97 -67.54 17.34
N ALA Y 181 -45.45 -66.30 17.36
CA ALA Y 181 -46.28 -65.83 18.46
C ALA Y 181 -47.58 -66.61 18.53
N ARG Y 182 -48.19 -66.89 17.37
CA ARG Y 182 -49.42 -67.67 17.37
C ARG Y 182 -49.18 -69.09 17.87
N ILE Y 183 -48.07 -69.71 17.46
CA ILE Y 183 -47.79 -71.08 17.87
C ILE Y 183 -47.46 -71.16 19.35
N MET Y 184 -46.61 -70.27 19.85
CA MET Y 184 -46.12 -70.34 21.22
C MET Y 184 -47.11 -69.82 22.25
N SER Y 185 -48.14 -69.08 21.84
CA SER Y 185 -49.13 -68.61 22.79
C SER Y 185 -50.03 -69.72 23.29
N ARG Y 186 -49.96 -70.91 22.71
CA ARG Y 186 -50.78 -72.06 23.10
C ARG Y 186 -49.90 -73.02 23.89
N THR Y 187 -50.03 -72.99 25.21
CA THR Y 187 -49.27 -73.89 26.06
C THR Y 187 -49.92 -75.25 26.24
N ASN Y 188 -51.09 -75.48 25.65
CA ASN Y 188 -51.81 -76.74 25.76
C ASN Y 188 -51.59 -77.62 24.53
N ILE Y 189 -50.38 -77.62 23.97
CA ILE Y 189 -50.06 -78.36 22.75
C ILE Y 189 -48.86 -79.25 23.03
N THR Y 190 -48.94 -80.49 22.55
CA THR Y 190 -47.81 -81.41 22.67
C THR Y 190 -46.64 -80.92 21.82
N GLU Y 191 -45.44 -81.40 22.18
CA GLU Y 191 -44.22 -80.93 21.52
C GLU Y 191 -44.22 -81.31 20.03
N ALA Y 192 -44.67 -82.52 19.70
CA ALA Y 192 -44.65 -82.95 18.30
C ALA Y 192 -45.56 -82.08 17.44
N GLN Y 193 -46.74 -81.74 17.95
CA GLN Y 193 -47.65 -80.88 17.20
C GLN Y 193 -47.04 -79.49 17.00
N LYS Y 194 -46.36 -78.96 18.02
CA LYS Y 194 -45.68 -77.68 17.86
C LYS Y 194 -44.59 -77.76 16.81
N LYS Y 195 -43.83 -78.86 16.80
CA LYS Y 195 -42.81 -79.03 15.79
C LYS Y 195 -43.41 -79.07 14.39
N GLU Y 196 -44.54 -79.78 14.23
CA GLU Y 196 -45.20 -79.84 12.93
C GLU Y 196 -45.68 -78.46 12.49
N LEU Y 197 -46.28 -77.70 13.41
CA LEU Y 197 -46.78 -76.37 13.07
C LEU Y 197 -45.63 -75.44 12.67
N ILE Y 198 -44.54 -75.47 13.43
CA ILE Y 198 -43.39 -74.62 13.09
C ILE Y 198 -42.77 -75.06 11.77
N ASN Y 199 -42.78 -76.36 11.49
CA ASN Y 199 -42.29 -76.84 10.20
C ASN Y 199 -43.15 -76.31 9.06
N LEU Y 200 -44.47 -76.30 9.23
CA LEU Y 200 -45.36 -75.76 8.20
C LEU Y 200 -45.08 -74.27 7.99
N HIS Y 201 -44.95 -73.52 9.10
CA HIS Y 201 -44.68 -72.09 8.99
C HIS Y 201 -43.35 -71.82 8.30
N TYR Y 202 -42.32 -72.59 8.64
CA TYR Y 202 -41.02 -72.43 8.01
C TYR Y 202 -41.07 -72.84 6.54
N GLY Y 203 -41.90 -73.82 6.19
CA GLY Y 203 -42.07 -74.15 4.79
C GLY Y 203 -42.68 -73.02 4.00
N ASN Y 204 -43.69 -72.36 4.56
CA ASN Y 204 -44.25 -71.18 3.91
C ASN Y 204 -43.21 -70.08 3.76
N TRP Y 205 -42.41 -69.86 4.82
CA TRP Y 205 -41.37 -68.84 4.77
C TRP Y 205 -40.32 -69.17 3.70
N ASP Y 206 -39.94 -70.44 3.59
CA ASP Y 206 -38.98 -70.85 2.57
C ASP Y 206 -39.57 -70.71 1.17
N ALA Y 207 -40.87 -70.94 1.02
CA ALA Y 207 -41.50 -70.71 -0.28
C ALA Y 207 -41.41 -69.23 -0.67
N GLU Y 208 -41.68 -68.35 0.30
CA GLU Y 208 -41.55 -66.92 0.02
C GLU Y 208 -40.11 -66.55 -0.32
N MET Y 209 -39.15 -67.13 0.41
CA MET Y 209 -37.74 -66.91 0.11
C MET Y 209 -37.39 -67.38 -1.30
N LYS Y 210 -37.93 -68.53 -1.71
CA LYS Y 210 -37.67 -69.04 -3.04
C LYS Y 210 -38.21 -68.10 -4.12
N ALA Y 211 -39.42 -67.58 -3.92
CA ALA Y 211 -39.98 -66.62 -4.88
C ALA Y 211 -39.11 -65.37 -4.97
N TYR Y 212 -38.69 -64.85 -3.82
CA TYR Y 212 -37.85 -63.65 -3.81
C TYR Y 212 -36.51 -63.91 -4.49
N SER Y 213 -35.91 -65.07 -4.23
CA SER Y 213 -34.66 -65.42 -4.88
C SER Y 213 -34.83 -65.56 -6.38
N ASP Y 214 -35.97 -66.10 -6.83
CA ASP Y 214 -36.23 -66.21 -8.26
C ASP Y 214 -36.31 -64.82 -8.90
N ARG Y 215 -36.99 -63.89 -8.24
CA ARG Y 215 -37.07 -62.53 -8.78
C ARG Y 215 -35.70 -61.88 -8.85
N THR Y 216 -34.89 -62.05 -7.79
CA THR Y 216 -33.54 -61.51 -7.80
C THR Y 216 -32.70 -62.13 -8.91
N ALA Y 217 -32.88 -63.44 -9.14
CA ALA Y 217 -32.14 -64.11 -10.20
C ALA Y 217 -32.54 -63.57 -11.57
N LYS Y 218 -33.82 -63.30 -11.77
CA LYS Y 218 -34.26 -62.69 -13.03
C LYS Y 218 -33.61 -61.33 -13.24
N TYR Y 219 -33.56 -60.52 -12.19
CA TYR Y 219 -32.90 -59.21 -12.28
C TYR Y 219 -31.42 -59.37 -12.64
N ALA Y 220 -30.74 -60.29 -11.97
CA ALA Y 220 -29.30 -60.47 -12.22
C ALA Y 220 -29.03 -60.95 -13.64
N GLU Y 221 -29.83 -61.92 -14.12
CA GLU Y 221 -29.62 -62.40 -15.48
C GLU Y 221 -29.89 -61.30 -16.49
N GLU Y 222 -30.92 -60.48 -16.26
CA GLU Y 222 -31.17 -59.36 -17.16
C GLU Y 222 -29.96 -58.43 -17.22
N VAL Y 223 -29.39 -58.09 -16.07
CA VAL Y 223 -28.25 -57.18 -16.04
C VAL Y 223 -27.06 -57.77 -16.81
N SER Y 224 -26.71 -59.02 -16.48
CA SER Y 224 -25.55 -59.65 -17.10
C SER Y 224 -25.75 -59.79 -18.61
N GLN Y 225 -26.95 -60.19 -19.03
CA GLN Y 225 -27.24 -60.36 -20.45
C GLN Y 225 -27.14 -59.03 -21.18
N VAL Y 226 -27.65 -57.95 -20.58
CA VAL Y 226 -27.55 -56.64 -21.21
C VAL Y 226 -26.09 -56.26 -21.41
N ARG Y 227 -25.27 -56.45 -20.38
CA ARG Y 227 -23.85 -56.09 -20.48
C ARG Y 227 -23.15 -56.88 -21.58
N ARG Y 228 -23.35 -58.21 -21.57
CA ARG Y 228 -22.69 -59.06 -22.57
C ARG Y 228 -23.15 -58.71 -23.97
N GLU Y 229 -24.46 -58.45 -24.14
CA GLU Y 229 -24.98 -58.09 -25.45
C GLU Y 229 -24.39 -56.78 -25.94
N SER Y 230 -24.23 -55.79 -25.04
CA SER Y 230 -23.63 -54.53 -25.44
C SER Y 230 -22.21 -54.73 -25.93
N VAL Y 231 -21.41 -55.51 -25.21
CA VAL Y 231 -20.02 -55.74 -25.62
C VAL Y 231 -19.97 -56.45 -26.98
N ILE Y 232 -20.78 -57.51 -27.11
CA ILE Y 232 -20.77 -58.29 -28.35
C ILE Y 232 -21.21 -57.43 -29.52
N LYS Y 233 -22.24 -56.60 -29.33
CA LYS Y 233 -22.71 -55.75 -30.41
C LYS Y 233 -21.69 -54.71 -30.80
N GLU Y 234 -20.95 -54.16 -29.83
CA GLU Y 234 -19.88 -53.23 -30.22
C GLU Y 234 -18.86 -53.91 -31.10
N ARG Y 235 -18.38 -55.09 -30.68
CA ARG Y 235 -17.35 -55.76 -31.47
C ARG Y 235 -17.87 -56.12 -32.86
N THR Y 236 -19.09 -56.63 -32.93
CA THR Y 236 -19.66 -57.03 -34.22
C THR Y 236 -19.85 -55.81 -35.12
N PHE Y 237 -20.33 -54.70 -34.57
CA PHE Y 237 -20.51 -53.49 -35.37
C PHE Y 237 -19.17 -52.98 -35.91
N ARG Y 238 -18.14 -52.98 -35.07
CA ARG Y 238 -16.83 -52.52 -35.55
C ARG Y 238 -16.33 -53.39 -36.69
N VAL Y 239 -16.36 -54.71 -36.51
CA VAL Y 239 -15.89 -55.61 -37.57
C VAL Y 239 -16.72 -55.42 -38.83
N ASN Y 240 -18.03 -55.30 -38.66
CA ASN Y 240 -18.93 -55.18 -39.80
C ASN Y 240 -18.64 -53.92 -40.60
N SER Y 241 -18.46 -52.79 -39.90
CA SER Y 241 -18.18 -51.54 -40.59
C SER Y 241 -16.82 -51.57 -41.28
N VAL Y 242 -15.81 -52.15 -40.63
CA VAL Y 242 -14.50 -52.24 -41.28
C VAL Y 242 -14.58 -53.10 -42.55
N VAL Y 243 -15.25 -54.25 -42.46
CA VAL Y 243 -15.33 -55.14 -43.61
C VAL Y 243 -16.13 -54.50 -44.75
N SER Y 244 -17.21 -53.82 -44.41
CA SER Y 244 -18.11 -53.27 -45.43
C SER Y 244 -17.58 -51.99 -46.07
N GLY Y 245 -16.50 -51.43 -45.57
CA GLY Y 245 -15.94 -50.22 -46.14
C GLY Y 245 -15.11 -50.39 -47.39
N LEU Y 246 -14.94 -51.64 -47.85
CA LEU Y 246 -14.13 -51.90 -49.02
C LEU Y 246 -14.89 -51.57 -50.30
N THR Y 247 -14.16 -51.04 -51.28
CA THR Y 247 -14.70 -50.59 -52.55
C THR Y 247 -14.68 -51.78 -53.52
N TRP Y 248 -15.12 -51.56 -54.75
CA TRP Y 248 -15.15 -52.64 -55.75
C TRP Y 248 -13.76 -53.22 -55.98
N ASP Y 249 -12.75 -52.37 -56.07
CA ASP Y 249 -11.40 -52.79 -56.39
C ASP Y 249 -10.44 -52.69 -55.21
N ALA Y 250 -10.96 -52.65 -53.99
CA ALA Y 250 -10.12 -52.51 -52.81
C ALA Y 250 -9.51 -53.85 -52.41
N ASP Y 251 -8.33 -53.78 -51.78
CA ASP Y 251 -7.66 -54.96 -51.26
C ASP Y 251 -7.97 -55.10 -49.78
N PRO Y 252 -8.34 -56.29 -49.29
CA PRO Y 252 -8.82 -56.42 -47.92
C PRO Y 252 -7.74 -56.70 -46.87
N THR Y 253 -6.46 -56.47 -47.18
CA THR Y 253 -5.40 -56.80 -46.23
C THR Y 253 -5.57 -56.05 -44.91
N ASP Y 254 -5.79 -54.73 -44.99
CA ASP Y 254 -5.99 -53.95 -43.77
C ASP Y 254 -7.27 -54.35 -43.05
N ALA Y 255 -8.35 -54.58 -43.81
CA ALA Y 255 -9.60 -55.03 -43.19
C ALA Y 255 -9.44 -56.39 -42.54
N ILE Y 256 -8.69 -57.29 -43.19
CA ILE Y 256 -8.46 -58.62 -42.62
C ILE Y 256 -7.65 -58.49 -41.33
N LYS Y 257 -6.62 -57.64 -41.32
CA LYS Y 257 -5.84 -57.44 -40.10
C LYS Y 257 -6.69 -56.86 -38.97
N LYS Y 258 -7.58 -55.92 -39.30
CA LYS Y 258 -8.46 -55.35 -38.29
C LYS Y 258 -9.45 -56.37 -37.77
N VAL Y 259 -9.96 -57.24 -38.64
CA VAL Y 259 -10.81 -58.34 -38.19
C VAL Y 259 -10.04 -59.25 -37.25
N ASP Y 260 -8.78 -59.54 -37.59
CA ASP Y 260 -7.94 -60.34 -36.71
C ASP Y 260 -7.81 -59.67 -35.34
N ALA Y 261 -7.59 -58.35 -35.33
CA ALA Y 261 -7.43 -57.65 -34.06
C ALA Y 261 -8.70 -57.71 -33.21
N MET Y 262 -9.86 -57.49 -33.83
CA MET Y 262 -11.10 -57.55 -33.05
C MET Y 262 -11.43 -58.96 -32.59
N VAL Y 263 -11.16 -59.96 -33.42
CA VAL Y 263 -11.37 -61.34 -32.96
C VAL Y 263 -10.42 -61.68 -31.82
N SER Y 264 -9.19 -61.19 -31.88
CA SER Y 264 -8.25 -61.36 -30.79
C SER Y 264 -8.77 -60.72 -29.51
N SER Y 265 -9.32 -59.52 -29.62
CA SER Y 265 -9.89 -58.85 -28.44
C SER Y 265 -11.08 -59.62 -27.89
N THR Y 266 -11.92 -60.17 -28.77
CA THR Y 266 -13.13 -60.85 -28.32
C THR Y 266 -12.80 -62.18 -27.65
N VAL Y 267 -11.89 -62.96 -28.23
CA VAL Y 267 -11.59 -64.28 -27.68
C VAL Y 267 -10.88 -64.15 -26.34
N ASN Y 268 -9.99 -63.16 -26.20
CA ASN Y 268 -9.24 -63.01 -24.96
C ASN Y 268 -10.07 -62.34 -23.87
N ASP Y 269 -11.23 -61.78 -24.23
CA ASP Y 269 -12.06 -61.09 -23.25
C ASP Y 269 -12.47 -62.03 -22.12
N GLN Y 270 -12.02 -61.71 -20.90
CA GLN Y 270 -12.27 -62.57 -19.76
C GLN Y 270 -13.66 -62.35 -19.15
N ASN Y 271 -14.38 -61.32 -19.56
CA ASN Y 271 -15.69 -61.01 -19.01
C ASN Y 271 -16.82 -61.72 -19.76
N LEU Y 272 -16.49 -62.52 -20.78
CA LEU Y 272 -17.49 -63.24 -21.55
C LEU Y 272 -17.26 -64.75 -21.42
N PRO Y 273 -18.32 -65.54 -21.49
CA PRO Y 273 -18.15 -67.00 -21.43
C PRO Y 273 -17.62 -67.55 -22.75
N LEU Y 274 -17.25 -68.83 -22.70
CA LEU Y 274 -16.69 -69.48 -23.88
C LEU Y 274 -17.69 -69.51 -25.03
N LEU Y 275 -18.95 -69.81 -24.74
CA LEU Y 275 -19.95 -69.91 -25.79
C LEU Y 275 -20.14 -68.57 -26.50
N ASP Y 276 -20.26 -67.49 -25.73
CA ASP Y 276 -20.46 -66.17 -26.32
C ASP Y 276 -19.26 -65.77 -27.17
N ARG Y 277 -18.05 -66.00 -26.66
CA ARG Y 277 -16.85 -65.63 -27.41
C ARG Y 277 -16.74 -66.42 -28.71
N LEU Y 278 -16.94 -67.73 -28.64
CA LEU Y 278 -16.87 -68.56 -29.85
C LEU Y 278 -17.92 -68.14 -30.86
N GLN Y 279 -19.14 -67.89 -30.40
CA GLN Y 279 -20.23 -67.54 -31.31
C GLN Y 279 -19.99 -66.19 -31.96
N ALA Y 280 -19.50 -65.21 -31.18
CA ALA Y 280 -19.19 -63.91 -31.74
C ALA Y 280 -18.08 -64.01 -32.78
N ALA Y 281 -17.01 -64.74 -32.46
CA ALA Y 281 -15.91 -64.89 -33.41
C ALA Y 281 -16.38 -65.59 -34.67
N ASN Y 282 -17.27 -66.58 -34.53
CA ASN Y 282 -17.86 -67.22 -35.70
C ASN Y 282 -18.63 -66.24 -36.54
N SER Y 283 -19.41 -65.35 -35.91
CA SER Y 283 -20.14 -64.34 -36.67
C SER Y 283 -19.20 -63.43 -37.44
N MET Y 284 -18.11 -62.99 -36.79
CA MET Y 284 -17.15 -62.10 -37.45
C MET Y 284 -16.48 -62.78 -38.64
N TYR Y 285 -15.99 -64.01 -38.45
CA TYR Y 285 -15.40 -64.73 -39.58
C TYR Y 285 -16.41 -65.01 -40.68
N ASN Y 286 -17.66 -65.32 -40.33
CA ASN Y 286 -18.67 -65.56 -41.35
C ASN Y 286 -18.91 -64.31 -42.19
N THR Y 287 -19.04 -63.15 -41.54
CA THR Y 287 -19.24 -61.91 -42.27
C THR Y 287 -18.02 -61.61 -43.16
N ALA Y 288 -16.82 -61.77 -42.61
CA ALA Y 288 -15.62 -61.49 -43.39
C ALA Y 288 -15.52 -62.40 -44.61
N TYR Y 289 -15.78 -63.70 -44.42
CA TYR Y 289 -15.73 -64.64 -45.53
C TYR Y 289 -16.79 -64.31 -46.57
N GLU Y 290 -17.99 -63.92 -46.12
CA GLU Y 290 -19.05 -63.56 -47.05
C GLU Y 290 -18.65 -62.36 -47.92
N LYS Y 291 -18.03 -61.35 -47.31
CA LYS Y 291 -17.77 -60.12 -48.04
C LYS Y 291 -16.51 -60.14 -48.90
N VAL Y 292 -15.66 -61.15 -48.77
CA VAL Y 292 -14.44 -61.24 -49.57
C VAL Y 292 -14.38 -62.54 -50.37
N VAL Y 293 -15.54 -63.13 -50.67
CA VAL Y 293 -15.57 -64.43 -51.34
C VAL Y 293 -14.99 -64.34 -52.75
N ASN Y 294 -15.07 -63.17 -53.38
CA ASN Y 294 -14.62 -63.03 -54.75
C ASN Y 294 -13.11 -62.90 -54.88
N ASN Y 295 -12.38 -62.72 -53.78
CA ASN Y 295 -10.94 -62.61 -53.80
C ASN Y 295 -10.34 -63.94 -53.32
N ALA Y 296 -9.47 -64.53 -54.14
CA ALA Y 296 -8.96 -65.86 -53.82
C ALA Y 296 -8.04 -65.83 -52.61
N THR Y 297 -7.13 -64.87 -52.55
CA THR Y 297 -6.17 -64.81 -51.45
C THR Y 297 -6.87 -64.54 -50.13
N ALA Y 298 -7.80 -63.58 -50.12
CA ALA Y 298 -8.55 -63.29 -48.91
C ALA Y 298 -9.41 -64.49 -48.49
N ARG Y 299 -10.02 -65.16 -49.47
CA ARG Y 299 -10.82 -66.34 -49.15
C ARG Y 299 -9.96 -67.42 -48.50
N ALA Y 300 -8.77 -67.66 -49.05
CA ALA Y 300 -7.88 -68.67 -48.49
C ALA Y 300 -7.44 -68.30 -47.08
N GLU Y 301 -7.10 -67.02 -46.87
CA GLU Y 301 -6.67 -66.59 -45.54
C GLU Y 301 -7.79 -66.75 -44.52
N VAL Y 302 -9.00 -66.33 -44.89
CA VAL Y 302 -10.13 -66.44 -43.97
C VAL Y 302 -10.46 -67.91 -43.69
N GLU Y 303 -10.36 -68.76 -44.71
CA GLU Y 303 -10.62 -70.18 -44.51
C GLU Y 303 -9.59 -70.81 -43.57
N ARG Y 304 -8.31 -70.45 -43.72
CA ARG Y 304 -7.30 -70.98 -42.83
C ARG Y 304 -7.52 -70.52 -41.39
N LYS Y 305 -7.89 -69.24 -41.22
CA LYS Y 305 -8.16 -68.77 -39.86
C LYS Y 305 -9.41 -69.42 -39.27
N MET Y 306 -10.41 -69.70 -40.10
CA MET Y 306 -11.58 -70.43 -39.63
C MET Y 306 -11.21 -71.84 -39.20
N LYS Y 307 -10.32 -72.50 -39.95
CA LYS Y 307 -9.85 -73.82 -39.54
C LYS Y 307 -9.10 -73.74 -38.20
N ALA Y 308 -8.28 -72.71 -38.03
CA ALA Y 308 -7.58 -72.53 -36.77
C ALA Y 308 -8.55 -72.35 -35.61
N LEU Y 309 -9.60 -71.54 -35.82
CA LEU Y 309 -10.60 -71.35 -34.76
C LEU Y 309 -11.38 -72.63 -34.50
N GLN Y 310 -11.62 -73.42 -35.55
CA GLN Y 310 -12.29 -74.71 -35.36
C GLN Y 310 -11.46 -75.65 -34.50
N ALA Y 311 -10.15 -75.71 -34.76
CA ALA Y 311 -9.27 -76.51 -33.90
C ALA Y 311 -9.25 -75.97 -32.48
N TYR Y 312 -9.24 -74.64 -32.34
CA TYR Y 312 -9.28 -74.05 -31.00
C TYR Y 312 -10.54 -74.46 -30.25
N GLN Y 313 -11.69 -74.45 -30.93
CA GLN Y 313 -12.92 -74.94 -30.30
C GLN Y 313 -12.80 -76.41 -29.93
N TYR Y 314 -12.28 -77.23 -30.86
CA TYR Y 314 -12.21 -78.66 -30.61
C TYR Y 314 -11.37 -78.97 -29.38
N GLU Y 315 -10.37 -78.13 -29.09
CA GLU Y 315 -9.58 -78.34 -27.88
C GLU Y 315 -10.20 -77.66 -26.66
N ALA Y 316 -10.79 -76.48 -26.83
CA ALA Y 316 -11.28 -75.72 -25.69
C ALA Y 316 -12.56 -76.29 -25.12
N ILE Y 317 -13.37 -76.99 -25.92
CA ILE Y 317 -14.55 -77.63 -25.37
C ILE Y 317 -14.14 -78.72 -24.38
N THR Y 318 -13.13 -79.52 -24.74
CA THR Y 318 -12.62 -80.52 -23.81
C THR Y 318 -11.95 -79.86 -22.61
N ASN Y 319 -11.19 -78.79 -22.82
CA ASN Y 319 -10.46 -78.17 -21.72
C ASN Y 319 -11.41 -77.53 -20.71
N TRP Y 320 -12.36 -76.73 -21.19
CA TRP Y 320 -13.14 -75.86 -20.30
C TRP Y 320 -14.10 -76.64 -19.42
N ASN Y 321 -14.68 -77.73 -19.93
CA ASN Y 321 -15.73 -78.44 -19.21
C ASN Y 321 -15.20 -79.55 -18.31
N ASP Y 322 -13.88 -79.71 -18.21
CA ASP Y 322 -13.30 -80.70 -17.31
C ASP Y 322 -13.43 -80.19 -15.88
N GLN Y 323 -14.09 -80.97 -15.03
CA GLN Y 323 -14.39 -80.54 -13.66
C GLN Y 323 -13.32 -80.93 -12.65
N THR Y 324 -12.28 -81.65 -13.07
CA THR Y 324 -11.24 -82.11 -12.17
C THR Y 324 -10.07 -81.15 -12.05
N LYS Y 325 -10.13 -80.00 -12.72
CA LYS Y 325 -9.04 -79.03 -12.69
C LYS Y 325 -9.51 -77.75 -12.00
N PRO Y 326 -8.61 -77.06 -11.29
CA PRO Y 326 -8.98 -75.81 -10.64
C PRO Y 326 -9.18 -74.69 -11.67
N ARG Y 327 -9.80 -73.61 -11.19
CA ARG Y 327 -10.11 -72.49 -12.08
C ARG Y 327 -8.85 -71.86 -12.65
N ALA Y 328 -7.83 -71.66 -11.81
CA ALA Y 328 -6.60 -71.01 -12.27
C ALA Y 328 -5.91 -71.86 -13.34
N GLU Y 329 -5.80 -73.16 -13.11
CA GLU Y 329 -5.16 -74.03 -14.09
C GLU Y 329 -5.96 -74.08 -15.39
N ARG Y 330 -7.29 -74.14 -15.29
CA ARG Y 330 -8.12 -74.16 -16.49
C ARG Y 330 -7.96 -72.88 -17.28
N GLU Y 331 -7.95 -71.72 -16.61
CA GLU Y 331 -7.78 -70.45 -17.31
C GLU Y 331 -6.39 -70.34 -17.94
N ALA Y 332 -5.35 -70.80 -17.22
CA ALA Y 332 -4.01 -70.76 -17.80
C ALA Y 332 -3.92 -71.66 -19.02
N PHE Y 333 -4.51 -72.85 -18.96
CA PHE Y 333 -4.50 -73.74 -20.12
C PHE Y 333 -5.30 -73.17 -21.27
N ASP Y 334 -6.41 -72.48 -20.97
CA ASP Y 334 -7.19 -71.85 -22.03
C ASP Y 334 -6.40 -70.72 -22.70
N GLN Y 335 -5.67 -69.93 -21.91
CA GLN Y 335 -4.83 -68.88 -22.49
C GLN Y 335 -3.72 -69.49 -23.34
N GLN Y 336 -3.14 -70.59 -22.87
CA GLN Y 336 -2.12 -71.28 -23.68
C GLN Y 336 -2.71 -71.81 -24.98
N LEU Y 337 -3.94 -72.34 -24.92
CA LEU Y 337 -4.62 -72.79 -26.12
C LEU Y 337 -4.86 -71.64 -27.09
N GLN Y 338 -5.30 -70.49 -26.57
CA GLN Y 338 -5.53 -69.32 -27.41
C GLN Y 338 -4.23 -68.86 -28.07
N ALA Y 339 -3.14 -68.84 -27.32
CA ALA Y 339 -1.86 -68.40 -27.88
C ALA Y 339 -1.31 -69.43 -28.85
N LYS Y 340 -1.68 -70.71 -28.69
CA LYS Y 340 -1.19 -71.75 -29.58
C LYS Y 340 -1.67 -71.53 -31.00
N HIS Y 341 -2.94 -71.16 -31.17
CA HIS Y 341 -3.54 -71.02 -32.49
C HIS Y 341 -3.38 -69.62 -33.06
N GLY Y 342 -2.62 -68.75 -32.41
CA GLY Y 342 -2.41 -67.41 -32.92
C GLY Y 342 -3.62 -66.51 -32.83
N LEU Y 343 -4.51 -66.75 -31.87
CA LEU Y 343 -5.70 -65.94 -31.72
C LEU Y 343 -5.41 -64.65 -30.97
N ASN Y 344 -4.94 -64.75 -29.73
CA ASN Y 344 -4.68 -63.58 -28.90
C ASN Y 344 -3.22 -63.11 -29.02
N VAL Y 345 -2.87 -62.66 -30.22
CA VAL Y 345 -1.49 -62.26 -30.48
C VAL Y 345 -1.19 -60.88 -29.90
N ASP Y 346 -2.01 -59.88 -30.26
CA ASP Y 346 -1.70 -58.51 -29.89
C ASP Y 346 -1.79 -58.30 -28.38
N SER Y 347 -2.86 -58.82 -27.76
CA SER Y 347 -3.03 -58.65 -26.32
C SER Y 347 -1.93 -59.37 -25.54
N SER Y 348 -1.56 -60.57 -25.98
CA SER Y 348 -0.47 -61.29 -25.32
C SER Y 348 0.84 -60.54 -25.46
N TYR Y 349 1.09 -59.96 -26.65
CA TYR Y 349 2.31 -59.17 -26.82
C TYR Y 349 2.32 -57.96 -25.90
N MET Y 350 1.18 -57.28 -25.78
CA MET Y 350 1.09 -56.12 -24.89
C MET Y 350 1.36 -56.53 -23.44
N ALA Y 351 0.73 -57.62 -23.00
CA ALA Y 351 0.94 -58.08 -21.62
C ALA Y 351 2.39 -58.48 -21.38
N TRP Y 352 2.99 -59.19 -22.33
CA TRP Y 352 4.37 -59.63 -22.17
C TRP Y 352 5.32 -58.44 -22.13
N GLU Y 353 5.10 -57.43 -22.97
CA GLU Y 353 5.95 -56.27 -22.97
C GLU Y 353 5.78 -55.46 -21.68
N ASN Y 354 4.55 -55.35 -21.18
CA ASN Y 354 4.33 -54.69 -19.90
C ASN Y 354 5.06 -55.42 -18.77
N SER Y 355 5.00 -56.75 -18.78
CA SER Y 355 5.71 -57.52 -17.77
C SER Y 355 7.22 -57.35 -17.90
N ARG Y 356 7.73 -57.25 -19.13
CA ARG Y 356 9.15 -57.03 -19.33
C ARG Y 356 9.58 -55.69 -18.75
N LYS Y 357 8.79 -54.63 -19.02
CA LYS Y 357 9.10 -53.33 -18.43
C LYS Y 357 9.02 -53.38 -16.90
N GLN Y 358 8.03 -54.10 -16.36
CA GLN Y 358 7.92 -54.19 -14.91
C GLN Y 358 9.12 -54.90 -14.30
N TYR Y 359 9.60 -55.96 -14.95
CA TYR Y 359 10.76 -56.67 -14.44
C TYR Y 359 12.03 -55.83 -14.54
N ILE Y 360 12.18 -55.08 -15.63
CA ILE Y 360 13.34 -54.19 -15.77
C ILE Y 360 13.30 -53.12 -14.68
N GLU Y 361 12.11 -52.58 -14.41
CA GLU Y 361 11.97 -51.60 -13.34
C GLU Y 361 12.29 -52.21 -11.99
N PHE Y 362 11.90 -53.47 -11.79
CA PHE Y 362 12.25 -54.18 -10.56
C PHE Y 362 13.76 -54.26 -10.38
N GLN Y 363 14.47 -54.68 -11.43
CA GLN Y 363 15.92 -54.76 -11.35
C GLN Y 363 16.55 -53.40 -11.08
N GLN Y 364 16.07 -52.37 -11.79
CA GLN Y 364 16.64 -51.04 -11.61
C GLN Y 364 16.40 -50.51 -10.20
N GLN Y 365 15.21 -50.75 -9.66
CA GLN Y 365 14.92 -50.30 -8.30
C GLN Y 365 15.76 -51.05 -7.27
N SER Y 366 15.99 -52.35 -7.49
CA SER Y 366 16.88 -53.10 -6.60
C SER Y 366 18.29 -52.53 -6.63
N ARG Y 367 18.80 -52.25 -7.84
CA ARG Y 367 20.13 -51.66 -7.96
C ARG Y 367 20.19 -50.29 -7.30
N GLN Y 368 19.12 -49.50 -7.44
CA GLN Y 368 19.08 -48.20 -6.76
C GLN Y 368 19.10 -48.36 -5.25
N LEU Y 369 18.39 -49.36 -4.72
CA LEU Y 369 18.44 -49.62 -3.28
C LEU Y 369 19.87 -49.93 -2.84
N GLN Y 370 20.55 -50.80 -3.59
CA GLN Y 370 21.91 -51.17 -3.22
C GLN Y 370 22.85 -49.97 -3.29
N ASP Y 371 22.69 -49.13 -4.32
CA ASP Y 371 23.51 -47.91 -4.41
C ASP Y 371 23.20 -46.97 -3.26
N LEU Y 372 21.93 -46.85 -2.87
CA LEU Y 372 21.53 -45.97 -1.79
C LEU Y 372 22.14 -46.41 -0.46
N GLU Y 373 22.19 -47.71 -0.21
CA GLU Y 373 22.69 -48.20 1.07
C GLU Y 373 24.14 -47.80 1.28
N GLN Y 374 24.98 -47.94 0.26
CA GLN Y 374 26.39 -47.64 0.41
C GLN Y 374 26.74 -46.20 0.06
N ASN Y 375 25.78 -45.39 -0.41
CA ASN Y 375 26.04 -44.00 -0.70
C ASN Y 375 25.92 -43.10 0.52
N GLY Y 376 25.47 -43.66 1.65
CA GLY Y 376 25.30 -42.88 2.86
C GLY Y 376 23.97 -42.19 2.99
N LEU Y 377 23.09 -42.29 2.00
CA LEU Y 377 21.79 -41.64 2.07
C LEU Y 377 20.85 -42.40 3.01
N ILE Y 378 20.95 -43.72 3.02
CA ILE Y 378 20.09 -44.57 3.85
C ILE Y 378 20.97 -45.44 4.73
N ASP Y 379 20.61 -45.52 6.01
CA ASP Y 379 21.31 -46.39 6.94
C ASP Y 379 20.79 -47.82 6.82
N SER Y 380 21.40 -48.74 7.56
CA SER Y 380 21.11 -50.16 7.39
C SER Y 380 19.66 -50.49 7.76
N ALA Y 381 19.17 -49.92 8.87
CA ALA Y 381 17.83 -50.28 9.34
C ALA Y 381 16.76 -49.81 8.37
N ARG Y 382 16.82 -48.53 7.96
CA ARG Y 382 15.84 -48.04 7.00
C ARG Y 382 15.98 -48.75 5.66
N LYS Y 383 17.21 -49.10 5.27
CA LYS Y 383 17.41 -49.83 4.03
C LYS Y 383 16.74 -51.20 4.06
N VAL Y 384 16.91 -51.94 5.16
CA VAL Y 384 16.31 -53.27 5.23
C VAL Y 384 14.80 -53.17 5.32
N ASN Y 385 14.28 -52.18 6.06
CA ASN Y 385 12.84 -51.98 6.12
C ASN Y 385 12.27 -51.65 4.75
N LEU Y 386 12.94 -50.77 4.01
CA LEU Y 386 12.46 -50.39 2.69
C LEU Y 386 12.56 -51.55 1.71
N SER Y 387 13.61 -52.37 1.82
CA SER Y 387 13.72 -53.54 0.97
C SER Y 387 12.59 -54.53 1.23
N ASP Y 388 12.28 -54.76 2.51
CA ASP Y 388 11.16 -55.64 2.84
C ASP Y 388 9.85 -55.08 2.30
N ASP Y 389 9.63 -53.77 2.46
CA ASP Y 389 8.41 -53.16 1.95
C ASP Y 389 8.31 -53.28 0.43
N PHE Y 390 9.43 -53.06 -0.26
CA PHE Y 390 9.45 -53.13 -1.71
C PHE Y 390 9.15 -54.54 -2.21
N VAL Y 391 9.79 -55.54 -1.59
CA VAL Y 391 9.52 -56.93 -1.99
C VAL Y 391 8.08 -57.30 -1.70
N GLY Y 392 7.56 -56.90 -0.54
CA GLY Y 392 6.18 -57.20 -0.20
C GLY Y 392 5.21 -56.54 -1.16
N SER Y 393 5.50 -55.31 -1.57
CA SER Y 393 4.64 -54.63 -2.55
C SER Y 393 4.67 -55.35 -3.89
N VAL Y 394 5.83 -55.82 -4.31
CA VAL Y 394 5.92 -56.57 -5.57
C VAL Y 394 5.08 -57.84 -5.50
N VAL Y 395 5.22 -58.59 -4.40
CA VAL Y 395 4.45 -59.84 -4.26
C VAL Y 395 2.96 -59.54 -4.20
N GLN Y 396 2.57 -58.48 -3.49
CA GLN Y 396 1.16 -58.13 -3.39
C GLN Y 396 0.60 -57.76 -4.76
N LEU Y 397 1.35 -57.00 -5.55
CA LEU Y 397 0.91 -56.66 -6.89
C LEU Y 397 0.76 -57.91 -7.76
N ILE Y 398 1.71 -58.83 -7.67
CA ILE Y 398 1.65 -60.02 -8.50
C ILE Y 398 0.47 -60.89 -8.10
N LEU Y 399 0.23 -61.04 -6.79
CA LEU Y 399 -0.80 -61.96 -6.33
C LEU Y 399 -2.19 -61.36 -6.41
N TYR Y 400 -2.43 -60.27 -5.68
CA TYR Y 400 -3.77 -59.71 -5.52
C TYR Y 400 -4.04 -58.53 -6.44
N GLY Y 401 -3.19 -58.31 -7.43
CA GLY Y 401 -3.43 -57.22 -8.36
C GLY Y 401 -4.67 -57.46 -9.21
N GLU Y 402 -5.30 -56.36 -9.60
CA GLU Y 402 -6.52 -56.41 -10.42
C GLU Y 402 -6.14 -56.29 -11.91
N GLY Y 403 -5.60 -57.37 -12.44
CA GLY Y 403 -5.21 -57.38 -13.83
C GLY Y 403 -4.62 -58.73 -14.21
N ASN Y 404 -4.21 -58.81 -15.48
CA ASN Y 404 -3.58 -60.04 -16.00
C ASN Y 404 -2.09 -59.99 -15.65
N THR Y 405 -1.80 -60.35 -14.40
CA THR Y 405 -0.43 -60.37 -13.89
C THR Y 405 0.24 -61.72 -14.06
N ALA Y 406 -0.41 -62.66 -14.76
CA ALA Y 406 0.17 -63.99 -14.91
C ALA Y 406 1.49 -63.96 -15.66
N ALA Y 407 1.66 -63.01 -16.57
CA ALA Y 407 2.92 -62.93 -17.32
C ALA Y 407 4.09 -62.62 -16.40
N LEU Y 408 3.91 -61.69 -15.45
CA LEU Y 408 4.97 -61.39 -14.50
C LEU Y 408 5.24 -62.57 -13.59
N LYS Y 409 4.21 -63.30 -13.20
CA LYS Y 409 4.41 -64.50 -12.38
C LYS Y 409 5.21 -65.55 -13.14
N GLU Y 410 4.91 -65.73 -14.44
CA GLU Y 410 5.70 -66.65 -15.25
C GLU Y 410 7.13 -66.18 -15.39
N ARG Y 411 7.33 -64.87 -15.53
CA ARG Y 411 8.68 -64.32 -15.62
C ARG Y 411 9.47 -64.59 -14.35
N PHE Y 412 8.82 -64.45 -13.19
CA PHE Y 412 9.54 -64.63 -11.92
C PHE Y 412 9.78 -66.11 -11.62
N THR Y 413 8.74 -66.93 -11.68
CA THR Y 413 8.88 -68.34 -11.31
C THR Y 413 9.77 -69.09 -12.28
N ASP Y 414 9.65 -68.82 -13.58
CA ASP Y 414 10.41 -69.51 -14.62
C ASP Y 414 11.40 -68.53 -15.25
N ASN Y 415 12.63 -68.99 -15.45
CA ASN Y 415 13.71 -68.11 -15.89
C ASN Y 415 14.68 -68.89 -16.76
N ARG Y 416 15.45 -68.16 -17.57
CA ARG Y 416 16.31 -68.78 -18.56
C ARG Y 416 17.79 -68.69 -18.21
N ASN Y 417 18.31 -67.47 -18.05
CA ASN Y 417 19.76 -67.23 -17.92
C ASN Y 417 20.01 -66.14 -16.89
N PHE Y 418 20.49 -66.56 -15.71
CA PHE Y 418 20.86 -65.68 -14.60
C PHE Y 418 19.83 -64.58 -14.34
N GLU Y 419 18.57 -64.86 -14.68
CA GLU Y 419 17.45 -63.99 -14.35
C GLU Y 419 16.63 -64.72 -13.30
N ALA Y 420 16.00 -63.96 -12.40
CA ALA Y 420 15.24 -64.48 -11.28
C ALA Y 420 16.07 -65.36 -10.35
N ASN Y 421 17.39 -65.38 -10.52
CA ASN Y 421 18.29 -66.14 -9.67
C ASN Y 421 18.94 -65.30 -8.58
N THR Y 422 18.69 -63.99 -8.57
CA THR Y 422 19.23 -63.14 -7.52
C THR Y 422 18.50 -63.41 -6.21
N ALA Y 423 19.07 -62.90 -5.11
CA ALA Y 423 18.49 -63.12 -3.80
C ALA Y 423 17.10 -62.52 -3.69
N GLY Y 424 16.93 -61.29 -4.19
CA GLY Y 424 15.62 -60.65 -4.13
C GLY Y 424 14.57 -61.38 -4.96
N ALA Y 425 14.93 -61.77 -6.18
CA ALA Y 425 13.99 -62.48 -7.03
C ALA Y 425 13.70 -63.87 -6.49
N GLY Y 426 14.70 -64.52 -5.90
CA GLY Y 426 14.45 -65.80 -5.25
C GLY Y 426 13.50 -65.66 -4.08
N GLU Y 427 13.66 -64.61 -3.28
CA GLU Y 427 12.73 -64.35 -2.19
C GLU Y 427 11.33 -64.07 -2.72
N VAL Y 428 11.23 -63.35 -3.85
CA VAL Y 428 9.94 -63.09 -4.46
C VAL Y 428 9.28 -64.40 -4.90
N ARG Y 429 10.06 -65.31 -5.50
CA ARG Y 429 9.53 -66.61 -5.89
C ARG Y 429 9.04 -67.39 -4.67
N ARG Y 430 9.83 -67.39 -3.59
CA ARG Y 430 9.44 -68.10 -2.38
C ARG Y 430 8.17 -67.52 -1.79
N LEU Y 431 8.05 -66.20 -1.76
CA LEU Y 431 6.85 -65.56 -1.24
C LEU Y 431 5.64 -65.89 -2.11
N LEU Y 432 5.81 -65.87 -3.43
CA LEU Y 432 4.71 -66.23 -4.33
C LEU Y 432 4.25 -67.66 -4.08
N GLU Y 433 5.20 -68.56 -3.81
CA GLU Y 433 4.82 -69.94 -3.55
C GLU Y 433 4.16 -70.10 -2.18
N ALA Y 434 4.60 -69.33 -1.18
CA ALA Y 434 4.23 -69.62 0.21
C ALA Y 434 3.06 -68.80 0.73
N VAL Y 435 2.84 -67.57 0.25
CA VAL Y 435 1.87 -66.68 0.89
C VAL Y 435 0.46 -67.25 0.87
N PRO Y 436 -0.10 -67.70 -0.27
CA PRO Y 436 -1.42 -68.33 -0.19
C PRO Y 436 -1.43 -69.58 0.67
N ARG Y 437 -0.36 -70.38 0.58
CA ARG Y 437 -0.25 -71.56 1.43
C ARG Y 437 -0.18 -71.17 2.89
N MET Y 438 0.59 -70.14 3.23
CA MET Y 438 0.71 -69.71 4.62
C MET Y 438 -0.62 -69.20 5.15
N ARG Y 439 -1.35 -68.43 4.34
CA ARG Y 439 -2.64 -67.92 4.80
C ARG Y 439 -3.66 -69.04 5.00
N ARG Y 440 -3.73 -69.97 4.04
CA ARG Y 440 -4.65 -71.10 4.19
C ARG Y 440 -4.29 -71.95 5.39
N GLU Y 441 -2.98 -72.19 5.59
CA GLU Y 441 -2.53 -72.97 6.72
C GLU Y 441 -2.85 -72.28 8.04
N THR Y 442 -2.70 -70.95 8.08
CA THR Y 442 -3.05 -70.20 9.29
C THR Y 442 -4.54 -70.32 9.59
N ASP Y 443 -5.39 -70.20 8.58
CA ASP Y 443 -6.83 -70.35 8.81
C ASP Y 443 -7.17 -71.74 9.31
N SER Y 444 -6.58 -72.77 8.68
CA SER Y 444 -6.84 -74.14 9.10
C SER Y 444 -6.36 -74.39 10.52
N LEU Y 445 -5.19 -73.85 10.87
CA LEU Y 445 -4.66 -74.03 12.22
C LEU Y 445 -5.49 -73.29 13.25
N ARG Y 446 -6.03 -72.11 12.90
CA ARG Y 446 -6.92 -71.41 13.83
C ARG Y 446 -8.19 -72.21 14.07
N SER Y 447 -8.77 -72.78 13.01
CA SER Y 447 -9.93 -73.65 13.19
C SER Y 447 -9.57 -74.86 14.05
N ASP Y 448 -8.39 -75.42 13.83
CA ASP Y 448 -7.93 -76.56 14.62
C ASP Y 448 -7.80 -76.20 16.09
N ASN Y 449 -7.25 -75.01 16.38
CA ASN Y 449 -7.09 -74.57 17.76
C ASN Y 449 -8.44 -74.36 18.43
N ALA Y 450 -9.40 -73.78 17.70
CA ALA Y 450 -10.75 -73.63 18.25
C ALA Y 450 -11.37 -74.99 18.53
N ALA Y 451 -11.18 -75.95 17.62
CA ALA Y 451 -11.72 -77.29 17.84
C ALA Y 451 -11.10 -77.95 19.06
N LEU Y 452 -9.79 -77.82 19.22
CA LEU Y 452 -9.11 -78.41 20.36
C LEU Y 452 -9.56 -77.76 21.67
N GLN Y 453 -9.77 -76.45 21.67
CA GLN Y 453 -10.24 -75.78 22.87
C GLN Y 453 -11.66 -76.23 23.24
N VAL Y 454 -12.54 -76.34 22.24
CA VAL Y 454 -13.90 -76.80 22.51
C VAL Y 454 -13.88 -78.24 23.04
N ALA Y 455 -13.04 -79.08 22.44
CA ALA Y 455 -12.93 -80.46 22.90
C ALA Y 455 -12.38 -80.52 24.33
N ARG Y 456 -11.43 -79.64 24.66
CA ARG Y 456 -10.89 -79.60 26.00
C ARG Y 456 -11.97 -79.20 27.01
N THR Y 457 -12.77 -78.19 26.68
CA THR Y 457 -13.83 -77.78 27.60
C THR Y 457 -14.85 -78.90 27.80
N ARG Y 458 -15.24 -79.56 26.70
CA ARG Y 458 -16.21 -80.63 26.83
C ARG Y 458 -15.63 -81.85 27.55
N LEU Y 459 -14.31 -82.05 27.45
CA LEU Y 459 -13.67 -83.13 28.20
C LEU Y 459 -13.60 -82.79 29.68
N GLN Y 460 -13.37 -81.52 30.01
CA GLN Y 460 -13.41 -81.10 31.41
C GLN Y 460 -14.81 -81.24 31.99
N ARG Y 461 -15.85 -81.06 31.17
CA ARG Y 461 -17.21 -81.17 31.67
C ARG Y 461 -17.66 -82.64 31.76
N GLU Y 462 -17.72 -83.32 30.62
CA GLU Y 462 -18.30 -84.67 30.50
C GLU Y 462 -17.37 -85.57 29.72
N GLY Y 463 -16.10 -85.65 30.17
CA GLY Y 463 -15.03 -86.27 29.41
C GLY Y 463 -15.30 -87.58 28.69
N VAL Y 464 -15.55 -88.66 29.43
CA VAL Y 464 -15.68 -89.97 28.80
C VAL Y 464 -16.83 -89.99 27.80
N THR Y 465 -17.97 -89.42 28.20
CA THR Y 465 -19.14 -89.42 27.32
C THR Y 465 -18.86 -88.64 26.04
N PHE Y 466 -18.16 -87.51 26.14
CA PHE Y 466 -17.85 -86.74 24.95
C PHE Y 466 -16.91 -87.50 24.02
N LEU Y 467 -15.87 -88.12 24.57
CA LEU Y 467 -14.94 -88.88 23.72
C LEU Y 467 -15.64 -90.04 23.03
N MET Y 468 -16.57 -90.71 23.73
CA MET Y 468 -17.29 -91.80 23.07
C MET Y 468 -18.41 -91.29 22.17
N ASN Y 469 -18.79 -90.01 22.28
CA ASN Y 469 -19.90 -89.45 21.52
C ASN Y 469 -19.53 -88.16 20.80
N ALA Y 470 -18.28 -88.03 20.37
CA ALA Y 470 -17.84 -86.81 19.71
C ALA Y 470 -18.40 -86.73 18.29
N ASP Y 471 -18.49 -85.51 17.77
CA ASP Y 471 -18.94 -85.28 16.41
C ASP Y 471 -17.79 -85.60 15.45
N ALA Y 472 -18.11 -85.70 14.15
CA ALA Y 472 -17.12 -86.13 13.16
C ALA Y 472 -15.93 -85.17 13.10
N ARG Y 473 -16.15 -83.89 13.41
CA ARG Y 473 -15.04 -82.94 13.42
C ARG Y 473 -14.01 -83.32 14.47
N THR Y 474 -14.47 -83.71 15.67
CA THR Y 474 -13.54 -84.04 16.74
C THR Y 474 -12.84 -85.36 16.48
N ARG Y 475 -13.56 -86.35 15.93
CA ARG Y 475 -12.97 -87.65 15.67
C ARG Y 475 -11.76 -87.54 14.74
N GLY Y 476 -11.80 -86.60 13.80
CA GLY Y 476 -10.69 -86.38 12.91
C GLY Y 476 -9.43 -85.98 13.66
N LEU Y 477 -9.59 -85.13 14.67
CA LEU Y 477 -8.44 -84.73 15.47
C LEU Y 477 -8.05 -85.81 16.47
N LEU Y 478 -9.02 -86.60 16.94
CA LEU Y 478 -8.71 -87.71 17.82
C LEU Y 478 -7.85 -88.74 17.09
N GLU Y 479 -8.18 -89.02 15.83
CA GLU Y 479 -7.34 -89.91 15.03
C GLU Y 479 -5.94 -89.33 14.85
N SER Y 480 -5.86 -88.03 14.59
CA SER Y 480 -4.57 -87.35 14.41
C SER Y 480 -3.81 -87.27 15.72
N LEU Y 496 -16.80 -98.18 35.34
CA LEU Y 496 -17.49 -99.39 35.77
C LEU Y 496 -17.23 -99.64 37.25
N THR Y 497 -16.22 -100.45 37.55
CA THR Y 497 -15.78 -100.68 38.92
C THR Y 497 -15.02 -99.44 39.40
N PRO Y 498 -14.85 -99.26 40.71
CA PRO Y 498 -14.20 -98.03 41.18
C PRO Y 498 -12.81 -97.79 40.62
N GLU Y 499 -12.04 -98.85 40.36
CA GLU Y 499 -10.70 -98.65 39.80
C GLU Y 499 -10.76 -98.30 38.31
N GLN Y 500 -11.73 -98.86 37.59
CA GLN Y 500 -11.85 -98.56 36.16
C GLN Y 500 -12.20 -97.09 35.93
N GLN Y 501 -13.04 -96.51 36.79
CA GLN Y 501 -13.38 -95.10 36.68
C GLN Y 501 -12.14 -94.23 36.84
N ALA Y 502 -11.30 -94.57 37.83
CA ALA Y 502 -10.06 -93.81 38.04
C ALA Y 502 -9.12 -93.98 36.85
N GLU Y 503 -9.02 -95.20 36.31
CA GLU Y 503 -8.15 -95.41 35.15
C GLU Y 503 -8.61 -94.61 33.94
N TYR Y 504 -9.92 -94.59 33.69
CA TYR Y 504 -10.44 -93.82 32.57
C TYR Y 504 -10.29 -92.31 32.81
N ALA Y 505 -10.41 -91.87 34.06
CA ALA Y 505 -10.15 -90.47 34.38
C ALA Y 505 -8.70 -90.10 34.09
N ARG Y 506 -7.78 -91.01 34.43
CA ARG Y 506 -6.37 -90.78 34.13
C ARG Y 506 -6.14 -90.72 32.62
N GLN Y 507 -6.81 -91.60 31.87
CA GLN Y 507 -6.71 -91.57 30.42
C GLN Y 507 -7.21 -90.24 29.85
N THR Y 508 -8.34 -89.76 30.37
CA THR Y 508 -8.88 -88.48 29.92
C THR Y 508 -7.93 -87.34 30.26
N ASN Y 509 -7.29 -87.41 31.43
CA ASN Y 509 -6.30 -86.40 31.79
C ASN Y 509 -5.12 -86.42 30.84
N GLN Y 510 -4.67 -87.61 30.44
CA GLN Y 510 -3.59 -87.72 29.46
C GLN Y 510 -4.01 -87.12 28.12
N VAL Y 511 -5.25 -87.38 27.70
CA VAL Y 511 -5.78 -86.83 26.46
C VAL Y 511 -5.80 -85.30 26.56
N GLN Y 512 -6.18 -84.78 27.72
CA GLN Y 512 -6.20 -83.34 27.94
C GLN Y 512 -4.79 -82.75 27.85
N GLN Y 513 -3.80 -83.45 28.40
CA GLN Y 513 -2.42 -82.99 28.28
C GLN Y 513 -1.96 -82.97 26.82
N ALA Y 514 -2.33 -83.99 26.05
CA ALA Y 514 -2.02 -84.00 24.63
C ALA Y 514 -2.69 -82.85 23.91
N ILE Y 515 -3.94 -82.54 24.30
CA ILE Y 515 -4.65 -81.41 23.71
C ILE Y 515 -3.93 -80.10 24.03
N GLU Y 516 -3.47 -79.95 25.27
CA GLU Y 516 -2.66 -78.79 25.64
C GLU Y 516 -1.43 -78.66 24.75
N GLN Y 517 -0.70 -79.77 24.57
CA GLN Y 517 0.51 -79.72 23.77
C GLN Y 517 0.21 -79.34 22.33
N GLN Y 518 -0.84 -79.94 21.74
CA GLN Y 518 -1.19 -79.62 20.36
C GLN Y 518 -1.64 -78.17 20.22
N ILE Y 519 -2.39 -77.66 21.21
CA ILE Y 519 -2.81 -76.26 21.17
C ILE Y 519 -1.59 -75.34 21.22
N ILE Y 520 -0.63 -75.65 22.09
CA ILE Y 520 0.57 -74.82 22.18
C ILE Y 520 1.32 -74.82 20.87
N ILE Y 521 1.49 -76.01 20.27
CA ILE Y 521 2.23 -76.12 19.01
C ILE Y 521 1.52 -75.32 17.91
N ASN Y 522 0.19 -75.48 17.80
CA ASN Y 522 -0.56 -74.78 16.77
C ASN Y 522 -0.50 -73.28 16.97
N ASP Y 523 -0.62 -72.81 18.22
CA ASP Y 523 -0.57 -71.37 18.47
C ASP Y 523 0.80 -70.80 18.13
N GLN Y 524 1.87 -71.50 18.49
CA GLN Y 524 3.20 -71.03 18.13
C GLN Y 524 3.38 -70.97 16.62
N ARG Y 525 2.91 -72.00 15.91
CA ARG Y 525 3.05 -72.03 14.46
C ARG Y 525 2.24 -70.90 13.82
N VAL Y 526 1.04 -70.63 14.33
CA VAL Y 526 0.21 -69.54 13.81
C VAL Y 526 0.90 -68.20 14.05
N GLN Y 527 1.47 -68.00 15.24
CA GLN Y 527 2.17 -66.76 15.52
C GLN Y 527 3.36 -66.57 14.61
N ASN Y 528 4.11 -67.65 14.35
CA ASN Y 528 5.24 -67.57 13.43
C ASN Y 528 4.77 -67.19 12.03
N ASN Y 529 3.71 -67.83 11.55
CA ASN Y 529 3.19 -67.50 10.22
C ASN Y 529 2.73 -66.06 10.15
N ALA Y 530 2.04 -65.58 11.19
CA ALA Y 530 1.55 -64.21 11.20
C ALA Y 530 2.72 -63.21 11.19
N ALA Y 531 3.75 -63.48 11.98
CA ALA Y 531 4.91 -62.58 12.00
C ALA Y 531 5.61 -62.56 10.65
N GLU Y 532 5.79 -63.74 10.04
CA GLU Y 532 6.46 -63.79 8.74
C GLU Y 532 5.65 -63.06 7.68
N LEU Y 533 4.33 -63.21 7.69
CA LEU Y 533 3.49 -62.49 6.73
C LEU Y 533 3.53 -61.00 6.98
N ALA Y 534 3.46 -60.58 8.25
CA ALA Y 534 3.43 -59.16 8.56
C ALA Y 534 4.77 -58.47 8.35
N LYS Y 535 5.85 -59.24 8.27
CA LYS Y 535 7.15 -58.64 7.95
C LYS Y 535 7.12 -57.92 6.60
N TYR Y 536 6.41 -58.49 5.61
CA TYR Y 536 6.32 -57.90 4.29
C TYR Y 536 5.03 -57.12 4.07
N GLY Y 537 4.16 -57.03 5.06
CA GLY Y 537 2.91 -56.30 4.92
C GLY Y 537 1.80 -57.06 4.25
N LEU Y 538 1.89 -58.39 4.17
CA LEU Y 538 0.88 -59.21 3.52
C LEU Y 538 -0.07 -59.87 4.50
N SER Y 539 -0.07 -59.43 5.76
CA SER Y 539 -0.95 -59.97 6.78
C SER Y 539 -2.32 -59.31 6.78
N GLU Y 540 -2.54 -58.32 5.93
CA GLU Y 540 -3.83 -57.65 5.86
C GLU Y 540 -4.88 -58.58 5.25
N PRO Y 541 -6.16 -58.32 5.51
CA PRO Y 541 -7.21 -59.13 4.89
C PRO Y 541 -7.15 -59.06 3.36
N GLU Y 542 -7.78 -60.05 2.72
CA GLU Y 542 -7.69 -60.18 1.28
C GLU Y 542 -8.29 -58.97 0.56
N ASP Y 543 -9.39 -58.44 1.07
CA ASP Y 543 -10.04 -57.29 0.42
C ASP Y 543 -9.12 -56.08 0.40
N VAL Y 544 -8.47 -55.78 1.52
CA VAL Y 544 -7.57 -54.64 1.59
C VAL Y 544 -6.37 -54.85 0.67
N LEU Y 545 -5.82 -56.06 0.66
CA LEU Y 545 -4.68 -56.36 -0.21
C LEU Y 545 -5.05 -56.17 -1.67
N ARG Y 546 -6.25 -56.62 -2.06
CA ARG Y 546 -6.71 -56.40 -3.42
C ARG Y 546 -6.92 -54.92 -3.71
N LYS Y 547 -7.41 -54.15 -2.72
CA LYS Y 547 -7.73 -52.75 -2.95
C LYS Y 547 -6.49 -51.87 -3.01
N ASN Y 548 -5.48 -52.17 -2.18
CA ASN Y 548 -4.32 -51.29 -2.03
C ASN Y 548 -3.10 -51.76 -2.80
N ALA Y 549 -3.23 -52.78 -3.66
CA ALA Y 549 -2.07 -53.32 -4.35
C ALA Y 549 -1.46 -52.29 -5.30
N ALA Y 550 -2.27 -51.78 -6.24
CA ALA Y 550 -1.76 -50.82 -7.21
C ALA Y 550 -1.30 -49.54 -6.54
N THR Y 551 -2.06 -49.05 -5.56
CA THR Y 551 -1.67 -47.83 -4.88
C THR Y 551 -0.36 -47.99 -4.14
N ARG Y 552 -0.18 -49.12 -3.44
CA ARG Y 552 1.07 -49.36 -2.72
C ARG Y 552 2.24 -49.47 -3.69
N ARG Y 553 2.05 -50.17 -4.81
CA ARG Y 553 3.14 -50.30 -5.78
C ARG Y 553 3.50 -48.94 -6.37
N LYS Y 554 2.50 -48.12 -6.69
CA LYS Y 554 2.76 -46.80 -7.25
C LYS Y 554 3.48 -45.91 -6.24
N LEU Y 555 3.08 -45.98 -4.96
CA LEU Y 555 3.76 -45.19 -3.94
C LEU Y 555 5.20 -45.63 -3.77
N VAL Y 556 5.45 -46.94 -3.79
CA VAL Y 556 6.81 -47.43 -3.69
C VAL Y 556 7.64 -46.97 -4.89
N ASN Y 557 7.04 -46.99 -6.08
CA ASN Y 557 7.74 -46.52 -7.27
C ASN Y 557 8.09 -45.04 -7.17
N ASP Y 558 7.14 -44.23 -6.68
CA ASP Y 558 7.41 -42.80 -6.54
C ASP Y 558 8.52 -42.54 -5.52
N THR Y 559 8.48 -43.25 -4.40
CA THR Y 559 9.54 -43.10 -3.39
C THR Y 559 10.89 -43.50 -3.97
N MET Y 560 10.92 -44.61 -4.73
CA MET Y 560 12.16 -45.05 -5.34
C MET Y 560 12.67 -44.04 -6.36
N TYR Y 561 11.76 -43.42 -7.12
CA TYR Y 561 12.16 -42.41 -8.08
C TYR Y 561 12.78 -41.20 -7.39
N GLN Y 562 12.16 -40.73 -6.31
CA GLN Y 562 12.72 -39.58 -5.58
C GLN Y 562 14.08 -39.93 -4.99
N LEU Y 563 14.20 -41.13 -4.41
CA LEU Y 563 15.49 -41.54 -3.86
C LEU Y 563 16.54 -41.66 -4.97
N GLY Y 564 16.13 -42.12 -6.15
CA GLY Y 564 17.06 -42.21 -7.26
C GLY Y 564 17.53 -40.85 -7.74
N THR Y 565 16.62 -39.87 -7.76
CA THR Y 565 17.03 -38.51 -8.11
C THR Y 565 18.02 -37.96 -7.08
N GLN Y 566 17.77 -38.20 -5.80
CA GLN Y 566 18.71 -37.73 -4.77
C GLN Y 566 20.06 -38.42 -4.92
N ALA Y 567 20.06 -39.72 -5.20
CA ALA Y 567 21.31 -40.45 -5.42
C ALA Y 567 22.04 -39.95 -6.66
N GLU Y 568 21.30 -39.60 -7.71
CA GLU Y 568 21.92 -39.04 -8.90
C GLU Y 568 22.60 -37.70 -8.58
N GLN Y 569 21.93 -36.86 -7.79
CA GLN Y 569 22.55 -35.60 -7.38
C GLN Y 569 23.82 -35.84 -6.57
N VAL Y 570 23.77 -36.80 -5.64
CA VAL Y 570 24.95 -37.13 -4.84
C VAL Y 570 26.08 -37.62 -5.75
N ARG Y 571 25.75 -38.48 -6.72
CA ARG Y 571 26.77 -38.97 -7.64
C ARG Y 571 27.38 -37.83 -8.46
N ARG Y 572 26.55 -36.87 -8.86
CA ARG Y 572 27.07 -35.68 -9.55
C ARG Y 572 28.06 -34.95 -8.66
N THR Y 573 27.74 -34.80 -7.37
CA THR Y 573 28.64 -34.15 -6.43
C THR Y 573 29.73 -35.10 -5.90
N GLN Y 574 29.57 -36.41 -6.09
CA GLN Y 574 30.52 -37.38 -5.56
C GLN Y 574 31.84 -37.25 -6.31
N THR Y 575 32.86 -36.74 -5.63
CA THR Y 575 34.20 -36.62 -6.20
C THR Y 575 35.06 -37.77 -5.70
N SER Y 576 35.25 -38.77 -6.56
CA SER Y 576 36.06 -39.94 -6.22
C SER Y 576 37.31 -40.04 -7.09
N GLY Y 577 37.15 -40.03 -8.41
CA GLY Y 577 38.30 -40.12 -9.29
C GLY Y 577 38.99 -41.46 -9.17
N TYR Y 578 40.31 -41.42 -9.30
CA TYR Y 578 41.15 -42.62 -9.25
C TYR Y 578 42.60 -42.17 -9.05
N GLY Y 579 43.53 -43.11 -9.18
CA GLY Y 579 44.93 -42.77 -9.11
C GLY Y 579 44.83 -42.09 -10.46
N GLN Y 580 45.30 -40.85 -10.54
CA GLN Y 580 45.15 -40.03 -11.73
C GLN Y 580 46.62 -39.73 -11.92
N LEU Y 581 47.21 -40.26 -12.99
CA LEU Y 581 48.59 -39.98 -13.33
C LEU Y 581 48.73 -38.54 -13.82
N GLY Y 582 49.93 -37.98 -13.65
CA GLY Y 582 50.19 -36.65 -14.13
C GLY Y 582 49.61 -35.56 -13.24
N ILE Y 583 49.27 -34.43 -13.87
CA ILE Y 583 48.79 -33.27 -13.12
C ILE Y 583 47.44 -33.57 -12.50
N THR Y 584 47.31 -33.29 -11.21
CA THR Y 584 46.06 -33.45 -10.47
C THR Y 584 45.66 -32.15 -9.79
N SER Y 585 45.82 -31.03 -10.49
CA SER Y 585 45.44 -29.74 -9.94
C SER Y 585 43.92 -29.66 -9.82
N PRO Y 586 43.41 -28.79 -8.91
CA PRO Y 586 41.95 -28.67 -8.71
C PRO Y 586 41.25 -27.91 -9.83
N THR Y 587 41.59 -28.25 -11.07
CA THR Y 587 40.87 -27.78 -12.25
C THR Y 587 40.58 -28.98 -13.15
N THR Y 588 41.35 -30.05 -12.96
CA THR Y 588 41.15 -31.30 -13.69
C THR Y 588 40.15 -32.23 -13.02
N ALA Y 589 39.70 -31.91 -11.80
CA ALA Y 589 38.77 -32.77 -11.10
C ALA Y 589 37.43 -32.82 -11.82
N LEU Y 590 36.96 -31.69 -12.34
CA LEU Y 590 35.69 -31.64 -13.06
C LEU Y 590 35.84 -32.23 -14.46
N ASP Y 605 30.73 -52.77 -30.98
CA ASP Y 605 30.18 -53.03 -32.31
C ASP Y 605 30.42 -54.48 -32.73
N GLY Y 606 31.22 -55.20 -31.95
CA GLY Y 606 31.52 -56.59 -32.20
C GLY Y 606 32.99 -56.90 -32.36
N TYR Y 607 33.86 -55.91 -32.44
CA TYR Y 607 35.29 -56.12 -32.59
C TYR Y 607 36.01 -55.93 -31.26
N ARG Y 608 37.15 -56.60 -31.12
CA ARG Y 608 37.92 -56.53 -29.90
C ARG Y 608 38.47 -55.13 -29.70
N ARG Y 609 38.37 -54.63 -28.47
CA ARG Y 609 38.85 -53.29 -28.12
C ARG Y 609 40.19 -53.42 -27.41
N LEU Y 610 41.22 -52.82 -28.01
CA LEU Y 610 42.56 -52.84 -27.43
C LEU Y 610 42.75 -51.68 -26.47
N ARG Y 611 43.58 -51.90 -25.45
CA ARG Y 611 43.85 -50.85 -24.48
C ARG Y 611 44.65 -49.72 -25.15
N PRO Y 612 44.40 -48.47 -24.76
CA PRO Y 612 45.16 -47.38 -25.34
C PRO Y 612 46.63 -47.49 -24.97
N PRO Y 613 47.53 -47.02 -25.85
CA PRO Y 613 48.96 -47.10 -25.54
C PRO Y 613 49.35 -46.13 -24.44
N VAL Y 614 49.02 -46.45 -23.19
CA VAL Y 614 49.26 -45.59 -22.05
C VAL Y 614 50.25 -46.26 -21.12
N VAL Y 615 51.21 -45.47 -20.61
CA VAL Y 615 52.19 -45.95 -19.66
C VAL Y 615 51.71 -45.59 -18.26
N ALA Y 616 52.26 -46.29 -17.27
CA ALA Y 616 51.86 -46.10 -15.88
C ALA Y 616 52.84 -45.26 -15.08
N ASN Y 617 54.01 -44.95 -15.62
CA ASN Y 617 55.02 -44.16 -14.93
C ASN Y 617 55.55 -43.08 -15.85
N LEU Y 618 55.99 -41.98 -15.25
CA LEU Y 618 56.48 -40.83 -16.00
C LEU Y 618 57.80 -40.35 -15.43
N ALA Y 619 58.63 -39.75 -16.29
CA ALA Y 619 59.95 -39.32 -15.90
C ALA Y 619 59.89 -38.06 -15.06
N THR Y 620 60.71 -38.01 -14.01
CA THR Y 620 60.85 -36.83 -13.17
C THR Y 620 62.33 -36.51 -13.00
N VAL Y 621 62.63 -35.22 -12.89
CA VAL Y 621 64.00 -34.75 -12.71
C VAL Y 621 64.03 -33.83 -11.50
N LYS Y 622 64.88 -34.16 -10.53
CA LYS Y 622 65.12 -33.33 -9.37
C LYS Y 622 66.57 -32.84 -9.42
N PHE Y 623 66.75 -31.53 -9.38
CA PHE Y 623 68.07 -30.91 -9.54
C PHE Y 623 68.47 -30.30 -8.20
N THR Y 624 69.38 -30.98 -7.49
CA THR Y 624 69.92 -30.45 -6.26
C THR Y 624 71.16 -29.59 -6.51
N GLY Y 625 71.63 -29.54 -7.76
CA GLY Y 625 72.82 -28.77 -8.06
C GLY Y 625 72.54 -27.28 -8.12
N SER Y 626 73.62 -26.52 -8.37
CA SER Y 626 73.55 -25.08 -8.43
C SER Y 626 73.30 -24.55 -9.83
N SER Y 627 73.02 -25.42 -10.80
CA SER Y 627 72.69 -25.01 -12.15
C SER Y 627 71.32 -24.35 -12.12
N ARG Y 628 71.28 -23.03 -12.12
CA ARG Y 628 70.07 -22.27 -11.85
C ARG Y 628 69.70 -21.42 -13.05
N ASN Y 629 68.40 -21.38 -13.36
CA ASN Y 629 67.88 -20.52 -14.43
C ASN Y 629 66.58 -19.84 -14.03
N GLY Y 630 66.19 -19.90 -12.76
CA GLY Y 630 64.99 -19.26 -12.27
C GLY Y 630 64.02 -20.20 -11.56
N ILE Y 631 64.15 -21.51 -11.78
CA ILE Y 631 63.26 -22.47 -11.12
C ILE Y 631 63.75 -22.69 -9.69
N VAL Y 632 62.80 -22.86 -8.78
CA VAL Y 632 63.13 -22.89 -7.34
C VAL Y 632 64.04 -24.08 -7.06
N PRO Y 633 65.07 -23.91 -6.23
CA PRO Y 633 65.93 -25.03 -5.85
C PRO Y 633 65.15 -26.25 -5.40
N GLY Y 634 65.67 -27.42 -5.78
CA GLY Y 634 65.18 -28.68 -5.21
C GLY Y 634 63.76 -29.05 -5.59
N SER Y 635 63.25 -28.51 -6.69
CA SER Y 635 61.91 -28.85 -7.14
C SER Y 635 61.95 -30.02 -8.10
N LYS Y 636 60.85 -30.76 -8.15
CA LYS Y 636 60.71 -31.91 -9.04
C LYS Y 636 59.81 -31.54 -10.21
N VAL Y 637 60.28 -31.77 -11.42
CA VAL Y 637 59.54 -31.47 -12.64
C VAL Y 637 59.27 -32.78 -13.38
N MET Y 638 58.06 -32.89 -13.92
CA MET Y 638 57.64 -34.11 -14.62
C MET Y 638 57.86 -33.91 -16.11
N LEU Y 639 58.83 -34.62 -16.67
CA LEU Y 639 59.10 -34.54 -18.09
C LEU Y 639 58.08 -35.34 -18.89
N PRO Y 640 57.90 -35.02 -20.17
CA PRO Y 640 56.93 -35.77 -20.99
C PRO Y 640 57.49 -37.08 -21.52
N PHE Y 641 58.57 -37.58 -20.93
CA PHE Y 641 59.17 -38.84 -21.34
C PHE Y 641 58.81 -39.94 -20.35
N MET Y 642 59.03 -41.18 -20.78
CA MET Y 642 58.77 -42.34 -19.93
C MET Y 642 59.74 -42.36 -18.76
N ALA Y 643 59.30 -42.96 -17.65
CA ALA Y 643 60.14 -43.05 -16.47
C ALA Y 643 61.41 -43.84 -16.73
N ALA Y 644 61.35 -44.83 -17.62
CA ALA Y 644 62.55 -45.57 -17.99
C ALA Y 644 63.55 -44.72 -18.75
N ASP Y 645 63.12 -43.60 -19.32
CA ASP Y 645 63.98 -42.70 -20.06
C ASP Y 645 64.38 -41.48 -19.24
N ALA Y 646 64.13 -41.48 -17.93
CA ALA Y 646 64.44 -40.32 -17.11
C ALA Y 646 65.95 -40.07 -17.06
N GLY Y 647 66.75 -41.13 -16.95
CA GLY Y 647 68.19 -40.96 -16.86
C GLY Y 647 68.88 -40.72 -18.19
N ARG Y 648 68.20 -40.99 -19.30
CA ARG Y 648 68.80 -40.85 -20.62
C ARG Y 648 68.50 -39.51 -21.29
N VAL Y 649 67.78 -38.62 -20.61
CA VAL Y 649 67.43 -37.32 -21.17
C VAL Y 649 68.17 -36.24 -20.40
N ARG Y 650 68.42 -35.12 -21.07
CA ARG Y 650 69.12 -33.99 -20.48
C ARG Y 650 68.30 -32.72 -20.71
N VAL Y 651 68.37 -31.82 -19.72
CA VAL Y 651 67.60 -30.58 -19.74
C VAL Y 651 68.35 -29.47 -20.49
N ASN Y 652 69.56 -29.74 -20.95
CA ASN Y 652 70.41 -28.77 -21.63
C ASN Y 652 70.68 -27.55 -20.74
N SER Y 653 71.36 -27.83 -19.63
CA SER Y 653 71.75 -26.80 -18.65
C SER Y 653 70.55 -26.01 -18.15
N THR Y 664 68.22 -19.91 -27.52
CA THR Y 664 67.40 -19.03 -26.70
C THR Y 664 66.08 -18.71 -27.40
N HIS Y 665 65.00 -19.27 -26.87
CA HIS Y 665 63.66 -19.07 -27.41
C HIS Y 665 62.64 -19.33 -26.32
N ALA Y 666 61.37 -19.44 -26.71
CA ALA Y 666 60.28 -19.56 -25.75
C ALA Y 666 59.97 -20.98 -25.34
N GLY Y 667 60.64 -21.97 -25.92
CA GLY Y 667 60.38 -23.37 -25.61
C GLY Y 667 61.63 -24.05 -25.07
N GLU Y 668 61.43 -24.96 -24.13
CA GLU Y 668 62.54 -25.73 -23.59
C GLU Y 668 62.85 -26.93 -24.47
N ASP Y 669 64.13 -27.17 -24.72
CA ASP Y 669 64.59 -28.30 -25.51
C ASP Y 669 65.20 -29.34 -24.58
N ILE Y 670 64.70 -30.57 -24.67
CA ILE Y 670 65.19 -31.68 -23.86
C ILE Y 670 65.89 -32.65 -24.80
N ALA Y 671 67.19 -32.81 -24.62
CA ALA Y 671 67.96 -33.71 -25.48
C ALA Y 671 67.73 -35.16 -25.07
N ALA Y 672 67.32 -35.98 -26.02
CA ALA Y 672 67.04 -37.39 -25.78
C ALA Y 672 67.62 -38.22 -26.92
N PRO Y 673 67.97 -39.47 -26.66
CA PRO Y 673 68.45 -40.33 -27.75
C PRO Y 673 67.35 -40.59 -28.77
N GLY Y 674 67.76 -40.78 -30.02
CA GLY Y 674 66.83 -41.03 -31.10
C GLY Y 674 65.97 -42.25 -30.89
N GLY Y 675 64.66 -42.10 -31.07
CA GLY Y 675 63.73 -43.20 -30.93
C GLY Y 675 62.91 -43.19 -29.65
N THR Y 676 63.23 -42.32 -28.69
CA THR Y 676 62.45 -42.24 -27.47
C THR Y 676 61.05 -41.73 -27.75
N LYS Y 677 60.09 -42.17 -26.93
CA LYS Y 677 58.69 -41.87 -27.13
C LYS Y 677 58.28 -40.68 -26.26
N VAL Y 678 57.63 -39.70 -26.88
CA VAL Y 678 57.08 -38.56 -26.15
C VAL Y 678 55.73 -38.96 -25.58
N VAL Y 679 55.54 -38.72 -24.28
CA VAL Y 679 54.37 -39.18 -23.55
C VAL Y 679 53.65 -37.96 -22.98
N SER Y 680 52.34 -37.90 -23.18
CA SER Y 680 51.55 -36.80 -22.64
C SER Y 680 51.46 -36.91 -21.13
N TYR Y 681 51.88 -35.87 -20.43
CA TYR Y 681 51.85 -35.87 -18.97
C TYR Y 681 50.50 -35.44 -18.40
N VAL Y 682 49.60 -34.91 -19.23
CA VAL Y 682 48.29 -34.47 -18.77
C VAL Y 682 47.23 -35.06 -19.69
N SER Y 683 46.03 -35.21 -19.16
CA SER Y 683 44.90 -35.74 -19.92
C SER Y 683 44.15 -34.58 -20.58
N GLY Y 684 43.92 -34.69 -21.88
CA GLY Y 684 43.24 -33.64 -22.59
C GLY Y 684 42.86 -34.07 -23.99
N GLN Y 685 42.46 -33.08 -24.79
CA GLN Y 685 42.03 -33.29 -26.16
C GLN Y 685 43.09 -32.78 -27.12
N VAL Y 686 43.46 -33.62 -28.09
CA VAL Y 686 44.43 -33.22 -29.11
C VAL Y 686 43.75 -32.28 -30.09
N ILE Y 687 44.31 -31.08 -30.24
CA ILE Y 687 43.68 -30.07 -31.08
C ILE Y 687 44.08 -30.24 -32.54
N LYS Y 688 45.36 -30.43 -32.81
CA LYS Y 688 45.85 -30.46 -34.17
C LYS Y 688 47.15 -31.26 -34.25
N VAL Y 689 47.35 -31.91 -35.38
CA VAL Y 689 48.57 -32.67 -35.66
C VAL Y 689 48.99 -32.33 -37.09
N THR Y 690 49.90 -31.36 -37.23
CA THR Y 690 50.35 -30.94 -38.56
C THR Y 690 51.87 -30.90 -38.64
N ARG Y 691 52.39 -30.37 -39.75
CA ARG Y 691 53.82 -30.33 -40.00
C ARG Y 691 54.18 -29.00 -40.64
N GLN Y 692 55.23 -28.35 -40.11
CA GLN Y 692 55.77 -27.12 -40.68
C GLN Y 692 57.22 -27.37 -41.06
N LYS Y 693 57.50 -27.48 -42.35
CA LYS Y 693 58.85 -27.73 -42.84
C LYS Y 693 59.65 -26.44 -42.85
N GLY Y 694 60.89 -26.50 -42.36
CA GLY Y 694 61.73 -25.33 -42.33
C GLY Y 694 62.42 -25.07 -41.00
N ILE Y 695 62.09 -23.96 -40.37
CA ILE Y 695 62.82 -23.51 -39.18
C ILE Y 695 62.18 -24.04 -37.91
N GLY Y 696 60.93 -23.66 -37.65
CA GLY Y 696 60.28 -23.92 -36.38
C GLY Y 696 59.12 -24.88 -36.51
N TYR Y 697 58.91 -25.67 -35.45
CA TYR Y 697 57.78 -26.59 -35.34
C TYR Y 697 57.75 -27.58 -36.50
N GLY Y 698 58.80 -28.39 -36.60
CA GLY Y 698 58.87 -29.41 -37.63
C GLY Y 698 57.65 -30.30 -37.65
N ARG Y 699 57.49 -31.11 -36.60
CA ARG Y 699 56.26 -31.88 -36.38
C ARG Y 699 55.79 -31.56 -34.97
N TYR Y 700 54.69 -30.82 -34.86
CA TYR Y 700 54.21 -30.37 -33.57
C TYR Y 700 52.78 -30.86 -33.34
N ILE Y 701 52.51 -31.27 -32.10
CA ILE Y 701 51.21 -31.75 -31.68
C ILE Y 701 50.76 -30.93 -30.48
N THR Y 702 49.55 -30.37 -30.56
CA THR Y 702 49.01 -29.52 -29.52
C THR Y 702 47.91 -30.27 -28.77
N ILE Y 703 48.00 -30.29 -27.45
CA ILE Y 703 47.04 -30.96 -26.59
C ILE Y 703 46.42 -29.94 -25.65
N LYS Y 704 45.10 -29.87 -25.63
CA LYS Y 704 44.37 -28.99 -24.71
C LYS Y 704 44.22 -29.71 -23.39
N GLY Y 705 45.15 -29.46 -22.47
CA GLY Y 705 45.13 -30.15 -21.19
C GLY Y 705 43.94 -29.75 -20.34
N ASP Y 706 43.56 -30.66 -19.44
CA ASP Y 706 42.44 -30.41 -18.54
C ASP Y 706 42.73 -29.34 -17.51
N ASP Y 707 44.00 -28.95 -17.36
CA ASP Y 707 44.36 -27.88 -16.43
C ASP Y 707 44.10 -26.49 -16.98
N GLY Y 708 43.70 -26.38 -18.25
CA GLY Y 708 43.47 -25.10 -18.87
C GLY Y 708 44.66 -24.53 -19.62
N MET Y 709 45.75 -25.27 -19.74
CA MET Y 709 46.95 -24.83 -20.43
C MET Y 709 47.18 -25.69 -21.66
N TYR Y 710 47.62 -25.06 -22.74
CA TYR Y 710 47.89 -25.75 -23.99
C TYR Y 710 49.34 -26.18 -24.05
N HIS Y 711 49.57 -27.46 -24.33
CA HIS Y 711 50.90 -28.05 -24.34
C HIS Y 711 51.26 -28.44 -25.77
N ARG Y 712 52.41 -27.98 -26.24
CA ARG Y 712 52.87 -28.23 -27.59
C ARG Y 712 54.18 -29.00 -27.56
N PHE Y 713 54.24 -30.11 -28.28
CA PHE Y 713 55.46 -30.90 -28.45
C PHE Y 713 55.85 -30.85 -29.92
N ALA Y 714 56.99 -30.21 -30.20
CA ALA Y 714 57.44 -29.99 -31.57
C ALA Y 714 58.72 -30.76 -31.83
N HIS Y 715 59.20 -30.67 -33.07
CA HIS Y 715 60.39 -31.38 -33.53
C HIS Y 715 60.27 -32.89 -33.30
N LEU Y 716 59.18 -33.46 -33.79
CA LEU Y 716 58.93 -34.89 -33.66
C LEU Y 716 59.30 -35.62 -34.95
N SER Y 717 59.39 -36.94 -34.84
CA SER Y 717 59.67 -37.79 -35.99
C SER Y 717 58.38 -38.36 -36.58
N ALA Y 718 57.47 -38.81 -35.73
CA ALA Y 718 56.20 -39.37 -36.18
C ALA Y 718 55.13 -39.10 -35.13
N HIS Y 719 53.88 -39.13 -35.55
CA HIS Y 719 52.75 -38.93 -34.66
C HIS Y 719 52.06 -40.27 -34.37
N ASN Y 720 51.63 -40.44 -33.13
CA ASN Y 720 50.88 -41.62 -32.72
C ASN Y 720 49.44 -41.28 -32.34
N VAL Y 721 49.06 -40.01 -32.38
CA VAL Y 721 47.71 -39.60 -32.04
C VAL Y 721 47.05 -39.03 -33.30
N LYS Y 722 45.78 -38.69 -33.16
CA LYS Y 722 44.98 -38.15 -34.25
C LYS Y 722 44.31 -36.85 -33.81
N GLN Y 723 44.04 -35.98 -34.77
CA GLN Y 723 43.34 -34.74 -34.48
C GLN Y 723 41.96 -35.04 -33.90
N GLY Y 724 41.62 -34.36 -32.81
CA GLY Y 724 40.36 -34.61 -32.15
C GLY Y 724 40.30 -35.90 -31.36
N GLN Y 725 41.42 -36.32 -30.77
CA GLN Y 725 41.47 -37.54 -29.98
C GLN Y 725 41.67 -37.19 -28.51
N ARG Y 726 40.86 -37.81 -27.65
CA ARG Y 726 40.97 -37.61 -26.21
C ARG Y 726 42.05 -38.55 -25.68
N VAL Y 727 43.13 -37.97 -25.16
CA VAL Y 727 44.27 -38.73 -24.65
C VAL Y 727 44.30 -38.61 -23.14
N GLU Y 728 44.48 -39.73 -22.46
CA GLU Y 728 44.65 -39.74 -21.02
C GLU Y 728 46.10 -39.46 -20.65
N ALA Y 729 46.34 -39.21 -19.36
CA ALA Y 729 47.70 -39.01 -18.89
C ALA Y 729 48.51 -40.29 -19.06
N GLY Y 730 49.74 -40.14 -19.53
CA GLY Y 730 50.57 -41.27 -19.85
C GLY Y 730 50.41 -41.82 -21.25
N HIS Y 731 49.58 -41.19 -22.08
CA HIS Y 731 49.39 -41.63 -23.45
C HIS Y 731 50.65 -41.36 -24.27
N VAL Y 732 50.96 -42.27 -25.18
CA VAL Y 732 52.11 -42.11 -26.06
C VAL Y 732 51.73 -41.18 -27.20
N ILE Y 733 52.50 -40.11 -27.38
CA ILE Y 733 52.22 -39.09 -28.37
C ILE Y 733 53.02 -39.31 -29.65
N GLY Y 734 54.33 -39.49 -29.53
CA GLY Y 734 55.14 -39.67 -30.72
C GLY Y 734 56.60 -39.81 -30.36
N LEU Y 735 57.44 -39.81 -31.38
CA LEU Y 735 58.88 -39.97 -31.23
C LEU Y 735 59.58 -38.62 -31.36
N VAL Y 736 60.79 -38.55 -30.83
CA VAL Y 736 61.58 -37.32 -30.90
C VAL Y 736 62.23 -37.23 -32.27
N GLY Y 737 62.57 -36.00 -32.67
CA GLY Y 737 63.16 -35.74 -33.97
C GLY Y 737 64.42 -34.91 -33.86
N ASP Y 738 65.03 -34.66 -35.02
CA ASP Y 738 66.26 -33.90 -35.14
C ASP Y 738 66.11 -32.81 -36.19
N ASP Y 739 64.92 -32.20 -36.26
CA ASP Y 739 64.66 -31.20 -37.29
C ASP Y 739 65.53 -29.97 -37.12
N GLY Y 740 65.95 -29.66 -35.90
CA GLY Y 740 66.77 -28.47 -35.66
C GLY Y 740 68.24 -28.71 -35.89
N SER Y 741 68.81 -29.68 -35.18
CA SER Y 741 70.23 -30.02 -35.29
C SER Y 741 70.37 -31.49 -35.68
N PRO Y 742 70.59 -31.79 -36.96
CA PRO Y 742 70.76 -33.19 -37.36
C PRO Y 742 71.91 -33.85 -36.62
N GLY Y 743 71.72 -35.12 -36.24
CA GLY Y 743 72.70 -35.85 -35.47
C GLY Y 743 72.35 -35.96 -34.01
N SER Y 744 71.80 -34.89 -33.44
CA SER Y 744 71.36 -34.87 -32.05
C SER Y 744 69.85 -34.68 -32.00
N TYR Y 745 69.16 -35.58 -31.30
CA TYR Y 745 67.71 -35.53 -31.20
C TYR Y 745 67.29 -34.77 -29.94
N HIS Y 746 66.16 -34.08 -30.05
CA HIS Y 746 65.65 -33.27 -28.95
C HIS Y 746 64.14 -33.13 -29.12
N LEU Y 747 63.51 -32.51 -28.13
CA LEU Y 747 62.06 -32.29 -28.14
C LEU Y 747 61.79 -30.84 -27.78
N HIS Y 748 61.14 -30.10 -28.67
CA HIS Y 748 60.72 -28.74 -28.40
C HIS Y 748 59.43 -28.78 -27.60
N TRP Y 749 59.47 -28.35 -26.34
CA TRP Y 749 58.35 -28.44 -25.42
C TRP Y 749 57.90 -27.04 -25.06
N GLU Y 750 56.62 -26.75 -25.27
CA GLU Y 750 56.06 -25.42 -25.07
C GLU Y 750 54.75 -25.51 -24.32
N VAL Y 751 54.52 -24.58 -23.41
CA VAL Y 751 53.28 -24.48 -22.63
C VAL Y 751 52.68 -23.11 -22.86
N ARG Y 752 51.40 -23.08 -23.23
CA ARG Y 752 50.71 -21.84 -23.55
C ARG Y 752 49.34 -21.83 -22.88
N ASP Y 753 48.82 -20.62 -22.65
CA ASP Y 753 47.44 -20.44 -22.21
C ASP Y 753 46.48 -20.23 -23.37
N ASN Y 754 46.98 -20.15 -24.60
CA ASN Y 754 46.17 -19.97 -25.80
C ASN Y 754 46.69 -20.88 -26.89
N ASP Y 755 45.89 -21.03 -27.94
CA ASP Y 755 46.22 -21.89 -29.07
C ASP Y 755 46.83 -21.10 -30.23
N GLY Y 756 47.60 -20.06 -29.93
CA GLY Y 756 48.23 -19.24 -30.94
C GLY Y 756 49.52 -19.85 -31.46
N TYR Y 757 50.31 -19.01 -32.12
CA TYR Y 757 51.56 -19.42 -32.74
C TYR Y 757 52.65 -18.40 -32.48
N GLY Y 758 52.51 -17.59 -31.44
CA GLY Y 758 53.48 -16.56 -31.16
C GLY Y 758 54.13 -16.69 -29.79
N ALA Y 759 54.98 -15.73 -29.45
CA ALA Y 759 55.63 -15.71 -28.14
C ALA Y 759 54.81 -14.97 -27.09
N ASN Y 760 53.63 -14.47 -27.46
CA ASN Y 760 52.77 -13.73 -26.54
C ASN Y 760 51.81 -14.73 -25.88
N GLY Y 761 52.17 -15.15 -24.68
CA GLY Y 761 51.37 -16.10 -23.94
C GLY Y 761 52.10 -17.37 -23.59
N THR Y 762 53.42 -17.35 -23.73
CA THR Y 762 54.24 -18.53 -23.47
C THR Y 762 54.71 -18.55 -22.02
N VAL Y 763 54.69 -19.73 -21.42
CA VAL Y 763 55.12 -19.95 -20.05
C VAL Y 763 56.24 -20.97 -20.06
N ASN Y 764 57.27 -20.74 -19.25
CA ASN Y 764 58.40 -21.66 -19.19
C ASN Y 764 57.93 -23.01 -18.67
N PRO Y 765 58.10 -24.10 -19.44
CA PRO Y 765 57.58 -25.40 -18.97
C PRO Y 765 58.15 -25.86 -17.65
N LEU Y 766 59.43 -25.63 -17.40
CA LEU Y 766 60.03 -26.08 -16.14
C LEU Y 766 59.44 -25.34 -14.94
N LYS Y 767 59.32 -24.02 -15.05
CA LYS Y 767 58.73 -23.24 -13.98
C LYS Y 767 57.26 -23.61 -13.77
N TYR Y 768 56.55 -23.86 -14.86
CA TYR Y 768 55.14 -24.27 -14.74
C TYR Y 768 55.01 -25.61 -14.04
N MET Y 769 55.82 -26.59 -14.41
CA MET Y 769 55.74 -27.90 -13.78
C MET Y 769 56.27 -27.90 -12.36
N GLY Y 770 57.13 -26.94 -12.00
CA GLY Y 770 57.61 -26.87 -10.64
C GLY Y 770 56.53 -26.56 -9.63
N GLY Y 771 55.56 -25.73 -10.02
CA GLY Y 771 54.53 -25.24 -9.12
C GLY Y 771 53.17 -25.88 -9.23
N VAL Y 772 53.04 -26.99 -9.94
CA VAL Y 772 51.76 -27.68 -10.07
C VAL Y 772 51.81 -28.99 -9.30
N ASN Y 773 50.65 -29.45 -8.85
CA ASN Y 773 50.54 -30.71 -8.13
C ASN Y 773 50.37 -31.84 -9.13
N PHE Y 774 51.27 -32.83 -9.07
CA PHE Y 774 51.24 -33.93 -10.00
C PHE Y 774 51.50 -35.24 -9.26
N LYS Y 775 50.99 -36.32 -9.85
CA LYS Y 775 51.16 -37.67 -9.31
C LYS Y 775 51.94 -38.47 -10.36
N GLU Y 776 53.26 -38.59 -10.16
CA GLU Y 776 54.15 -39.03 -11.21
C GLU Y 776 54.04 -40.52 -11.53
N SER Y 777 53.52 -41.34 -10.62
CA SER Y 777 53.44 -42.77 -10.82
C SER Y 777 52.03 -43.25 -10.51
N SER Y 778 51.52 -44.15 -11.36
CA SER Y 778 50.20 -44.73 -11.16
C SER Y 778 50.25 -46.24 -10.93
N ALA Y 779 51.44 -46.83 -10.89
CA ALA Y 779 51.55 -48.26 -10.64
C ALA Y 779 51.26 -48.57 -9.18
N PRO Y 780 50.60 -49.70 -8.90
CA PRO Y 780 50.32 -50.05 -7.52
C PRO Y 780 51.60 -50.38 -6.78
N PRO Y 781 51.65 -50.13 -5.47
CA PRO Y 781 52.83 -50.52 -4.70
C PRO Y 781 52.99 -52.03 -4.70
N PRO Y 782 54.21 -52.53 -4.56
CA PRO Y 782 54.43 -53.97 -4.63
C PRO Y 782 53.79 -54.69 -3.45
N GLN Y 783 53.38 -55.93 -3.71
CA GLN Y 783 52.80 -56.80 -2.70
C GLN Y 783 53.88 -57.67 -2.10
N GLY Y 784 53.87 -57.81 -0.78
CA GLY Y 784 54.88 -58.58 -0.07
C GLY Y 784 54.41 -59.00 1.29
N ASN Y 785 55.34 -59.06 2.24
CA ASN Y 785 55.06 -59.48 3.59
C ASN Y 785 54.80 -58.27 4.46
N THR Y 786 53.70 -58.31 5.23
CA THR Y 786 53.32 -57.23 6.13
C THR Y 786 53.38 -57.69 7.59
N ASN Y 787 54.34 -58.56 7.90
CA ASN Y 787 54.52 -59.03 9.27
C ASN Y 787 55.20 -57.93 10.08
N GLY Y 788 54.42 -56.93 10.44
CA GLY Y 788 54.91 -55.78 11.16
C GLY Y 788 54.24 -54.49 10.74
N TRP Y 789 53.68 -54.50 9.52
CA TRP Y 789 52.92 -53.35 9.03
C TRP Y 789 51.43 -53.57 9.30
N GLY Y 790 51.11 -53.79 10.58
CA GLY Y 790 49.75 -54.03 11.02
C GLY Y 790 49.24 -52.86 11.85
N TYR Y 791 47.95 -52.62 11.77
CA TYR Y 791 47.30 -51.52 12.48
C TYR Y 791 46.34 -52.10 13.50
N ASN Y 792 46.48 -51.68 14.75
CA ASN Y 792 45.57 -52.06 15.83
C ASN Y 792 44.83 -50.81 16.28
N VAL Y 793 43.50 -50.86 16.26
CA VAL Y 793 42.70 -49.68 16.60
C VAL Y 793 42.87 -49.31 18.07
N ASN Y 794 42.98 -50.32 18.94
CA ASN Y 794 43.15 -50.06 20.37
C ASN Y 794 44.56 -49.60 20.69
N ASN Y 795 45.57 -50.13 19.99
CA ASN Y 795 46.97 -49.80 20.23
C ASN Y 795 47.60 -49.39 18.91
N PRO Y 796 47.39 -48.14 18.49
CA PRO Y 796 47.97 -47.69 17.22
C PRO Y 796 49.49 -47.71 17.30
N PRO Y 797 50.16 -47.93 16.17
CA PRO Y 797 51.63 -47.98 16.18
C PRO Y 797 52.23 -46.64 16.58
N THR Y 798 53.39 -46.72 17.24
CA THR Y 798 54.06 -45.51 17.70
C THR Y 798 54.88 -44.86 16.61
N ALA Y 799 55.52 -45.65 15.75
CA ALA Y 799 56.41 -45.16 14.71
C ALA Y 799 55.73 -45.29 13.35
N ARG Y 800 55.74 -44.21 12.58
CA ARG Y 800 55.14 -44.17 11.26
C ARG Y 800 56.10 -43.53 10.27
N VAL Y 801 55.93 -43.86 9.00
CA VAL Y 801 56.78 -43.34 7.92
C VAL Y 801 55.86 -42.74 6.86
N PRO Y 802 56.39 -41.85 6.03
CA PRO Y 802 55.56 -41.29 4.94
C PRO Y 802 55.02 -42.37 4.02
N ALA Y 803 53.84 -42.12 3.46
CA ALA Y 803 53.14 -43.13 2.67
C ALA Y 803 53.91 -43.55 1.44
N ASN Y 804 54.85 -42.75 0.96
CA ASN Y 804 55.63 -43.10 -0.23
C ASN Y 804 56.75 -44.09 0.06
N ALA Y 805 56.77 -44.67 1.27
CA ALA Y 805 57.79 -45.64 1.63
C ALA Y 805 57.48 -47.00 0.99
N ILE Y 806 58.46 -47.89 1.05
CA ILE Y 806 58.31 -49.26 0.57
C ILE Y 806 58.15 -50.17 1.78
N LYS Y 807 57.08 -50.96 1.79
CA LYS Y 807 56.76 -51.81 2.93
C LYS Y 807 57.57 -53.11 2.82
N LEU Y 808 58.78 -53.09 3.35
CA LEU Y 808 59.63 -54.26 3.40
C LEU Y 808 59.20 -55.19 4.53
N PRO Y 809 59.50 -56.49 4.43
CA PRO Y 809 59.04 -57.43 5.46
C PRO Y 809 59.70 -57.17 6.81
N ASN Y 810 59.00 -57.60 7.87
CA ASN Y 810 59.48 -57.48 9.24
C ASN Y 810 59.66 -56.03 9.67
N GLY Y 811 58.77 -55.15 9.23
CA GLY Y 811 58.76 -53.79 9.70
C GLY Y 811 59.83 -52.88 9.15
N LYS Y 812 60.55 -53.33 8.11
CA LYS Y 812 61.58 -52.50 7.50
C LYS Y 812 60.98 -51.63 6.41
N PHE Y 813 61.68 -50.54 6.10
CA PHE Y 813 61.24 -49.61 5.08
C PHE Y 813 62.44 -49.00 4.39
N LEU Y 814 62.18 -48.28 3.31
CA LEU Y 814 63.24 -47.66 2.51
C LEU Y 814 62.75 -46.33 1.96
N VAL Y 815 63.37 -45.24 2.41
CA VAL Y 815 62.97 -43.89 2.02
C VAL Y 815 64.22 -43.08 1.68
N ASN Y 816 64.19 -42.40 0.53
CA ASN Y 816 65.22 -41.44 0.15
C ASN Y 816 66.62 -42.06 0.16
N ASN Y 817 66.73 -43.21 -0.50
CA ASN Y 817 67.98 -43.95 -0.65
C ASN Y 817 68.54 -44.45 0.68
N ARG Y 818 67.75 -44.40 1.75
CA ARG Y 818 68.14 -44.89 3.05
C ARG Y 818 67.10 -45.89 3.54
N THR Y 819 67.56 -46.99 4.13
CA THR Y 819 66.69 -48.05 4.61
C THR Y 819 66.92 -48.29 6.09
N GLY Y 820 65.89 -48.78 6.76
CA GLY Y 820 65.96 -49.03 8.18
C GLY Y 820 64.71 -49.72 8.68
N ALA Y 821 64.53 -49.66 10.00
CA ALA Y 821 63.39 -50.28 10.66
C ALA Y 821 62.54 -49.22 11.34
N LEU Y 822 61.28 -49.55 11.56
CA LEU Y 822 60.36 -48.63 12.22
C LEU Y 822 60.77 -48.47 13.69
N GLY Y 823 60.89 -47.22 14.13
CA GLY Y 823 61.29 -46.91 15.48
C GLY Y 823 62.78 -46.88 15.72
N ASN Y 824 63.58 -47.25 14.72
CA ASN Y 824 65.04 -47.25 14.87
C ASN Y 824 65.61 -46.05 14.14
N PRO Y 825 66.23 -45.10 14.84
CA PRO Y 825 66.78 -43.92 14.15
C PRO Y 825 67.99 -44.21 13.29
N THR Y 826 68.61 -45.38 13.42
CA THR Y 826 69.78 -45.72 12.63
C THR Y 826 69.35 -46.09 11.21
N ALA Y 827 69.88 -45.38 10.22
CA ALA Y 827 69.53 -45.58 8.82
C ALA Y 827 70.77 -46.02 8.05
N ARG Y 828 70.63 -47.07 7.24
CA ARG Y 828 71.70 -47.59 6.43
C ARG Y 828 71.45 -47.24 4.97
N ALA Y 829 72.55 -47.06 4.22
CA ALA Y 829 72.44 -46.74 2.80
C ALA Y 829 71.82 -47.90 2.03
N ALA Y 830 70.93 -47.55 1.10
CA ALA Y 830 70.26 -48.57 0.30
C ALA Y 830 71.25 -49.34 -0.58
N SER Y 831 72.20 -48.63 -1.19
CA SER Y 831 73.14 -49.28 -2.09
C SER Y 831 74.14 -50.16 -1.34
N GLU Y 832 74.32 -49.95 -0.04
CA GLU Y 832 75.29 -50.72 0.72
C GLU Y 832 74.72 -52.04 1.24
N GLN Y 833 73.47 -52.03 1.71
CA GLN Y 833 72.89 -53.25 2.28
C GLN Y 833 72.25 -54.12 1.20
N TYR Y 834 71.52 -53.51 0.27
CA TYR Y 834 70.86 -54.24 -0.81
C TYR Y 834 71.74 -54.19 -2.05
N THR Y 835 72.34 -55.32 -2.40
CA THR Y 835 73.21 -55.45 -3.54
C THR Y 835 72.64 -56.47 -4.52
N VAL Y 836 73.41 -56.80 -5.55
CA VAL Y 836 72.99 -57.83 -6.50
C VAL Y 836 72.91 -59.19 -5.83
N GLY Y 837 73.81 -59.47 -4.87
CA GLY Y 837 73.74 -60.71 -4.14
C GLY Y 837 72.54 -60.83 -3.24
N ARG Y 838 72.07 -59.71 -2.69
CA ARG Y 838 70.90 -59.67 -1.82
C ARG Y 838 69.96 -58.58 -2.32
N PRO Y 839 69.17 -58.89 -3.35
CA PRO Y 839 68.28 -57.87 -3.91
C PRO Y 839 67.10 -57.58 -2.98
N VAL Y 840 66.46 -56.44 -3.23
CA VAL Y 840 65.32 -56.01 -2.43
C VAL Y 840 64.16 -56.97 -2.69
N ASN Y 841 63.82 -57.77 -1.69
CA ASN Y 841 62.71 -58.72 -1.79
C ASN Y 841 61.65 -58.32 -0.77
N THR Y 842 60.42 -58.12 -1.25
CA THR Y 842 59.31 -57.77 -0.37
C THR Y 842 58.82 -58.94 0.47
N GLY Y 843 59.25 -60.17 0.16
CA GLY Y 843 58.89 -61.31 0.95
C GLY Y 843 57.46 -61.76 0.72
N LYS Y 844 57.05 -62.77 1.48
CA LYS Y 844 55.70 -63.30 1.42
C LYS Y 844 55.24 -63.69 2.82
N VAL Y 845 53.94 -63.73 3.01
CA VAL Y 845 53.35 -64.14 4.28
C VAL Y 845 53.14 -65.65 4.25
N SER Y 846 53.62 -66.32 5.29
CA SER Y 846 53.46 -67.77 5.36
C SER Y 846 51.98 -68.12 5.51
N GLY Y 847 51.55 -69.14 4.76
CA GLY Y 847 50.17 -69.56 4.74
C GLY Y 847 49.79 -70.57 5.80
N SER Y 848 50.70 -70.94 6.69
CA SER Y 848 50.39 -71.90 7.73
C SER Y 848 50.98 -71.56 9.09
N SER Y 849 51.60 -70.40 9.25
CA SER Y 849 52.24 -70.01 10.50
C SER Y 849 51.56 -68.77 11.06
N TRP Y 850 51.21 -68.82 12.34
CA TRP Y 850 50.60 -67.68 13.02
C TRP Y 850 50.91 -67.77 14.51
N SER Y 851 50.73 -66.64 15.20
CA SER Y 851 51.11 -66.56 16.60
C SER Y 851 50.26 -67.45 17.50
N GLY Y 852 49.08 -67.85 17.04
CA GLY Y 852 48.20 -68.68 17.83
C GLY Y 852 47.17 -67.93 18.66
N THR Y 853 47.29 -66.61 18.75
CA THR Y 853 46.33 -65.79 19.48
C THR Y 853 45.85 -64.66 18.58
N ASN Y 854 44.55 -64.41 18.62
CA ASN Y 854 43.93 -63.34 17.84
C ASN Y 854 43.65 -62.15 18.74
N ASP Y 855 44.16 -60.98 18.36
CA ASP Y 855 44.03 -59.78 19.16
C ASP Y 855 42.79 -59.00 18.73
N TYR Y 856 41.95 -58.66 19.71
CA TYR Y 856 40.78 -57.84 19.42
C TYR Y 856 41.21 -56.45 18.98
N GLY Y 857 40.58 -55.95 17.92
CA GLY Y 857 40.93 -54.67 17.36
C GLY Y 857 42.00 -54.70 16.30
N GLU Y 858 42.60 -55.86 16.04
CA GLU Y 858 43.60 -55.98 14.98
C GLU Y 858 42.93 -55.84 13.63
N THR Y 859 43.27 -54.77 12.91
CA THR Y 859 42.60 -54.45 11.66
C THR Y 859 43.18 -55.17 10.46
N TYR Y 860 44.43 -55.65 10.55
CA TYR Y 860 45.10 -56.34 9.46
C TYR Y 860 45.17 -55.49 8.19
N GLY Y 861 45.21 -54.17 8.37
CA GLY Y 861 45.31 -53.25 7.25
C GLY Y 861 44.01 -52.94 6.55
N TYR Y 862 42.87 -53.31 7.11
CA TYR Y 862 41.57 -53.08 6.49
C TYR Y 862 40.84 -51.94 7.19
N ALA Y 863 40.34 -50.99 6.40
CA ALA Y 863 39.68 -49.82 6.96
C ALA Y 863 38.32 -50.17 7.57
N TYR Y 864 37.62 -51.15 7.01
CA TYR Y 864 36.31 -51.53 7.55
C TYR Y 864 36.45 -52.07 8.96
N LEU Y 865 37.49 -52.85 9.23
CA LEU Y 865 37.71 -53.34 10.58
C LEU Y 865 38.07 -52.22 11.54
N ALA Y 866 38.78 -51.20 11.06
CA ALA Y 866 39.13 -50.07 11.92
C ALA Y 866 37.92 -49.19 12.23
N ASN Y 867 37.01 -49.03 11.27
CA ASN Y 867 35.82 -48.20 11.48
C ASN Y 867 34.69 -48.93 12.18
N ASN Y 868 34.76 -50.26 12.29
CA ASN Y 868 33.73 -51.05 12.99
C ASN Y 868 34.44 -51.97 13.98
N PRO Y 869 34.91 -51.43 15.10
CA PRO Y 869 35.65 -52.27 16.07
C PRO Y 869 34.82 -53.41 16.64
N GLU Y 870 33.49 -53.26 16.74
CA GLU Y 870 32.66 -54.35 17.20
C GLU Y 870 32.72 -55.53 16.25
N PHE Y 871 32.69 -55.25 14.94
CA PHE Y 871 32.84 -56.32 13.95
C PHE Y 871 34.20 -56.98 14.06
N THR Y 872 35.25 -56.20 14.31
CA THR Y 872 36.58 -56.78 14.50
C THR Y 872 36.62 -57.69 15.72
N LYS Y 873 36.00 -57.26 16.82
CA LYS Y 873 35.95 -58.09 18.02
C LYS Y 873 35.21 -59.38 17.76
N LYS Y 874 34.06 -59.30 17.09
CA LYS Y 874 33.29 -60.51 16.79
C LYS Y 874 34.06 -61.44 15.88
N LEU Y 875 34.77 -60.89 14.89
CA LEU Y 875 35.59 -61.70 14.01
C LEU Y 875 36.71 -62.38 14.77
N ALA Y 876 37.34 -61.67 15.71
CA ALA Y 876 38.41 -62.28 16.50
C ALA Y 876 37.86 -63.41 17.36
N ILE Y 877 36.67 -63.21 17.95
CA ILE Y 877 36.05 -64.28 18.73
C ILE Y 877 35.80 -65.50 17.85
N THR Y 878 35.23 -65.28 16.66
CA THR Y 878 34.92 -66.39 15.77
C THR Y 878 36.18 -67.12 15.33
N ALA Y 879 37.22 -66.37 14.98
CA ALA Y 879 38.47 -66.99 14.53
C ALA Y 879 39.13 -67.79 15.65
N THR Y 880 39.14 -67.25 16.86
CA THR Y 880 39.72 -67.99 17.98
C THR Y 880 38.91 -69.25 18.29
N ARG Y 881 37.57 -69.15 18.20
CA ARG Y 881 36.74 -70.32 18.43
C ARG Y 881 36.98 -71.40 17.38
N LEU Y 882 37.16 -71.00 16.11
CA LEU Y 882 37.40 -71.95 15.04
C LEU Y 882 38.81 -72.51 15.04
N GLY Y 883 39.73 -71.93 15.81
CA GLY Y 883 41.10 -72.38 15.81
C GLY Y 883 41.92 -71.94 14.62
N ILE Y 884 41.47 -70.91 13.89
CA ILE Y 884 42.18 -70.42 12.72
C ILE Y 884 42.61 -68.99 12.98
N SER Y 885 43.62 -68.56 12.24
CA SER Y 885 44.09 -67.18 12.35
C SER Y 885 43.03 -66.22 11.82
N ALA Y 886 42.88 -65.08 12.49
CA ALA Y 886 41.91 -64.10 12.05
C ALA Y 886 42.28 -63.49 10.71
N GLN Y 887 43.57 -63.40 10.41
CA GLN Y 887 44.01 -62.77 9.17
C GLN Y 887 43.49 -63.52 7.95
N TRP Y 888 43.54 -64.86 7.98
CA TRP Y 888 43.07 -65.65 6.86
C TRP Y 888 41.58 -65.40 6.59
N LEU Y 889 40.77 -65.46 7.64
CA LEU Y 889 39.34 -65.24 7.49
C LEU Y 889 39.04 -63.83 7.02
N VAL Y 890 39.74 -62.83 7.56
CA VAL Y 890 39.56 -61.45 7.12
C VAL Y 890 39.86 -61.33 5.64
N ASP Y 891 40.98 -61.90 5.20
CA ASP Y 891 41.36 -61.81 3.79
C ASP Y 891 40.32 -62.48 2.89
N ILE Y 892 39.85 -63.66 3.30
CA ILE Y 892 38.89 -64.39 2.47
C ILE Y 892 37.58 -63.62 2.36
N MET Y 893 37.06 -63.13 3.49
CA MET Y 893 35.80 -62.39 3.44
C MET Y 893 35.95 -61.08 2.68
N ALA Y 894 37.09 -60.41 2.83
CA ALA Y 894 37.31 -59.15 2.12
C ALA Y 894 37.35 -59.39 0.61
N PHE Y 895 38.02 -60.46 0.18
CA PHE Y 895 38.00 -60.78 -1.25
C PHE Y 895 36.60 -61.14 -1.72
N GLU Y 896 35.86 -61.92 -0.91
CA GLU Y 896 34.55 -62.40 -1.34
C GLU Y 896 33.50 -61.30 -1.38
N THR Y 897 33.73 -60.17 -0.71
CA THR Y 897 32.74 -59.10 -0.64
C THR Y 897 33.24 -57.80 -1.24
N GLY Y 898 34.35 -57.84 -1.99
CA GLY Y 898 34.90 -56.63 -2.57
C GLY Y 898 35.32 -55.61 -1.52
N ASN Y 899 36.08 -56.07 -0.53
CA ASN Y 899 36.56 -55.24 0.57
C ASN Y 899 35.38 -54.68 1.39
N PHE Y 900 34.48 -55.58 1.76
CA PHE Y 900 33.37 -55.30 2.69
C PHE Y 900 32.40 -54.25 2.15
N LYS Y 901 32.41 -53.99 0.84
CA LYS Y 901 31.49 -53.04 0.26
C LYS Y 901 30.26 -53.68 -0.34
N LYS Y 902 30.19 -55.01 -0.37
CA LYS Y 902 29.07 -55.75 -0.96
C LYS Y 902 28.56 -56.84 -0.04
N ALA Y 903 28.75 -56.67 1.27
CA ALA Y 903 28.34 -57.71 2.22
C ALA Y 903 26.83 -57.86 2.28
N THR Y 904 26.11 -56.75 2.28
CA THR Y 904 24.65 -56.73 2.41
C THR Y 904 23.97 -56.39 1.08
N ASN Y 905 24.55 -56.84 -0.02
CA ASN Y 905 24.00 -56.61 -1.35
C ASN Y 905 23.36 -57.89 -1.84
N TRP Y 906 22.05 -57.83 -2.11
CA TRP Y 906 21.29 -59.01 -2.51
C TRP Y 906 20.93 -59.01 -3.99
N SER Y 907 21.57 -58.16 -4.79
CA SER Y 907 21.33 -58.18 -6.23
C SER Y 907 22.60 -58.04 -7.05
N HIS Y 908 23.77 -57.89 -6.43
CA HIS Y 908 25.01 -57.75 -7.19
C HIS Y 908 25.33 -59.02 -7.96
N SER Y 909 25.15 -60.18 -7.32
CA SER Y 909 25.48 -61.46 -7.93
C SER Y 909 24.27 -61.99 -8.69
N ARG Y 910 24.47 -62.31 -9.96
CA ARG Y 910 23.37 -62.80 -10.79
C ARG Y 910 23.02 -64.25 -10.47
N THR Y 911 23.93 -64.99 -9.84
CA THR Y 911 23.67 -66.38 -9.46
C THR Y 911 23.13 -66.51 -8.04
N GLY Y 912 22.98 -65.40 -7.31
CA GLY Y 912 22.40 -65.44 -5.98
C GLY Y 912 23.41 -65.74 -4.89
N VAL Y 913 24.55 -65.06 -4.91
CA VAL Y 913 25.61 -65.26 -3.92
C VAL Y 913 25.74 -63.98 -3.10
N VAL Y 914 25.49 -64.09 -1.79
CA VAL Y 914 25.58 -62.96 -0.88
C VAL Y 914 26.35 -63.40 0.35
N GLY Y 915 26.49 -62.48 1.30
CA GLY Y 915 27.08 -62.77 2.58
C GLY Y 915 28.57 -62.46 2.63
N LEU Y 916 29.13 -62.60 3.83
CA LEU Y 916 30.54 -62.31 4.02
C LEU Y 916 31.43 -63.32 3.32
N ILE Y 917 31.02 -64.59 3.29
CA ILE Y 917 31.81 -65.64 2.70
C ILE Y 917 31.18 -66.15 1.40
N GLY Y 918 30.20 -65.43 0.85
CA GLY Y 918 29.58 -65.83 -0.38
C GLY Y 918 28.65 -67.02 -0.23
N PHE Y 919 27.55 -66.84 0.51
CA PHE Y 919 26.61 -67.92 0.75
C PHE Y 919 25.82 -68.22 -0.52
N THR Y 920 25.91 -69.45 -1.02
CA THR Y 920 25.10 -69.91 -2.13
C THR Y 920 23.72 -70.29 -1.63
N PRO Y 921 22.71 -70.31 -2.52
CA PRO Y 921 21.37 -70.72 -2.09
C PRO Y 921 21.34 -72.11 -1.48
N ALA Y 922 22.12 -73.05 -1.99
CA ALA Y 922 22.20 -74.38 -1.38
C ALA Y 922 22.80 -74.29 0.02
N THR Y 923 23.86 -73.49 0.18
CA THR Y 923 24.45 -73.31 1.51
C THR Y 923 23.46 -72.64 2.46
N ALA Y 924 22.72 -71.64 1.96
CA ALA Y 924 21.72 -70.97 2.79
C ALA Y 924 20.65 -71.96 3.25
N ARG Y 925 20.17 -72.81 2.33
CA ARG Y 925 19.18 -73.81 2.71
C ARG Y 925 19.76 -74.80 3.71
N ALA Y 926 21.02 -75.18 3.54
CA ALA Y 926 21.65 -76.09 4.50
C ALA Y 926 21.74 -75.46 5.88
N LEU Y 927 22.07 -74.17 5.97
CA LEU Y 927 22.18 -73.50 7.25
C LEU Y 927 20.83 -73.24 7.91
N GLY Y 928 19.72 -73.47 7.20
CA GLY Y 928 18.40 -73.28 7.77
C GLY Y 928 17.78 -71.93 7.51
N THR Y 929 18.38 -71.10 6.67
CA THR Y 929 17.84 -69.78 6.36
C THR Y 929 17.74 -69.60 4.85
N THR Y 930 17.46 -68.38 4.41
CA THR Y 930 17.38 -68.06 2.99
C THR Y 930 18.43 -67.05 2.61
N THR Y 931 18.71 -66.97 1.31
CA THR Y 931 19.74 -66.06 0.81
C THR Y 931 19.38 -64.61 1.09
N TYR Y 932 18.10 -64.26 0.92
CA TYR Y 932 17.67 -62.89 1.16
C TYR Y 932 17.88 -62.48 2.61
N ALA Y 933 17.56 -63.37 3.56
CA ALA Y 933 17.77 -63.07 4.96
C ALA Y 933 19.25 -62.92 5.28
N LEU Y 934 20.08 -63.77 4.70
CA LEU Y 934 21.53 -63.67 4.92
C LEU Y 934 22.06 -62.34 4.40
N ALA Y 935 21.55 -61.89 3.25
CA ALA Y 935 21.96 -60.59 2.74
C ALA Y 935 21.45 -59.44 3.59
N LYS Y 936 20.26 -59.58 4.19
CA LYS Y 936 19.68 -58.50 4.97
C LYS Y 936 20.41 -58.28 6.28
N MET Y 937 20.91 -59.35 6.91
CA MET Y 937 21.51 -59.22 8.23
C MET Y 937 22.83 -58.47 8.16
N PRO Y 938 23.17 -57.72 9.21
CA PRO Y 938 24.45 -57.01 9.26
C PRO Y 938 25.61 -58.00 9.36
N PRO Y 939 26.82 -57.59 8.98
CA PRO Y 939 27.96 -58.53 9.02
C PRO Y 939 28.23 -59.11 10.40
N GLU Y 940 28.00 -58.35 11.47
CA GLU Y 940 28.20 -58.88 12.81
C GLU Y 940 27.29 -60.07 13.07
N LYS Y 941 26.03 -59.99 12.62
CA LYS Y 941 25.13 -61.13 12.72
C LYS Y 941 25.53 -62.24 11.76
N GLN Y 942 26.03 -61.88 10.57
CA GLN Y 942 26.42 -62.89 9.59
C GLN Y 942 27.63 -63.69 10.04
N LEU Y 943 28.45 -63.15 10.95
CA LEU Y 943 29.58 -63.93 11.46
C LEU Y 943 29.12 -65.17 12.20
N ASP Y 944 27.95 -65.12 12.85
CA ASP Y 944 27.42 -66.31 13.50
C ASP Y 944 27.14 -67.41 12.48
N TYR Y 945 26.53 -67.05 11.35
CA TYR Y 945 26.28 -68.05 10.32
C TYR Y 945 27.56 -68.52 9.65
N VAL Y 946 28.56 -67.63 9.53
CA VAL Y 946 29.86 -68.05 9.02
C VAL Y 946 30.47 -69.11 9.94
N TYR Y 947 30.42 -68.87 11.25
CA TYR Y 947 30.93 -69.85 12.20
C TYR Y 947 30.14 -71.14 12.14
N LYS Y 948 28.83 -71.05 11.99
CA LYS Y 948 28.01 -72.26 11.89
C LYS Y 948 28.37 -73.08 10.66
N TYR Y 949 28.58 -72.40 9.52
CA TYR Y 949 28.97 -73.11 8.30
C TYR Y 949 30.35 -73.72 8.43
N LEU Y 950 31.28 -73.01 9.05
CA LEU Y 950 32.64 -73.53 9.21
C LEU Y 950 32.77 -74.53 10.35
N SER Y 951 31.72 -74.77 11.12
CA SER Y 951 31.72 -75.75 12.18
C SER Y 951 31.35 -77.15 11.69
N ASP Y 952 31.17 -77.32 10.39
CA ASP Y 952 30.87 -78.61 9.80
C ASP Y 952 32.00 -79.58 10.12
N PRO Y 953 31.71 -80.74 10.72
CA PRO Y 953 32.79 -81.70 11.04
C PRO Y 953 33.52 -82.22 9.81
N GLN Y 954 32.93 -82.09 8.62
CA GLN Y 954 33.68 -82.41 7.40
C GLN Y 954 34.66 -81.32 7.01
N LEU Y 955 34.61 -80.16 7.67
CA LEU Y 955 35.48 -79.04 7.36
C LEU Y 955 36.30 -78.55 8.55
N LYS Y 956 35.73 -78.60 9.76
CA LYS Y 956 36.38 -78.00 10.92
C LYS Y 956 37.76 -78.59 11.24
N PRO Y 957 37.95 -79.92 11.28
CA PRO Y 957 39.27 -80.44 11.69
C PRO Y 957 40.41 -79.97 10.80
N HIS Y 958 40.17 -79.74 9.52
CA HIS Y 958 41.23 -79.36 8.59
C HIS Y 958 41.45 -77.85 8.53
N LEU Y 959 40.60 -77.05 9.18
CA LEU Y 959 40.72 -75.60 9.08
C LEU Y 959 42.02 -75.08 9.67
N SER Y 960 42.46 -75.65 10.80
CA SER Y 960 43.63 -75.14 11.49
C SER Y 960 44.94 -75.43 10.77
N LYS Y 961 44.93 -76.26 9.73
CA LYS Y 961 46.16 -76.64 9.06
C LYS Y 961 46.73 -75.53 8.16
N GLY Y 962 45.96 -74.52 7.83
CA GLY Y 962 46.48 -73.43 7.03
C GLY Y 962 45.36 -72.65 6.36
N VAL Y 963 45.77 -71.57 5.69
CA VAL Y 963 44.82 -70.72 4.99
C VAL Y 963 44.25 -71.43 3.78
N GLU Y 964 45.02 -72.32 3.15
CA GLU Y 964 44.54 -72.99 1.94
C GLU Y 964 43.32 -73.85 2.23
N TYR Y 965 43.29 -74.54 3.38
CA TYR Y 965 42.15 -75.37 3.71
C TYR Y 965 40.90 -74.54 3.97
N VAL Y 966 41.05 -73.40 4.67
CA VAL Y 966 39.90 -72.53 4.90
C VAL Y 966 39.38 -71.97 3.60
N ALA Y 967 40.29 -71.54 2.71
CA ALA Y 967 39.88 -71.02 1.41
C ALA Y 967 39.18 -72.09 0.59
N ALA Y 968 39.70 -73.32 0.61
CA ALA Y 968 39.05 -74.41 -0.12
C ALA Y 968 37.67 -74.70 0.43
N SER Y 969 37.53 -74.69 1.75
CA SER Y 969 36.22 -74.96 2.35
C SER Y 969 35.21 -73.89 1.99
N ILE Y 970 35.64 -72.62 1.98
CA ILE Y 970 34.72 -71.55 1.63
C ILE Y 970 34.42 -71.54 0.14
N PHE Y 971 35.38 -71.96 -0.69
CA PHE Y 971 35.22 -71.90 -2.14
C PHE Y 971 34.42 -73.08 -2.67
N GLY Y 972 34.93 -74.29 -2.50
CA GLY Y 972 34.29 -75.46 -3.07
C GLY Y 972 33.52 -76.31 -2.10
N GLY Y 973 33.74 -76.11 -0.80
CA GLY Y 973 33.01 -76.85 0.21
C GLY Y 973 33.67 -78.15 0.65
N SER Y 974 32.87 -79.10 1.08
CA SER Y 974 33.41 -80.38 1.57
C SER Y 974 34.18 -81.17 0.52
N PRO Y 975 33.68 -81.37 -0.72
CA PRO Y 975 34.43 -82.23 -1.64
C PRO Y 975 35.78 -81.64 -2.03
N LEU Y 976 35.89 -80.32 -2.13
CA LEU Y 976 37.19 -79.71 -2.42
C LEU Y 976 38.17 -79.96 -1.29
N VAL Y 977 37.72 -79.85 -0.05
CA VAL Y 977 38.60 -80.13 1.10
C VAL Y 977 39.02 -81.59 1.10
N ARG Y 978 38.08 -82.49 0.80
CA ARG Y 978 38.43 -83.91 0.74
C ARG Y 978 39.47 -84.18 -0.34
N LYS Y 979 39.29 -83.57 -1.52
CA LYS Y 979 40.26 -83.75 -2.60
C LYS Y 979 41.61 -83.18 -2.21
N MET Y 980 41.62 -82.04 -1.49
CA MET Y 980 42.87 -81.49 -1.01
C MET Y 980 43.57 -82.44 -0.04
N VAL Y 981 42.79 -83.06 0.86
CA VAL Y 981 43.37 -83.98 1.84
C VAL Y 981 43.97 -85.19 1.14
N ASN Y 982 43.22 -85.79 0.21
CA ASN Y 982 43.74 -86.97 -0.48
C ASN Y 982 44.86 -86.60 -1.46
N ASN Y 983 44.68 -85.53 -2.22
CA ASN Y 983 45.66 -85.10 -3.24
C ASN Y 983 45.87 -83.60 -3.09
N ARG Y 984 46.91 -83.22 -2.34
CA ARG Y 984 47.22 -81.81 -2.15
C ARG Y 984 47.61 -81.13 -3.46
N SER Y 985 48.45 -81.80 -4.25
CA SER Y 985 48.91 -81.20 -5.50
C SER Y 985 47.84 -81.25 -6.58
N GLY Y 986 47.08 -82.34 -6.63
CA GLY Y 986 46.07 -82.48 -7.68
C GLY Y 986 44.94 -81.48 -7.57
N ALA Y 987 44.55 -81.13 -6.34
CA ALA Y 987 43.45 -80.20 -6.14
C ALA Y 987 43.78 -78.78 -6.56
N MET Y 988 45.07 -78.47 -6.74
CA MET Y 988 45.51 -77.12 -7.09
C MET Y 988 46.11 -77.08 -8.48
N GLN Y 989 45.53 -77.82 -9.42
CA GLN Y 989 46.02 -77.84 -10.78
C GLN Y 989 45.71 -76.53 -11.49
N ARG Y 990 46.59 -76.13 -12.41
CA ARG Y 990 46.44 -74.91 -13.19
C ARG Y 990 46.02 -75.21 -14.63
N GLY Y 991 45.40 -76.37 -14.87
CA GLY Y 991 45.01 -76.73 -16.22
C GLY Y 991 43.70 -76.10 -16.65
N ASP Y 992 43.79 -75.07 -17.48
CA ASP Y 992 42.64 -74.30 -18.00
C ASP Y 992 41.78 -73.88 -16.81
N GLY Y 993 40.46 -73.98 -16.88
CA GLY Y 993 39.61 -73.64 -15.76
C GLY Y 993 39.47 -72.15 -15.53
N ASP Y 994 40.57 -71.53 -15.10
CA ASP Y 994 40.66 -70.09 -14.84
C ASP Y 994 39.80 -69.67 -13.64
N ILE Y 995 39.08 -70.62 -13.05
CA ILE Y 995 38.25 -70.35 -11.89
C ILE Y 995 38.62 -71.36 -10.81
N ASN Y 996 39.82 -71.91 -10.92
CA ASN Y 996 40.27 -72.94 -9.99
C ASN Y 996 40.77 -72.30 -8.70
N LEU Y 997 41.29 -73.14 -7.80
CA LEU Y 997 41.66 -72.67 -6.47
C LEU Y 997 42.95 -71.87 -6.47
N GLN Y 998 43.84 -72.12 -7.44
CA GLN Y 998 45.13 -71.42 -7.46
C GLN Y 998 44.93 -69.92 -7.63
N ASN Y 999 44.07 -69.52 -8.56
CA ASN Y 999 43.79 -68.09 -8.74
C ASN Y 999 43.11 -67.50 -7.52
N TYR Y 1000 42.22 -68.28 -6.89
CA TYR Y 1000 41.54 -67.81 -5.69
C TYR Y 1000 42.54 -67.52 -4.57
N LEU Y 1001 43.53 -68.39 -4.41
CA LEU Y 1001 44.57 -68.13 -3.41
C LEU Y 1001 45.52 -67.02 -3.83
N LYS Y 1002 45.74 -66.87 -5.14
CA LYS Y 1002 46.58 -65.76 -5.62
C LYS Y 1002 45.95 -64.41 -5.34
N LYS Y 1003 44.63 -64.31 -5.44
CA LYS Y 1003 43.93 -63.05 -5.27
C LYS Y 1003 43.68 -62.68 -3.82
N LEU Y 1004 44.06 -63.54 -2.87
CA LEU Y 1004 43.83 -63.26 -1.46
C LEU Y 1004 44.81 -62.20 -0.97
N GLY Y 1005 44.30 -61.21 -0.24
CA GLY Y 1005 45.13 -60.20 0.37
C GLY Y 1005 45.61 -59.11 -0.57
N ARG Y 1006 45.05 -59.00 -1.77
CA ARG Y 1006 45.49 -57.97 -2.69
C ARG Y 1006 45.17 -56.57 -2.20
N ASP Y 1007 44.02 -56.38 -1.55
CA ASP Y 1007 43.56 -55.06 -1.16
C ASP Y 1007 44.48 -54.39 -0.13
N VAL Y 1008 45.30 -55.17 0.57
CA VAL Y 1008 46.16 -54.64 1.62
C VAL Y 1008 47.64 -54.85 1.34
N GLY Y 1009 47.98 -55.54 0.26
CA GLY Y 1009 49.37 -55.78 -0.06
C GLY Y 1009 49.96 -57.05 0.52
N ARG Y 1010 49.15 -58.09 0.70
CA ARG Y 1010 49.60 -59.36 1.25
C ARG Y 1010 49.45 -60.47 0.21
N ARG Y 1011 50.50 -61.25 0.03
CA ARG Y 1011 50.45 -62.46 -0.78
C ARG Y 1011 50.97 -63.63 0.05
N TYR Y 1012 50.31 -64.77 -0.09
CA TYR Y 1012 50.60 -65.92 0.75
C TYR Y 1012 51.56 -66.88 0.05
N ASP Y 1013 52.55 -67.35 0.80
CA ASP Y 1013 53.49 -68.37 0.32
C ASP Y 1013 52.94 -69.72 0.73
N ILE Y 1014 52.29 -70.40 -0.21
CA ILE Y 1014 51.60 -71.66 0.05
C ILE Y 1014 52.38 -72.78 -0.62
N ARG Y 1015 52.67 -73.83 0.14
CA ARG Y 1015 53.40 -74.98 -0.40
C ARG Y 1015 52.59 -75.67 -1.50
N SER Y 1016 53.31 -76.21 -2.48
CA SER Y 1016 52.77 -76.89 -3.65
C SER Y 1016 51.96 -75.97 -4.56
N MET Y 1017 51.91 -74.67 -4.26
CA MET Y 1017 51.20 -73.70 -5.07
C MET Y 1017 52.05 -72.51 -5.48
N SER Y 1018 52.95 -72.07 -4.61
CA SER Y 1018 53.74 -70.87 -4.85
C SER Y 1018 55.08 -71.14 -5.51
N ARG Y 1019 55.31 -72.39 -5.96
CA ARG Y 1019 56.56 -72.67 -6.66
C ARG Y 1019 56.66 -71.85 -7.95
N ALA Y 1020 55.57 -71.78 -8.71
CA ALA Y 1020 55.60 -71.01 -9.95
C ALA Y 1020 55.82 -69.53 -9.68
N ASP Y 1021 55.16 -68.99 -8.65
CA ASP Y 1021 55.36 -67.59 -8.30
C ASP Y 1021 56.80 -67.31 -7.89
N ARG Y 1022 57.38 -68.20 -7.09
CA ARG Y 1022 58.75 -68.00 -6.64
C ARG Y 1022 59.74 -68.10 -7.81
N LEU Y 1023 59.52 -69.05 -8.72
CA LEU Y 1023 60.44 -69.23 -9.83
C LEU Y 1023 60.33 -68.09 -10.84
N ILE Y 1024 59.10 -67.71 -11.19
CA ILE Y 1024 58.90 -66.66 -12.18
C ILE Y 1024 59.35 -65.31 -11.62
N GLY Y 1025 59.11 -65.07 -10.35
CA GLY Y 1025 59.47 -63.82 -9.71
C GLY Y 1025 60.88 -63.74 -9.20
N SER Y 1026 61.77 -64.65 -9.62
CA SER Y 1026 63.14 -64.68 -9.15
C SER Y 1026 64.10 -63.89 -10.07
N ALA Y 1027 63.57 -62.99 -10.88
CA ALA Y 1027 64.40 -62.18 -11.77
C ALA Y 1027 64.80 -60.89 -11.07
N VAL Y 1028 66.06 -60.49 -11.25
CA VAL Y 1028 66.62 -59.31 -10.60
C VAL Y 1028 66.76 -58.21 -11.64
N HIS Y 1029 66.21 -57.04 -11.31
CA HIS Y 1029 66.30 -55.86 -12.17
C HIS Y 1029 67.31 -54.88 -11.59
N THR Y 1030 68.25 -54.44 -12.42
CA THR Y 1030 69.21 -53.42 -12.02
C THR Y 1030 68.85 -52.04 -12.56
N GLY Y 1031 67.86 -51.94 -13.44
CA GLY Y 1031 67.41 -50.66 -13.96
C GLY Y 1031 65.91 -50.51 -13.84
N PHE Y 1032 65.34 -49.55 -14.56
CA PHE Y 1032 63.91 -49.31 -14.51
C PHE Y 1032 63.21 -50.05 -15.64
N HIS Y 1033 62.14 -50.77 -15.31
CA HIS Y 1033 61.29 -51.44 -16.28
C HIS Y 1033 59.85 -51.02 -16.05
N GLU Y 1034 59.13 -50.80 -17.14
CA GLU Y 1034 57.81 -50.19 -17.05
C GLU Y 1034 56.82 -51.07 -16.29
N GLY Y 1035 56.83 -52.38 -16.53
CA GLY Y 1035 55.85 -53.25 -15.90
C GLY Y 1035 56.11 -53.58 -14.45
N CYS Y 1036 57.29 -53.24 -13.94
CA CYS Y 1036 57.67 -53.60 -12.58
C CYS Y 1036 57.12 -52.58 -11.59
N ALA Y 1037 56.36 -53.05 -10.60
CA ALA Y 1037 55.84 -52.16 -9.58
C ALA Y 1037 56.89 -51.78 -8.55
N THR Y 1038 57.88 -52.65 -8.32
CA THR Y 1038 58.94 -52.32 -7.39
C THR Y 1038 59.78 -51.14 -7.89
N CYS Y 1039 60.03 -51.08 -9.19
CA CYS Y 1039 60.72 -49.93 -9.76
C CYS Y 1039 59.93 -48.66 -9.56
N ALA Y 1040 58.62 -48.71 -9.77
CA ALA Y 1040 57.77 -47.54 -9.56
C ALA Y 1040 57.80 -47.10 -8.10
N ALA Y 1041 57.74 -48.05 -7.16
CA ALA Y 1041 57.82 -47.71 -5.75
C ALA Y 1041 59.17 -47.09 -5.41
N LEU Y 1042 60.25 -47.63 -5.98
CA LEU Y 1042 61.58 -47.08 -5.73
C LEU Y 1042 61.68 -45.65 -6.23
N ARG Y 1043 61.15 -45.38 -7.42
CA ARG Y 1043 61.18 -44.02 -7.96
C ARG Y 1043 60.30 -43.07 -7.14
N SER Y 1044 59.13 -43.55 -6.70
CA SER Y 1044 58.24 -42.70 -5.93
C SER Y 1044 58.81 -42.38 -4.55
N SER Y 1045 59.55 -43.32 -3.95
CA SER Y 1045 60.16 -43.07 -2.65
C SER Y 1045 61.31 -42.07 -2.72
N GLY Y 1046 61.74 -41.70 -3.91
CA GLY Y 1046 62.88 -40.81 -4.07
C GLY Y 1046 64.22 -41.52 -4.12
N SER Y 1047 64.24 -42.83 -3.98
CA SER Y 1047 65.48 -43.59 -3.98
C SER Y 1047 65.88 -43.96 -5.40
N ASP Y 1048 67.16 -44.28 -5.58
CA ASP Y 1048 67.64 -44.79 -6.84
C ASP Y 1048 67.22 -46.24 -7.02
N ILE Y 1049 67.36 -46.73 -8.25
CA ILE Y 1049 66.94 -48.10 -8.57
C ILE Y 1049 68.01 -49.07 -8.09
N VAL Y 1050 67.83 -49.59 -6.88
CA VAL Y 1050 68.73 -50.59 -6.31
C VAL Y 1050 68.30 -51.97 -6.82
N PRO Y 1051 69.17 -52.98 -6.79
CA PRO Y 1051 68.76 -54.31 -7.23
C PRO Y 1051 67.55 -54.81 -6.44
N HIS Y 1052 66.62 -55.45 -7.15
CA HIS Y 1052 65.39 -55.94 -6.55
C HIS Y 1052 64.83 -57.07 -7.41
N ASN Y 1053 63.95 -57.86 -6.80
CA ASN Y 1053 63.32 -58.95 -7.53
C ASN Y 1053 62.22 -58.41 -8.45
N ALA Y 1054 61.90 -59.20 -9.47
CA ALA Y 1054 60.86 -58.84 -10.42
C ALA Y 1054 59.49 -59.13 -9.81
N GLU Y 1055 58.64 -58.11 -9.73
CA GLU Y 1055 57.28 -58.27 -9.22
C GLU Y 1055 56.35 -57.69 -10.29
N PHE Y 1056 55.90 -58.54 -11.20
CA PHE Y 1056 55.03 -58.16 -12.28
C PHE Y 1056 53.58 -58.47 -11.91
N ASP Y 1057 52.68 -58.33 -12.87
CA ASP Y 1057 51.26 -58.63 -12.65
C ASP Y 1057 50.59 -59.10 -13.93
N LYS Z 38 -61.62 -30.29 45.93
CA LYS Z 38 -60.47 -29.47 46.28
C LYS Z 38 -59.23 -29.88 45.49
N THR Z 39 -58.20 -29.03 45.53
CA THR Z 39 -56.95 -29.30 44.85
C THR Z 39 -56.03 -30.11 45.76
N GLN Z 40 -54.77 -30.21 45.38
CA GLN Z 40 -53.79 -30.94 46.18
C GLN Z 40 -53.57 -30.25 47.52
N GLN Z 41 -53.52 -31.05 48.58
CA GLN Z 41 -53.23 -30.56 49.92
C GLN Z 41 -52.30 -31.54 50.62
N ILE Z 42 -51.54 -31.04 51.59
CA ILE Z 42 -50.67 -31.89 52.39
C ILE Z 42 -51.57 -32.73 53.30
N LEU Z 43 -51.51 -34.05 53.12
CA LEU Z 43 -52.36 -34.95 53.89
C LEU Z 43 -51.76 -35.18 55.28
N GLU Z 44 -52.58 -35.77 56.15
CA GLU Z 44 -52.11 -36.17 57.47
C GLU Z 44 -51.08 -37.28 57.35
N ALA Z 45 -50.24 -37.42 58.37
CA ALA Z 45 -49.19 -38.43 58.35
C ALA Z 45 -49.77 -39.83 58.16
N GLY Z 46 -50.81 -40.17 58.94
CA GLY Z 46 -51.45 -41.46 58.77
C GLY Z 46 -52.13 -41.61 57.42
N ASN Z 47 -52.82 -40.55 56.99
CA ASN Z 47 -53.48 -40.59 55.68
C ASN Z 47 -52.48 -40.76 54.56
N ALA Z 48 -51.36 -40.02 54.61
CA ALA Z 48 -50.33 -40.18 53.60
C ALA Z 48 -49.71 -41.56 53.63
N ALA Z 49 -49.50 -42.11 54.84
CA ALA Z 49 -48.96 -43.46 54.95
C ALA Z 49 -49.90 -44.49 54.32
N ILE Z 50 -51.20 -44.36 54.59
CA ILE Z 50 -52.16 -45.29 53.99
C ILE Z 50 -52.19 -45.14 52.48
N ALA Z 51 -52.15 -43.90 51.98
CA ALA Z 51 -52.17 -43.70 50.53
C ALA Z 51 -50.92 -44.29 49.87
N GLN Z 52 -49.76 -44.15 50.50
CA GLN Z 52 -48.52 -44.62 49.90
C GLN Z 52 -48.38 -46.14 50.01
N GLN Z 53 -48.83 -46.74 51.12
CA GLN Z 53 -48.67 -48.17 51.30
C GLN Z 53 -49.55 -48.99 50.39
N ALA Z 54 -50.62 -48.40 49.85
CA ALA Z 54 -51.56 -49.15 49.02
C ALA Z 54 -50.98 -49.60 47.70
N VAL Z 55 -49.85 -49.02 47.26
CA VAL Z 55 -49.24 -49.46 46.02
C VAL Z 55 -48.66 -50.86 46.20
N SER Z 56 -48.86 -51.70 45.20
CA SER Z 56 -48.50 -53.12 45.26
C SER Z 56 -47.06 -53.27 44.78
N ILE Z 57 -46.11 -52.81 45.61
CA ILE Z 57 -44.70 -52.91 45.28
C ILE Z 57 -44.25 -54.36 45.18
N GLY Z 58 -44.63 -55.19 46.14
CA GLY Z 58 -44.32 -56.60 46.06
C GLY Z 58 -45.20 -57.32 45.05
N GLN Z 59 -44.64 -58.37 44.44
CA GLN Z 59 -45.39 -59.14 43.45
C GLN Z 59 -46.49 -59.96 44.11
N ALA Z 60 -46.22 -60.54 45.28
CA ALA Z 60 -47.20 -61.38 45.95
C ALA Z 60 -48.45 -60.60 46.33
N SER Z 61 -48.27 -59.41 46.89
CA SER Z 61 -49.40 -58.58 47.30
C SER Z 61 -49.81 -57.67 46.15
N GLN Z 62 -51.03 -57.83 45.65
CA GLN Z 62 -51.54 -57.03 44.56
C GLN Z 62 -52.78 -56.25 44.97
N LEU Z 138 -74.82 -48.81 53.76
CA LEU Z 138 -75.92 -48.68 54.75
C LEU Z 138 -75.52 -47.64 55.80
N THR Z 139 -74.43 -47.89 56.52
CA THR Z 139 -73.94 -46.91 57.53
C THR Z 139 -73.48 -45.66 56.79
N VAL Z 140 -73.41 -44.52 57.49
CA VAL Z 140 -72.89 -43.27 56.85
C VAL Z 140 -71.54 -43.60 56.19
N SER Z 141 -70.70 -44.39 56.86
CA SER Z 141 -69.38 -44.67 56.30
C SER Z 141 -69.54 -45.57 55.09
N GLU Z 142 -70.39 -46.59 55.18
CA GLU Z 142 -70.60 -47.49 54.05
C GLU Z 142 -71.25 -46.75 52.88
N GLN Z 143 -72.22 -45.87 53.17
CA GLN Z 143 -72.87 -45.11 52.10
C GLN Z 143 -71.86 -44.21 51.39
N GLU Z 144 -71.02 -43.51 52.14
CA GLU Z 144 -70.02 -42.66 51.50
C GLU Z 144 -68.99 -43.47 50.74
N ALA Z 145 -68.61 -44.65 51.26
CA ALA Z 145 -67.68 -45.50 50.53
C ALA Z 145 -68.28 -45.96 49.21
N ASN Z 146 -69.56 -46.35 49.21
CA ASN Z 146 -70.22 -46.75 47.98
C ASN Z 146 -70.30 -45.59 47.00
N ALA Z 147 -70.62 -44.39 47.51
CA ALA Z 147 -70.68 -43.22 46.64
C ALA Z 147 -69.31 -42.92 46.03
N VAL Z 148 -68.24 -43.01 46.83
CA VAL Z 148 -66.91 -42.78 46.31
C VAL Z 148 -66.56 -43.82 45.26
N ARG Z 149 -66.89 -45.10 45.51
CA ARG Z 149 -66.60 -46.14 44.54
C ARG Z 149 -67.30 -45.86 43.21
N VAL Z 150 -68.60 -45.59 43.26
CA VAL Z 150 -69.35 -45.42 42.02
C VAL Z 150 -68.90 -44.15 41.28
N GLU Z 151 -68.56 -43.10 42.02
CA GLU Z 151 -68.21 -41.85 41.35
C GLU Z 151 -66.77 -41.87 40.85
N LEU Z 152 -65.90 -42.65 41.50
CA LEU Z 152 -64.59 -42.93 40.93
C LEU Z 152 -64.72 -43.75 39.65
N GLY Z 153 -65.62 -44.72 39.64
CA GLY Z 153 -65.88 -45.45 38.40
C GLY Z 153 -66.38 -44.54 37.30
N ASP Z 154 -67.27 -43.60 37.64
CA ASP Z 154 -67.75 -42.63 36.66
C ASP Z 154 -66.61 -41.75 36.16
N LEU Z 155 -65.73 -41.31 37.05
CA LEU Z 155 -64.58 -40.50 36.66
C LEU Z 155 -63.68 -41.27 35.70
N TYR Z 156 -63.40 -42.53 36.01
CA TYR Z 156 -62.51 -43.31 35.16
C TYR Z 156 -63.15 -43.59 33.80
N ASN Z 157 -64.45 -43.85 33.79
CA ASN Z 157 -65.17 -44.01 32.54
C ASN Z 157 -65.15 -42.74 31.70
N GLU Z 158 -65.32 -41.58 32.34
CA GLU Z 158 -65.22 -40.32 31.62
C GLU Z 158 -63.81 -40.11 31.07
N TRP Z 159 -62.82 -40.47 31.89
CA TRP Z 159 -61.40 -40.31 31.48
C TRP Z 159 -61.13 -41.13 30.23
N ARG Z 160 -61.78 -42.30 30.11
CA ARG Z 160 -61.56 -43.18 28.95
C ARG Z 160 -62.49 -42.75 27.81
N SER Z 161 -63.69 -42.26 28.14
CA SER Z 161 -64.69 -41.89 27.11
C SER Z 161 -64.22 -40.98 25.97
N GLY Z 162 -63.47 -39.93 26.30
CA GLY Z 162 -62.67 -39.20 25.29
C GLY Z 162 -61.28 -39.78 25.47
N ASP Z 163 -60.32 -39.38 24.62
CA ASP Z 163 -58.93 -39.87 24.75
C ASP Z 163 -58.23 -38.84 25.65
N LYS Z 164 -58.90 -38.42 26.73
CA LYS Z 164 -58.30 -37.43 27.67
C LYS Z 164 -56.90 -37.91 28.04
N PHE Z 165 -56.73 -39.22 28.26
CA PHE Z 165 -55.43 -39.69 28.71
C PHE Z 165 -54.35 -39.44 27.68
N ARG Z 166 -54.71 -39.41 26.40
CA ARG Z 166 -53.75 -39.15 25.34
C ARG Z 166 -53.65 -37.68 24.98
N SER Z 167 -54.66 -36.88 25.32
CA SER Z 167 -54.69 -35.47 24.96
C SER Z 167 -54.30 -34.55 26.10
N GLU Z 168 -54.58 -34.93 27.34
CA GLU Z 168 -54.25 -34.07 28.47
C GLU Z 168 -52.82 -34.34 28.93
N PRO Z 169 -51.98 -33.31 29.01
CA PRO Z 169 -50.54 -33.56 29.22
C PRO Z 169 -50.21 -34.31 30.50
N GLY Z 170 -50.94 -34.06 31.59
CA GLY Z 170 -50.65 -34.71 32.84
C GLY Z 170 -51.53 -35.90 33.12
N GLY Z 171 -51.78 -36.72 32.10
CA GLY Z 171 -52.76 -37.78 32.16
C GLY Z 171 -52.71 -38.68 33.38
N MET Z 172 -51.67 -39.49 33.51
CA MET Z 172 -51.60 -40.47 34.60
C MET Z 172 -51.45 -39.77 35.95
N THR Z 173 -50.58 -38.77 36.03
CA THR Z 173 -50.34 -38.09 37.31
C THR Z 173 -51.59 -37.38 37.80
N LYS Z 174 -52.23 -36.59 36.92
CA LYS Z 174 -53.44 -35.90 37.34
C LYS Z 174 -54.58 -36.86 37.59
N PHE Z 175 -54.65 -37.97 36.85
CA PHE Z 175 -55.68 -38.97 37.12
C PHE Z 175 -55.54 -39.53 38.52
N ARG Z 176 -54.32 -39.95 38.89
CA ARG Z 176 -54.11 -40.51 40.23
C ARG Z 176 -54.32 -39.45 41.30
N ASP Z 177 -53.89 -38.21 41.05
CA ASP Z 177 -54.07 -37.14 42.03
C ASP Z 177 -55.55 -36.84 42.25
N ALA Z 178 -56.33 -36.79 41.16
CA ALA Z 178 -57.76 -36.56 41.30
C ALA Z 178 -58.43 -37.73 42.03
N GLY Z 179 -58.00 -38.95 41.74
CA GLY Z 179 -58.54 -40.10 42.46
C GLY Z 179 -58.27 -40.01 43.95
N LEU Z 180 -57.03 -39.68 44.32
CA LEU Z 180 -56.69 -39.54 45.74
C LEU Z 180 -57.48 -38.41 46.39
N ALA Z 181 -57.60 -37.27 45.70
CA ALA Z 181 -58.36 -36.14 46.24
C ALA Z 181 -59.81 -36.51 46.47
N ARG Z 182 -60.41 -37.21 45.52
CA ARG Z 182 -61.81 -37.62 45.65
C ARG Z 182 -61.98 -38.66 46.75
N ILE Z 183 -61.00 -39.55 46.90
CA ILE Z 183 -61.07 -40.56 47.97
C ILE Z 183 -60.98 -39.91 49.33
N MET Z 184 -60.04 -38.99 49.50
CA MET Z 184 -59.74 -38.43 50.82
C MET Z 184 -60.43 -37.09 51.07
N SER Z 185 -61.33 -36.66 50.19
CA SER Z 185 -62.11 -35.45 50.46
C SER Z 185 -63.01 -35.64 51.67
N ARG Z 186 -63.66 -36.80 51.78
CA ARG Z 186 -64.50 -37.12 52.93
C ARG Z 186 -63.61 -37.62 54.06
N THR Z 187 -63.64 -36.94 55.19
CA THR Z 187 -62.73 -37.21 56.30
C THR Z 187 -63.31 -38.14 57.36
N ASN Z 188 -64.54 -38.62 57.18
CA ASN Z 188 -65.17 -39.49 58.17
C ASN Z 188 -65.23 -40.94 57.73
N ILE Z 189 -64.56 -41.31 56.64
CA ILE Z 189 -64.54 -42.69 56.17
C ILE Z 189 -63.46 -43.45 56.94
N THR Z 190 -63.81 -44.66 57.38
CA THR Z 190 -62.91 -45.47 58.19
C THR Z 190 -61.74 -45.98 57.34
N GLU Z 191 -60.84 -46.74 57.97
CA GLU Z 191 -59.60 -47.12 57.31
C GLU Z 191 -59.83 -48.17 56.23
N ALA Z 192 -60.71 -49.14 56.48
CA ALA Z 192 -60.88 -50.26 55.56
C ALA Z 192 -61.40 -49.80 54.21
N GLN Z 193 -62.45 -48.96 54.21
CA GLN Z 193 -63.01 -48.49 52.96
C GLN Z 193 -62.01 -47.62 52.21
N LYS Z 194 -61.27 -46.77 52.92
CA LYS Z 194 -60.24 -45.96 52.27
C LYS Z 194 -59.19 -46.84 51.61
N LYS Z 195 -58.72 -47.87 52.31
CA LYS Z 195 -57.74 -48.78 51.72
C LYS Z 195 -58.29 -49.48 50.49
N GLU Z 196 -59.54 -49.94 50.57
CA GLU Z 196 -60.15 -50.62 49.44
C GLU Z 196 -60.27 -49.70 48.23
N LEU Z 197 -60.74 -48.47 48.45
CA LEU Z 197 -60.90 -47.53 47.35
C LEU Z 197 -59.57 -47.15 46.72
N ILE Z 198 -58.55 -46.90 47.54
CA ILE Z 198 -57.25 -46.54 47.00
C ILE Z 198 -56.65 -47.73 46.24
N ASN Z 199 -56.85 -48.94 46.75
CA ASN Z 199 -56.38 -50.13 46.04
C ASN Z 199 -57.07 -50.28 44.69
N LEU Z 200 -58.38 -50.01 44.65
CA LEU Z 200 -59.11 -50.08 43.37
C LEU Z 200 -58.58 -49.06 42.38
N HIS Z 201 -58.37 -47.82 42.84
CA HIS Z 201 -57.87 -46.77 41.96
C HIS Z 201 -56.47 -47.13 41.43
N TYR Z 202 -55.61 -47.62 42.32
CA TYR Z 202 -54.27 -48.03 41.89
C TYR Z 202 -54.32 -49.21 40.94
N GLY Z 203 -55.29 -50.11 41.12
CA GLY Z 203 -55.44 -51.23 40.18
C GLY Z 203 -55.85 -50.77 38.79
N ASN Z 204 -56.78 -49.81 38.72
CA ASN Z 204 -57.14 -49.25 37.42
C ASN Z 204 -55.95 -48.55 36.78
N TRP Z 205 -55.19 -47.80 37.58
CA TRP Z 205 -53.99 -47.14 37.06
C TRP Z 205 -52.99 -48.17 36.53
N ASP Z 206 -52.79 -49.27 37.26
CA ASP Z 206 -51.87 -50.30 36.83
C ASP Z 206 -52.34 -50.97 35.54
N ALA Z 207 -53.64 -51.20 35.41
CA ALA Z 207 -54.16 -51.79 34.17
C ALA Z 207 -53.93 -50.87 32.99
N GLU Z 208 -54.14 -49.56 33.17
CA GLU Z 208 -53.91 -48.64 32.07
C GLU Z 208 -52.42 -48.56 31.73
N MET Z 209 -51.55 -48.60 32.75
CA MET Z 209 -50.12 -48.65 32.47
C MET Z 209 -49.73 -49.93 31.76
N LYS Z 210 -50.43 -51.03 32.04
CA LYS Z 210 -50.21 -52.26 31.28
C LYS Z 210 -50.57 -52.07 29.81
N ALA Z 211 -51.68 -51.39 29.54
CA ALA Z 211 -52.04 -51.10 28.15
C ALA Z 211 -50.99 -50.22 27.47
N TYR Z 212 -50.51 -49.20 28.19
CA TYR Z 212 -49.45 -48.34 27.65
C TYR Z 212 -48.18 -49.13 27.38
N SER Z 213 -47.84 -50.05 28.28
CA SER Z 213 -46.68 -50.91 28.07
C SER Z 213 -46.86 -51.79 26.84
N ASP Z 214 -48.09 -52.27 26.62
CA ASP Z 214 -48.36 -53.07 25.42
C ASP Z 214 -48.14 -52.25 24.16
N ARG Z 215 -48.61 -51.00 24.16
CA ARG Z 215 -48.40 -50.16 22.98
C ARG Z 215 -46.91 -49.88 22.74
N THR Z 216 -46.18 -49.55 23.80
CA THR Z 216 -44.75 -49.32 23.65
C THR Z 216 -44.03 -50.58 23.21
N ALA Z 217 -44.48 -51.74 23.68
CA ALA Z 217 -43.90 -53.01 23.25
C ALA Z 217 -44.11 -53.22 21.77
N LYS Z 218 -45.31 -52.93 21.27
CA LYS Z 218 -45.56 -53.05 19.84
C LYS Z 218 -44.64 -52.14 19.04
N TYR Z 219 -44.48 -50.89 19.51
CA TYR Z 219 -43.61 -49.95 18.80
C TYR Z 219 -42.16 -50.46 18.74
N ALA Z 220 -41.61 -50.84 19.90
CA ALA Z 220 -40.22 -51.29 19.94
C ALA Z 220 -40.02 -52.57 19.15
N GLU Z 221 -40.99 -53.49 19.22
CA GLU Z 221 -40.92 -54.72 18.45
C GLU Z 221 -40.91 -54.42 16.95
N GLU Z 222 -41.75 -53.47 16.51
CA GLU Z 222 -41.76 -53.11 15.10
C GLU Z 222 -40.41 -52.54 14.69
N VAL Z 223 -39.81 -51.68 15.52
CA VAL Z 223 -38.51 -51.10 15.19
C VAL Z 223 -37.46 -52.20 15.03
N SER Z 224 -37.38 -53.10 16.02
CA SER Z 224 -36.38 -54.16 15.98
C SER Z 224 -36.59 -55.08 14.78
N GLN Z 225 -37.85 -55.42 14.49
CA GLN Z 225 -38.15 -56.28 13.37
C GLN Z 225 -37.75 -55.63 12.05
N VAL Z 226 -37.99 -54.33 11.91
CA VAL Z 226 -37.59 -53.61 10.71
C VAL Z 226 -36.08 -53.66 10.53
N ARG Z 227 -35.34 -53.42 11.61
CA ARG Z 227 -33.88 -53.48 11.52
C ARG Z 227 -33.40 -54.85 11.08
N ARG Z 228 -33.89 -55.91 11.74
CA ARG Z 228 -33.44 -57.25 11.42
C ARG Z 228 -33.81 -57.63 9.99
N GLU Z 229 -35.03 -57.27 9.56
CA GLU Z 229 -35.45 -57.57 8.19
C GLU Z 229 -34.58 -56.85 7.18
N SER Z 230 -34.22 -55.60 7.45
CA SER Z 230 -33.34 -54.87 6.53
C SER Z 230 -32.00 -55.57 6.39
N VAL Z 231 -31.41 -55.99 7.52
CA VAL Z 231 -30.10 -56.66 7.46
C VAL Z 231 -30.21 -57.97 6.69
N ILE Z 232 -31.22 -58.79 7.01
CA ILE Z 232 -31.37 -60.08 6.37
C ILE Z 232 -31.61 -59.91 4.88
N LYS Z 233 -32.46 -58.95 4.50
CA LYS Z 233 -32.75 -58.74 3.09
C LYS Z 233 -31.54 -58.27 2.32
N GLU Z 234 -30.72 -57.40 2.92
CA GLU Z 234 -29.48 -56.98 2.25
C GLU Z 234 -28.59 -58.18 1.99
N ARG Z 235 -28.35 -59.00 3.02
CA ARG Z 235 -27.46 -60.15 2.84
C ARG Z 235 -28.02 -61.13 1.82
N THR Z 236 -29.32 -61.40 1.88
CA THR Z 236 -29.94 -62.36 0.96
C THR Z 236 -29.91 -61.83 -0.47
N PHE Z 237 -30.15 -60.54 -0.67
CA PHE Z 237 -30.08 -59.97 -2.01
C PHE Z 237 -28.68 -60.09 -2.57
N ARG Z 238 -27.66 -59.78 -1.76
CA ARG Z 238 -26.29 -59.91 -2.24
C ARG Z 238 -25.99 -61.36 -2.63
N VAL Z 239 -26.38 -62.31 -1.79
CA VAL Z 239 -26.09 -63.72 -2.06
C VAL Z 239 -26.79 -64.16 -3.34
N ASN Z 240 -28.07 -63.80 -3.49
CA ASN Z 240 -28.83 -64.22 -4.66
C ASN Z 240 -28.27 -63.62 -5.94
N SER Z 241 -27.90 -62.33 -5.88
CA SER Z 241 -27.35 -61.69 -7.07
C SER Z 241 -26.00 -62.29 -7.45
N VAL Z 242 -25.18 -62.67 -6.48
CA VAL Z 242 -23.91 -63.31 -6.81
C VAL Z 242 -24.13 -64.69 -7.40
N VAL Z 243 -25.01 -65.49 -6.79
CA VAL Z 243 -25.17 -66.86 -7.25
C VAL Z 243 -25.86 -66.91 -8.61
N SER Z 244 -26.70 -65.92 -8.92
CA SER Z 244 -27.41 -65.91 -10.19
C SER Z 244 -26.60 -65.33 -11.34
N GLY Z 245 -25.43 -64.77 -11.07
CA GLY Z 245 -24.62 -64.20 -12.13
C GLY Z 245 -23.88 -65.21 -12.97
N LEU Z 246 -23.93 -66.48 -12.61
CA LEU Z 246 -23.23 -67.51 -13.36
C LEU Z 246 -23.96 -67.79 -14.67
N THR Z 247 -23.18 -68.05 -15.73
CA THR Z 247 -23.72 -68.31 -17.05
C THR Z 247 -24.02 -69.80 -17.20
N TRP Z 248 -24.28 -70.24 -18.43
CA TRP Z 248 -24.57 -71.65 -18.68
C TRP Z 248 -23.37 -72.54 -18.38
N ASP Z 249 -22.15 -71.98 -18.46
CA ASP Z 249 -20.94 -72.78 -18.28
C ASP Z 249 -19.93 -72.09 -17.38
N ALA Z 250 -20.37 -71.16 -16.53
CA ALA Z 250 -19.46 -70.45 -15.64
C ALA Z 250 -18.97 -71.37 -14.53
N ASP Z 251 -17.71 -71.19 -14.14
CA ASP Z 251 -17.15 -71.93 -13.03
C ASP Z 251 -17.62 -71.30 -11.73
N PRO Z 252 -18.33 -72.04 -10.87
CA PRO Z 252 -18.91 -71.44 -9.67
C PRO Z 252 -17.99 -71.37 -8.46
N THR Z 253 -16.68 -71.56 -8.63
CA THR Z 253 -15.77 -71.51 -7.49
C THR Z 253 -15.79 -70.15 -6.82
N ASP Z 254 -15.71 -69.07 -7.62
CA ASP Z 254 -15.76 -67.73 -7.07
C ASP Z 254 -17.13 -67.44 -6.47
N ALA Z 255 -18.20 -67.89 -7.13
CA ALA Z 255 -19.54 -67.69 -6.59
C ALA Z 255 -19.71 -68.40 -5.25
N ILE Z 256 -19.22 -69.64 -5.14
CA ILE Z 256 -19.30 -70.37 -3.89
C ILE Z 256 -18.48 -69.68 -2.81
N LYS Z 257 -17.28 -69.19 -3.17
CA LYS Z 257 -16.45 -68.49 -2.20
C LYS Z 257 -17.15 -67.22 -1.69
N LYS Z 258 -17.78 -66.48 -2.60
CA LYS Z 258 -18.48 -65.27 -2.18
C LYS Z 258 -19.69 -65.59 -1.31
N VAL Z 259 -20.41 -66.66 -1.65
CA VAL Z 259 -21.54 -67.08 -0.82
C VAL Z 259 -21.05 -67.49 0.57
N ASP Z 260 -19.92 -68.17 0.64
CA ASP Z 260 -19.34 -68.54 1.92
C ASP Z 260 -18.95 -67.30 2.72
N ALA Z 261 -18.37 -66.30 2.05
CA ALA Z 261 -18.01 -65.06 2.73
C ALA Z 261 -19.23 -64.34 3.28
N MET Z 262 -20.32 -64.30 2.49
CA MET Z 262 -21.53 -63.65 2.97
C MET Z 262 -22.19 -64.42 4.11
N VAL Z 263 -22.15 -65.76 4.06
CA VAL Z 263 -22.65 -66.54 5.18
C VAL Z 263 -21.79 -66.32 6.42
N SER Z 264 -20.49 -66.15 6.23
CA SER Z 264 -19.61 -65.80 7.34
C SER Z 264 -20.01 -64.47 7.95
N SER Z 265 -20.30 -63.48 7.10
CA SER Z 265 -20.72 -62.18 7.61
C SER Z 265 -22.05 -62.28 8.36
N THR Z 266 -22.98 -63.07 7.84
CA THR Z 266 -24.29 -63.19 8.48
C THR Z 266 -24.20 -63.91 9.82
N VAL Z 267 -23.49 -65.04 9.86
CA VAL Z 267 -23.41 -65.84 11.08
C VAL Z 267 -22.63 -65.10 12.17
N ASN Z 268 -21.57 -64.39 11.78
CA ASN Z 268 -20.75 -63.67 12.74
C ASN Z 268 -21.35 -62.33 13.14
N ASP Z 269 -22.47 -61.92 12.54
CA ASP Z 269 -23.09 -60.65 12.88
C ASP Z 269 -23.63 -60.72 14.30
N GLN Z 270 -23.26 -59.75 15.14
CA GLN Z 270 -23.54 -59.80 16.56
C GLN Z 270 -24.90 -59.19 16.93
N ASN Z 271 -25.53 -58.43 16.04
CA ASN Z 271 -26.79 -57.78 16.33
C ASN Z 271 -28.01 -58.66 16.06
N LEU Z 272 -27.80 -59.85 15.50
CA LEU Z 272 -28.90 -60.74 15.16
C LEU Z 272 -29.00 -61.90 16.14
N PRO Z 273 -30.20 -62.41 16.39
CA PRO Z 273 -30.32 -63.60 17.24
C PRO Z 273 -29.87 -64.86 16.51
N LEU Z 274 -29.74 -65.94 17.27
CA LEU Z 274 -29.26 -67.20 16.71
C LEU Z 274 -30.22 -67.74 15.65
N LEU Z 275 -31.52 -67.66 15.91
CA LEU Z 275 -32.51 -68.22 14.99
C LEU Z 275 -32.46 -67.53 13.63
N ASP Z 276 -32.40 -66.19 13.63
CA ASP Z 276 -32.36 -65.46 12.37
C ASP Z 276 -31.09 -65.79 11.58
N ARG Z 277 -29.96 -65.89 12.26
CA ARG Z 277 -28.71 -66.20 11.58
C ARG Z 277 -28.74 -67.60 10.99
N LEU Z 278 -29.23 -68.58 11.75
CA LEU Z 278 -29.32 -69.94 11.23
C LEU Z 278 -30.28 -70.02 10.04
N GLN Z 279 -31.39 -69.31 10.11
CA GLN Z 279 -32.38 -69.39 9.05
C GLN Z 279 -31.90 -68.67 7.78
N ALA Z 280 -31.16 -67.57 7.95
CA ALA Z 280 -30.55 -66.91 6.81
C ALA Z 280 -29.50 -67.81 6.17
N ALA Z 281 -28.71 -68.52 6.99
CA ALA Z 281 -27.77 -69.48 6.45
C ALA Z 281 -28.49 -70.59 5.69
N ASN Z 282 -29.62 -71.06 6.23
CA ASN Z 282 -30.44 -72.03 5.52
C ASN Z 282 -30.83 -71.51 4.14
N SER Z 283 -31.38 -70.29 4.09
CA SER Z 283 -31.84 -69.74 2.81
C SER Z 283 -30.67 -69.61 1.83
N MET Z 284 -29.53 -69.12 2.31
CA MET Z 284 -28.38 -68.91 1.43
C MET Z 284 -27.87 -70.22 0.86
N TYR Z 285 -27.65 -71.22 1.74
CA TYR Z 285 -27.14 -72.50 1.28
C TYR Z 285 -28.15 -73.22 0.38
N ASN Z 286 -29.44 -73.12 0.70
CA ASN Z 286 -30.45 -73.76 -0.14
C ASN Z 286 -30.50 -73.14 -1.52
N THR Z 287 -30.42 -71.80 -1.60
CA THR Z 287 -30.38 -71.14 -2.90
C THR Z 287 -29.14 -71.53 -3.69
N ALA Z 288 -27.98 -71.58 -3.02
CA ALA Z 288 -26.75 -71.96 -3.69
C ALA Z 288 -26.82 -73.39 -4.20
N TYR Z 289 -27.38 -74.30 -3.39
CA TYR Z 289 -27.51 -75.69 -3.82
C TYR Z 289 -28.47 -75.82 -4.99
N GLU Z 290 -29.59 -75.11 -4.95
CA GLU Z 290 -30.58 -75.22 -6.02
C GLU Z 290 -30.03 -74.65 -7.33
N LYS Z 291 -29.29 -73.54 -7.25
CA LYS Z 291 -28.82 -72.90 -8.47
C LYS Z 291 -27.68 -73.67 -9.13
N VAL Z 292 -26.87 -74.37 -8.35
CA VAL Z 292 -25.66 -75.01 -8.87
C VAL Z 292 -25.79 -76.51 -8.63
N VAL Z 293 -27.01 -77.03 -8.74
CA VAL Z 293 -27.24 -78.45 -8.48
C VAL Z 293 -26.58 -79.35 -9.52
N ASN Z 294 -26.39 -78.87 -10.75
CA ASN Z 294 -25.94 -79.73 -11.83
C ASN Z 294 -24.43 -79.96 -11.82
N ASN Z 295 -23.67 -79.16 -11.08
CA ASN Z 295 -22.22 -79.31 -11.01
C ASN Z 295 -21.87 -80.23 -9.84
N ALA Z 296 -21.22 -81.36 -10.15
CA ALA Z 296 -20.98 -82.38 -9.13
C ALA Z 296 -20.07 -81.88 -8.02
N THR Z 297 -18.92 -81.31 -8.40
CA THR Z 297 -17.96 -80.85 -7.38
C THR Z 297 -18.54 -79.72 -6.55
N ALA Z 298 -19.20 -78.76 -7.20
CA ALA Z 298 -19.80 -77.64 -6.48
C ALA Z 298 -20.92 -78.13 -5.56
N ARG Z 299 -21.73 -79.07 -6.03
CA ARG Z 299 -22.78 -79.63 -5.19
C ARG Z 299 -22.19 -80.35 -3.99
N ALA Z 300 -21.10 -81.10 -4.19
CA ALA Z 300 -20.44 -81.76 -3.07
C ALA Z 300 -19.90 -80.76 -2.05
N GLU Z 301 -19.31 -79.66 -2.53
CA GLU Z 301 -18.82 -78.64 -1.62
C GLU Z 301 -19.97 -78.00 -0.84
N VAL Z 302 -21.07 -77.71 -1.52
CA VAL Z 302 -22.24 -77.14 -0.84
C VAL Z 302 -22.78 -78.09 0.20
N GLU Z 303 -22.83 -79.39 -0.13
CA GLU Z 303 -23.30 -80.38 0.84
C GLU Z 303 -22.38 -80.48 2.04
N ARG Z 304 -21.06 -80.39 1.82
CA ARG Z 304 -20.13 -80.39 2.94
C ARG Z 304 -20.33 -79.17 3.83
N LYS Z 305 -20.55 -78.00 3.23
CA LYS Z 305 -20.84 -76.81 4.01
C LYS Z 305 -22.14 -76.98 4.80
N MET Z 306 -23.15 -77.59 4.19
CA MET Z 306 -24.41 -77.81 4.88
C MET Z 306 -24.26 -78.80 6.04
N LYS Z 307 -23.37 -79.79 5.89
CA LYS Z 307 -23.11 -80.70 7.01
C LYS Z 307 -22.36 -79.98 8.14
N ALA Z 308 -21.43 -79.09 7.78
CA ALA Z 308 -20.80 -78.26 8.79
C ALA Z 308 -21.84 -77.43 9.52
N LEU Z 309 -22.83 -76.91 8.79
CA LEU Z 309 -23.90 -76.14 9.42
C LEU Z 309 -24.78 -77.05 10.29
N GLN Z 310 -25.03 -78.28 9.86
CA GLN Z 310 -25.63 -79.29 10.73
C GLN Z 310 -24.96 -79.33 12.08
N ALA Z 311 -23.65 -79.61 12.09
CA ALA Z 311 -22.94 -79.77 13.35
C ALA Z 311 -22.95 -78.48 14.16
N TYR Z 312 -22.74 -77.34 13.50
CA TYR Z 312 -22.73 -76.07 14.21
C TYR Z 312 -24.07 -75.79 14.87
N GLN Z 313 -25.17 -76.01 14.14
CA GLN Z 313 -26.49 -75.80 14.71
C GLN Z 313 -26.74 -76.73 15.88
N TYR Z 314 -26.37 -78.01 15.73
CA TYR Z 314 -26.61 -78.98 16.78
C TYR Z 314 -25.90 -78.58 18.07
N GLU Z 315 -24.65 -78.13 17.97
CA GLU Z 315 -23.96 -77.71 19.20
C GLU Z 315 -24.42 -76.34 19.68
N ALA Z 316 -24.73 -75.41 18.77
CA ALA Z 316 -25.02 -74.04 19.17
C ALA Z 316 -26.37 -73.91 19.83
N ILE Z 317 -27.37 -74.67 19.39
CA ILE Z 317 -28.66 -74.63 20.07
C ILE Z 317 -28.52 -75.10 21.52
N THR Z 318 -27.76 -76.19 21.73
CA THR Z 318 -27.53 -76.68 23.07
C THR Z 318 -26.77 -75.66 23.92
N ASN Z 319 -25.74 -75.04 23.35
CA ASN Z 319 -24.95 -74.08 24.11
C ASN Z 319 -25.77 -72.82 24.45
N TRP Z 320 -26.59 -72.36 23.52
CA TRP Z 320 -27.24 -71.06 23.67
C TRP Z 320 -28.35 -71.08 24.72
N ASN Z 321 -29.05 -72.22 24.86
CA ASN Z 321 -30.26 -72.27 25.67
C ASN Z 321 -30.02 -72.81 27.08
N ASP Z 322 -28.78 -72.78 27.55
CA ASP Z 322 -28.47 -73.21 28.91
C ASP Z 322 -28.47 -71.99 29.81
N GLN Z 323 -29.36 -71.97 30.80
CA GLN Z 323 -29.53 -70.84 31.70
C GLN Z 323 -28.59 -70.89 32.89
N THR Z 324 -27.80 -71.94 33.03
CA THR Z 324 -26.83 -72.05 34.11
C THR Z 324 -25.48 -71.45 33.73
N LYS Z 325 -25.37 -70.86 32.55
CA LYS Z 325 -24.13 -70.32 32.02
C LYS Z 325 -24.26 -68.83 31.76
N PRO Z 326 -23.24 -68.04 32.08
CA PRO Z 326 -23.35 -66.58 31.93
C PRO Z 326 -23.39 -66.17 30.46
N ARG Z 327 -23.95 -64.98 30.22
CA ARG Z 327 -24.14 -64.50 28.85
C ARG Z 327 -22.80 -64.31 28.14
N ALA Z 328 -21.83 -63.69 28.81
CA ALA Z 328 -20.55 -63.42 28.17
C ALA Z 328 -19.82 -64.71 27.82
N GLU Z 329 -19.80 -65.67 28.75
CA GLU Z 329 -19.11 -66.92 28.49
C GLU Z 329 -19.85 -67.75 27.44
N ARG Z 330 -21.19 -67.69 27.43
CA ARG Z 330 -21.95 -68.36 26.37
C ARG Z 330 -21.64 -67.76 25.01
N GLU Z 331 -21.54 -66.42 24.93
CA GLU Z 331 -21.18 -65.79 23.67
C GLU Z 331 -19.77 -66.20 23.23
N ALA Z 332 -18.83 -66.25 24.18
CA ALA Z 332 -17.48 -66.68 23.86
C ALA Z 332 -17.48 -68.11 23.33
N PHE Z 333 -18.25 -69.00 23.96
CA PHE Z 333 -18.34 -70.38 23.48
C PHE Z 333 -19.00 -70.46 22.11
N ASP Z 334 -19.99 -69.60 21.85
CA ASP Z 334 -20.63 -69.60 20.55
C ASP Z 334 -19.67 -69.17 19.45
N GLN Z 335 -18.89 -68.11 19.68
CA GLN Z 335 -17.88 -67.73 18.71
C GLN Z 335 -16.81 -68.81 18.58
N GLN Z 336 -16.49 -69.49 19.68
CA GLN Z 336 -15.53 -70.59 19.61
C GLN Z 336 -16.05 -71.71 18.72
N LEU Z 337 -17.33 -72.05 18.85
CA LEU Z 337 -17.92 -73.07 17.98
C LEU Z 337 -17.93 -72.63 16.53
N GLN Z 338 -18.26 -71.35 16.27
CA GLN Z 338 -18.26 -70.84 14.91
C GLN Z 338 -16.86 -70.93 14.30
N ALA Z 339 -15.83 -70.59 15.07
CA ALA Z 339 -14.46 -70.74 14.59
C ALA Z 339 -14.11 -72.21 14.39
N LYS Z 340 -14.65 -73.09 15.25
CA LYS Z 340 -14.37 -74.51 15.12
C LYS Z 340 -14.91 -75.06 13.81
N HIS Z 341 -16.11 -74.67 13.43
CA HIS Z 341 -16.72 -75.18 12.20
C HIS Z 341 -16.37 -74.36 10.98
N GLY Z 342 -15.54 -73.31 11.13
CA GLY Z 342 -15.07 -72.56 9.99
C GLY Z 342 -16.05 -71.59 9.39
N LEU Z 343 -17.19 -71.35 10.04
CA LEU Z 343 -18.17 -70.41 9.48
C LEU Z 343 -17.63 -68.99 9.47
N ASN Z 344 -17.02 -68.55 10.57
CA ASN Z 344 -16.66 -67.14 10.74
C ASN Z 344 -15.16 -66.90 10.68
N VAL Z 345 -14.39 -67.79 10.03
CA VAL Z 345 -12.95 -67.58 9.93
C VAL Z 345 -12.64 -66.32 9.15
N ASP Z 346 -13.32 -66.13 8.01
CA ASP Z 346 -13.10 -64.94 7.20
C ASP Z 346 -13.44 -63.67 7.96
N SER Z 347 -14.56 -63.67 8.68
CA SER Z 347 -14.95 -62.49 9.45
C SER Z 347 -14.01 -62.27 10.64
N SER Z 348 -13.61 -63.35 11.31
CA SER Z 348 -12.80 -63.21 12.52
C SER Z 348 -11.35 -62.86 12.22
N TYR Z 349 -10.86 -63.13 10.99
CA TYR Z 349 -9.46 -62.85 10.68
C TYR Z 349 -9.16 -61.35 10.79
N MET Z 350 -10.12 -60.51 10.40
CA MET Z 350 -9.91 -59.06 10.47
C MET Z 350 -9.68 -58.62 11.90
N ALA Z 351 -10.58 -59.01 12.81
CA ALA Z 351 -10.41 -58.65 14.22
C ALA Z 351 -9.17 -59.30 14.82
N TRP Z 352 -8.84 -60.51 14.38
CA TRP Z 352 -7.63 -61.18 14.89
C TRP Z 352 -6.38 -60.40 14.52
N GLU Z 353 -6.30 -59.95 13.26
CA GLU Z 353 -5.15 -59.16 12.83
C GLU Z 353 -5.11 -57.82 13.54
N ASN Z 354 -6.28 -57.19 13.73
CA ASN Z 354 -6.31 -55.92 14.45
C ASN Z 354 -5.81 -56.08 15.89
N SER Z 355 -6.25 -57.14 16.56
CA SER Z 355 -5.80 -57.39 17.93
C SER Z 355 -4.31 -57.68 17.98
N ARG Z 356 -3.79 -58.44 17.01
CA ARG Z 356 -2.36 -58.70 16.97
C ARG Z 356 -1.57 -57.42 16.78
N LYS Z 357 -2.05 -56.53 15.90
CA LYS Z 357 -1.39 -55.25 15.69
C LYS Z 357 -1.42 -54.41 16.97
N GLN Z 358 -2.55 -54.40 17.67
CA GLN Z 358 -2.63 -53.64 18.92
C GLN Z 358 -1.66 -54.18 19.96
N TYR Z 359 -1.55 -55.51 20.08
CA TYR Z 359 -0.62 -56.09 21.03
C TYR Z 359 0.82 -55.77 20.69
N ILE Z 360 1.16 -55.84 19.39
CA ILE Z 360 2.52 -55.48 18.97
C ILE Z 360 2.80 -54.01 19.28
N GLU Z 361 1.82 -53.15 19.05
CA GLU Z 361 1.99 -51.73 19.35
C GLU Z 361 2.20 -51.51 20.84
N PHE Z 362 1.46 -52.24 21.68
CA PHE Z 362 1.64 -52.12 23.13
C PHE Z 362 3.03 -52.56 23.55
N GLN Z 363 3.51 -53.68 23.00
CA GLN Z 363 4.87 -54.14 23.32
C GLN Z 363 5.92 -53.12 22.88
N GLN Z 364 5.77 -52.58 21.68
CA GLN Z 364 6.71 -51.57 21.20
C GLN Z 364 6.67 -50.32 22.07
N GLN Z 365 5.48 -49.94 22.53
CA GLN Z 365 5.38 -48.79 23.43
C GLN Z 365 6.10 -49.03 24.74
N SER Z 366 5.96 -50.23 25.30
CA SER Z 366 6.65 -50.53 26.56
C SER Z 366 8.17 -50.51 26.37
N ARG Z 367 8.66 -51.15 25.31
CA ARG Z 367 10.09 -51.15 25.05
C ARG Z 367 10.60 -49.73 24.78
N GLN Z 368 9.79 -48.93 24.09
CA GLN Z 368 10.16 -47.56 23.77
C GLN Z 368 10.23 -46.71 25.04
N LEU Z 369 9.31 -46.94 25.99
CA LEU Z 369 9.37 -46.24 27.26
C LEU Z 369 10.62 -46.63 28.04
N GLN Z 370 10.97 -47.91 28.02
CA GLN Z 370 12.21 -48.33 28.69
C GLN Z 370 13.43 -47.65 28.05
N ASP Z 371 13.46 -47.60 26.72
CA ASP Z 371 14.56 -46.92 26.04
C ASP Z 371 14.57 -45.42 26.36
N LEU Z 372 13.39 -44.82 26.53
CA LEU Z 372 13.30 -43.42 26.90
C LEU Z 372 13.89 -43.18 28.28
N GLU Z 373 13.61 -44.09 29.22
CA GLU Z 373 14.26 -43.98 30.54
C GLU Z 373 15.77 -44.11 30.41
N GLN Z 374 16.22 -45.07 29.60
CA GLN Z 374 17.66 -45.28 29.45
C GLN Z 374 18.34 -44.05 28.87
N ASN Z 375 17.72 -43.42 27.88
CA ASN Z 375 18.23 -42.16 27.34
C ASN Z 375 18.13 -41.05 28.38
N GLY Z 376 17.05 -41.02 29.16
CA GLY Z 376 16.88 -40.04 30.20
C GLY Z 376 15.79 -39.03 29.98
N LEU Z 377 15.15 -39.01 28.80
CA LEU Z 377 14.13 -38.03 28.49
C LEU Z 377 12.95 -38.09 29.46
N ILE Z 378 12.73 -39.22 30.11
CA ILE Z 378 11.63 -39.39 31.06
C ILE Z 378 12.18 -39.91 32.37
N ASP Z 379 11.83 -39.24 33.45
CA ASP Z 379 12.26 -39.60 34.79
C ASP Z 379 11.55 -40.86 35.27
N SER Z 380 12.06 -41.42 36.37
CA SER Z 380 11.46 -42.63 36.92
C SER Z 380 10.03 -42.40 37.39
N ALA Z 381 9.76 -41.24 37.99
CA ALA Z 381 8.41 -40.94 38.47
C ALA Z 381 7.44 -40.87 37.30
N ARG Z 382 7.84 -40.23 36.21
CA ARG Z 382 6.95 -40.07 35.06
C ARG Z 382 6.74 -41.40 34.35
N LYS Z 383 7.77 -42.26 34.33
CA LYS Z 383 7.64 -43.55 33.67
C LYS Z 383 6.59 -44.42 34.35
N VAL Z 384 6.52 -44.36 35.68
CA VAL Z 384 5.50 -45.12 36.39
C VAL Z 384 4.11 -44.66 35.97
N ASN Z 385 3.90 -43.35 35.88
CA ASN Z 385 2.62 -42.82 35.46
C ASN Z 385 2.29 -43.25 34.03
N LEU Z 386 3.28 -43.23 33.14
CA LEU Z 386 3.03 -43.61 31.75
C LEU Z 386 2.71 -45.09 31.64
N SER Z 387 3.40 -45.95 32.41
CA SER Z 387 3.08 -47.37 32.40
C SER Z 387 1.69 -47.64 32.94
N ASP Z 388 1.32 -46.93 34.02
CA ASP Z 388 -0.05 -47.04 34.53
C ASP Z 388 -1.07 -46.59 33.48
N ASP Z 389 -0.75 -45.53 32.74
CA ASP Z 389 -1.63 -45.06 31.68
C ASP Z 389 -1.78 -46.12 30.59
N PHE Z 390 -0.67 -46.76 30.19
CA PHE Z 390 -0.73 -47.83 29.20
C PHE Z 390 -1.65 -48.94 29.66
N VAL Z 391 -1.41 -49.44 30.88
CA VAL Z 391 -2.19 -50.57 31.38
C VAL Z 391 -3.66 -50.19 31.51
N GLY Z 392 -3.93 -48.99 32.03
CA GLY Z 392 -5.31 -48.56 32.19
C GLY Z 392 -6.03 -48.41 30.88
N SER Z 393 -5.36 -47.83 29.87
CA SER Z 393 -5.98 -47.67 28.56
C SER Z 393 -6.26 -49.03 27.93
N VAL Z 394 -5.33 -49.97 28.04
CA VAL Z 394 -5.54 -51.29 27.47
C VAL Z 394 -6.71 -51.99 28.15
N VAL Z 395 -6.76 -51.92 29.48
CA VAL Z 395 -7.85 -52.56 30.22
C VAL Z 395 -9.18 -51.91 29.89
N GLN Z 396 -9.18 -50.59 29.75
CA GLN Z 396 -10.41 -49.88 29.40
C GLN Z 396 -10.91 -50.29 28.02
N LEU Z 397 -10.00 -50.42 27.05
CA LEU Z 397 -10.41 -50.89 25.72
C LEU Z 397 -10.97 -52.30 25.79
N ILE Z 398 -10.32 -53.19 26.55
CA ILE Z 398 -10.76 -54.58 26.59
C ILE Z 398 -12.12 -54.70 27.27
N LEU Z 399 -12.32 -53.99 28.37
CA LEU Z 399 -13.53 -54.15 29.18
C LEU Z 399 -14.67 -53.24 28.72
N TYR Z 400 -14.44 -51.93 28.75
CA TYR Z 400 -15.48 -50.95 28.49
C TYR Z 400 -15.42 -50.40 27.07
N GLY Z 401 -14.67 -51.04 26.17
CA GLY Z 401 -14.58 -50.60 24.80
C GLY Z 401 -15.83 -50.95 24.01
N GLU Z 402 -15.84 -50.50 22.75
CA GLU Z 402 -16.96 -50.73 21.84
C GLU Z 402 -16.57 -51.77 20.80
N GLY Z 403 -17.55 -52.60 20.43
CA GLY Z 403 -17.33 -53.65 19.47
C GLY Z 403 -16.83 -54.94 20.12
N ASN Z 404 -16.68 -55.95 19.28
CA ASN Z 404 -16.21 -57.27 19.73
C ASN Z 404 -14.71 -57.21 19.96
N THR Z 405 -14.33 -56.79 21.17
CA THR Z 405 -12.93 -56.74 21.57
C THR Z 405 -12.47 -58.04 22.24
N ALA Z 406 -13.15 -59.15 21.97
CA ALA Z 406 -12.78 -60.42 22.58
C ALA Z 406 -11.45 -60.94 22.05
N ALA Z 407 -11.06 -60.53 20.84
CA ALA Z 407 -9.79 -60.97 20.28
C ALA Z 407 -8.62 -60.48 21.12
N LEU Z 408 -8.64 -59.20 21.50
CA LEU Z 408 -7.58 -58.65 22.34
C LEU Z 408 -7.58 -59.29 23.72
N LYS Z 409 -8.77 -59.58 24.26
CA LYS Z 409 -8.85 -60.24 25.56
C LYS Z 409 -8.23 -61.64 25.50
N GLU Z 410 -8.52 -62.39 24.43
CA GLU Z 410 -7.91 -63.70 24.26
C GLU Z 410 -6.40 -63.59 24.08
N ARG Z 411 -5.96 -62.57 23.33
CA ARG Z 411 -4.52 -62.37 23.12
C ARG Z 411 -3.80 -62.11 24.42
N PHE Z 412 -4.37 -61.26 25.28
CA PHE Z 412 -3.73 -60.93 26.55
C PHE Z 412 -3.87 -62.05 27.57
N THR Z 413 -4.96 -62.81 27.53
CA THR Z 413 -5.15 -63.92 28.45
C THR Z 413 -4.16 -65.06 28.20
N ASP Z 414 -3.59 -65.13 26.99
CA ASP Z 414 -2.67 -66.20 26.62
C ASP Z 414 -1.34 -65.98 27.36
N ASN Z 415 -1.28 -66.44 28.60
CA ASN Z 415 -0.07 -66.32 29.41
C ASN Z 415 1.02 -67.28 28.95
N ARG Z 416 0.70 -68.25 28.10
CA ARG Z 416 1.72 -69.17 27.60
C ARG Z 416 2.77 -68.42 26.78
N ASN Z 417 2.34 -67.47 25.96
CA ASN Z 417 3.27 -66.65 25.20
C ASN Z 417 4.14 -65.83 26.14
N PHE Z 418 5.45 -65.83 25.89
CA PHE Z 418 6.43 -65.16 26.74
C PHE Z 418 6.91 -63.84 26.14
N GLU Z 419 6.32 -63.41 25.03
CA GLU Z 419 6.77 -62.20 24.34
C GLU Z 419 6.47 -60.99 25.20
N ALA Z 420 7.52 -60.39 25.75
CA ALA Z 420 7.42 -59.17 26.57
C ALA Z 420 6.43 -59.38 27.72
N ASN Z 421 6.60 -60.48 28.45
CA ASN Z 421 5.76 -60.73 29.62
C ASN Z 421 6.01 -59.70 30.70
N THR Z 422 7.22 -59.12 30.75
CA THR Z 422 7.52 -58.08 31.72
C THR Z 422 7.01 -56.71 31.29
N ALA Z 423 6.51 -56.58 30.06
CA ALA Z 423 6.00 -55.30 29.59
C ALA Z 423 4.75 -54.86 30.34
N GLY Z 424 4.03 -55.79 30.96
CA GLY Z 424 2.83 -55.44 31.70
C GLY Z 424 1.64 -56.32 31.36
N ALA Z 425 1.87 -57.41 30.63
CA ALA Z 425 0.79 -58.33 30.29
C ALA Z 425 0.20 -58.97 31.54
N GLY Z 426 1.04 -59.33 32.51
CA GLY Z 426 0.52 -59.87 33.75
C GLY Z 426 -0.33 -58.87 34.51
N GLU Z 427 0.09 -57.61 34.53
CA GLU Z 427 -0.72 -56.58 35.17
C GLU Z 427 -2.06 -56.42 34.46
N VAL Z 428 -2.06 -56.45 33.13
CA VAL Z 428 -3.31 -56.34 32.38
C VAL Z 428 -4.23 -57.51 32.69
N ARG Z 429 -3.69 -58.72 32.74
CA ARG Z 429 -4.51 -59.89 33.07
C ARG Z 429 -5.08 -59.78 34.48
N ARG Z 430 -4.25 -59.36 35.44
CA ARG Z 430 -4.73 -59.21 36.80
C ARG Z 430 -5.83 -58.17 36.90
N LEU Z 431 -5.67 -57.04 36.22
CA LEU Z 431 -6.70 -56.01 36.23
C LEU Z 431 -7.98 -56.51 35.56
N LEU Z 432 -7.86 -57.23 34.45
CA LEU Z 432 -9.04 -57.77 33.79
C LEU Z 432 -9.79 -58.74 34.71
N GLU Z 433 -9.04 -59.53 35.48
CA GLU Z 433 -9.69 -60.47 36.39
C GLU Z 433 -10.31 -59.74 37.58
N ALA Z 434 -9.68 -58.67 38.05
CA ALA Z 434 -10.05 -58.06 39.33
C ALA Z 434 -11.07 -56.94 39.23
N VAL Z 435 -11.09 -56.17 38.14
CA VAL Z 435 -11.90 -54.95 38.10
C VAL Z 435 -13.39 -55.21 38.31
N PRO Z 436 -14.03 -56.14 37.59
CA PRO Z 436 -15.48 -56.34 37.83
C PRO Z 436 -15.78 -56.88 39.22
N ARG Z 437 -14.98 -57.85 39.68
CA ARG Z 437 -15.16 -58.38 41.03
C ARG Z 437 -14.97 -57.29 42.06
N MET Z 438 -13.96 -56.44 41.88
CA MET Z 438 -13.70 -55.37 42.83
C MET Z 438 -14.81 -54.33 42.83
N ARG Z 439 -15.36 -54.00 41.66
CA ARG Z 439 -16.46 -53.05 41.62
C ARG Z 439 -17.70 -53.62 42.31
N ARG Z 440 -17.98 -54.91 42.09
CA ARG Z 440 -19.09 -55.55 42.78
C ARG Z 440 -18.87 -55.55 44.29
N GLU Z 441 -17.64 -55.84 44.73
CA GLU Z 441 -17.34 -55.82 46.16
C GLU Z 441 -17.50 -54.42 46.74
N THR Z 442 -17.07 -53.40 46.00
CA THR Z 442 -17.22 -52.02 46.47
C THR Z 442 -18.70 -51.65 46.61
N ASP Z 443 -19.52 -52.04 45.64
CA ASP Z 443 -20.95 -51.76 45.73
C ASP Z 443 -21.58 -52.48 46.92
N SER Z 444 -21.20 -53.75 47.13
CA SER Z 444 -21.72 -54.48 48.28
C SER Z 444 -21.30 -53.84 49.60
N LEU Z 445 -20.05 -53.37 49.67
CA LEU Z 445 -19.57 -52.69 50.87
C LEU Z 445 -20.33 -51.39 51.10
N ARG Z 446 -20.64 -50.66 50.04
CA ARG Z 446 -21.42 -49.44 50.18
C ARG Z 446 -22.82 -49.76 50.72
N SER Z 447 -23.44 -50.81 50.19
CA SER Z 447 -24.75 -51.21 50.70
C SER Z 447 -24.67 -51.60 52.17
N ASP Z 448 -23.63 -52.34 52.55
CA ASP Z 448 -23.46 -52.73 53.95
C ASP Z 448 -23.24 -51.52 54.84
N ASN Z 449 -22.47 -50.53 54.36
CA ASN Z 449 -22.25 -49.32 55.14
C ASN Z 449 -23.55 -48.54 55.33
N ALA Z 450 -24.37 -48.45 54.27
CA ALA Z 450 -25.66 -47.79 54.40
C ALA Z 450 -26.54 -48.53 55.40
N ALA Z 451 -26.53 -49.86 55.35
CA ALA Z 451 -27.31 -50.64 56.30
C ALA Z 451 -26.85 -50.40 57.74
N LEU Z 452 -25.53 -50.36 57.95
CA LEU Z 452 -25.01 -50.12 59.29
C LEU Z 452 -25.38 -48.72 59.78
N GLN Z 453 -25.30 -47.72 58.89
CA GLN Z 453 -25.68 -46.37 59.30
C GLN Z 453 -27.15 -46.28 59.64
N VAL Z 454 -28.01 -46.93 58.85
CA VAL Z 454 -29.44 -46.93 59.15
C VAL Z 454 -29.70 -47.62 60.49
N ALA Z 455 -29.03 -48.76 60.71
CA ALA Z 455 -29.21 -49.48 61.98
C ALA Z 455 -28.77 -48.62 63.16
N ARG Z 456 -27.63 -47.94 63.04
CA ARG Z 456 -27.14 -47.09 64.11
C ARG Z 456 -28.08 -45.93 64.37
N THR Z 457 -28.58 -45.28 63.31
CA THR Z 457 -29.48 -44.15 63.50
C THR Z 457 -30.78 -44.58 64.16
N ARG Z 458 -31.36 -45.70 63.71
CA ARG Z 458 -32.61 -46.15 64.32
C ARG Z 458 -32.39 -46.65 65.74
N LEU Z 459 -31.21 -47.24 66.01
CA LEU Z 459 -30.88 -47.63 67.38
C LEU Z 459 -30.77 -46.43 68.29
N GLN Z 460 -30.15 -45.35 67.80
CA GLN Z 460 -30.06 -44.12 68.57
C GLN Z 460 -31.45 -43.52 68.81
N ARG Z 461 -32.30 -43.50 67.79
CA ARG Z 461 -33.58 -42.83 67.90
C ARG Z 461 -34.56 -43.62 68.77
N GLU Z 462 -34.62 -44.94 68.60
CA GLU Z 462 -35.62 -45.76 69.26
C GLU Z 462 -35.08 -46.55 70.44
N GLY Z 463 -33.80 -46.92 70.42
CA GLY Z 463 -33.22 -47.73 71.47
C GLY Z 463 -33.12 -49.19 71.08
N VAL Z 464 -33.08 -50.04 72.11
CA VAL Z 464 -32.95 -51.48 71.89
C VAL Z 464 -34.21 -52.05 71.21
N THR Z 465 -35.32 -51.32 71.26
CA THR Z 465 -36.54 -51.78 70.59
C THR Z 465 -36.34 -51.99 69.10
N PHE Z 466 -35.31 -51.36 68.51
CA PHE Z 466 -34.96 -51.63 67.12
C PHE Z 466 -34.60 -53.10 66.92
N LEU Z 467 -33.88 -53.70 67.87
CA LEU Z 467 -33.47 -55.09 67.73
C LEU Z 467 -34.63 -56.08 67.85
N MET Z 468 -35.79 -55.62 68.29
CA MET Z 468 -36.95 -56.52 68.39
C MET Z 468 -37.49 -56.89 67.02
N ASN Z 469 -37.61 -55.92 66.12
CA ASN Z 469 -38.23 -56.13 64.82
C ASN Z 469 -37.31 -55.74 63.67
N ALA Z 470 -36.00 -55.93 63.84
CA ALA Z 470 -35.07 -55.70 62.76
C ALA Z 470 -35.23 -56.76 61.67
N ASP Z 471 -35.00 -56.35 60.42
CA ASP Z 471 -35.12 -57.27 59.32
C ASP Z 471 -33.96 -58.28 59.31
N ALA Z 472 -34.07 -59.26 58.42
CA ALA Z 472 -33.12 -60.37 58.42
C ALA Z 472 -31.70 -59.91 58.10
N ARG Z 473 -31.55 -58.99 57.14
CA ARG Z 473 -30.22 -58.58 56.71
C ARG Z 473 -29.47 -57.87 57.83
N THR Z 474 -30.14 -56.92 58.50
CA THR Z 474 -29.48 -56.20 59.59
C THR Z 474 -29.14 -57.15 60.73
N ARG Z 475 -30.01 -58.11 61.02
CA ARG Z 475 -29.70 -59.13 62.02
C ARG Z 475 -28.46 -59.92 61.63
N GLY Z 476 -28.34 -60.27 60.35
CA GLY Z 476 -27.15 -60.97 59.90
C GLY Z 476 -25.87 -60.15 60.04
N LEU Z 477 -25.94 -58.88 59.68
CA LEU Z 477 -24.76 -58.01 59.83
C LEU Z 477 -24.39 -57.85 61.31
N LEU Z 478 -25.40 -57.71 62.18
CA LEU Z 478 -25.11 -57.63 63.61
C LEU Z 478 -24.48 -58.92 64.13
N GLU Z 479 -24.96 -60.06 63.65
CA GLU Z 479 -24.37 -61.34 64.03
C GLU Z 479 -22.92 -61.44 63.57
N SER Z 480 -22.65 -61.00 62.34
CA SER Z 480 -21.29 -61.05 61.82
C SER Z 480 -20.46 -59.88 62.34
N LEU Z 496 -39.52 -53.84 79.58
CA LEU Z 496 -39.17 -53.90 81.00
C LEU Z 496 -39.11 -52.52 81.62
N THR Z 497 -38.72 -52.46 82.88
CA THR Z 497 -38.62 -51.19 83.60
C THR Z 497 -37.41 -50.41 83.10
N PRO Z 498 -37.38 -49.10 83.33
CA PRO Z 498 -36.25 -48.29 82.82
C PRO Z 498 -34.89 -48.72 83.33
N GLU Z 499 -34.82 -49.33 84.51
CA GLU Z 499 -33.52 -49.77 85.03
C GLU Z 499 -32.88 -50.80 84.11
N GLN Z 500 -33.63 -51.87 83.78
CA GLN Z 500 -33.15 -52.80 82.78
C GLN Z 500 -33.00 -52.11 81.42
N GLN Z 501 -33.87 -51.13 81.13
CA GLN Z 501 -33.71 -50.36 79.91
C GLN Z 501 -32.51 -49.41 79.97
N ALA Z 502 -32.04 -49.07 81.16
CA ALA Z 502 -30.77 -48.35 81.30
C ALA Z 502 -29.56 -49.25 81.11
N GLU Z 503 -29.62 -50.48 81.63
CA GLU Z 503 -28.60 -51.47 81.27
C GLU Z 503 -28.59 -51.72 79.76
N TYR Z 504 -29.77 -51.71 79.15
CA TYR Z 504 -29.86 -51.84 77.70
C TYR Z 504 -29.20 -50.67 76.99
N ALA Z 505 -29.34 -49.45 77.52
CA ALA Z 505 -28.64 -48.31 76.93
C ALA Z 505 -27.13 -48.44 77.10
N ARG Z 506 -26.69 -48.95 78.26
CA ARG Z 506 -25.27 -49.18 78.47
C ARG Z 506 -24.71 -50.18 77.46
N GLN Z 507 -25.46 -51.24 77.18
CA GLN Z 507 -25.06 -52.18 76.14
C GLN Z 507 -25.14 -51.54 74.76
N THR Z 508 -26.10 -50.63 74.56
CA THR Z 508 -26.26 -49.95 73.28
C THR Z 508 -25.05 -49.09 72.96
N ASN Z 509 -24.44 -48.50 73.99
CA ASN Z 509 -23.21 -47.74 73.76
C ASN Z 509 -22.13 -48.61 73.12
N GLN Z 510 -21.88 -49.80 73.68
CA GLN Z 510 -20.88 -50.70 73.13
C GLN Z 510 -21.28 -51.19 71.75
N VAL Z 511 -22.58 -51.46 71.54
CA VAL Z 511 -23.05 -51.90 70.24
C VAL Z 511 -22.77 -50.82 69.19
N GLN Z 512 -23.05 -49.57 69.53
CA GLN Z 512 -22.80 -48.46 68.61
C GLN Z 512 -21.31 -48.30 68.33
N GLN Z 513 -20.47 -48.47 69.35
CA GLN Z 513 -19.03 -48.41 69.11
C GLN Z 513 -18.58 -49.51 68.16
N ALA Z 514 -19.10 -50.72 68.33
CA ALA Z 514 -18.75 -51.81 67.42
C ALA Z 514 -19.23 -51.52 66.00
N ILE Z 515 -20.43 -51.00 65.86
CA ILE Z 515 -20.96 -50.66 64.54
C ILE Z 515 -20.08 -49.59 63.88
N GLU Z 516 -19.69 -48.57 64.65
CA GLU Z 516 -18.83 -47.53 64.10
C GLU Z 516 -17.48 -48.10 63.68
N GLN Z 517 -16.91 -49.01 64.47
CA GLN Z 517 -15.64 -49.62 64.10
C GLN Z 517 -15.77 -50.41 62.81
N GLN Z 518 -16.85 -51.18 62.66
CA GLN Z 518 -17.07 -51.94 61.43
C GLN Z 518 -17.21 -50.99 60.24
N ILE Z 519 -17.92 -49.88 60.43
CA ILE Z 519 -18.06 -48.88 59.37
C ILE Z 519 -16.69 -48.33 58.98
N ILE Z 520 -15.84 -48.05 59.97
CA ILE Z 520 -14.50 -47.54 59.68
C ILE Z 520 -13.71 -48.55 58.87
N ILE Z 521 -13.77 -49.83 59.25
CA ILE Z 521 -13.02 -50.86 58.52
C ILE Z 521 -13.50 -50.96 57.08
N ASN Z 522 -14.82 -50.99 56.88
CA ASN Z 522 -15.35 -51.12 55.53
C ASN Z 522 -15.02 -49.90 54.68
N ASP Z 523 -15.11 -48.71 55.27
CA ASP Z 523 -14.77 -47.49 54.54
C ASP Z 523 -13.29 -47.46 54.18
N GLN Z 524 -12.42 -47.95 55.07
CA GLN Z 524 -11.01 -48.03 54.75
C GLN Z 524 -10.77 -48.97 53.58
N ARG Z 525 -11.44 -50.12 53.57
CA ARG Z 525 -11.29 -51.04 52.44
C ARG Z 525 -11.77 -50.41 51.14
N VAL Z 526 -12.91 -49.72 51.19
CA VAL Z 526 -13.45 -49.06 50.00
C VAL Z 526 -12.49 -47.98 49.50
N GLN Z 527 -11.93 -47.20 50.42
CA GLN Z 527 -10.98 -46.15 50.05
C GLN Z 527 -9.74 -46.74 49.40
N ASN Z 528 -9.21 -47.82 49.96
CA ASN Z 528 -8.04 -48.47 49.36
C ASN Z 528 -8.35 -48.97 47.95
N ASN Z 529 -9.51 -49.62 47.79
CA ASN Z 529 -9.89 -50.13 46.48
C ASN Z 529 -10.01 -49.01 45.47
N ALA Z 530 -10.72 -47.93 45.83
CA ALA Z 530 -10.91 -46.82 44.91
C ALA Z 530 -9.61 -46.13 44.59
N ALA Z 531 -8.72 -45.98 45.58
CA ALA Z 531 -7.45 -45.33 45.34
C ALA Z 531 -6.58 -46.12 44.37
N GLU Z 532 -6.47 -47.43 44.56
CA GLU Z 532 -5.62 -48.18 43.64
C GLU Z 532 -6.33 -48.43 42.31
N LEU Z 533 -7.64 -48.27 42.24
CA LEU Z 533 -8.32 -48.21 40.94
C LEU Z 533 -7.97 -46.92 40.19
N ALA Z 534 -8.08 -45.78 40.86
CA ALA Z 534 -7.74 -44.51 40.24
C ALA Z 534 -6.26 -44.40 39.93
N LYS Z 535 -5.43 -45.21 40.58
CA LYS Z 535 -4.01 -45.27 40.23
C LYS Z 535 -3.82 -45.58 38.74
N TYR Z 536 -4.67 -46.46 38.19
CA TYR Z 536 -4.64 -46.74 36.76
C TYR Z 536 -5.51 -45.79 35.95
N GLY Z 537 -6.62 -45.33 36.51
CA GLY Z 537 -7.54 -44.47 35.82
C GLY Z 537 -8.88 -45.10 35.45
N LEU Z 538 -9.32 -46.12 36.18
CA LEU Z 538 -10.56 -46.82 35.90
C LEU Z 538 -11.61 -46.60 36.98
N SER Z 539 -11.48 -45.53 37.74
CA SER Z 539 -12.42 -45.22 38.82
C SER Z 539 -13.62 -44.41 38.35
N GLU Z 540 -13.66 -44.03 37.07
CA GLU Z 540 -14.78 -43.27 36.56
C GLU Z 540 -16.03 -44.15 36.47
N PRO Z 541 -17.21 -43.53 36.42
CA PRO Z 541 -18.44 -44.30 36.17
C PRO Z 541 -18.34 -45.09 34.87
N GLU Z 542 -19.20 -46.11 34.77
CA GLU Z 542 -19.13 -47.03 33.63
C GLU Z 542 -19.38 -46.31 32.31
N ASP Z 543 -20.37 -45.41 32.28
CA ASP Z 543 -20.66 -44.68 31.06
C ASP Z 543 -19.50 -43.78 30.65
N VAL Z 544 -18.88 -43.11 31.62
CA VAL Z 544 -17.74 -42.25 31.33
C VAL Z 544 -16.59 -43.05 30.77
N LEU Z 545 -16.31 -44.21 31.37
CA LEU Z 545 -15.26 -45.08 30.87
C LEU Z 545 -15.56 -45.58 29.46
N ARG Z 546 -16.84 -45.90 29.19
CA ARG Z 546 -17.22 -46.36 27.87
C ARG Z 546 -17.04 -45.26 26.83
N LYS Z 547 -17.35 -44.02 27.18
CA LYS Z 547 -17.27 -42.94 26.20
C LYS Z 547 -15.83 -42.46 25.98
N ASN Z 548 -14.91 -42.82 26.87
CA ASN Z 548 -13.55 -42.27 26.85
C ASN Z 548 -12.50 -43.36 26.75
N ALA Z 549 -12.69 -44.32 25.83
CA ALA Z 549 -11.71 -45.39 25.66
C ALA Z 549 -10.86 -45.18 24.41
N ALA Z 550 -11.50 -45.06 23.25
CA ALA Z 550 -10.77 -44.91 22.00
C ALA Z 550 -9.96 -43.63 21.99
N THR Z 551 -10.54 -42.53 22.46
CA THR Z 551 -9.81 -41.27 22.50
C THR Z 551 -8.64 -41.34 23.48
N ARG Z 552 -8.82 -42.02 24.61
CA ARG Z 552 -7.71 -42.17 25.55
C ARG Z 552 -6.57 -42.96 24.93
N ARG Z 553 -6.88 -44.06 24.24
CA ARG Z 553 -5.82 -44.83 23.58
C ARG Z 553 -5.15 -44.01 22.49
N LYS Z 554 -5.94 -43.25 21.72
CA LYS Z 554 -5.36 -42.41 20.67
C LYS Z 554 -4.43 -41.36 21.26
N LEU Z 555 -4.82 -40.76 22.38
CA LEU Z 555 -3.95 -39.78 23.04
C LEU Z 555 -2.67 -40.42 23.55
N VAL Z 556 -2.77 -41.63 24.12
CA VAL Z 556 -1.57 -42.33 24.57
C VAL Z 556 -0.64 -42.59 23.38
N ASN Z 557 -1.20 -43.07 22.27
CA ASN Z 557 -0.38 -43.35 21.10
C ASN Z 557 0.26 -42.09 20.54
N ASP Z 558 -0.49 -40.98 20.51
CA ASP Z 558 0.06 -39.73 20.00
C ASP Z 558 1.18 -39.20 20.90
N THR Z 559 0.98 -39.28 22.21
CA THR Z 559 2.02 -38.85 23.14
C THR Z 559 3.29 -39.68 22.96
N MET Z 560 3.13 -41.01 22.83
CA MET Z 560 4.30 -41.85 22.64
C MET Z 560 4.96 -41.58 21.29
N TYR Z 561 4.18 -41.28 20.26
CA TYR Z 561 4.76 -40.95 18.96
C TYR Z 561 5.57 -39.66 19.03
N GLN Z 562 5.06 -38.64 19.73
CA GLN Z 562 5.82 -37.41 19.88
C GLN Z 562 7.09 -37.64 20.68
N LEU Z 563 7.00 -38.44 21.74
CA LEU Z 563 8.19 -38.77 22.53
C LEU Z 563 9.22 -39.49 21.66
N GLY Z 564 8.78 -40.43 20.83
CA GLY Z 564 9.69 -41.14 19.97
C GLY Z 564 10.31 -40.24 18.91
N THR Z 565 9.54 -39.29 18.39
CA THR Z 565 10.09 -38.33 17.43
C THR Z 565 11.19 -37.50 18.07
N GLN Z 566 10.96 -37.02 19.29
CA GLN Z 566 12.00 -36.25 19.97
C GLN Z 566 13.22 -37.10 20.27
N ALA Z 567 13.01 -38.35 20.69
CA ALA Z 567 14.13 -39.24 20.96
C ALA Z 567 14.93 -39.52 19.69
N GLU Z 568 14.24 -39.73 18.57
CA GLU Z 568 14.94 -39.95 17.30
C GLU Z 568 15.74 -38.73 16.89
N GLN Z 569 15.19 -37.53 17.09
CA GLN Z 569 15.94 -36.31 16.78
C GLN Z 569 17.20 -36.24 17.63
N VAL Z 570 17.07 -36.51 18.93
CA VAL Z 570 18.23 -36.44 19.83
C VAL Z 570 19.28 -37.46 19.42
N ARG Z 571 18.86 -38.69 19.12
CA ARG Z 571 19.82 -39.73 18.74
C ARG Z 571 20.48 -39.41 17.41
N ARG Z 572 19.72 -38.88 16.46
CA ARG Z 572 20.29 -38.51 15.16
C ARG Z 572 21.32 -37.41 15.29
N THR Z 573 21.05 -36.42 16.15
CA THR Z 573 22.04 -35.36 16.36
C THR Z 573 23.30 -35.85 17.06
N GLN Z 574 23.27 -37.06 17.64
CA GLN Z 574 24.46 -37.65 18.26
C GLN Z 574 25.38 -38.17 17.17
N THR Z 575 26.29 -37.30 16.74
CA THR Z 575 27.28 -37.66 15.72
C THR Z 575 28.67 -37.24 16.19
N SER Z 576 29.67 -38.04 15.84
CA SER Z 576 31.04 -37.74 16.20
C SER Z 576 31.62 -36.69 15.26
N GLY Z 577 32.48 -35.84 15.82
CA GLY Z 577 33.14 -34.78 15.07
C GLY Z 577 34.45 -35.19 14.43
N TYR Z 578 34.80 -36.46 14.46
CA TYR Z 578 36.06 -36.95 13.91
C TYR Z 578 35.79 -37.80 12.69
N GLY Z 579 36.66 -37.66 11.68
CA GLY Z 579 36.49 -38.39 10.44
C GLY Z 579 36.88 -39.86 10.57
N GLN Z 580 36.56 -40.60 9.52
CA GLN Z 580 36.86 -42.03 9.49
C GLN Z 580 38.36 -42.26 9.31
N LEU Z 581 38.81 -43.43 9.75
CA LEU Z 581 40.22 -43.82 9.66
C LEU Z 581 40.44 -44.65 8.41
N GLY Z 582 41.52 -44.35 7.69
CA GLY Z 582 41.86 -45.12 6.52
C GLY Z 582 41.94 -44.29 5.25
N ILE Z 583 42.63 -44.82 4.24
CA ILE Z 583 42.77 -44.15 2.95
C ILE Z 583 42.45 -45.16 1.85
N THR Z 584 42.15 -44.64 0.67
CA THR Z 584 41.92 -45.50 -0.48
C THR Z 584 43.17 -46.32 -0.77
N SER Z 585 42.96 -47.61 -1.01
CA SER Z 585 44.08 -48.53 -1.18
C SER Z 585 44.87 -48.19 -2.44
N PRO Z 586 46.17 -47.91 -2.34
CA PRO Z 586 46.94 -47.63 -3.56
C PRO Z 586 47.17 -48.87 -4.40
N THR Z 587 47.32 -50.04 -3.76
CA THR Z 587 47.38 -51.29 -4.48
C THR Z 587 46.03 -51.59 -5.13
N THR Z 588 46.07 -52.21 -6.31
CA THR Z 588 44.85 -52.46 -7.06
C THR Z 588 43.93 -53.41 -6.31
N ALA Z 589 42.63 -53.18 -6.43
CA ALA Z 589 41.63 -54.01 -5.76
C ALA Z 589 41.02 -55.02 -6.72
N SER AA 37 -30.92 -56.08 -54.42
CA SER AA 37 -29.58 -55.65 -54.76
C SER AA 37 -28.66 -55.66 -53.54
N LYS AA 38 -27.59 -56.44 -53.61
CA LYS AA 38 -26.66 -56.54 -52.52
C LYS AA 38 -25.73 -55.32 -52.50
N THR AA 39 -25.07 -55.12 -51.35
CA THR AA 39 -24.17 -54.01 -51.19
C THR AA 39 -22.87 -54.24 -51.98
N GLN AA 40 -22.11 -53.17 -52.17
CA GLN AA 40 -20.86 -53.26 -52.91
C GLN AA 40 -19.85 -54.09 -52.13
N GLN AA 41 -19.01 -54.82 -52.86
CA GLN AA 41 -17.99 -55.68 -52.26
C GLN AA 41 -16.82 -55.80 -53.24
N ILE AA 42 -15.86 -56.64 -52.88
CA ILE AA 42 -14.69 -56.85 -53.72
C ILE AA 42 -15.05 -57.76 -54.88
N LEU AA 43 -14.57 -57.42 -56.07
CA LEU AA 43 -14.82 -58.21 -57.27
C LEU AA 43 -13.63 -59.08 -57.61
N GLU AA 44 -13.82 -59.93 -58.62
CA GLU AA 44 -12.73 -60.71 -59.18
C GLU AA 44 -11.78 -59.80 -59.95
N ALA AA 45 -10.60 -60.33 -60.26
CA ALA AA 45 -9.62 -59.55 -61.03
C ALA AA 45 -10.16 -59.20 -62.41
N GLY AA 46 -10.80 -60.17 -63.09
CA GLY AA 46 -11.32 -59.90 -64.41
C GLY AA 46 -12.44 -58.88 -64.40
N ASN AA 47 -13.37 -59.01 -63.46
CA ASN AA 47 -14.48 -58.07 -63.39
C ASN AA 47 -14.00 -56.66 -63.06
N ALA AA 48 -13.06 -56.54 -62.11
CA ALA AA 48 -12.52 -55.22 -61.78
C ALA AA 48 -11.77 -54.62 -62.96
N ALA AA 49 -10.99 -55.45 -63.67
CA ALA AA 49 -10.26 -54.96 -64.83
C ALA AA 49 -11.23 -54.47 -65.90
N ILE AA 50 -12.33 -55.20 -66.12
CA ILE AA 50 -13.32 -54.77 -67.10
C ILE AA 50 -13.98 -53.48 -66.67
N ALA AA 51 -14.32 -53.36 -65.38
CA ALA AA 51 -14.98 -52.15 -64.88
C ALA AA 51 -14.08 -50.93 -65.04
N GLN AA 52 -12.79 -51.07 -64.73
CA GLN AA 52 -11.89 -49.93 -64.85
C GLN AA 52 -11.50 -49.66 -66.29
N GLN AA 53 -11.52 -50.68 -67.15
CA GLN AA 53 -11.18 -50.48 -68.56
C GLN AA 53 -12.22 -49.66 -69.29
N ALA AA 54 -13.48 -49.76 -68.89
CA ALA AA 54 -14.57 -49.11 -69.60
C ALA AA 54 -14.56 -47.60 -69.45
N VAL AA 55 -13.71 -47.05 -68.58
CA VAL AA 55 -13.57 -45.60 -68.45
C VAL AA 55 -12.85 -45.12 -69.70
N SER AA 56 -13.61 -44.60 -70.67
CA SER AA 56 -13.05 -44.24 -71.96
C SER AA 56 -12.23 -42.96 -71.83
N ILE AA 57 -10.91 -43.12 -71.79
CA ILE AA 57 -9.99 -41.98 -71.75
C ILE AA 57 -9.68 -41.58 -73.19
N GLY AA 58 -9.85 -40.30 -73.49
CA GLY AA 58 -9.64 -39.81 -74.83
C GLY AA 58 -10.92 -39.74 -75.65
N GLN AA 59 -10.93 -38.82 -76.61
CA GLN AA 59 -12.10 -38.61 -77.47
C GLN AA 59 -11.98 -39.50 -78.72
N ALA AA 60 -11.72 -40.77 -78.46
CA ALA AA 60 -11.61 -41.76 -79.53
C ALA AA 60 -12.54 -42.95 -79.36
N SER AA 61 -13.50 -42.90 -78.43
CA SER AA 61 -14.43 -44.00 -78.20
C SER AA 61 -15.82 -43.41 -77.99
N GLN AA 62 -16.64 -43.45 -79.03
CA GLN AA 62 -18.00 -42.90 -78.99
C GLN AA 62 -18.02 -41.45 -78.54
N LEU AA 138 -34.70 -64.90 -78.15
CA LEU AA 138 -33.63 -64.44 -77.28
C LEU AA 138 -33.10 -65.58 -76.41
N THR AA 139 -31.78 -65.73 -76.40
CA THR AA 139 -31.13 -66.73 -75.56
C THR AA 139 -31.11 -66.25 -74.11
N VAL AA 140 -30.55 -67.09 -73.23
CA VAL AA 140 -30.53 -66.75 -71.81
C VAL AA 140 -29.66 -65.51 -71.57
N SER AA 141 -28.45 -65.48 -72.13
CA SER AA 141 -27.55 -64.36 -71.93
C SER AA 141 -28.13 -63.07 -72.50
N GLU AA 142 -28.68 -63.15 -73.72
CA GLU AA 142 -29.26 -61.95 -74.33
C GLU AA 142 -30.48 -61.45 -73.56
N GLN AA 143 -31.33 -62.37 -73.11
CA GLN AA 143 -32.51 -61.97 -72.34
C GLN AA 143 -32.11 -61.31 -71.03
N GLU AA 144 -31.14 -61.89 -70.32
CA GLU AA 144 -30.71 -61.31 -69.06
C GLU AA 144 -30.01 -59.98 -69.27
N ALA AA 145 -29.22 -59.84 -70.34
CA ALA AA 145 -28.60 -58.57 -70.64
C ALA AA 145 -29.63 -57.50 -70.96
N ASN AA 146 -30.67 -57.86 -71.72
CA ASN AA 146 -31.73 -56.90 -72.01
C ASN AA 146 -32.47 -56.50 -70.74
N ALA AA 147 -32.73 -57.47 -69.85
CA ALA AA 147 -33.41 -57.16 -68.60
C ALA AA 147 -32.58 -56.21 -67.73
N VAL AA 148 -31.27 -56.48 -67.61
CA VAL AA 148 -30.45 -55.63 -66.76
C VAL AA 148 -30.25 -54.26 -67.41
N ARG AA 149 -30.23 -54.19 -68.75
CA ARG AA 149 -30.17 -52.90 -69.42
C ARG AA 149 -31.43 -52.09 -69.16
N VAL AA 150 -32.59 -52.74 -69.22
CA VAL AA 150 -33.85 -52.05 -68.92
C VAL AA 150 -33.85 -51.58 -67.48
N GLU AA 151 -33.33 -52.41 -66.56
CA GLU AA 151 -33.25 -52.01 -65.16
C GLU AA 151 -32.33 -50.80 -64.97
N LEU AA 152 -31.19 -50.78 -65.66
CA LEU AA 152 -30.30 -49.64 -65.58
C LEU AA 152 -30.96 -48.38 -66.12
N GLY AA 153 -31.66 -48.50 -67.25
CA GLY AA 153 -32.37 -47.35 -67.79
C GLY AA 153 -33.43 -46.82 -66.84
N ASP AA 154 -34.18 -47.74 -66.22
CA ASP AA 154 -35.20 -47.33 -65.25
C ASP AA 154 -34.55 -46.68 -64.03
N LEU AA 155 -33.41 -47.19 -63.58
CA LEU AA 155 -32.70 -46.58 -62.46
C LEU AA 155 -32.26 -45.17 -62.79
N TYR AA 156 -31.70 -44.98 -63.99
CA TYR AA 156 -31.27 -43.64 -64.39
C TYR AA 156 -32.47 -42.70 -64.51
N ASN AA 157 -33.58 -43.19 -65.06
CA ASN AA 157 -34.77 -42.35 -65.18
C ASN AA 157 -35.31 -41.96 -63.81
N GLU AA 158 -35.31 -42.89 -62.86
CA GLU AA 158 -35.77 -42.58 -61.51
C GLU AA 158 -34.85 -41.56 -60.84
N TRP AA 159 -33.53 -41.71 -61.03
CA TRP AA 159 -32.59 -40.77 -60.45
C TRP AA 159 -32.76 -39.37 -61.05
N ARG AA 160 -32.95 -39.29 -62.37
CA ARG AA 160 -33.05 -37.99 -63.02
C ARG AA 160 -34.38 -37.31 -62.70
N SER AA 161 -35.48 -38.07 -62.77
CA SER AA 161 -36.80 -37.48 -62.54
C SER AA 161 -37.03 -37.17 -61.07
N GLY AA 162 -36.50 -38.02 -60.19
CA GLY AA 162 -36.67 -37.82 -58.76
C GLY AA 162 -35.74 -36.82 -58.13
N ASP AA 163 -34.89 -36.17 -58.92
CA ASP AA 163 -33.94 -35.17 -58.43
C ASP AA 163 -33.02 -35.78 -57.36
N LYS AA 164 -32.67 -37.05 -57.55
CA LYS AA 164 -31.79 -37.72 -56.60
C LYS AA 164 -30.35 -37.28 -56.73
N PHE AA 165 -29.94 -36.80 -57.91
CA PHE AA 165 -28.58 -36.33 -58.10
C PHE AA 165 -28.25 -35.12 -57.26
N ARG AA 166 -29.25 -34.33 -56.88
CA ARG AA 166 -29.03 -33.14 -56.06
C ARG AA 166 -29.43 -33.34 -54.61
N SER AA 167 -30.52 -34.07 -54.34
CA SER AA 167 -31.00 -34.20 -52.98
C SER AA 167 -30.14 -35.15 -52.16
N GLU AA 168 -29.65 -36.23 -52.74
CA GLU AA 168 -28.89 -37.20 -51.96
C GLU AA 168 -27.43 -36.77 -51.86
N PRO AA 169 -26.80 -36.88 -50.69
CA PRO AA 169 -25.44 -36.37 -50.52
C PRO AA 169 -24.41 -37.02 -51.42
N GLY AA 170 -24.55 -38.31 -51.72
CA GLY AA 170 -23.56 -39.00 -52.52
C GLY AA 170 -24.00 -39.27 -53.95
N GLY AA 171 -24.68 -38.30 -54.55
CA GLY AA 171 -25.37 -38.48 -55.82
C GLY AA 171 -24.65 -39.24 -56.91
N MET AA 172 -23.56 -38.67 -57.43
CA MET AA 172 -22.87 -39.31 -58.55
C MET AA 172 -22.28 -40.65 -58.13
N THR AA 173 -21.61 -40.69 -56.98
CA THR AA 173 -20.99 -41.93 -56.52
C THR AA 173 -22.04 -42.98 -56.22
N LYS AA 174 -23.15 -42.60 -55.58
CA LYS AA 174 -24.21 -43.56 -55.29
C LYS AA 174 -24.83 -44.10 -56.57
N PHE AA 175 -25.07 -43.23 -57.55
CA PHE AA 175 -25.63 -43.69 -58.82
C PHE AA 175 -24.69 -44.67 -59.51
N ARG AA 176 -23.40 -44.34 -59.56
CA ARG AA 176 -22.44 -45.24 -60.19
C ARG AA 176 -22.35 -46.57 -59.45
N ASP AA 177 -22.34 -46.53 -58.12
CA ASP AA 177 -22.23 -47.76 -57.34
C ASP AA 177 -23.48 -48.61 -57.48
N ALA AA 178 -24.66 -48.00 -57.55
CA ALA AA 178 -25.88 -48.76 -57.79
C ALA AA 178 -25.85 -49.41 -59.16
N GLY AA 179 -25.41 -48.68 -60.19
CA GLY AA 179 -25.30 -49.28 -61.51
C GLY AA 179 -24.32 -50.45 -61.54
N LEU AA 180 -23.16 -50.26 -60.90
CA LEU AA 180 -22.17 -51.33 -60.86
C LEU AA 180 -22.66 -52.53 -60.08
N ALA AA 181 -23.37 -52.31 -58.98
CA ALA AA 181 -23.92 -53.42 -58.21
C ALA AA 181 -24.95 -54.19 -59.03
N ARG AA 182 -25.79 -53.47 -59.79
CA ARG AA 182 -26.77 -54.13 -60.64
C ARG AA 182 -26.09 -54.94 -61.74
N ILE AA 183 -25.04 -54.39 -62.34
CA ILE AA 183 -24.37 -55.09 -63.45
C ILE AA 183 -23.60 -56.30 -62.95
N MET AA 184 -22.84 -56.15 -61.86
CA MET AA 184 -21.96 -57.20 -61.39
C MET AA 184 -22.66 -58.30 -60.61
N SER AA 185 -23.91 -58.09 -60.18
CA SER AA 185 -24.65 -59.12 -59.49
C SER AA 185 -25.08 -60.24 -60.43
N ARG AA 186 -24.92 -60.07 -61.73
CA ARG AA 186 -25.31 -61.07 -62.72
C ARG AA 186 -24.06 -61.74 -63.25
N THR AA 187 -23.78 -62.95 -62.76
CA THR AA 187 -22.60 -63.70 -63.19
C THR AA 187 -22.87 -64.56 -64.40
N ASN AA 188 -24.10 -64.56 -64.93
CA ASN AA 188 -24.48 -65.38 -66.08
C ASN AA 188 -24.33 -64.61 -67.39
N ILE AA 189 -23.78 -63.40 -67.34
CA ILE AA 189 -23.71 -62.50 -68.49
C ILE AA 189 -22.30 -62.55 -69.07
N THR AA 190 -22.23 -62.61 -70.40
CA THR AA 190 -20.94 -62.65 -71.08
C THR AA 190 -20.18 -61.35 -70.86
N GLU AA 191 -18.86 -61.42 -71.07
CA GLU AA 191 -18.00 -60.29 -70.75
C GLU AA 191 -18.30 -59.08 -71.64
N ALA AA 192 -18.54 -59.31 -72.93
CA ALA AA 192 -18.79 -58.20 -73.85
C ALA AA 192 -20.08 -57.47 -73.49
N GLN AA 193 -21.12 -58.22 -73.12
CA GLN AA 193 -22.37 -57.60 -72.69
C GLN AA 193 -22.16 -56.75 -71.44
N LYS AA 194 -21.35 -57.25 -70.51
CA LYS AA 194 -21.04 -56.46 -69.32
C LYS AA 194 -20.30 -55.18 -69.70
N LYS AA 195 -19.36 -55.27 -70.65
CA LYS AA 195 -18.66 -54.08 -71.11
C LYS AA 195 -19.63 -53.07 -71.71
N GLU AA 196 -20.57 -53.54 -72.53
CA GLU AA 196 -21.55 -52.64 -73.14
C GLU AA 196 -22.42 -51.97 -72.08
N LEU AA 197 -22.89 -52.75 -71.10
CA LEU AA 197 -23.73 -52.19 -70.04
C LEU AA 197 -22.98 -51.16 -69.22
N ILE AA 198 -21.72 -51.46 -68.88
CA ILE AA 198 -20.92 -50.52 -68.10
C ILE AA 198 -20.65 -49.26 -68.90
N ASN AA 199 -20.44 -49.41 -70.22
CA ASN AA 199 -20.27 -48.24 -71.08
C ASN AA 199 -21.52 -47.38 -71.09
N LEU AA 200 -22.70 -48.00 -71.15
CA LEU AA 200 -23.94 -47.23 -71.11
C LEU AA 200 -24.08 -46.49 -69.80
N HIS AA 201 -23.79 -47.17 -68.68
CA HIS AA 201 -23.88 -46.52 -67.37
C HIS AA 201 -22.90 -45.36 -67.26
N TYR AA 202 -21.68 -45.56 -67.74
CA TYR AA 202 -20.68 -44.48 -67.70
C TYR AA 202 -21.07 -43.33 -68.62
N GLY AA 203 -21.74 -43.62 -69.75
CA GLY AA 203 -22.23 -42.55 -70.59
C GLY AA 203 -23.29 -41.71 -69.90
N ASN AA 204 -24.22 -42.37 -69.19
CA ASN AA 204 -25.21 -41.62 -68.41
C ASN AA 204 -24.52 -40.77 -67.34
N TRP AA 205 -23.54 -41.35 -66.64
CA TRP AA 205 -22.79 -40.61 -65.64
C TRP AA 205 -22.08 -39.40 -66.25
N ASP AA 206 -21.49 -39.58 -67.43
CA ASP AA 206 -20.79 -38.49 -68.09
C ASP AA 206 -21.77 -37.40 -68.53
N ALA AA 207 -22.97 -37.78 -68.95
CA ALA AA 207 -23.98 -36.77 -69.28
C ALA AA 207 -24.35 -35.95 -68.05
N GLU AA 208 -24.55 -36.61 -66.90
CA GLU AA 208 -24.83 -35.88 -65.67
C GLU AA 208 -23.68 -34.95 -65.31
N MET AA 209 -22.45 -35.45 -65.43
CA MET AA 209 -21.28 -34.61 -65.13
C MET AA 209 -21.19 -33.42 -66.08
N LYS AA 210 -21.55 -33.62 -67.34
CA LYS AA 210 -21.56 -32.52 -68.30
C LYS AA 210 -22.57 -31.46 -67.90
N ALA AA 211 -23.76 -31.88 -67.48
CA ALA AA 211 -24.76 -30.91 -67.02
C ALA AA 211 -24.26 -30.13 -65.81
N TYR AA 212 -23.64 -30.84 -64.87
CA TYR AA 212 -23.10 -30.17 -63.68
C TYR AA 212 -21.99 -29.19 -64.05
N SER AA 213 -21.12 -29.57 -64.97
CA SER AA 213 -20.06 -28.68 -65.42
C SER AA 213 -20.63 -27.46 -66.13
N ASP AA 214 -21.71 -27.65 -66.90
CA ASP AA 214 -22.35 -26.51 -67.55
C ASP AA 214 -22.91 -25.53 -66.53
N ARG AA 215 -23.54 -26.05 -65.48
CA ARG AA 215 -24.07 -25.16 -64.44
C ARG AA 215 -22.93 -24.41 -63.74
N THR AA 216 -21.84 -25.11 -63.42
CA THR AA 216 -20.69 -24.43 -62.81
C THR AA 216 -20.11 -23.38 -63.73
N ALA AA 217 -20.07 -23.67 -65.04
CA ALA AA 217 -19.56 -22.71 -66.01
C ALA AA 217 -20.43 -21.46 -66.05
N LYS AA 218 -21.75 -21.64 -66.00
CA LYS AA 218 -22.64 -20.49 -65.96
C LYS AA 218 -22.39 -19.65 -64.71
N TYR AA 219 -22.20 -20.29 -63.56
CA TYR AA 219 -21.91 -19.56 -62.33
C TYR AA 219 -20.61 -18.76 -62.45
N ALA AA 220 -19.56 -19.39 -62.97
CA ALA AA 220 -18.27 -18.70 -63.09
C ALA AA 220 -18.36 -17.55 -64.08
N GLU AA 221 -19.07 -17.74 -65.19
CA GLU AA 221 -19.26 -16.67 -66.15
C GLU AA 221 -19.98 -15.49 -65.52
N GLU AA 222 -21.03 -15.76 -64.73
CA GLU AA 222 -21.75 -14.69 -64.07
C GLU AA 222 -20.82 -13.91 -63.13
N VAL AA 223 -20.02 -14.62 -62.35
CA VAL AA 223 -19.12 -13.95 -61.40
C VAL AA 223 -18.13 -13.05 -62.14
N SER AA 224 -17.47 -13.61 -63.18
CA SER AA 224 -16.48 -12.83 -63.91
C SER AA 224 -17.09 -11.62 -64.59
N GLN AA 225 -18.27 -11.80 -65.19
CA GLN AA 225 -18.93 -10.69 -65.86
C GLN AA 225 -19.30 -9.59 -64.87
N VAL AA 226 -19.78 -9.98 -63.68
CA VAL AA 226 -20.14 -8.98 -62.68
C VAL AA 226 -18.90 -8.17 -62.27
N ARG AA 227 -17.78 -8.86 -62.03
CA ARG AA 227 -16.58 -8.15 -61.60
C ARG AA 227 -16.09 -7.19 -62.68
N ARG AA 228 -15.99 -7.68 -63.92
CA ARG AA 228 -15.50 -6.83 -65.01
C ARG AA 228 -16.43 -5.65 -65.24
N GLU AA 229 -17.74 -5.87 -65.19
CA GLU AA 229 -18.69 -4.78 -65.37
C GLU AA 229 -18.56 -3.74 -64.27
N SER AA 230 -18.34 -4.19 -63.02
CA SER AA 230 -18.15 -3.23 -61.94
C SER AA 230 -16.93 -2.34 -62.18
N VAL AA 231 -15.82 -2.95 -62.57
CA VAL AA 231 -14.60 -2.16 -62.81
C VAL AA 231 -14.81 -1.17 -63.96
N ILE AA 232 -15.37 -1.67 -65.06
CA ILE AA 232 -15.57 -0.83 -66.24
C ILE AA 232 -16.52 0.32 -65.93
N LYS AA 233 -17.58 0.04 -65.18
CA LYS AA 233 -18.54 1.09 -64.84
C LYS AA 233 -17.92 2.14 -63.92
N GLU AA 234 -17.07 1.72 -62.99
CA GLU AA 234 -16.38 2.72 -62.17
C GLU AA 234 -15.57 3.66 -63.04
N ARG AA 235 -14.73 3.10 -63.92
CA ARG AA 235 -13.88 3.94 -64.75
C ARG AA 235 -14.71 4.86 -65.63
N THR AA 236 -15.76 4.31 -66.26
CA THR AA 236 -16.59 5.10 -67.17
C THR AA 236 -17.32 6.21 -66.43
N PHE AA 237 -17.84 5.91 -65.24
CA PHE AA 237 -18.51 6.92 -64.44
C PHE AA 237 -17.57 8.05 -64.05
N ARG AA 238 -16.35 7.71 -63.62
CA ARG AA 238 -15.40 8.75 -63.25
C ARG AA 238 -15.07 9.63 -64.44
N VAL AA 239 -14.85 9.02 -65.61
CA VAL AA 239 -14.52 9.81 -66.80
C VAL AA 239 -15.69 10.72 -67.18
N ASN AA 240 -16.91 10.19 -67.17
CA ASN AA 240 -18.06 11.00 -67.55
C ASN AA 240 -18.26 12.17 -66.58
N SER AA 241 -18.11 11.91 -65.28
CA SER AA 241 -18.29 12.98 -64.30
C SER AA 241 -17.22 14.05 -64.45
N VAL AA 242 -15.97 13.64 -64.69
CA VAL AA 242 -14.90 14.62 -64.87
C VAL AA 242 -15.13 15.47 -66.11
N VAL AA 243 -15.49 14.82 -67.23
CA VAL AA 243 -15.67 15.56 -68.48
C VAL AA 243 -16.86 16.50 -68.39
N SER AA 244 -17.95 16.05 -67.77
CA SER AA 244 -19.20 16.80 -67.74
C SER AA 244 -19.19 17.92 -66.71
N GLY AA 245 -18.17 18.01 -65.86
CA GLY AA 245 -18.10 19.07 -64.88
C GLY AA 245 -17.64 20.41 -65.41
N LEU AA 246 -17.29 20.48 -66.70
CA LEU AA 246 -16.82 21.71 -67.31
C LEU AA 246 -17.97 22.69 -67.49
N THR AA 247 -17.67 23.96 -67.28
CA THR AA 247 -18.64 25.04 -67.36
C THR AA 247 -18.73 25.49 -68.82
N TRP AA 248 -19.58 26.48 -69.11
CA TRP AA 248 -19.76 26.95 -70.48
C TRP AA 248 -18.45 27.43 -71.09
N ASP AA 249 -17.62 28.11 -70.30
CA ASP AA 249 -16.39 28.72 -70.77
C ASP AA 249 -15.15 28.09 -70.16
N ALA AA 250 -15.26 26.86 -69.65
CA ALA AA 250 -14.14 26.22 -68.97
C ALA AA 250 -13.10 25.73 -69.97
N ASP AA 251 -11.86 25.58 -69.49
CA ASP AA 251 -10.77 25.03 -70.27
C ASP AA 251 -10.62 23.55 -69.93
N PRO AA 252 -10.67 22.64 -70.91
CA PRO AA 252 -10.68 21.21 -70.60
C PRO AA 252 -9.30 20.57 -70.43
N THR AA 253 -8.24 21.36 -70.22
CA THR AA 253 -6.90 20.78 -70.12
C THR AA 253 -6.83 19.80 -68.95
N ASP AA 254 -7.31 20.19 -67.78
CA ASP AA 254 -7.31 19.29 -66.64
C ASP AA 254 -8.24 18.10 -66.87
N ALA AA 255 -9.39 18.33 -67.49
CA ALA AA 255 -10.31 17.24 -67.80
C ALA AA 255 -9.67 16.25 -68.76
N ILE AA 256 -8.98 16.76 -69.79
CA ILE AA 256 -8.33 15.89 -70.75
C ILE AA 256 -7.19 15.11 -70.08
N LYS AA 257 -6.45 15.75 -69.18
CA LYS AA 257 -5.40 15.05 -68.47
C LYS AA 257 -5.97 13.93 -67.58
N LYS AA 258 -7.09 14.20 -66.92
CA LYS AA 258 -7.72 13.17 -66.10
C LYS AA 258 -8.25 12.03 -66.95
N VAL AA 259 -8.79 12.35 -68.14
CA VAL AA 259 -9.22 11.31 -69.07
C VAL AA 259 -8.03 10.47 -69.50
N ASP AA 260 -6.89 11.12 -69.78
CA ASP AA 260 -5.68 10.39 -70.12
C ASP AA 260 -5.28 9.43 -68.99
N ALA AA 261 -5.33 9.92 -67.76
CA ALA AA 261 -4.96 9.08 -66.61
C ALA AA 261 -5.91 7.89 -66.49
N MET AA 262 -7.21 8.12 -66.66
CA MET AA 262 -8.16 7.02 -66.54
C MET AA 262 -8.00 6.00 -67.65
N VAL AA 263 -7.75 6.45 -68.88
CA VAL AA 263 -7.52 5.52 -69.98
C VAL AA 263 -6.23 4.75 -69.77
N SER AA 264 -5.21 5.41 -69.22
CA SER AA 264 -3.97 4.71 -68.87
C SER AA 264 -4.24 3.62 -67.84
N SER AA 265 -5.04 3.93 -66.82
CA SER AA 265 -5.35 2.93 -65.81
C SER AA 265 -6.15 1.77 -66.39
N THR AA 266 -7.09 2.06 -67.29
CA THR AA 266 -7.93 1.02 -67.86
C THR AA 266 -7.12 0.11 -68.79
N VAL AA 267 -6.32 0.70 -69.68
CA VAL AA 267 -5.57 -0.10 -70.64
C VAL AA 267 -4.50 -0.93 -69.95
N ASN AA 268 -3.85 -0.36 -68.92
CA ASN AA 268 -2.81 -1.09 -68.21
C ASN AA 268 -3.36 -2.20 -67.34
N ASP AA 269 -4.66 -2.17 -67.02
CA ASP AA 269 -5.25 -3.13 -66.09
C ASP AA 269 -5.09 -4.55 -66.62
N GLN AA 270 -4.48 -5.41 -65.79
CA GLN AA 270 -4.23 -6.79 -66.17
C GLN AA 270 -5.43 -7.71 -65.95
N ASN AA 271 -6.43 -7.26 -65.21
CA ASN AA 271 -7.57 -8.09 -64.87
C ASN AA 271 -8.69 -8.05 -65.90
N LEU AA 272 -8.52 -7.30 -66.99
CA LEU AA 272 -9.51 -7.21 -68.04
C LEU AA 272 -8.92 -7.73 -69.35
N PRO AA 273 -9.74 -8.31 -70.22
CA PRO AA 273 -9.24 -8.77 -71.52
C PRO AA 273 -9.03 -7.59 -72.47
N LEU AA 274 -8.42 -7.91 -73.63
CA LEU AA 274 -8.13 -6.87 -74.61
C LEU AA 274 -9.40 -6.22 -75.14
N LEU AA 275 -10.43 -7.03 -75.40
CA LEU AA 275 -11.67 -6.49 -75.95
C LEU AA 275 -12.32 -5.49 -74.99
N ASP AA 276 -12.42 -5.85 -73.72
CA ASP AA 276 -13.04 -4.96 -72.74
C ASP AA 276 -12.25 -3.67 -72.59
N ARG AA 277 -10.92 -3.76 -72.53
CA ARG AA 277 -10.10 -2.57 -72.36
C ARG AA 277 -10.22 -1.65 -73.56
N LEU AA 278 -10.13 -2.21 -74.77
CA LEU AA 278 -10.26 -1.39 -75.98
C LEU AA 278 -11.63 -0.74 -76.05
N GLN AA 279 -12.69 -1.50 -75.75
CA GLN AA 279 -14.04 -0.97 -75.87
C GLN AA 279 -14.28 0.13 -74.84
N ALA AA 280 -13.81 -0.07 -73.60
CA ALA AA 280 -13.96 0.96 -72.58
C ALA AA 280 -13.19 2.22 -72.95
N ALA AA 281 -11.95 2.06 -73.43
CA ALA AA 281 -11.17 3.23 -73.84
C ALA AA 281 -11.85 3.97 -74.99
N ASN AA 282 -12.43 3.22 -75.93
CA ASN AA 282 -13.14 3.86 -77.03
C ASN AA 282 -14.34 4.65 -76.53
N SER AA 283 -15.10 4.08 -75.59
CA SER AA 283 -16.25 4.80 -75.06
C SER AA 283 -15.81 6.08 -74.34
N MET AA 284 -14.73 5.98 -73.55
CA MET AA 284 -14.23 7.16 -72.84
C MET AA 284 -13.79 8.25 -73.80
N TYR AA 285 -13.01 7.89 -74.83
CA TYR AA 285 -12.58 8.88 -75.81
C TYR AA 285 -13.75 9.47 -76.58
N ASN AA 286 -14.74 8.64 -76.91
CA ASN AA 286 -15.91 9.14 -77.63
C ASN AA 286 -16.67 10.16 -76.80
N THR AA 287 -16.89 9.87 -75.51
CA THR AA 287 -17.57 10.82 -74.65
C THR AA 287 -16.78 12.12 -74.53
N ALA AA 288 -15.46 11.99 -74.32
CA ALA AA 288 -14.63 13.19 -74.18
C ALA AA 288 -14.67 14.04 -75.44
N TYR AA 289 -14.60 13.40 -76.61
CA TYR AA 289 -14.68 14.14 -77.87
C TYR AA 289 -16.03 14.80 -78.04
N GLU AA 290 -17.10 14.10 -77.68
CA GLU AA 290 -18.44 14.66 -77.86
C GLU AA 290 -18.64 15.88 -76.98
N LYS AA 291 -18.08 15.88 -75.78
CA LYS AA 291 -18.32 16.99 -74.85
C LYS AA 291 -17.38 18.17 -75.05
N VAL AA 292 -16.38 18.07 -75.91
CA VAL AA 292 -15.47 19.20 -76.17
C VAL AA 292 -15.38 19.52 -77.66
N VAL AA 293 -16.44 19.22 -78.42
CA VAL AA 293 -16.39 19.36 -79.87
C VAL AA 293 -16.23 20.81 -80.29
N ASN AA 294 -16.72 21.75 -79.49
CA ASN AA 294 -16.69 23.16 -79.88
C ASN AA 294 -15.34 23.82 -79.63
N ASN AA 295 -14.41 23.16 -78.96
CA ASN AA 295 -13.07 23.68 -78.73
C ASN AA 295 -12.12 23.04 -79.73
N ALA AA 296 -11.41 23.87 -80.49
CA ALA AA 296 -10.56 23.36 -81.56
C ALA AA 296 -9.35 22.61 -81.01
N THR AA 297 -8.67 23.19 -80.02
CA THR AA 297 -7.46 22.56 -79.49
C THR AA 297 -7.78 21.24 -78.81
N ALA AA 298 -8.84 21.21 -78.00
CA ALA AA 298 -9.25 19.97 -77.34
C ALA AA 298 -9.67 18.93 -78.36
N ARG AA 299 -10.40 19.35 -79.40
CA ARG AA 299 -10.81 18.42 -80.45
C ARG AA 299 -9.59 17.80 -81.14
N ALA AA 300 -8.60 18.64 -81.47
CA ALA AA 300 -7.40 18.13 -82.12
C ALA AA 300 -6.64 17.17 -81.22
N GLU AA 301 -6.52 17.50 -79.94
CA GLU AA 301 -5.82 16.63 -78.99
C GLU AA 301 -6.51 15.28 -78.88
N VAL AA 302 -7.83 15.30 -78.72
CA VAL AA 302 -8.59 14.06 -78.59
C VAL AA 302 -8.51 13.24 -79.87
N GLU AA 303 -8.54 13.91 -81.03
CA GLU AA 303 -8.43 13.19 -82.30
C GLU AA 303 -7.07 12.52 -82.44
N ARG AA 304 -5.99 13.22 -82.06
CA ARG AA 304 -4.67 12.62 -82.13
C ARG AA 304 -4.56 11.43 -81.17
N LYS AA 305 -5.15 11.55 -79.99
CA LYS AA 305 -5.10 10.43 -79.04
C LYS AA 305 -5.91 9.24 -79.54
N MET AA 306 -7.04 9.50 -80.22
CA MET AA 306 -7.76 8.39 -80.84
C MET AA 306 -6.94 7.75 -81.96
N LYS AA 307 -6.20 8.55 -82.72
CA LYS AA 307 -5.34 7.97 -83.75
C LYS AA 307 -4.28 7.07 -83.12
N ALA AA 308 -3.69 7.52 -82.01
CA ALA AA 308 -2.70 6.69 -81.31
C ALA AA 308 -3.35 5.40 -80.79
N LEU AA 309 -4.55 5.50 -80.23
CA LEU AA 309 -5.22 4.30 -79.74
C LEU AA 309 -5.59 3.36 -80.88
N GLN AA 310 -5.96 3.92 -82.04
CA GLN AA 310 -6.27 3.08 -83.20
C GLN AA 310 -5.03 2.33 -83.69
N ALA AA 311 -3.89 3.01 -83.73
CA ALA AA 311 -2.65 2.32 -84.09
C ALA AA 311 -2.32 1.23 -83.07
N TYR AA 312 -2.52 1.53 -81.79
CA TYR AA 312 -2.28 0.52 -80.76
C TYR AA 312 -3.19 -0.69 -80.95
N GLN AA 313 -4.47 -0.46 -81.27
CA GLN AA 313 -5.38 -1.56 -81.51
C GLN AA 313 -4.93 -2.37 -82.72
N TYR AA 314 -4.52 -1.68 -83.79
CA TYR AA 314 -4.11 -2.38 -85.00
C TYR AA 314 -2.92 -3.29 -84.74
N GLU AA 315 -1.96 -2.81 -83.93
CA GLU AA 315 -0.80 -3.66 -83.60
C GLU AA 315 -1.16 -4.75 -82.60
N ALA AA 316 -1.98 -4.45 -81.60
CA ALA AA 316 -2.29 -5.41 -80.56
C ALA AA 316 -3.20 -6.53 -81.04
N ILE AA 317 -3.97 -6.28 -82.11
CA ILE AA 317 -4.77 -7.37 -82.67
C ILE AA 317 -3.87 -8.46 -83.22
N THR AA 318 -2.83 -8.08 -83.96
CA THR AA 318 -1.87 -9.05 -84.45
C THR AA 318 -1.06 -9.66 -83.31
N ASN AA 319 -0.67 -8.84 -82.33
CA ASN AA 319 0.18 -9.34 -81.26
C ASN AA 319 -0.55 -10.35 -80.39
N TRP AA 320 -1.75 -10.02 -79.93
CA TRP AA 320 -2.41 -10.78 -78.86
C TRP AA 320 -2.88 -12.14 -79.34
N ASN AA 321 -3.35 -12.25 -80.58
CA ASN AA 321 -3.93 -13.48 -81.09
C ASN AA 321 -2.92 -14.44 -81.69
N ASP AA 322 -1.63 -14.12 -81.62
CA ASP AA 322 -0.60 -15.01 -82.14
C ASP AA 322 -0.42 -16.19 -81.18
N GLN AA 323 -0.63 -17.39 -81.69
CA GLN AA 323 -0.61 -18.60 -80.86
C GLN AA 323 0.76 -19.25 -80.76
N THR AA 324 1.76 -18.75 -81.48
CA THR AA 324 3.08 -19.34 -81.47
C THR AA 324 4.01 -18.72 -80.43
N LYS AA 325 3.52 -17.78 -79.65
CA LYS AA 325 4.33 -17.11 -78.65
C LYS AA 325 3.85 -17.47 -77.24
N PRO AA 326 4.76 -17.55 -76.28
CA PRO AA 326 4.35 -17.84 -74.89
C PRO AA 326 3.63 -16.66 -74.28
N ARG AA 327 2.93 -16.95 -73.18
CA ARG AA 327 2.11 -15.93 -72.52
C ARG AA 327 2.98 -14.78 -72.00
N ALA AA 328 4.12 -15.10 -71.39
CA ALA AA 328 4.98 -14.06 -70.84
C ALA AA 328 5.51 -13.14 -71.94
N GLU AA 329 5.96 -13.71 -73.05
CA GLU AA 329 6.46 -12.90 -74.15
C GLU AA 329 5.35 -12.05 -74.76
N ARG AA 330 4.15 -12.62 -74.89
CA ARG AA 330 3.02 -11.85 -75.43
C ARG AA 330 2.67 -10.68 -74.52
N GLU AA 331 2.64 -10.91 -73.20
CA GLU AA 331 2.34 -9.84 -72.28
C GLU AA 331 3.43 -8.76 -72.28
N ALA AA 332 4.69 -9.17 -72.36
CA ALA AA 332 5.78 -8.20 -72.43
C ALA AA 332 5.68 -7.36 -73.69
N PHE AA 333 5.38 -8.00 -74.83
CA PHE AA 333 5.23 -7.25 -76.07
C PHE AA 333 4.02 -6.33 -76.03
N ASP AA 334 2.95 -6.76 -75.37
CA ASP AA 334 1.77 -5.90 -75.22
C ASP AA 334 2.09 -4.68 -74.37
N GLN AA 335 2.85 -4.88 -73.29
CA GLN AA 335 3.27 -3.74 -72.47
C GLN AA 335 4.17 -2.79 -73.27
N GLN AA 336 5.07 -3.34 -74.08
CA GLN AA 336 5.91 -2.51 -74.92
C GLN AA 336 5.08 -1.73 -75.94
N LEU AA 337 4.05 -2.37 -76.50
CA LEU AA 337 3.14 -1.68 -77.41
C LEU AA 337 2.41 -0.55 -76.71
N GLN AA 338 1.93 -0.80 -75.49
CA GLN AA 338 1.22 0.23 -74.73
C GLN AA 338 2.14 1.41 -74.42
N ALA AA 339 3.38 1.13 -74.03
CA ALA AA 339 4.32 2.22 -73.73
C ALA AA 339 4.75 2.94 -75.00
N LYS AA 340 4.69 2.25 -76.14
CA LYS AA 340 5.11 2.86 -77.40
C LYS AA 340 4.20 4.02 -77.79
N HIS AA 341 2.90 3.85 -77.62
CA HIS AA 341 1.92 4.86 -78.02
C HIS AA 341 1.60 5.85 -76.92
N GLY AA 342 2.32 5.81 -75.80
CA GLY AA 342 2.09 6.77 -74.74
C GLY AA 342 0.81 6.55 -73.97
N LEU AA 343 0.31 5.33 -73.90
CA LEU AA 343 -0.92 5.03 -73.19
C LEU AA 343 -0.67 4.87 -71.69
N ASN AA 344 0.16 3.89 -71.31
CA ASN AA 344 0.38 3.55 -69.90
C ASN AA 344 1.56 4.32 -69.31
N VAL AA 345 1.53 5.64 -69.50
CA VAL AA 345 2.65 6.48 -69.07
C VAL AA 345 2.79 6.51 -67.55
N ASP AA 346 1.69 6.81 -66.84
CA ASP AA 346 1.78 7.00 -65.40
C ASP AA 346 2.10 5.69 -64.68
N SER AA 347 1.44 4.60 -65.06
CA SER AA 347 1.69 3.32 -64.41
C SER AA 347 3.12 2.84 -64.67
N SER AA 348 3.60 2.99 -65.91
CA SER AA 348 4.97 2.60 -66.22
C SER AA 348 5.97 3.43 -65.45
N TYR AA 349 5.74 4.75 -65.34
CA TYR AA 349 6.65 5.60 -64.58
C TYR AA 349 6.67 5.20 -63.11
N MET AA 350 5.48 4.94 -62.54
CA MET AA 350 5.44 4.53 -61.12
C MET AA 350 6.17 3.21 -60.90
N ALA AA 351 5.95 2.24 -61.80
CA ALA AA 351 6.64 0.96 -61.67
C ALA AA 351 8.16 1.13 -61.80
N TRP AA 352 8.60 1.95 -62.75
CA TRP AA 352 10.03 2.17 -62.92
C TRP AA 352 10.64 2.84 -61.70
N GLU AA 353 9.93 3.82 -61.12
CA GLU AA 353 10.45 4.49 -59.93
C GLU AA 353 10.51 3.54 -58.75
N ASN AA 354 9.50 2.69 -58.59
CA ASN AA 354 9.53 1.70 -57.51
C ASN AA 354 10.69 0.73 -57.71
N SER AA 355 10.94 0.30 -58.95
CA SER AA 355 12.06 -0.59 -59.21
C SER AA 355 13.40 0.10 -58.96
N ARG AA 356 13.49 1.39 -59.29
CA ARG AA 356 14.72 2.14 -59.01
C ARG AA 356 14.98 2.22 -57.51
N LYS AA 357 13.94 2.50 -56.73
CA LYS AA 357 14.11 2.49 -55.27
C LYS AA 357 14.51 1.12 -54.77
N GLN AA 358 13.90 0.06 -55.31
CA GLN AA 358 14.25 -1.29 -54.89
C GLN AA 358 15.71 -1.60 -55.19
N TYR AA 359 16.19 -1.19 -56.37
CA TYR AA 359 17.57 -1.46 -56.74
C TYR AA 359 18.54 -0.66 -55.88
N ILE AA 360 18.21 0.60 -55.58
CA ILE AA 360 19.06 1.40 -54.69
C ILE AA 360 19.11 0.76 -53.30
N GLU AA 361 17.97 0.27 -52.82
CA GLU AA 361 17.95 -0.43 -51.54
C GLU AA 361 18.79 -1.69 -51.58
N PHE AA 362 18.74 -2.42 -52.71
CA PHE AA 362 19.58 -3.59 -52.88
C PHE AA 362 21.05 -3.25 -52.76
N GLN AA 363 21.49 -2.21 -53.47
CA GLN AA 363 22.90 -1.80 -53.40
C GLN AA 363 23.27 -1.37 -51.99
N GLN AA 364 22.42 -0.59 -51.34
CA GLN AA 364 22.73 -0.12 -49.99
C GLN AA 364 22.81 -1.28 -49.00
N GLN AA 365 21.92 -2.27 -49.15
CA GLN AA 365 21.96 -3.43 -48.26
C GLN AA 365 23.20 -4.28 -48.49
N SER AA 366 23.62 -4.41 -49.76
CA SER AA 366 24.87 -5.13 -50.04
C SER AA 366 26.06 -4.42 -49.41
N ARG AA 367 26.11 -3.10 -49.56
CA ARG AA 367 27.20 -2.33 -48.95
C ARG AA 367 27.16 -2.44 -47.44
N GLN AA 368 25.96 -2.46 -46.86
CA GLN AA 368 25.83 -2.63 -45.41
C GLN AA 368 26.35 -4.00 -44.98
N LEU AA 369 26.06 -5.04 -45.75
CA LEU AA 369 26.60 -6.37 -45.43
C LEU AA 369 28.13 -6.34 -45.44
N GLN AA 370 28.71 -5.72 -46.47
CA GLN AA 370 30.17 -5.67 -46.54
C GLN AA 370 30.75 -4.89 -45.37
N ASP AA 371 30.13 -3.78 -45.00
CA ASP AA 371 30.59 -3.03 -43.84
C ASP AA 371 30.46 -3.85 -42.56
N LEU AA 372 29.38 -4.61 -42.43
CA LEU AA 372 29.15 -5.42 -41.24
C LEU AA 372 30.20 -6.51 -41.11
N GLU AA 373 30.61 -7.13 -42.22
CA GLU AA 373 31.56 -8.23 -42.14
C GLU AA 373 32.90 -7.76 -41.55
N GLN AA 374 33.39 -6.61 -42.02
CA GLN AA 374 34.69 -6.12 -41.54
C GLN AA 374 34.59 -5.27 -40.28
N ASN AA 375 33.38 -4.97 -39.81
CA ASN AA 375 33.24 -4.21 -38.57
C ASN AA 375 33.32 -5.09 -37.33
N GLY AA 376 33.35 -6.41 -37.50
CA GLY AA 376 33.42 -7.32 -36.38
C GLY AA 376 32.09 -7.72 -35.78
N LEU AA 377 30.99 -7.13 -36.25
CA LEU AA 377 29.67 -7.48 -35.72
C LEU AA 377 29.24 -8.87 -36.17
N ILE AA 378 29.53 -9.24 -37.41
CA ILE AA 378 29.15 -10.53 -37.97
C ILE AA 378 30.40 -11.27 -38.42
N ASP AA 379 30.50 -12.54 -38.04
CA ASP AA 379 31.61 -13.37 -38.46
C ASP AA 379 31.39 -13.87 -39.89
N SER AA 380 32.38 -14.58 -40.43
CA SER AA 380 32.36 -14.93 -41.85
C SER AA 380 31.21 -15.88 -42.18
N ALA AA 381 30.98 -16.89 -41.34
CA ALA AA 381 29.98 -17.90 -41.66
C ALA AA 381 28.57 -17.33 -41.64
N ARG AA 382 28.22 -16.59 -40.58
CA ARG AA 382 26.93 -15.92 -40.55
C ARG AA 382 26.81 -14.91 -41.67
N LYS AA 383 27.91 -14.26 -42.03
CA LYS AA 383 27.88 -13.28 -43.10
C LYS AA 383 27.53 -13.94 -44.43
N VAL AA 384 28.19 -15.05 -44.77
CA VAL AA 384 27.92 -15.69 -46.06
C VAL AA 384 26.53 -16.31 -46.06
N ASN AA 385 26.10 -16.86 -44.92
CA ASN AA 385 24.73 -17.40 -44.84
C ASN AA 385 23.70 -16.30 -45.04
N LEU AA 386 23.91 -15.13 -44.42
CA LEU AA 386 22.98 -14.03 -44.57
C LEU AA 386 23.00 -13.46 -45.98
N SER AA 387 24.18 -13.45 -46.62
CA SER AA 387 24.25 -13.01 -48.01
C SER AA 387 23.48 -13.96 -48.92
N ASP AA 388 23.62 -15.27 -48.69
CA ASP AA 388 22.84 -16.24 -49.46
C ASP AA 388 21.36 -16.04 -49.26
N ASP AA 389 20.93 -15.83 -48.01
CA ASP AA 389 19.53 -15.62 -47.72
C ASP AA 389 19.01 -14.35 -48.39
N PHE AA 390 19.80 -13.28 -48.36
CA PHE AA 390 19.39 -12.01 -48.96
C PHE AA 390 19.26 -12.12 -50.46
N VAL AA 391 20.23 -12.76 -51.12
CA VAL AA 391 20.16 -12.96 -52.57
C VAL AA 391 18.98 -13.84 -52.93
N GLY AA 392 18.76 -14.91 -52.16
CA GLY AA 392 17.62 -15.78 -52.43
C GLY AA 392 16.30 -15.07 -52.26
N SER AA 393 16.19 -14.21 -51.25
CA SER AA 393 14.97 -13.43 -51.04
C SER AA 393 14.74 -12.48 -52.21
N VAL AA 394 15.79 -11.83 -52.69
CA VAL AA 394 15.64 -10.93 -53.84
C VAL AA 394 15.17 -11.69 -55.07
N VAL AA 395 15.79 -12.86 -55.33
CA VAL AA 395 15.41 -13.66 -56.49
C VAL AA 395 13.97 -14.15 -56.36
N GLN AA 396 13.58 -14.58 -55.16
CA GLN AA 396 12.21 -15.03 -54.94
C GLN AA 396 11.21 -13.91 -55.16
N LEU AA 397 11.52 -12.70 -54.68
CA LEU AA 397 10.63 -11.57 -54.91
C LEU AA 397 10.51 -11.26 -56.40
N ILE AA 398 11.63 -11.31 -57.12
CA ILE AA 398 11.57 -10.98 -58.55
C ILE AA 398 10.78 -12.03 -59.31
N LEU AA 399 10.96 -13.32 -58.97
CA LEU AA 399 10.34 -14.39 -59.73
C LEU AA 399 8.88 -14.60 -59.33
N TYR AA 400 8.65 -14.97 -58.07
CA TYR AA 400 7.33 -15.40 -57.62
C TYR AA 400 6.55 -14.30 -56.90
N GLY AA 401 7.01 -13.06 -56.99
CA GLY AA 401 6.28 -11.98 -56.36
C GLY AA 401 4.93 -11.73 -56.99
N GLU AA 402 3.98 -11.30 -56.16
CA GLU AA 402 2.61 -11.03 -56.62
C GLU AA 402 2.49 -9.55 -57.01
N GLY AA 403 3.08 -9.24 -58.16
CA GLY AA 403 3.03 -7.87 -58.65
C GLY AA 403 3.76 -7.75 -59.96
N ASN AA 404 3.79 -6.52 -60.49
CA ASN AA 404 4.47 -6.22 -61.73
C ASN AA 404 5.96 -6.00 -61.44
N THR AA 405 6.67 -7.11 -61.30
CA THR AA 405 8.10 -7.09 -61.01
C THR AA 405 8.96 -7.14 -62.27
N ALA AA 406 8.35 -7.05 -63.45
CA ALA AA 406 9.12 -7.14 -64.69
C ALA AA 406 10.11 -6.00 -64.82
N ALA AA 407 9.80 -4.83 -64.25
CA ALA AA 407 10.73 -3.71 -64.32
C ALA AA 407 12.03 -4.01 -63.59
N LEU AA 408 11.96 -4.62 -62.41
CA LEU AA 408 13.17 -5.00 -61.69
C LEU AA 408 13.94 -6.07 -62.44
N LYS AA 409 13.24 -7.01 -63.07
CA LYS AA 409 13.91 -8.03 -63.86
C LYS AA 409 14.65 -7.41 -65.04
N GLU AA 410 14.03 -6.43 -65.70
CA GLU AA 410 14.71 -5.72 -66.77
C GLU AA 410 15.92 -4.94 -66.26
N ARG AA 411 15.79 -4.34 -65.07
CA ARG AA 411 16.90 -3.61 -64.47
C ARG AA 411 18.07 -4.55 -64.18
N PHE AA 412 17.78 -5.75 -63.69
CA PHE AA 412 18.86 -6.67 -63.33
C PHE AA 412 19.49 -7.33 -64.56
N THR AA 413 18.67 -7.92 -65.43
CA THR AA 413 19.20 -8.64 -66.57
C THR AA 413 19.90 -7.71 -67.55
N ASP AA 414 19.33 -6.54 -67.82
CA ASP AA 414 19.87 -5.59 -68.78
C ASP AA 414 20.41 -4.38 -68.03
N ASN AA 415 21.61 -3.94 -68.39
CA ASN AA 415 22.28 -2.87 -67.66
C ASN AA 415 23.09 -2.01 -68.63
N ARG AA 416 23.36 -0.78 -68.21
CA ARG AA 416 23.98 0.21 -69.10
C ARG AA 416 25.47 0.41 -68.81
N ASN AA 417 25.81 0.83 -67.58
CA ASN AA 417 27.18 1.22 -67.24
C ASN AA 417 27.46 0.86 -65.77
N PHE AA 418 28.35 -0.13 -65.58
CA PHE AA 418 28.81 -0.58 -64.26
C PHE AA 418 27.67 -0.78 -63.27
N GLU AA 419 26.47 -1.02 -63.78
CA GLU AA 419 25.33 -1.42 -62.97
C GLU AA 419 25.04 -2.88 -63.30
N ALA AA 420 24.54 -3.63 -62.31
CA ALA AA 420 24.29 -5.06 -62.44
C ALA AA 420 25.53 -5.84 -62.85
N ASN AA 421 26.71 -5.25 -62.71
CA ASN AA 421 27.97 -5.90 -63.05
C ASN AA 421 28.73 -6.40 -61.83
N THR AA 422 28.24 -6.13 -60.63
CA THR AA 422 28.90 -6.62 -59.43
C THR AA 422 28.67 -8.12 -59.27
N ALA AA 423 29.41 -8.71 -58.34
CA ALA AA 423 29.29 -10.15 -58.12
C ALA AA 423 27.90 -10.54 -57.65
N GLY AA 424 27.33 -9.76 -56.73
CA GLY AA 424 25.99 -10.06 -56.24
C GLY AA 424 24.93 -9.93 -57.32
N ALA AA 425 25.00 -8.86 -58.11
CA ALA AA 425 24.02 -8.67 -59.17
C ALA AA 425 24.19 -9.71 -60.27
N GLY AA 426 25.43 -10.09 -60.57
CA GLY AA 426 25.65 -11.17 -61.51
C GLY AA 426 25.09 -12.50 -61.02
N GLU AA 427 25.25 -12.77 -59.73
CA GLU AA 427 24.65 -13.97 -59.15
C GLU AA 427 23.12 -13.91 -59.22
N VAL AA 428 22.55 -12.73 -59.00
CA VAL AA 428 21.10 -12.57 -59.11
C VAL AA 428 20.65 -12.85 -60.53
N ARG AA 429 21.38 -12.33 -61.52
CA ARG AA 429 21.05 -12.60 -62.92
C ARG AA 429 21.11 -14.09 -63.22
N ARG AA 430 22.18 -14.75 -62.76
CA ARG AA 430 22.33 -16.19 -63.01
C ARG AA 430 21.21 -16.97 -62.35
N LEU AA 431 20.84 -16.61 -61.13
CA LEU AA 431 19.75 -17.29 -60.45
C LEU AA 431 18.42 -17.07 -61.18
N LEU AA 432 18.18 -15.85 -61.64
CA LEU AA 432 16.95 -15.57 -62.40
C LEU AA 432 16.90 -16.41 -63.67
N GLU AA 433 18.05 -16.59 -64.33
CA GLU AA 433 18.07 -17.40 -65.53
C GLU AA 433 17.89 -18.88 -65.23
N ALA AA 434 18.44 -19.36 -64.11
CA ALA AA 434 18.58 -20.80 -63.89
C ALA AA 434 17.47 -21.41 -63.04
N VAL AA 435 16.87 -20.67 -62.11
CA VAL AA 435 15.95 -21.29 -61.15
C VAL AA 435 14.75 -21.96 -61.81
N PRO AA 436 14.01 -21.29 -62.71
CA PRO AA 436 12.94 -22.04 -63.40
C PRO AA 436 13.46 -23.19 -64.23
N ARG AA 437 14.61 -22.99 -64.90
CA ARG AA 437 15.22 -24.07 -65.66
C ARG AA 437 15.65 -25.21 -64.75
N MET AA 438 16.23 -24.89 -63.59
CA MET AA 438 16.66 -25.93 -62.67
C MET AA 438 15.47 -26.72 -62.14
N ARG AA 439 14.38 -26.03 -61.79
CA ARG AA 439 13.21 -26.74 -61.29
C ARG AA 439 12.58 -27.62 -62.36
N ARG AA 440 12.45 -27.11 -63.58
CA ARG AA 440 11.89 -27.91 -64.66
C ARG AA 440 12.77 -29.12 -64.96
N GLU AA 441 14.09 -28.92 -64.98
CA GLU AA 441 15.00 -30.04 -65.20
C GLU AA 441 14.90 -31.06 -64.09
N THR AA 442 14.75 -30.61 -62.85
CA THR AA 442 14.59 -31.54 -61.73
C THR AA 442 13.34 -32.38 -61.88
N ASP AA 443 12.22 -31.74 -62.25
CA ASP AA 443 10.98 -32.49 -62.46
C ASP AA 443 11.12 -33.50 -63.59
N SER AA 444 11.69 -33.07 -64.71
CA SER AA 444 11.86 -33.96 -65.85
C SER AA 444 12.79 -35.13 -65.51
N LEU AA 445 13.86 -34.85 -64.77
CA LEU AA 445 14.79 -35.91 -64.39
C LEU AA 445 14.17 -36.88 -63.40
N ARG AA 446 13.31 -36.39 -62.50
CA ARG AA 446 12.62 -37.30 -61.59
C ARG AA 446 11.67 -38.21 -62.36
N SER AA 447 10.94 -37.65 -63.33
CA SER AA 447 10.08 -38.48 -64.16
C SER AA 447 10.89 -39.51 -64.95
N ASP AA 448 12.05 -39.09 -65.48
CA ASP AA 448 12.92 -40.00 -66.20
C ASP AA 448 13.43 -41.12 -65.29
N ASN AA 449 13.79 -40.78 -64.06
CA ASN AA 449 14.27 -41.79 -63.11
C ASN AA 449 13.17 -42.79 -62.79
N ALA AA 450 11.94 -42.31 -62.59
CA ALA AA 450 10.83 -43.23 -62.36
C ALA AA 450 10.60 -44.13 -63.56
N ALA AA 451 10.71 -43.56 -64.77
CA ALA AA 451 10.56 -44.37 -65.98
C ALA AA 451 11.63 -45.44 -66.08
N LEU AA 452 12.88 -45.07 -65.78
CA LEU AA 452 13.96 -46.04 -65.84
C LEU AA 452 13.79 -47.14 -64.80
N GLN AA 453 13.32 -46.79 -63.59
CA GLN AA 453 13.08 -47.81 -62.58
C GLN AA 453 11.96 -48.77 -62.99
N VAL AA 454 10.87 -48.23 -63.56
CA VAL AA 454 9.79 -49.10 -64.04
C VAL AA 454 10.30 -50.01 -65.15
N ALA AA 455 11.08 -49.46 -66.08
CA ALA AA 455 11.63 -50.26 -67.17
C ALA AA 455 12.56 -51.33 -66.64
N ARG AA 456 13.36 -51.01 -65.62
CA ARG AA 456 14.23 -52.00 -65.01
C ARG AA 456 13.45 -53.14 -64.37
N THR AA 457 12.37 -52.81 -63.66
CA THR AA 457 11.54 -53.86 -63.06
C THR AA 457 10.92 -54.74 -64.13
N ARG AA 458 10.40 -54.13 -65.19
CA ARG AA 458 9.79 -54.92 -66.25
C ARG AA 458 10.82 -55.73 -67.02
N LEU AA 459 12.06 -55.25 -67.09
CA LEU AA 459 13.13 -56.03 -67.73
C LEU AA 459 13.54 -57.20 -66.85
N GLN AA 460 13.55 -57.01 -65.55
CA GLN AA 460 13.83 -58.12 -64.64
C GLN AA 460 12.73 -59.17 -64.71
N ARG AA 461 11.48 -58.74 -64.92
CA ARG AA 461 10.38 -59.71 -64.98
C ARG AA 461 10.28 -60.39 -66.34
N GLU AA 462 10.02 -59.63 -67.40
CA GLU AA 462 9.74 -60.13 -68.73
C GLU AA 462 10.59 -59.41 -69.77
N GLY AA 463 11.90 -59.37 -69.55
CA GLY AA 463 12.82 -58.54 -70.30
C GLY AA 463 12.65 -58.41 -71.79
N VAL AA 464 12.82 -59.51 -72.54
CA VAL AA 464 12.78 -59.43 -74.00
C VAL AA 464 11.41 -58.97 -74.46
N THR AA 465 10.35 -59.55 -73.90
CA THR AA 465 8.99 -59.19 -74.30
C THR AA 465 8.70 -57.71 -74.01
N PHE AA 466 9.13 -57.22 -72.85
CA PHE AA 466 8.90 -55.82 -72.51
C PHE AA 466 9.67 -54.89 -73.46
N LEU AA 467 10.92 -55.23 -73.77
CA LEU AA 467 11.70 -54.40 -74.69
C LEU AA 467 11.08 -54.36 -76.08
N MET AA 468 10.59 -55.51 -76.57
CA MET AA 468 9.97 -55.51 -77.90
C MET AA 468 8.55 -54.96 -77.88
N ASN AA 469 7.93 -54.83 -76.71
CA ASN AA 469 6.56 -54.34 -76.59
C ASN AA 469 6.46 -53.16 -75.63
N ALA AA 470 7.49 -52.33 -75.57
CA ALA AA 470 7.47 -51.17 -74.69
C ALA AA 470 6.52 -50.10 -75.21
N ASP AA 471 6.04 -49.25 -74.31
CA ASP AA 471 5.15 -48.16 -74.68
C ASP AA 471 5.96 -47.02 -75.29
N ALA AA 472 5.27 -45.94 -75.67
CA ALA AA 472 5.96 -44.81 -76.29
C ALA AA 472 6.90 -44.12 -75.30
N ARG AA 473 6.50 -44.05 -74.02
CA ARG AA 473 7.34 -43.39 -73.03
C ARG AA 473 8.69 -44.09 -72.86
N THR AA 474 8.67 -45.43 -72.79
CA THR AA 474 9.92 -46.16 -72.63
C THR AA 474 10.74 -46.12 -73.91
N ARG AA 475 10.08 -46.19 -75.07
CA ARG AA 475 10.79 -46.18 -76.34
C ARG AA 475 11.63 -44.91 -76.50
N GLY AA 476 11.13 -43.79 -76.00
CA GLY AA 476 11.88 -42.54 -76.05
C GLY AA 476 13.20 -42.62 -75.31
N LEU AA 477 13.18 -43.27 -74.14
CA LEU AA 477 14.41 -43.42 -73.37
C LEU AA 477 15.30 -44.50 -73.98
N LEU AA 478 14.70 -45.51 -74.61
CA LEU AA 478 15.49 -46.54 -75.28
C LEU AA 478 16.29 -45.95 -76.42
N GLU AA 479 15.69 -45.03 -77.18
CA GLU AA 479 16.41 -44.34 -78.24
C GLU AA 479 17.55 -43.50 -77.66
N SER AA 480 17.29 -42.82 -76.55
CA SER AA 480 18.30 -41.99 -75.89
C SER AA 480 19.40 -42.86 -75.27
N LEU AA 496 15.38 -68.17 -79.25
CA LEU AA 496 15.14 -69.17 -80.29
C LEU AA 496 15.87 -70.46 -79.96
N THR AA 497 17.06 -70.63 -80.51
CA THR AA 497 17.92 -71.75 -80.18
C THR AA 497 18.52 -71.53 -78.80
N PRO AA 498 19.03 -72.56 -78.13
CA PRO AA 498 19.52 -72.36 -76.75
C PRO AA 498 20.60 -71.30 -76.61
N GLU AA 499 21.45 -71.13 -77.62
CA GLU AA 499 22.49 -70.11 -77.53
C GLU AA 499 21.91 -68.71 -77.76
N GLN AA 500 20.91 -68.59 -78.63
CA GLN AA 500 20.31 -67.28 -78.89
C GLN AA 500 19.60 -66.75 -77.65
N GLN AA 501 18.96 -67.62 -76.88
CA GLN AA 501 18.30 -67.20 -75.65
C GLN AA 501 19.32 -66.62 -74.67
N ALA AA 502 20.47 -67.28 -74.54
CA ALA AA 502 21.53 -66.78 -73.67
C ALA AA 502 22.09 -65.45 -74.17
N GLU AA 503 22.27 -65.33 -75.48
CA GLU AA 503 22.78 -64.08 -76.04
C GLU AA 503 21.82 -62.93 -75.79
N TYR AA 504 20.52 -63.16 -75.99
CA TYR AA 504 19.54 -62.12 -75.73
C TYR AA 504 19.42 -61.80 -74.25
N ALA AA 505 19.58 -62.80 -73.39
CA ALA AA 505 19.61 -62.54 -71.95
C ALA AA 505 20.80 -61.66 -71.58
N ARG AA 506 21.96 -61.91 -72.20
CA ARG AA 506 23.12 -61.07 -71.96
C ARG AA 506 22.88 -59.65 -72.46
N GLN AA 507 22.21 -59.51 -73.61
CA GLN AA 507 21.86 -58.20 -74.12
C GLN AA 507 20.96 -57.45 -73.14
N THR AA 508 19.94 -58.15 -72.61
CA THR AA 508 19.04 -57.52 -71.64
C THR AA 508 19.80 -57.13 -70.37
N ASN AA 509 20.74 -57.97 -69.94
CA ASN AA 509 21.56 -57.63 -68.77
C ASN AA 509 22.38 -56.38 -69.03
N GLN AA 510 22.96 -56.26 -70.23
CA GLN AA 510 23.72 -55.06 -70.58
C GLN AA 510 22.84 -53.82 -70.57
N VAL AA 511 21.62 -53.95 -71.09
CA VAL AA 511 20.65 -52.86 -71.06
C VAL AA 511 20.36 -52.50 -69.61
N GLN AA 512 20.32 -53.51 -68.74
CA GLN AA 512 20.06 -53.27 -67.32
C GLN AA 512 21.19 -52.49 -66.67
N GLN AA 513 22.44 -52.83 -66.99
CA GLN AA 513 23.55 -52.03 -66.43
C GLN AA 513 23.52 -50.60 -66.98
N ALA AA 514 23.15 -50.44 -68.25
CA ALA AA 514 23.00 -49.09 -68.80
C ALA AA 514 21.93 -48.31 -68.05
N ILE AA 515 20.82 -48.98 -67.72
CA ILE AA 515 19.75 -48.34 -66.96
C ILE AA 515 20.24 -47.96 -65.56
N GLU AA 516 21.02 -48.84 -64.93
CA GLU AA 516 21.62 -48.52 -63.64
C GLU AA 516 22.48 -47.25 -63.73
N GLN AA 517 23.34 -47.18 -64.74
CA GLN AA 517 24.23 -46.04 -64.88
C GLN AA 517 23.44 -44.74 -65.12
N GLN AA 518 22.43 -44.81 -65.98
CA GLN AA 518 21.62 -43.63 -66.25
C GLN AA 518 20.85 -43.19 -65.01
N ILE AA 519 20.34 -44.15 -64.23
CA ILE AA 519 19.64 -43.81 -62.99
C ILE AA 519 20.58 -43.13 -62.01
N ILE AA 520 21.80 -43.65 -61.88
CA ILE AA 520 22.78 -43.05 -60.98
C ILE AA 520 23.09 -41.62 -61.41
N ILE AA 521 23.30 -41.42 -62.71
CA ILE AA 521 23.63 -40.08 -63.21
C ILE AA 521 22.48 -39.11 -62.95
N ASN AA 522 21.24 -39.55 -63.26
CA ASN AA 522 20.08 -38.69 -63.06
C ASN AA 522 19.88 -38.35 -61.59
N ASP AA 523 20.06 -39.33 -60.70
CA ASP AA 523 19.88 -39.08 -59.28
C ASP AA 523 20.94 -38.12 -58.76
N GLN AA 524 22.18 -38.27 -59.20
CA GLN AA 524 23.22 -37.34 -58.77
C GLN AA 524 22.93 -35.92 -59.26
N ARG AA 525 22.47 -35.80 -60.51
CA ARG AA 525 22.13 -34.47 -61.04
C ARG AA 525 20.96 -33.85 -60.26
N VAL AA 526 19.96 -34.66 -59.92
CA VAL AA 526 18.82 -34.16 -59.16
C VAL AA 526 19.27 -33.70 -57.78
N GLN AA 527 20.13 -34.48 -57.12
CA GLN AA 527 20.62 -34.08 -55.81
C GLN AA 527 21.42 -32.79 -55.88
N ASN AA 528 22.26 -32.64 -56.91
CA ASN AA 528 23.02 -31.41 -57.07
C ASN AA 528 22.11 -30.21 -57.28
N ASN AA 529 21.09 -30.38 -58.14
CA ASN AA 529 20.14 -29.29 -58.38
C ASN AA 529 19.39 -28.92 -57.11
N ALA AA 530 18.95 -29.93 -56.35
CA ALA AA 530 18.22 -29.67 -55.11
C ALA AA 530 19.09 -28.93 -54.11
N ALA AA 531 20.35 -29.34 -53.96
CA ALA AA 531 21.25 -28.66 -53.04
C ALA AA 531 21.50 -27.22 -53.47
N GLU AA 532 21.73 -27.00 -54.77
CA GLU AA 532 21.98 -25.65 -55.26
C GLU AA 532 20.75 -24.76 -55.04
N LEU AA 533 19.55 -25.28 -55.28
CA LEU AA 533 18.35 -24.49 -55.06
C LEU AA 533 18.11 -24.22 -53.58
N ALA AA 534 18.34 -25.23 -52.73
CA ALA AA 534 18.08 -25.06 -51.30
C ALA AA 534 19.12 -24.21 -50.61
N LYS AA 535 20.28 -24.01 -51.23
CA LYS AA 535 21.26 -23.09 -50.65
C LYS AA 535 20.69 -21.69 -50.50
N TYR AA 536 19.85 -21.25 -51.42
CA TYR AA 536 19.24 -19.94 -51.36
C TYR AA 536 17.80 -19.95 -50.85
N GLY AA 537 17.29 -21.11 -50.45
CA GLY AA 537 15.93 -21.19 -49.95
C GLY AA 537 14.85 -21.26 -51.00
N LEU AA 538 15.20 -21.54 -52.26
CA LEU AA 538 14.24 -21.58 -53.36
C LEU AA 538 13.79 -22.99 -53.68
N SER AA 539 14.07 -23.96 -52.81
CA SER AA 539 13.65 -25.35 -53.02
C SER AA 539 12.23 -25.62 -52.55
N GLU AA 540 11.56 -24.62 -51.96
CA GLU AA 540 10.21 -24.81 -51.50
C GLU AA 540 9.24 -24.94 -52.68
N PRO AA 541 8.07 -25.54 -52.46
CA PRO AA 541 7.08 -25.62 -53.54
C PRO AA 541 6.68 -24.24 -54.02
N GLU AA 542 6.10 -24.21 -55.24
CA GLU AA 542 5.78 -22.93 -55.88
C GLU AA 542 4.77 -22.14 -55.08
N ASP AA 543 3.77 -22.80 -54.50
CA ASP AA 543 2.75 -22.09 -53.75
C ASP AA 543 3.34 -21.38 -52.53
N VAL AA 544 4.21 -22.08 -51.78
CA VAL AA 544 4.83 -21.47 -50.61
C VAL AA 544 5.73 -20.31 -51.01
N LEU AA 545 6.48 -20.48 -52.09
CA LEU AA 545 7.34 -19.40 -52.57
C LEU AA 545 6.51 -18.18 -52.96
N ARG AA 546 5.35 -18.40 -53.60
CA ARG AA 546 4.48 -17.30 -53.95
C ARG AA 546 3.89 -16.62 -52.71
N LYS AA 547 3.55 -17.41 -51.68
CA LYS AA 547 2.92 -16.84 -50.50
C LYS AA 547 3.90 -16.09 -49.62
N ASN AA 548 5.14 -16.56 -49.52
CA ASN AA 548 6.10 -16.02 -48.57
C ASN AA 548 7.11 -15.06 -49.19
N ALA AA 549 6.91 -14.66 -50.44
CA ALA AA 549 7.90 -13.81 -51.10
C ALA AA 549 7.97 -12.43 -50.44
N ALA AA 550 6.85 -11.72 -50.40
CA ALA AA 550 6.84 -10.37 -49.83
C ALA AA 550 7.20 -10.38 -48.35
N THR AA 551 6.66 -11.36 -47.61
CA THR AA 551 6.97 -11.45 -46.18
C THR AA 551 8.46 -11.69 -45.94
N ARG AA 552 9.06 -12.60 -46.71
CA ARG AA 552 10.48 -12.87 -46.55
C ARG AA 552 11.31 -11.64 -46.90
N ARG AA 553 10.96 -10.95 -47.99
CA ARG AA 553 11.71 -9.75 -48.36
C ARG AA 553 11.59 -8.68 -47.28
N LYS AA 554 10.38 -8.49 -46.73
CA LYS AA 554 10.19 -7.49 -45.70
C LYS AA 554 10.97 -7.84 -44.44
N LEU AA 555 10.99 -9.12 -44.06
CA LEU AA 555 11.77 -9.54 -42.90
C LEU AA 555 13.25 -9.33 -43.11
N VAL AA 556 13.75 -9.63 -44.31
CA VAL AA 556 15.16 -9.40 -44.62
C VAL AA 556 15.46 -7.91 -44.55
N ASN AA 557 14.57 -7.07 -45.07
CA ASN AA 557 14.77 -5.63 -45.03
C ASN AA 557 14.80 -5.13 -43.58
N ASP AA 558 13.91 -5.64 -42.73
CA ASP AA 558 13.91 -5.22 -41.32
C ASP AA 558 15.19 -5.64 -40.62
N THR AA 559 15.66 -6.87 -40.87
CA THR AA 559 16.90 -7.32 -40.28
C THR AA 559 18.07 -6.46 -40.74
N MET AA 560 18.11 -6.14 -42.03
CA MET AA 560 19.18 -5.29 -42.56
C MET AA 560 19.12 -3.90 -41.96
N TYR AA 561 17.91 -3.36 -41.74
CA TYR AA 561 17.78 -2.05 -41.12
C TYR AA 561 18.31 -2.05 -39.70
N GLN AA 562 17.95 -3.09 -38.92
CA GLN AA 562 18.45 -3.16 -37.55
C GLN AA 562 19.98 -3.31 -37.52
N LEU AA 563 20.52 -4.15 -38.41
CA LEU AA 563 21.97 -4.30 -38.48
C LEU AA 563 22.64 -3.00 -38.90
N GLY AA 564 22.00 -2.24 -39.80
CA GLY AA 564 22.55 -0.97 -40.22
C GLY AA 564 22.56 0.06 -39.10
N THR AA 565 21.50 0.08 -38.28
CA THR AA 565 21.50 0.97 -37.12
C THR AA 565 22.60 0.58 -36.14
N GLN AA 566 22.78 -0.73 -35.93
CA GLN AA 566 23.85 -1.18 -35.03
C GLN AA 566 25.21 -0.78 -35.58
N ALA AA 567 25.43 -0.95 -36.88
CA ALA AA 567 26.69 -0.55 -37.50
C ALA AA 567 26.90 0.96 -37.43
N GLU AA 568 25.83 1.75 -37.57
CA GLU AA 568 25.95 3.19 -37.43
C GLU AA 568 26.38 3.57 -36.02
N GLN AA 569 25.80 2.92 -35.01
CA GLN AA 569 26.23 3.18 -33.65
C GLN AA 569 27.70 2.81 -33.43
N VAL AA 570 28.12 1.66 -33.98
CA VAL AA 570 29.51 1.26 -33.88
C VAL AA 570 30.42 2.28 -34.55
N ARG AA 571 30.02 2.77 -35.72
CA ARG AA 571 30.80 3.78 -36.42
C ARG AA 571 30.90 5.07 -35.61
N ARG AA 572 29.80 5.46 -34.95
CA ARG AA 572 29.84 6.60 -34.05
C ARG AA 572 30.86 6.38 -32.93
N THR AA 573 30.88 5.18 -32.36
CA THR AA 573 31.85 4.85 -31.33
C THR AA 573 33.23 4.49 -31.89
N GLN AA 574 33.32 4.19 -33.19
CA GLN AA 574 34.58 3.77 -33.81
C GLN AA 574 35.54 4.95 -33.84
N THR AA 575 36.59 4.87 -33.03
CA THR AA 575 37.64 5.89 -33.01
C THR AA 575 38.83 5.39 -33.82
N SER AA 576 38.96 5.89 -35.05
CA SER AA 576 40.05 5.52 -35.94
C SER AA 576 40.96 6.69 -36.26
N GLY AA 577 40.40 7.80 -36.75
CA GLY AA 577 41.21 8.96 -37.08
C GLY AA 577 42.14 8.69 -38.24
N TYR AA 578 43.30 9.32 -38.20
CA TYR AA 578 44.30 9.20 -39.26
C TYR AA 578 45.64 9.64 -38.68
N GLY AA 579 46.63 9.83 -39.55
CA GLY AA 579 47.91 10.34 -39.12
C GLY AA 579 47.84 11.82 -38.80
N GLN AA 580 47.15 12.15 -37.72
CA GLN AA 580 46.88 13.53 -37.36
C GLN AA 580 48.16 14.29 -37.01
N LEU AA 581 48.50 15.28 -37.82
CA LEU AA 581 49.64 16.13 -37.54
C LEU AA 581 49.33 17.09 -36.38
N GLY AA 582 50.37 17.52 -35.69
CA GLY AA 582 50.19 18.50 -34.63
C GLY AA 582 49.70 17.87 -33.33
N ILE AA 583 48.96 18.66 -32.56
CA ILE AA 583 48.50 18.23 -31.25
C ILE AA 583 47.50 17.10 -31.41
N THR AA 584 47.70 16.01 -30.66
CA THR AA 584 46.82 14.85 -30.66
C THR AA 584 46.38 14.51 -29.25
N SER AA 585 46.09 15.53 -28.44
CA SER AA 585 45.61 15.31 -27.09
C SER AA 585 44.21 14.71 -27.12
N PRO AA 586 43.81 13.99 -26.04
CA PRO AA 586 42.48 13.35 -26.00
C PRO AA 586 41.35 14.34 -25.78
N THR AA 587 41.37 15.45 -26.52
CA THR AA 587 40.28 16.40 -26.56
C THR AA 587 39.96 16.69 -28.02
N THR AA 588 40.94 16.46 -28.89
CA THR AA 588 40.77 16.62 -30.32
C THR AA 588 40.24 15.36 -31.00
N ALA AA 589 40.15 14.25 -30.28
CA ALA AA 589 39.66 13.00 -30.87
C ALA AA 589 38.21 13.14 -31.32
N LEU AA 590 37.38 13.79 -30.50
CA LEU AA 590 35.98 13.99 -30.85
C LEU AA 590 35.81 15.07 -31.91
N ASP AA 605 30.35 21.27 -57.51
CA ASP AA 605 29.57 22.22 -58.28
C ASP AA 605 29.98 22.23 -59.75
N GLY AA 606 31.11 21.59 -60.06
CA GLY AA 606 31.61 21.50 -61.41
C GLY AA 606 33.02 22.04 -61.61
N TYR AA 607 33.57 22.77 -60.65
CA TYR AA 607 34.91 23.33 -60.78
C TYR AA 607 35.92 22.47 -60.04
N ARG AA 608 37.17 22.52 -60.51
CA ARG AA 608 38.24 21.74 -59.92
C ARG AA 608 38.52 22.21 -58.50
N ARG AA 609 38.68 21.26 -57.59
CA ARG AA 609 38.95 21.54 -56.18
C ARG AA 609 40.44 21.35 -55.92
N LEU AA 610 41.10 22.42 -55.49
CA LEU AA 610 42.52 22.38 -55.20
C LEU AA 610 42.75 21.97 -53.75
N ARG AA 611 43.87 21.29 -53.50
CA ARG AA 611 44.20 20.87 -52.16
C ARG AA 611 44.51 22.09 -51.29
N PRO AA 612 44.14 22.05 -50.01
CA PRO AA 612 44.45 23.18 -49.14
C PRO AA 612 45.95 23.34 -48.98
N PRO AA 613 46.43 24.58 -48.79
CA PRO AA 613 47.87 24.78 -48.63
C PRO AA 613 48.36 24.28 -47.28
N VAL AA 614 48.50 22.96 -47.16
CA VAL AA 614 48.88 22.31 -45.91
C VAL AA 614 50.23 21.63 -46.10
N VAL AA 615 51.09 21.75 -45.11
CA VAL AA 615 52.40 21.10 -45.12
C VAL AA 615 52.30 19.82 -44.32
N ALA AA 616 53.27 18.93 -44.52
CA ALA AA 616 53.27 17.62 -43.88
C ALA AA 616 54.24 17.53 -42.71
N ASN AA 617 55.08 18.52 -42.49
CA ASN AA 617 56.05 18.51 -41.40
C ASN AA 617 56.03 19.85 -40.69
N LEU AA 618 56.33 19.82 -39.39
CA LEU AA 618 56.34 21.01 -38.56
C LEU AA 618 57.68 21.13 -37.83
N ALA AA 619 58.07 22.36 -37.54
CA ALA AA 619 59.34 22.62 -36.87
C ALA AA 619 59.26 22.27 -35.39
N THR AA 620 60.32 21.67 -34.88
CA THR AA 620 60.44 21.37 -33.46
C THR AA 620 61.82 21.80 -32.97
N VAL AA 621 61.88 22.24 -31.72
CA VAL AA 621 63.11 22.69 -31.09
C VAL AA 621 63.31 21.93 -29.79
N LYS AA 622 64.45 21.27 -29.65
CA LYS AA 622 64.84 20.61 -28.42
C LYS AA 622 66.08 21.32 -27.87
N PHE AA 623 65.99 21.77 -26.63
CA PHE AA 623 67.04 22.56 -25.99
C PHE AA 623 67.69 21.72 -24.90
N THR AA 624 68.87 21.19 -25.20
CA THR AA 624 69.65 20.47 -24.21
C THR AA 624 70.54 21.39 -23.38
N GLY AA 625 70.58 22.67 -23.74
CA GLY AA 625 71.43 23.61 -23.03
C GLY AA 625 70.84 24.02 -21.69
N SER AA 626 71.61 24.83 -20.97
CA SER AA 626 71.23 25.31 -19.65
C SER AA 626 70.47 26.63 -19.69
N SER AA 627 70.11 27.12 -20.88
CA SER AA 627 69.33 28.34 -21.01
C SER AA 627 67.91 28.05 -20.55
N ARG AA 628 67.61 28.38 -19.30
CA ARG AA 628 66.38 27.97 -18.65
C ARG AA 628 65.51 29.18 -18.32
N ASN AA 629 64.21 29.04 -18.55
CA ASN AA 629 63.25 30.08 -18.20
C ASN AA 629 61.99 29.51 -17.54
N GLY AA 630 61.99 28.23 -17.15
CA GLY AA 630 60.86 27.60 -16.51
C GLY AA 630 60.38 26.33 -17.18
N ILE AA 631 60.72 26.11 -18.45
CA ILE AA 631 60.29 24.93 -19.16
C ILE AA 631 61.19 23.76 -18.76
N VAL AA 632 60.62 22.57 -18.69
CA VAL AA 632 61.37 21.40 -18.20
C VAL AA 632 62.54 21.11 -19.14
N PRO AA 633 63.71 20.74 -18.62
CA PRO AA 633 64.85 20.47 -19.49
C PRO AA 633 64.59 19.33 -20.46
N GLY AA 634 65.20 19.43 -21.64
CA GLY AA 634 65.16 18.35 -22.60
C GLY AA 634 63.81 18.08 -23.20
N SER AA 635 62.91 19.05 -23.17
CA SER AA 635 61.59 18.90 -23.76
C SER AA 635 61.58 19.40 -25.20
N LYS AA 636 60.66 18.85 -25.98
CA LYS AA 636 60.51 19.22 -27.39
C LYS AA 636 59.23 20.04 -27.55
N VAL AA 637 59.37 21.20 -28.18
CA VAL AA 637 58.25 22.11 -28.42
C VAL AA 637 58.05 22.26 -29.91
N MET AA 638 56.79 22.29 -30.35
CA MET AA 638 56.44 22.41 -31.75
C MET AA 638 56.20 23.87 -32.09
N LEU AA 639 57.09 24.45 -32.88
CA LEU AA 639 56.93 25.82 -33.33
C LEU AA 639 55.91 25.92 -34.45
N PRO AA 640 55.30 27.08 -34.64
CA PRO AA 640 54.31 27.23 -35.71
C PRO AA 640 54.93 27.48 -37.08
N PHE AA 641 56.21 27.20 -37.24
CA PHE AA 641 56.88 27.35 -38.52
C PHE AA 641 57.07 26.00 -39.20
N MET AA 642 57.41 26.06 -40.48
CA MET AA 642 57.67 24.85 -41.25
C MET AA 642 58.94 24.15 -40.75
N ALA AA 643 58.98 22.83 -40.94
CA ALA AA 643 60.14 22.07 -40.51
C ALA AA 643 61.40 22.49 -41.23
N ALA AA 644 61.29 22.95 -42.48
CA ALA AA 644 62.44 23.45 -43.20
C ALA AA 644 62.99 24.73 -42.59
N ASP AA 645 62.19 25.45 -41.81
CA ASP AA 645 62.61 26.68 -41.15
C ASP AA 645 62.96 26.48 -39.69
N ALA AA 646 63.10 25.23 -39.24
CA ALA AA 646 63.41 24.96 -37.84
C ALA AA 646 64.75 25.54 -37.44
N GLY AA 647 65.77 25.40 -38.31
CA GLY AA 647 67.09 25.89 -37.98
C GLY AA 647 67.28 27.37 -38.19
N ARG AA 648 66.38 28.03 -38.90
CA ARG AA 648 66.51 29.44 -39.20
C ARG AA 648 65.75 30.33 -38.23
N VAL AA 649 65.10 29.77 -37.22
CA VAL AA 649 64.34 30.55 -36.25
C VAL AA 649 65.04 30.46 -34.90
N ARG AA 650 64.84 31.51 -34.10
CA ARG AA 650 65.44 31.59 -32.77
C ARG AA 650 64.36 31.92 -31.75
N VAL AA 651 64.49 31.31 -30.56
CA VAL AA 651 63.50 31.45 -29.50
C VAL AA 651 63.74 32.71 -28.68
N ASN AA 652 64.81 33.47 -28.99
CA ASN AA 652 65.18 34.69 -28.27
C ASN AA 652 65.45 34.39 -26.79
N SER AA 653 66.46 33.55 -26.58
CA SER AA 653 66.90 33.16 -25.23
C SER AA 653 65.77 32.55 -24.41
N THR AA 664 59.53 41.88 -22.52
CA THR AA 664 58.87 41.19 -21.43
C THR AA 664 57.36 41.42 -21.47
N HIS AA 665 56.62 40.43 -21.95
CA HIS AA 665 55.16 40.52 -22.04
C HIS AA 665 54.59 39.10 -22.00
N ALA AA 666 53.31 38.97 -22.34
CA ALA AA 666 52.59 37.72 -22.19
C ALA AA 666 52.73 36.79 -23.40
N GLY AA 667 53.45 37.20 -24.44
CA GLY AA 667 53.60 36.40 -25.64
C GLY AA 667 55.06 36.12 -25.95
N GLU AA 668 55.33 34.95 -26.49
CA GLU AA 668 56.68 34.60 -26.91
C GLU AA 668 56.98 35.19 -28.28
N ASP AA 669 58.19 35.70 -28.45
CA ASP AA 669 58.65 36.22 -29.73
C ASP AA 669 59.68 35.26 -30.31
N ILE AA 670 59.44 34.80 -31.53
CA ILE AA 670 60.35 33.91 -32.24
C ILE AA 670 60.91 34.67 -33.42
N ALA AA 671 62.21 34.95 -33.40
CA ALA AA 671 62.84 35.69 -34.49
C ALA AA 671 63.04 34.77 -35.69
N ALA AA 672 62.54 35.21 -36.84
CA ALA AA 672 62.64 34.45 -38.08
C ALA AA 672 63.01 35.39 -39.21
N PRO AA 673 63.67 34.89 -40.25
CA PRO AA 673 63.97 35.73 -41.40
C PRO AA 673 62.71 36.18 -42.12
N GLY AA 674 62.77 37.37 -42.71
CA GLY AA 674 61.62 37.93 -43.41
C GLY AA 674 61.13 37.05 -44.55
N GLY AA 675 59.82 36.80 -44.56
CA GLY AA 675 59.20 36.00 -45.61
C GLY AA 675 58.84 34.59 -45.21
N THR AA 676 59.23 34.13 -44.03
CA THR AA 676 58.86 32.80 -43.59
C THR AA 676 57.35 32.71 -43.35
N LYS AA 677 56.81 31.51 -43.56
CA LYS AA 677 55.37 31.27 -43.48
C LYS AA 677 55.01 30.75 -42.10
N VAL AA 678 53.99 31.35 -41.49
CA VAL AA 678 53.46 30.87 -40.22
C VAL AA 678 52.48 29.74 -40.50
N VAL AA 679 52.66 28.62 -39.81
CA VAL AA 679 51.91 27.40 -40.05
C VAL AA 679 51.13 27.05 -38.78
N SER AA 680 49.84 26.78 -38.93
CA SER AA 680 49.02 26.38 -37.80
C SER AA 680 49.40 24.98 -37.33
N TYR AA 681 49.81 24.87 -36.07
CA TYR AA 681 50.21 23.58 -35.53
C TYR AA 681 49.03 22.75 -35.04
N VAL AA 682 47.85 23.34 -34.94
CA VAL AA 682 46.66 22.63 -34.48
C VAL AA 682 45.53 22.88 -35.47
N SER AA 683 44.58 21.95 -35.50
CA SER AA 683 43.43 22.05 -36.38
C SER AA 683 42.28 22.71 -35.63
N GLY AA 684 41.68 23.73 -36.23
CA GLY AA 684 40.60 24.43 -35.58
C GLY AA 684 39.92 25.40 -36.51
N GLN AA 685 39.13 26.29 -35.93
CA GLN AA 685 38.37 27.28 -36.67
C GLN AA 685 38.98 28.66 -36.47
N VAL AA 686 39.19 29.37 -37.56
CA VAL AA 686 39.71 30.74 -37.50
C VAL AA 686 38.58 31.66 -37.06
N ILE AA 687 38.79 32.35 -35.94
CA ILE AA 687 37.73 33.17 -35.37
C ILE AA 687 37.70 34.55 -36.03
N LYS AA 688 38.86 35.19 -36.16
CA LYS AA 688 38.91 36.56 -36.62
C LYS AA 688 40.26 36.86 -37.25
N VAL AA 689 40.25 37.70 -38.28
CA VAL AA 689 41.45 38.12 -38.98
C VAL AA 689 41.35 39.64 -39.19
N THR AA 690 41.99 40.40 -38.31
CA THR AA 690 41.94 41.86 -38.40
C THR AA 690 43.32 42.47 -38.23
N ARG AA 691 43.37 43.80 -38.09
CA ARG AA 691 44.63 44.53 -38.01
C ARG AA 691 44.48 45.66 -37.01
N GLN AA 692 45.45 45.77 -36.09
CA GLN AA 692 45.52 46.87 -35.13
C GLN AA 692 46.82 47.63 -35.37
N LYS AA 693 46.70 48.85 -35.88
CA LYS AA 693 47.86 49.68 -36.17
C LYS AA 693 48.32 50.38 -34.89
N GLY AA 694 49.63 50.35 -34.65
CA GLY AA 694 50.17 50.98 -33.46
C GLY AA 694 51.20 50.17 -32.71
N ILE AA 695 50.91 49.84 -31.45
CA ILE AA 695 51.89 49.21 -30.58
C ILE AA 695 51.78 47.69 -30.62
N GLY AA 696 50.62 47.16 -30.23
CA GLY AA 696 50.45 45.73 -30.05
C GLY AA 696 49.51 45.13 -31.08
N TYR AA 697 49.77 43.87 -31.42
CA TYR AA 697 48.92 43.09 -32.34
C TYR AA 697 48.78 43.78 -33.69
N GLY AA 698 49.90 43.92 -34.38
CA GLY AA 698 49.90 44.53 -35.70
C GLY AA 698 48.92 43.88 -36.65
N ARG AA 699 49.18 42.63 -37.01
CA ARG AA 699 48.27 41.81 -37.80
C ARG AA 699 48.16 40.46 -37.11
N TYR AA 700 47.01 40.19 -36.50
CA TYR AA 700 46.85 39.00 -35.67
C TYR AA 700 45.74 38.12 -36.22
N ILE AA 701 45.93 36.81 -36.10
CA ILE AA 701 44.96 35.81 -36.51
C ILE AA 701 44.72 34.87 -35.34
N THR AA 702 43.45 34.69 -34.96
CA THR AA 702 43.08 33.86 -33.83
C THR AA 702 42.42 32.58 -34.33
N ILE AA 703 42.91 31.44 -33.84
CA ILE AA 703 42.39 30.14 -34.22
C ILE AA 703 41.89 29.43 -32.96
N LYS AA 704 40.64 28.98 -33.01
CA LYS AA 704 40.05 28.20 -31.92
C LYS AA 704 40.44 26.74 -32.15
N GLY AA 705 41.51 26.30 -31.51
CA GLY AA 705 41.99 24.96 -31.72
C GLY AA 705 41.05 23.91 -31.17
N ASP AA 706 41.14 22.71 -31.74
CA ASP AA 706 40.32 21.60 -31.29
C ASP AA 706 40.67 21.12 -29.89
N ASP AA 707 41.83 21.53 -29.36
CA ASP AA 707 42.22 21.18 -28.00
C ASP AA 707 41.59 22.09 -26.96
N GLY AA 708 40.76 23.05 -27.37
CA GLY AA 708 40.05 23.91 -26.45
C GLY AA 708 40.80 25.15 -26.01
N MET AA 709 41.97 25.42 -26.59
CA MET AA 709 42.77 26.57 -26.22
C MET AA 709 42.95 27.47 -27.43
N TYR AA 710 42.83 28.78 -27.22
CA TYR AA 710 42.86 29.75 -28.31
C TYR AA 710 44.30 30.19 -28.59
N HIS AA 711 44.68 30.15 -29.87
CA HIS AA 711 46.04 30.48 -30.29
C HIS AA 711 45.99 31.75 -31.14
N ARG AA 712 46.88 32.68 -30.83
CA ARG AA 712 46.95 33.96 -31.53
C ARG AA 712 48.34 34.15 -32.11
N PHE AA 713 48.40 34.46 -33.40
CA PHE AA 713 49.64 34.78 -34.09
C PHE AA 713 49.57 36.22 -34.57
N ALA AA 714 50.39 37.08 -33.97
CA ALA AA 714 50.36 38.52 -34.23
C ALA AA 714 51.65 38.94 -34.93
N HIS AA 715 51.70 40.23 -35.27
CA HIS AA 715 52.83 40.83 -36.00
C HIS AA 715 53.09 40.09 -37.31
N LEU AA 716 52.05 39.99 -38.13
CA LEU AA 716 52.14 39.33 -39.42
C LEU AA 716 52.23 40.36 -40.55
N SER AA 717 52.69 39.90 -41.70
CA SER AA 717 52.78 40.74 -42.89
C SER AA 717 51.53 40.62 -43.76
N ALA AA 718 51.05 39.40 -43.97
CA ALA AA 718 49.86 39.16 -44.75
C ALA AA 718 49.12 37.95 -44.20
N HIS AA 719 47.82 37.90 -44.47
CA HIS AA 719 46.99 36.78 -44.06
C HIS AA 719 46.73 35.86 -45.25
N ASN AA 720 46.66 34.56 -44.96
CA ASN AA 720 46.33 33.56 -45.96
C ASN AA 720 45.03 32.83 -45.64
N VAL AA 721 44.42 33.09 -44.49
CA VAL AA 721 43.18 32.44 -44.10
C VAL AA 721 42.06 33.48 -44.10
N LYS AA 722 40.84 33.00 -43.86
CA LYS AA 722 39.66 33.85 -43.85
C LYS AA 722 38.89 33.63 -42.56
N GLN AA 723 38.14 34.65 -42.14
CA GLN AA 723 37.33 34.54 -40.94
C GLN AA 723 36.30 33.42 -41.09
N GLY AA 724 36.17 32.60 -40.05
CA GLY AA 724 35.23 31.50 -40.08
C GLY AA 724 35.65 30.32 -40.92
N GLN AA 725 36.94 30.20 -41.23
CA GLN AA 725 37.46 29.11 -42.04
C GLN AA 725 38.02 28.00 -41.15
N ARG AA 726 37.70 26.76 -41.50
CA ARG AA 726 38.21 25.60 -40.77
C ARG AA 726 39.57 25.22 -41.36
N VAL AA 727 40.61 25.29 -40.54
CA VAL AA 727 41.97 25.01 -40.95
C VAL AA 727 42.44 23.73 -40.26
N GLU AA 728 43.10 22.86 -41.01
CA GLU AA 728 43.67 21.65 -40.45
C GLU AA 728 45.09 21.92 -39.94
N ALA AA 729 45.63 20.95 -39.23
CA ALA AA 729 47.01 21.07 -38.76
C ALA AA 729 47.96 21.09 -39.93
N GLY AA 730 48.96 21.98 -39.87
CA GLY AA 730 49.87 22.18 -40.97
C GLY AA 730 49.42 23.18 -42.00
N HIS AA 731 48.27 23.82 -41.80
CA HIS AA 731 47.78 24.83 -42.73
C HIS AA 731 48.66 26.08 -42.67
N VAL AA 732 48.84 26.72 -43.83
CA VAL AA 732 49.61 27.95 -43.90
C VAL AA 732 48.72 29.11 -43.47
N ILE AA 733 49.17 29.88 -42.47
CA ILE AA 733 48.40 30.97 -41.91
C ILE AA 733 48.79 32.31 -42.51
N GLY AA 734 50.09 32.61 -42.55
CA GLY AA 734 50.53 33.89 -43.07
C GLY AA 734 52.03 34.03 -42.95
N LEU AA 735 52.50 35.24 -43.21
CA LEU AA 735 53.92 35.57 -43.18
C LEU AA 735 54.26 36.38 -41.94
N VAL AA 736 55.52 36.30 -41.53
CA VAL AA 736 55.99 37.03 -40.36
C VAL AA 736 56.16 38.50 -40.72
N GLY AA 737 56.09 39.36 -39.71
CA GLY AA 737 56.19 40.79 -39.90
C GLY AA 737 57.25 41.40 -39.00
N ASP AA 738 57.42 42.71 -39.17
CA ASP AA 738 58.39 43.50 -38.41
C ASP AA 738 57.71 44.70 -37.75
N ASP AA 739 56.45 44.54 -37.37
CA ASP AA 739 55.68 45.65 -36.83
C ASP AA 739 56.28 46.19 -35.53
N GLY AA 740 56.99 45.35 -34.79
CA GLY AA 740 57.57 45.78 -33.53
C GLY AA 740 58.91 46.46 -33.70
N SER AA 741 59.86 45.77 -34.30
CA SER AA 741 61.21 46.30 -34.53
C SER AA 741 61.54 46.25 -36.00
N PRO AA 742 61.34 47.33 -36.75
CA PRO AA 742 61.73 47.34 -38.17
C PRO AA 742 63.16 46.89 -38.37
N GLY AA 743 63.36 46.05 -39.38
CA GLY AA 743 64.68 45.51 -39.66
C GLY AA 743 64.80 44.05 -39.29
N SER AA 744 64.22 43.68 -38.15
CA SER AA 744 64.22 42.29 -37.67
C SER AA 744 62.79 41.78 -37.63
N TYR AA 745 62.57 40.61 -38.23
CA TYR AA 745 61.25 40.01 -38.30
C TYR AA 745 61.06 39.01 -37.18
N HIS AA 746 59.83 38.94 -36.66
CA HIS AA 746 59.51 38.05 -35.56
C HIS AA 746 58.02 37.72 -35.63
N LEU AA 747 57.59 36.80 -34.78
CA LEU AA 747 56.19 36.39 -34.71
C LEU AA 747 55.75 36.44 -33.26
N HIS AA 748 54.70 37.20 -32.98
CA HIS AA 748 54.10 37.24 -31.65
C HIS AA 748 53.16 36.05 -31.51
N TRP AA 749 53.54 35.08 -30.69
CA TRP AA 749 52.78 33.85 -30.49
C TRP AA 749 52.26 33.83 -29.07
N GLU AA 750 50.93 33.76 -28.92
CA GLU AA 750 50.28 33.87 -27.63
C GLU AA 750 49.15 32.85 -27.54
N VAL AA 751 49.04 32.20 -26.39
CA VAL AA 751 48.10 31.10 -26.18
C VAL AA 751 47.16 31.49 -25.05
N ARG AA 752 45.85 31.33 -25.29
CA ARG AA 752 44.82 31.73 -24.35
C ARG AA 752 43.76 30.65 -24.23
N ASP AA 753 43.11 30.61 -23.07
CA ASP AA 753 41.94 29.78 -22.86
C ASP AA 753 40.64 30.51 -23.17
N ASN AA 754 40.70 31.80 -23.46
CA ASN AA 754 39.53 32.59 -23.82
C ASN AA 754 39.86 33.44 -25.05
N ASP AA 755 38.83 34.06 -25.63
CA ASP AA 755 38.99 34.88 -26.82
C ASP AA 755 39.05 36.37 -26.48
N GLY AA 756 39.65 36.71 -25.35
CA GLY AA 756 39.76 38.08 -24.91
C GLY AA 756 40.92 38.81 -25.53
N TYR AA 757 41.28 39.94 -24.91
CA TYR AA 757 42.36 40.80 -25.39
C TYR AA 757 43.22 41.28 -24.23
N GLY AA 758 43.25 40.51 -23.14
CA GLY AA 758 44.01 40.91 -21.98
C GLY AA 758 45.03 39.89 -21.53
N ALA AA 759 45.76 40.20 -20.46
CA ALA AA 759 46.74 39.28 -19.90
C ALA AA 759 46.13 38.31 -18.90
N ASN AA 760 44.81 38.39 -18.66
CA ASN AA 760 44.12 37.50 -17.74
C ASN AA 760 43.66 36.28 -18.52
N GLY AA 761 44.42 35.19 -18.39
CA GLY AA 761 44.09 33.96 -19.08
C GLY AA 761 45.15 33.53 -20.07
N THR AA 762 46.32 34.16 -20.00
CA THR AA 762 47.40 33.86 -20.92
C THR AA 762 48.29 32.76 -20.36
N VAL AA 763 48.70 31.85 -21.24
CA VAL AA 763 49.58 30.74 -20.89
C VAL AA 763 50.83 30.83 -21.77
N ASN AA 764 51.98 30.57 -21.18
CA ASN AA 764 53.24 30.62 -21.91
C ASN AA 764 53.23 29.56 -23.01
N PRO AA 765 53.39 29.94 -24.28
CA PRO AA 765 53.31 28.93 -25.36
C PRO AA 765 54.34 27.82 -25.24
N LEU AA 766 55.55 28.14 -24.79
CA LEU AA 766 56.59 27.11 -24.70
C LEU AA 766 56.24 26.07 -23.64
N LYS AA 767 55.82 26.53 -22.45
CA LYS AA 767 55.43 25.61 -21.39
C LYS AA 767 54.21 24.79 -21.81
N TYR AA 768 53.25 25.42 -22.48
CA TYR AA 768 52.05 24.71 -22.92
C TYR AA 768 52.40 23.63 -23.93
N MET AA 769 53.24 23.95 -24.91
CA MET AA 769 53.62 22.95 -25.92
C MET AA 769 54.55 21.88 -25.37
N GLY AA 770 55.28 22.17 -24.29
CA GLY AA 770 56.14 21.16 -23.72
C GLY AA 770 55.38 19.99 -23.13
N GLY AA 771 54.20 20.25 -22.56
CA GLY AA 771 53.44 19.25 -21.85
C GLY AA 771 52.25 18.66 -22.59
N VAL AA 772 52.15 18.87 -23.91
CA VAL AA 772 51.05 18.30 -24.69
C VAL AA 772 51.62 17.23 -25.61
N ASN AA 773 50.78 16.26 -25.95
CA ASN AA 773 51.16 15.18 -26.85
C ASN AA 773 50.91 15.63 -28.28
N PHE AA 774 51.96 15.59 -29.11
CA PHE AA 774 51.87 16.02 -30.49
C PHE AA 774 52.69 15.09 -31.37
N LYS AA 775 52.31 15.05 -32.65
CA LYS AA 775 53.04 14.29 -33.66
C LYS AA 775 53.54 15.29 -34.69
N GLU AA 776 54.85 15.53 -34.70
CA GLU AA 776 55.43 16.63 -35.46
C GLU AA 776 55.49 16.37 -36.96
N SER AA 777 55.42 15.11 -37.39
CA SER AA 777 55.54 14.76 -38.79
C SER AA 777 54.39 13.86 -39.21
N SER AA 778 53.85 14.11 -40.40
CA SER AA 778 52.78 13.29 -40.96
C SER AA 778 53.20 12.61 -42.25
N ALA AA 779 54.43 12.79 -42.70
CA ALA AA 779 54.91 12.16 -43.93
C ALA AA 779 55.16 10.67 -43.70
N PRO AA 780 54.87 9.84 -44.69
CA PRO AA 780 55.12 8.41 -44.53
C PRO AA 780 56.61 8.13 -44.46
N PRO AA 781 57.00 7.08 -43.75
CA PRO AA 781 58.41 6.71 -43.73
C PRO AA 781 58.87 6.28 -45.11
N PRO AA 782 60.15 6.43 -45.43
CA PRO AA 782 60.62 6.11 -46.77
C PRO AA 782 60.53 4.63 -47.07
N GLN AA 783 60.33 4.31 -48.34
CA GLN AA 783 60.25 2.94 -48.82
C GLN AA 783 61.63 2.52 -49.33
N GLY AA 784 62.06 1.34 -48.93
CA GLY AA 784 63.38 0.83 -49.32
C GLY AA 784 63.43 -0.67 -49.27
N ASN AA 785 64.58 -1.20 -48.87
CA ASN AA 785 64.81 -2.63 -48.79
C ASN AA 785 64.57 -3.11 -47.36
N THR AA 786 63.80 -4.17 -47.22
CA THR AA 786 63.49 -4.76 -45.91
C THR AA 786 64.07 -6.18 -45.79
N ASN AA 787 65.25 -6.39 -46.38
CA ASN AA 787 65.92 -7.69 -46.30
C ASN AA 787 66.54 -7.83 -44.91
N GLY AA 788 65.69 -8.11 -43.94
CA GLY AA 788 66.12 -8.24 -42.56
C GLY AA 788 65.11 -7.67 -41.59
N TRP AA 789 64.24 -6.79 -42.08
CA TRP AA 789 63.14 -6.25 -41.28
C TRP AA 789 61.88 -7.08 -41.52
N GLY AA 790 62.02 -8.39 -41.35
CA GLY AA 790 60.93 -9.33 -41.52
C GLY AA 790 60.50 -9.88 -40.19
N TYR AA 791 59.19 -10.15 -40.07
CA TYR AA 791 58.60 -10.64 -38.83
C TYR AA 791 58.09 -12.05 -39.05
N ASN AA 792 58.52 -12.98 -38.20
CA ASN AA 792 58.07 -14.37 -38.23
C ASN AA 792 57.26 -14.63 -36.97
N VAL AA 793 56.02 -15.10 -37.14
CA VAL AA 793 55.15 -15.30 -35.98
C VAL AA 793 55.65 -16.43 -35.10
N ASN AA 794 56.20 -17.50 -35.71
CA ASN AA 794 56.73 -18.60 -34.92
C ASN AA 794 58.04 -18.24 -34.26
N ASN AA 795 58.88 -17.44 -34.92
CA ASN AA 795 60.19 -17.05 -34.39
C ASN AA 795 60.30 -15.54 -34.44
N PRO AA 796 59.71 -14.84 -33.46
CA PRO AA 796 59.79 -13.39 -33.46
C PRO AA 796 61.23 -12.92 -33.32
N PRO AA 797 61.56 -11.76 -33.86
CA PRO AA 797 62.94 -11.26 -33.78
C PRO AA 797 63.34 -11.00 -32.34
N THR AA 798 64.63 -11.19 -32.06
CA THR AA 798 65.13 -11.01 -30.69
C THR AA 798 65.45 -9.54 -30.41
N ALA AA 799 65.94 -8.81 -31.40
CA ALA AA 799 66.35 -7.43 -31.23
C ALA AA 799 65.37 -6.51 -31.93
N ARG AA 800 64.91 -5.48 -31.21
CA ARG AA 800 63.95 -4.51 -31.74
C ARG AA 800 64.43 -3.10 -31.41
N VAL AA 801 63.96 -2.14 -32.21
CA VAL AA 801 64.32 -0.73 -32.03
C VAL AA 801 63.02 0.06 -31.98
N PRO AA 802 63.06 1.26 -31.40
CA PRO AA 802 61.85 2.08 -31.35
C PRO AA 802 61.32 2.38 -32.76
N ALA AA 803 60.00 2.51 -32.85
CA ALA AA 803 59.34 2.62 -34.15
C ALA AA 803 59.75 3.87 -34.93
N ASN AA 804 60.30 4.88 -34.25
CA ASN AA 804 60.73 6.10 -34.94
C ASN AA 804 62.07 5.94 -35.63
N ALA AA 805 62.59 4.72 -35.75
CA ALA AA 805 63.85 4.48 -36.42
C ALA AA 805 63.67 4.51 -37.93
N ILE AA 806 64.80 4.49 -38.64
CA ILE AA 806 64.83 4.44 -40.09
C ILE AA 806 65.20 3.03 -40.51
N LYS AA 807 64.37 2.40 -41.32
CA LYS AA 807 64.58 1.01 -41.74
C LYS AA 807 65.57 0.98 -42.90
N LEU AA 808 66.85 0.90 -42.58
CA LEU AA 808 67.90 0.78 -43.58
C LEU AA 808 68.02 -0.67 -44.04
N PRO AA 809 68.54 -0.90 -45.25
CA PRO AA 809 68.63 -2.27 -45.77
C PRO AA 809 69.59 -3.12 -44.95
N ASN AA 810 69.35 -4.44 -45.00
CA ASN AA 810 70.18 -5.43 -44.32
C ASN AA 810 70.19 -5.26 -42.81
N GLY AA 811 69.04 -4.88 -42.24
CA GLY AA 811 68.88 -4.84 -40.80
C GLY AA 811 69.53 -3.66 -40.10
N LYS AA 812 70.00 -2.67 -40.84
CA LYS AA 812 70.61 -1.49 -40.23
C LYS AA 812 69.54 -0.45 -39.89
N PHE AA 813 69.88 0.44 -38.98
CA PHE AA 813 68.93 1.44 -38.52
C PHE AA 813 69.68 2.69 -38.08
N LEU AA 814 68.93 3.78 -37.88
CA LEU AA 814 69.48 5.06 -37.50
C LEU AA 814 68.59 5.70 -36.44
N VAL AA 815 69.13 5.86 -35.23
CA VAL AA 815 68.40 6.44 -34.11
C VAL AA 815 69.29 7.44 -33.40
N ASN AA 816 68.78 8.65 -33.18
CA ASN AA 816 69.44 9.67 -32.35
C ASN AA 816 70.86 9.95 -32.83
N ASN AA 817 71.00 10.20 -34.12
CA ASN AA 817 72.26 10.53 -34.78
C ASN AA 817 73.30 9.40 -34.70
N ARG AA 818 72.87 8.20 -34.32
CA ARG AA 818 73.76 7.04 -34.26
C ARG AA 818 73.16 5.91 -35.10
N THR AA 819 74.01 5.21 -35.83
CA THR AA 819 73.60 4.13 -36.71
C THR AA 819 74.27 2.82 -36.32
N GLY AA 820 73.61 1.72 -36.62
CA GLY AA 820 74.13 0.41 -36.30
C GLY AA 820 73.27 -0.67 -36.88
N ALA AA 821 73.50 -1.89 -36.41
CA ALA AA 821 72.76 -3.06 -36.85
C ALA AA 821 71.94 -3.61 -35.70
N LEU AA 822 70.90 -4.37 -36.04
CA LEU AA 822 70.03 -4.97 -35.04
C LEU AA 822 70.79 -6.06 -34.28
N GLY AA 823 70.80 -5.96 -32.96
CA GLY AA 823 71.50 -6.90 -32.12
C GLY AA 823 72.96 -6.59 -31.88
N ASN AA 824 73.49 -5.57 -32.55
CA ASN AA 824 74.89 -5.19 -32.37
C ASN AA 824 74.96 -3.95 -31.49
N PRO AA 825 75.55 -4.05 -30.30
CA PRO AA 825 75.61 -2.87 -29.41
C PRO AA 825 76.54 -1.78 -29.90
N THR AA 826 77.40 -2.05 -30.88
CA THR AA 826 78.33 -1.06 -31.38
C THR AA 826 77.59 -0.07 -32.27
N ALA AA 827 77.66 1.21 -31.94
CA ALA AA 827 76.97 2.27 -32.67
C ALA AA 827 77.99 3.25 -33.23
N ARG AA 828 77.82 3.59 -34.51
CA ARG AA 828 78.69 4.54 -35.19
C ARG AA 828 77.95 5.85 -35.44
N ALA AA 829 78.70 6.94 -35.45
CA ALA AA 829 78.11 8.25 -35.68
C ALA AA 829 77.54 8.34 -37.09
N ALA AA 830 76.36 8.95 -37.21
CA ALA AA 830 75.72 9.09 -38.52
C ALA AA 830 76.54 9.97 -39.46
N SER AA 831 77.09 11.07 -38.93
CA SER AA 831 77.84 11.98 -39.78
C SER AA 831 79.18 11.40 -40.21
N GLU AA 832 79.71 10.42 -39.47
CA GLU AA 832 81.00 9.83 -39.81
C GLU AA 832 80.90 8.75 -40.88
N GLN AA 833 79.84 7.94 -40.83
CA GLN AA 833 79.71 6.84 -41.78
C GLN AA 833 78.97 7.25 -43.05
N TYR AA 834 77.88 7.98 -42.91
CA TYR AA 834 77.08 8.44 -44.04
C TYR AA 834 77.51 9.87 -44.39
N THR AA 835 78.22 10.02 -45.50
CA THR AA 835 78.72 11.30 -45.97
C THR AA 835 78.13 11.61 -47.34
N VAL AA 836 78.64 12.68 -47.96
CA VAL AA 836 78.18 13.05 -49.30
C VAL AA 836 78.59 12.00 -50.32
N GLY AA 837 79.76 11.38 -50.14
CA GLY AA 837 80.20 10.33 -51.04
C GLY AA 837 79.33 9.08 -50.99
N ARG AA 838 78.85 8.72 -49.80
CA ARG AA 838 77.96 7.57 -49.62
C ARG AA 838 76.77 8.05 -48.79
N PRO AA 839 75.74 8.59 -49.44
CA PRO AA 839 74.58 9.10 -48.72
C PRO AA 839 73.68 7.96 -48.23
N VAL AA 840 72.75 8.32 -47.35
CA VAL AA 840 71.82 7.37 -46.78
C VAL AA 840 70.87 6.90 -47.88
N ASN AA 841 71.03 5.65 -48.31
CA ASN AA 841 70.17 5.05 -49.32
C ASN AA 841 69.40 3.90 -48.70
N THR AA 842 68.07 3.93 -48.81
CA THR AA 842 67.24 2.89 -48.26
C THR AA 842 67.27 1.60 -49.07
N GLY AA 843 67.84 1.64 -50.28
CA GLY AA 843 67.97 0.44 -51.07
C GLY AA 843 66.66 0.01 -51.70
N LYS AA 844 66.72 -1.13 -52.39
CA LYS AA 844 65.55 -1.73 -53.03
C LYS AA 844 65.64 -3.23 -52.92
N VAL AA 845 64.48 -3.87 -53.02
CA VAL AA 845 64.38 -5.33 -52.97
C VAL AA 845 64.49 -5.87 -54.39
N SER AA 846 65.38 -6.84 -54.58
CA SER AA 846 65.55 -7.44 -55.90
C SER AA 846 64.30 -8.18 -56.33
N GLY AA 847 63.91 -7.99 -57.58
CA GLY AA 847 62.71 -8.59 -58.12
C GLY AA 847 62.87 -9.97 -58.70
N SER AA 848 64.07 -10.56 -58.61
CA SER AA 848 64.30 -11.89 -59.15
C SER AA 848 65.17 -12.76 -58.26
N SER AA 849 65.55 -12.31 -57.08
CA SER AA 849 66.43 -13.06 -56.19
C SER AA 849 65.69 -13.39 -54.90
N TRP AA 850 65.76 -14.66 -54.50
CA TRP AA 850 65.15 -15.10 -53.25
C TRP AA 850 65.90 -16.32 -52.75
N SER AA 851 65.70 -16.64 -51.46
CA SER AA 851 66.45 -17.71 -50.83
C SER AA 851 66.11 -19.08 -51.39
N GLY AA 852 64.97 -19.23 -52.07
CA GLY AA 852 64.56 -20.49 -52.62
C GLY AA 852 63.68 -21.35 -51.72
N THR AA 853 63.57 -21.00 -50.44
CA THR AA 853 62.72 -21.72 -49.50
C THR AA 853 61.78 -20.73 -48.82
N ASN AA 854 60.52 -21.14 -48.68
CA ASN AA 854 59.51 -20.33 -48.03
C ASN AA 854 59.26 -20.87 -46.63
N ASP AA 855 59.40 -20.01 -45.63
CA ASP AA 855 59.26 -20.41 -44.23
C ASP AA 855 57.82 -20.18 -43.77
N TYR AA 856 57.21 -21.21 -43.20
CA TYR AA 856 55.86 -21.09 -42.66
C TYR AA 856 55.85 -20.10 -41.51
N GLY AA 857 54.84 -19.22 -41.49
CA GLY AA 857 54.74 -18.19 -40.48
C GLY AA 857 55.43 -16.90 -40.81
N GLU AA 858 56.15 -16.82 -41.94
CA GLU AA 858 56.79 -15.58 -42.33
C GLU AA 858 55.73 -14.56 -42.76
N THR AA 859 55.56 -13.53 -41.94
CA THR AA 859 54.50 -12.54 -42.16
C THR AA 859 54.84 -11.52 -43.24
N TYR AA 860 56.13 -11.34 -43.55
CA TYR AA 860 56.58 -10.37 -44.55
C TYR AA 860 56.10 -8.96 -44.22
N GLY AA 861 55.92 -8.67 -42.93
CA GLY AA 861 55.51 -7.35 -42.50
C GLY AA 861 54.02 -7.07 -42.56
N TYR AA 862 53.19 -8.08 -42.81
CA TYR AA 862 51.76 -7.91 -42.93
C TYR AA 862 51.05 -8.42 -41.69
N ALA AA 863 50.15 -7.61 -41.14
CA ALA AA 863 49.46 -7.98 -39.91
C ALA AA 863 48.45 -9.10 -40.13
N TYR AA 864 47.83 -9.14 -41.31
CA TYR AA 864 46.85 -10.19 -41.59
C TYR AA 864 47.50 -11.56 -41.56
N LEU AA 865 48.71 -11.68 -42.10
CA LEU AA 865 49.43 -12.95 -42.05
C LEU AA 865 49.82 -13.30 -40.62
N ALA AA 866 50.10 -12.30 -39.78
CA ALA AA 866 50.47 -12.56 -38.39
C ALA AA 866 49.27 -13.01 -37.57
N ASN AA 867 48.10 -12.45 -37.82
CA ASN AA 867 46.90 -12.82 -37.06
C ASN AA 867 46.21 -14.06 -37.59
N ASN AA 868 46.58 -14.55 -38.77
CA ASN AA 868 46.02 -15.76 -39.35
C ASN AA 868 47.16 -16.69 -39.76
N PRO AA 869 47.78 -17.38 -38.80
CA PRO AA 869 48.90 -18.26 -39.15
C PRO AA 869 48.54 -19.38 -40.09
N GLU AA 870 47.30 -19.89 -40.04
CA GLU AA 870 46.89 -20.93 -40.97
C GLU AA 870 46.91 -20.42 -42.41
N PHE AA 871 46.46 -19.19 -42.62
CA PHE AA 871 46.51 -18.59 -43.95
C PHE AA 871 47.94 -18.43 -44.42
N THR AA 872 48.83 -18.02 -43.52
CA THR AA 872 50.25 -17.90 -43.87
C THR AA 872 50.84 -19.25 -44.25
N LYS AA 873 50.50 -20.30 -43.51
CA LYS AA 873 51.00 -21.63 -43.83
C LYS AA 873 50.50 -22.09 -45.19
N LYS AA 874 49.21 -21.88 -45.47
CA LYS AA 874 48.66 -22.28 -46.75
C LYS AA 874 49.30 -21.50 -47.89
N LEU AA 875 49.54 -20.21 -47.68
CA LEU AA 875 50.20 -19.39 -48.69
C LEU AA 875 51.62 -19.87 -48.94
N ALA AA 876 52.34 -20.23 -47.88
CA ALA AA 876 53.70 -20.74 -48.05
C ALA AA 876 53.69 -22.06 -48.83
N ILE AA 877 52.73 -22.94 -48.53
CA ILE AA 877 52.61 -24.18 -49.28
C ILE AA 877 52.37 -23.89 -50.75
N THR AA 878 51.43 -22.99 -51.05
CA THR AA 878 51.11 -22.68 -52.43
C THR AA 878 52.30 -22.07 -53.16
N ALA AA 879 53.00 -21.15 -52.51
CA ALA AA 879 54.15 -20.50 -53.14
C ALA AA 879 55.27 -21.49 -53.40
N THR AA 880 55.55 -22.38 -52.43
CA THR AA 880 56.58 -23.39 -52.64
C THR AA 880 56.20 -24.34 -53.76
N ARG AA 881 54.92 -24.73 -53.83
CA ARG AA 881 54.48 -25.62 -54.89
C ARG AA 881 54.59 -24.95 -56.25
N LEU AA 882 54.27 -23.66 -56.34
CA LEU AA 882 54.37 -22.94 -57.61
C LEU AA 882 55.81 -22.61 -58.00
N GLY AA 883 56.76 -22.76 -57.08
CA GLY AA 883 58.14 -22.42 -57.39
C GLY AA 883 58.46 -20.95 -57.35
N ILE AA 884 57.61 -20.14 -56.73
CA ILE AA 884 57.81 -18.70 -56.63
C ILE AA 884 57.99 -18.32 -55.17
N SER AA 885 58.59 -17.16 -54.96
CA SER AA 885 58.77 -16.64 -53.61
C SER AA 885 57.41 -16.25 -53.02
N ALA AA 886 57.22 -16.55 -51.74
CA ALA AA 886 55.97 -16.20 -51.09
C ALA AA 886 55.79 -14.69 -50.99
N GLN AA 887 56.89 -13.94 -50.91
CA GLN AA 887 56.80 -12.50 -50.74
C GLN AA 887 56.11 -11.84 -51.93
N TRP AA 888 56.44 -12.28 -53.14
CA TRP AA 888 55.83 -11.70 -54.34
C TRP AA 888 54.32 -11.90 -54.34
N LEU AA 889 53.88 -13.13 -54.06
CA LEU AA 889 52.45 -13.42 -54.03
C LEU AA 889 51.75 -12.66 -52.91
N VAL AA 890 52.40 -12.55 -51.74
CA VAL AA 890 51.82 -11.78 -50.64
C VAL AA 890 51.62 -10.33 -51.06
N ASP AA 891 52.65 -9.73 -51.67
CA ASP AA 891 52.55 -8.33 -52.07
C ASP AA 891 51.45 -8.13 -53.12
N ILE AA 892 51.38 -9.03 -54.10
CA ILE AA 892 50.38 -8.89 -55.16
C ILE AA 892 48.97 -9.00 -54.58
N MET AA 893 48.74 -10.01 -53.74
CA MET AA 893 47.40 -10.17 -53.17
C MET AA 893 47.05 -9.02 -52.24
N ALA AA 894 48.02 -8.53 -51.47
CA ALA AA 894 47.75 -7.41 -50.58
C ALA AA 894 47.38 -6.15 -51.35
N PHE AA 895 48.09 -5.89 -52.45
CA PHE AA 895 47.73 -4.74 -53.27
C PHE AA 895 46.36 -4.94 -53.92
N GLU AA 896 46.07 -6.16 -54.39
CA GLU AA 896 44.82 -6.40 -55.10
C GLU AA 896 43.60 -6.40 -54.19
N THR AA 897 43.78 -6.57 -52.88
CA THR AA 897 42.67 -6.66 -51.95
C THR AA 897 42.68 -5.54 -50.91
N GLY AA 898 43.48 -4.49 -51.12
CA GLY AA 898 43.55 -3.41 -50.16
C GLY AA 898 44.06 -3.86 -48.80
N ASN AA 899 45.17 -4.62 -48.81
CA ASN AA 899 45.77 -5.17 -47.59
C ASN AA 899 44.82 -6.12 -46.89
N PHE AA 900 44.26 -7.05 -47.66
CA PHE AA 900 43.45 -8.16 -47.18
C PHE AA 900 42.17 -7.70 -46.48
N LYS AA 901 41.74 -6.46 -46.72
CA LYS AA 901 40.51 -5.96 -46.14
C LYS AA 901 39.31 -6.09 -47.07
N LYS AA 902 39.52 -6.51 -48.32
CA LYS AA 902 38.46 -6.60 -49.31
C LYS AA 902 38.51 -7.95 -50.04
N ALA AA 903 39.02 -8.98 -49.38
CA ALA AA 903 39.15 -10.29 -50.02
C ALA AA 903 37.79 -10.93 -50.27
N THR AA 904 36.88 -10.82 -49.31
CA THR AA 904 35.57 -11.45 -49.38
C THR AA 904 34.46 -10.41 -49.62
N ASN AA 905 34.75 -9.38 -50.40
CA ASN AA 905 33.80 -8.33 -50.73
C ASN AA 905 33.31 -8.55 -52.15
N TRP AA 906 32.00 -8.72 -52.31
CA TRP AA 906 31.41 -9.00 -53.61
C TRP AA 906 30.62 -7.82 -54.18
N SER AA 907 30.81 -6.63 -53.63
CA SER AA 907 30.18 -5.44 -54.19
C SER AA 907 31.10 -4.22 -54.24
N HIS AA 908 32.33 -4.32 -53.76
CA HIS AA 908 33.23 -3.17 -53.82
C HIS AA 908 33.57 -2.80 -55.25
N SER AA 909 33.84 -3.80 -56.10
CA SER AA 909 34.25 -3.56 -57.47
C SER AA 909 33.01 -3.46 -58.36
N ARG AA 910 32.86 -2.32 -59.04
CA ARG AA 910 31.71 -2.12 -59.92
C ARG AA 910 31.79 -2.97 -61.17
N THR AA 911 32.97 -3.47 -61.53
CA THR AA 911 33.13 -4.33 -62.69
C THR AA 911 33.07 -5.82 -62.35
N GLY AA 912 32.90 -6.16 -61.08
CA GLY AA 912 32.76 -7.55 -60.68
C GLY AA 912 34.07 -8.28 -60.49
N VAL AA 913 34.99 -7.68 -59.74
CA VAL AA 913 36.31 -8.25 -59.48
C VAL AA 913 36.42 -8.53 -57.99
N VAL AA 914 36.63 -9.81 -57.64
CA VAL AA 914 36.75 -10.23 -56.25
C VAL AA 914 37.95 -11.17 -56.15
N GLY AA 915 38.20 -11.65 -54.93
CA GLY AA 915 39.21 -12.66 -54.69
C GLY AA 915 40.53 -12.06 -54.25
N LEU AA 916 41.44 -12.96 -53.88
CA LEU AA 916 42.76 -12.55 -53.43
C LEU AA 916 43.56 -11.91 -54.55
N ILE AA 917 43.45 -12.44 -55.77
CA ILE AA 917 44.22 -11.95 -56.90
C ILE AA 917 43.33 -11.20 -57.89
N GLY AA 918 42.11 -10.86 -57.50
CA GLY AA 918 41.22 -10.13 -58.38
C GLY AA 918 40.65 -10.96 -59.52
N PHE AA 919 39.81 -11.93 -59.18
CA PHE AA 919 39.24 -12.82 -60.19
C PHE AA 919 38.17 -12.08 -61.00
N THR AA 920 38.39 -11.99 -62.31
CA THR AA 920 37.39 -11.45 -63.21
C THR AA 920 36.33 -12.50 -63.51
N PRO AA 921 35.13 -12.08 -63.95
CA PRO AA 921 34.10 -13.08 -64.30
C PRO AA 921 34.54 -14.07 -65.35
N ALA AA 922 35.31 -13.62 -66.35
CA ALA AA 922 35.84 -14.55 -67.34
C ALA AA 922 36.78 -15.55 -66.70
N THR AA 923 37.66 -15.06 -65.81
CA THR AA 923 38.55 -15.97 -65.08
C THR AA 923 37.77 -16.93 -64.20
N ALA AA 924 36.72 -16.43 -63.55
CA ALA AA 924 35.89 -17.30 -62.71
C ALA AA 924 35.24 -18.41 -63.53
N ARG AA 925 34.71 -18.07 -64.70
CA ARG AA 925 34.12 -19.10 -65.57
C ARG AA 925 35.18 -20.07 -66.05
N ALA AA 926 36.39 -19.57 -66.33
CA ALA AA 926 37.48 -20.46 -66.75
C ALA AA 926 37.84 -21.45 -65.66
N LEU AA 927 37.87 -20.99 -64.40
CA LEU AA 927 38.20 -21.88 -63.30
C LEU AA 927 37.09 -22.86 -62.94
N GLY AA 928 35.90 -22.69 -63.53
CA GLY AA 928 34.79 -23.59 -63.26
C GLY AA 928 33.86 -23.16 -62.16
N THR AA 929 33.98 -21.92 -61.68
CA THR AA 929 33.10 -21.42 -60.62
C THR AA 929 32.52 -20.07 -61.01
N THR AA 930 31.87 -19.40 -60.07
CA THR AA 930 31.30 -18.08 -60.30
C THR AA 930 31.95 -17.05 -59.39
N THR AA 931 31.81 -15.78 -59.77
CA THR AA 931 32.43 -14.69 -59.02
C THR AA 931 31.88 -14.59 -57.61
N TYR AA 932 30.56 -14.77 -57.46
CA TYR AA 932 29.93 -14.69 -56.15
C TYR AA 932 30.47 -15.77 -55.21
N ALA AA 933 30.61 -16.99 -55.70
CA ALA AA 933 31.16 -18.06 -54.87
C ALA AA 933 32.59 -17.77 -54.46
N LEU AA 934 33.41 -17.28 -55.41
CA LEU AA 934 34.80 -16.95 -55.09
C LEU AA 934 34.86 -15.86 -54.02
N ALA AA 935 33.97 -14.87 -54.09
CA ALA AA 935 33.92 -13.85 -53.07
C ALA AA 935 33.49 -14.43 -51.72
N LYS AA 936 32.53 -15.35 -51.71
CA LYS AA 936 32.07 -15.93 -50.46
C LYS AA 936 33.14 -16.82 -49.80
N MET AA 937 33.91 -17.55 -50.61
CA MET AA 937 34.86 -18.52 -50.08
C MET AA 937 35.97 -17.82 -49.29
N PRO AA 938 36.39 -18.39 -48.17
CA PRO AA 938 37.41 -17.75 -47.33
C PRO AA 938 38.76 -17.72 -48.02
N PRO AA 939 39.63 -16.78 -47.65
CA PRO AA 939 40.93 -16.66 -48.34
C PRO AA 939 41.78 -17.92 -48.30
N GLU AA 940 41.75 -18.66 -47.19
CA GLU AA 940 42.51 -19.90 -47.12
C GLU AA 940 42.04 -20.88 -48.18
N LYS AA 941 40.72 -20.96 -48.40
CA LYS AA 941 40.21 -21.82 -49.45
C LYS AA 941 40.40 -21.18 -50.84
N GLN AA 942 40.39 -19.85 -50.91
CA GLN AA 942 40.64 -19.17 -52.18
C GLN AA 942 42.07 -19.37 -52.67
N LEU AA 943 43.00 -19.70 -51.78
CA LEU AA 943 44.36 -19.98 -52.22
C LEU AA 943 44.41 -21.19 -53.15
N ASP AA 944 43.50 -22.15 -52.96
CA ASP AA 944 43.43 -23.28 -53.88
C ASP AA 944 43.10 -22.82 -55.29
N TYR AA 945 42.12 -21.93 -55.44
CA TYR AA 945 41.77 -21.42 -56.76
C TYR AA 945 42.87 -20.52 -57.31
N VAL AA 946 43.57 -19.79 -56.44
CA VAL AA 946 44.72 -19.01 -56.89
C VAL AA 946 45.78 -19.92 -57.50
N TYR AA 947 46.08 -21.03 -56.81
CA TYR AA 947 47.04 -22.00 -57.34
C TYR AA 947 46.55 -22.61 -58.63
N LYS AA 948 45.26 -22.94 -58.71
CA LYS AA 948 44.72 -23.51 -59.94
C LYS AA 948 44.86 -22.55 -61.11
N TYR AA 949 44.57 -21.26 -60.89
CA TYR AA 949 44.72 -20.28 -61.96
C TYR AA 949 46.18 -20.11 -62.35
N LEU AA 950 47.09 -20.10 -61.37
CA LEU AA 950 48.51 -19.91 -61.66
C LEU AA 950 49.18 -21.19 -62.17
N SER AA 951 48.48 -22.32 -62.20
CA SER AA 951 49.02 -23.57 -62.71
C SER AA 951 48.82 -23.72 -64.21
N ASP AA 952 48.31 -22.69 -64.88
CA ASP AA 952 48.12 -22.70 -66.31
C ASP AA 952 49.47 -22.92 -67.00
N PRO AA 953 49.60 -23.90 -67.89
CA PRO AA 953 50.89 -24.11 -68.58
C PRO AA 953 51.32 -22.94 -69.43
N GLN AA 954 50.41 -22.03 -69.79
CA GLN AA 954 50.81 -20.80 -70.47
C GLN AA 954 51.39 -19.78 -69.51
N LEU AA 955 51.30 -20.00 -68.20
CA LEU AA 955 51.79 -19.07 -67.20
C LEU AA 955 52.79 -19.69 -66.24
N LYS AA 956 52.63 -20.97 -65.90
CA LYS AA 956 53.45 -21.58 -64.85
C LYS AA 956 54.94 -21.57 -65.14
N PRO AA 957 55.42 -21.95 -66.34
CA PRO AA 957 56.88 -22.00 -66.54
C PRO AA 957 57.59 -20.68 -66.33
N HIS AA 958 56.94 -19.56 -66.60
CA HIS AA 958 57.56 -18.26 -66.49
C HIS AA 958 57.44 -17.64 -65.10
N LEU AA 959 56.67 -18.27 -64.19
CA LEU AA 959 56.43 -17.67 -62.89
C LEU AA 959 57.70 -17.59 -62.05
N SER AA 960 58.60 -18.56 -62.20
CA SER AA 960 59.79 -18.61 -61.36
C SER AA 960 60.87 -17.61 -61.78
N LYS AA 961 60.71 -16.93 -62.90
CA LYS AA 961 61.73 -16.01 -63.38
C LYS AA 961 61.75 -14.69 -62.62
N GLY AA 962 60.72 -14.38 -61.85
CA GLY AA 962 60.73 -13.17 -61.06
C GLY AA 962 59.32 -12.72 -60.73
N VAL AA 963 59.25 -11.67 -59.91
CA VAL AA 963 57.96 -11.09 -59.55
C VAL AA 963 57.29 -10.46 -60.77
N GLU AA 964 58.08 -10.07 -61.77
CA GLU AA 964 57.53 -9.41 -62.95
C GLU AA 964 56.52 -10.31 -63.65
N TYR AA 965 56.89 -11.58 -63.87
CA TYR AA 965 56.03 -12.48 -64.62
C TYR AA 965 54.79 -12.86 -63.81
N VAL AA 966 54.93 -13.05 -62.50
CA VAL AA 966 53.77 -13.34 -61.67
C VAL AA 966 52.79 -12.18 -61.68
N ALA AA 967 53.31 -10.95 -61.55
CA ALA AA 967 52.44 -9.78 -61.59
C ALA AA 967 51.77 -9.64 -62.94
N ALA AA 968 52.52 -9.90 -64.03
CA ALA AA 968 51.94 -9.80 -65.36
C ALA AA 968 50.85 -10.84 -65.56
N SER AA 969 51.07 -12.07 -65.08
CA SER AA 969 50.07 -13.12 -65.23
C SER AA 969 48.81 -12.78 -64.44
N ILE AA 970 48.97 -12.26 -63.23
CA ILE AA 970 47.80 -11.91 -62.43
C ILE AA 970 47.08 -10.70 -63.00
N PHE AA 971 47.81 -9.76 -63.62
CA PHE AA 971 47.22 -8.53 -64.10
C PHE AA 971 46.56 -8.71 -65.46
N GLY AA 972 47.34 -9.08 -66.48
CA GLY AA 972 46.82 -9.15 -67.83
C GLY AA 972 46.57 -10.55 -68.35
N GLY AA 973 47.10 -11.55 -67.66
CA GLY AA 973 46.88 -12.93 -68.05
C GLY AA 973 47.90 -13.47 -69.03
N SER AA 974 47.48 -14.45 -69.83
CA SER AA 974 48.39 -15.10 -70.77
C SER AA 974 48.96 -14.15 -71.83
N PRO AA 975 48.19 -13.32 -72.52
CA PRO AA 975 48.79 -12.50 -73.59
C PRO AA 975 49.81 -11.50 -73.07
N LEU AA 976 49.61 -10.96 -71.86
CA LEU AA 976 50.61 -10.06 -71.29
C LEU AA 976 51.92 -10.79 -71.02
N VAL AA 977 51.83 -12.03 -70.51
CA VAL AA 977 53.04 -12.81 -70.28
C VAL AA 977 53.73 -13.13 -71.59
N ARG AA 978 52.96 -13.46 -72.63
CA ARG AA 978 53.55 -13.73 -73.94
C ARG AA 978 54.26 -12.50 -74.47
N LYS AA 979 53.64 -11.33 -74.36
CA LYS AA 979 54.27 -10.09 -74.81
C LYS AA 979 55.54 -9.81 -74.00
N MET AA 980 55.51 -10.11 -72.70
CA MET AA 980 56.70 -9.96 -71.88
C MET AA 980 57.82 -10.87 -72.37
N VAL AA 981 57.50 -12.12 -72.70
CA VAL AA 981 58.52 -13.06 -73.16
C VAL AA 981 59.11 -12.60 -74.49
N ASN AA 982 58.26 -12.20 -75.43
CA ASN AA 982 58.77 -11.76 -76.73
C ASN AA 982 59.45 -10.40 -76.64
N ASN AA 983 58.84 -9.46 -75.91
CA ASN AA 983 59.36 -8.09 -75.79
C ASN AA 983 59.29 -7.68 -74.34
N ARG AA 984 60.41 -7.86 -73.62
CA ARG AA 984 60.46 -7.47 -72.21
C ARG AA 984 60.31 -5.96 -72.03
N SER AA 985 60.98 -5.18 -72.88
CA SER AA 985 60.91 -3.73 -72.74
C SER AA 985 59.60 -3.17 -73.26
N GLY AA 986 59.07 -3.76 -74.34
CA GLY AA 986 57.85 -3.24 -74.93
C GLY AA 986 56.64 -3.39 -74.02
N ALA AA 987 56.60 -4.46 -73.22
CA ALA AA 987 55.45 -4.71 -72.36
C ALA AA 987 55.34 -3.70 -71.23
N MET AA 988 56.44 -3.03 -70.87
CA MET AA 988 56.45 -2.08 -69.77
C MET AA 988 56.55 -0.63 -70.27
N GLN AA 989 55.89 -0.34 -71.39
CA GLN AA 989 55.89 1.03 -71.91
C GLN AA 989 55.11 1.96 -70.99
N ARG AA 990 55.59 3.20 -70.89
CA ARG AA 990 54.98 4.22 -70.05
C ARG AA 990 54.22 5.25 -70.87
N GLY AA 991 53.83 4.91 -72.10
CA GLY AA 991 53.14 5.85 -72.95
C GLY AA 991 51.66 5.94 -72.64
N ASP AA 992 51.27 7.04 -71.97
CA ASP AA 992 49.88 7.31 -71.55
C ASP AA 992 49.36 6.08 -70.80
N GLY AA 993 48.13 5.64 -71.04
CA GLY AA 993 47.60 4.46 -70.39
C GLY AA 993 47.25 4.67 -68.94
N ASP AA 994 48.28 4.87 -68.10
CA ASP AA 994 48.13 5.13 -66.67
C ASP AA 994 47.60 3.91 -65.92
N ILE AA 995 47.30 2.83 -66.64
CA ILE AA 995 46.82 1.59 -66.03
C ILE AA 995 47.71 0.47 -66.54
N ASN AA 996 48.91 0.82 -66.99
CA ASN AA 996 49.82 -0.16 -67.56
C ASN AA 996 50.54 -0.92 -66.44
N LEU AA 997 51.46 -1.80 -66.84
CA LEU AA 997 52.10 -2.70 -65.88
C LEU AA 997 53.13 -1.99 -65.02
N GLN AA 998 53.73 -0.91 -65.51
CA GLN AA 998 54.78 -0.23 -64.76
C GLN AA 998 54.24 0.33 -63.44
N ASN AA 999 53.08 0.99 -63.49
CA ASN AA 999 52.48 1.51 -62.27
C ASN AA 999 52.08 0.37 -61.33
N TYR AA 1000 51.57 -0.72 -61.89
CA TYR AA 1000 51.19 -1.87 -61.08
C TYR AA 1000 52.37 -2.44 -60.32
N LEU AA 1001 53.53 -2.50 -60.97
CA LEU AA 1001 54.74 -2.93 -60.28
C LEU AA 1001 55.25 -1.88 -59.31
N LYS AA 1002 55.03 -0.59 -59.62
CA LYS AA 1002 55.45 0.47 -58.73
C LYS AA 1002 54.71 0.43 -57.40
N LYS AA 1003 53.40 0.13 -57.43
CA LYS AA 1003 52.60 0.13 -56.22
C LYS AA 1003 52.73 -1.14 -55.40
N LEU AA 1004 53.49 -2.14 -55.88
CA LEU AA 1004 53.66 -3.38 -55.14
C LEU AA 1004 54.53 -3.14 -53.91
N GLY AA 1005 54.10 -3.71 -52.78
CA GLY AA 1005 54.87 -3.60 -51.54
C GLY AA 1005 54.76 -2.27 -50.84
N ARG AA 1006 53.84 -1.39 -51.27
CA ARG AA 1006 53.74 -0.07 -50.65
C ARG AA 1006 53.28 -0.15 -49.21
N ASP AA 1007 52.38 -1.08 -48.89
CA ASP AA 1007 51.79 -1.14 -47.56
C ASP AA 1007 52.79 -1.46 -46.47
N VAL AA 1008 53.94 -2.05 -46.81
CA VAL AA 1008 54.92 -2.48 -45.83
C VAL AA 1008 56.27 -1.79 -46.00
N GLY AA 1009 56.39 -0.89 -46.99
CA GLY AA 1009 57.65 -0.21 -47.20
C GLY AA 1009 58.63 -0.91 -48.10
N ARG AA 1010 58.15 -1.72 -49.04
CA ARG AA 1010 59.01 -2.46 -49.96
C ARG AA 1010 58.80 -1.94 -51.38
N ARG AA 1011 59.90 -1.66 -52.07
CA ARG AA 1011 59.87 -1.32 -53.49
C ARG AA 1011 60.84 -2.24 -54.22
N TYR AA 1012 60.43 -2.73 -55.38
CA TYR AA 1012 61.19 -3.73 -56.11
C TYR AA 1012 62.10 -3.07 -57.14
N ASP AA 1013 63.33 -3.57 -57.23
CA ASP AA 1013 64.29 -3.13 -58.25
C ASP AA 1013 64.13 -4.07 -59.44
N ILE AA 1014 63.48 -3.58 -60.49
CA ILE AA 1014 63.11 -4.38 -61.65
C ILE AA 1014 63.94 -3.92 -62.84
N ARG AA 1015 64.58 -4.87 -63.51
CA ARG AA 1015 65.35 -4.57 -64.70
C ARG AA 1015 64.42 -4.10 -65.83
N SER AA 1016 64.91 -3.15 -66.63
CA SER AA 1016 64.21 -2.54 -67.75
C SER AA 1016 63.01 -1.71 -67.32
N MET AA 1017 62.76 -1.58 -66.02
CA MET AA 1017 61.65 -0.79 -65.50
C MET AA 1017 62.10 0.24 -64.47
N SER AA 1018 63.04 -0.11 -63.61
CA SER AA 1018 63.45 0.74 -62.50
C SER AA 1018 64.58 1.70 -62.88
N ARG AA 1019 64.93 1.78 -64.17
CA ARG AA 1019 65.93 2.76 -64.59
C ARG AA 1019 65.47 4.17 -64.31
N ALA AA 1020 64.20 4.47 -64.59
CA ALA AA 1020 63.67 5.81 -64.33
C ALA AA 1020 63.66 6.11 -62.85
N ASP AA 1021 63.27 5.14 -62.01
CA ASP AA 1021 63.27 5.37 -60.57
C ASP AA 1021 64.68 5.61 -60.05
N ARG AA 1022 65.65 4.82 -60.54
CA ARG AA 1022 67.03 4.99 -60.08
C ARG AA 1022 67.61 6.33 -60.51
N LEU AA 1023 67.32 6.75 -61.75
CA LEU AA 1023 67.89 7.99 -62.25
C LEU AA 1023 67.25 9.20 -61.61
N ILE AA 1024 65.91 9.20 -61.51
CA ILE AA 1024 65.22 10.34 -60.94
C ILE AA 1024 65.50 10.46 -59.44
N GLY AA 1025 65.59 9.32 -58.76
CA GLY AA 1025 65.83 9.30 -57.32
C GLY AA 1025 67.29 9.35 -56.91
N SER AA 1026 68.19 9.72 -57.83
CA SER AA 1026 69.62 9.76 -57.54
C SER AA 1026 70.07 11.15 -57.07
N ALA AA 1027 69.17 11.98 -56.59
CA ALA AA 1027 69.52 13.30 -56.09
C ALA AA 1027 69.84 13.23 -54.60
N VAL AA 1028 70.86 13.97 -54.18
CA VAL AA 1028 71.34 13.95 -52.80
C VAL AA 1028 70.92 15.25 -52.13
N HIS AA 1029 70.28 15.14 -50.98
CA HIS AA 1029 69.84 16.28 -50.18
C HIS AA 1029 70.76 16.44 -48.98
N THR AA 1030 71.28 17.66 -48.79
CA THR AA 1030 72.08 17.99 -47.62
C THR AA 1030 71.30 18.78 -46.59
N GLY AA 1031 70.10 19.24 -46.92
CA GLY AA 1031 69.26 19.96 -45.98
C GLY AA 1031 67.87 19.38 -45.91
N PHE AA 1032 66.93 20.11 -45.35
CA PHE AA 1032 65.55 19.64 -45.24
C PHE AA 1032 64.72 20.17 -46.39
N HIS AA 1033 63.96 19.27 -47.02
CA HIS AA 1033 63.02 19.62 -48.07
C HIS AA 1033 61.65 19.04 -47.71
N GLU AA 1034 60.60 19.82 -48.00
CA GLU AA 1034 59.26 19.46 -47.53
C GLU AA 1034 58.76 18.16 -48.14
N GLY AA 1035 58.99 17.96 -49.44
CA GLY AA 1035 58.43 16.79 -50.11
C GLY AA 1035 59.16 15.49 -49.84
N CYS AA 1036 60.36 15.56 -49.27
CA CYS AA 1036 61.19 14.38 -49.06
C CYS AA 1036 60.76 13.65 -47.80
N ALA AA 1037 60.44 12.36 -47.94
CA ALA AA 1037 60.07 11.55 -46.79
C ALA AA 1037 61.28 11.14 -45.96
N THR AA 1038 62.45 11.01 -46.59
CA THR AA 1038 63.66 10.67 -45.85
C THR AA 1038 64.03 11.77 -44.87
N CYS AA 1039 63.86 13.03 -45.28
CA CYS AA 1039 64.11 14.15 -44.36
C CYS AA 1039 63.17 14.09 -43.16
N ALA AA 1040 61.89 13.80 -43.41
CA ALA AA 1040 60.93 13.68 -42.32
C ALA AA 1040 61.29 12.55 -41.38
N ALA AA 1041 61.71 11.41 -41.93
CA ALA AA 1041 62.14 10.29 -41.09
C ALA AA 1041 63.37 10.65 -40.27
N LEU AA 1042 64.32 11.36 -40.88
CA LEU AA 1042 65.52 11.78 -40.16
C LEU AA 1042 65.17 12.71 -39.01
N ARG AA 1043 64.27 13.66 -39.25
CA ARG AA 1043 63.86 14.57 -38.18
C ARG AA 1043 63.10 13.83 -37.08
N SER AA 1044 62.24 12.88 -37.46
CA SER AA 1044 61.46 12.15 -36.47
C SER AA 1044 62.32 11.23 -35.63
N SER AA 1045 63.38 10.66 -36.21
CA SER AA 1045 64.28 9.80 -35.45
C SER AA 1045 65.14 10.58 -34.46
N GLY AA 1046 65.13 11.90 -34.51
CA GLY AA 1046 65.98 12.71 -33.66
C GLY AA 1046 67.35 13.00 -34.23
N SER AA 1047 67.69 12.41 -35.38
CA SER AA 1047 68.98 12.62 -36.00
C SER AA 1047 68.99 13.92 -36.79
N ASP AA 1048 70.20 14.43 -37.02
CA ASP AA 1048 70.37 15.58 -37.88
C ASP AA 1048 70.24 15.16 -39.35
N ILE AA 1049 70.08 16.15 -40.22
CA ILE AA 1049 69.88 15.87 -41.65
C ILE AA 1049 71.22 15.53 -42.28
N VAL AA 1050 71.52 14.24 -42.36
CA VAL AA 1050 72.74 13.75 -42.99
C VAL AA 1050 72.47 13.60 -44.49
N PRO AA 1051 73.50 13.56 -45.33
CA PRO AA 1051 73.25 13.36 -46.77
C PRO AA 1051 72.47 12.08 -47.04
N HIS AA 1052 71.53 12.16 -47.97
CA HIS AA 1052 70.67 11.04 -48.31
C HIS AA 1052 70.13 11.23 -49.72
N ASN AA 1053 69.68 10.13 -50.31
CA ASN AA 1053 69.09 10.20 -51.64
C ASN AA 1053 67.68 10.78 -51.58
N ALA AA 1054 67.25 11.34 -52.71
CA ALA AA 1054 65.92 11.91 -52.82
C ALA AA 1054 64.90 10.80 -52.97
N GLU AA 1055 63.89 10.79 -52.09
CA GLU AA 1055 62.81 9.80 -52.16
C GLU AA 1055 61.51 10.60 -52.09
N PHE AA 1056 60.99 10.98 -53.25
CA PHE AA 1056 59.76 11.74 -53.36
C PHE AA 1056 58.59 10.79 -53.65
N ASP AA 1057 57.43 11.36 -53.95
CA ASP AA 1057 56.25 10.57 -54.27
C ASP AA 1057 55.35 11.31 -55.26
N LYS BA 38 -37.48 -71.85 -16.60
CA LYS BA 38 -36.53 -71.49 -15.56
C LYS BA 38 -35.55 -70.42 -16.06
N THR BA 39 -34.69 -69.96 -15.16
CA THR BA 39 -33.68 -68.96 -15.49
C THR BA 39 -32.39 -69.66 -15.91
N GLN BA 40 -31.31 -68.88 -16.03
CA GLN BA 40 -30.02 -69.45 -16.38
C GLN BA 40 -29.48 -70.31 -15.25
N GLN BA 41 -28.97 -71.49 -15.61
CA GLN BA 41 -28.39 -72.41 -14.65
C GLN BA 41 -27.11 -73.01 -15.24
N ILE BA 42 -26.22 -73.44 -14.34
CA ILE BA 42 -24.99 -74.10 -14.76
C ILE BA 42 -25.34 -75.48 -15.28
N LEU BA 43 -25.14 -75.71 -16.57
CA LEU BA 43 -25.46 -76.99 -17.18
C LEU BA 43 -24.41 -78.04 -16.83
N GLU BA 44 -24.76 -79.29 -17.09
CA GLU BA 44 -23.82 -80.39 -16.92
C GLU BA 44 -22.69 -80.27 -17.93
N ALA BA 45 -21.53 -80.85 -17.57
CA ALA BA 45 -20.35 -80.74 -18.42
C ALA BA 45 -20.61 -81.27 -19.82
N GLY BA 46 -21.21 -82.45 -19.93
CA GLY BA 46 -21.57 -82.98 -21.24
C GLY BA 46 -22.61 -82.12 -21.92
N ASN BA 47 -23.61 -81.66 -21.17
CA ASN BA 47 -24.64 -80.80 -21.74
C ASN BA 47 -24.05 -79.48 -22.25
N ALA BA 48 -23.15 -78.88 -21.47
CA ALA BA 48 -22.50 -77.65 -21.90
C ALA BA 48 -21.62 -77.89 -23.13
N ALA BA 49 -20.95 -79.04 -23.17
CA ALA BA 49 -20.14 -79.37 -24.35
C ALA BA 49 -21.00 -79.51 -25.59
N ILE BA 50 -22.17 -80.16 -25.46
CA ILE BA 50 -23.07 -80.29 -26.60
C ILE BA 50 -23.58 -78.92 -27.03
N ALA BA 51 -23.94 -78.07 -26.06
CA ALA BA 51 -24.45 -76.74 -26.40
C ALA BA 51 -23.40 -75.90 -27.11
N GLN BA 52 -22.14 -75.97 -26.65
CA GLN BA 52 -21.09 -75.14 -27.25
C GLN BA 52 -20.62 -75.69 -28.59
N GLN BA 53 -20.55 -77.01 -28.74
CA GLN BA 53 -20.03 -77.60 -29.97
C GLN BA 53 -20.95 -77.37 -31.17
N ALA BA 54 -22.22 -77.07 -30.93
CA ALA BA 54 -23.16 -76.93 -32.03
C ALA BA 54 -22.93 -75.67 -32.87
N VAL BA 55 -22.16 -74.70 -32.36
CA VAL BA 55 -21.88 -73.51 -33.16
C VAL BA 55 -20.99 -73.90 -34.34
N SER BA 56 -21.28 -73.30 -35.50
CA SER BA 56 -20.63 -73.66 -36.76
C SER BA 56 -19.40 -72.79 -36.95
N ILE BA 57 -18.38 -73.03 -36.12
CA ILE BA 57 -17.12 -72.28 -36.23
C ILE BA 57 -16.48 -72.49 -37.59
N GLY BA 58 -16.34 -73.73 -38.02
CA GLY BA 58 -15.79 -74.01 -39.33
C GLY BA 58 -16.79 -73.70 -40.43
N GLN BA 59 -16.28 -73.21 -41.55
CA GLN BA 59 -17.14 -72.87 -42.68
C GLN BA 59 -17.74 -74.12 -43.31
N ALA BA 60 -16.97 -75.21 -43.37
CA ALA BA 60 -17.46 -76.44 -44.00
C ALA BA 60 -18.66 -77.01 -43.25
N SER BA 61 -18.60 -77.05 -41.93
CA SER BA 61 -19.69 -77.59 -41.12
C SER BA 61 -20.62 -76.45 -40.70
N GLN BA 62 -21.84 -76.48 -41.22
CA GLN BA 62 -22.82 -75.44 -40.89
C GLN BA 62 -24.00 -76.02 -40.10
N LEU BA 138 -45.84 -90.21 -31.62
CA LEU BA 138 -44.35 -90.37 -31.65
C LEU BA 138 -43.87 -90.87 -30.27
N THR BA 139 -42.58 -91.16 -30.16
CA THR BA 139 -42.02 -91.59 -28.84
C THR BA 139 -42.06 -90.39 -27.90
N VAL BA 140 -42.01 -90.64 -26.58
CA VAL BA 140 -41.97 -89.51 -25.60
C VAL BA 140 -40.87 -88.57 -26.08
N SER BA 141 -39.67 -89.10 -26.36
CA SER BA 141 -38.57 -88.23 -26.76
C SER BA 141 -38.89 -87.48 -28.04
N GLU BA 142 -39.44 -88.19 -29.04
CA GLU BA 142 -39.79 -87.54 -30.30
C GLU BA 142 -40.91 -86.51 -30.11
N GLN BA 143 -41.90 -86.83 -29.27
CA GLN BA 143 -42.98 -85.88 -29.02
C GLN BA 143 -42.46 -84.62 -28.34
N GLU BA 144 -41.59 -84.78 -27.34
CA GLU BA 144 -41.03 -83.60 -26.68
C GLU BA 144 -40.12 -82.81 -27.61
N ALA BA 145 -39.36 -83.50 -28.48
CA ALA BA 145 -38.54 -82.79 -29.46
C ALA BA 145 -39.40 -81.96 -30.40
N ASN BA 146 -40.51 -82.54 -30.89
CA ASN BA 146 -41.41 -81.80 -31.76
C ASN BA 146 -42.03 -80.61 -31.04
N ALA BA 147 -42.42 -80.81 -29.78
CA ALA BA 147 -42.99 -79.71 -29.01
C ALA BA 147 -41.96 -78.59 -28.81
N VAL BA 148 -40.72 -78.95 -28.51
CA VAL BA 148 -39.67 -77.94 -28.37
C VAL BA 148 -39.45 -77.22 -29.69
N ARG BA 149 -39.45 -77.95 -30.81
CA ARG BA 149 -39.29 -77.32 -32.12
C ARG BA 149 -40.38 -76.28 -32.36
N VAL BA 150 -41.64 -76.68 -32.19
CA VAL BA 150 -42.74 -75.78 -32.50
C VAL BA 150 -42.77 -74.59 -31.54
N GLU BA 151 -42.41 -74.83 -30.27
CA GLU BA 151 -42.46 -73.73 -29.30
C GLU BA 151 -41.30 -72.77 -29.50
N LEU BA 152 -40.14 -73.27 -29.91
CA LEU BA 152 -39.04 -72.39 -30.28
C LEU BA 152 -39.40 -71.56 -31.51
N GLY BA 153 -40.06 -72.18 -32.49
CA GLY BA 153 -40.51 -71.42 -33.65
C GLY BA 153 -41.50 -70.33 -33.26
N ASP BA 154 -42.43 -70.65 -32.35
CA ASP BA 154 -43.38 -69.65 -31.88
C ASP BA 154 -42.66 -68.52 -31.14
N LEU BA 155 -41.67 -68.86 -30.32
CA LEU BA 155 -40.91 -67.84 -29.61
C LEU BA 155 -40.17 -66.92 -30.58
N TYR BA 156 -39.55 -67.50 -31.60
CA TYR BA 156 -38.82 -66.68 -32.58
C TYR BA 156 -39.77 -65.80 -33.38
N ASN BA 157 -40.93 -66.35 -33.76
CA ASN BA 157 -41.91 -65.54 -34.50
C ASN BA 157 -42.43 -64.39 -33.64
N GLU BA 158 -42.66 -64.65 -32.35
CA GLU BA 158 -43.03 -63.57 -31.44
C GLU BA 158 -41.91 -62.55 -31.33
N TRP BA 159 -40.66 -63.02 -31.38
CA TRP BA 159 -39.51 -62.10 -31.33
C TRP BA 159 -39.49 -61.19 -32.55
N ARG BA 160 -39.81 -61.74 -33.72
CA ARG BA 160 -39.68 -60.91 -34.95
C ARG BA 160 -40.97 -60.12 -35.25
N SER BA 161 -42.13 -60.68 -34.95
CA SER BA 161 -43.42 -60.02 -35.28
C SER BA 161 -43.72 -58.81 -34.38
N GLY BA 162 -43.43 -58.93 -33.08
CA GLY BA 162 -43.36 -57.76 -32.20
C GLY BA 162 -41.88 -57.53 -32.51
N ASP BA 163 -41.49 -56.26 -32.70
CA ASP BA 163 -40.07 -55.94 -33.02
C ASP BA 163 -39.53 -55.79 -31.60
N LYS BA 164 -38.85 -56.83 -31.10
CA LYS BA 164 -38.27 -56.79 -29.74
C LYS BA 164 -36.75 -56.79 -29.90
N PHE BA 165 -36.27 -57.33 -31.02
CA PHE BA 165 -34.83 -57.44 -31.23
C PHE BA 165 -34.16 -56.08 -31.30
N ARG BA 166 -34.90 -55.04 -31.65
CA ARG BA 166 -34.36 -53.70 -31.71
C ARG BA 166 -34.66 -52.88 -30.47
N SER BA 167 -35.69 -53.25 -29.71
CA SER BA 167 -36.12 -52.50 -28.54
C SER BA 167 -35.60 -53.08 -27.23
N GLU BA 168 -35.43 -54.38 -27.15
CA GLU BA 168 -34.96 -55.01 -25.92
C GLU BA 168 -33.44 -54.98 -25.88
N PRO BA 169 -32.85 -54.43 -24.81
CA PRO BA 169 -31.39 -54.18 -24.82
C PRO BA 169 -30.54 -55.43 -25.01
N GLY BA 170 -30.96 -56.55 -24.43
CA GLY BA 170 -30.17 -57.76 -24.53
C GLY BA 170 -30.62 -58.69 -25.63
N GLY BA 171 -30.97 -58.14 -26.79
CA GLY BA 171 -31.62 -58.87 -27.86
C GLY BA 171 -31.01 -60.20 -28.23
N MET BA 172 -29.81 -60.20 -28.82
CA MET BA 172 -29.21 -61.44 -29.30
C MET BA 172 -28.91 -62.38 -28.14
N THR BA 173 -28.30 -61.85 -27.06
CA THR BA 173 -27.89 -62.69 -25.95
C THR BA 173 -29.08 -63.30 -25.24
N LYS BA 174 -30.11 -62.50 -24.95
CA LYS BA 174 -31.28 -63.06 -24.29
C LYS BA 174 -32.05 -64.00 -25.20
N PHE BA 175 -32.07 -63.71 -26.50
CA PHE BA 175 -32.71 -64.64 -27.43
C PHE BA 175 -32.04 -66.01 -27.40
N ARG BA 176 -30.70 -66.02 -27.50
CA ARG BA 176 -29.99 -67.30 -27.47
C ARG BA 176 -30.15 -67.99 -26.13
N ASP BA 177 -30.07 -67.24 -25.02
CA ASP BA 177 -30.20 -67.87 -23.71
C ASP BA 177 -31.60 -68.44 -23.50
N ALA BA 178 -32.64 -67.73 -23.95
CA ALA BA 178 -33.98 -68.26 -23.86
C ALA BA 178 -34.14 -69.50 -24.72
N GLY BA 179 -33.54 -69.50 -25.91
CA GLY BA 179 -33.58 -70.70 -26.74
C GLY BA 179 -32.92 -71.89 -26.07
N LEU BA 180 -31.75 -71.69 -25.48
CA LEU BA 180 -31.07 -72.78 -24.79
C LEU BA 180 -31.87 -73.26 -23.59
N ALA BA 181 -32.45 -72.33 -22.83
CA ALA BA 181 -33.27 -72.72 -21.68
C ALA BA 181 -34.48 -73.53 -22.11
N ARG BA 182 -35.15 -73.10 -23.18
CA ARG BA 182 -36.31 -73.82 -23.69
C ARG BA 182 -35.90 -75.21 -24.17
N ILE BA 183 -34.76 -75.32 -24.85
CA ILE BA 183 -34.30 -76.61 -25.35
C ILE BA 183 -33.98 -77.55 -24.18
N MET BA 184 -33.27 -77.03 -23.18
CA MET BA 184 -32.64 -77.88 -22.18
C MET BA 184 -33.45 -77.97 -20.89
N SER BA 185 -34.63 -77.35 -20.82
CA SER BA 185 -35.51 -77.57 -19.68
C SER BA 185 -35.98 -79.01 -19.62
N ARG BA 186 -36.31 -79.59 -20.77
CA ARG BA 186 -36.70 -81.00 -20.84
C ARG BA 186 -35.44 -81.85 -20.70
N THR BA 187 -35.37 -82.63 -19.63
CA THR BA 187 -34.16 -83.35 -19.26
C THR BA 187 -34.13 -84.80 -19.76
N ASN BA 188 -35.15 -85.24 -20.50
CA ASN BA 188 -35.20 -86.62 -20.96
C ASN BA 188 -35.11 -86.75 -22.48
N ILE BA 189 -34.74 -85.69 -23.18
CA ILE BA 189 -34.55 -85.75 -24.62
C ILE BA 189 -33.16 -86.28 -24.91
N THR BA 190 -33.06 -87.19 -25.88
CA THR BA 190 -31.80 -87.84 -26.20
C THR BA 190 -30.85 -86.85 -26.88
N GLU BA 191 -29.67 -87.33 -27.26
CA GLU BA 191 -28.61 -86.44 -27.73
C GLU BA 191 -28.92 -85.89 -29.13
N ALA BA 192 -29.47 -86.73 -30.01
CA ALA BA 192 -29.64 -86.32 -31.40
C ALA BA 192 -30.63 -85.17 -31.54
N GLN BA 193 -31.77 -85.26 -30.87
CA GLN BA 193 -32.76 -84.19 -30.94
C GLN BA 193 -32.23 -82.90 -30.33
N LYS BA 194 -31.49 -83.00 -29.21
CA LYS BA 194 -30.90 -81.82 -28.61
C LYS BA 194 -29.92 -81.15 -29.57
N LYS BA 195 -29.06 -81.96 -30.21
CA LYS BA 195 -28.12 -81.41 -31.19
C LYS BA 195 -28.85 -80.71 -32.32
N GLU BA 196 -29.90 -81.35 -32.85
CA GLU BA 196 -30.61 -80.77 -33.99
C GLU BA 196 -31.31 -79.48 -33.60
N LEU BA 197 -31.94 -79.45 -32.43
CA LEU BA 197 -32.64 -78.25 -31.98
C LEU BA 197 -31.67 -77.09 -31.74
N ILE BA 198 -30.53 -77.39 -31.11
CA ILE BA 198 -29.55 -76.32 -30.86
C ILE BA 198 -28.96 -75.83 -32.17
N ASN BA 199 -28.74 -76.74 -33.14
CA ASN BA 199 -28.27 -76.31 -34.45
C ASN BA 199 -29.29 -75.42 -35.14
N LEU BA 200 -30.58 -75.75 -35.04
CA LEU BA 200 -31.62 -74.92 -35.63
C LEU BA 200 -31.62 -73.53 -35.00
N HIS BA 201 -31.54 -73.47 -33.67
CA HIS BA 201 -31.54 -72.17 -33.00
C HIS BA 201 -30.31 -71.35 -33.38
N TYR BA 202 -29.15 -71.99 -33.44
CA TYR BA 202 -27.93 -71.28 -33.82
C TYR BA 202 -27.97 -70.81 -35.26
N GLY BA 203 -28.56 -71.61 -36.16
CA GLY BA 203 -28.71 -71.16 -37.54
C GLY BA 203 -29.64 -69.97 -37.67
N ASN BA 204 -30.73 -69.98 -36.89
CA ASN BA 204 -31.62 -68.82 -36.86
C ASN BA 204 -30.89 -67.58 -36.36
N TRP BA 205 -30.09 -67.73 -35.30
CA TRP BA 205 -29.29 -66.62 -34.79
C TRP BA 205 -28.31 -66.13 -35.85
N ASP BA 206 -27.68 -67.05 -36.57
CA ASP BA 206 -26.73 -66.67 -37.62
C ASP BA 206 -27.42 -65.91 -38.74
N ALA BA 207 -28.63 -66.34 -39.13
CA ALA BA 207 -29.37 -65.62 -40.17
C ALA BA 207 -29.73 -64.21 -39.70
N GLU BA 208 -30.14 -64.07 -38.46
CA GLU BA 208 -30.45 -62.73 -37.95
C GLU BA 208 -29.20 -61.85 -37.92
N MET BA 209 -28.07 -62.41 -37.50
CA MET BA 209 -26.83 -61.64 -37.54
C MET BA 209 -26.42 -61.31 -38.96
N LYS BA 210 -26.78 -62.16 -39.92
CA LYS BA 210 -26.55 -61.84 -41.33
C LYS BA 210 -27.37 -60.61 -41.75
N ALA BA 211 -28.63 -60.55 -41.31
CA ALA BA 211 -29.44 -59.37 -41.59
C ALA BA 211 -28.86 -58.12 -40.95
N TYR BA 212 -28.41 -58.24 -39.70
CA TYR BA 212 -27.77 -57.11 -39.02
C TYR BA 212 -26.50 -56.69 -39.74
N SER BA 213 -25.75 -57.66 -40.26
CA SER BA 213 -24.56 -57.36 -41.05
C SER BA 213 -24.93 -56.61 -42.32
N ASP BA 214 -26.03 -56.98 -42.97
CA ASP BA 214 -26.49 -56.27 -44.15
C ASP BA 214 -26.81 -54.81 -43.82
N ARG BA 215 -27.50 -54.58 -42.70
CA ARG BA 215 -27.82 -53.21 -42.31
C ARG BA 215 -26.56 -52.40 -42.03
N THR BA 216 -25.62 -52.96 -41.27
CA THR BA 216 -24.38 -52.24 -40.98
C THR BA 216 -23.57 -52.01 -42.25
N ALA BA 217 -23.61 -52.95 -43.19
CA ALA BA 217 -22.94 -52.78 -44.47
C ALA BA 217 -23.54 -51.60 -45.23
N LYS BA 218 -24.86 -51.49 -45.24
CA LYS BA 218 -25.49 -50.35 -45.90
C LYS BA 218 -25.05 -49.04 -45.25
N TYR BA 219 -25.00 -49.01 -43.92
CA TYR BA 219 -24.58 -47.79 -43.22
C TYR BA 219 -23.15 -47.40 -43.60
N ALA BA 220 -22.22 -48.35 -43.51
CA ALA BA 220 -20.82 -48.05 -43.79
C ALA BA 220 -20.62 -47.67 -45.25
N GLU BA 221 -21.31 -48.35 -46.17
CA GLU BA 221 -21.22 -48.02 -47.58
C GLU BA 221 -21.73 -46.61 -47.84
N GLU BA 222 -22.83 -46.23 -47.19
CA GLU BA 222 -23.34 -44.86 -47.34
C GLU BA 222 -22.31 -43.84 -46.86
N VAL BA 223 -21.67 -44.11 -45.71
CA VAL BA 223 -20.68 -43.17 -45.19
C VAL BA 223 -19.52 -43.01 -46.17
N SER BA 224 -18.98 -44.14 -46.64
CA SER BA 224 -17.84 -44.08 -47.56
C SER BA 224 -18.22 -43.39 -48.87
N GLN BA 225 -19.42 -43.67 -49.38
CA GLN BA 225 -19.88 -43.03 -50.61
C GLN BA 225 -20.00 -41.52 -50.42
N VAL BA 226 -20.52 -41.09 -49.28
CA VAL BA 226 -20.64 -39.65 -49.02
C VAL BA 226 -19.27 -39.00 -49.00
N ARG BA 227 -18.30 -39.62 -48.32
CA ARG BA 227 -16.96 -39.04 -48.26
C ARG BA 227 -16.35 -38.92 -49.66
N ARG BA 228 -16.39 -40.01 -50.44
CA ARG BA 228 -15.78 -39.99 -51.76
C ARG BA 228 -16.48 -38.99 -52.67
N GLU BA 229 -17.81 -38.92 -52.60
CA GLU BA 229 -18.55 -37.97 -53.43
C GLU BA 229 -18.18 -36.54 -53.06
N SER BA 230 -18.04 -36.25 -51.77
CA SER BA 230 -17.65 -34.90 -51.36
C SER BA 230 -16.29 -34.52 -51.94
N VAL BA 231 -15.31 -35.44 -51.85
CA VAL BA 231 -13.98 -35.15 -52.37
C VAL BA 231 -14.03 -34.91 -53.87
N ILE BA 232 -14.69 -35.81 -54.60
CA ILE BA 232 -14.75 -35.70 -56.06
C ILE BA 232 -15.46 -34.42 -56.48
N LYS BA 233 -16.55 -34.08 -55.79
CA LYS BA 233 -17.30 -32.88 -56.14
C LYS BA 233 -16.50 -31.62 -55.87
N GLU BA 234 -15.75 -31.59 -54.77
CA GLU BA 234 -14.88 -30.43 -54.52
C GLU BA 234 -13.88 -30.26 -55.65
N ARG BA 235 -13.17 -31.34 -56.00
CA ARG BA 235 -12.15 -31.23 -57.04
C ARG BA 235 -12.77 -30.84 -58.39
N THR BA 236 -13.91 -31.45 -58.74
CA THR BA 236 -14.54 -31.15 -60.02
C THR BA 236 -15.07 -29.73 -60.07
N PHE BA 237 -15.62 -29.23 -58.96
CA PHE BA 237 -16.07 -27.84 -58.92
C PHE BA 237 -14.91 -26.89 -59.12
N ARG BA 238 -13.79 -27.16 -58.45
CA ARG BA 238 -12.62 -26.29 -58.64
C ARG BA 238 -12.17 -26.30 -60.10
N VAL BA 239 -12.11 -27.49 -60.70
CA VAL BA 239 -11.64 -27.60 -62.08
C VAL BA 239 -12.58 -26.85 -63.03
N ASN BA 240 -13.89 -27.06 -62.86
CA ASN BA 240 -14.86 -26.44 -63.75
C ASN BA 240 -14.85 -24.92 -63.60
N SER BA 241 -14.75 -24.43 -62.36
CA SER BA 241 -14.73 -22.98 -62.16
C SER BA 241 -13.46 -22.36 -62.73
N VAL BA 242 -12.33 -23.06 -62.66
CA VAL BA 242 -11.11 -22.53 -63.26
C VAL BA 242 -11.23 -22.51 -64.78
N VAL BA 243 -11.69 -23.62 -65.37
CA VAL BA 243 -11.68 -23.72 -66.83
C VAL BA 243 -12.72 -22.80 -67.44
N SER BA 244 -13.79 -22.47 -66.71
CA SER BA 244 -14.82 -21.59 -67.23
C SER BA 244 -14.52 -20.11 -67.01
N GLY BA 245 -13.46 -19.78 -66.29
CA GLY BA 245 -13.13 -18.39 -66.06
C GLY BA 245 -12.48 -17.68 -67.23
N LEU BA 246 -12.17 -18.42 -68.30
CA LEU BA 246 -11.52 -17.82 -69.46
C LEU BA 246 -12.52 -17.03 -70.28
N THR BA 247 -12.06 -15.91 -70.83
CA THR BA 247 -12.91 -15.02 -71.62
C THR BA 247 -12.90 -15.46 -73.07
N TRP BA 248 -13.41 -14.61 -73.96
CA TRP BA 248 -13.46 -14.94 -75.38
C TRP BA 248 -12.07 -15.05 -75.99
N ASP BA 249 -11.08 -14.37 -75.39
CA ASP BA 249 -9.72 -14.35 -75.94
C ASP BA 249 -8.66 -14.57 -74.87
N ALA BA 250 -9.02 -15.15 -73.72
CA ALA BA 250 -8.07 -15.36 -72.66
C ALA BA 250 -7.09 -16.47 -73.02
N ASP BA 251 -5.83 -16.29 -72.62
CA ASP BA 251 -4.82 -17.31 -72.81
C ASP BA 251 -5.06 -18.44 -71.83
N PRO BA 252 -5.24 -19.68 -72.29
CA PRO BA 252 -5.57 -20.78 -71.36
C PRO BA 252 -4.38 -21.48 -70.73
N THR BA 253 -3.16 -20.95 -70.90
CA THR BA 253 -1.98 -21.63 -70.37
C THR BA 253 -2.07 -21.79 -68.86
N ASP BA 254 -2.43 -20.71 -68.15
CA ASP BA 254 -2.60 -20.80 -66.71
C ASP BA 254 -3.76 -21.73 -66.34
N ALA BA 255 -4.84 -21.69 -67.11
CA ALA BA 255 -5.96 -22.59 -66.86
C ALA BA 255 -5.56 -24.04 -67.04
N ILE BA 256 -4.79 -24.34 -68.09
CA ILE BA 256 -4.34 -25.71 -68.31
C ILE BA 256 -3.39 -26.15 -67.20
N LYS BA 257 -2.51 -25.25 -66.76
CA LYS BA 257 -1.62 -25.60 -65.65
C LYS BA 257 -2.41 -25.89 -64.38
N LYS BA 258 -3.44 -25.09 -64.10
CA LYS BA 258 -4.24 -25.31 -62.91
C LYS BA 258 -5.03 -26.62 -63.01
N VAL BA 259 -5.55 -26.92 -64.20
CA VAL BA 259 -6.25 -28.19 -64.40
C VAL BA 259 -5.29 -29.36 -64.20
N ASP BA 260 -4.05 -29.22 -64.68
CA ASP BA 260 -3.05 -30.25 -64.47
C ASP BA 260 -2.75 -30.42 -62.99
N ALA BA 261 -2.64 -29.31 -62.25
CA ALA BA 261 -2.38 -29.39 -60.82
C ALA BA 261 -3.52 -30.09 -60.09
N MET BA 262 -4.77 -29.78 -60.46
CA MET BA 262 -5.90 -30.44 -59.82
C MET BA 262 -5.98 -31.92 -60.18
N VAL BA 263 -5.65 -32.28 -61.41
CA VAL BA 263 -5.58 -33.69 -61.79
C VAL BA 263 -4.48 -34.40 -61.00
N SER BA 264 -3.36 -33.71 -60.77
CA SER BA 264 -2.30 -34.25 -59.94
C SER BA 264 -2.79 -34.50 -58.53
N SER BA 265 -3.53 -33.55 -57.96
CA SER BA 265 -4.07 -33.71 -56.62
C SER BA 265 -5.05 -34.88 -56.55
N THR BA 266 -5.89 -35.02 -57.57
CA THR BA 266 -6.91 -36.08 -57.55
C THR BA 266 -6.27 -37.46 -57.72
N VAL BA 267 -5.35 -37.60 -58.68
CA VAL BA 267 -4.75 -38.90 -58.96
C VAL BA 267 -3.87 -39.35 -57.81
N ASN BA 268 -3.15 -38.40 -57.18
CA ASN BA 268 -2.26 -38.75 -56.08
C ASN BA 268 -2.98 -38.87 -54.74
N ASP BA 269 -4.29 -38.65 -54.70
CA ASP BA 269 -5.04 -38.77 -53.46
C ASP BA 269 -5.10 -40.23 -53.03
N GLN BA 270 -4.62 -40.51 -51.82
CA GLN BA 270 -4.48 -41.87 -51.34
C GLN BA 270 -5.75 -42.44 -50.73
N ASN BA 271 -6.75 -41.61 -50.44
CA ASN BA 271 -7.99 -42.08 -49.82
C ASN BA 271 -9.03 -42.53 -50.84
N LEU BA 272 -8.77 -42.37 -52.12
CA LEU BA 272 -9.72 -42.74 -53.15
C LEU BA 272 -9.26 -43.99 -53.90
N PRO BA 273 -10.19 -44.82 -54.36
CA PRO BA 273 -9.82 -45.99 -55.16
C PRO BA 273 -9.36 -45.59 -56.55
N LEU BA 274 -8.72 -46.54 -57.22
CA LEU BA 274 -8.16 -46.26 -58.54
C LEU BA 274 -9.25 -45.91 -59.54
N LEU BA 275 -10.38 -46.61 -59.49
CA LEU BA 275 -11.47 -46.35 -60.44
C LEU BA 275 -11.99 -44.93 -60.32
N ASP BA 276 -12.25 -44.47 -59.09
CA ASP BA 276 -12.76 -43.12 -58.89
C ASP BA 276 -11.76 -42.08 -59.36
N ARG BA 277 -10.46 -42.30 -59.07
CA ARG BA 277 -9.45 -41.33 -59.49
C ARG BA 277 -9.36 -41.25 -61.00
N LEU BA 278 -9.33 -42.40 -61.68
CA LEU BA 278 -9.28 -42.39 -63.14
C LEU BA 278 -10.51 -41.72 -63.73
N GLN BA 279 -11.70 -42.01 -63.17
CA GLN BA 279 -12.92 -41.46 -63.72
C GLN BA 279 -13.01 -39.95 -63.50
N ALA BA 280 -12.59 -39.48 -62.32
CA ALA BA 280 -12.56 -38.04 -62.06
C ALA BA 280 -11.58 -37.35 -63.00
N ALA BA 281 -10.40 -37.94 -63.21
CA ALA BA 281 -9.44 -37.36 -64.14
C ALA BA 281 -10.00 -37.33 -65.55
N ASN BA 282 -10.72 -38.38 -65.95
CA ASN BA 282 -11.38 -38.39 -67.25
C ASN BA 282 -12.36 -37.23 -67.37
N SER BA 283 -13.18 -37.02 -66.34
CA SER BA 283 -14.15 -35.94 -66.38
C SER BA 283 -13.46 -34.58 -66.51
N MET BA 284 -12.42 -34.36 -65.71
CA MET BA 284 -11.72 -33.08 -65.75
C MET BA 284 -11.09 -32.84 -67.12
N TYR BA 285 -10.41 -33.85 -67.67
CA TYR BA 285 -9.75 -33.66 -68.95
C TYR BA 285 -10.76 -33.50 -70.08
N ASN BA 286 -11.87 -34.22 -70.02
CA ASN BA 286 -12.91 -34.06 -71.05
C ASN BA 286 -13.51 -32.66 -70.98
N THR BA 287 -13.76 -32.15 -69.78
CA THR BA 287 -14.29 -30.79 -69.65
C THR BA 287 -13.28 -29.77 -70.18
N ALA BA 288 -12.00 -29.95 -69.85
CA ALA BA 288 -10.98 -29.02 -70.34
C ALA BA 288 -10.88 -29.06 -71.86
N TYR BA 289 -10.95 -30.25 -72.45
CA TYR BA 289 -10.91 -30.38 -73.90
C TYR BA 289 -12.12 -29.71 -74.54
N GLU BA 290 -13.31 -29.93 -73.97
CA GLU BA 290 -14.52 -29.35 -74.56
C GLU BA 290 -14.51 -27.83 -74.47
N LYS BA 291 -14.02 -27.28 -73.35
CA LYS BA 291 -14.08 -25.83 -73.17
C LYS BA 291 -13.05 -25.10 -74.03
N VAL BA 292 -11.91 -25.72 -74.30
CA VAL BA 292 -10.81 -25.03 -74.97
C VAL BA 292 -10.56 -25.76 -76.30
N VAL BA 293 -11.63 -26.25 -76.92
CA VAL BA 293 -11.49 -27.01 -78.16
C VAL BA 293 -11.00 -26.14 -79.32
N ASN BA 294 -11.29 -24.84 -79.32
CA ASN BA 294 -11.00 -24.01 -80.47
C ASN BA 294 -9.55 -23.56 -80.54
N ASN BA 295 -8.79 -23.66 -79.45
CA ASN BA 295 -7.39 -23.26 -79.44
C ASN BA 295 -6.52 -24.45 -79.82
N ALA BA 296 -5.77 -24.32 -80.91
CA ALA BA 296 -5.03 -25.47 -81.44
C ALA BA 296 -3.96 -25.95 -80.48
N THR BA 297 -3.13 -25.03 -79.97
CA THR BA 297 -2.02 -25.43 -79.10
C THR BA 297 -2.53 -26.02 -77.79
N ALA BA 298 -3.51 -25.37 -77.17
CA ALA BA 298 -4.07 -25.88 -75.93
C ALA BA 298 -4.77 -27.21 -76.14
N ARG BA 299 -5.48 -27.37 -77.27
CA ARG BA 299 -6.11 -28.65 -77.58
C ARG BA 299 -5.06 -29.75 -77.75
N ALA BA 300 -3.95 -29.43 -78.41
CA ALA BA 300 -2.88 -30.42 -78.56
C ALA BA 300 -2.28 -30.80 -77.21
N GLU BA 301 -2.07 -29.82 -76.33
CA GLU BA 301 -1.56 -30.13 -75.00
C GLU BA 301 -2.52 -31.00 -74.21
N VAL BA 302 -3.82 -30.69 -74.28
CA VAL BA 302 -4.82 -31.49 -73.60
C VAL BA 302 -4.84 -32.92 -74.15
N GLU BA 303 -4.72 -33.05 -75.48
CA GLU BA 303 -4.69 -34.38 -76.09
C GLU BA 303 -3.47 -35.17 -75.65
N ARG BA 304 -2.32 -34.50 -75.55
CA ARG BA 304 -1.11 -35.18 -75.07
C ARG BA 304 -1.29 -35.65 -73.63
N LYS BA 305 -1.88 -34.80 -72.78
CA LYS BA 305 -2.13 -35.20 -71.40
C LYS BA 305 -3.10 -36.37 -71.34
N MET BA 306 -4.12 -36.37 -72.21
CA MET BA 306 -5.09 -37.46 -72.20
C MET BA 306 -4.48 -38.76 -72.70
N LYS BA 307 -3.57 -38.69 -73.67
CA LYS BA 307 -2.85 -39.89 -74.09
C LYS BA 307 -1.94 -40.42 -72.98
N ALA BA 308 -1.29 -39.51 -72.24
CA ALA BA 308 -0.51 -39.93 -71.08
C ALA BA 308 -1.39 -40.63 -70.05
N LEU BA 309 -2.58 -40.09 -69.80
CA LEU BA 309 -3.52 -40.74 -68.89
C LEU BA 309 -3.99 -42.08 -69.44
N GLN BA 310 -4.13 -42.18 -70.76
CA GLN BA 310 -4.47 -43.46 -71.40
C GLN BA 310 -3.42 -44.51 -71.07
N ALA BA 311 -2.14 -44.19 -71.30
CA ALA BA 311 -1.08 -45.15 -71.02
C ALA BA 311 -1.00 -45.48 -69.54
N TYR BA 312 -1.17 -44.46 -68.68
CA TYR BA 312 -1.15 -44.70 -67.25
C TYR BA 312 -2.27 -45.64 -66.83
N GLN BA 313 -3.47 -45.45 -67.39
CA GLN BA 313 -4.57 -46.35 -67.09
C GLN BA 313 -4.26 -47.77 -67.55
N TYR BA 314 -3.72 -47.91 -68.77
CA TYR BA 314 -3.35 -49.24 -69.25
C TYR BA 314 -2.42 -49.95 -68.29
N GLU BA 315 -1.37 -49.27 -67.82
CA GLU BA 315 -0.43 -49.98 -66.95
C GLU BA 315 -0.95 -50.14 -65.52
N ALA BA 316 -1.70 -49.16 -65.01
CA ALA BA 316 -2.15 -49.21 -63.62
C ALA BA 316 -3.28 -50.22 -63.43
N ILE BA 317 -4.12 -50.42 -64.44
CA ILE BA 317 -5.17 -51.44 -64.32
C ILE BA 317 -4.54 -52.82 -64.18
N THR BA 318 -3.50 -53.10 -64.98
CA THR BA 318 -2.80 -54.38 -64.87
C THR BA 318 -2.08 -54.50 -63.54
N ASN BA 319 -1.40 -53.43 -63.11
CA ASN BA 319 -0.64 -53.52 -61.86
C ASN BA 319 -1.55 -53.69 -60.65
N TRP BA 320 -2.69 -53.01 -60.63
CA TRP BA 320 -3.52 -52.97 -59.43
C TRP BA 320 -4.23 -54.29 -59.17
N ASN BA 321 -4.63 -55.01 -60.22
CA ASN BA 321 -5.49 -56.17 -60.09
C ASN BA 321 -4.70 -57.48 -60.06
N ASP BA 322 -3.42 -57.43 -59.73
CA ASP BA 322 -2.60 -58.65 -59.61
C ASP BA 322 -2.61 -59.07 -58.15
N GLN BA 323 -3.17 -60.24 -57.87
CA GLN BA 323 -3.28 -60.74 -56.51
C GLN BA 323 -2.04 -61.48 -56.03
N THR BA 324 -1.03 -61.63 -56.89
CA THR BA 324 0.22 -62.30 -56.51
C THR BA 324 1.24 -61.33 -55.94
N LYS BA 325 0.89 -60.05 -55.80
CA LYS BA 325 1.79 -59.05 -55.25
C LYS BA 325 1.19 -58.45 -53.98
N PRO BA 326 2.02 -58.11 -52.99
CA PRO BA 326 1.48 -57.56 -51.75
C PRO BA 326 0.96 -56.14 -51.94
N ARG BA 327 0.20 -55.68 -50.95
CA ARG BA 327 -0.41 -54.36 -51.02
C ARG BA 327 0.64 -53.27 -51.12
N ALA BA 328 1.69 -53.36 -50.30
CA ALA BA 328 2.69 -52.28 -50.24
C ALA BA 328 3.44 -52.15 -51.56
N GLU BA 329 3.88 -53.27 -52.14
CA GLU BA 329 4.62 -53.19 -53.39
C GLU BA 329 3.73 -52.76 -54.55
N ARG BA 330 2.48 -53.21 -54.58
CA ARG BA 330 1.54 -52.73 -55.59
C ARG BA 330 1.33 -51.22 -55.47
N GLU BA 331 1.16 -50.71 -54.25
CA GLU BA 331 1.00 -49.28 -54.08
C GLU BA 331 2.24 -48.53 -54.53
N ALA BA 332 3.43 -48.98 -54.10
CA ALA BA 332 4.66 -48.30 -54.47
C ALA BA 332 4.85 -48.28 -55.98
N PHE BA 333 4.55 -49.40 -56.65
CA PHE BA 333 4.59 -49.42 -58.10
C PHE BA 333 3.56 -48.49 -58.71
N ASP BA 334 2.41 -48.31 -58.04
CA ASP BA 334 1.40 -47.38 -58.56
C ASP BA 334 1.89 -45.94 -58.54
N GLN BA 335 2.44 -45.47 -57.41
CA GLN BA 335 3.00 -44.12 -57.42
C GLN BA 335 4.22 -44.03 -58.35
N GLN BA 336 4.97 -45.13 -58.51
CA GLN BA 336 6.08 -45.12 -59.45
C GLN BA 336 5.59 -44.88 -60.88
N LEU BA 337 4.50 -45.56 -61.26
CA LEU BA 337 3.92 -45.34 -62.59
C LEU BA 337 3.37 -43.92 -62.73
N GLN BA 338 2.73 -43.41 -61.67
CA GLN BA 338 2.20 -42.05 -61.71
C GLN BA 338 3.33 -41.04 -61.92
N ALA BA 339 4.46 -41.23 -61.23
CA ALA BA 339 5.60 -40.36 -61.45
C ALA BA 339 6.20 -40.55 -62.84
N LYS BA 340 6.15 -41.78 -63.35
CA LYS BA 340 6.67 -42.03 -64.69
C LYS BA 340 5.89 -41.27 -65.75
N HIS BA 341 4.57 -41.25 -65.64
CA HIS BA 341 3.75 -40.51 -66.60
C HIS BA 341 3.58 -39.04 -66.24
N GLY BA 342 4.16 -38.60 -65.13
CA GLY BA 342 4.15 -37.19 -64.78
C GLY BA 342 2.86 -36.66 -64.21
N LEU BA 343 1.93 -37.54 -63.83
CA LEU BA 343 0.66 -37.07 -63.27
C LEU BA 343 0.86 -36.42 -61.91
N ASN BA 344 1.63 -37.06 -61.03
CA ASN BA 344 1.72 -36.63 -59.64
C ASN BA 344 3.05 -35.97 -59.31
N VAL BA 345 3.75 -35.42 -60.30
CA VAL BA 345 5.03 -34.76 -60.03
C VAL BA 345 4.81 -33.55 -59.13
N ASP BA 346 3.79 -32.73 -59.43
CA ASP BA 346 3.52 -31.56 -58.61
C ASP BA 346 3.17 -31.94 -57.19
N SER BA 347 2.35 -32.98 -57.01
CA SER BA 347 1.97 -33.40 -55.67
C SER BA 347 3.13 -34.05 -54.94
N SER BA 348 3.93 -34.86 -55.65
CA SER BA 348 5.01 -35.58 -55.00
C SER BA 348 6.21 -34.70 -54.68
N TYR BA 349 6.35 -33.55 -55.35
CA TYR BA 349 7.51 -32.69 -55.11
C TYR BA 349 7.55 -32.18 -53.67
N MET BA 350 6.38 -31.84 -53.12
CA MET BA 350 6.33 -31.30 -51.76
C MET BA 350 6.79 -32.34 -50.75
N ALA BA 351 6.28 -33.57 -50.87
CA ALA BA 351 6.72 -34.65 -49.98
C ALA BA 351 8.18 -34.99 -50.19
N TRP BA 352 8.66 -34.95 -51.45
CA TRP BA 352 10.07 -35.22 -51.71
C TRP BA 352 10.96 -34.18 -51.05
N GLU BA 353 10.58 -32.90 -51.13
CA GLU BA 353 11.35 -31.85 -50.47
C GLU BA 353 11.33 -32.03 -48.95
N ASN BA 354 10.17 -32.39 -48.39
CA ASN BA 354 10.09 -32.63 -46.96
C ASN BA 354 11.00 -33.78 -46.53
N SER BA 355 11.01 -34.87 -47.31
CA SER BA 355 11.86 -36.00 -46.99
C SER BA 355 13.34 -35.64 -47.09
N ARG BA 356 13.70 -34.86 -48.12
CA ARG BA 356 15.08 -34.40 -48.24
C ARG BA 356 15.48 -33.54 -47.05
N LYS BA 357 14.59 -32.67 -46.61
CA LYS BA 357 14.88 -31.84 -45.44
C LYS BA 357 15.07 -32.70 -44.19
N GLN BA 358 14.22 -33.71 -44.02
CA GLN BA 358 14.37 -34.61 -42.87
C GLN BA 358 15.69 -35.37 -42.92
N TYR BA 359 16.08 -35.83 -44.10
CA TYR BA 359 17.35 -36.56 -44.22
C TYR BA 359 18.54 -35.65 -43.92
N ILE BA 360 18.50 -34.41 -44.42
CA ILE BA 360 19.57 -33.46 -44.13
C ILE BA 360 19.62 -33.16 -42.64
N GLU BA 361 18.45 -33.01 -42.01
CA GLU BA 361 18.42 -32.76 -40.57
C GLU BA 361 18.99 -33.93 -39.80
N PHE BA 362 18.71 -35.16 -40.22
CA PHE BA 362 19.27 -36.34 -39.56
C PHE BA 362 20.80 -36.35 -39.69
N GLN BA 363 21.32 -36.05 -40.88
CA GLN BA 363 22.76 -36.01 -41.06
C GLN BA 363 23.41 -34.94 -40.20
N GLN BA 364 22.79 -33.76 -40.15
CA GLN BA 364 23.32 -32.68 -39.32
C GLN BA 364 23.27 -33.05 -37.85
N GLN BA 365 22.21 -33.74 -37.41
CA GLN BA 365 22.13 -34.19 -36.03
C GLN BA 365 23.25 -35.17 -35.70
N SER BA 366 23.53 -36.10 -36.61
CA SER BA 366 24.61 -37.06 -36.36
C SER BA 366 25.96 -36.35 -36.26
N ARG BA 367 26.24 -35.46 -37.20
CA ARG BA 367 27.52 -34.74 -37.17
C ARG BA 367 27.62 -33.87 -35.92
N GLN BA 368 26.50 -33.25 -35.53
CA GLN BA 368 26.50 -32.38 -34.36
C GLN BA 368 26.69 -33.17 -33.08
N LEU BA 369 26.15 -34.38 -33.02
CA LEU BA 369 26.40 -35.24 -31.87
C LEU BA 369 27.87 -35.66 -31.81
N GLN BA 370 28.47 -35.94 -32.96
CA GLN BA 370 29.90 -36.24 -32.98
C GLN BA 370 30.71 -35.04 -32.47
N ASP BA 371 30.35 -33.84 -32.91
CA ASP BA 371 31.03 -32.64 -32.44
C ASP BA 371 30.81 -32.43 -30.94
N LEU BA 372 29.62 -32.79 -30.44
CA LEU BA 372 29.34 -32.69 -29.02
C LEU BA 372 30.21 -33.63 -28.21
N GLU BA 373 30.43 -34.85 -28.72
CA GLU BA 373 31.40 -35.74 -28.10
C GLU BA 373 32.79 -35.12 -28.13
N GLN BA 374 33.14 -34.50 -29.25
CA GLN BA 374 34.46 -33.88 -29.37
C GLN BA 374 34.67 -32.80 -28.32
N ASN BA 375 33.66 -31.97 -28.10
CA ASN BA 375 33.76 -30.93 -27.08
C ASN BA 375 33.64 -31.49 -25.67
N GLY BA 376 33.22 -32.75 -25.53
CA GLY BA 376 33.12 -33.39 -24.24
C GLY BA 376 31.79 -33.26 -23.54
N LEU BA 377 30.87 -32.43 -24.05
CA LEU BA 377 29.60 -32.22 -23.39
C LEU BA 377 28.78 -33.49 -23.21
N ILE BA 378 29.02 -34.50 -24.05
CA ILE BA 378 28.30 -35.78 -23.95
C ILE BA 378 29.33 -36.90 -23.88
N ASP BA 379 29.16 -37.76 -22.88
CA ASP BA 379 30.03 -38.90 -22.66
C ASP BA 379 29.77 -39.98 -23.70
N SER BA 380 30.69 -40.95 -23.76
CA SER BA 380 30.56 -42.04 -24.73
C SER BA 380 29.32 -42.87 -24.45
N ALA BA 381 28.99 -43.13 -23.19
CA ALA BA 381 27.81 -43.92 -22.86
C ALA BA 381 26.54 -43.21 -23.33
N ARG BA 382 26.46 -41.90 -23.12
CA ARG BA 382 25.27 -41.16 -23.52
C ARG BA 382 25.18 -41.05 -25.04
N LYS BA 383 26.33 -41.00 -25.72
CA LYS BA 383 26.31 -40.92 -27.18
C LYS BA 383 25.67 -42.15 -27.80
N VAL BA 384 25.95 -43.33 -27.27
CA VAL BA 384 25.33 -44.54 -27.80
C VAL BA 384 23.82 -44.47 -27.66
N ASN BA 385 23.34 -44.03 -26.49
CA ASN BA 385 21.90 -43.91 -26.28
C ASN BA 385 21.28 -42.89 -27.24
N LEU BA 386 21.96 -41.76 -27.45
CA LEU BA 386 21.40 -40.74 -28.34
C LEU BA 386 21.38 -41.21 -29.79
N SER BA 387 22.43 -41.91 -30.23
CA SER BA 387 22.44 -42.45 -31.59
C SER BA 387 21.34 -43.50 -31.76
N ASP BA 388 21.16 -44.36 -30.76
CA ASP BA 388 20.09 -45.34 -30.81
C ASP BA 388 18.73 -44.65 -30.87
N ASP BA 389 18.58 -43.56 -30.12
CA ASP BA 389 17.33 -42.80 -30.16
C ASP BA 389 17.10 -42.21 -31.56
N PHE BA 390 18.16 -41.67 -32.18
CA PHE BA 390 18.02 -41.14 -33.53
C PHE BA 390 17.54 -42.23 -34.49
N VAL BA 391 18.22 -43.38 -34.49
CA VAL BA 391 17.86 -44.45 -35.41
C VAL BA 391 16.45 -44.95 -35.13
N GLY BA 392 16.11 -45.12 -33.85
CA GLY BA 392 14.78 -45.59 -33.51
C GLY BA 392 13.69 -44.63 -33.94
N SER BA 393 13.90 -43.33 -33.73
CA SER BA 393 12.90 -42.35 -34.14
C SER BA 393 12.74 -42.34 -35.66
N VAL BA 394 13.85 -42.41 -36.40
CA VAL BA 394 13.76 -42.41 -37.86
C VAL BA 394 13.01 -43.65 -38.34
N VAL BA 395 13.34 -44.81 -37.78
CA VAL BA 395 12.67 -46.05 -38.20
C VAL BA 395 11.20 -46.02 -37.84
N GLN BA 396 10.87 -45.48 -36.66
CA GLN BA 396 9.48 -45.38 -36.24
C GLN BA 396 8.70 -44.47 -37.17
N LEU BA 397 9.27 -43.33 -37.56
CA LEU BA 397 8.60 -42.46 -38.51
C LEU BA 397 8.40 -43.16 -39.84
N ILE BA 398 9.42 -43.86 -40.32
CA ILE BA 398 9.32 -44.48 -41.65
C ILE BA 398 8.27 -45.59 -41.65
N LEU BA 399 8.25 -46.43 -40.61
CA LEU BA 399 7.39 -47.61 -40.60
C LEU BA 399 6.02 -47.32 -40.01
N TYR BA 400 5.97 -46.88 -38.76
CA TYR BA 400 4.72 -46.72 -38.02
C TYR BA 400 4.22 -45.28 -38.01
N GLY BA 401 4.78 -44.42 -38.86
CA GLY BA 401 4.35 -43.04 -38.93
C GLY BA 401 3.03 -42.89 -39.67
N GLU BA 402 2.58 -41.64 -39.76
CA GLU BA 402 1.33 -41.30 -40.41
C GLU BA 402 1.60 -40.58 -41.72
N GLY BA 403 0.75 -40.84 -42.71
CA GLY BA 403 0.89 -40.25 -44.03
C GLY BA 403 1.80 -41.05 -44.93
N ASN BA 404 1.94 -40.56 -46.16
CA ASN BA 404 2.77 -41.21 -47.17
C ASN BA 404 4.23 -40.88 -46.87
N THR BA 405 4.85 -41.71 -46.02
CA THR BA 405 6.26 -41.57 -45.69
C THR BA 405 7.15 -42.41 -46.61
N ALA BA 406 6.67 -42.76 -47.81
CA ALA BA 406 7.46 -43.56 -48.72
C ALA BA 406 8.65 -42.78 -49.28
N ALA BA 407 8.56 -41.45 -49.30
CA ALA BA 407 9.67 -40.64 -49.81
C ALA BA 407 10.90 -40.79 -48.94
N LEU BA 408 10.72 -40.73 -47.61
CA LEU BA 408 11.86 -40.89 -46.70
C LEU BA 408 12.40 -42.31 -46.75
N LYS BA 409 11.51 -43.30 -46.90
CA LYS BA 409 11.97 -44.68 -47.04
C LYS BA 409 12.82 -44.86 -48.29
N GLU BA 410 12.39 -44.26 -49.41
CA GLU BA 410 13.20 -44.32 -50.62
C GLU BA 410 14.51 -43.58 -50.45
N ARG BA 411 14.49 -42.45 -49.74
CA ARG BA 411 15.70 -41.69 -49.49
C ARG BA 411 16.73 -42.52 -48.71
N PHE BA 412 16.27 -43.20 -47.67
CA PHE BA 412 17.18 -44.00 -46.86
C PHE BA 412 17.59 -45.30 -47.54
N THR BA 413 16.71 -45.87 -48.37
CA THR BA 413 17.03 -47.11 -49.08
C THR BA 413 18.12 -46.91 -50.14
N ASP BA 414 18.31 -45.67 -50.60
CA ASP BA 414 19.28 -45.39 -51.66
C ASP BA 414 20.69 -45.48 -51.07
N ASN BA 415 21.20 -46.71 -51.02
CA ASN BA 415 22.54 -46.95 -50.51
C ASN BA 415 23.63 -46.48 -51.47
N ARG BA 416 23.28 -46.14 -52.72
CA ARG BA 416 24.28 -45.63 -53.66
C ARG BA 416 24.85 -44.32 -53.17
N ASN BA 417 24.01 -43.43 -52.62
CA ASN BA 417 24.48 -42.19 -52.06
C ASN BA 417 25.41 -42.45 -50.88
N PHE BA 418 26.54 -41.75 -50.85
CA PHE BA 418 27.56 -41.94 -49.82
C PHE BA 418 27.55 -40.84 -48.78
N GLU BA 419 26.58 -39.93 -48.85
CA GLU BA 419 26.54 -38.78 -47.94
C GLU BA 419 26.26 -39.27 -46.53
N ALA BA 420 27.28 -39.19 -45.67
CA ALA BA 420 27.17 -39.56 -44.25
C ALA BA 420 26.63 -40.99 -44.10
N ASN BA 421 27.24 -41.91 -44.84
CA ASN BA 421 26.86 -43.32 -44.71
C ASN BA 421 27.21 -43.86 -43.34
N THR BA 422 28.23 -43.28 -42.69
CA THR BA 422 28.59 -43.70 -41.34
C THR BA 422 27.69 -43.08 -40.27
N ALA BA 423 26.83 -42.13 -40.66
CA ALA BA 423 25.95 -41.49 -39.69
C ALA BA 423 24.90 -42.45 -39.13
N GLY BA 424 24.62 -43.54 -39.83
CA GLY BA 424 23.64 -44.50 -39.36
C GLY BA 424 22.63 -44.91 -40.41
N ALA BA 425 22.87 -44.52 -41.67
CA ALA BA 425 21.96 -44.91 -42.73
C ALA BA 425 21.90 -46.42 -42.91
N GLY BA 426 23.05 -47.10 -42.82
CA GLY BA 426 23.05 -48.55 -42.89
C GLY BA 426 22.26 -49.19 -41.75
N GLU BA 427 22.40 -48.63 -40.55
CA GLU BA 427 21.62 -49.14 -39.42
C GLU BA 427 20.13 -48.95 -39.65
N VAL BA 428 19.74 -47.79 -40.19
CA VAL BA 428 18.34 -47.54 -40.48
C VAL BA 428 17.82 -48.53 -41.52
N ARG BA 429 18.59 -48.77 -42.58
CA ARG BA 429 18.18 -49.72 -43.60
C ARG BA 429 18.03 -51.13 -43.02
N ARG BA 430 18.99 -51.55 -42.20
CA ARG BA 430 18.93 -52.87 -41.60
C ARG BA 430 17.71 -52.99 -40.69
N LEU BA 431 17.44 -51.97 -39.89
CA LEU BA 431 16.26 -51.99 -39.02
C LEU BA 431 14.97 -52.04 -39.83
N LEU BA 432 14.90 -51.26 -40.91
CA LEU BA 432 13.70 -51.27 -41.75
C LEU BA 432 13.50 -52.65 -42.37
N GLU BA 433 14.58 -53.32 -42.76
CA GLU BA 433 14.45 -54.65 -43.34
C GLU BA 433 14.06 -55.68 -42.30
N ALA BA 434 14.56 -55.53 -41.07
CA ALA BA 434 14.46 -56.59 -40.07
C ALA BA 434 13.26 -56.49 -39.13
N VAL BA 435 12.76 -55.28 -38.83
CA VAL BA 435 11.75 -55.14 -37.78
C VAL BA 435 10.47 -55.92 -38.08
N PRO BA 436 9.82 -55.77 -39.23
CA PRO BA 436 8.61 -56.58 -39.47
C PRO BA 436 8.88 -58.07 -39.47
N ARG BA 437 9.99 -58.49 -40.09
CA ARG BA 437 10.34 -59.90 -40.12
C ARG BA 437 10.55 -60.45 -38.72
N MET BA 438 11.27 -59.71 -37.88
CA MET BA 438 11.54 -60.21 -36.54
C MET BA 438 10.30 -60.15 -35.64
N ARG BA 439 9.41 -59.19 -35.87
CA ARG BA 439 8.15 -59.19 -35.13
C ARG BA 439 7.31 -60.42 -35.50
N ARG BA 440 7.24 -60.74 -36.79
CA ARG BA 440 6.53 -61.94 -37.21
C ARG BA 440 7.19 -63.19 -36.63
N GLU BA 441 8.52 -63.23 -36.63
CA GLU BA 441 9.23 -64.38 -36.07
C GLU BA 441 8.96 -64.51 -34.56
N THR BA 442 8.94 -63.39 -33.84
CA THR BA 442 8.65 -63.44 -32.42
C THR BA 442 7.23 -63.94 -32.15
N ASP BA 443 6.26 -63.48 -32.94
CA ASP BA 443 4.90 -63.97 -32.76
C ASP BA 443 4.81 -65.46 -33.04
N SER BA 444 5.47 -65.92 -34.12
CA SER BA 444 5.45 -67.35 -34.43
C SER BA 444 6.12 -68.18 -33.34
N LEU BA 445 7.23 -67.68 -32.80
CA LEU BA 445 7.93 -68.40 -31.73
C LEU BA 445 7.08 -68.45 -30.47
N ARG BA 446 6.36 -67.37 -30.16
CA ARG BA 446 5.47 -67.40 -29.00
C ARG BA 446 4.35 -68.41 -29.21
N SER BA 447 3.79 -68.47 -30.43
CA SER BA 447 2.76 -69.47 -30.72
C SER BA 447 3.31 -70.88 -30.58
N ASP BA 448 4.54 -71.10 -31.05
CA ASP BA 448 5.17 -72.41 -30.90
C ASP BA 448 5.42 -72.75 -29.44
N ASN BA 449 5.81 -71.77 -28.64
CA ASN BA 449 5.99 -71.99 -27.21
C ASN BA 449 4.68 -72.37 -26.54
N ALA BA 450 3.59 -71.69 -26.91
CA ALA BA 450 2.27 -72.06 -26.38
C ALA BA 450 1.91 -73.48 -26.78
N ALA BA 451 2.19 -73.84 -28.04
CA ALA BA 451 1.91 -75.20 -28.50
C ALA BA 451 2.71 -76.23 -27.70
N LEU BA 452 3.99 -75.95 -27.46
CA LEU BA 452 4.82 -76.87 -26.69
C LEU BA 452 4.33 -77.00 -25.26
N GLN BA 453 3.94 -75.89 -24.64
CA GLN BA 453 3.42 -75.95 -23.27
C GLN BA 453 2.12 -76.74 -23.20
N VAL BA 454 1.22 -76.53 -24.17
CA VAL BA 454 -0.03 -77.29 -24.20
C VAL BA 454 0.27 -78.77 -24.39
N ALA BA 455 1.18 -79.10 -25.30
CA ALA BA 455 1.54 -80.50 -25.52
C ALA BA 455 2.13 -81.12 -24.26
N ARG BA 456 3.00 -80.40 -23.56
CA ARG BA 456 3.59 -80.92 -22.33
C ARG BA 456 2.54 -81.13 -21.25
N THR BA 457 1.61 -80.18 -21.11
CA THR BA 457 0.56 -80.32 -20.10
C THR BA 457 -0.33 -81.51 -20.41
N ARG BA 458 -0.73 -81.67 -21.67
CA ARG BA 458 -1.57 -82.81 -22.04
C ARG BA 458 -0.82 -84.14 -21.88
N LEU BA 459 0.48 -84.14 -22.18
CA LEU BA 459 1.28 -85.34 -21.99
C LEU BA 459 1.39 -85.71 -20.52
N GLN BA 460 1.56 -84.72 -19.65
CA GLN BA 460 1.60 -84.98 -18.21
C GLN BA 460 0.25 -85.49 -17.71
N ARG BA 461 -0.85 -84.86 -18.16
CA ARG BA 461 -2.15 -85.19 -17.59
C ARG BA 461 -2.67 -86.54 -18.09
N GLU BA 462 -2.51 -86.82 -19.39
CA GLU BA 462 -3.08 -88.03 -19.99
C GLU BA 462 -2.07 -89.16 -20.17
N GLY BA 463 -0.78 -88.84 -20.24
CA GLY BA 463 0.24 -89.85 -20.45
C GLY BA 463 0.65 -89.94 -21.92
N VAL BA 464 1.15 -91.12 -22.28
CA VAL BA 464 1.59 -91.35 -23.65
C VAL BA 464 0.41 -91.40 -24.61
N THR BA 465 -0.81 -91.56 -24.10
CA THR BA 465 -1.99 -91.64 -24.96
C THR BA 465 -2.22 -90.34 -25.72
N PHE BA 466 -1.62 -89.23 -25.27
CA PHE BA 466 -1.78 -87.96 -25.97
C PHE BA 466 -1.25 -88.02 -27.40
N LEU BA 467 -0.19 -88.80 -27.63
CA LEU BA 467 0.43 -88.85 -28.95
C LEU BA 467 -0.40 -89.64 -29.97
N MET BA 468 -1.40 -90.39 -29.52
CA MET BA 468 -2.24 -91.14 -30.45
C MET BA 468 -3.07 -90.20 -31.33
N ASN BA 469 -3.67 -89.18 -30.73
CA ASN BA 469 -4.59 -88.29 -31.43
C ASN BA 469 -4.13 -86.83 -31.38
N ALA BA 470 -2.82 -86.61 -31.46
CA ALA BA 470 -2.30 -85.25 -31.55
C ALA BA 470 -2.59 -84.66 -32.92
N ASP BA 471 -2.82 -83.34 -32.94
CA ASP BA 471 -3.08 -82.67 -34.20
C ASP BA 471 -1.79 -82.56 -35.03
N ALA BA 472 -1.95 -82.13 -36.28
CA ALA BA 472 -0.84 -82.13 -37.23
C ALA BA 472 0.29 -81.21 -36.78
N ARG BA 473 -0.05 -80.02 -36.27
CA ARG BA 473 0.98 -79.06 -35.90
C ARG BA 473 1.84 -79.57 -34.75
N THR BA 474 1.20 -80.15 -33.72
CA THR BA 474 1.97 -80.68 -32.60
C THR BA 474 2.83 -81.86 -33.04
N ARG BA 475 2.31 -82.70 -33.92
CA ARG BA 475 3.10 -83.80 -34.45
C ARG BA 475 4.32 -83.29 -35.20
N GLY BA 476 4.15 -82.24 -36.01
CA GLY BA 476 5.28 -81.66 -36.71
C GLY BA 476 6.30 -81.05 -35.77
N LEU BA 477 5.84 -80.37 -34.73
CA LEU BA 477 6.77 -79.80 -33.75
C LEU BA 477 7.55 -80.90 -33.04
N LEU BA 478 6.88 -81.99 -32.68
CA LEU BA 478 7.56 -83.12 -32.05
C LEU BA 478 8.58 -83.74 -33.01
N GLU BA 479 8.21 -83.85 -34.29
CA GLU BA 479 9.14 -84.39 -35.28
C GLU BA 479 10.37 -83.52 -35.43
N SER BA 480 10.18 -82.20 -35.44
CA SER BA 480 11.29 -81.26 -35.56
C SER BA 480 11.99 -81.09 -34.22
N LEU BA 496 -1.93 -101.07 -23.98
CA LEU BA 496 -1.17 -102.21 -23.50
C LEU BA 496 -1.23 -102.30 -21.97
N THR BA 497 -0.50 -103.26 -21.42
CA THR BA 497 -0.46 -103.46 -19.98
C THR BA 497 0.35 -102.34 -19.33
N PRO BA 498 0.17 -102.11 -18.03
CA PRO BA 498 0.91 -101.02 -17.36
C PRO BA 498 2.41 -101.11 -17.46
N GLU BA 499 2.97 -102.33 -17.59
CA GLU BA 499 4.42 -102.46 -17.69
C GLU BA 499 4.96 -101.75 -18.93
N GLN BA 500 4.37 -102.06 -20.10
CA GLN BA 500 4.71 -101.29 -21.30
C GLN BA 500 4.29 -99.84 -21.14
N GLN BA 501 3.20 -99.58 -20.42
CA GLN BA 501 2.82 -98.21 -20.14
C GLN BA 501 3.75 -97.54 -19.14
N ALA BA 502 4.48 -98.30 -18.33
CA ALA BA 502 5.55 -97.75 -17.51
C ALA BA 502 6.81 -97.45 -18.31
N GLU BA 503 7.15 -98.30 -19.28
CA GLU BA 503 8.21 -97.95 -20.22
C GLU BA 503 7.82 -96.70 -21.01
N TYR BA 504 6.54 -96.57 -21.35
CA TYR BA 504 6.06 -95.36 -22.00
C TYR BA 504 6.23 -94.14 -21.11
N ALA BA 505 6.00 -94.27 -19.80
CA ALA BA 505 6.24 -93.15 -18.90
C ALA BA 505 7.73 -92.82 -18.82
N ARG BA 506 8.59 -93.85 -18.82
CA ARG BA 506 10.03 -93.60 -18.81
C ARG BA 506 10.47 -92.84 -20.06
N GLN BA 507 9.91 -93.20 -21.22
CA GLN BA 507 10.19 -92.43 -22.44
C GLN BA 507 9.56 -91.04 -22.36
N THR BA 508 8.42 -90.92 -21.69
CA THR BA 508 7.74 -89.64 -21.55
C THR BA 508 8.58 -88.66 -20.76
N ASN BA 509 9.33 -89.15 -19.78
CA ASN BA 509 10.23 -88.28 -19.03
C ASN BA 509 11.24 -87.61 -19.97
N GLN BA 510 11.88 -88.40 -20.83
CA GLN BA 510 12.86 -87.84 -21.76
C GLN BA 510 12.18 -86.93 -22.78
N VAL BA 511 10.97 -87.28 -23.22
CA VAL BA 511 10.24 -86.43 -24.15
C VAL BA 511 9.96 -85.07 -23.52
N GLN BA 512 9.53 -85.07 -22.26
CA GLN BA 512 9.26 -83.83 -21.55
C GLN BA 512 10.53 -83.01 -21.36
N GLN BA 513 11.66 -83.67 -21.07
CA GLN BA 513 12.92 -82.94 -20.96
C GLN BA 513 13.29 -82.29 -22.30
N ALA BA 514 13.10 -83.00 -23.41
CA ALA BA 514 13.40 -82.43 -24.72
C ALA BA 514 12.47 -81.24 -25.02
N ILE BA 515 11.19 -81.38 -24.68
CA ILE BA 515 10.24 -80.29 -24.91
C ILE BA 515 10.63 -79.06 -24.09
N GLU BA 516 11.02 -79.27 -22.83
CA GLU BA 516 11.45 -78.16 -21.99
C GLU BA 516 12.69 -77.50 -22.55
N GLN BA 517 13.65 -78.31 -23.05
CA GLN BA 517 14.85 -77.72 -23.65
C GLN BA 517 14.51 -76.88 -24.87
N GLN BA 518 13.63 -77.37 -25.73
CA GLN BA 518 13.22 -76.60 -26.90
C GLN BA 518 12.54 -75.30 -26.49
N ILE BA 519 11.71 -75.36 -25.45
CA ILE BA 519 11.08 -74.15 -24.93
C ILE BA 519 12.13 -73.17 -24.44
N ILE BA 520 13.17 -73.67 -23.77
CA ILE BA 520 14.23 -72.79 -23.27
C ILE BA 520 14.93 -72.09 -24.44
N ILE BA 521 15.26 -72.85 -25.49
CA ILE BA 521 15.95 -72.24 -26.64
C ILE BA 521 15.08 -71.19 -27.29
N ASN BA 522 13.79 -71.51 -27.51
CA ASN BA 522 12.90 -70.56 -28.16
C ASN BA 522 12.71 -69.31 -27.31
N ASP BA 523 12.56 -69.47 -26.00
CA ASP BA 523 12.41 -68.31 -25.11
C ASP BA 523 13.67 -67.47 -25.11
N GLN BA 524 14.85 -68.10 -25.14
CA GLN BA 524 16.09 -67.34 -25.21
C GLN BA 524 16.16 -66.51 -26.48
N ARG BA 525 15.79 -67.11 -27.61
CA ARG BA 525 15.82 -66.37 -28.87
C ARG BA 525 14.82 -65.21 -28.85
N VAL BA 526 13.63 -65.45 -28.32
CA VAL BA 526 12.63 -64.38 -28.22
C VAL BA 526 13.13 -63.25 -27.32
N GLN BA 527 13.75 -63.61 -26.20
CA GLN BA 527 14.26 -62.59 -25.27
C GLN BA 527 15.35 -61.76 -25.93
N ASN BA 528 16.26 -62.41 -26.68
CA ASN BA 528 17.30 -61.66 -27.38
C ASN BA 528 16.68 -60.72 -28.42
N ASN BA 529 15.69 -61.22 -29.16
CA ASN BA 529 15.02 -60.40 -30.17
C ASN BA 529 14.41 -59.17 -29.55
N ALA BA 530 13.60 -59.36 -28.50
CA ALA BA 530 12.92 -58.25 -27.86
C ALA BA 530 13.89 -57.30 -27.19
N ALA BA 531 14.97 -57.83 -26.61
CA ALA BA 531 15.96 -56.98 -25.96
C ALA BA 531 16.63 -56.06 -26.98
N GLU BA 532 17.05 -56.60 -28.12
CA GLU BA 532 17.73 -55.72 -29.06
C GLU BA 532 16.75 -54.77 -29.75
N LEU BA 533 15.47 -55.15 -29.86
CA LEU BA 533 14.45 -54.21 -30.31
C LEU BA 533 14.30 -53.05 -29.31
N ALA BA 534 14.17 -53.38 -28.03
CA ALA BA 534 14.00 -52.35 -27.01
C ALA BA 534 15.24 -51.50 -26.83
N LYS BA 535 16.41 -51.99 -27.27
CA LYS BA 535 17.60 -51.16 -27.26
C LYS BA 535 17.40 -49.89 -28.09
N TYR BA 536 16.72 -50.02 -29.22
CA TYR BA 536 16.38 -48.86 -30.04
C TYR BA 536 15.14 -48.14 -29.54
N GLY BA 537 14.16 -48.86 -29.01
CA GLY BA 537 12.92 -48.29 -28.57
C GLY BA 537 11.70 -48.63 -29.40
N LEU BA 538 11.70 -49.76 -30.10
CA LEU BA 538 10.60 -50.17 -30.97
C LEU BA 538 9.92 -51.44 -30.47
N SER BA 539 10.02 -51.72 -29.17
CA SER BA 539 9.43 -52.91 -28.58
C SER BA 539 7.98 -52.68 -28.12
N GLU BA 540 7.48 -51.46 -28.22
CA GLU BA 540 6.11 -51.19 -27.82
C GLU BA 540 5.13 -51.81 -28.81
N PRO BA 541 3.88 -52.03 -28.40
CA PRO BA 541 2.85 -52.50 -29.34
C PRO BA 541 2.70 -51.54 -30.52
N GLU BA 542 2.06 -52.05 -31.57
CA GLU BA 542 1.96 -51.29 -32.81
C GLU BA 542 1.18 -49.99 -32.62
N ASP BA 543 0.09 -50.04 -31.84
CA ASP BA 543 -0.71 -48.83 -31.64
C ASP BA 543 0.08 -47.76 -30.91
N VAL BA 544 0.83 -48.14 -29.87
CA VAL BA 544 1.60 -47.16 -29.11
C VAL BA 544 2.67 -46.53 -30.00
N LEU BA 545 3.37 -47.33 -30.78
CA LEU BA 545 4.39 -46.80 -31.68
C LEU BA 545 3.78 -45.88 -32.73
N ARG BA 546 2.60 -46.25 -33.24
CA ARG BA 546 1.91 -45.41 -34.21
C ARG BA 546 1.53 -44.07 -33.61
N LYS BA 547 1.07 -44.07 -32.35
CA LYS BA 547 0.60 -42.84 -31.73
C LYS BA 547 1.75 -41.97 -31.23
N ASN BA 548 2.96 -42.52 -31.17
CA ASN BA 548 4.07 -41.86 -30.49
C ASN BA 548 5.30 -41.74 -31.38
N ALA BA 549 5.10 -41.27 -32.61
CA ALA BA 549 6.22 -41.12 -33.54
C ALA BA 549 6.59 -39.65 -33.74
N ALA BA 550 5.62 -38.82 -34.13
CA ALA BA 550 5.89 -37.42 -34.40
C ALA BA 550 6.38 -36.71 -33.15
N THR BA 551 5.75 -36.97 -31.99
CA THR BA 551 6.19 -36.33 -30.76
C THR BA 551 7.57 -36.82 -30.35
N ARG BA 552 7.88 -38.09 -30.59
CA ARG BA 552 9.22 -38.59 -30.28
C ARG BA 552 10.27 -37.89 -31.12
N ARG BA 553 10.01 -37.74 -32.42
CA ARG BA 553 10.96 -37.04 -33.28
C ARG BA 553 11.09 -35.57 -32.88
N LYS BA 554 9.97 -34.93 -32.52
CA LYS BA 554 10.02 -33.54 -32.08
C LYS BA 554 10.84 -33.40 -30.81
N LEU BA 555 10.69 -34.33 -29.87
CA LEU BA 555 11.47 -34.29 -28.64
C LEU BA 555 12.96 -34.50 -28.94
N VAL BA 556 13.28 -35.42 -29.84
CA VAL BA 556 14.67 -35.63 -30.21
C VAL BA 556 15.26 -34.35 -30.81
N ASN BA 557 14.52 -33.71 -31.71
CA ASN BA 557 15.00 -32.49 -32.34
C ASN BA 557 15.16 -31.38 -31.32
N ASP BA 558 14.22 -31.24 -30.40
CA ASP BA 558 14.30 -30.19 -29.37
C ASP BA 558 15.50 -30.42 -28.45
N THR BA 559 15.71 -31.67 -28.03
CA THR BA 559 16.86 -31.98 -27.18
C THR BA 559 18.16 -31.66 -27.90
N MET BA 560 18.27 -32.05 -29.17
CA MET BA 560 19.48 -31.74 -29.92
C MET BA 560 19.66 -30.24 -30.10
N TYR BA 561 18.55 -29.51 -30.26
CA TYR BA 561 18.64 -28.05 -30.41
C TYR BA 561 19.16 -27.39 -29.14
N GLN BA 562 18.65 -27.83 -27.97
CA GLN BA 562 19.17 -27.27 -26.71
C GLN BA 562 20.63 -27.63 -26.51
N LEU BA 563 21.01 -28.87 -26.85
CA LEU BA 563 22.41 -29.26 -26.75
C LEU BA 563 23.28 -28.39 -27.64
N GLY BA 564 22.83 -28.13 -28.86
CA GLY BA 564 23.58 -27.26 -29.76
C GLY BA 564 23.66 -25.83 -29.28
N THR BA 565 22.58 -25.33 -28.67
CA THR BA 565 22.62 -23.99 -28.11
C THR BA 565 23.65 -23.88 -27.00
N GLN BA 566 23.70 -24.87 -26.11
CA GLN BA 566 24.71 -24.86 -25.06
C GLN BA 566 26.12 -24.97 -25.65
N ALA BA 567 26.29 -25.81 -26.68
CA ALA BA 567 27.59 -25.93 -27.33
C ALA BA 567 28.03 -24.61 -27.96
N GLU BA 568 27.10 -23.92 -28.63
CA GLU BA 568 27.42 -22.63 -29.22
C GLU BA 568 27.79 -21.60 -28.16
N GLN BA 569 27.08 -21.61 -27.03
CA GLN BA 569 27.43 -20.69 -25.95
C GLN BA 569 28.85 -20.97 -25.45
N VAL BA 570 29.17 -22.24 -25.24
CA VAL BA 570 30.51 -22.60 -24.75
C VAL BA 570 31.57 -22.20 -25.76
N ARG BA 571 31.34 -22.47 -27.04
CA ARG BA 571 32.33 -22.12 -28.06
C ARG BA 571 32.50 -20.61 -28.19
N ARG BA 572 31.38 -19.87 -28.11
CA ARG BA 572 31.46 -18.41 -28.21
C ARG BA 572 32.23 -17.82 -27.04
N THR BA 573 32.03 -18.35 -25.83
CA THR BA 573 32.78 -17.85 -24.69
C THR BA 573 34.26 -18.18 -24.78
N GLN BA 574 34.67 -19.08 -25.68
CA GLN BA 574 36.08 -19.41 -25.90
C GLN BA 574 36.72 -18.29 -26.71
N THR BA 575 37.27 -17.31 -25.98
CA THR BA 575 37.96 -16.19 -26.61
C THR BA 575 39.31 -15.98 -25.92
N SER BA 576 40.30 -15.58 -26.70
CA SER BA 576 41.63 -15.32 -26.16
C SER BA 576 41.66 -13.97 -25.46
N GLY BA 577 42.45 -13.91 -24.39
CA GLY BA 577 42.62 -12.69 -23.62
C GLY BA 577 43.71 -11.77 -24.10
N TYR BA 578 44.33 -12.07 -25.24
CA TYR BA 578 45.44 -11.28 -25.77
C TYR BA 578 45.00 -10.56 -27.03
N GLY BA 579 45.46 -9.32 -27.19
CA GLY BA 579 45.07 -8.52 -28.33
C GLY BA 579 45.77 -8.95 -29.61
N GLN BA 580 45.30 -8.36 -30.71
CA GLN BA 580 45.86 -8.67 -32.02
C GLN BA 580 47.24 -8.05 -32.19
N LEU BA 581 48.04 -8.65 -33.06
CA LEU BA 581 49.40 -8.22 -33.33
C LEU BA 581 49.41 -7.32 -34.55
N GLY BA 582 50.13 -6.20 -34.46
CA GLY BA 582 50.26 -5.29 -35.59
C GLY BA 582 49.84 -3.88 -35.27
N ILE BA 583 50.30 -2.93 -36.09
CA ILE BA 583 49.98 -1.52 -35.93
C ILE BA 583 49.58 -0.98 -37.30
N THR BA 584 48.79 0.09 -37.28
CA THR BA 584 48.40 0.75 -38.52
C THR BA 584 49.65 1.19 -39.28
N SER BA 585 49.68 0.91 -40.58
CA SER BA 585 50.87 1.16 -41.38
C SER BA 585 51.17 2.65 -41.45
N PRO BA 586 52.35 3.10 -41.04
CA PRO BA 586 52.67 4.52 -41.16
C PRO BA 586 52.87 4.97 -42.59
N THR BA 587 53.37 4.08 -43.44
CA THR BA 587 53.47 4.37 -44.87
C THR BA 587 52.06 4.40 -45.47
N THR BA 588 51.86 5.28 -46.45
CA THR BA 588 50.54 5.46 -47.03
C THR BA 588 50.10 4.18 -47.75
N ALA BA 589 48.80 3.92 -47.70
CA ALA BA 589 48.23 2.73 -48.34
C ALA BA 589 47.71 3.07 -49.73
N SER CA 37 -33.20 19.27 -74.74
CA SER CA 37 -32.16 20.20 -74.32
C SER CA 37 -30.95 19.44 -73.78
N LYS CA 38 -29.81 19.64 -74.44
CA LYS CA 38 -28.58 18.98 -74.02
C LYS CA 38 -27.97 19.68 -72.82
N THR CA 39 -27.04 18.99 -72.16
CA THR CA 39 -26.38 19.53 -70.99
C THR CA 39 -25.37 20.60 -71.38
N GLN CA 40 -24.94 21.36 -70.38
CA GLN CA 40 -23.97 22.43 -70.61
C GLN CA 40 -22.62 21.85 -70.99
N GLN CA 41 -21.95 22.47 -71.96
CA GLN CA 41 -20.64 22.04 -72.41
C GLN CA 41 -19.85 23.25 -72.90
N ILE CA 42 -18.64 23.00 -73.39
CA ILE CA 42 -17.74 24.08 -73.77
C ILE CA 42 -18.18 24.69 -75.09
N LEU CA 43 -18.15 26.02 -75.15
CA LEU CA 43 -18.58 26.77 -76.32
C LEU CA 43 -17.39 27.18 -77.18
N GLU CA 44 -17.69 27.73 -78.35
CA GLU CA 44 -16.67 28.35 -79.18
C GLU CA 44 -16.23 29.66 -78.54
N ALA CA 45 -15.09 30.17 -79.03
CA ALA CA 45 -14.58 31.44 -78.50
C ALA CA 45 -15.57 32.57 -78.75
N GLY CA 46 -16.13 32.64 -79.96
CA GLY CA 46 -17.06 33.72 -80.28
C GLY CA 46 -18.34 33.64 -79.45
N ASN CA 47 -18.91 32.44 -79.34
CA ASN CA 47 -20.15 32.29 -78.59
C ASN CA 47 -19.94 32.58 -77.11
N ALA CA 48 -18.84 32.09 -76.53
CA ALA CA 48 -18.54 32.39 -75.13
C ALA CA 48 -18.31 33.87 -74.92
N ALA CA 49 -17.60 34.52 -75.84
CA ALA CA 49 -17.39 35.96 -75.74
C ALA CA 49 -18.71 36.71 -75.80
N ILE CA 50 -19.61 36.29 -76.68
CA ILE CA 50 -20.93 36.92 -76.76
C ILE CA 50 -21.70 36.73 -75.46
N ALA CA 51 -21.64 35.52 -74.89
CA ALA CA 51 -22.34 35.25 -73.64
C ALA CA 51 -21.82 36.11 -72.50
N GLN CA 52 -20.50 36.26 -72.40
CA GLN CA 52 -19.94 37.05 -71.31
C GLN CA 52 -20.09 38.55 -71.54
N GLN CA 53 -20.16 39.00 -72.80
CA GLN CA 53 -20.34 40.42 -73.08
C GLN CA 53 -21.72 40.90 -72.66
N ALA CA 54 -22.72 40.03 -72.69
CA ALA CA 54 -24.10 40.44 -72.39
C ALA CA 54 -24.30 40.84 -70.95
N VAL CA 55 -23.34 40.56 -70.06
CA VAL CA 55 -23.42 40.99 -68.67
C VAL CA 55 -23.15 42.50 -68.66
N SER CA 56 -24.23 43.28 -68.58
CA SER CA 56 -24.11 44.74 -68.68
C SER CA 56 -23.65 45.31 -67.34
N ILE CA 57 -22.38 45.68 -67.27
CA ILE CA 57 -21.83 46.32 -66.07
C ILE CA 57 -22.11 47.81 -66.16
N GLY CA 58 -22.70 48.37 -65.11
CA GLY CA 58 -23.00 49.78 -65.08
C GLY CA 58 -24.41 50.10 -65.54
N GLN CA 59 -24.90 51.25 -65.09
CA GLN CA 59 -26.27 51.70 -65.39
C GLN CA 59 -26.27 52.54 -66.67
N ALA CA 60 -25.69 51.96 -67.72
CA ALA CA 60 -25.65 52.63 -69.02
C ALA CA 60 -26.23 51.79 -70.15
N SER CA 61 -26.89 50.67 -69.85
CA SER CA 61 -27.48 49.81 -70.88
C SER CA 61 -28.83 49.32 -70.37
N GLN CA 62 -29.90 49.95 -70.86
CA GLN CA 62 -31.27 49.61 -70.47
C GLN CA 62 -31.45 49.66 -68.95
N LEU CA 138 -41.98 35.99 -92.03
CA LEU CA 138 -40.81 35.76 -91.18
C LEU CA 138 -39.81 34.83 -91.85
N THR CA 139 -38.55 35.24 -91.87
CA THR CA 139 -37.49 34.41 -92.42
C THR CA 139 -37.14 33.29 -91.43
N VAL CA 140 -36.19 32.45 -91.82
CA VAL CA 140 -35.81 31.33 -90.97
C VAL CA 140 -35.21 31.81 -89.66
N SER CA 141 -34.25 32.75 -89.74
CA SER CA 141 -33.59 33.25 -88.54
C SER CA 141 -34.58 33.96 -87.62
N GLU CA 142 -35.44 34.80 -88.19
CA GLU CA 142 -36.41 35.53 -87.38
C GLU CA 142 -37.41 34.58 -86.74
N GLN CA 143 -37.89 33.59 -87.50
CA GLN CA 143 -38.85 32.62 -86.95
C GLN CA 143 -38.22 31.83 -85.82
N GLU CA 144 -36.99 31.36 -86.00
CA GLU CA 144 -36.33 30.58 -84.97
C GLU CA 144 -36.00 31.42 -83.74
N ALA CA 145 -35.62 32.68 -83.94
CA ALA CA 145 -35.39 33.58 -82.81
C ALA CA 145 -36.68 33.83 -82.04
N ASN CA 146 -37.80 34.02 -82.75
CA ASN CA 146 -39.07 34.20 -82.07
C ASN CA 146 -39.45 32.95 -81.29
N ALA CA 147 -39.22 31.77 -81.88
CA ALA CA 147 -39.55 30.52 -81.19
C ALA CA 147 -38.71 30.36 -79.92
N VAL CA 148 -37.41 30.63 -80.00
CA VAL CA 148 -36.56 30.46 -78.82
C VAL CA 148 -36.86 31.53 -77.78
N ARG CA 149 -37.27 32.74 -78.22
CA ARG CA 149 -37.69 33.76 -77.26
C ARG CA 149 -38.95 33.34 -76.53
N VAL CA 150 -39.91 32.76 -77.26
CA VAL CA 150 -41.12 32.26 -76.62
C VAL CA 150 -40.78 31.13 -75.65
N GLU CA 151 -39.84 30.26 -76.03
CA GLU CA 151 -39.42 29.19 -75.14
C GLU CA 151 -38.77 29.74 -73.87
N LEU CA 152 -37.93 30.77 -74.01
CA LEU CA 152 -37.31 31.39 -72.84
C LEU CA 152 -38.36 32.02 -71.93
N GLY CA 153 -39.33 32.71 -72.52
CA GLY CA 153 -40.40 33.29 -71.71
C GLY CA 153 -41.21 32.24 -70.98
N ASP CA 154 -41.52 31.14 -71.66
CA ASP CA 154 -42.25 30.05 -71.02
C ASP CA 154 -41.43 29.42 -69.90
N LEU CA 155 -40.12 29.27 -70.11
CA LEU CA 155 -39.25 28.73 -69.07
C LEU CA 155 -39.24 29.64 -67.85
N TYR CA 156 -39.12 30.95 -68.06
CA TYR CA 156 -39.14 31.88 -66.94
C TYR CA 156 -40.48 31.85 -66.22
N ASN CA 157 -41.58 31.78 -66.97
CA ASN CA 157 -42.89 31.72 -66.35
C ASN CA 157 -43.07 30.45 -65.53
N GLU CA 158 -42.58 29.32 -66.04
CA GLU CA 158 -42.66 28.07 -65.31
C GLU CA 158 -41.82 28.12 -64.03
N TRP CA 159 -40.63 28.69 -64.12
CA TRP CA 159 -39.77 28.80 -62.94
C TRP CA 159 -40.39 29.71 -61.88
N ARG CA 160 -40.97 30.84 -62.31
CA ARG CA 160 -41.55 31.78 -61.35
C ARG CA 160 -42.82 31.22 -60.73
N SER CA 161 -43.73 30.69 -61.56
CA SER CA 161 -45.02 30.23 -61.05
C SER CA 161 -44.88 28.94 -60.27
N GLY CA 162 -43.97 28.06 -60.69
CA GLY CA 162 -43.78 26.80 -60.02
C GLY CA 162 -42.97 26.85 -58.75
N ASP CA 163 -42.54 28.05 -58.34
CA ASP CA 163 -41.72 28.23 -57.13
C ASP CA 163 -40.44 27.39 -57.25
N LYS CA 164 -39.82 27.44 -58.43
CA LYS CA 164 -38.59 26.69 -58.66
C LYS CA 164 -37.37 27.45 -58.15
N PHE CA 165 -37.43 28.78 -58.10
CA PHE CA 165 -36.29 29.57 -57.65
C PHE CA 165 -35.97 29.33 -56.18
N ARG CA 166 -36.95 28.92 -55.38
CA ARG CA 166 -36.74 28.67 -53.96
C ARG CA 166 -36.64 27.19 -53.62
N SER CA 167 -37.48 26.36 -54.24
CA SER CA 167 -37.50 24.94 -53.90
C SER CA 167 -36.27 24.20 -54.42
N GLU CA 168 -35.72 24.64 -55.54
CA GLU CA 168 -34.61 23.90 -56.13
C GLU CA 168 -33.28 24.43 -55.58
N PRO CA 169 -32.34 23.55 -55.22
CA PRO CA 169 -31.11 24.01 -54.59
C PRO CA 169 -30.27 24.95 -55.44
N GLY CA 170 -30.27 24.77 -56.77
CA GLY CA 170 -29.45 25.61 -57.62
C GLY CA 170 -30.24 26.61 -58.44
N GLY CA 171 -31.25 27.22 -57.81
CA GLY CA 171 -32.24 28.03 -58.51
C GLY CA 171 -31.73 29.02 -59.55
N MET CA 172 -31.00 30.05 -59.12
CA MET CA 172 -30.56 31.07 -60.07
C MET CA 172 -29.59 30.51 -61.09
N THR CA 173 -28.61 29.72 -60.61
CA THR CA 173 -27.63 29.14 -61.52
C THR CA 173 -28.29 28.19 -62.51
N LYS CA 174 -29.23 27.37 -62.04
CA LYS CA 174 -29.89 26.44 -62.95
C LYS CA 174 -30.77 27.17 -63.96
N PHE CA 175 -31.46 28.23 -63.53
CA PHE CA 175 -32.24 29.02 -64.47
C PHE CA 175 -31.37 29.63 -65.55
N ARG CA 176 -30.23 30.22 -65.15
CA ARG CA 176 -29.33 30.81 -66.13
C ARG CA 176 -28.76 29.76 -67.07
N ASP CA 177 -28.36 28.60 -66.52
CA ASP CA 177 -27.77 27.56 -67.35
C ASP CA 177 -28.78 26.98 -68.32
N ALA CA 178 -30.03 26.80 -67.88
CA ALA CA 178 -31.07 26.33 -68.78
C ALA CA 178 -31.33 27.34 -69.90
N GLY CA 179 -31.39 28.63 -69.56
CA GLY CA 179 -31.57 29.64 -70.58
C GLY CA 179 -30.44 29.63 -71.59
N LEU CA 180 -29.20 29.55 -71.10
CA LEU CA 180 -28.04 29.51 -72.00
C LEU CA 180 -28.04 28.24 -72.84
N ALA CA 181 -28.51 27.12 -72.29
CA ALA CA 181 -28.60 25.89 -73.07
C ALA CA 181 -29.60 26.03 -74.20
N ARG CA 182 -30.77 26.63 -73.92
CA ARG CA 182 -31.74 26.84 -74.98
C ARG CA 182 -31.22 27.81 -76.04
N ILE CA 183 -30.53 28.87 -75.62
CA ILE CA 183 -30.05 29.86 -76.58
C ILE CA 183 -28.93 29.28 -77.44
N MET CA 184 -27.95 28.63 -76.83
CA MET CA 184 -26.75 28.20 -77.54
C MET CA 184 -26.93 26.92 -78.33
N SER CA 185 -27.99 26.16 -78.08
CA SER CA 185 -28.22 24.94 -78.84
C SER CA 185 -28.70 25.23 -80.27
N ARG CA 186 -29.01 26.48 -80.58
CA ARG CA 186 -29.47 26.88 -81.91
C ARG CA 186 -28.31 27.55 -82.64
N THR CA 187 -27.71 26.82 -83.57
CA THR CA 187 -26.61 27.35 -84.36
C THR CA 187 -27.08 28.10 -85.60
N ASN CA 188 -28.38 28.19 -85.83
CA ASN CA 188 -28.94 28.87 -87.00
C ASN CA 188 -29.52 30.24 -86.63
N ILE CA 189 -28.85 30.96 -85.74
CA ILE CA 189 -29.31 32.26 -85.25
C ILE CA 189 -28.17 33.26 -85.38
N THR CA 190 -28.49 34.46 -85.87
CA THR CA 190 -27.48 35.50 -86.04
C THR CA 190 -26.98 35.97 -84.69
N GLU CA 191 -25.80 36.61 -84.71
CA GLU CA 191 -25.15 37.02 -83.47
C GLU CA 191 -25.98 38.07 -82.72
N ALA CA 192 -26.56 39.03 -83.45
CA ALA CA 192 -27.34 40.08 -82.80
C ALA CA 192 -28.57 39.50 -82.10
N GLN CA 193 -29.25 38.55 -82.75
CA GLN CA 193 -30.40 37.91 -82.13
C GLN CA 193 -30.00 37.15 -80.87
N LYS CA 194 -28.85 36.46 -80.92
CA LYS CA 194 -28.35 35.78 -79.72
C LYS CA 194 -28.07 36.77 -78.60
N LYS CA 195 -27.46 37.92 -78.94
CA LYS CA 195 -27.21 38.93 -77.93
C LYS CA 195 -28.50 39.44 -77.31
N GLU CA 196 -29.52 39.67 -78.14
CA GLU CA 196 -30.80 40.14 -77.62
C GLU CA 196 -31.44 39.10 -76.70
N LEU CA 197 -31.39 37.82 -77.10
CA LEU CA 197 -31.97 36.77 -76.27
C LEU CA 197 -31.26 36.64 -74.94
N ILE CA 198 -29.92 36.69 -74.96
CA ILE CA 198 -29.15 36.59 -73.72
C ILE CA 198 -29.41 37.81 -72.85
N ASN CA 199 -29.59 38.98 -73.47
CA ASN CA 199 -29.93 40.18 -72.70
C ASN CA 199 -31.28 40.02 -72.01
N LEU CA 200 -32.27 39.46 -72.72
CA LEU CA 200 -33.57 39.23 -72.09
C LEU CA 200 -33.46 38.25 -70.93
N HIS CA 201 -32.71 37.16 -71.12
CA HIS CA 201 -32.54 36.17 -70.06
C HIS CA 201 -31.84 36.79 -68.86
N TYR CA 202 -30.80 37.59 -69.09
CA TYR CA 202 -30.10 38.25 -68.00
C TYR CA 202 -30.98 39.28 -67.31
N GLY CA 203 -31.88 39.93 -68.06
CA GLY CA 203 -32.82 40.83 -67.42
C GLY CA 203 -33.76 40.11 -66.49
N ASN CA 204 -34.27 38.95 -66.92
CA ASN CA 204 -35.11 38.15 -66.02
C ASN CA 204 -34.32 37.70 -64.78
N TRP CA 205 -33.07 37.29 -64.98
CA TRP CA 205 -32.23 36.88 -63.86
C TRP CA 205 -32.00 38.04 -62.89
N ASP CA 206 -31.77 39.25 -63.44
CA ASP CA 206 -31.56 40.42 -62.59
C ASP CA 206 -32.83 40.80 -61.85
N ALA CA 207 -33.99 40.61 -62.47
CA ALA CA 207 -35.25 40.86 -61.77
C ALA CA 207 -35.42 39.91 -60.59
N GLU CA 208 -35.10 38.63 -60.80
CA GLU CA 208 -35.16 37.68 -59.68
C GLU CA 208 -34.17 38.06 -58.58
N MET CA 209 -32.96 38.46 -58.97
CA MET CA 209 -31.97 38.89 -58.00
C MET CA 209 -32.44 40.11 -57.23
N LYS CA 210 -33.13 41.04 -57.90
CA LYS CA 210 -33.65 42.23 -57.24
C LYS CA 210 -34.73 41.87 -56.23
N ALA CA 211 -35.60 40.93 -56.58
CA ALA CA 211 -36.62 40.48 -55.62
C ALA CA 211 -35.97 39.85 -54.38
N TYR CA 212 -34.96 39.00 -54.62
CA TYR CA 212 -34.23 38.42 -53.50
C TYR CA 212 -33.53 39.49 -52.66
N SER CA 213 -33.01 40.52 -53.32
CA SER CA 213 -32.37 41.62 -52.61
C SER CA 213 -33.37 42.37 -51.75
N ASP CA 214 -34.58 42.59 -52.26
CA ASP CA 214 -35.60 43.25 -51.46
C ASP CA 214 -35.96 42.43 -50.23
N ARG CA 215 -36.09 41.11 -50.39
CA ARG CA 215 -36.40 40.27 -49.23
C ARG CA 215 -35.28 40.33 -48.19
N THR CA 216 -34.03 40.22 -48.64
CA THR CA 216 -32.90 40.30 -47.70
C THR CA 216 -32.85 41.66 -47.02
N ALA CA 217 -33.14 42.73 -47.75
CA ALA CA 217 -33.15 44.07 -47.17
C ALA CA 217 -34.22 44.19 -46.10
N LYS CA 218 -35.40 43.62 -46.35
CA LYS CA 218 -36.46 43.63 -45.33
C LYS CA 218 -36.00 42.89 -44.08
N TYR CA 219 -35.35 41.74 -44.26
CA TYR CA 219 -34.87 40.98 -43.10
C TYR CA 219 -33.86 41.79 -42.28
N ALA CA 220 -32.89 42.40 -42.97
CA ALA CA 220 -31.86 43.17 -42.27
C ALA CA 220 -32.47 44.38 -41.56
N GLU CA 221 -33.42 45.06 -42.22
CA GLU CA 221 -34.08 46.19 -41.59
C GLU CA 221 -34.83 45.76 -40.34
N GLU CA 222 -35.51 44.62 -40.39
CA GLU CA 222 -36.22 44.14 -39.22
C GLU CA 222 -35.25 43.86 -38.07
N VAL CA 223 -34.12 43.22 -38.36
CA VAL CA 223 -33.16 42.91 -37.30
C VAL CA 223 -32.62 44.19 -36.66
N SER CA 224 -32.21 45.16 -37.50
CA SER CA 224 -31.65 46.40 -36.97
C SER CA 224 -32.68 47.16 -36.15
N GLN CA 225 -33.92 47.23 -36.65
CA GLN CA 225 -34.98 47.92 -35.92
C GLN CA 225 -35.24 47.26 -34.57
N VAL CA 226 -35.26 45.93 -34.52
CA VAL CA 226 -35.49 45.24 -33.27
C VAL CA 226 -34.39 45.56 -32.26
N ARG CA 227 -33.13 45.53 -32.71
CA ARG CA 227 -32.02 45.80 -31.79
C ARG CA 227 -32.08 47.22 -31.25
N ARG CA 228 -32.25 48.20 -32.16
CA ARG CA 228 -32.30 49.60 -31.73
C ARG CA 228 -33.48 49.84 -30.80
N GLU CA 229 -34.63 49.23 -31.10
CA GLU CA 229 -35.80 49.40 -30.26
C GLU CA 229 -35.56 48.82 -28.87
N SER CA 230 -34.90 47.67 -28.79
CA SER CA 230 -34.60 47.08 -27.49
C SER CA 230 -33.74 48.02 -26.65
N VAL CA 231 -32.69 48.57 -27.27
CA VAL CA 231 -31.80 49.47 -26.53
C VAL CA 231 -32.55 50.71 -26.06
N ILE CA 232 -33.32 51.32 -26.97
CA ILE CA 232 -34.04 52.55 -26.65
C ILE CA 232 -35.06 52.30 -25.54
N LYS CA 233 -35.78 51.18 -25.63
CA LYS CA 233 -36.79 50.88 -24.62
C LYS CA 233 -36.14 50.62 -23.26
N GLU CA 234 -34.98 49.96 -23.23
CA GLU CA 234 -34.29 49.79 -21.96
C GLU CA 234 -33.99 51.15 -21.33
N ARG CA 235 -33.36 52.03 -22.11
CA ARG CA 235 -32.98 53.33 -21.54
C ARG CA 235 -34.19 54.12 -21.09
N THR CA 236 -35.25 54.13 -21.91
CA THR CA 236 -36.45 54.88 -21.56
C THR CA 236 -37.12 54.31 -20.31
N PHE CA 237 -37.18 52.99 -20.19
CA PHE CA 237 -37.76 52.37 -19.00
C PHE CA 237 -36.97 52.72 -17.76
N ARG CA 238 -35.64 52.67 -17.84
CA ARG CA 238 -34.82 53.04 -16.70
C ARG CA 238 -35.08 54.48 -16.27
N VAL CA 239 -35.06 55.41 -17.23
CA VAL CA 239 -35.30 56.82 -16.89
C VAL CA 239 -36.68 57.00 -16.29
N ASN CA 240 -37.67 56.35 -16.90
CA ASN CA 240 -39.06 56.51 -16.46
C ASN CA 240 -39.24 56.01 -15.03
N SER CA 241 -38.67 54.85 -14.72
CA SER CA 241 -38.79 54.28 -13.38
C SER CA 241 -38.05 55.13 -12.36
N VAL CA 242 -36.86 55.64 -12.70
CA VAL CA 242 -36.14 56.49 -11.76
C VAL CA 242 -36.92 57.78 -11.48
N VAL CA 243 -37.45 58.41 -12.53
CA VAL CA 243 -38.17 59.67 -12.34
C VAL CA 243 -39.45 59.44 -11.55
N SER CA 244 -40.16 58.36 -11.84
CA SER CA 244 -41.47 58.14 -11.24
C SER CA 244 -41.39 57.61 -9.81
N GLY CA 245 -40.22 57.28 -9.30
CA GLY CA 245 -40.09 56.80 -7.95
C GLY CA 245 -40.13 57.86 -6.87
N LEU CA 246 -40.22 59.12 -7.25
CA LEU CA 246 -40.27 60.22 -6.29
C LEU CA 246 -41.62 60.25 -5.58
N THR CA 247 -41.60 60.72 -4.34
CA THR CA 247 -42.78 60.83 -3.50
C THR CA 247 -43.33 62.26 -3.63
N TRP CA 248 -44.32 62.59 -2.80
CA TRP CA 248 -44.89 63.93 -2.84
C TRP CA 248 -43.87 65.00 -2.47
N ASP CA 249 -43.06 64.72 -1.45
CA ASP CA 249 -42.10 65.69 -0.93
C ASP CA 249 -40.66 65.29 -1.17
N ALA CA 250 -40.41 64.39 -2.12
CA ALA CA 250 -39.06 63.97 -2.42
C ALA CA 250 -38.29 65.09 -3.12
N ASP CA 251 -36.96 65.01 -3.01
CA ASP CA 251 -36.09 65.94 -3.72
C ASP CA 251 -35.55 65.25 -4.96
N PRO CA 252 -35.76 65.79 -6.16
CA PRO CA 252 -35.37 65.09 -7.40
C PRO CA 252 -33.92 65.26 -7.80
N THR CA 253 -33.03 65.71 -6.91
CA THR CA 253 -31.65 65.93 -7.28
C THR CA 253 -30.99 64.63 -7.74
N ASP CA 254 -31.17 63.55 -6.98
CA ASP CA 254 -30.63 62.26 -7.38
C ASP CA 254 -31.30 61.75 -8.65
N ALA CA 255 -32.62 61.95 -8.77
CA ALA CA 255 -33.32 61.54 -9.98
C ALA CA 255 -32.82 62.32 -11.19
N ILE CA 256 -32.59 63.62 -11.02
CA ILE CA 256 -32.08 64.44 -12.12
C ILE CA 256 -30.67 64.01 -12.50
N LYS CA 257 -29.83 63.68 -11.51
CA LYS CA 257 -28.49 63.21 -11.81
C LYS CA 257 -28.52 61.88 -12.56
N LYS CA 258 -29.42 60.98 -12.16
CA LYS CA 258 -29.53 59.71 -12.87
C LYS CA 258 -30.06 59.91 -14.30
N VAL CA 259 -30.98 60.86 -14.48
CA VAL CA 259 -31.44 61.21 -15.83
C VAL CA 259 -30.29 61.75 -16.65
N ASP CA 260 -29.45 62.58 -16.05
CA ASP CA 260 -28.26 63.09 -16.75
C ASP CA 260 -27.36 61.94 -17.18
N ALA CA 261 -27.12 60.99 -16.29
CA ALA CA 261 -26.28 59.85 -16.62
C ALA CA 261 -26.87 59.03 -17.76
N MET CA 262 -28.19 58.80 -17.72
CA MET CA 262 -28.82 58.01 -18.77
C MET CA 262 -28.83 58.73 -20.11
N VAL CA 263 -29.03 60.05 -20.11
CA VAL CA 263 -28.94 60.81 -21.36
C VAL CA 263 -27.51 60.79 -21.89
N SER CA 264 -26.52 60.86 -20.99
CA SER CA 264 -25.13 60.72 -21.41
C SER CA 264 -24.89 59.36 -22.07
N SER CA 265 -25.43 58.30 -21.48
CA SER CA 265 -25.27 56.97 -22.06
C SER CA 265 -25.95 56.87 -23.42
N THR CA 266 -27.14 57.46 -23.55
CA THR CA 266 -27.88 57.37 -24.81
C THR CA 266 -27.19 58.16 -25.93
N VAL CA 267 -26.77 59.39 -25.63
CA VAL CA 267 -26.19 60.25 -26.67
C VAL CA 267 -24.84 59.70 -27.11
N ASN CA 268 -24.04 59.19 -26.16
CA ASN CA 268 -22.71 58.71 -26.49
C ASN CA 268 -22.76 57.39 -27.27
N ASP CA 269 -23.85 56.63 -27.14
CA ASP CA 269 -23.92 55.29 -27.73
C ASP CA 269 -23.68 55.34 -29.24
N GLN CA 270 -22.69 54.57 -29.70
CA GLN CA 270 -22.31 54.57 -31.10
C GLN CA 270 -23.18 53.67 -31.97
N ASN CA 271 -23.95 52.78 -31.36
CA ASN CA 271 -24.74 51.81 -32.12
C ASN CA 271 -26.09 52.37 -32.57
N LEU CA 272 -26.40 53.62 -32.23
CA LEU CA 272 -27.64 54.24 -32.63
C LEU CA 272 -27.35 55.42 -33.55
N PRO CA 273 -28.25 55.73 -34.49
CA PRO CA 273 -28.06 56.90 -35.35
C PRO CA 273 -28.39 58.18 -34.60
N LEU CA 274 -28.07 59.30 -35.26
CA LEU CA 274 -28.30 60.61 -34.64
C LEU CA 274 -29.77 60.85 -34.36
N LEU CA 275 -30.65 60.48 -35.29
CA LEU CA 275 -32.08 60.71 -35.12
C LEU CA 275 -32.61 59.95 -33.91
N ASP CA 276 -32.25 58.67 -33.79
CA ASP CA 276 -32.74 57.87 -32.67
C ASP CA 276 -32.23 58.42 -31.33
N ARG CA 277 -30.95 58.79 -31.27
CA ARG CA 277 -30.39 59.31 -30.03
C ARG CA 277 -31.06 60.62 -29.63
N LEU CA 278 -31.22 61.53 -30.60
CA LEU CA 278 -31.87 62.81 -30.30
C LEU CA 278 -33.30 62.61 -29.85
N GLN CA 279 -34.03 61.72 -30.52
CA GLN CA 279 -35.43 61.50 -30.17
C GLN CA 279 -35.58 60.87 -28.79
N ALA CA 280 -34.71 59.89 -28.48
CA ALA CA 280 -34.74 59.28 -27.15
C ALA CA 280 -34.41 60.29 -26.06
N ALA CA 281 -33.39 61.14 -26.30
CA ALA CA 281 -33.06 62.16 -25.31
C ALA CA 281 -34.20 63.16 -25.15
N ASN CA 282 -34.87 63.50 -26.24
CA ASN CA 282 -36.03 64.39 -26.17
C ASN CA 282 -37.13 63.78 -25.30
N SER CA 283 -37.46 62.50 -25.54
CA SER CA 283 -38.51 61.87 -24.76
C SER CA 283 -38.12 61.79 -23.29
N MET CA 284 -36.86 61.46 -23.01
CA MET CA 284 -36.38 61.38 -21.64
C MET CA 284 -36.51 62.71 -20.92
N TYR CA 285 -36.01 63.79 -21.54
CA TYR CA 285 -36.08 65.10 -20.90
C TYR CA 285 -37.52 65.57 -20.77
N ASN CA 286 -38.37 65.23 -21.75
CA ASN CA 286 -39.77 65.63 -21.66
C ASN CA 286 -40.45 64.95 -20.48
N THR CA 287 -40.20 63.65 -20.28
CA THR CA 287 -40.77 62.96 -19.13
C THR CA 287 -40.26 63.56 -17.83
N ALA CA 288 -38.95 63.82 -17.77
CA ALA CA 288 -38.37 64.40 -16.56
C ALA CA 288 -38.99 65.75 -16.24
N TYR CA 289 -39.14 66.61 -17.25
CA TYR CA 289 -39.78 67.90 -17.03
C TYR CA 289 -41.24 67.74 -16.62
N GLU CA 290 -41.93 66.77 -17.21
CA GLU CA 290 -43.33 66.55 -16.86
C GLU CA 290 -43.49 66.20 -15.39
N LYS CA 291 -42.61 65.34 -14.87
CA LYS CA 291 -42.80 64.85 -13.51
C LYS CA 291 -42.26 65.77 -12.43
N VAL CA 292 -41.53 66.83 -12.77
CA VAL CA 292 -41.00 67.75 -11.78
C VAL CA 292 -41.43 69.19 -12.06
N VAL CA 293 -42.56 69.38 -12.74
CA VAL CA 293 -42.98 70.71 -13.14
C VAL CA 293 -43.31 71.58 -11.92
N ASN CA 294 -43.71 70.97 -10.81
CA ASN CA 294 -44.10 71.73 -9.64
C ASN CA 294 -42.92 72.21 -8.80
N ASN CA 295 -41.71 71.74 -9.08
CA ASN CA 295 -40.52 72.18 -8.37
C ASN CA 295 -39.78 73.20 -9.22
N ALA CA 296 -39.55 74.39 -8.66
CA ALA CA 296 -38.97 75.48 -9.44
C ALA CA 296 -37.53 75.21 -9.82
N THR CA 297 -36.72 74.76 -8.86
CA THR CA 297 -35.31 74.52 -9.12
C THR CA 297 -35.12 73.40 -10.14
N ALA CA 298 -35.84 72.29 -9.95
CA ALA CA 298 -35.75 71.19 -10.90
C ALA CA 298 -36.23 71.59 -12.28
N ARG CA 299 -37.32 72.39 -12.34
CA ARG CA 299 -37.82 72.86 -13.62
C ARG CA 299 -36.77 73.72 -14.33
N ALA CA 300 -36.12 74.62 -13.59
CA ALA CA 300 -35.09 75.46 -14.20
C ALA CA 300 -33.92 74.63 -14.68
N GLU CA 301 -33.49 73.63 -13.90
CA GLU CA 301 -32.37 72.79 -14.30
C GLU CA 301 -32.70 72.01 -15.57
N VAL CA 302 -33.89 71.42 -15.62
CA VAL CA 302 -34.29 70.65 -16.79
C VAL CA 302 -34.43 71.56 -18.01
N GLU CA 303 -34.95 72.78 -17.81
CA GLU CA 303 -35.07 73.71 -18.93
C GLU CA 303 -33.69 74.09 -19.48
N ARG CA 304 -32.73 74.35 -18.60
CA ARG CA 304 -31.38 74.68 -19.07
C ARG CA 304 -30.75 73.50 -19.81
N LYS CA 305 -30.98 72.28 -19.31
CA LYS CA 305 -30.42 71.12 -20.00
C LYS CA 305 -31.08 70.89 -21.35
N MET CA 306 -32.39 71.16 -21.45
CA MET CA 306 -33.04 71.11 -22.76
C MET CA 306 -32.48 72.16 -23.70
N LYS CA 307 -32.18 73.35 -23.18
CA LYS CA 307 -31.59 74.38 -24.05
C LYS CA 307 -30.22 73.94 -24.55
N ALA CA 308 -29.42 73.33 -23.67
CA ALA CA 308 -28.12 72.80 -24.09
C ALA CA 308 -28.28 71.72 -25.15
N LEU CA 309 -29.24 70.81 -24.96
CA LEU CA 309 -29.48 69.77 -25.95
C LEU CA 309 -29.97 70.35 -27.27
N GLN CA 310 -30.77 71.41 -27.21
CA GLN CA 310 -31.25 72.06 -28.42
C GLN CA 310 -30.10 72.69 -29.20
N ALA CA 311 -29.18 73.34 -28.49
CA ALA CA 311 -27.99 73.87 -29.16
C ALA CA 311 -27.16 72.74 -29.75
N TYR CA 312 -27.04 71.63 -29.02
CA TYR CA 312 -26.30 70.48 -29.54
C TYR CA 312 -26.93 69.96 -30.82
N GLN CA 313 -28.26 69.85 -30.86
CA GLN CA 313 -28.92 69.43 -32.09
C GLN CA 313 -28.70 70.43 -33.21
N TYR CA 314 -28.82 71.73 -32.91
CA TYR CA 314 -28.65 72.75 -33.93
C TYR CA 314 -27.27 72.67 -34.58
N GLU CA 315 -26.25 72.29 -33.80
CA GLU CA 315 -24.92 72.15 -34.38
C GLU CA 315 -24.69 70.78 -35.01
N ALA CA 316 -25.26 69.73 -34.44
CA ALA CA 316 -25.02 68.37 -34.93
C ALA CA 316 -25.75 68.09 -36.23
N ILE CA 317 -26.88 68.77 -36.49
CA ILE CA 317 -27.53 68.61 -37.79
C ILE CA 317 -26.61 69.10 -38.90
N THR CA 318 -25.98 70.26 -38.70
CA THR CA 318 -25.03 70.76 -39.68
C THR CA 318 -23.79 69.87 -39.77
N ASN CA 319 -23.29 69.42 -38.63
CA ASN CA 319 -22.06 68.63 -38.63
C ASN CA 319 -22.26 67.27 -39.31
N TRP CA 320 -23.31 66.54 -38.92
CA TRP CA 320 -23.43 65.14 -39.30
C TRP CA 320 -23.73 64.95 -40.78
N ASN CA 321 -24.47 65.86 -41.39
CA ASN CA 321 -24.91 65.70 -42.76
C ASN CA 321 -23.95 66.30 -43.77
N ASP CA 322 -22.80 66.78 -43.33
CA ASP CA 322 -21.80 67.34 -44.25
C ASP CA 322 -21.12 66.20 -44.99
N GLN CA 323 -21.18 66.22 -46.32
CA GLN CA 323 -20.70 65.12 -47.14
C GLN CA 323 -19.26 65.30 -47.60
N THR CA 324 -18.61 66.43 -47.31
CA THR CA 324 -17.25 66.67 -47.74
C THR CA 324 -16.21 66.27 -46.70
N LYS CA 325 -16.64 65.74 -45.56
CA LYS CA 325 -15.73 65.36 -44.50
C LYS CA 325 -15.68 63.83 -44.35
N PRO CA 326 -14.54 63.28 -43.97
CA PRO CA 326 -14.45 61.83 -43.77
C PRO CA 326 -15.20 61.41 -42.52
N ARG CA 327 -15.47 60.10 -42.44
CA ARG CA 327 -16.25 59.57 -41.33
C ARG CA 327 -15.54 59.77 -40.00
N ALA CA 328 -14.23 59.54 -39.96
CA ALA CA 328 -13.47 59.68 -38.71
C ALA CA 328 -13.50 61.12 -38.22
N GLU CA 329 -13.28 62.09 -39.12
CA GLU CA 329 -13.31 63.49 -38.73
C GLU CA 329 -14.70 63.90 -38.26
N ARG CA 330 -15.74 63.43 -38.94
CA ARG CA 330 -17.10 63.76 -38.53
C ARG CA 330 -17.41 63.19 -37.15
N GLU CA 331 -17.00 61.95 -36.88
CA GLU CA 331 -17.23 61.35 -35.57
C GLU CA 331 -16.45 62.07 -34.49
N ALA CA 332 -15.20 62.46 -34.77
CA ALA CA 332 -14.42 63.20 -33.78
C ALA CA 332 -15.06 64.55 -33.48
N PHE CA 333 -15.54 65.24 -34.52
CA PHE CA 333 -16.21 66.52 -34.31
C PHE CA 333 -17.52 66.34 -33.55
N ASP CA 334 -18.21 65.22 -33.78
CA ASP CA 334 -19.43 64.95 -33.02
C ASP CA 334 -19.12 64.70 -31.55
N GLN CA 335 -18.04 63.98 -31.26
CA GLN CA 335 -17.61 63.82 -29.87
C GLN CA 335 -17.27 65.16 -29.24
N GLN CA 336 -16.57 66.01 -29.98
CA GLN CA 336 -16.24 67.34 -29.46
C GLN CA 336 -17.49 68.17 -29.20
N LEU CA 337 -18.47 68.08 -30.09
CA LEU CA 337 -19.74 68.77 -29.87
C LEU CA 337 -20.44 68.25 -28.63
N GLN CA 338 -20.48 66.93 -28.45
CA GLN CA 338 -21.13 66.35 -27.28
C GLN CA 338 -20.44 66.78 -25.99
N ALA CA 339 -19.11 66.77 -25.99
CA ALA CA 339 -18.38 67.18 -24.78
C ALA CA 339 -18.49 68.68 -24.54
N LYS CA 340 -18.71 69.45 -25.60
CA LYS CA 340 -18.84 70.90 -25.45
C LYS CA 340 -20.06 71.27 -24.61
N HIS CA 341 -21.18 70.59 -24.85
CA HIS CA 341 -22.42 70.91 -24.16
C HIS CA 341 -22.60 70.14 -22.86
N GLY CA 342 -21.58 69.40 -22.42
CA GLY CA 342 -21.67 68.68 -21.17
C GLY CA 342 -22.60 67.49 -21.20
N LEU CA 343 -22.78 66.88 -22.37
CA LEU CA 343 -23.67 65.72 -22.49
C LEU CA 343 -22.96 64.43 -22.06
N ASN CA 344 -21.89 64.06 -22.75
CA ASN CA 344 -21.17 62.82 -22.47
C ASN CA 344 -20.04 63.05 -21.47
N VAL CA 345 -20.42 63.46 -20.25
CA VAL CA 345 -19.44 63.77 -19.23
C VAL CA 345 -18.84 62.49 -18.64
N ASP CA 346 -19.70 61.59 -18.15
CA ASP CA 346 -19.22 60.42 -17.44
C ASP CA 346 -18.44 59.48 -18.36
N SER CA 347 -18.95 59.24 -19.57
CA SER CA 347 -18.27 58.35 -20.49
C SER CA 347 -16.91 58.92 -20.92
N SER CA 348 -16.87 60.22 -21.20
CA SER CA 348 -15.60 60.84 -21.58
C SER CA 348 -14.60 60.79 -20.43
N TYR CA 349 -15.07 61.03 -19.20
CA TYR CA 349 -14.16 60.95 -18.06
C TYR CA 349 -13.62 59.54 -17.88
N MET CA 350 -14.49 58.53 -18.03
CA MET CA 350 -14.04 57.15 -17.91
C MET CA 350 -13.02 56.80 -18.98
N ALA CA 351 -13.28 57.21 -20.23
CA ALA CA 351 -12.33 56.93 -21.31
C ALA CA 351 -11.00 57.63 -21.06
N TRP CA 352 -11.05 58.88 -20.60
CA TRP CA 352 -9.81 59.61 -20.34
C TRP CA 352 -9.02 58.96 -19.21
N GLU CA 353 -9.71 58.51 -18.16
CA GLU CA 353 -9.01 57.84 -17.06
C GLU CA 353 -8.39 56.53 -17.50
N ASN CA 354 -9.11 55.76 -18.33
CA ASN CA 354 -8.55 54.53 -18.86
C ASN CA 354 -7.31 54.81 -19.72
N SER CA 355 -7.38 55.86 -20.54
CA SER CA 355 -6.22 56.22 -21.36
C SER CA 355 -5.05 56.68 -20.50
N ARG CA 356 -5.34 57.41 -19.41
CA ARG CA 356 -4.26 57.83 -18.51
C ARG CA 356 -3.59 56.63 -17.86
N LYS CA 357 -4.38 55.66 -17.40
CA LYS CA 357 -3.80 54.43 -16.86
C LYS CA 357 -2.98 53.69 -17.91
N GLN CA 358 -3.48 53.63 -19.14
CA GLN CA 358 -2.75 52.95 -20.20
C GLN CA 358 -1.42 53.64 -20.48
N TYR CA 359 -1.41 54.97 -20.49
CA TYR CA 359 -0.16 55.70 -20.75
C TYR CA 359 0.81 55.53 -19.59
N ILE CA 360 0.33 55.54 -18.36
CA ILE CA 360 1.22 55.32 -17.22
C ILE CA 360 1.81 53.91 -17.28
N GLU CA 361 1.00 52.93 -17.66
CA GLU CA 361 1.50 51.56 -17.82
C GLU CA 361 2.54 51.50 -18.94
N PHE CA 362 2.32 52.24 -20.03
CA PHE CA 362 3.29 52.32 -21.11
C PHE CA 362 4.63 52.84 -20.61
N GLN CA 363 4.60 53.95 -19.86
CA GLN CA 363 5.83 54.52 -19.33
C GLN CA 363 6.52 53.55 -18.38
N GLN CA 364 5.76 52.90 -17.49
CA GLN CA 364 6.35 51.97 -16.54
C GLN CA 364 6.96 50.77 -17.24
N GLN CA 365 6.30 50.27 -18.30
CA GLN CA 365 6.85 49.14 -19.03
C GLN CA 365 8.11 49.52 -19.79
N SER CA 366 8.15 50.74 -20.34
CA SER CA 366 9.38 51.20 -20.99
C SER CA 366 10.53 51.29 -19.99
N ARG CA 367 10.25 51.85 -18.80
CA ARG CA 367 11.27 51.93 -17.77
C ARG CA 367 11.71 50.54 -17.32
N GLN CA 368 10.78 49.59 -17.25
CA GLN CA 368 11.12 48.22 -16.90
C GLN CA 368 12.02 47.60 -17.95
N LEU CA 369 11.75 47.86 -19.23
CA LEU CA 369 12.62 47.36 -20.29
C LEU CA 369 14.03 47.90 -20.15
N GLN CA 370 14.14 49.21 -19.90
CA GLN CA 370 15.46 49.81 -19.74
C GLN CA 370 16.20 49.22 -18.53
N ASP CA 371 15.49 49.02 -17.42
CA ASP CA 371 16.10 48.40 -16.26
C ASP CA 371 16.54 46.97 -16.56
N LEU CA 372 15.72 46.23 -17.32
CA LEU CA 372 16.04 44.84 -17.66
C LEU CA 372 17.29 44.75 -18.52
N GLU CA 373 17.46 45.69 -19.46
CA GLU CA 373 18.59 45.63 -20.37
C GLU CA 373 19.92 45.70 -19.61
N GLN CA 374 20.04 46.65 -18.69
CA GLN CA 374 21.29 46.83 -17.97
C GLN CA 374 21.41 45.98 -16.71
N ASN CA 375 20.37 45.25 -16.34
CA ASN CA 375 20.44 44.37 -15.17
C ASN CA 375 21.06 43.02 -15.50
N GLY CA 376 21.32 42.74 -16.77
CA GLY CA 376 21.89 41.48 -17.17
C GLY CA 376 20.90 40.38 -17.43
N LEU CA 377 19.61 40.62 -17.20
CA LEU CA 377 18.61 39.58 -17.43
C LEU CA 377 18.35 39.36 -18.92
N ILE CA 378 18.33 40.44 -19.70
CA ILE CA 378 18.08 40.38 -21.13
C ILE CA 378 19.26 40.98 -21.87
N ASP CA 379 19.74 40.27 -22.89
CA ASP CA 379 20.83 40.76 -23.72
C ASP CA 379 20.31 41.81 -24.70
N SER CA 380 21.24 42.43 -25.42
CA SER CA 380 20.88 43.55 -26.30
C SER CA 380 19.94 43.10 -27.42
N ALA CA 381 20.21 41.94 -28.02
CA ALA CA 381 19.42 41.49 -29.17
C ALA CA 381 17.97 41.22 -28.77
N ARG CA 382 17.76 40.45 -27.71
CA ARG CA 382 16.38 40.17 -27.33
C ARG CA 382 15.73 41.40 -26.73
N LYS CA 383 16.51 42.30 -26.14
CA LYS CA 383 15.96 43.58 -25.67
C LYS CA 383 15.39 44.39 -26.82
N VAL CA 384 16.14 44.51 -27.93
CA VAL CA 384 15.65 45.29 -29.05
C VAL CA 384 14.48 44.59 -29.72
N ASN CA 385 14.51 43.26 -29.80
CA ASN CA 385 13.35 42.53 -30.33
C ASN CA 385 12.10 42.78 -29.48
N LEU CA 386 12.26 42.71 -28.15
CA LEU CA 386 11.13 42.91 -27.26
C LEU CA 386 10.61 44.35 -27.33
N SER CA 387 11.52 45.31 -27.44
CA SER CA 387 11.09 46.71 -27.58
C SER CA 387 10.30 46.91 -28.88
N ASP CA 388 10.78 46.33 -29.98
CA ASP CA 388 10.04 46.43 -31.23
C ASP CA 388 8.66 45.79 -31.11
N ASP CA 389 8.59 44.60 -30.50
CA ASP CA 389 7.30 43.93 -30.33
C ASP CA 389 6.36 44.75 -29.45
N PHE CA 390 6.89 45.34 -28.38
CA PHE CA 390 6.06 46.11 -27.46
C PHE CA 390 5.51 47.37 -28.14
N VAL CA 391 6.37 48.08 -28.87
CA VAL CA 391 5.90 49.27 -29.59
C VAL CA 391 4.88 48.89 -30.65
N GLY CA 392 5.12 47.79 -31.38
CA GLY CA 392 4.17 47.35 -32.37
C GLY CA 392 2.83 46.96 -31.77
N SER CA 393 2.85 46.31 -30.61
CA SER CA 393 1.61 45.96 -29.93
C SER CA 393 0.84 47.20 -29.50
N VAL CA 394 1.55 48.21 -28.98
CA VAL CA 394 0.88 49.44 -28.59
C VAL CA 394 0.25 50.12 -29.80
N VAL CA 395 0.98 50.19 -30.90
CA VAL CA 395 0.44 50.83 -32.11
C VAL CA 395 -0.76 50.05 -32.64
N GLN CA 396 -0.67 48.72 -32.62
CA GLN CA 396 -1.80 47.91 -33.09
C GLN CA 396 -3.03 48.11 -32.21
N LEU CA 397 -2.85 48.18 -30.89
CA LEU CA 397 -3.97 48.44 -30.01
C LEU CA 397 -4.60 49.79 -30.29
N ILE CA 398 -3.77 50.81 -30.49
CA ILE CA 398 -4.31 52.16 -30.73
C ILE CA 398 -5.05 52.21 -32.06
N LEU CA 399 -4.51 51.56 -33.10
CA LEU CA 399 -5.10 51.67 -34.43
C LEU CA 399 -6.29 50.75 -34.62
N TYR CA 400 -6.07 49.44 -34.51
CA TYR CA 400 -7.07 48.44 -34.86
C TYR CA 400 -7.80 47.89 -33.65
N GLY CA 401 -7.67 48.52 -32.48
CA GLY CA 401 -8.38 48.04 -31.31
C GLY CA 401 -9.88 48.21 -31.44
N GLU CA 402 -10.62 47.28 -30.81
CA GLU CA 402 -12.07 47.30 -30.84
C GLU CA 402 -12.60 48.06 -29.63
N GLY CA 403 -12.49 49.38 -29.71
CA GLY CA 403 -12.95 50.23 -28.63
C GLY CA 403 -12.70 51.68 -28.94
N ASN CA 404 -13.09 52.54 -28.00
CA ASN CA 404 -12.89 53.98 -28.12
C ASN CA 404 -11.46 54.31 -27.67
N THR CA 405 -10.52 54.07 -28.57
CA THR CA 405 -9.10 54.32 -28.32
C THR CA 405 -8.66 55.70 -28.76
N ALA CA 406 -9.60 56.56 -29.17
CA ALA CA 406 -9.23 57.89 -29.66
C ALA CA 406 -8.58 58.73 -28.57
N ALA CA 407 -8.95 58.49 -27.31
CA ALA CA 407 -8.34 59.26 -26.22
C ALA CA 407 -6.85 58.98 -26.11
N LEU CA 408 -6.45 57.71 -26.25
CA LEU CA 408 -5.02 57.39 -26.21
C LEU CA 408 -4.29 57.97 -27.41
N LYS CA 409 -4.93 57.98 -28.58
CA LYS CA 409 -4.33 58.60 -29.75
C LYS CA 409 -4.12 60.09 -29.54
N GLU CA 410 -5.10 60.76 -28.93
CA GLU CA 410 -4.94 62.18 -28.62
C GLU CA 410 -3.84 62.39 -27.60
N ARG CA 411 -3.73 61.50 -26.62
CA ARG CA 411 -2.67 61.60 -25.62
C ARG CA 411 -1.29 61.46 -26.26
N PHE CA 412 -1.16 60.54 -27.23
CA PHE CA 412 0.14 60.32 -27.84
C PHE CA 412 0.51 61.41 -28.84
N THR CA 413 -0.40 61.71 -29.77
CA THR CA 413 -0.09 62.68 -30.82
C THR CA 413 0.08 64.09 -30.25
N ASP CA 414 -0.79 64.48 -29.33
CA ASP CA 414 -0.75 65.82 -28.73
C ASP CA 414 -0.30 65.72 -27.29
N ASN CA 415 0.64 66.59 -26.90
CA ASN CA 415 1.26 66.50 -25.59
C ASN CA 415 1.55 67.89 -25.07
N ARG CA 416 1.65 68.01 -23.74
CA ARG CA 416 1.77 69.30 -23.09
C ARG CA 416 3.20 69.60 -22.61
N ASN CA 417 3.74 68.76 -21.73
CA ASN CA 417 5.00 69.05 -21.03
C ASN CA 417 5.82 67.76 -20.92
N PHE CA 418 6.87 67.67 -21.74
CA PHE CA 418 7.84 66.56 -21.73
C PHE CA 418 7.16 65.19 -21.69
N GLU CA 419 5.92 65.12 -22.13
CA GLU CA 419 5.20 63.87 -22.32
C GLU CA 419 5.15 63.61 -23.81
N ALA CA 420 5.15 62.33 -24.21
CA ALA CA 420 5.17 61.91 -25.60
C ALA CA 420 6.38 62.43 -26.36
N ASN CA 421 7.36 63.00 -25.65
CA ASN CA 421 8.58 63.52 -26.27
C ASN CA 421 9.74 62.54 -26.19
N THR CA 422 9.57 61.40 -25.52
CA THR CA 422 10.62 60.41 -25.46
C THR CA 422 10.77 59.71 -26.81
N ALA CA 423 11.87 58.98 -26.95
CA ALA CA 423 12.14 58.30 -28.21
C ALA CA 423 11.07 57.27 -28.53
N GLY CA 424 10.66 56.48 -27.53
CA GLY CA 424 9.64 55.48 -27.77
C GLY CA 424 8.29 56.09 -28.13
N ALA CA 425 7.89 57.14 -27.41
CA ALA CA 425 6.62 57.77 -27.70
C ALA CA 425 6.67 58.50 -29.05
N GLY CA 426 7.81 59.08 -29.39
CA GLY CA 426 7.96 59.67 -30.71
C GLY CA 426 7.85 58.64 -31.81
N GLU CA 427 8.45 57.47 -31.60
CA GLU CA 427 8.31 56.38 -32.57
C GLU CA 427 6.87 55.92 -32.66
N VAL CA 428 6.15 55.89 -31.53
CA VAL CA 428 4.74 55.52 -31.55
C VAL CA 428 3.94 56.53 -32.36
N ARG CA 429 4.22 57.83 -32.18
CA ARG CA 429 3.55 58.86 -32.97
C ARG CA 429 3.82 58.68 -34.46
N ARG CA 430 5.08 58.44 -34.81
CA ARG CA 430 5.44 58.26 -36.21
C ARG CA 430 4.75 57.03 -36.80
N LEU CA 431 4.70 55.94 -36.05
CA LEU CA 431 4.02 54.74 -36.54
C LEU CA 431 2.53 54.98 -36.71
N LEU CA 432 1.91 55.67 -35.75
CA LEU CA 432 0.49 55.98 -35.87
C LEU CA 432 0.22 56.83 -37.09
N GLU CA 433 1.13 57.75 -37.43
CA GLU CA 433 0.95 58.57 -38.61
C GLU CA 433 1.19 57.78 -39.90
N ALA CA 434 2.14 56.84 -39.90
CA ALA CA 434 2.62 56.26 -41.14
C ALA CA 434 2.02 54.91 -41.50
N VAL CA 435 1.59 54.11 -40.53
CA VAL CA 435 1.18 52.73 -40.83
C VAL CA 435 0.01 52.66 -41.81
N PRO CA 436 -1.11 53.38 -41.60
CA PRO CA 436 -2.14 53.38 -42.63
C PRO CA 436 -1.64 53.92 -43.96
N ARG CA 437 -0.79 54.96 -43.90
CA ARG CA 437 -0.22 55.50 -45.13
C ARG CA 437 0.67 54.48 -45.82
N MET CA 438 1.49 53.76 -45.06
CA MET CA 438 2.34 52.73 -45.66
C MET CA 438 1.51 51.63 -46.29
N ARG CA 439 0.45 51.19 -45.62
CA ARG CA 439 -0.37 50.12 -46.18
C ARG CA 439 -1.09 50.56 -47.45
N ARG CA 440 -1.67 51.77 -47.43
CA ARG CA 440 -2.33 52.29 -48.63
C ARG CA 440 -1.35 52.46 -49.78
N GLU CA 441 -0.15 52.98 -49.48
CA GLU CA 441 0.87 53.14 -50.51
C GLU CA 441 1.31 51.80 -51.07
N THR CA 442 1.43 50.79 -50.20
CA THR CA 442 1.81 49.45 -50.67
C THR CA 442 0.75 48.88 -51.61
N ASP CA 443 -0.52 49.03 -51.25
CA ASP CA 443 -1.59 48.52 -52.12
C ASP CA 443 -1.58 49.25 -53.46
N SER CA 444 -1.46 50.59 -53.42
CA SER CA 444 -1.45 51.37 -54.66
C SER CA 444 -0.24 51.01 -55.53
N LEU CA 445 0.92 50.83 -54.92
CA LEU CA 445 2.12 50.49 -55.67
C LEU CA 445 2.03 49.08 -56.25
N ARG CA 446 1.40 48.14 -55.54
CA ARG CA 446 1.21 46.81 -56.11
C ARG CA 446 0.28 46.87 -57.33
N SER CA 447 -0.79 47.66 -57.23
CA SER CA 447 -1.67 47.84 -58.39
C SER CA 447 -0.91 48.48 -59.55
N ASP CA 448 -0.06 49.48 -59.24
CA ASP CA 448 0.74 50.13 -60.26
C ASP CA 448 1.71 49.16 -60.93
N ASN CA 449 2.34 48.29 -60.12
CA ASN CA 449 3.27 47.31 -60.67
C ASN CA 449 2.55 46.32 -61.58
N ALA CA 450 1.36 45.87 -61.16
CA ALA CA 450 0.58 44.99 -62.03
C ALA CA 450 0.21 45.68 -63.33
N ALA CA 451 -0.17 46.96 -63.25
CA ALA CA 451 -0.52 47.71 -64.45
C ALA CA 451 0.68 47.84 -65.37
N LEU CA 452 1.85 48.13 -64.81
CA LEU CA 452 3.06 48.26 -65.63
C LEU CA 452 3.44 46.94 -66.28
N GLN CA 453 3.28 45.83 -65.56
CA GLN CA 453 3.58 44.53 -66.16
C GLN CA 453 2.62 44.20 -67.29
N VAL CA 454 1.33 44.48 -67.10
CA VAL CA 454 0.35 44.24 -68.16
C VAL CA 454 0.67 45.11 -69.37
N ALA CA 455 1.01 46.39 -69.14
CA ALA CA 455 1.36 47.28 -70.23
C ALA CA 455 2.61 46.80 -70.95
N ARG CA 456 3.59 46.28 -70.21
CA ARG CA 456 4.80 45.75 -70.83
C ARG CA 456 4.49 44.56 -71.72
N THR CA 457 3.63 43.66 -71.25
CA THR CA 457 3.26 42.50 -72.07
C THR CA 457 2.54 42.95 -73.33
N ARG CA 458 1.60 43.90 -73.19
CA ARG CA 458 0.87 44.38 -74.35
C ARG CA 458 1.76 45.14 -75.31
N LEU CA 459 2.80 45.81 -74.80
CA LEU CA 459 3.75 46.50 -75.67
C LEU CA 459 4.64 45.51 -76.40
N GLN CA 460 5.03 44.43 -75.72
CA GLN CA 460 5.79 43.38 -76.40
C GLN CA 460 4.97 42.70 -77.49
N ARG CA 461 3.65 42.59 -77.28
CA ARG CA 461 2.81 41.94 -78.29
C ARG CA 461 2.45 42.88 -79.43
N GLU CA 462 1.74 43.96 -79.13
CA GLU CA 462 1.18 44.88 -80.13
C GLU CA 462 1.50 46.33 -79.77
N GLY CA 463 2.77 46.61 -79.53
CA GLY CA 463 3.23 47.87 -78.95
C GLY CA 463 2.59 49.16 -79.43
N VAL CA 464 2.81 49.53 -80.69
CA VAL CA 464 2.34 50.83 -81.17
C VAL CA 464 0.82 50.92 -81.06
N THR CA 465 0.13 49.86 -81.48
CA THR CA 465 -1.33 49.86 -81.40
C THR CA 465 -1.81 49.93 -79.96
N PHE CA 466 -1.14 49.21 -79.05
CA PHE CA 466 -1.55 49.23 -77.65
C PHE CA 466 -1.35 50.62 -77.03
N LEU CA 467 -0.21 51.26 -77.31
CA LEU CA 467 0.02 52.59 -76.76
C LEU CA 467 -0.96 53.60 -77.34
N MET CA 468 -1.27 53.51 -78.62
CA MET CA 468 -2.24 54.44 -79.20
C MET CA 468 -3.67 54.13 -78.81
N ASN CA 469 -3.94 52.91 -78.30
CA ASN CA 469 -5.28 52.49 -77.93
C ASN CA 469 -5.35 51.98 -76.50
N ALA CA 470 -4.55 52.55 -75.60
CA ALA CA 470 -4.55 52.12 -74.21
C ALA CA 470 -5.82 52.57 -73.50
N ASP CA 471 -6.19 51.83 -72.46
CA ASP CA 471 -7.35 52.17 -71.65
C ASP CA 471 -6.98 53.30 -70.69
N ALA CA 472 -7.98 53.84 -69.99
CA ALA CA 472 -7.75 55.02 -69.16
C ALA CA 472 -6.79 54.73 -68.02
N ARG CA 473 -6.78 53.50 -67.51
CA ARG CA 473 -5.87 53.15 -66.42
C ARG CA 473 -4.41 53.26 -66.87
N THR CA 474 -4.12 52.78 -68.09
CA THR CA 474 -2.75 52.85 -68.58
C THR CA 474 -2.36 54.28 -68.95
N ARG CA 475 -3.29 55.05 -69.53
CA ARG CA 475 -2.99 56.41 -69.94
C ARG CA 475 -2.52 57.26 -68.76
N GLY CA 476 -3.09 57.02 -67.58
CA GLY CA 476 -2.66 57.73 -66.39
C GLY CA 476 -1.22 57.49 -66.05
N LEU CA 477 -0.76 56.24 -66.19
CA LEU CA 477 0.63 55.93 -65.93
C LEU CA 477 1.53 56.41 -67.06
N LEU CA 478 1.00 56.43 -68.29
CA LEU CA 478 1.77 56.95 -69.41
C LEU CA 478 2.07 58.44 -69.21
N GLU CA 479 1.09 59.19 -68.71
CA GLU CA 479 1.32 60.60 -68.40
C GLU CA 479 2.37 60.75 -67.31
N SER CA 480 2.31 59.91 -66.29
CA SER CA 480 3.27 59.94 -65.19
C SER CA 480 4.66 59.50 -65.66
N LEU CA 496 5.02 53.62 -90.96
CA LEU CA 496 4.70 54.09 -92.29
C LEU CA 496 5.75 53.63 -93.30
N THR CA 497 6.73 54.49 -93.56
CA THR CA 497 7.87 54.14 -94.40
C THR CA 497 8.78 53.20 -93.61
N PRO CA 498 9.67 52.45 -94.26
CA PRO CA 498 10.50 51.48 -93.51
C PRO CA 498 11.31 52.08 -92.38
N GLU CA 499 11.77 53.33 -92.53
CA GLU CA 499 12.56 53.95 -91.47
C GLU CA 499 11.67 54.39 -90.30
N GLN CA 500 10.45 54.84 -90.59
CA GLN CA 500 9.55 55.27 -89.52
C GLN CA 500 9.16 54.10 -88.62
N GLN CA 501 8.97 52.91 -89.21
CA GLN CA 501 8.66 51.73 -88.41
C GLN CA 501 9.79 51.42 -87.42
N ALA CA 502 11.04 51.50 -87.90
CA ALA CA 502 12.18 51.27 -87.02
C ALA CA 502 12.27 52.34 -85.94
N GLU CA 503 12.01 53.59 -86.30
CA GLU CA 503 12.06 54.67 -85.31
C GLU CA 503 11.02 54.45 -84.22
N TYR CA 504 9.79 54.09 -84.60
CA TYR CA 504 8.75 53.84 -83.62
C TYR CA 504 9.04 52.59 -82.80
N ALA CA 505 9.68 51.58 -83.40
CA ALA CA 505 10.09 50.41 -82.63
C ALA CA 505 11.11 50.78 -81.57
N ARG CA 506 12.07 51.65 -81.93
CA ARG CA 506 13.05 52.11 -80.95
C ARG CA 506 12.37 52.93 -79.84
N GLN CA 507 11.39 53.75 -80.21
CA GLN CA 507 10.64 54.49 -79.21
C GLN CA 507 9.92 53.55 -78.24
N THR CA 508 9.29 52.50 -78.78
CA THR CA 508 8.61 51.53 -77.92
C THR CA 508 9.60 50.79 -77.03
N ASN CA 509 10.80 50.50 -77.55
CA ASN CA 509 11.83 49.88 -76.72
C ASN CA 509 12.25 50.80 -75.59
N GLN CA 510 12.38 52.10 -75.87
CA GLN CA 510 12.71 53.05 -74.82
C GLN CA 510 11.61 53.11 -73.76
N VAL CA 511 10.35 53.07 -74.21
CA VAL CA 511 9.20 53.06 -73.30
C VAL CA 511 9.27 51.80 -72.43
N GLN CA 512 9.64 50.68 -73.04
CA GLN CA 512 9.77 49.43 -72.28
C GLN CA 512 10.88 49.53 -71.24
N GLN CA 513 11.99 50.17 -71.58
CA GLN CA 513 13.06 50.37 -70.61
C GLN CA 513 12.59 51.24 -69.45
N ALA CA 514 11.84 52.30 -69.75
CA ALA CA 514 11.28 53.13 -68.69
C ALA CA 514 10.32 52.33 -67.81
N ILE CA 515 9.53 51.46 -68.42
CA ILE CA 515 8.62 50.59 -67.66
C ILE CA 515 9.41 49.67 -66.74
N GLU CA 516 10.51 49.09 -67.25
CA GLU CA 516 11.38 48.28 -66.41
C GLU CA 516 11.90 49.08 -65.21
N GLN CA 517 12.38 50.29 -65.45
CA GLN CA 517 12.93 51.09 -64.36
C GLN CA 517 11.87 51.42 -63.33
N GLN CA 518 10.68 51.80 -63.78
CA GLN CA 518 9.60 52.13 -62.85
C GLN CA 518 9.15 50.90 -62.06
N ILE CA 519 9.11 49.73 -62.71
CA ILE CA 519 8.75 48.51 -62.02
C ILE CA 519 9.79 48.19 -60.94
N ILE CA 520 11.07 48.35 -61.26
CA ILE CA 520 12.11 48.09 -60.28
C ILE CA 520 11.97 49.02 -59.09
N ILE CA 521 11.74 50.32 -59.36
CA ILE CA 521 11.61 51.29 -58.28
C ILE CA 521 10.41 50.95 -57.39
N ASN CA 522 9.27 50.64 -58.01
CA ASN CA 522 8.07 50.32 -57.25
C ASN CA 522 8.26 49.06 -56.42
N ASP CA 523 8.90 48.03 -56.99
CA ASP CA 523 9.12 46.80 -56.25
C ASP CA 523 10.05 47.03 -55.07
N GLN CA 524 11.11 47.82 -55.26
CA GLN CA 524 12.01 48.12 -54.15
C GLN CA 524 11.28 48.89 -53.04
N ARG CA 525 10.45 49.86 -53.41
CA ARG CA 525 9.73 50.63 -52.40
C ARG CA 525 8.71 49.76 -51.67
N VAL CA 526 8.04 48.86 -52.39
CA VAL CA 526 7.11 47.94 -51.75
C VAL CA 526 7.84 47.03 -50.77
N GLN CA 527 9.00 46.51 -51.17
CA GLN CA 527 9.77 45.67 -50.26
C GLN CA 527 10.21 46.43 -49.02
N ASN CA 528 10.63 47.68 -49.19
CA ASN CA 528 11.03 48.49 -48.05
C ASN CA 528 9.85 48.72 -47.10
N ASN CA 529 8.69 49.05 -47.65
CA ASN CA 529 7.51 49.26 -46.82
C ASN CA 529 7.12 47.98 -46.08
N ALA CA 530 7.15 46.84 -46.78
CA ALA CA 530 6.79 45.58 -46.16
C ALA CA 530 7.75 45.22 -45.03
N ALA CA 531 9.05 45.42 -45.24
CA ALA CA 531 10.02 45.13 -44.19
C ALA CA 531 9.83 46.04 -43.00
N GLU CA 532 9.61 47.34 -43.24
CA GLU CA 532 9.41 48.27 -42.14
C GLU CA 532 8.16 47.93 -41.34
N LEU CA 533 7.08 47.56 -42.02
CA LEU CA 533 5.86 47.18 -41.32
C LEU CA 533 6.02 45.88 -40.55
N ALA CA 534 6.70 44.89 -41.15
CA ALA CA 534 6.86 43.60 -40.50
C ALA CA 534 7.86 43.63 -39.37
N LYS CA 535 8.71 44.66 -39.30
CA LYS CA 535 9.59 44.80 -38.15
C LYS CA 535 8.82 44.90 -36.84
N TYR CA 536 7.65 45.55 -36.87
CA TYR CA 536 6.82 45.70 -35.69
C TYR CA 536 5.65 44.72 -35.64
N GLY CA 537 5.52 43.85 -36.62
CA GLY CA 537 4.44 42.88 -36.64
C GLY CA 537 3.13 43.40 -37.19
N LEU CA 538 3.14 44.53 -37.89
CA LEU CA 538 1.93 45.15 -38.41
C LEU CA 538 1.71 44.82 -39.90
N SER CA 539 2.44 43.85 -40.43
CA SER CA 539 2.29 43.45 -41.83
C SER CA 539 1.16 42.45 -42.04
N GLU CA 540 0.51 42.01 -40.96
CA GLU CA 540 -0.59 41.06 -41.08
C GLU CA 540 -1.80 41.73 -41.72
N PRO CA 541 -2.71 40.94 -42.30
CA PRO CA 541 -3.95 41.52 -42.85
C PRO CA 541 -4.74 42.26 -41.78
N GLU CA 542 -5.64 43.13 -42.25
CA GLU CA 542 -6.38 44.01 -41.34
C GLU CA 542 -7.25 43.21 -40.38
N ASP CA 543 -7.90 42.15 -40.86
CA ASP CA 543 -8.78 41.37 -40.00
C ASP CA 543 -8.01 40.72 -38.85
N VAL CA 544 -6.86 40.12 -39.14
CA VAL CA 544 -6.07 39.48 -38.10
C VAL CA 544 -5.57 40.50 -37.09
N LEU CA 545 -5.14 41.66 -37.58
CA LEU CA 545 -4.71 42.73 -36.68
C LEU CA 545 -5.84 43.17 -35.77
N ARG CA 546 -7.06 43.28 -36.32
CA ARG CA 546 -8.21 43.65 -35.51
C ARG CA 546 -8.53 42.59 -34.46
N LYS CA 547 -8.43 41.30 -34.82
CA LYS CA 547 -8.81 40.25 -33.90
C LYS CA 547 -7.76 40.03 -32.80
N ASN CA 548 -6.48 40.19 -33.13
CA ASN CA 548 -5.40 39.85 -32.22
C ASN CA 548 -4.83 41.05 -31.47
N ALA CA 549 -5.46 42.22 -31.57
CA ALA CA 549 -4.91 43.41 -30.92
C ALA CA 549 -4.94 43.28 -29.41
N ALA CA 550 -6.12 43.08 -28.84
CA ALA CA 550 -6.25 42.99 -27.39
C ALA CA 550 -5.47 41.81 -26.83
N THR CA 551 -5.53 40.66 -27.50
CA THR CA 551 -4.81 39.48 -27.03
C THR CA 551 -3.31 39.72 -27.03
N ARG CA 552 -2.78 40.31 -28.10
CA ARG CA 552 -1.35 40.60 -28.16
C ARG CA 552 -0.94 41.58 -27.07
N ARG CA 553 -1.73 42.63 -26.86
CA ARG CA 553 -1.40 43.60 -25.83
C ARG CA 553 -1.43 42.96 -24.44
N LYS CA 554 -2.42 42.11 -24.18
CA LYS CA 554 -2.51 41.44 -22.88
C LYS CA 554 -1.34 40.50 -22.67
N LEU CA 555 -0.93 39.77 -23.71
CA LEU CA 555 0.21 38.88 -23.60
C LEU CA 555 1.49 39.67 -23.34
N VAL CA 556 1.67 40.80 -24.02
CA VAL CA 556 2.84 41.64 -23.78
C VAL CA 556 2.83 42.16 -22.35
N ASN CA 557 1.66 42.57 -21.85
CA ASN CA 557 1.56 43.04 -20.48
C ASN CA 557 1.92 41.95 -19.48
N ASP CA 558 1.44 40.72 -19.73
CA ASP CA 558 1.77 39.61 -18.82
C ASP CA 558 3.26 39.31 -18.84
N THR CA 559 3.87 39.31 -20.02
CA THR CA 559 5.31 39.09 -20.11
C THR CA 559 6.08 40.17 -19.37
N MET CA 560 5.66 41.43 -19.54
CA MET CA 560 6.33 42.52 -18.84
C MET CA 560 6.15 42.41 -17.34
N TYR CA 561 4.99 41.95 -16.88
CA TYR CA 561 4.76 41.77 -15.46
C TYR CA 561 5.69 40.69 -14.89
N GLN CA 562 5.82 39.56 -15.59
CA GLN CA 562 6.71 38.50 -15.12
C GLN CA 562 8.16 38.98 -15.10
N LEU CA 563 8.58 39.68 -16.16
CA LEU CA 563 9.93 40.21 -16.20
C LEU CA 563 10.16 41.23 -15.09
N GLY CA 564 9.15 42.03 -14.77
CA GLY CA 564 9.27 42.99 -13.69
C GLY CA 564 9.40 42.31 -12.33
N THR CA 565 8.66 41.22 -12.12
CA THR CA 565 8.82 40.47 -10.88
C THR CA 565 10.23 39.89 -10.77
N GLN CA 566 10.75 39.34 -11.87
CA GLN CA 566 12.11 38.81 -11.85
C GLN CA 566 13.13 39.92 -11.57
N ALA CA 567 12.95 41.08 -12.19
CA ALA CA 567 13.84 42.21 -11.95
C ALA CA 567 13.74 42.71 -10.52
N GLU CA 568 12.54 42.69 -9.94
CA GLU CA 568 12.39 43.07 -8.54
C GLU CA 568 13.14 42.11 -7.63
N GLN CA 569 13.06 40.81 -7.91
CA GLN CA 569 13.83 39.84 -7.12
C GLN CA 569 15.33 40.10 -7.25
N VAL CA 570 15.80 40.36 -8.46
CA VAL CA 570 17.22 40.64 -8.68
C VAL CA 570 17.64 41.89 -7.91
N ARG CA 571 16.79 42.94 -7.94
CA ARG CA 571 17.08 44.16 -7.20
C ARG CA 571 17.14 43.90 -5.71
N ARG CA 572 16.24 43.06 -5.20
CA ARG CA 572 16.31 42.67 -3.79
C ARG CA 572 17.63 42.01 -3.47
N THR CA 573 18.10 41.12 -4.35
CA THR CA 573 19.40 40.49 -4.14
C THR CA 573 20.57 41.35 -4.61
N GLN CA 574 20.32 42.42 -5.38
CA GLN CA 574 21.39 43.26 -5.91
C GLN CA 574 22.06 43.99 -4.76
N THR CA 575 23.28 43.58 -4.43
CA THR CA 575 24.06 44.22 -3.37
C THR CA 575 25.06 45.19 -3.99
N SER CA 576 24.66 46.45 -4.11
CA SER CA 576 25.51 47.50 -4.67
C SER CA 576 25.89 48.53 -3.64
N GLY CA 577 24.91 49.15 -2.97
CA GLY CA 577 25.22 50.16 -1.97
C GLY CA 577 25.94 51.35 -2.55
N TYR CA 578 26.95 51.81 -1.84
CA TYR CA 578 27.73 52.98 -2.22
C TYR CA 578 29.01 52.98 -1.38
N GLY CA 579 29.77 54.06 -1.46
CA GLY CA 579 30.95 54.20 -0.63
C GLY CA 579 30.55 54.55 0.78
N GLN CA 580 30.61 53.57 1.69
CA GLN CA 580 30.04 53.69 3.03
C GLN CA 580 31.14 54.09 4.01
N LEU CA 581 30.97 55.26 4.61
CA LEU CA 581 31.88 55.70 5.66
C LEU CA 581 31.69 54.86 6.92
N GLY CA 582 32.77 54.72 7.68
CA GLY CA 582 32.68 53.99 8.94
C GLY CA 582 32.71 52.49 8.75
N ILE CA 583 32.08 51.78 9.70
CA ILE CA 583 32.13 50.33 9.71
C ILE CA 583 31.39 49.77 8.51
N THR CA 584 32.04 48.85 7.79
CA THR CA 584 31.46 48.18 6.64
C THR CA 584 31.52 46.66 6.81
N SER CA 585 31.25 46.19 8.01
CA SER CA 585 31.25 44.75 8.27
C SER CA 585 30.06 44.11 7.56
N PRO CA 586 30.16 42.79 7.26
CA PRO CA 586 29.08 42.09 6.55
C PRO CA 586 27.87 41.80 7.43
N THR CA 587 27.44 42.80 8.20
CA THR CA 587 26.20 42.74 8.95
C THR CA 587 25.41 44.02 8.65
N THR CA 588 26.12 45.07 8.25
CA THR CA 588 25.50 46.33 7.87
C THR CA 588 25.06 46.35 6.41
N ALA CA 589 25.43 45.34 5.62
CA ALA CA 589 25.06 45.32 4.21
C ALA CA 589 23.55 45.23 4.04
N LEU CA 590 22.89 44.42 4.86
CA LEU CA 590 21.44 44.29 4.77
C LEU CA 590 20.74 45.50 5.37
N ASP CA 605 6.85 68.10 1.27
CA ASP CA 605 5.64 68.75 1.74
C ASP CA 605 5.56 70.20 1.24
N GLY CA 606 6.65 70.67 0.64
CA GLY CA 606 6.71 72.01 0.09
C GLY CA 606 7.83 72.88 0.64
N TYR CA 607 8.53 72.44 1.68
CA TYR CA 607 9.61 73.21 2.27
C TYR CA 607 10.96 72.65 1.84
N ARG CA 608 11.97 73.52 1.85
CA ARG CA 608 13.31 73.13 1.43
C ARG CA 608 13.90 72.13 2.41
N ARG CA 609 14.52 71.08 1.88
CA ARG CA 609 15.14 70.04 2.69
C ARG CA 609 16.64 70.26 2.75
N LEU CA 610 17.16 70.45 3.95
CA LEU CA 610 18.58 70.68 4.15
C LEU CA 610 19.30 69.34 4.34
N ARG CA 611 20.55 69.30 3.90
CA ARG CA 611 21.35 68.10 4.03
C ARG CA 611 21.64 67.82 5.50
N PRO CA 612 21.68 66.55 5.92
CA PRO CA 612 21.99 66.25 7.31
C PRO CA 612 23.40 66.68 7.64
N PRO CA 613 23.65 67.09 8.90
CA PRO CA 613 25.00 67.51 9.28
C PRO CA 613 25.96 66.33 9.36
N VAL CA 614 26.41 65.85 8.21
CA VAL CA 614 27.27 64.68 8.12
C VAL CA 614 28.62 65.10 7.53
N VAL CA 615 29.69 64.61 8.12
CA VAL CA 615 31.04 64.86 7.64
C VAL CA 615 31.46 63.72 6.73
N ALA CA 616 32.42 64.00 5.85
CA ALA CA 616 32.88 63.02 4.86
C ALA CA 616 34.14 62.28 5.29
N ASN CA 617 34.76 62.66 6.40
CA ASN CA 617 35.99 62.02 6.86
C ASN CA 617 35.90 61.79 8.36
N LEU CA 618 36.65 60.78 8.82
CA LEU CA 618 36.67 60.40 10.22
C LEU CA 618 38.10 60.30 10.72
N ALA CA 619 38.27 60.55 12.02
CA ALA CA 619 39.59 60.52 12.62
C ALA CA 619 40.05 59.09 12.86
N THR CA 620 41.32 58.82 12.58
CA THR CA 620 41.93 57.52 12.82
C THR CA 620 43.26 57.71 13.53
N VAL CA 621 43.59 56.76 14.41
CA VAL CA 621 44.83 56.80 15.17
C VAL CA 621 45.56 55.48 14.97
N LYS CA 622 46.81 55.56 14.52
CA LYS CA 622 47.68 54.40 14.39
C LYS CA 622 48.83 54.57 15.37
N PHE CA 623 49.02 53.58 16.24
CA PHE CA 623 50.01 53.63 17.29
C PHE CA 623 51.12 52.62 16.97
N THR CA 624 52.26 53.15 16.50
CA THR CA 624 53.42 52.30 16.26
C THR CA 624 54.30 52.19 17.49
N GLY CA 625 53.98 52.93 18.55
CA GLY CA 625 54.79 52.90 19.75
C GLY CA 625 54.55 51.65 20.57
N SER CA 626 55.29 51.55 21.68
CA SER CA 626 55.23 50.41 22.58
C SER CA 626 54.23 50.61 23.71
N SER CA 627 53.45 51.68 23.68
CA SER CA 627 52.42 51.93 24.69
C SER CA 627 51.30 50.93 24.47
N ARG CA 628 51.33 49.82 25.20
CA ARG CA 628 50.47 48.68 24.95
C ARG CA 628 49.51 48.47 26.12
N ASN CA 629 48.25 48.16 25.79
CA ASN CA 629 47.25 47.84 26.80
C ASN CA 629 46.39 46.64 26.40
N GLY CA 630 46.77 45.91 25.36
CA GLY CA 630 46.05 44.73 24.91
C GLY CA 630 45.65 44.76 23.44
N ILE CA 631 45.63 45.92 22.82
CA ILE CA 631 45.26 46.03 21.41
C ILE CA 631 46.45 45.63 20.55
N VAL CA 632 46.18 44.99 19.42
CA VAL CA 632 47.27 44.44 18.60
C VAL CA 632 48.15 45.57 18.09
N PRO CA 633 49.47 45.40 18.04
CA PRO CA 633 50.36 46.48 17.58
C PRO CA 633 50.06 46.88 16.14
N GLY CA 634 50.25 48.17 15.86
CA GLY CA 634 50.16 48.66 14.49
C GLY CA 634 48.78 48.64 13.88
N SER CA 635 47.74 48.59 14.70
CA SER CA 635 46.38 48.60 14.21
C SER CA 635 45.84 50.03 14.15
N LYS CA 636 44.88 50.23 13.26
CA LYS CA 636 44.25 51.53 13.07
C LYS CA 636 42.85 51.50 13.69
N VAL CA 637 42.57 52.47 14.56
CA VAL CA 637 41.29 52.56 15.23
C VAL CA 637 40.59 53.84 14.79
N MET CA 638 39.27 53.76 14.59
CA MET CA 638 38.49 54.87 14.10
C MET CA 638 37.82 55.57 15.30
N LEU CA 639 38.28 56.78 15.60
CA LEU CA 639 37.70 57.55 16.69
C LEU CA 639 36.41 58.23 16.26
N PRO CA 640 35.54 58.56 17.21
CA PRO CA 640 34.27 59.21 16.85
C PRO CA 640 34.39 60.71 16.63
N PHE CA 641 35.60 61.20 16.41
CA PHE CA 641 35.82 62.62 16.14
C PHE CA 641 36.08 62.85 14.66
N MET CA 642 36.00 64.12 14.26
CA MET CA 642 36.26 64.49 12.88
C MET CA 642 37.73 64.27 12.53
N ALA CA 643 38.00 64.04 11.24
CA ALA CA 643 39.37 63.79 10.81
C ALA CA 643 40.25 65.01 11.06
N ALA CA 644 39.68 66.22 10.98
CA ALA CA 644 40.45 67.41 11.29
C ALA CA 644 40.85 67.49 12.76
N ASP CA 645 40.17 66.74 13.63
CA ASP CA 645 40.45 66.72 15.05
C ASP CA 645 41.29 65.51 15.46
N ALA CA 646 41.83 64.77 14.50
CA ALA CA 646 42.59 63.56 14.83
C ALA CA 646 43.85 63.89 15.63
N GLY CA 647 44.56 64.94 15.25
CA GLY CA 647 45.79 65.29 15.93
C GLY CA 647 45.63 66.01 17.24
N ARG CA 648 44.44 66.53 17.52
CA ARG CA 648 44.19 67.30 18.73
C ARG CA 648 43.60 66.47 19.86
N VAL CA 649 43.40 65.18 19.66
CA VAL CA 649 42.82 64.31 20.68
C VAL CA 649 43.87 63.32 21.16
N ARG CA 650 43.71 62.87 22.40
CA ARG CA 650 44.64 61.94 23.02
C ARG CA 650 43.88 60.75 23.59
N VAL CA 651 44.50 59.57 23.51
CA VAL CA 651 43.88 58.33 23.94
C VAL CA 651 44.05 58.11 25.45
N ASN CA 652 44.82 58.96 26.11
CA ASN CA 652 45.10 58.85 27.55
C ASN CA 652 45.82 57.54 27.86
N SER CA 653 47.00 57.39 27.25
CA SER CA 653 47.86 56.23 27.44
C SER CA 653 47.15 54.92 27.10
N THR CA 664 40.09 54.05 35.76
CA THR CA 664 39.88 52.64 35.45
C THR CA 664 38.39 52.28 35.52
N HIS CA 665 37.78 52.14 34.35
CA HIS CA 665 36.36 51.80 34.26
C HIS CA 665 36.12 51.11 32.93
N ALA CA 666 34.85 50.91 32.59
CA ALA CA 666 34.47 50.09 31.45
C ALA CA 666 34.47 50.85 30.13
N GLY CA 667 34.69 52.15 30.15
CA GLY CA 667 34.68 52.96 28.94
C GLY CA 667 36.01 53.65 28.73
N GLU CA 668 36.38 53.83 27.46
CA GLU CA 668 37.60 54.55 27.14
C GLU CA 668 37.35 56.06 27.16
N ASP CA 669 38.26 56.78 27.78
CA ASP CA 669 38.19 58.24 27.87
C ASP CA 669 39.20 58.84 26.91
N ILE CA 670 38.71 59.68 26.00
CA ILE CA 670 39.55 60.34 25.00
C ILE CA 670 39.55 61.83 25.29
N ALA CA 671 40.72 62.37 25.64
CA ALA CA 671 40.82 63.78 25.95
C ALA CA 671 40.82 64.61 24.68
N ALA CA 672 39.93 65.59 24.61
CA ALA CA 672 39.81 66.47 23.46
C ALA CA 672 39.63 67.90 23.96
N PRO CA 673 40.04 68.90 23.17
CA PRO CA 673 39.80 70.28 23.56
C PRO CA 673 38.32 70.61 23.57
N GLY CA 674 37.95 71.56 24.43
CA GLY CA 674 36.57 71.96 24.57
C GLY CA 674 35.98 72.51 23.29
N GLY CA 675 34.79 72.02 22.92
CA GLY CA 675 34.10 72.46 21.74
C GLY CA 675 34.16 71.53 20.56
N THR CA 676 34.98 70.47 20.61
CA THR CA 676 35.05 69.53 19.52
C THR CA 676 33.73 68.76 19.40
N LYS CA 677 33.41 68.35 18.17
CA LYS CA 677 32.15 67.71 17.85
C LYS CA 677 32.34 66.20 17.84
N VAL CA 678 31.45 65.50 18.55
CA VAL CA 678 31.44 64.03 18.51
C VAL CA 678 30.63 63.58 17.30
N VAL CA 679 31.23 62.70 16.50
CA VAL CA 679 30.66 62.29 15.23
C VAL CA 679 30.42 60.78 15.26
N SER CA 680 29.21 60.35 14.89
CA SER CA 680 28.90 58.93 14.88
C SER CA 680 29.68 58.24 13.78
N TYR CA 681 30.45 57.21 14.16
CA TYR CA 681 31.25 56.46 13.20
C TYR CA 681 30.46 55.38 12.49
N VAL CA 682 29.26 55.04 12.97
CA VAL CA 682 28.45 53.98 12.37
C VAL CA 682 27.05 54.52 12.14
N SER CA 683 26.37 53.94 11.16
CA SER CA 683 24.99 54.31 10.84
C SER CA 683 24.03 53.46 11.65
N GLY CA 684 23.09 54.10 12.33
CA GLY CA 684 22.15 53.38 13.14
C GLY CA 684 21.04 54.27 13.62
N GLN CA 685 20.27 53.75 14.58
CA GLN CA 685 19.13 54.45 15.16
C GLN CA 685 19.47 54.92 16.56
N VAL CA 686 19.21 56.19 16.84
CA VAL CA 686 19.43 56.75 18.16
C VAL CA 686 18.32 56.26 19.09
N ILE CA 687 18.70 55.56 20.15
CA ILE CA 687 17.71 54.96 21.04
C ILE CA 687 17.21 55.97 22.07
N LYS CA 688 18.14 56.68 22.71
CA LYS CA 688 17.77 57.54 23.82
C LYS CA 688 18.78 58.67 23.97
N VAL CA 689 18.29 59.85 24.34
CA VAL CA 689 19.11 61.01 24.64
C VAL CA 689 18.62 61.61 25.95
N THR CA 690 19.29 61.28 27.05
CA THR CA 690 18.90 61.79 28.36
C THR CA 690 20.11 62.35 29.12
N ARG CA 691 19.90 62.72 30.38
CA ARG CA 691 20.94 63.32 31.20
C ARG CA 691 20.89 62.71 32.59
N GLN CA 692 22.04 62.31 33.11
CA GLN CA 692 22.19 61.83 34.48
C GLN CA 692 23.16 62.74 35.21
N LYS CA 693 22.65 63.54 36.12
CA LYS CA 693 23.48 64.48 36.87
C LYS CA 693 24.13 63.76 38.05
N GLY CA 694 25.42 63.99 38.25
CA GLY CA 694 26.13 63.35 39.35
C GLY CA 694 27.45 62.72 38.96
N ILE CA 695 27.55 61.41 39.10
CA ILE CA 695 28.84 60.71 38.96
C ILE CA 695 29.08 60.29 37.52
N GLY CA 696 28.22 59.44 36.98
CA GLY CA 696 28.44 58.81 35.69
C GLY CA 696 27.38 59.19 34.67
N TYR CA 697 27.79 59.18 33.39
CA TYR CA 697 26.91 59.43 32.26
C TYR CA 697 26.20 60.79 32.38
N GLY CA 698 27.01 61.85 32.37
CA GLY CA 698 26.47 63.19 32.45
C GLY CA 698 25.44 63.46 31.38
N ARG CA 699 25.88 63.52 30.13
CA ARG CA 699 25.00 63.58 28.97
C ARG CA 699 25.41 62.47 28.02
N TYR CA 700 24.57 61.44 27.92
CA TYR CA 700 24.90 60.26 27.14
C TYR CA 700 23.87 60.04 26.04
N ILE CA 701 24.35 59.61 24.89
CA ILE CA 701 23.51 59.29 23.74
C ILE CA 701 23.84 57.88 23.28
N THR CA 702 22.81 57.05 23.12
CA THR CA 702 22.98 55.66 22.72
C THR CA 702 22.49 55.48 21.30
N ILE CA 703 23.32 54.85 20.47
CA ILE CA 703 23.01 54.60 19.06
C ILE CA 703 23.04 53.11 18.82
N LYS CA 704 21.96 52.57 18.26
CA LYS CA 704 21.89 51.16 17.89
C LYS CA 704 22.51 51.01 16.51
N GLY CA 705 23.80 50.71 16.45
CA GLY CA 705 24.49 50.63 15.19
C GLY CA 705 24.00 49.47 14.34
N ASP CA 706 24.15 49.62 13.03
CA ASP CA 706 23.75 48.58 12.09
C ASP CA 706 24.59 47.32 12.22
N ASP CA 707 25.74 47.40 12.88
CA ASP CA 707 26.59 46.23 13.09
C ASP CA 707 26.14 45.36 14.25
N GLY CA 708 25.12 45.77 15.00
CA GLY CA 708 24.60 44.99 16.09
C GLY CA 708 25.19 45.29 17.45
N MET CA 709 26.05 46.30 17.56
CA MET CA 709 26.65 46.69 18.83
C MET CA 709 26.10 48.06 19.24
N TYR CA 710 25.81 48.22 20.52
CA TYR CA 710 25.29 49.47 21.04
C TYR CA 710 26.44 50.39 21.44
N HIS CA 711 26.44 51.60 20.92
CA HIS CA 711 27.51 52.57 21.15
C HIS CA 711 26.95 53.70 22.02
N ARG CA 712 27.67 54.02 23.10
CA ARG CA 712 27.26 55.06 24.03
C ARG CA 712 28.34 56.11 24.12
N PHE CA 713 27.96 57.37 23.93
CA PHE CA 713 28.85 58.52 24.08
C PHE CA 713 28.35 59.37 25.23
N ALA CA 714 29.10 59.40 26.32
CA ALA CA 714 28.71 60.09 27.54
C ALA CA 714 29.61 61.28 27.79
N HIS CA 715 29.28 62.02 28.86
CA HIS CA 715 30.02 63.23 29.24
C HIS CA 715 30.03 64.26 28.11
N LEU CA 716 28.85 64.56 27.60
CA LEU CA 716 28.68 65.53 26.51
C LEU CA 716 28.24 66.89 27.07
N SER CA 717 28.36 67.90 26.23
CA SER CA 717 27.90 69.24 26.57
C SER CA 717 26.51 69.52 26.01
N ALA CA 718 26.26 69.16 24.77
CA ALA CA 718 24.97 69.35 24.13
C ALA CA 718 24.70 68.21 23.17
N HIS CA 719 23.42 67.98 22.90
CA HIS CA 719 22.99 66.97 21.95
C HIS CA 719 22.57 67.62 20.64
N ASN CA 720 22.92 66.96 19.53
CA ASN CA 720 22.51 67.42 18.21
C ASN CA 720 21.55 66.45 17.53
N VAL CA 721 21.22 65.33 18.17
CA VAL CA 721 20.31 64.34 17.60
C VAL CA 721 19.05 64.27 18.46
N LYS CA 722 18.10 63.46 18.01
CA LYS CA 722 16.83 63.29 18.68
C LYS CA 722 16.55 61.81 18.89
N GLN CA 723 15.76 61.51 19.92
CA GLN CA 723 15.38 60.13 20.19
C GLN CA 723 14.61 59.54 19.02
N GLY CA 724 15.00 58.33 18.61
CA GLY CA 724 14.33 57.68 17.50
C GLY CA 724 14.73 58.20 16.13
N GLN CA 725 15.86 58.87 16.03
CA GLN CA 725 16.32 59.42 14.76
C GLN CA 725 17.34 58.49 14.12
N ARG CA 726 17.21 58.29 12.82
CA ARG CA 726 18.14 57.47 12.05
C ARG CA 726 19.31 58.34 11.61
N VAL CA 727 20.50 58.02 12.11
CA VAL CA 727 21.71 58.78 11.82
C VAL CA 727 22.61 57.93 10.94
N GLU CA 728 23.14 58.54 9.88
CA GLU CA 728 24.10 57.87 9.02
C GLU CA 728 25.50 57.99 9.61
N ALA CA 729 26.43 57.24 9.03
CA ALA CA 729 27.83 57.34 9.46
C ALA CA 729 28.37 58.71 9.14
N GLY CA 730 29.13 59.27 10.07
CA GLY CA 730 29.63 60.62 9.93
C GLY CA 730 28.70 61.71 10.45
N HIS CA 731 27.54 61.33 10.98
CA HIS CA 731 26.61 62.33 11.51
C HIS CA 731 27.17 62.97 12.76
N VAL CA 732 26.90 64.25 12.93
CA VAL CA 732 27.34 64.98 14.12
C VAL CA 732 26.39 64.67 15.27
N ILE CA 733 26.94 64.19 16.37
CA ILE CA 733 26.15 63.77 17.52
C ILE CA 733 26.07 64.87 18.58
N GLY CA 734 27.21 65.44 18.97
CA GLY CA 734 27.20 66.46 19.99
C GLY CA 734 28.61 66.92 20.31
N LEU CA 735 28.71 67.73 21.36
CA LEU CA 735 29.97 68.30 21.80
C LEU CA 735 30.49 67.57 23.04
N VAL CA 736 31.79 67.69 23.26
CA VAL CA 736 32.42 67.06 24.42
C VAL CA 736 32.17 67.90 25.66
N GLY CA 737 32.22 67.25 26.83
CA GLY CA 737 31.98 67.91 28.09
C GLY CA 737 33.09 67.66 29.08
N ASP CA 738 32.94 68.28 30.25
CA ASP CA 738 33.90 68.18 31.34
C ASP CA 738 33.20 67.77 32.64
N ASP CA 739 32.20 66.88 32.52
CA ASP CA 739 31.41 66.51 33.69
C ASP CA 739 32.24 65.79 34.74
N GLY CA 740 33.24 65.01 34.32
CA GLY CA 740 34.06 64.28 35.27
C GLY CA 740 35.13 65.15 35.91
N SER CA 741 36.00 65.73 35.10
CA SER CA 741 37.09 66.57 35.58
C SER CA 741 36.95 67.97 34.98
N PRO CA 742 36.44 68.94 35.73
CA PRO CA 742 36.34 70.31 35.20
C PRO CA 742 37.70 70.86 34.82
N GLY CA 743 37.74 71.60 33.72
CA GLY CA 743 38.98 72.15 33.22
C GLY CA 743 39.50 71.41 32.01
N SER CA 744 39.38 70.08 32.04
CA SER CA 744 39.81 69.22 30.94
C SER CA 744 38.60 68.52 30.36
N TYR CA 745 38.44 68.60 29.04
CA TYR CA 745 37.31 68.00 28.35
C TYR CA 745 37.69 66.61 27.82
N HIS CA 746 36.71 65.71 27.83
CA HIS CA 746 36.92 64.35 27.39
C HIS CA 746 35.59 63.78 26.92
N LEU CA 747 35.63 62.58 26.36
CA LEU CA 747 34.44 61.89 25.88
C LEU CA 747 34.45 60.47 26.43
N HIS CA 748 33.37 60.08 27.10
CA HIS CA 748 33.21 58.72 27.58
C HIS CA 748 32.63 57.87 26.46
N TRP CA 749 33.44 56.99 25.89
CA TRP CA 749 33.04 56.16 24.76
C TRP CA 749 32.98 54.71 25.23
N GLU CA 750 31.83 54.08 25.04
CA GLU CA 750 31.57 52.74 25.57
C GLU CA 750 30.71 51.97 24.59
N VAL CA 751 31.06 50.70 24.38
CA VAL CA 751 30.42 49.85 23.38
C VAL CA 751 29.82 48.64 24.09
N ARG CA 752 28.57 48.32 23.75
CA ARG CA 752 27.83 47.23 24.39
C ARG CA 752 27.13 46.38 23.32
N ASP CA 753 26.87 45.13 23.69
CA ASP CA 753 26.01 44.26 22.89
C ASP CA 753 24.56 44.30 23.36
N ASN CA 754 24.25 45.05 24.41
CA ASN CA 754 22.91 45.19 24.94
C ASN CA 754 22.68 46.66 25.30
N ASP CA 755 21.42 46.99 25.55
CA ASP CA 755 21.03 48.36 25.89
C ASP CA 755 20.89 48.57 27.40
N GLY CA 756 21.71 47.88 28.18
CA GLY CA 756 21.67 47.98 29.62
C GLY CA 756 22.46 49.16 30.15
N TYR CA 757 22.72 49.13 31.46
CA TYR CA 757 23.40 50.21 32.16
C TYR CA 757 24.47 49.66 33.10
N GLY CA 758 24.98 48.48 32.81
CA GLY CA 758 25.96 47.86 33.68
C GLY CA 758 27.25 47.49 32.99
N ALA CA 759 28.19 46.93 33.73
CA ALA CA 759 29.46 46.47 33.17
C ALA CA 759 29.36 45.07 32.58
N ASN CA 760 28.19 44.44 32.65
CA ASN CA 760 27.98 43.09 32.12
C ASN CA 760 27.57 43.22 30.65
N GLY CA 761 28.54 43.07 29.76
CA GLY CA 761 28.28 43.17 28.34
C GLY CA 761 29.09 44.27 27.67
N THR CA 762 30.07 44.81 28.38
CA THR CA 762 30.89 45.89 27.86
C THR CA 762 32.10 45.35 27.12
N VAL CA 763 32.42 45.99 26.00
CA VAL CA 763 33.56 45.65 25.16
C VAL CA 763 34.45 46.86 25.02
N ASN CA 764 35.75 46.65 25.09
CA ASN CA 764 36.71 47.75 24.97
C ASN CA 764 36.60 48.38 23.59
N PRO CA 765 36.30 49.68 23.50
CA PRO CA 765 36.11 50.30 22.17
C PRO CA 765 37.34 50.20 21.28
N LEU CA 766 38.54 50.34 21.83
CA LEU CA 766 39.74 50.28 21.01
C LEU CA 766 39.96 48.88 20.43
N LYS CA 767 39.82 47.85 21.28
CA LYS CA 767 39.96 46.48 20.80
C LYS CA 767 38.88 46.14 19.79
N TYR CA 768 37.65 46.61 20.03
CA TYR CA 768 36.56 46.36 19.09
C TYR CA 768 36.83 47.01 17.74
N MET CA 769 37.31 48.25 17.74
CA MET CA 769 37.58 48.94 16.48
C MET CA 769 38.82 48.42 15.78
N GLY CA 770 39.74 47.80 16.51
CA GLY CA 770 40.92 47.23 15.87
C GLY CA 770 40.59 46.10 14.92
N GLY CA 771 39.58 45.30 15.26
CA GLY CA 771 39.24 44.10 14.52
C GLY CA 771 38.04 44.18 13.63
N VAL CA 772 37.53 45.37 13.33
CA VAL CA 772 36.38 45.52 12.44
C VAL CA 772 36.85 46.16 11.13
N ASN CA 773 36.11 45.88 10.07
CA ASN CA 773 36.39 46.45 8.76
C ASN CA 773 35.67 47.78 8.63
N PHE CA 774 36.43 48.85 8.40
CA PHE CA 774 35.86 50.19 8.33
C PHE CA 774 36.51 50.95 7.18
N LYS CA 775 35.78 51.94 6.68
CA LYS CA 775 36.25 52.85 5.64
C LYS CA 775 36.30 54.24 6.25
N GLU CA 776 37.52 54.73 6.51
CA GLU CA 776 37.69 55.96 7.27
C GLU CA 776 37.35 57.21 6.48
N SER CA 777 37.32 57.14 5.16
CA SER CA 777 37.07 58.31 4.33
C SER CA 777 36.03 58.00 3.27
N SER CA 778 35.20 59.00 2.94
CA SER CA 778 34.21 58.87 1.89
C SER CA 778 34.35 59.94 0.82
N ALA CA 779 35.34 60.82 0.93
CA ALA CA 779 35.56 61.88 -0.04
C ALA CA 779 36.18 61.30 -1.31
N PRO CA 780 35.78 61.82 -2.48
CA PRO CA 780 36.37 61.32 -3.73
C PRO CA 780 37.84 61.68 -3.81
N PRO CA 781 38.64 60.88 -4.50
CA PRO CA 781 40.04 61.24 -4.69
C PRO CA 781 40.16 62.49 -5.53
N PRO CA 782 41.25 63.25 -5.36
CA PRO CA 782 41.38 64.50 -6.10
C PRO CA 782 41.52 64.26 -7.60
N GLN CA 783 41.04 65.23 -8.37
CA GLN CA 783 41.07 65.16 -9.83
C GLN CA 783 42.23 65.98 -10.35
N GLY CA 784 43.03 65.39 -11.22
CA GLY CA 784 44.22 66.06 -11.76
C GLY CA 784 44.59 65.52 -13.11
N ASN CA 785 45.89 65.40 -13.34
CA ASN CA 785 46.44 64.94 -14.62
C ASN CA 785 46.73 63.45 -14.54
N THR CA 786 46.28 62.71 -15.54
CA THR CA 786 46.51 61.27 -15.63
C THR CA 786 47.37 60.92 -16.84
N ASN CA 787 48.33 61.79 -17.17
CA ASN CA 787 49.26 61.55 -18.27
C ASN CA 787 50.28 60.51 -17.83
N GLY CA 788 49.85 59.26 -17.80
CA GLY CA 788 50.69 58.16 -17.35
C GLY CA 788 49.92 57.14 -16.57
N TRP CA 789 48.78 57.54 -16.02
CA TRP CA 789 47.87 56.61 -15.34
C TRP CA 789 46.80 56.11 -16.31
N GLY CA 790 47.26 55.60 -17.46
CA GLY CA 790 46.40 55.07 -18.48
C GLY CA 790 46.50 53.56 -18.55
N TYR CA 791 45.39 52.92 -18.87
CA TYR CA 791 45.31 51.46 -18.92
C TYR CA 791 45.05 51.03 -20.35
N ASN CA 792 45.89 50.14 -20.85
CA ASN CA 792 45.74 49.56 -22.19
C ASN CA 792 45.43 48.08 -22.04
N VAL CA 793 44.33 47.64 -22.64
CA VAL CA 793 43.90 46.26 -22.47
C VAL CA 793 44.87 45.30 -23.14
N ASN CA 794 45.42 45.69 -24.30
CA ASN CA 794 46.37 44.82 -25.00
C ASN CA 794 47.73 44.81 -24.31
N ASN CA 795 48.14 45.94 -23.73
CA ASN CA 795 49.44 46.07 -23.07
C ASN CA 795 49.19 46.63 -21.67
N PRO CA 796 48.81 45.77 -20.73
CA PRO CA 796 48.57 46.24 -19.37
C PRO CA 796 49.86 46.78 -18.75
N PRO CA 797 49.75 47.74 -17.84
CA PRO CA 797 50.96 48.31 -17.23
C PRO CA 797 51.72 47.27 -16.41
N THR CA 798 53.04 47.43 -16.37
CA THR CA 798 53.88 46.49 -15.65
C THR CA 798 53.94 46.80 -14.16
N ALA CA 799 53.95 48.09 -13.81
CA ALA CA 799 54.09 48.52 -12.42
C ALA CA 799 52.76 49.07 -11.92
N ARG CA 800 52.34 48.61 -10.75
CA ARG CA 800 51.09 49.03 -10.13
C ARG CA 800 51.33 49.35 -8.66
N VAL CA 801 50.46 50.20 -8.12
CA VAL CA 801 50.55 50.62 -6.73
C VAL CA 801 49.19 50.36 -6.09
N PRO CA 802 49.14 50.26 -4.75
CA PRO CA 802 47.85 50.07 -4.09
C PRO CA 802 46.89 51.20 -4.38
N ALA CA 803 45.59 50.87 -4.42
CA ALA CA 803 44.57 51.81 -4.85
C ALA CA 803 44.46 53.02 -3.95
N ASN CA 804 44.98 52.95 -2.72
CA ASN CA 804 44.92 54.08 -1.80
C ASN CA 804 45.99 55.12 -2.07
N ALA CA 805 46.71 55.02 -3.18
CA ALA CA 805 47.74 55.98 -3.54
C ALA CA 805 47.11 57.25 -4.09
N ILE CA 806 47.96 58.26 -4.27
CA ILE CA 806 47.56 59.54 -4.87
C ILE CA 806 48.09 59.57 -6.30
N LYS CA 807 47.20 59.84 -7.25
CA LYS CA 807 47.56 59.83 -8.67
C LYS CA 807 48.14 61.19 -9.03
N LEU CA 808 49.45 61.34 -8.88
CA LEU CA 808 50.15 62.56 -9.26
C LEU CA 808 50.43 62.55 -10.76
N PRO CA 809 50.60 63.73 -11.36
CA PRO CA 809 50.81 63.78 -12.81
C PRO CA 809 52.12 63.13 -13.22
N ASN CA 810 52.16 62.67 -14.49
CA ASN CA 810 53.34 62.05 -15.09
C ASN CA 810 53.76 60.78 -14.37
N GLY CA 811 52.78 59.99 -13.93
CA GLY CA 811 53.07 58.67 -13.38
C GLY CA 811 53.64 58.65 -11.98
N LYS CA 812 53.62 59.77 -11.27
CA LYS CA 812 54.11 59.81 -9.90
C LYS CA 812 53.00 59.46 -8.91
N PHE CA 813 53.42 59.05 -7.72
CA PHE CA 813 52.46 58.62 -6.70
C PHE CA 813 53.04 58.90 -5.32
N LEU CA 814 52.16 58.80 -4.31
CA LEU CA 814 52.53 59.07 -2.92
C LEU CA 814 51.90 58.02 -2.03
N VAL CA 815 52.73 57.20 -1.38
CA VAL CA 815 52.26 56.15 -0.50
C VAL CA 815 53.10 56.16 0.77
N ASN CA 816 52.43 56.20 1.93
CA ASN CA 816 53.08 56.02 3.24
C ASN CA 816 54.20 57.04 3.45
N ASN CA 817 53.89 58.31 3.19
CA ASN CA 817 54.80 59.44 3.38
C ASN CA 817 56.03 59.36 2.47
N ARG CA 818 56.00 58.51 1.45
CA ARG CA 818 57.08 58.41 0.47
C ARG CA 818 56.51 58.57 -0.93
N THR CA 819 57.23 59.30 -1.77
CA THR CA 819 56.80 59.59 -3.13
C THR CA 819 57.81 59.05 -4.13
N GLY CA 820 57.32 58.75 -5.32
CA GLY CA 820 58.18 58.23 -6.36
C GLY CA 820 57.43 58.10 -7.67
N ALA CA 821 58.02 57.35 -8.59
CA ALA CA 821 57.45 57.10 -9.90
C ALA CA 821 57.16 55.62 -10.07
N LEU CA 822 56.24 55.31 -10.98
CA LEU CA 822 55.88 53.92 -11.25
C LEU CA 822 57.06 53.21 -11.92
N GLY CA 823 57.43 52.05 -11.38
CA GLY CA 823 58.55 51.28 -11.90
C GLY CA 823 59.90 51.68 -11.36
N ASN CA 824 59.98 52.76 -10.58
CA ASN CA 824 61.24 53.22 -10.02
C ASN CA 824 61.30 52.85 -8.55
N PRO CA 825 62.22 51.97 -8.15
CA PRO CA 825 62.29 51.58 -6.72
C PRO CA 825 62.78 52.68 -5.81
N THR CA 826 63.33 53.76 -6.33
CA THR CA 826 63.84 54.86 -5.50
C THR CA 826 62.67 55.65 -4.94
N ALA CA 827 62.61 55.75 -3.62
CA ALA CA 827 61.54 56.46 -2.92
C ALA CA 827 62.11 57.65 -2.17
N ARG CA 828 61.50 58.81 -2.34
CA ARG CA 828 61.92 60.04 -1.69
C ARG CA 828 60.87 60.48 -0.68
N ALA CA 829 61.34 61.04 0.44
CA ALA CA 829 60.43 61.48 1.49
C ALA CA 829 59.49 62.57 0.98
N ALA CA 830 58.22 62.48 1.38
CA ALA CA 830 57.24 63.46 0.94
C ALA CA 830 57.55 64.84 1.48
N SER CA 831 57.96 64.94 2.74
CA SER CA 831 58.23 66.24 3.35
C SER CA 831 59.47 66.91 2.76
N GLU CA 832 60.36 66.15 2.13
CA GLU CA 832 61.58 66.72 1.58
C GLU CA 832 61.40 67.31 0.19
N GLN CA 833 60.61 66.66 -0.66
CA GLN CA 833 60.43 67.16 -2.02
C GLN CA 833 59.25 68.12 -2.13
N TYR CA 834 58.13 67.81 -1.49
CA TYR CA 834 56.94 68.65 -1.52
C TYR CA 834 56.95 69.55 -0.30
N THR CA 835 57.24 70.83 -0.51
CA THR CA 835 57.31 71.82 0.56
C THR CA 835 56.28 72.92 0.30
N VAL CA 836 56.34 73.99 1.09
CA VAL CA 836 55.43 75.11 0.91
C VAL CA 836 55.71 75.81 -0.42
N GLY CA 837 56.99 75.86 -0.84
CA GLY CA 837 57.31 76.47 -2.11
C GLY CA 837 56.88 75.66 -3.31
N ARG CA 838 56.82 74.34 -3.17
CA ARG CA 838 56.37 73.44 -4.23
C ARG CA 838 55.34 72.49 -3.64
N PRO CA 839 54.08 72.94 -3.50
CA PRO CA 839 53.05 72.10 -2.90
C PRO CA 839 52.62 70.99 -3.85
N VAL CA 840 51.93 70.01 -3.26
CA VAL CA 840 51.45 68.86 -4.02
C VAL CA 840 50.35 69.33 -4.96
N ASN CA 841 50.63 69.38 -6.25
CA ASN CA 841 49.66 69.76 -7.27
C ASN CA 841 49.39 68.56 -8.17
N THR CA 842 48.11 68.19 -8.29
CA THR CA 842 47.72 67.07 -9.13
C THR CA 842 47.79 67.39 -10.62
N GLY CA 843 47.95 68.67 -10.98
CA GLY CA 843 48.09 69.05 -12.36
C GLY CA 843 46.77 68.99 -13.10
N LYS CA 844 46.85 69.24 -14.41
CA LYS CA 844 45.69 69.19 -15.29
C LYS CA 844 46.11 68.63 -16.64
N VAL CA 845 45.14 68.11 -17.37
CA VAL CA 845 45.35 67.59 -18.71
C VAL CA 845 45.15 68.71 -19.71
N SER CA 846 46.12 68.90 -20.59
CA SER CA 846 46.02 69.94 -21.61
C SER CA 846 44.88 69.65 -22.57
N GLY CA 847 44.11 70.68 -22.89
CA GLY CA 847 42.97 70.55 -23.76
C GLY CA 847 43.25 70.67 -25.24
N SER CA 848 44.51 70.83 -25.63
CA SER CA 848 44.84 70.95 -27.05
C SER CA 848 46.10 70.20 -27.44
N SER CA 849 46.71 69.44 -26.55
CA SER CA 849 47.94 68.72 -26.83
C SER CA 849 47.70 67.22 -26.72
N TRP CA 850 48.15 66.48 -27.75
CA TRP CA 850 48.05 65.03 -27.75
C TRP CA 850 49.15 64.47 -28.64
N SER CA 851 49.42 63.18 -28.48
CA SER CA 851 50.53 62.54 -29.18
C SER CA 851 50.32 62.49 -30.69
N GLY CA 852 49.08 62.62 -31.16
CA GLY CA 852 48.79 62.57 -32.57
C GLY CA 852 48.43 61.20 -33.10
N THR CA 853 48.61 60.14 -32.31
CA THR CA 853 48.27 58.78 -32.71
C THR CA 853 47.38 58.16 -31.65
N ASN CA 854 46.33 57.46 -32.09
CA ASN CA 854 45.40 56.79 -31.19
C ASN CA 854 45.72 55.30 -31.19
N ASP CA 855 45.95 54.75 -30.01
CA ASP CA 855 46.31 53.35 -29.86
C ASP CA 855 45.06 52.51 -29.60
N TYR CA 856 44.90 51.45 -30.38
CA TYR CA 856 43.77 50.55 -30.20
C TYR CA 856 43.89 49.84 -28.86
N GLY CA 857 42.78 49.74 -28.13
CA GLY CA 857 42.76 49.14 -26.82
C GLY CA 857 43.05 50.09 -25.68
N GLU CA 858 43.37 51.35 -25.97
CA GLU CA 858 43.59 52.33 -24.91
C GLU CA 858 42.27 52.65 -24.23
N THR CA 859 42.14 52.23 -22.98
CA THR CA 859 40.88 52.35 -22.26
C THR CA 859 40.65 53.73 -21.66
N TYR CA 860 41.72 54.51 -21.48
CA TYR CA 860 41.62 55.86 -20.90
C TYR CA 860 40.98 55.84 -19.52
N GLY CA 861 41.12 54.74 -18.79
CA GLY CA 861 40.58 54.61 -17.46
C GLY CA 861 39.12 54.23 -17.37
N TYR CA 862 38.50 53.86 -18.48
CA TYR CA 862 37.08 53.52 -18.49
C TYR CA 862 36.91 52.01 -18.59
N ALA CA 863 36.06 51.46 -17.73
CA ALA CA 863 35.88 50.01 -17.69
C ALA CA 863 35.09 49.50 -18.89
N TYR CA 864 34.18 50.31 -19.42
CA TYR CA 864 33.42 49.88 -20.59
C TYR CA 864 34.33 49.67 -21.79
N LEU CA 865 35.31 50.56 -21.98
CA LEU CA 865 36.26 50.38 -23.07
C LEU CA 865 37.15 49.17 -22.86
N ALA CA 866 37.44 48.83 -21.60
CA ALA CA 866 38.26 47.66 -21.31
C ALA CA 866 37.50 46.35 -21.51
N ASN CA 867 36.21 46.34 -21.21
CA ASN CA 867 35.41 45.13 -21.34
C ASN CA 867 34.86 44.93 -22.75
N ASN CA 868 34.94 45.93 -23.61
CA ASN CA 868 34.48 45.84 -25.00
C ASN CA 868 35.60 46.31 -25.92
N PRO CA 869 36.62 45.47 -26.14
CA PRO CA 869 37.75 45.89 -26.96
C PRO CA 869 37.37 46.23 -28.39
N GLU CA 870 36.34 45.57 -28.94
CA GLU CA 870 35.89 45.91 -30.30
C GLU CA 870 35.38 47.35 -30.36
N PHE CA 871 34.62 47.77 -29.36
CA PHE CA 871 34.15 49.14 -29.30
C PHE CA 871 35.31 50.11 -29.18
N THR CA 872 36.32 49.78 -28.38
CA THR CA 872 37.50 50.63 -28.25
C THR CA 872 38.22 50.75 -29.59
N LYS CA 873 38.37 49.64 -30.31
CA LYS CA 873 39.05 49.68 -31.60
C LYS CA 873 38.28 50.54 -32.60
N LYS CA 874 36.95 50.36 -32.65
CA LYS CA 874 36.15 51.14 -33.58
C LYS CA 874 36.20 52.63 -33.23
N LEU CA 875 36.16 52.95 -31.94
CA LEU CA 875 36.21 54.35 -31.52
C LEU CA 875 37.57 54.97 -31.80
N ALA CA 876 38.65 54.20 -31.64
CA ALA CA 876 39.98 54.69 -32.01
C ALA CA 876 40.06 54.94 -33.50
N ILE CA 877 39.48 54.04 -34.31
CA ILE CA 877 39.44 54.25 -35.75
C ILE CA 877 38.72 55.54 -36.09
N THR CA 878 37.56 55.75 -35.46
CA THR CA 878 36.78 56.96 -35.74
C THR CA 878 37.53 58.21 -35.32
N ALA CA 879 38.17 58.18 -34.15
CA ALA CA 879 38.91 59.35 -33.68
C ALA CA 879 40.08 59.66 -34.60
N THR CA 880 40.81 58.63 -35.04
CA THR CA 880 41.92 58.86 -35.95
C THR CA 880 41.44 59.41 -37.29
N ARG CA 881 40.31 58.90 -37.78
CA ARG CA 881 39.76 59.39 -39.04
C ARG CA 881 39.32 60.85 -38.92
N LEU CA 882 38.73 61.22 -37.78
CA LEU CA 882 38.30 62.60 -37.56
C LEU CA 882 39.45 63.55 -37.28
N GLY CA 883 40.65 63.05 -37.02
CA GLY CA 883 41.77 63.92 -36.71
C GLY CA 883 41.78 64.47 -35.31
N ILE CA 884 41.02 63.86 -34.40
CA ILE CA 884 40.93 64.32 -33.02
C ILE CA 884 41.47 63.22 -32.11
N SER CA 885 41.86 63.63 -30.90
CA SER CA 885 42.33 62.68 -29.91
C SER CA 885 41.17 61.79 -29.46
N ALA CA 886 41.47 60.49 -29.26
CA ALA CA 886 40.45 59.57 -28.81
C ALA CA 886 39.97 59.90 -27.40
N GLN CA 887 40.86 60.47 -26.57
CA GLN CA 887 40.50 60.76 -25.18
C GLN CA 887 39.36 61.78 -25.10
N TRP CA 888 39.39 62.79 -25.96
CA TRP CA 888 38.34 63.83 -25.93
C TRP CA 888 36.98 63.23 -26.23
N LEU CA 889 36.88 62.47 -27.31
CA LEU CA 889 35.61 61.84 -27.67
C LEU CA 889 35.19 60.82 -26.62
N VAL CA 890 36.15 60.09 -26.06
CA VAL CA 890 35.84 59.14 -24.99
C VAL CA 890 35.17 59.86 -23.82
N ASP CA 891 35.78 60.96 -23.36
CA ASP CA 891 35.25 61.68 -22.22
C ASP CA 891 33.88 62.28 -22.54
N ILE CA 892 33.71 62.84 -23.74
CA ILE CA 892 32.44 63.46 -24.08
C ILE CA 892 31.33 62.41 -24.13
N MET CA 893 31.61 61.26 -24.77
CA MET CA 893 30.60 60.21 -24.84
C MET CA 893 30.29 59.64 -23.47
N ALA CA 894 31.30 59.48 -22.62
CA ALA CA 894 31.07 58.96 -21.28
C ALA CA 894 30.21 59.91 -20.45
N PHE CA 895 30.48 61.21 -20.54
CA PHE CA 895 29.66 62.17 -19.81
C PHE CA 895 28.23 62.22 -20.36
N GLU CA 896 28.08 62.14 -21.68
CA GLU CA 896 26.76 62.27 -22.28
C GLU CA 896 25.89 61.04 -22.07
N THR CA 897 26.47 59.90 -21.70
CA THR CA 897 25.73 58.66 -21.53
C THR CA 897 25.81 58.11 -20.11
N GLY CA 898 26.25 58.91 -19.15
CA GLY CA 898 26.36 58.44 -17.79
C GLY CA 898 27.33 57.28 -17.64
N ASN CA 899 28.53 57.44 -18.22
CA ASN CA 899 29.57 56.40 -18.21
C ASN CA 899 29.09 55.14 -18.92
N PHE CA 900 28.54 55.34 -20.12
CA PHE CA 900 28.17 54.26 -21.04
C PHE CA 900 27.09 53.34 -20.48
N LYS CA 901 26.36 53.79 -19.46
CA LYS CA 901 25.28 53.00 -18.89
C LYS CA 901 23.91 53.36 -19.47
N LYS CA 902 23.83 54.40 -20.29
CA LYS CA 902 22.57 54.87 -20.85
C LYS CA 902 22.67 55.09 -22.36
N ALA CA 903 23.57 54.37 -23.02
CA ALA CA 903 23.77 54.57 -24.45
C ALA CA 903 22.57 54.11 -25.26
N THR CA 904 21.98 52.97 -24.90
CA THR CA 904 20.85 52.39 -25.63
C THR CA 904 19.55 52.52 -24.85
N ASN CA 905 19.38 53.64 -24.14
CA ASN CA 905 18.18 53.91 -23.37
C ASN CA 905 17.35 54.93 -24.13
N TRP CA 906 16.12 54.56 -24.49
CA TRP CA 906 15.25 55.42 -25.29
C TRP CA 906 14.10 56.01 -24.49
N SER CA 907 14.19 55.98 -23.16
CA SER CA 907 13.18 56.64 -22.33
C SER CA 907 13.76 57.39 -21.15
N HIS CA 908 15.07 57.37 -20.94
CA HIS CA 908 15.65 58.10 -19.82
C HIS CA 908 15.47 59.59 -19.96
N SER CA 909 15.67 60.11 -21.17
CA SER CA 909 15.59 61.54 -21.43
C SER CA 909 14.16 61.92 -21.77
N ARG CA 910 13.59 62.83 -20.99
CA ARG CA 910 12.21 63.26 -21.22
C ARG CA 910 12.07 64.12 -22.47
N THR CA 911 13.17 64.68 -22.97
CA THR CA 911 13.14 65.49 -24.19
C THR CA 911 13.49 64.67 -25.43
N GLY CA 912 13.80 63.38 -25.29
CA GLY CA 912 14.07 62.54 -26.43
C GLY CA 912 15.50 62.62 -26.93
N VAL CA 913 16.46 62.50 -26.02
CA VAL CA 913 17.88 62.56 -26.35
C VAL CA 913 18.50 61.21 -26.04
N VAL CA 914 19.06 60.56 -27.06
CA VAL CA 914 19.69 59.25 -26.92
C VAL CA 914 21.03 59.29 -27.64
N GLY CA 915 21.70 58.15 -27.63
CA GLY CA 915 22.93 57.97 -28.39
C GLY CA 915 24.17 58.24 -27.56
N LEU CA 916 25.32 57.95 -28.19
CA LEU CA 916 26.60 58.15 -27.52
C LEU CA 916 26.88 59.62 -27.27
N ILE CA 917 26.52 60.48 -28.22
CA ILE CA 917 26.81 61.90 -28.11
C ILE CA 917 25.54 62.72 -27.88
N GLY CA 918 24.45 62.06 -27.51
CA GLY CA 918 23.22 62.77 -27.22
C GLY CA 918 22.51 63.29 -28.46
N PHE CA 919 22.02 62.37 -29.29
CA PHE CA 919 21.36 62.75 -30.53
C PHE CA 919 19.97 63.33 -30.24
N THR CA 920 19.75 64.57 -30.63
CA THR CA 920 18.43 65.18 -30.55
C THR CA 920 17.57 64.73 -31.73
N PRO CA 921 16.24 64.81 -31.60
CA PRO CA 921 15.38 64.44 -32.74
C PRO CA 921 15.69 65.20 -34.01
N ALA CA 922 16.01 66.50 -33.89
CA ALA CA 922 16.41 67.26 -35.08
C ALA CA 922 17.70 66.71 -35.67
N THR CA 923 18.67 66.39 -34.83
CA THR CA 923 19.91 65.80 -35.32
C THR CA 923 19.67 64.44 -35.96
N ALA CA 924 18.79 63.63 -35.35
CA ALA CA 924 18.47 62.33 -35.93
C ALA CA 924 17.82 62.49 -37.30
N ARG CA 925 16.90 63.45 -37.44
CA ARG CA 925 16.29 63.69 -38.73
C ARG CA 925 17.32 64.18 -39.75
N ALA CA 926 18.25 65.01 -39.31
CA ALA CA 926 19.30 65.49 -40.21
C ALA CA 926 20.17 64.34 -40.69
N LEU CA 927 20.51 63.40 -39.82
CA LEU CA 927 21.34 62.26 -40.19
C LEU CA 927 20.61 61.26 -41.07
N GLY CA 928 19.30 61.39 -41.24
CA GLY CA 928 18.54 60.48 -42.08
C GLY CA 928 17.90 59.32 -41.35
N THR CA 929 17.90 59.33 -40.03
CA THR CA 929 17.29 58.24 -39.26
C THR CA 929 16.35 58.81 -38.20
N THR CA 930 15.88 57.96 -37.28
CA THR CA 930 15.02 58.40 -36.20
C THR CA 930 15.71 58.16 -34.86
N THR CA 931 15.20 58.85 -33.83
CA THR CA 931 15.79 58.75 -32.49
C THR CA 931 15.67 57.33 -31.95
N TYR CA 932 14.53 56.68 -32.18
CA TYR CA 932 14.32 55.32 -31.69
C TYR CA 932 15.32 54.35 -32.30
N ALA CA 933 15.56 54.47 -33.61
CA ALA CA 933 16.54 53.60 -34.25
C ALA CA 933 17.95 53.84 -33.72
N LEU CA 934 18.30 55.10 -33.51
CA LEU CA 934 19.63 55.41 -32.96
C LEU CA 934 19.80 54.82 -31.56
N ALA CA 935 18.74 54.88 -30.74
CA ALA CA 935 18.80 54.27 -29.42
C ALA CA 935 18.88 52.76 -29.50
N LYS CA 936 18.21 52.16 -30.49
CA LYS CA 936 18.19 50.70 -30.60
C LYS CA 936 19.54 50.13 -31.00
N MET CA 937 20.29 50.85 -31.84
CA MET CA 937 21.55 50.33 -32.35
C MET CA 937 22.60 50.23 -31.24
N PRO CA 938 23.48 49.24 -31.32
CA PRO CA 938 24.56 49.13 -30.33
C PRO CA 938 25.56 50.25 -30.49
N PRO CA 939 26.35 50.55 -29.45
CA PRO CA 939 27.29 51.68 -29.56
C PRO CA 939 28.30 51.55 -30.69
N GLU CA 940 28.72 50.33 -31.01
CA GLU CA 940 29.64 50.15 -32.13
C GLU CA 940 29.02 50.63 -33.43
N LYS CA 941 27.74 50.34 -33.65
CA LYS CA 941 27.05 50.86 -34.81
C LYS CA 941 26.80 52.37 -34.70
N GLN CA 942 26.54 52.85 -33.48
CA GLN CA 942 26.30 54.28 -33.27
C GLN CA 942 27.54 55.11 -33.54
N LEU CA 943 28.73 54.51 -33.46
CA LEU CA 943 29.95 55.25 -33.77
C LEU CA 943 29.97 55.72 -35.22
N ASP CA 944 29.39 54.93 -36.13
CA ASP CA 944 29.30 55.37 -37.52
C ASP CA 944 28.47 56.64 -37.65
N TYR CA 945 27.34 56.71 -36.95
CA TYR CA 945 26.52 57.91 -37.01
C TYR CA 945 27.18 59.08 -36.29
N VAL CA 946 27.95 58.80 -35.23
CA VAL CA 946 28.72 59.86 -34.58
C VAL CA 946 29.74 60.45 -35.56
N TYR CA 947 30.43 59.58 -36.29
CA TYR CA 947 31.39 60.05 -37.29
C TYR CA 947 30.70 60.83 -38.39
N LYS CA 948 29.52 60.36 -38.83
CA LYS CA 948 28.78 61.07 -39.87
C LYS CA 948 28.36 62.46 -39.40
N TYR CA 949 27.91 62.56 -38.14
CA TYR CA 949 27.52 63.86 -37.60
C TYR CA 949 28.71 64.79 -37.46
N LEU CA 950 29.86 64.26 -37.02
CA LEU CA 950 31.05 65.07 -36.85
C LEU CA 950 31.79 65.35 -38.15
N SER CA 951 31.35 64.76 -39.26
CA SER CA 951 31.96 65.00 -40.56
C SER CA 951 31.36 66.21 -41.27
N ASP CA 952 30.47 66.93 -40.60
CA ASP CA 952 29.87 68.14 -41.15
C ASP CA 952 30.96 69.16 -41.47
N PRO CA 953 31.04 69.67 -42.71
CA PRO CA 953 32.09 70.65 -43.01
C PRO CA 953 31.98 71.94 -42.21
N GLN CA 954 30.83 72.22 -41.60
CA GLN CA 954 30.73 73.34 -40.68
C GLN CA 954 31.35 73.04 -39.32
N LEU CA 955 31.70 71.78 -39.06
CA LEU CA 955 32.26 71.36 -37.78
C LEU CA 955 33.61 70.67 -37.91
N LYS CA 956 33.83 69.91 -38.97
CA LYS CA 956 35.04 69.09 -39.08
C LYS CA 956 36.34 69.89 -39.05
N PRO CA 957 36.50 70.99 -39.80
CA PRO CA 957 37.82 71.67 -39.80
C PRO CA 957 38.25 72.16 -38.43
N HIS CA 958 37.32 72.49 -37.55
CA HIS CA 958 37.66 73.03 -36.23
C HIS CA 958 37.80 71.95 -35.17
N LEU CA 959 37.53 70.68 -35.50
CA LEU CA 959 37.56 69.64 -34.49
C LEU CA 959 38.96 69.37 -33.97
N SER CA 960 39.98 69.52 -34.82
CA SER CA 960 41.34 69.18 -34.44
C SER CA 960 42.00 70.24 -33.56
N LYS CA 961 41.38 71.39 -33.36
CA LYS CA 961 42.00 72.47 -32.60
C LYS CA 961 41.97 72.25 -31.10
N GLY CA 962 41.15 71.33 -30.59
CA GLY CA 962 41.13 71.06 -29.17
C GLY CA 962 39.87 70.34 -28.75
N VAL CA 963 39.87 69.94 -27.47
CA VAL CA 963 38.71 69.25 -26.91
C VAL CA 963 37.52 70.19 -26.81
N GLU CA 964 37.75 71.47 -26.54
CA GLU CA 964 36.65 72.42 -26.36
C GLU CA 964 35.83 72.56 -27.65
N TYR CA 965 36.50 72.54 -28.81
CA TYR CA 965 35.77 72.65 -30.07
C TYR CA 965 34.88 71.44 -30.30
N VAL CA 966 35.38 70.24 -30.03
CA VAL CA 966 34.58 69.04 -30.18
C VAL CA 966 33.40 69.05 -29.21
N ALA CA 967 33.65 69.45 -27.96
CA ALA CA 967 32.59 69.50 -26.97
C ALA CA 967 31.51 70.50 -27.38
N ALA CA 968 31.91 71.67 -27.87
CA ALA CA 968 30.93 72.65 -28.32
C ALA CA 968 30.16 72.15 -29.54
N SER CA 969 30.84 71.47 -30.46
CA SER CA 969 30.15 70.93 -31.63
C SER CA 969 29.11 69.91 -31.23
N ILE CA 970 29.44 69.05 -30.25
CA ILE CA 970 28.48 68.04 -29.80
C ILE CA 970 27.37 68.68 -28.95
N PHE CA 971 27.67 69.78 -28.26
CA PHE CA 971 26.72 70.37 -27.34
C PHE CA 971 25.74 71.30 -28.06
N GLY CA 972 26.23 72.35 -28.68
CA GLY CA 972 25.37 73.34 -29.31
C GLY CA 972 25.29 73.25 -30.82
N GLY CA 973 26.23 72.53 -31.44
CA GLY CA 973 26.20 72.36 -32.88
C GLY CA 973 26.97 73.40 -33.65
N SER CA 974 26.56 73.64 -34.90
CA SER CA 974 27.27 74.59 -35.75
C SER CA 974 27.27 76.03 -35.22
N PRO CA 975 26.15 76.61 -34.77
CA PRO CA 975 26.22 78.03 -34.35
C PRO CA 975 27.10 78.26 -33.16
N LEU CA 976 27.16 77.32 -32.21
CA LEU CA 976 28.07 77.48 -31.07
C LEU CA 976 29.52 77.48 -31.53
N VAL CA 977 29.87 76.59 -32.47
CA VAL CA 977 31.23 76.55 -33.00
C VAL CA 977 31.55 77.85 -33.72
N ARG CA 978 30.61 78.36 -34.52
CA ARG CA 978 30.84 79.62 -35.22
C ARG CA 978 31.04 80.76 -34.23
N LYS CA 979 30.23 80.80 -33.18
CA LYS CA 979 30.37 81.85 -32.17
C LYS CA 979 31.71 81.75 -31.45
N MET CA 980 32.17 80.52 -31.18
CA MET CA 980 33.49 80.35 -30.57
C MET CA 980 34.60 80.85 -31.51
N VAL CA 981 34.49 80.52 -32.79
CA VAL CA 981 35.52 80.94 -33.75
C VAL CA 981 35.56 82.45 -33.85
N ASN CA 982 34.39 83.08 -33.92
CA ASN CA 982 34.35 84.54 -33.99
C ASN CA 982 34.73 85.17 -32.65
N ASN CA 983 34.23 84.62 -31.54
CA ASN CA 983 34.48 85.16 -30.20
C ASN CA 983 34.77 83.99 -29.27
N ARG CA 984 36.06 83.75 -29.02
CA ARG CA 984 36.45 82.63 -28.16
C ARG CA 984 35.98 82.84 -26.73
N SER CA 985 36.18 84.04 -26.19
CA SER CA 985 35.79 84.31 -24.81
C SER CA 985 34.29 84.53 -24.67
N GLY CA 986 33.68 85.23 -25.64
CA GLY CA 986 32.28 85.59 -25.51
C GLY CA 986 31.34 84.39 -25.53
N ALA CA 987 31.66 83.38 -26.35
CA ALA CA 987 30.79 82.22 -26.45
C ALA CA 987 30.81 81.36 -25.20
N MET CA 988 31.74 81.61 -24.29
CA MET CA 988 31.93 80.78 -23.10
C MET CA 988 31.76 81.58 -21.81
N GLN CA 989 30.76 82.46 -21.79
CA GLN CA 989 30.51 83.28 -20.62
C GLN CA 989 29.92 82.45 -19.48
N ARG CA 990 30.12 82.95 -18.25
CA ARG CA 990 29.60 82.33 -17.05
C ARG CA 990 28.42 83.12 -16.47
N GLY CA 991 27.77 83.95 -17.28
CA GLY CA 991 26.67 84.76 -16.78
C GLY CA 991 25.36 84.00 -16.69
N ASP CA 992 24.97 83.64 -15.48
CA ASP CA 992 23.74 82.89 -15.19
C ASP CA 992 23.71 81.65 -16.08
N GLY CA 993 22.58 81.29 -16.68
CA GLY CA 993 22.53 80.16 -17.58
C GLY CA 993 22.58 78.81 -16.88
N ASP CA 994 23.75 78.51 -16.29
CA ASP CA 994 23.98 77.28 -15.53
C ASP CA 994 23.98 76.05 -16.42
N ILE CA 995 23.71 76.23 -17.72
CA ILE CA 995 23.70 75.13 -18.67
C ILE CA 995 24.60 75.53 -19.84
N ASN CA 996 25.50 76.47 -19.59
CA ASN CA 996 26.38 76.97 -20.63
C ASN CA 996 27.54 75.99 -20.87
N LEU CA 997 28.45 76.37 -21.76
CA LEU CA 997 29.51 75.47 -22.18
C LEU CA 997 30.59 75.31 -21.11
N GLN CA 998 30.78 76.32 -20.26
CA GLN CA 998 31.84 76.25 -19.25
C GLN CA 998 31.62 75.08 -18.31
N ASN CA 999 30.40 74.92 -17.79
CA ASN CA 999 30.11 73.80 -16.89
C ASN CA 999 30.24 72.47 -17.63
N TYR CA 1000 29.78 72.43 -18.88
CA TYR CA 1000 29.90 71.21 -19.68
C TYR CA 1000 31.35 70.79 -19.80
N LEU CA 1001 32.26 71.74 -19.96
CA LEU CA 1001 33.69 71.42 -19.98
C LEU CA 1001 34.21 71.08 -18.58
N LYS CA 1002 33.62 71.67 -17.54
CA LYS CA 1002 34.03 71.33 -16.18
C LYS CA 1002 33.76 69.88 -15.84
N LYS CA 1003 32.61 69.35 -16.25
CA LYS CA 1003 32.25 67.99 -15.88
C LYS CA 1003 32.87 66.92 -16.78
N LEU CA 1004 33.64 67.31 -17.79
CA LEU CA 1004 34.27 66.34 -18.67
C LEU CA 1004 35.39 65.62 -17.93
N GLY CA 1005 35.44 64.30 -18.08
CA GLY CA 1005 36.48 63.50 -17.45
C GLY CA 1005 36.31 63.27 -15.97
N ARG CA 1006 35.15 63.59 -15.41
CA ARG CA 1006 34.97 63.45 -13.97
C ARG CA 1006 34.97 61.99 -13.54
N ASP CA 1007 34.43 61.09 -14.36
CA ASP CA 1007 34.29 59.70 -13.97
C ASP CA 1007 35.63 58.99 -13.77
N VAL CA 1008 36.71 59.52 -14.33
CA VAL CA 1008 38.02 58.87 -14.26
C VAL CA 1008 39.06 59.72 -13.57
N GLY CA 1009 38.70 60.92 -13.11
CA GLY CA 1009 39.65 61.78 -12.43
C GLY CA 1009 40.46 62.69 -13.32
N ARG CA 1010 39.91 63.10 -14.46
CA ARG CA 1010 40.60 63.99 -15.40
C ARG CA 1010 39.88 65.32 -15.48
N ARG CA 1011 40.63 66.41 -15.37
CA ARG CA 1011 40.12 67.75 -15.59
C ARG CA 1011 41.00 68.43 -16.63
N TYR CA 1012 40.36 69.17 -17.55
CA TYR CA 1012 41.07 69.79 -18.66
C TYR CA 1012 41.44 71.22 -18.35
N ASP CA 1013 42.63 71.62 -18.77
CA ASP CA 1013 43.12 72.99 -18.65
C ASP CA 1013 42.95 73.66 -20.01
N ILE CA 1014 41.81 74.32 -20.19
CA ILE CA 1014 41.45 74.94 -21.46
C ILE CA 1014 41.67 76.44 -21.35
N ARG CA 1015 42.32 77.01 -22.37
CA ARG CA 1015 42.56 78.45 -22.37
C ARG CA 1015 41.26 79.22 -22.41
N SER CA 1016 41.24 80.37 -21.74
CA SER CA 1016 40.08 81.24 -21.56
C SER CA 1016 38.97 80.58 -20.75
N MET CA 1017 39.24 79.43 -20.13
CA MET CA 1017 38.28 78.72 -19.30
C MET CA 1017 38.78 78.44 -17.89
N SER CA 1018 40.05 78.09 -17.74
CA SER CA 1018 40.57 77.63 -16.47
C SER CA 1018 41.26 78.73 -15.66
N ARG CA 1019 41.15 79.98 -16.09
CA ARG CA 1019 41.69 81.07 -15.28
C ARG CA 1019 41.02 81.12 -13.92
N ALA CA 1020 39.70 81.01 -13.89
CA ALA CA 1020 38.99 80.98 -12.62
C ALA CA 1020 39.36 79.76 -11.80
N ASP CA 1021 39.44 78.59 -12.45
CA ASP CA 1021 39.81 77.37 -11.73
C ASP CA 1021 41.24 77.46 -11.19
N ARG CA 1022 42.16 78.00 -11.98
CA ARG CA 1022 43.54 78.11 -11.53
C ARG CA 1022 43.69 79.11 -10.39
N LEU CA 1023 42.99 80.25 -10.47
CA LEU CA 1023 43.11 81.27 -9.44
C LEU CA 1023 42.43 80.84 -8.15
N ILE CA 1024 41.22 80.29 -8.25
CA ILE CA 1024 40.49 79.86 -7.06
C ILE CA 1024 41.18 78.67 -6.40
N GLY CA 1025 41.73 77.77 -7.19
CA GLY CA 1025 42.39 76.59 -6.69
C GLY CA 1025 43.85 76.76 -6.34
N SER CA 1026 44.33 78.01 -6.21
CA SER CA 1026 45.73 78.28 -5.91
C SER CA 1026 46.00 78.46 -4.42
N ALA CA 1027 45.09 78.01 -3.56
CA ALA CA 1027 45.29 78.10 -2.12
C ALA CA 1027 46.04 76.88 -1.61
N VAL CA 1028 46.96 77.10 -0.68
CA VAL CA 1028 47.81 76.06 -0.14
C VAL CA 1028 47.36 75.72 1.27
N HIS CA 1029 47.13 74.43 1.52
CA HIS CA 1029 46.74 73.95 2.84
C HIS CA 1029 47.92 73.26 3.51
N THR CA 1030 48.20 73.66 4.75
CA THR CA 1030 49.23 73.02 5.55
C THR CA 1030 48.65 72.07 6.60
N GLY CA 1031 47.34 72.08 6.79
CA GLY CA 1031 46.69 71.18 7.72
C GLY CA 1031 45.53 70.46 7.08
N PHE CA 1032 44.66 69.84 7.89
CA PHE CA 1032 43.52 69.12 7.37
C PHE CA 1032 42.29 70.01 7.34
N HIS CA 1033 41.59 70.02 6.21
CA HIS CA 1033 40.34 70.74 6.04
C HIS CA 1033 39.29 69.77 5.51
N GLU CA 1034 38.07 69.89 6.05
CA GLU CA 1034 37.04 68.89 5.76
C GLU CA 1034 36.65 68.86 4.28
N GLY CA 1035 36.52 70.03 3.65
CA GLY CA 1035 36.05 70.08 2.28
C GLY CA 1035 37.08 69.69 1.24
N CYS CA 1036 38.35 69.59 1.62
CA CYS CA 1036 39.42 69.32 0.67
C CYS CA 1036 39.56 67.82 0.45
N ALA CA 1037 39.48 67.41 -0.82
CA ALA CA 1037 39.65 66.01 -1.17
C ALA CA 1037 41.11 65.58 -1.13
N THR CA 1038 42.04 66.51 -1.38
CA THR CA 1038 43.46 66.16 -1.31
C THR CA 1038 43.87 65.79 0.11
N CYS CA 1039 43.32 66.48 1.11
CA CYS CA 1039 43.59 66.12 2.50
C CYS CA 1039 43.07 64.71 2.79
N ALA CA 1040 41.88 64.38 2.31
CA ALA CA 1040 41.32 63.05 2.52
C ALA CA 1040 42.19 61.99 1.85
N ALA CA 1041 42.66 62.26 0.63
CA ALA CA 1041 43.53 61.32 -0.05
C ALA CA 1041 44.85 61.14 0.69
N LEU CA 1042 45.41 62.24 1.22
CA LEU CA 1042 46.64 62.17 1.98
C LEU CA 1042 46.48 61.33 3.23
N ARG CA 1043 45.36 61.51 3.95
CA ARG CA 1043 45.11 60.71 5.14
C ARG CA 1043 44.87 59.24 4.78
N SER CA 1044 44.16 58.98 3.68
CA SER CA 1044 43.88 57.60 3.30
C SER CA 1044 45.14 56.87 2.84
N SER CA 1045 46.07 57.57 2.20
CA SER CA 1045 47.31 56.96 1.75
C SER CA 1045 48.25 56.62 2.90
N GLY CA 1046 47.95 57.07 4.11
CA GLY CA 1046 48.84 56.89 5.24
C GLY CA 1046 49.87 57.97 5.43
N SER CA 1047 49.96 58.91 4.49
CA SER CA 1047 50.94 59.98 4.58
C SER CA 1047 50.44 61.09 5.50
N ASP CA 1048 51.39 61.89 5.96
CA ASP CA 1048 51.04 63.08 6.72
C ASP CA 1048 50.57 64.19 5.79
N ILE CA 1049 49.95 65.22 6.37
CA ILE CA 1049 49.41 66.31 5.58
C ILE CA 1049 50.54 67.24 5.15
N VAL CA 1050 51.08 67.01 3.95
CA VAL CA 1050 52.12 67.84 3.38
C VAL CA 1050 51.46 69.03 2.69
N PRO CA 1051 52.18 70.12 2.42
CA PRO CA 1051 51.58 71.24 1.70
C PRO CA 1051 51.02 70.80 0.35
N HIS CA 1052 49.84 71.30 0.01
CA HIS CA 1052 49.17 70.94 -1.23
C HIS CA 1052 48.21 72.04 -1.62
N ASN CA 1053 47.81 72.04 -2.89
CA ASN CA 1053 46.87 73.02 -3.38
C ASN CA 1053 45.45 72.67 -2.94
N ALA CA 1054 44.59 73.69 -2.91
CA ALA CA 1054 43.20 73.52 -2.52
C ALA CA 1054 42.42 72.94 -3.69
N GLU CA 1055 41.78 71.79 -3.48
CA GLU CA 1055 40.96 71.15 -4.52
C GLU CA 1055 39.60 70.91 -3.87
N PHE CA 1056 38.69 71.87 -4.01
CA PHE CA 1056 37.35 71.78 -3.47
C PHE CA 1056 36.38 71.32 -4.55
N ASP CA 1057 35.09 71.37 -4.25
CA ASP CA 1057 34.06 70.97 -5.21
C ASP CA 1057 32.77 71.75 -4.98
N LYS DA 38 -24.78 -21.35 -75.88
CA LYS DA 38 -23.64 -21.80 -75.08
C LYS DA 38 -23.07 -20.67 -74.24
N THR DA 39 -22.15 -21.01 -73.34
CA THR DA 39 -21.50 -20.03 -72.49
C THR DA 39 -20.25 -19.49 -73.18
N GLN DA 40 -19.43 -18.77 -72.43
CA GLN DA 40 -18.19 -18.23 -72.99
C GLN DA 40 -17.22 -19.35 -73.35
N GLN DA 41 -16.60 -19.22 -74.52
CA GLN DA 41 -15.57 -20.14 -74.97
C GLN DA 41 -14.44 -19.35 -75.62
N ILE DA 42 -13.25 -19.92 -75.59
CA ILE DA 42 -12.10 -19.31 -76.26
C ILE DA 42 -12.31 -19.43 -77.76
N LEU DA 43 -12.54 -18.29 -78.42
CA LEU DA 43 -12.76 -18.30 -79.85
C LEU DA 43 -11.45 -18.55 -80.59
N GLU DA 44 -11.56 -18.86 -81.87
CA GLU DA 44 -10.38 -19.02 -82.70
C GLU DA 44 -9.67 -17.69 -82.88
N ALA DA 45 -8.40 -17.75 -83.28
CA ALA DA 45 -7.60 -16.55 -83.42
C ALA DA 45 -8.20 -15.58 -84.44
N GLY DA 46 -8.59 -16.09 -85.60
CA GLY DA 46 -9.21 -15.24 -86.60
C GLY DA 46 -10.55 -14.70 -86.14
N ASN DA 47 -11.38 -15.54 -85.53
CA ASN DA 47 -12.68 -15.10 -85.04
C ASN DA 47 -12.52 -14.05 -83.93
N ALA DA 48 -11.58 -14.27 -83.01
CA ALA DA 48 -11.33 -13.30 -81.95
C ALA DA 48 -10.84 -11.98 -82.54
N ALA DA 49 -9.97 -12.05 -83.55
CA ALA DA 49 -9.49 -10.82 -84.19
C ALA DA 49 -10.63 -10.07 -84.86
N ILE DA 50 -11.51 -10.80 -85.55
CA ILE DA 50 -12.65 -10.14 -86.19
C ILE DA 50 -13.56 -9.50 -85.15
N ALA DA 51 -13.80 -10.21 -84.04
CA ALA DA 51 -14.66 -9.65 -82.99
C ALA DA 51 -14.05 -8.40 -82.37
N GLN DA 52 -12.73 -8.40 -82.14
CA GLN DA 52 -12.11 -7.27 -81.48
C GLN DA 52 -11.95 -6.07 -82.41
N GLN DA 53 -11.61 -6.31 -83.68
CA GLN DA 53 -11.38 -5.21 -84.60
C GLN DA 53 -12.65 -4.43 -84.94
N ALA DA 54 -13.82 -5.01 -84.71
CA ALA DA 54 -15.07 -4.36 -85.06
C ALA DA 54 -15.37 -3.14 -84.21
N VAL DA 55 -14.72 -2.99 -83.05
CA VAL DA 55 -14.96 -1.81 -82.23
C VAL DA 55 -14.38 -0.58 -82.93
N SER DA 56 -15.13 0.51 -82.88
CA SER DA 56 -14.79 1.74 -83.61
C SER DA 56 -13.85 2.58 -82.75
N ILE DA 57 -12.61 2.10 -82.60
CA ILE DA 57 -11.60 2.81 -81.81
C ILE DA 57 -11.33 4.20 -82.39
N GLY DA 58 -11.12 4.28 -83.70
CA GLY DA 58 -10.94 5.57 -84.33
C GLY DA 58 -12.26 6.29 -84.56
N GLN DA 59 -12.19 7.62 -84.52
CA GLN DA 59 -13.40 8.42 -84.72
C GLN DA 59 -13.87 8.37 -86.17
N ALA DA 60 -12.94 8.35 -87.12
CA ALA DA 60 -13.32 8.34 -88.53
C ALA DA 60 -14.09 7.09 -88.90
N SER DA 61 -13.64 5.93 -88.44
CA SER DA 61 -14.32 4.67 -88.73
C SER DA 61 -15.31 4.35 -87.62
N GLN DA 62 -16.59 4.33 -87.95
CA GLN DA 62 -17.64 4.06 -86.96
C GLN DA 62 -18.40 2.78 -87.31
N LEU DA 138 -31.66 -14.59 -97.20
CA LEU DA 138 -32.71 -15.23 -98.03
C LEU DA 138 -31.98 -16.21 -98.96
N THR DA 139 -30.90 -16.83 -98.49
CA THR DA 139 -30.18 -17.85 -99.30
C THR DA 139 -29.29 -18.46 -98.21
N VAL DA 140 -28.40 -19.38 -98.59
CA VAL DA 140 -27.45 -19.97 -97.61
C VAL DA 140 -26.54 -18.90 -97.00
N SER DA 141 -26.24 -18.98 -95.70
CA SER DA 141 -25.42 -18.01 -94.98
C SER DA 141 -26.26 -16.75 -94.80
N GLU DA 142 -26.94 -16.30 -95.86
CA GLU DA 142 -27.77 -15.11 -95.75
C GLU DA 142 -28.96 -15.35 -94.82
N GLN DA 143 -29.57 -16.52 -94.90
CA GLN DA 143 -30.69 -16.83 -94.01
C GLN DA 143 -30.25 -16.84 -92.55
N GLU DA 144 -29.10 -17.45 -92.27
CA GLU DA 144 -28.60 -17.48 -90.90
C GLU DA 144 -28.21 -16.08 -90.43
N ALA DA 145 -27.65 -15.25 -91.32
CA ALA DA 145 -27.32 -13.88 -90.94
C ALA DA 145 -28.58 -13.10 -90.59
N ASN DA 146 -29.64 -13.26 -91.40
CA ASN DA 146 -30.90 -12.59 -91.08
C ASN DA 146 -31.48 -13.08 -89.77
N ALA DA 147 -31.40 -14.39 -89.52
CA ALA DA 147 -31.89 -14.92 -88.26
C ALA DA 147 -31.10 -14.37 -87.07
N VAL DA 148 -29.78 -14.27 -87.22
CA VAL DA 148 -28.95 -13.72 -86.15
C VAL DA 148 -29.31 -12.26 -85.92
N ARG DA 149 -29.52 -11.49 -86.99
CA ARG DA 149 -29.90 -10.10 -86.85
C ARG DA 149 -31.21 -9.96 -86.09
N VAL DA 150 -32.21 -10.77 -86.47
CA VAL DA 150 -33.52 -10.64 -85.84
C VAL DA 150 -33.48 -11.08 -84.38
N GLU DA 151 -32.69 -12.13 -84.07
CA GLU DA 151 -32.63 -12.56 -82.68
C GLU DA 151 -31.84 -11.57 -81.82
N LEU DA 152 -30.82 -10.93 -82.40
CA LEU DA 152 -30.12 -9.88 -81.68
C LEU DA 152 -31.05 -8.70 -81.40
N GLY DA 153 -31.87 -8.32 -82.39
CA GLY DA 153 -32.84 -7.27 -82.16
C GLY DA 153 -33.84 -7.62 -81.08
N ASP DA 154 -34.34 -8.86 -81.11
CA ASP DA 154 -35.28 -9.30 -80.07
C ASP DA 154 -34.62 -9.30 -78.69
N LEU DA 155 -33.38 -9.76 -78.60
CA LEU DA 155 -32.67 -9.77 -77.33
C LEU DA 155 -32.48 -8.35 -76.79
N TYR DA 156 -32.08 -7.42 -77.66
CA TYR DA 156 -31.90 -6.04 -77.20
C TYR DA 156 -33.22 -5.42 -76.78
N ASN DA 157 -34.30 -5.69 -77.52
CA ASN DA 157 -35.60 -5.16 -77.15
C ASN DA 157 -36.05 -5.72 -75.80
N GLU DA 158 -35.80 -7.01 -75.57
CA GLU DA 158 -36.11 -7.59 -74.26
C GLU DA 158 -35.25 -6.95 -73.17
N TRP DA 159 -33.99 -6.64 -73.49
CA TRP DA 159 -33.12 -6.00 -72.52
C TRP DA 159 -33.63 -4.62 -72.13
N ARG DA 160 -34.15 -3.89 -73.12
CA ARG DA 160 -34.71 -2.54 -72.84
C ARG DA 160 -36.12 -2.52 -72.25
N SER DA 161 -36.93 -3.52 -72.58
CA SER DA 161 -38.34 -3.56 -72.10
C SER DA 161 -38.43 -3.14 -70.63
N GLY DA 162 -37.63 -3.78 -69.77
CA GLY DA 162 -37.94 -3.86 -68.33
C GLY DA 162 -36.47 -3.51 -68.41
N ASP DA 163 -35.97 -2.73 -67.45
CA ASP DA 163 -34.61 -2.12 -67.55
C ASP DA 163 -33.67 -3.15 -66.90
N LYS DA 164 -33.59 -4.36 -67.47
CA LYS DA 164 -32.64 -5.37 -66.95
C LYS DA 164 -31.27 -4.70 -66.86
N PHE DA 165 -31.03 -3.69 -67.71
CA PHE DA 165 -29.71 -3.07 -67.74
C PHE DA 165 -29.40 -2.34 -66.44
N ARG DA 166 -30.42 -1.89 -65.72
CA ARG DA 166 -30.21 -1.22 -64.44
C ARG DA 166 -30.32 -2.16 -63.26
N SER DA 167 -30.93 -3.33 -63.44
CA SER DA 167 -31.13 -4.29 -62.36
C SER DA 167 -30.11 -5.43 -62.37
N GLU DA 168 -29.72 -5.89 -63.54
CA GLU DA 168 -28.75 -6.99 -63.62
C GLU DA 168 -27.35 -6.46 -63.43
N PRO DA 169 -26.58 -7.00 -62.48
CA PRO DA 169 -25.29 -6.39 -62.12
C PRO DA 169 -24.30 -6.31 -63.26
N GLY DA 170 -24.28 -7.30 -64.15
CA GLY DA 170 -23.31 -7.30 -65.23
C GLY DA 170 -23.86 -6.80 -66.54
N GLY DA 171 -24.64 -5.72 -66.48
CA GLY DA 171 -25.40 -5.25 -67.63
C GLY DA 171 -24.67 -5.13 -68.95
N MET DA 172 -23.72 -4.19 -69.04
CA MET DA 172 -23.03 -3.97 -70.31
C MET DA 172 -22.19 -5.18 -70.70
N THR DA 173 -21.44 -5.73 -69.74
CA THR DA 173 -20.53 -6.83 -70.04
C THR DA 173 -21.30 -8.07 -70.47
N LYS DA 174 -22.31 -8.45 -69.70
CA LYS DA 174 -23.07 -9.64 -70.07
C LYS DA 174 -23.89 -9.42 -71.33
N PHE DA 175 -24.36 -8.20 -71.57
CA PHE DA 175 -25.06 -7.91 -72.81
C PHE DA 175 -24.15 -8.12 -74.01
N ARG DA 176 -22.95 -7.55 -73.97
CA ARG DA 176 -22.01 -7.73 -75.07
C ARG DA 176 -21.61 -9.19 -75.22
N ASP DA 177 -21.38 -9.87 -74.11
CA ASP DA 177 -20.97 -11.27 -74.17
C ASP DA 177 -22.06 -12.14 -74.77
N ALA DA 178 -23.32 -11.92 -74.37
CA ALA DA 178 -24.42 -12.67 -74.94
C ALA DA 178 -24.59 -12.36 -76.43
N GLY DA 179 -24.39 -11.09 -76.81
CA GLY DA 179 -24.46 -10.76 -78.23
C GLY DA 179 -23.40 -11.50 -79.04
N LEU DA 180 -22.17 -11.51 -78.54
CA LEU DA 180 -21.10 -12.24 -79.23
C LEU DA 180 -21.39 -13.73 -79.27
N ALA DA 181 -21.93 -14.29 -78.18
CA ALA DA 181 -22.25 -15.71 -78.16
C ALA DA 181 -23.31 -16.05 -79.20
N ARG DA 182 -24.36 -15.23 -79.28
CA ARG DA 182 -25.40 -15.47 -80.29
C ARG DA 182 -24.86 -15.31 -81.70
N ILE DA 183 -23.98 -14.33 -81.92
CA ILE DA 183 -23.43 -14.11 -83.25
C ILE DA 183 -22.55 -15.28 -83.67
N MET DA 184 -21.68 -15.74 -82.78
CA MET DA 184 -20.68 -16.74 -83.14
C MET DA 184 -21.10 -18.17 -82.82
N SER DA 185 -22.33 -18.37 -82.35
CA SER DA 185 -22.84 -19.73 -82.21
C SER DA 185 -22.94 -20.42 -83.57
N ARG DA 186 -23.38 -19.69 -84.59
CA ARG DA 186 -23.47 -20.21 -85.95
C ARG DA 186 -22.07 -20.20 -86.55
N THR DA 187 -21.54 -21.38 -86.85
CA THR DA 187 -20.17 -21.52 -87.31
C THR DA 187 -20.02 -21.54 -88.82
N ASN DA 188 -21.12 -21.41 -89.57
CA ASN DA 188 -21.06 -21.45 -91.03
C ASN DA 188 -21.35 -20.09 -91.66
N ILE DA 189 -21.34 -19.02 -90.88
CA ILE DA 189 -21.55 -17.67 -91.42
C ILE DA 189 -20.22 -17.12 -91.90
N THR DA 190 -20.24 -16.47 -93.06
CA THR DA 190 -19.01 -15.96 -93.68
C THR DA 190 -18.52 -14.73 -92.93
N GLU DA 191 -17.47 -14.10 -93.46
CA GLU DA 191 -16.81 -13.02 -92.74
C GLU DA 191 -17.64 -11.73 -92.75
N ALA DA 192 -18.24 -11.41 -93.91
CA ALA DA 192 -18.93 -10.13 -94.04
C ALA DA 192 -20.13 -10.03 -93.12
N GLN DA 193 -20.96 -11.07 -93.08
CA GLN DA 193 -22.14 -11.03 -92.22
C GLN DA 193 -21.74 -10.99 -90.75
N LYS DA 194 -20.72 -11.75 -90.35
CA LYS DA 194 -20.25 -11.69 -88.98
C LYS DA 194 -19.77 -10.29 -88.63
N LYS DA 195 -19.00 -9.67 -89.54
CA LYS DA 195 -18.49 -8.33 -89.29
C LYS DA 195 -19.63 -7.33 -89.15
N GLU DA 196 -20.63 -7.40 -90.03
CA GLU DA 196 -21.73 -6.42 -89.97
C GLU DA 196 -22.58 -6.64 -88.73
N LEU DA 197 -22.81 -7.89 -88.33
CA LEU DA 197 -23.59 -8.16 -87.13
C LEU DA 197 -22.86 -7.67 -85.88
N ILE DA 198 -21.56 -7.92 -85.79
CA ILE DA 198 -20.79 -7.44 -84.64
C ILE DA 198 -20.73 -5.92 -84.63
N ASN DA 199 -20.64 -5.30 -85.80
CA ASN DA 199 -20.67 -3.85 -85.88
C ASN DA 199 -22.00 -3.29 -85.40
N LEU DA 200 -23.11 -3.93 -85.78
CA LEU DA 200 -24.42 -3.50 -85.30
C LEU DA 200 -24.51 -3.61 -83.79
N HIS DA 201 -24.05 -4.73 -83.24
CA HIS DA 201 -24.11 -4.93 -81.79
C HIS DA 201 -23.25 -3.90 -81.07
N TYR DA 202 -22.05 -3.64 -81.58
CA TYR DA 202 -21.17 -2.65 -80.95
C TYR DA 202 -21.73 -1.25 -81.05
N GLY DA 203 -22.37 -0.90 -82.17
CA GLY DA 203 -23.00 0.39 -82.27
C GLY DA 203 -24.16 0.55 -81.31
N ASN DA 204 -24.94 -0.52 -81.12
CA ASN DA 204 -26.01 -0.51 -80.13
C ASN DA 204 -25.44 -0.29 -78.73
N TRP DA 205 -24.35 -0.99 -78.41
CA TRP DA 205 -23.70 -0.81 -77.12
C TRP DA 205 -23.20 0.62 -76.96
N ASP DA 206 -22.63 1.19 -78.02
CA ASP DA 206 -22.13 2.56 -77.96
C ASP DA 206 -23.27 3.55 -77.74
N ALA DA 207 -24.41 3.33 -78.38
CA ALA DA 207 -25.56 4.20 -78.17
C ALA DA 207 -26.05 4.13 -76.71
N GLU DA 208 -26.10 2.93 -76.16
CA GLU DA 208 -26.54 2.82 -74.77
C GLU DA 208 -25.53 3.48 -73.81
N MET DA 209 -24.24 3.31 -74.09
CA MET DA 209 -23.24 4.02 -73.29
C MET DA 209 -23.35 5.53 -73.47
N LYS DA 210 -23.77 5.99 -74.65
CA LYS DA 210 -24.06 7.41 -74.83
C LYS DA 210 -25.18 7.86 -73.90
N ALA DA 211 -26.24 7.07 -73.79
CA ALA DA 211 -27.32 7.41 -72.86
C ALA DA 211 -26.83 7.44 -71.41
N TYR DA 212 -26.02 6.44 -71.05
CA TYR DA 212 -25.46 6.39 -69.69
C TYR DA 212 -24.58 7.60 -69.41
N SER DA 213 -23.76 8.00 -70.38
CA SER DA 213 -22.94 9.18 -70.24
C SER DA 213 -23.79 10.43 -70.10
N ASP DA 214 -24.92 10.48 -70.82
CA ASP DA 214 -25.83 11.62 -70.67
C ASP DA 214 -26.38 11.69 -69.25
N ARG DA 215 -26.78 10.55 -68.68
CA ARG DA 215 -27.28 10.56 -67.31
C ARG DA 215 -26.21 11.00 -66.32
N THR DA 216 -24.99 10.47 -66.46
CA THR DA 216 -23.91 10.88 -65.58
C THR DA 216 -23.58 12.36 -65.76
N ALA DA 217 -23.69 12.86 -66.99
CA ALA DA 217 -23.48 14.28 -67.25
C ALA DA 217 -24.51 15.12 -66.51
N LYS DA 218 -25.77 14.71 -66.53
CA LYS DA 218 -26.80 15.43 -65.79
C LYS DA 218 -26.48 15.44 -64.30
N TYR DA 219 -26.05 14.29 -63.76
CA TYR DA 219 -25.73 14.21 -62.34
C TYR DA 219 -24.59 15.16 -61.97
N ALA DA 220 -23.49 15.10 -62.72
CA ALA DA 220 -22.33 15.93 -62.41
C ALA DA 220 -22.65 17.41 -62.59
N GLU DA 221 -23.41 17.74 -63.64
CA GLU DA 221 -23.82 19.12 -63.85
C GLU DA 221 -24.66 19.63 -62.69
N GLU DA 222 -25.58 18.80 -62.20
CA GLU DA 222 -26.38 19.19 -61.03
C GLU DA 222 -25.50 19.45 -59.82
N VAL DA 223 -24.52 18.59 -59.59
CA VAL DA 223 -23.64 18.75 -58.43
C VAL DA 223 -22.87 20.07 -58.52
N SER DA 224 -22.24 20.31 -59.68
CA SER DA 224 -21.44 21.53 -59.84
C SER DA 224 -22.32 22.78 -59.75
N GLN DA 225 -23.53 22.71 -60.33
CA GLN DA 225 -24.45 23.83 -60.28
C GLN DA 225 -24.87 24.13 -58.85
N VAL DA 226 -25.14 23.09 -58.06
CA VAL DA 226 -25.50 23.31 -56.66
C VAL DA 226 -24.36 23.98 -55.90
N ARG DA 227 -23.13 23.51 -56.12
CA ARG DA 227 -21.98 24.12 -55.46
C ARG DA 227 -21.86 25.60 -55.80
N ARG DA 228 -21.90 25.91 -57.10
CA ARG DA 228 -21.73 27.30 -57.52
C ARG DA 228 -22.87 28.18 -57.01
N GLU DA 229 -24.10 27.68 -57.05
CA GLU DA 229 -25.23 28.45 -56.55
C GLU DA 229 -25.10 28.71 -55.07
N SER DA 230 -24.65 27.72 -54.29
CA SER DA 230 -24.47 27.94 -52.86
C SER DA 230 -23.44 29.03 -52.60
N VAL DA 231 -22.32 28.99 -53.32
CA VAL DA 231 -21.27 30.00 -53.12
C VAL DA 231 -21.80 31.39 -53.47
N ILE DA 232 -22.45 31.50 -54.63
CA ILE DA 232 -22.95 32.80 -55.08
C ILE DA 232 -23.99 33.35 -54.11
N LYS DA 233 -24.89 32.48 -53.64
CA LYS DA 233 -25.93 32.92 -52.71
C LYS DA 233 -25.33 33.38 -51.38
N GLU DA 234 -24.31 32.67 -50.89
CA GLU DA 234 -23.65 33.11 -49.66
C GLU DA 234 -23.05 34.51 -49.83
N ARG DA 235 -22.29 34.70 -50.91
CA ARG DA 235 -21.64 36.00 -51.13
C ARG DA 235 -22.69 37.10 -51.27
N THR DA 236 -23.74 36.84 -52.05
CA THR DA 236 -24.77 37.85 -52.29
C THR DA 236 -25.53 38.17 -51.01
N PHE DA 237 -25.83 37.16 -50.19
CA PHE DA 237 -26.52 37.42 -48.94
C PHE DA 237 -25.68 38.28 -48.01
N ARG DA 238 -24.37 37.98 -47.92
CA ARG DA 238 -23.51 38.82 -47.08
C ARG DA 238 -23.50 40.26 -47.58
N VAL DA 239 -23.33 40.44 -48.89
CA VAL DA 239 -23.31 41.79 -49.46
C VAL DA 239 -24.61 42.52 -49.16
N ASN DA 240 -25.74 41.82 -49.36
CA ASN DA 240 -27.05 42.44 -49.26
C ASN DA 240 -27.35 42.84 -47.82
N SER DA 241 -27.07 41.94 -46.87
CA SER DA 241 -27.32 42.26 -45.48
C SER DA 241 -26.39 43.36 -44.98
N VAL DA 242 -25.18 43.46 -45.55
CA VAL DA 242 -24.30 44.56 -45.20
C VAL DA 242 -24.87 45.88 -45.72
N VAL DA 243 -25.29 45.91 -46.99
CA VAL DA 243 -25.71 47.17 -47.59
C VAL DA 243 -27.07 47.61 -47.05
N SER DA 244 -27.88 46.68 -46.55
CA SER DA 244 -29.20 47.02 -46.04
C SER DA 244 -29.20 47.46 -44.58
N GLY DA 245 -28.06 47.36 -43.89
CA GLY DA 245 -28.01 47.77 -42.50
C GLY DA 245 -27.91 49.25 -42.26
N LEU DA 246 -27.78 50.05 -43.31
CA LEU DA 246 -27.64 51.48 -43.15
C LEU DA 246 -28.98 52.12 -42.82
N THR DA 247 -28.94 53.11 -41.93
CA THR DA 247 -30.14 53.80 -41.48
C THR DA 247 -30.48 54.94 -42.42
N TRP DA 248 -31.40 55.82 -42.00
CA TRP DA 248 -31.80 56.94 -42.84
C TRP DA 248 -30.66 57.93 -43.05
N ASP DA 249 -29.73 58.02 -42.10
CA ASP DA 249 -28.65 58.99 -42.17
C ASP DA 249 -27.28 58.38 -41.86
N ALA DA 250 -27.14 57.07 -42.04
CA ALA DA 250 -25.88 56.40 -41.75
C ALA DA 250 -24.84 56.70 -42.82
N ASP DA 251 -23.58 56.77 -42.40
CA ASP DA 251 -22.48 56.95 -43.33
C ASP DA 251 -22.21 55.63 -44.04
N PRO DA 252 -22.25 55.59 -45.37
CA PRO DA 252 -22.04 54.32 -46.09
C PRO DA 252 -20.59 53.98 -46.40
N THR DA 253 -19.62 54.70 -45.84
CA THR DA 253 -18.23 54.42 -46.15
C THR DA 253 -17.84 53.01 -45.73
N ASP DA 254 -18.22 52.60 -44.52
CA ASP DA 254 -17.93 51.25 -44.08
C ASP DA 254 -18.69 50.22 -44.90
N ALA DA 255 -19.95 50.51 -45.23
CA ALA DA 255 -20.72 49.59 -46.06
C ALA DA 255 -20.12 49.45 -47.45
N ILE DA 256 -19.68 50.57 -48.04
CA ILE DA 256 -19.05 50.51 -49.36
C ILE DA 256 -17.74 49.74 -49.29
N LYS DA 257 -16.96 49.96 -48.24
CA LYS DA 257 -15.71 49.21 -48.09
C LYS DA 257 -15.97 47.72 -47.94
N LYS DA 258 -16.99 47.35 -47.17
CA LYS DA 258 -17.31 45.93 -47.00
C LYS DA 258 -17.81 45.32 -48.31
N VAL DA 259 -18.60 46.07 -49.07
CA VAL DA 259 -19.06 45.58 -50.38
C VAL DA 259 -17.86 45.38 -51.31
N ASP DA 260 -16.91 46.32 -51.28
CA ASP DA 260 -15.71 46.18 -52.10
C ASP DA 260 -14.91 44.96 -51.70
N ALA DA 261 -14.76 44.71 -50.40
CA ALA DA 261 -14.03 43.54 -49.94
C ALA DA 261 -14.74 42.25 -50.35
N MET DA 262 -16.07 42.24 -50.27
CA MET DA 262 -16.83 41.07 -50.68
C MET DA 262 -16.72 40.81 -52.17
N VAL DA 263 -16.74 41.88 -52.99
CA VAL DA 263 -16.53 41.73 -54.42
C VAL DA 263 -15.11 41.24 -54.69
N SER DA 264 -14.15 41.68 -53.89
CA SER DA 264 -12.78 41.16 -53.99
C SER DA 264 -12.75 39.66 -53.74
N SER DA 265 -13.45 39.21 -52.71
CA SER DA 265 -13.52 37.78 -52.41
C SER DA 265 -14.17 37.01 -53.55
N THR DA 266 -15.25 37.57 -54.11
CA THR DA 266 -15.98 36.86 -55.17
C THR DA 266 -15.15 36.77 -56.45
N VAL DA 267 -14.54 37.89 -56.87
CA VAL DA 267 -13.82 37.92 -58.13
C VAL DA 267 -12.56 37.07 -58.05
N ASN DA 268 -11.88 37.07 -56.89
CA ASN DA 268 -10.65 36.32 -56.74
C ASN DA 268 -10.89 34.84 -56.45
N ASP DA 269 -12.15 34.42 -56.31
CA ASP DA 269 -12.45 33.02 -56.03
C ASP DA 269 -12.11 32.17 -57.24
N GLN DA 270 -11.22 31.18 -57.05
CA GLN DA 270 -10.68 30.40 -58.15
C GLN DA 270 -11.54 29.20 -58.54
N ASN DA 271 -12.54 28.85 -57.74
CA ASN DA 271 -13.39 27.71 -58.05
C ASN DA 271 -14.58 28.07 -58.94
N LEU DA 272 -14.76 29.35 -59.25
CA LEU DA 272 -15.88 29.82 -60.05
C LEU DA 272 -15.41 30.24 -61.44
N PRO DA 273 -16.24 30.07 -62.45
CA PRO DA 273 -15.88 30.55 -63.80
C PRO DA 273 -15.94 32.07 -63.87
N LEU DA 274 -15.38 32.59 -64.96
CA LEU DA 274 -15.33 34.04 -65.14
C LEU DA 274 -16.72 34.63 -65.26
N LEU DA 275 -17.63 33.93 -65.96
CA LEU DA 275 -18.99 34.45 -66.16
C LEU DA 275 -19.71 34.61 -64.82
N ASP DA 276 -19.66 33.59 -63.97
CA ASP DA 276 -20.34 33.67 -62.69
C ASP DA 276 -19.76 34.79 -61.82
N ARG DA 277 -18.43 34.91 -61.80
CA ARG DA 277 -17.81 35.95 -60.99
C ARG DA 277 -18.20 37.34 -61.48
N LEU DA 278 -18.15 37.56 -62.79
CA LEU DA 278 -18.53 38.87 -63.34
C LEU DA 278 -19.99 39.18 -63.05
N GLN DA 279 -20.87 38.18 -63.20
CA GLN DA 279 -22.29 38.44 -63.00
C GLN DA 279 -22.62 38.68 -61.53
N ALA DA 280 -21.96 37.96 -60.62
CA ALA DA 280 -22.15 38.20 -59.19
C ALA DA 280 -21.65 39.59 -58.82
N ALA DA 281 -20.49 40.00 -59.36
CA ALA DA 281 -20.00 41.35 -59.09
C ALA DA 281 -20.96 42.40 -59.64
N ASN DA 282 -21.54 42.14 -60.82
CA ASN DA 282 -22.54 43.04 -61.37
C ASN DA 282 -23.73 43.18 -60.43
N SER DA 283 -24.23 42.05 -59.93
CA SER DA 283 -25.39 42.09 -59.04
C SER DA 283 -25.08 42.86 -57.75
N MET DA 284 -23.92 42.59 -57.15
CA MET DA 284 -23.56 43.26 -55.91
C MET DA 284 -23.40 44.76 -56.12
N TYR DA 285 -22.73 45.16 -57.20
CA TYR DA 285 -22.51 46.59 -57.43
C TYR DA 285 -23.82 47.28 -57.78
N ASN DA 286 -24.70 46.63 -58.54
CA ASN DA 286 -26.00 47.21 -58.85
C ASN DA 286 -26.84 47.39 -57.60
N THR DA 287 -26.83 46.39 -56.71
CA THR DA 287 -27.56 46.54 -55.45
C THR DA 287 -27.00 47.67 -54.60
N ALA DA 288 -25.66 47.78 -54.54
CA ALA DA 288 -25.05 48.86 -53.77
C ALA DA 288 -25.40 50.22 -54.35
N TYR DA 289 -25.40 50.34 -55.67
CA TYR DA 289 -25.79 51.60 -56.31
C TYR DA 289 -27.25 51.92 -56.03
N GLU DA 290 -28.13 50.93 -56.13
CA GLU DA 290 -29.55 51.18 -55.93
C GLU DA 290 -29.85 51.60 -54.49
N LYS DA 291 -29.17 50.97 -53.52
CA LYS DA 291 -29.47 51.26 -52.13
C LYS DA 291 -28.91 52.62 -51.68
N VAL DA 292 -27.79 53.05 -52.26
CA VAL DA 292 -27.10 54.24 -51.79
C VAL DA 292 -27.11 55.27 -52.92
N VAL DA 293 -28.20 55.29 -53.69
CA VAL DA 293 -28.29 56.19 -54.84
C VAL DA 293 -28.35 57.66 -54.42
N ASN DA 294 -28.89 57.97 -53.24
CA ASN DA 294 -29.14 59.36 -52.87
C ASN DA 294 -27.91 60.08 -52.36
N ASN DA 295 -26.86 59.35 -51.98
CA ASN DA 295 -25.64 59.97 -51.47
C ASN DA 295 -24.69 60.22 -52.64
N ALA DA 296 -24.33 61.48 -52.87
CA ALA DA 296 -23.57 61.85 -54.05
C ALA DA 296 -22.18 61.23 -54.05
N THR DA 297 -21.45 61.35 -52.93
CA THR DA 297 -20.08 60.87 -52.88
C THR DA 297 -20.03 59.35 -52.99
N ALA DA 298 -20.88 58.65 -52.24
CA ALA DA 298 -20.91 57.19 -52.32
C ALA DA 298 -21.36 56.73 -53.70
N ARG DA 299 -22.32 57.43 -54.30
CA ARG DA 299 -22.74 57.07 -55.66
C ARG DA 299 -21.59 57.24 -56.64
N ALA DA 300 -20.80 58.31 -56.51
CA ALA DA 300 -19.65 58.50 -57.38
C ALA DA 300 -18.62 57.41 -57.19
N GLU DA 301 -18.38 57.01 -55.93
CA GLU DA 301 -17.42 55.93 -55.67
C GLU DA 301 -17.89 54.62 -56.28
N VAL DA 302 -19.19 54.32 -56.14
CA VAL DA 302 -19.73 53.09 -56.71
C VAL DA 302 -19.65 53.13 -58.23
N GLU DA 303 -19.92 54.29 -58.83
CA GLU DA 303 -19.80 54.42 -60.28
C GLU DA 303 -18.36 54.21 -60.75
N ARG DA 304 -17.39 54.74 -59.99
CA ARG DA 304 -16.00 54.52 -60.33
C ARG DA 304 -15.64 53.03 -60.25
N LYS DA 305 -16.14 52.35 -59.21
CA LYS DA 305 -15.91 50.92 -59.09
C LYS DA 305 -16.52 50.15 -60.26
N MET DA 306 -17.72 50.55 -60.68
CA MET DA 306 -18.35 49.86 -61.81
C MET DA 306 -17.62 50.13 -63.11
N LYS DA 307 -17.05 51.33 -63.28
CA LYS DA 307 -16.24 51.58 -64.47
C LYS DA 307 -14.96 50.76 -64.46
N ALA DA 308 -14.34 50.60 -63.29
CA ALA DA 308 -13.20 49.70 -63.18
C ALA DA 308 -13.60 48.27 -63.55
N LEU DA 309 -14.77 47.83 -63.08
CA LEU DA 309 -15.27 46.51 -63.46
C LEU DA 309 -15.54 46.41 -64.95
N GLN DA 310 -16.04 47.51 -65.55
CA GLN DA 310 -16.24 47.55 -67.00
C GLN DA 310 -14.96 47.28 -67.75
N ALA DA 311 -13.90 48.02 -67.40
CA ALA DA 311 -12.62 47.84 -68.09
C ALA DA 311 -12.05 46.45 -67.83
N TYR DA 312 -12.18 45.96 -66.60
CA TYR DA 312 -11.70 44.62 -66.28
C TYR DA 312 -12.44 43.57 -67.10
N GLN DA 313 -13.75 43.72 -67.25
CA GLN DA 313 -14.52 42.78 -68.07
C GLN DA 313 -14.05 42.82 -69.52
N TYR DA 314 -13.87 44.04 -70.06
CA TYR DA 314 -13.38 44.15 -71.44
C TYR DA 314 -12.06 43.41 -71.63
N GLU DA 315 -11.12 43.58 -70.71
CA GLU DA 315 -9.82 42.94 -70.93
C GLU DA 315 -9.86 41.44 -70.61
N ALA DA 316 -10.63 41.04 -69.59
CA ALA DA 316 -10.63 39.64 -69.18
C ALA DA 316 -11.40 38.76 -70.16
N ILE DA 317 -12.43 39.30 -70.82
CA ILE DA 317 -13.12 38.50 -71.83
C ILE DA 317 -12.17 38.18 -72.98
N THR DA 318 -11.40 39.17 -73.43
CA THR DA 318 -10.42 38.93 -74.48
C THR DA 318 -9.33 37.97 -74.04
N ASN DA 319 -8.82 38.15 -72.81
CA ASN DA 319 -7.73 37.30 -72.35
C ASN DA 319 -8.18 35.85 -72.16
N TRP DA 320 -9.39 35.65 -71.64
CA TRP DA 320 -9.81 34.31 -71.25
C TRP DA 320 -10.11 33.42 -72.45
N ASN DA 321 -10.66 33.98 -73.53
CA ASN DA 321 -11.16 33.19 -74.65
C ASN DA 321 -10.14 33.04 -75.77
N ASP DA 322 -8.84 33.12 -75.45
CA ASP DA 322 -7.80 32.90 -76.43
C ASP DA 322 -7.30 31.45 -76.31
N GLN DA 323 -7.51 30.66 -77.36
CA GLN DA 323 -7.14 29.25 -77.37
C GLN DA 323 -5.69 29.02 -77.78
N THR DA 324 -4.97 30.07 -78.17
CA THR DA 324 -3.56 29.96 -78.51
C THR DA 324 -2.66 30.17 -77.31
N LYS DA 325 -3.23 30.34 -76.11
CA LYS DA 325 -2.50 30.63 -74.90
C LYS DA 325 -2.72 29.54 -73.88
N PRO DA 326 -1.68 29.15 -73.13
CA PRO DA 326 -1.84 28.06 -72.16
C PRO DA 326 -2.72 28.46 -71.00
N ARG DA 327 -3.32 27.44 -70.36
CA ARG DA 327 -4.23 27.69 -69.25
C ARG DA 327 -3.53 28.37 -68.08
N ALA DA 328 -2.33 27.91 -67.73
CA ALA DA 328 -1.63 28.48 -66.58
C ALA DA 328 -1.27 29.93 -66.83
N GLU DA 329 -0.75 30.25 -68.01
CA GLU DA 329 -0.38 31.62 -68.30
C GLU DA 329 -1.60 32.52 -68.43
N ARG DA 330 -2.70 32.00 -68.97
CA ARG DA 330 -3.94 32.78 -69.03
C ARG DA 330 -4.47 33.08 -67.62
N GLU DA 331 -4.39 32.10 -66.71
CA GLU DA 331 -4.81 32.35 -65.34
C GLU DA 331 -3.90 33.38 -64.67
N ALA DA 332 -2.59 33.28 -64.91
CA ALA DA 332 -1.67 34.26 -64.36
C ALA DA 332 -1.98 35.66 -64.87
N PHE DA 333 -2.27 35.78 -66.17
CA PHE DA 333 -2.62 37.07 -66.73
C PHE DA 333 -3.95 37.59 -66.19
N ASP DA 334 -4.90 36.69 -65.93
CA ASP DA 334 -6.18 37.11 -65.36
C ASP DA 334 -6.01 37.65 -63.95
N GLN DA 335 -5.21 36.97 -63.12
CA GLN DA 335 -4.90 37.51 -61.80
C GLN DA 335 -4.13 38.83 -61.91
N GLN DA 336 -3.25 38.94 -62.89
CA GLN DA 336 -2.53 40.19 -63.10
C GLN DA 336 -3.48 41.32 -63.44
N LEU DA 337 -4.47 41.06 -64.29
CA LEU DA 337 -5.47 42.07 -64.64
C LEU DA 337 -6.31 42.44 -63.43
N GLN DA 338 -6.69 41.45 -62.63
CA GLN DA 338 -7.47 41.74 -61.43
C GLN DA 338 -6.69 42.63 -60.47
N ALA DA 339 -5.39 42.35 -60.30
CA ALA DA 339 -4.56 43.23 -59.49
C ALA DA 339 -4.40 44.60 -60.13
N LYS DA 340 -4.38 44.65 -61.46
CA LYS DA 340 -4.23 45.93 -62.17
C LYS DA 340 -5.42 46.83 -61.90
N HIS DA 341 -6.63 46.30 -61.97
CA HIS DA 341 -7.82 47.10 -61.72
C HIS DA 341 -8.17 47.21 -60.25
N GLY DA 342 -7.40 46.57 -59.36
CA GLY DA 342 -7.61 46.71 -57.94
C GLY DA 342 -8.76 45.92 -57.36
N LEU DA 343 -9.32 44.99 -58.12
CA LEU DA 343 -10.43 44.19 -57.59
C LEU DA 343 -9.97 43.27 -56.46
N ASN DA 344 -8.87 42.55 -56.65
CA ASN DA 344 -8.46 41.50 -55.74
C ASN DA 344 -7.26 41.88 -54.88
N VAL DA 345 -7.02 43.17 -54.67
CA VAL DA 345 -5.89 43.59 -53.85
C VAL DA 345 -6.07 43.09 -52.41
N ASP DA 346 -7.27 43.25 -51.86
CA ASP DA 346 -7.52 42.80 -50.50
C ASP DA 346 -7.34 41.30 -50.36
N SER DA 347 -7.85 40.53 -51.33
CA SER DA 347 -7.70 39.08 -51.26
C SER DA 347 -6.26 38.64 -51.49
N SER DA 348 -5.56 39.29 -52.42
CA SER DA 348 -4.21 38.88 -52.76
C SER DA 348 -3.18 39.31 -51.72
N TYR DA 349 -3.49 40.30 -50.88
CA TYR DA 349 -2.52 40.77 -49.90
C TYR DA 349 -2.16 39.69 -48.90
N MET DA 350 -3.16 38.89 -48.48
CA MET DA 350 -2.91 37.85 -47.49
C MET DA 350 -1.95 36.79 -48.03
N ALA DA 351 -2.20 36.32 -49.25
CA ALA DA 351 -1.30 35.36 -49.87
C ALA DA 351 0.07 35.97 -50.16
N TRP DA 352 0.12 37.25 -50.52
CA TRP DA 352 1.40 37.90 -50.75
C TRP DA 352 2.22 37.96 -49.47
N GLU DA 353 1.57 38.29 -48.35
CA GLU DA 353 2.27 38.32 -47.07
C GLU DA 353 2.74 36.92 -46.68
N ASN DA 354 1.91 35.91 -46.90
CA ASN DA 354 2.32 34.54 -46.60
C ASN DA 354 3.54 34.14 -47.44
N SER DA 355 3.54 34.48 -48.72
CA SER DA 355 4.67 34.15 -49.58
C SER DA 355 5.93 34.88 -49.14
N ARG DA 356 5.80 36.14 -48.75
CA ARG DA 356 6.95 36.89 -48.25
C ARG DA 356 7.51 36.25 -46.99
N LYS DA 357 6.62 35.82 -46.08
CA LYS DA 357 7.07 35.14 -44.87
C LYS DA 357 7.80 33.85 -45.20
N GLN DA 358 7.28 33.07 -46.15
CA GLN DA 358 7.95 31.84 -46.54
C GLN DA 358 9.33 32.11 -47.14
N TYR DA 359 9.43 33.14 -47.97
CA TYR DA 359 10.73 33.48 -48.57
C TYR DA 359 11.74 33.90 -47.50
N ILE DA 360 11.29 34.73 -46.54
CA ILE DA 360 12.17 35.14 -45.46
C ILE DA 360 12.60 33.93 -44.63
N GLU DA 361 11.67 33.01 -44.37
CA GLU DA 361 12.00 31.81 -43.61
C GLU DA 361 13.03 30.96 -44.35
N PHE DA 362 12.89 30.85 -45.68
CA PHE DA 362 13.86 30.10 -46.47
C PHE DA 362 15.25 30.72 -46.39
N GLN DA 363 15.33 32.05 -46.52
CA GLN DA 363 16.62 32.72 -46.40
C GLN DA 363 17.24 32.52 -45.02
N GLN DA 364 16.41 32.63 -43.98
CA GLN DA 364 16.91 32.42 -42.62
C GLN DA 364 17.40 30.99 -42.42
N GLN DA 365 16.69 30.02 -43.02
CA GLN DA 365 17.13 28.64 -42.92
C GLN DA 365 18.48 28.42 -43.60
N SER DA 366 18.68 29.04 -44.77
CA SER DA 366 19.96 28.89 -45.45
C SER DA 366 21.10 29.49 -44.62
N ARG DA 367 20.88 30.70 -44.09
CA ARG DA 367 21.91 31.33 -43.26
C ARG DA 367 22.17 30.50 -42.00
N GLN DA 368 21.10 29.94 -41.42
CA GLN DA 368 21.24 29.10 -40.23
C GLN DA 368 22.04 27.85 -40.52
N LEU DA 369 21.85 27.25 -41.71
CA LEU DA 369 22.64 26.08 -42.09
C LEU DA 369 24.11 26.44 -42.24
N GLN DA 370 24.40 27.59 -42.85
CA GLN DA 370 25.78 28.02 -42.96
C GLN DA 370 26.41 28.21 -41.58
N ASP DA 371 25.68 28.87 -40.68
CA ASP DA 371 26.18 29.03 -39.31
C ASP DA 371 26.33 27.69 -38.60
N LEU DA 372 25.46 26.72 -38.94
CA LEU DA 372 25.55 25.40 -38.34
C LEU DA 372 26.84 24.70 -38.75
N GLU DA 373 27.22 24.83 -40.03
CA GLU DA 373 28.53 24.32 -40.41
C GLU DA 373 29.65 25.05 -39.68
N GLN DA 374 29.53 26.39 -39.58
CA GLN DA 374 30.59 27.16 -38.97
C GLN DA 374 30.81 26.77 -37.51
N ASN DA 375 29.72 26.47 -36.79
CA ASN DA 375 29.85 26.05 -35.40
C ASN DA 375 30.39 24.63 -35.26
N GLY DA 376 30.23 23.79 -36.30
CA GLY DA 376 30.76 22.45 -36.27
C GLY DA 376 29.78 21.36 -35.91
N LEU DA 377 28.49 21.67 -35.75
CA LEU DA 377 27.51 20.66 -35.43
C LEU DA 377 27.15 19.78 -36.62
N ILE DA 378 27.30 20.27 -37.84
CA ILE DA 378 26.92 19.55 -39.04
C ILE DA 378 28.09 19.53 -40.01
N ASP DA 379 28.39 18.34 -40.52
CA ASP DA 379 29.48 18.12 -41.45
C ASP DA 379 29.13 18.68 -42.83
N SER DA 380 30.15 18.79 -43.68
CA SER DA 380 29.95 19.31 -45.03
C SER DA 380 29.06 18.41 -45.85
N ALA DA 381 29.20 17.09 -45.70
CA ALA DA 381 28.39 16.16 -46.48
C ALA DA 381 26.90 16.31 -46.14
N ARG DA 382 26.59 16.52 -44.86
CA ARG DA 382 25.20 16.63 -44.45
C ARG DA 382 24.57 17.92 -44.97
N LYS DA 383 25.36 18.98 -45.10
CA LYS DA 383 24.80 20.25 -45.60
C LYS DA 383 24.33 20.11 -47.04
N VAL DA 384 25.04 19.34 -47.85
CA VAL DA 384 24.60 19.14 -49.23
C VAL DA 384 23.21 18.52 -49.25
N ASN DA 385 23.00 17.50 -48.43
CA ASN DA 385 21.69 16.86 -48.35
C ASN DA 385 20.64 17.83 -47.83
N LEU DA 386 20.98 18.63 -46.81
CA LEU DA 386 20.00 19.54 -46.23
C LEU DA 386 19.61 20.66 -47.20
N SER DA 387 20.59 21.21 -47.94
CA SER DA 387 20.28 22.22 -48.92
C SER DA 387 19.49 21.65 -50.08
N ASP DA 388 19.82 20.43 -50.51
CA ASP DA 388 19.01 19.79 -51.53
C ASP DA 388 17.58 19.56 -51.04
N ASP DA 389 17.43 19.23 -49.75
CA ASP DA 389 16.10 19.10 -49.16
C ASP DA 389 15.35 20.43 -49.17
N PHE DA 390 16.05 21.51 -48.82
CA PHE DA 390 15.43 22.84 -48.87
C PHE DA 390 14.90 23.14 -50.27
N VAL DA 391 15.77 22.99 -51.27
CA VAL DA 391 15.37 23.32 -52.64
C VAL DA 391 14.26 22.41 -53.12
N GLY DA 392 14.36 21.11 -52.82
CA GLY DA 392 13.32 20.19 -53.24
C GLY DA 392 11.97 20.49 -52.61
N SER DA 393 11.96 20.80 -51.31
CA SER DA 393 10.71 21.13 -50.63
C SER DA 393 10.11 22.40 -51.19
N VAL DA 394 10.93 23.43 -51.44
CA VAL DA 394 10.42 24.67 -51.98
C VAL DA 394 9.82 24.45 -53.37
N VAL DA 395 10.54 23.70 -54.22
CA VAL DA 395 10.06 23.44 -55.57
C VAL DA 395 8.79 22.61 -55.54
N GLN DA 396 8.72 21.64 -54.62
CA GLN DA 396 7.52 20.82 -54.49
C GLN DA 396 6.33 21.66 -54.07
N LEU DA 397 6.51 22.58 -53.11
CA LEU DA 397 5.42 23.46 -52.73
C LEU DA 397 4.98 24.34 -53.89
N ILE DA 398 5.94 24.90 -54.63
CA ILE DA 398 5.58 25.81 -55.72
C ILE DA 398 4.86 25.08 -56.83
N LEU DA 399 5.33 23.89 -57.20
CA LEU DA 399 4.79 23.19 -58.37
C LEU DA 399 3.62 22.28 -58.02
N TYR DA 400 3.83 21.32 -57.14
CA TYR DA 400 2.84 20.28 -56.85
C TYR DA 400 2.07 20.56 -55.57
N GLY DA 401 2.17 21.76 -55.02
CA GLY DA 401 1.46 22.10 -53.81
C GLY DA 401 0.00 22.35 -54.05
N GLU DA 402 -0.71 22.65 -52.96
CA GLU DA 402 -2.15 22.89 -52.99
C GLU DA 402 -2.43 24.37 -52.77
N GLY DA 403 -3.46 24.86 -53.44
CA GLY DA 403 -3.84 26.25 -53.36
C GLY DA 403 -3.10 27.12 -54.36
N ASN DA 404 -3.45 28.41 -54.36
CA ASN DA 404 -2.85 29.39 -55.25
C ASN DA 404 -1.47 29.77 -54.71
N THR DA 405 -0.47 28.97 -55.08
CA THR DA 405 0.91 29.23 -54.70
C THR DA 405 1.65 30.07 -55.73
N ALA DA 406 0.93 30.84 -56.55
CA ALA DA 406 1.58 31.66 -57.56
C ALA DA 406 2.37 32.81 -56.95
N ALA DA 407 1.98 33.25 -55.75
CA ALA DA 407 2.70 34.36 -55.11
C ALA DA 407 4.15 33.99 -54.82
N LEU DA 408 4.36 32.78 -54.30
CA LEU DA 408 5.73 32.34 -54.02
C LEU DA 408 6.50 32.13 -55.31
N LYS DA 409 5.82 31.67 -56.37
CA LYS DA 409 6.48 31.50 -57.66
C LYS DA 409 6.96 32.85 -58.21
N GLU DA 410 6.12 33.88 -58.11
CA GLU DA 410 6.54 35.22 -58.52
C GLU DA 410 7.66 35.75 -57.62
N ARG DA 411 7.60 35.44 -56.33
CA ARG DA 411 8.64 35.88 -55.41
C ARG DA 411 9.99 35.30 -55.79
N PHE DA 412 10.03 34.00 -56.10
CA PHE DA 412 11.29 33.37 -56.45
C PHE DA 412 11.73 33.69 -57.88
N THR DA 413 10.79 33.94 -58.78
CA THR DA 413 11.13 34.28 -60.16
C THR DA 413 11.78 35.66 -60.27
N ASP DA 414 11.55 36.54 -59.30
CA ASP DA 414 12.07 37.90 -59.34
C ASP DA 414 13.58 37.85 -59.07
N ASN DA 415 14.34 37.59 -60.14
CA ASN DA 415 15.80 37.53 -60.03
C ASN DA 415 16.42 38.91 -59.84
N ARG DA 416 15.66 39.99 -60.03
CA ARG DA 416 16.21 41.32 -59.82
C ARG DA 416 16.62 41.53 -58.36
N ASN DA 417 15.81 41.03 -57.43
CA ASN DA 417 16.15 41.10 -56.02
C ASN DA 417 17.41 40.27 -55.74
N PHE DA 418 18.34 40.86 -55.01
CA PHE DA 418 19.63 40.24 -54.72
C PHE DA 418 19.69 39.66 -53.31
N GLU DA 419 18.58 39.69 -52.57
CA GLU DA 419 18.57 39.26 -51.18
C GLU DA 419 18.85 37.76 -51.12
N ALA DA 420 20.04 37.40 -50.66
CA ALA DA 420 20.45 36.00 -50.50
C ALA DA 420 20.29 35.22 -51.80
N ASN DA 421 20.81 35.79 -52.89
CA ASN DA 421 20.79 35.09 -54.16
C ASN DA 421 21.63 33.82 -54.12
N THR DA 422 22.66 33.80 -53.27
CA THR DA 422 23.48 32.60 -53.11
C THR DA 422 22.84 31.55 -52.22
N ALA DA 423 21.73 31.89 -51.56
CA ALA DA 423 21.06 30.92 -50.69
C ALA DA 423 20.46 29.75 -51.46
N GLY DA 424 20.22 29.93 -52.76
CA GLY DA 424 19.65 28.86 -53.56
C GLY DA 424 18.47 29.28 -54.40
N ALA DA 425 18.24 30.60 -54.50
CA ALA DA 425 17.15 31.10 -55.32
C ALA DA 425 17.36 30.76 -56.79
N GLY DA 426 18.60 30.87 -57.28
CA GLY DA 426 18.88 30.47 -58.65
C GLY DA 426 18.62 29.00 -58.90
N GLU DA 427 18.99 28.15 -57.94
CA GLU DA 427 18.70 26.73 -58.06
C GLU DA 427 17.21 26.47 -58.11
N VAL DA 428 16.44 27.16 -57.27
CA VAL DA 428 14.99 27.00 -57.26
C VAL DA 428 14.40 27.43 -58.60
N ARG DA 429 14.87 28.56 -59.14
CA ARG DA 429 14.37 29.01 -60.43
C ARG DA 429 14.70 28.02 -61.54
N ARG DA 430 15.93 27.49 -61.53
CA ARG DA 430 16.32 26.52 -62.54
C ARG DA 430 15.47 25.26 -62.45
N LEU DA 431 15.23 24.78 -61.23
CA LEU DA 431 14.40 23.59 -61.06
C LEU DA 431 12.97 23.85 -61.51
N LEU DA 432 12.42 25.03 -61.18
CA LEU DA 432 11.07 25.36 -61.61
C LEU DA 432 10.97 25.40 -63.12
N GLU DA 433 12.01 25.89 -63.79
CA GLU DA 433 12.00 25.94 -65.25
C GLU DA 433 12.18 24.55 -65.86
N ALA DA 434 12.96 23.69 -65.22
CA ALA DA 434 13.41 22.46 -65.86
C ALA DA 434 12.58 21.23 -65.53
N VAL DA 435 11.94 21.17 -64.36
CA VAL DA 435 11.29 19.92 -63.93
C VAL DA 435 10.18 19.48 -64.87
N PRO DA 436 9.19 20.31 -65.22
CA PRO DA 436 8.14 19.81 -66.13
C PRO DA 436 8.67 19.48 -67.52
N ARG DA 437 9.59 20.30 -68.03
CA ARG DA 437 10.16 20.04 -69.35
C ARG DA 437 10.88 18.71 -69.37
N MET DA 438 11.68 18.42 -68.34
CA MET DA 438 12.43 17.18 -68.33
C MET DA 438 11.55 15.98 -68.02
N ARG DA 439 10.46 16.17 -67.27
CA ARG DA 439 9.51 15.06 -67.11
C ARG DA 439 8.85 14.71 -68.43
N ARG DA 440 8.46 15.73 -69.21
CA ARG DA 440 7.92 15.48 -70.55
C ARG DA 440 8.96 14.80 -71.43
N GLU DA 441 10.22 15.25 -71.36
CA GLU DA 441 11.29 14.65 -72.14
C GLU DA 441 11.50 13.19 -71.75
N THR DA 442 11.46 12.89 -70.46
CA THR DA 442 11.61 11.52 -70.00
C THR DA 442 10.47 10.64 -70.49
N ASP DA 443 9.24 11.15 -70.45
CA ASP DA 443 8.12 10.36 -70.96
C ASP DA 443 8.27 10.10 -72.46
N SER DA 444 8.67 11.12 -73.22
CA SER DA 444 8.88 10.94 -74.65
C SER DA 444 10.00 9.95 -74.93
N LEU DA 445 11.07 10.00 -74.13
CA LEU DA 445 12.17 9.05 -74.31
C LEU DA 445 11.74 7.63 -73.98
N ARG DA 446 10.88 7.47 -72.96
CA ARG DA 446 10.35 6.14 -72.66
C ARG DA 446 9.50 5.62 -73.82
N SER DA 447 8.67 6.48 -74.40
CA SER DA 447 7.89 6.07 -75.56
C SER DA 447 8.79 5.68 -76.72
N ASP DA 448 9.85 6.46 -76.96
CA ASP DA 448 10.77 6.15 -78.05
C ASP DA 448 11.49 4.83 -77.79
N ASN DA 449 11.89 4.57 -76.54
CA ASN DA 449 12.55 3.31 -76.21
C ASN DA 449 11.60 2.13 -76.41
N ALA DA 450 10.34 2.29 -76.03
CA ALA DA 450 9.37 1.24 -76.28
C ALA DA 450 9.19 0.99 -77.77
N ALA DA 451 9.15 2.08 -78.56
CA ALA DA 451 9.05 1.93 -80.01
C ALA DA 451 10.26 1.19 -80.57
N LEU DA 452 11.45 1.52 -80.10
CA LEU DA 452 12.66 0.85 -80.58
C LEU DA 452 12.65 -0.63 -80.20
N GLN DA 453 12.22 -0.95 -78.98
CA GLN DA 453 12.16 -2.35 -78.56
C GLN DA 453 11.15 -3.12 -79.40
N VAL DA 454 9.98 -2.53 -79.67
CA VAL DA 454 8.98 -3.18 -80.52
C VAL DA 454 9.54 -3.40 -81.92
N ALA DA 455 10.21 -2.38 -82.47
CA ALA DA 455 10.78 -2.52 -83.81
C ALA DA 455 11.83 -3.63 -83.84
N ARG DA 456 12.69 -3.70 -82.83
CA ARG DA 456 13.70 -4.75 -82.79
C ARG DA 456 13.08 -6.13 -82.67
N THR DA 457 12.05 -6.27 -81.83
CA THR DA 457 11.39 -7.56 -81.69
C THR DA 457 10.72 -8.00 -82.99
N ARG DA 458 10.04 -7.07 -83.66
CA ARG DA 458 9.41 -7.40 -84.93
C ARG DA 458 10.45 -7.72 -86.00
N LEU DA 459 11.57 -7.01 -85.99
CA LEU DA 459 12.64 -7.31 -86.93
C LEU DA 459 13.22 -8.69 -86.71
N GLN DA 460 13.41 -9.07 -85.45
CA GLN DA 460 13.90 -10.42 -85.15
C GLN DA 460 12.89 -11.48 -85.56
N ARG DA 461 11.61 -11.26 -85.27
CA ARG DA 461 10.61 -12.30 -85.50
C ARG DA 461 10.29 -12.47 -86.98
N GLU DA 462 10.13 -11.36 -87.71
CA GLU DA 462 9.69 -11.41 -89.10
C GLU DA 462 10.81 -11.20 -90.11
N GLY DA 463 11.85 -10.47 -89.74
CA GLY DA 463 12.95 -10.20 -90.65
C GLY DA 463 12.85 -8.83 -91.28
N VAL DA 464 13.47 -8.72 -92.46
CA VAL DA 464 13.48 -7.44 -93.19
C VAL DA 464 12.08 -7.06 -93.66
N THR DA 465 11.16 -8.03 -93.73
CA THR DA 465 9.80 -7.74 -94.16
C THR DA 465 9.09 -6.75 -93.24
N PHE DA 466 9.54 -6.63 -92.00
CA PHE DA 466 8.95 -5.65 -91.08
C PHE DA 466 9.09 -4.23 -91.61
N LEU DA 467 10.19 -3.94 -92.30
CA LEU DA 467 10.41 -2.61 -92.87
C LEU DA 467 9.46 -2.29 -94.01
N MET DA 468 8.75 -3.29 -94.54
CA MET DA 468 7.88 -3.05 -95.70
C MET DA 468 6.66 -2.23 -95.31
N ASN DA 469 6.03 -2.57 -94.18
CA ASN DA 469 4.79 -1.94 -93.76
C ASN DA 469 4.91 -1.33 -92.36
N ALA DA 470 6.08 -0.80 -92.03
CA ALA DA 470 6.25 -0.12 -90.75
C ALA DA 470 5.48 1.20 -90.76
N ASP DA 471 4.96 1.57 -89.59
CA ASP DA 471 4.23 2.81 -89.46
C ASP DA 471 5.17 4.01 -89.55
N ALA DA 472 4.58 5.20 -89.64
CA ALA DA 472 5.35 6.40 -89.90
C ALA DA 472 6.34 6.71 -88.78
N ARG DA 473 5.92 6.52 -87.53
CA ARG DA 473 6.77 6.90 -86.40
C ARG DA 473 8.03 6.04 -86.34
N THR DA 474 7.88 4.71 -86.53
CA THR DA 474 9.04 3.84 -86.52
C THR DA 474 9.97 4.15 -87.68
N ARG DA 475 9.40 4.45 -88.85
CA ARG DA 475 10.22 4.85 -89.99
C ARG DA 475 11.01 6.11 -89.69
N GLY DA 476 10.38 7.09 -89.05
CA GLY DA 476 11.10 8.30 -88.67
C GLY DA 476 12.20 8.04 -87.66
N LEU DA 477 11.93 7.18 -86.68
CA LEU DA 477 12.95 6.84 -85.69
C LEU DA 477 14.13 6.14 -86.35
N LEU DA 478 13.86 5.23 -87.28
CA LEU DA 478 14.93 4.56 -88.01
C LEU DA 478 15.72 5.55 -88.86
N GLU DA 479 15.03 6.51 -89.48
CA GLU DA 479 15.70 7.52 -90.27
C GLU DA 479 16.62 8.38 -89.39
N SER DA 480 16.15 8.75 -88.20
CA SER DA 480 16.95 9.55 -87.28
C SER DA 480 17.97 8.67 -86.55
N LEU DA 496 12.22 -11.60 -102.50
CA LEU DA 496 13.32 -12.12 -103.32
C LEU DA 496 13.73 -13.51 -102.85
N THR DA 497 14.77 -14.05 -103.46
CA THR DA 497 15.29 -15.37 -103.11
C THR DA 497 16.00 -15.31 -101.76
N PRO DA 498 16.17 -16.45 -101.09
CA PRO DA 498 16.81 -16.42 -99.77
C PRO DA 498 18.21 -15.84 -99.75
N GLU DA 499 18.95 -15.92 -100.86
CA GLU DA 499 20.30 -15.35 -100.90
C GLU DA 499 20.27 -13.84 -100.66
N GLN DA 500 19.44 -13.12 -101.42
CA GLN DA 500 19.24 -11.70 -101.11
C GLN DA 500 18.60 -11.53 -99.76
N GLN DA 501 17.74 -12.47 -99.35
CA GLN DA 501 17.17 -12.42 -98.00
C GLN DA 501 18.20 -12.76 -96.93
N ALA DA 502 19.29 -13.45 -97.29
CA ALA DA 502 20.41 -13.62 -96.37
C ALA DA 502 21.27 -12.37 -96.27
N GLU DA 503 21.49 -11.68 -97.38
CA GLU DA 503 22.12 -10.36 -97.31
C GLU DA 503 21.26 -9.40 -96.48
N TYR DA 504 19.94 -9.51 -96.59
CA TYR DA 504 19.05 -8.72 -95.76
C TYR DA 504 19.21 -9.06 -94.30
N ALA DA 505 19.40 -10.34 -93.95
CA ALA DA 505 19.67 -10.70 -92.57
C ALA DA 505 21.00 -10.13 -92.09
N ARG DA 506 22.02 -10.15 -92.97
CA ARG DA 506 23.31 -9.58 -92.61
C ARG DA 506 23.19 -8.09 -92.32
N GLN DA 507 22.40 -7.37 -93.13
CA GLN DA 507 22.14 -5.96 -92.84
C GLN DA 507 21.29 -5.80 -91.59
N THR DA 508 20.39 -6.76 -91.34
CA THR DA 508 19.53 -6.71 -90.16
C THR DA 508 20.35 -6.80 -88.88
N ASN DA 509 21.44 -7.57 -88.92
CA ASN DA 509 22.33 -7.63 -87.75
C ASN DA 509 22.85 -6.24 -87.38
N GLN DA 510 23.35 -5.50 -88.37
CA GLN DA 510 23.86 -4.16 -88.11
C GLN DA 510 22.75 -3.22 -87.69
N VAL DA 511 21.57 -3.36 -88.30
CA VAL DA 511 20.42 -2.53 -87.91
C VAL DA 511 20.07 -2.76 -86.45
N GLN DA 512 20.06 -4.03 -86.02
CA GLN DA 512 19.76 -4.35 -84.64
C GLN DA 512 20.83 -3.81 -83.70
N GLN DA 513 22.10 -3.87 -84.10
CA GLN DA 513 23.16 -3.29 -83.28
C GLN DA 513 22.95 -1.78 -83.12
N ALA DA 514 22.60 -1.09 -84.21
CA ALA DA 514 22.37 0.35 -84.12
C ALA DA 514 21.17 0.65 -83.22
N ILE DA 515 20.10 -0.13 -83.35
CA ILE DA 515 18.92 0.07 -82.51
C ILE DA 515 19.27 -0.13 -81.04
N GLU DA 516 20.05 -1.17 -80.74
CA GLU DA 516 20.46 -1.42 -79.36
C GLU DA 516 21.31 -0.27 -78.83
N GLN DA 517 22.23 0.25 -79.66
CA GLN DA 517 23.05 1.38 -79.23
C GLN DA 517 22.19 2.61 -78.93
N GLN DA 518 21.22 2.90 -79.80
CA GLN DA 518 20.34 4.04 -79.55
C GLN DA 518 19.53 3.84 -78.27
N ILE DA 519 19.08 2.61 -78.02
CA ILE DA 519 18.38 2.30 -76.78
C ILE DA 519 19.28 2.56 -75.59
N ILE DA 520 20.56 2.16 -75.68
CA ILE DA 520 21.49 2.39 -74.59
C ILE DA 520 21.64 3.88 -74.31
N ILE DA 521 21.80 4.69 -75.36
CA ILE DA 521 21.97 6.13 -75.16
C ILE DA 521 20.73 6.74 -74.52
N ASN DA 522 19.55 6.37 -75.02
CA ASN DA 522 18.32 6.93 -74.46
C ASN DA 522 18.13 6.52 -73.01
N ASP DA 523 18.42 5.25 -72.68
CA ASP DA 523 18.30 4.79 -71.31
C ASP DA 523 19.29 5.50 -70.40
N GLN DA 524 20.51 5.74 -70.88
CA GLN DA 524 21.50 6.47 -70.09
C GLN DA 524 21.03 7.89 -69.79
N ARG DA 525 20.48 8.56 -70.80
CA ARG DA 525 19.99 9.92 -70.57
C ARG DA 525 18.82 9.94 -69.59
N VAL DA 526 17.91 8.97 -69.72
CA VAL DA 526 16.79 8.87 -68.78
C VAL DA 526 17.30 8.61 -67.37
N GLN DA 527 18.30 7.74 -67.25
CA GLN DA 527 18.87 7.44 -65.93
C GLN DA 527 19.51 8.68 -65.32
N ASN DA 528 20.24 9.47 -66.12
CA ASN DA 528 20.83 10.69 -65.60
C ASN DA 528 19.76 11.67 -65.12
N ASN DA 529 18.70 11.84 -65.92
CA ASN DA 529 17.62 12.74 -65.52
C ASN DA 529 16.98 12.29 -64.22
N ALA DA 530 16.65 11.00 -64.12
CA ALA DA 530 16.00 10.48 -62.92
C ALA DA 530 16.92 10.58 -61.71
N ALA DA 531 18.22 10.31 -61.90
CA ALA DA 531 19.15 10.37 -60.78
C ALA DA 531 19.28 11.78 -60.23
N GLU DA 532 19.44 12.78 -61.11
CA GLU DA 532 19.60 14.12 -60.56
C GLU DA 532 18.26 14.73 -60.14
N LEU DA 533 17.14 14.15 -60.58
CA LEU DA 533 15.85 14.52 -60.00
C LEU DA 533 15.72 13.98 -58.58
N ALA DA 534 16.06 12.70 -58.38
CA ALA DA 534 16.01 12.12 -57.05
C ALA DA 534 17.05 12.71 -56.11
N LYS DA 535 18.10 13.33 -56.67
CA LYS DA 535 19.05 14.04 -55.83
C LYS DA 535 18.35 15.11 -54.99
N TYR DA 536 17.35 15.77 -55.56
CA TYR DA 536 16.56 16.75 -54.82
C TYR DA 536 15.38 16.13 -54.10
N GLY DA 537 14.83 15.05 -54.64
CA GLY DA 537 13.68 14.39 -54.05
C GLY DA 537 12.36 14.56 -54.80
N LEU DA 538 12.41 14.87 -56.11
CA LEU DA 538 11.20 15.10 -56.90
C LEU DA 538 10.97 14.00 -57.92
N SER DA 539 11.52 12.81 -57.68
CA SER DA 539 11.37 11.69 -58.58
C SER DA 539 10.10 10.87 -58.31
N GLU DA 540 9.34 11.21 -57.28
CA GLU DA 540 8.13 10.49 -56.97
C GLU DA 540 7.05 10.78 -58.00
N PRO DA 541 6.05 9.91 -58.12
CA PRO DA 541 4.93 10.20 -59.02
C PRO DA 541 4.21 11.49 -58.64
N GLU DA 542 3.43 12.01 -59.60
CA GLU DA 542 2.80 13.32 -59.41
C GLU DA 542 1.84 13.31 -58.23
N ASP DA 543 1.03 12.25 -58.09
CA ASP DA 543 0.10 12.17 -56.97
C ASP DA 543 0.84 12.10 -55.65
N VAL DA 544 1.91 11.30 -55.58
CA VAL DA 544 2.67 11.15 -54.34
C VAL DA 544 3.30 12.48 -53.94
N LEU DA 545 3.89 13.19 -54.91
CA LEU DA 545 4.47 14.49 -54.64
C LEU DA 545 3.40 15.49 -54.19
N ARG DA 546 2.22 15.43 -54.82
CA ARG DA 546 1.15 16.36 -54.48
C ARG DA 546 0.68 16.14 -53.04
N LYS DA 547 0.57 14.88 -52.62
CA LYS DA 547 0.05 14.61 -51.28
C LYS DA 547 1.10 14.84 -50.20
N ASN DA 548 2.37 14.99 -50.58
CA ASN DA 548 3.48 14.98 -49.63
C ASN DA 548 4.32 16.25 -49.71
N ALA DA 549 3.67 17.41 -49.76
CA ALA DA 549 4.41 18.68 -49.85
C ALA DA 549 4.41 19.44 -48.53
N ALA DA 550 3.22 19.71 -48.00
CA ALA DA 550 3.11 20.50 -46.76
C ALA DA 550 3.79 19.79 -45.60
N THR DA 551 3.61 18.47 -45.49
CA THR DA 551 4.24 17.72 -44.42
C THR DA 551 5.75 17.72 -44.57
N ARG DA 552 6.25 17.62 -45.81
CA ARG DA 552 7.69 17.67 -46.03
C ARG DA 552 8.27 19.01 -45.61
N ARG DA 553 7.60 20.11 -45.97
CA ARG DA 553 8.09 21.43 -45.55
C ARG DA 553 8.02 21.58 -44.04
N LYS DA 554 6.95 21.08 -43.42
CA LYS DA 554 6.84 21.15 -41.97
C LYS DA 554 7.95 20.35 -41.29
N LEU DA 555 8.29 19.19 -41.84
CA LEU DA 555 9.37 18.39 -41.28
C LEU DA 555 10.71 19.10 -41.43
N VAL DA 556 10.94 19.74 -42.57
CA VAL DA 556 12.17 20.50 -42.76
C VAL DA 556 12.26 21.63 -41.73
N ASN DA 557 11.15 22.36 -41.56
CA ASN DA 557 11.14 23.46 -40.61
C ASN DA 557 11.37 22.98 -39.18
N ASP DA 558 10.75 21.86 -38.81
CA ASP DA 558 10.92 21.32 -37.46
C ASP DA 558 12.35 20.86 -37.23
N THR DA 559 12.94 20.20 -38.24
CA THR DA 559 14.33 19.77 -38.11
C THR DA 559 15.26 20.96 -37.92
N MET DA 560 15.07 22.02 -38.71
CA MET DA 560 15.91 23.19 -38.54
C MET DA 560 15.64 23.91 -37.24
N TYR DA 561 14.40 23.87 -36.73
CA TYR DA 561 14.12 24.45 -35.43
C TYR DA 561 14.86 23.71 -34.32
N GLN DA 562 14.86 22.38 -34.38
CA GLN DA 562 15.62 21.60 -33.40
C GLN DA 562 17.11 21.88 -33.50
N LEU DA 563 17.62 21.97 -34.74
CA LEU DA 563 19.04 22.28 -34.93
C LEU DA 563 19.39 23.64 -34.35
N GLY DA 564 18.52 24.64 -34.59
CA GLY DA 564 18.77 25.96 -34.04
C GLY DA 564 18.69 25.99 -32.53
N THR DA 565 17.77 25.21 -31.94
CA THR DA 565 17.70 25.12 -30.49
C THR DA 565 18.99 24.55 -29.91
N GLN DA 566 19.50 23.47 -30.51
CA GLN DA 566 20.75 22.89 -30.02
C GLN DA 566 21.92 23.85 -30.20
N ALA DA 567 21.98 24.54 -31.34
CA ALA DA 567 23.05 25.52 -31.57
C ALA DA 567 22.97 26.66 -30.57
N GLU DA 568 21.75 27.13 -30.28
CA GLU DA 568 21.58 28.18 -29.28
C GLU DA 568 22.03 27.73 -27.90
N GLN DA 569 21.71 26.49 -27.53
CA GLN DA 569 22.18 25.96 -26.26
C GLN DA 569 23.70 25.94 -26.20
N VAL DA 570 24.33 25.45 -27.27
CA VAL DA 570 25.79 25.37 -27.30
C VAL DA 570 26.41 26.76 -27.19
N ARG DA 571 25.87 27.73 -27.94
CA ARG DA 571 26.41 29.09 -27.90
C ARG DA 571 26.19 29.73 -26.54
N ARG DA 572 25.03 29.51 -25.93
CA ARG DA 572 24.75 30.08 -24.62
C ARG DA 572 25.70 29.52 -23.56
N THR DA 573 26.00 28.22 -23.63
CA THR DA 573 26.95 27.65 -22.68
C THR DA 573 28.37 28.14 -22.90
N GLN DA 574 28.65 28.80 -24.02
CA GLN DA 574 29.97 29.38 -24.29
C GLN DA 574 30.11 30.67 -23.49
N THR DA 575 30.61 30.53 -22.27
CA THR DA 575 30.86 31.66 -21.38
C THR DA 575 32.26 31.57 -20.81
N SER DA 576 32.89 32.72 -20.62
CA SER DA 576 34.23 32.77 -20.06
C SER DA 576 34.17 32.64 -18.54
N GLY DA 577 35.19 31.99 -17.98
CA GLY DA 577 35.31 31.80 -16.55
C GLY DA 577 36.02 32.91 -15.81
N TYR DA 578 36.34 34.01 -16.47
CA TYR DA 578 37.06 35.13 -15.87
C TYR DA 578 36.11 36.31 -15.71
N GLY DA 579 36.21 36.99 -14.58
CA GLY DA 579 35.33 38.12 -14.31
C GLY DA 579 35.70 39.35 -15.11
N GLN DA 580 34.83 40.35 -15.03
CA GLN DA 580 35.04 41.59 -15.75
C GLN DA 580 36.15 42.41 -15.11
N LEU DA 581 36.75 43.28 -15.91
CA LEU DA 581 37.86 44.13 -15.46
C LEU DA 581 37.33 45.49 -15.07
N GLY DA 582 37.79 46.00 -13.94
CA GLY DA 582 37.40 47.32 -13.49
C GLY DA 582 36.80 47.35 -12.11
N ILE DA 583 36.82 48.53 -11.47
CA ILE DA 583 36.25 48.74 -10.15
C ILE DA 583 35.38 49.99 -10.22
N THR DA 584 34.39 50.04 -9.33
CA THR DA 584 33.53 51.21 -9.26
C THR DA 584 34.35 52.46 -8.99
N SER DA 585 34.02 53.55 -9.67
CA SER DA 585 34.83 54.75 -9.62
C SER DA 585 34.78 55.38 -8.23
N PRO DA 586 35.92 55.57 -7.56
CA PRO DA 586 35.89 56.25 -6.26
C PRO DA 586 35.57 57.73 -6.39
N THR DA 587 35.97 58.37 -7.47
CA THR DA 587 35.58 59.74 -7.73
C THR DA 587 34.09 59.80 -8.04
N THR DA 588 33.44 60.88 -7.64
CA THR DA 588 32.00 61.00 -7.83
C THR DA 588 31.64 61.00 -9.31
N ALA DA 589 30.50 60.39 -9.63
CA ALA DA 589 30.03 60.31 -11.00
C ALA DA 589 29.01 61.39 -11.31
#